data_4A13
#
_entry.id   4A13
#
_cell.length_a   1.000
_cell.length_b   1.000
_cell.length_c   1.000
_cell.angle_alpha   90.00
_cell.angle_beta   90.00
_cell.angle_gamma   90.00
#
_symmetry.space_group_name_H-M   'P 1'
#
_entity_poly.entity_id   1
_entity_poly.type   'polypeptide(L)'
_entity_poly.pdbx_seq_one_letter_code
;AGADEERAETARLSSFIGAIAIGDLVKSTLGPKGMDKILLSSGRDASLMVTNDGATILKNIGVDNPAAKVLVDMSRVQDD
EVGDGTTSVTVLAAELLREAESLIAKKIHPQTIIAGWREATKAARQALLNSAVDHGSDEVKFRQDLMNIAGTTLSSKLLT
HHKDHFTKLAVEAVLRLKGSGNLEAIHVIKKLGGSLADSYLDEGFLLDKKIGVNQPKRIENAKILIANTGMDTDKIKIFG
SRVRVDSTAKVAEIEHAEKEKMKEKVERILKHGINCFINRQLIYNYPEQLFGAAGVMAIEHADFVGVERLALVTGGEIAS
TFDHPELVKLGSCKLIEEVMIGEDKLIHFSGVALGEACTIVLRGATQQILDEAERSLHDALCVLAQTVKDSRTVYGGGCS
EMLMAHAVTQLASRTPGKEAVAMESYAKALRMLPTIIADNAGYDSADLVAQLRAAHSEGKTTAGLDMKEGTIGDMSVLGI
TESFQVKRQVLLSAAEAAEVILRVDNIIKAAPR
;
_entity_poly.pdbx_strand_id   A,B,C,D,E,F,G,H,I,J,K,L,M,N,O,P
#
# COMPACT_ATOMS: atom_id res chain seq x y z
N ALA A 1 10.09 45.46 -3.83
CA ALA A 1 10.72 44.53 -2.87
C ALA A 1 9.69 43.87 -1.95
N GLY A 2 9.98 42.64 -1.53
CA GLY A 2 9.10 41.91 -0.61
C GLY A 2 8.94 40.43 -0.96
N ALA A 3 9.51 39.57 -0.13
CA ALA A 3 9.41 38.12 -0.34
C ALA A 3 9.20 37.33 0.96
N ASP A 4 10.11 37.49 1.93
CA ASP A 4 9.99 36.73 3.18
C ASP A 4 8.95 37.40 4.11
N GLU A 5 7.77 36.81 4.04
CA GLU A 5 6.50 37.18 4.71
C GLU A 5 6.51 37.38 6.26
N GLU A 6 7.61 37.22 6.99
CA GLU A 6 7.51 37.33 8.46
C GLU A 6 6.99 38.69 8.93
N ARG A 7 6.13 38.66 9.95
CA ARG A 7 5.46 39.87 10.47
C ARG A 7 5.57 40.02 12.00
N ALA A 8 5.59 41.28 12.41
CA ALA A 8 5.69 41.74 13.81
C ALA A 8 6.42 40.79 14.78
N GLU A 9 5.69 40.00 15.57
CA GLU A 9 6.34 39.12 16.57
C GLU A 9 7.30 38.09 15.97
N THR A 10 6.95 37.48 14.83
CA THR A 10 7.84 36.49 14.21
C THR A 10 9.09 37.18 13.65
N ALA A 11 8.87 38.35 13.04
CA ALA A 11 9.96 39.16 12.49
C ALA A 11 10.94 39.57 13.58
N ARG A 12 10.37 39.97 14.70
CA ARG A 12 11.13 40.36 15.90
C ARG A 12 11.96 39.18 16.40
N LEU A 13 11.36 37.99 16.33
CA LEU A 13 12.00 36.76 16.78
C LEU A 13 13.29 36.48 16.01
N SER A 14 13.30 36.67 14.70
CA SER A 14 14.52 36.43 13.95
C SER A 14 15.67 37.31 14.45
N SER A 15 15.38 38.58 14.74
CA SER A 15 16.37 39.48 15.31
C SER A 15 16.80 38.98 16.70
N PHE A 16 15.78 38.51 17.44
CA PHE A 16 15.91 37.98 18.80
C PHE A 16 16.85 36.77 18.87
N ILE A 17 16.67 35.82 17.94
CA ILE A 17 17.48 34.61 17.92
C ILE A 17 18.94 34.90 17.54
N GLY A 18 19.15 35.81 16.59
CA GLY A 18 20.50 36.16 16.17
C GLY A 18 21.36 36.72 17.29
N ALA A 19 20.77 37.57 18.13
CA ALA A 19 21.49 38.19 19.24
C ALA A 19 21.87 37.21 20.36
N ILE A 20 20.97 36.29 20.69
CA ILE A 20 21.25 35.30 21.74
C ILE A 20 22.30 34.28 21.30
N ALA A 21 22.21 33.86 20.04
CA ALA A 21 23.15 32.88 19.49
C ALA A 21 24.60 33.37 19.52
N ILE A 22 24.81 34.63 19.21
CA ILE A 22 26.17 35.19 19.19
C ILE A 22 26.69 35.56 20.59
N GLY A 23 25.79 35.92 21.49
CA GLY A 23 26.18 36.31 22.84
C GLY A 23 26.91 35.25 23.66
N ASP A 24 26.48 33.99 23.59
CA ASP A 24 27.12 32.92 24.38
C ASP A 24 28.55 32.59 23.92
N LEU A 25 28.77 32.59 22.60
CA LEU A 25 30.09 32.29 22.04
C LEU A 25 31.13 33.39 22.34
N VAL A 26 30.68 34.63 22.26
CA VAL A 26 31.53 35.80 22.52
C VAL A 26 31.75 36.04 24.03
N LYS A 27 30.87 35.43 24.83
CA LYS A 27 30.87 35.61 26.30
C LYS A 27 32.18 35.18 26.97
N SER A 28 32.73 34.08 26.51
CA SER A 28 34.01 33.54 26.99
C SER A 28 35.18 34.54 26.80
N THR A 29 35.12 35.19 25.65
CA THR A 29 36.12 36.14 25.12
C THR A 29 36.42 37.42 25.96
N LEU A 30 35.42 38.01 26.60
CA LEU A 30 35.57 39.35 27.28
C LEU A 30 36.62 39.52 28.41
N GLY A 31 36.84 38.59 29.32
CA GLY A 31 37.80 38.88 30.41
C GLY A 31 39.18 38.22 30.30
N PRO A 32 40.10 38.56 31.26
CA PRO A 32 41.45 37.98 31.34
C PRO A 32 41.44 36.47 31.42
N LYS A 33 40.32 35.92 31.81
CA LYS A 33 40.16 34.49 31.88
C LYS A 33 39.24 34.00 30.75
N GLY A 34 39.58 34.46 29.55
CA GLY A 34 38.86 34.09 28.33
C GLY A 34 39.28 32.73 27.83
N MET A 35 38.82 32.31 26.65
CA MET A 35 39.17 30.98 26.11
C MET A 35 39.45 31.02 24.58
N ASP A 36 40.31 30.13 24.03
CA ASP A 36 40.58 30.15 22.57
C ASP A 36 39.46 29.45 21.82
N LYS A 37 39.44 29.56 20.50
CA LYS A 37 38.29 29.03 19.77
C LYS A 37 38.70 28.06 18.63
N ILE A 38 37.91 27.00 18.36
CA ILE A 38 38.23 26.08 17.24
C ILE A 38 37.09 26.04 16.21
N LEU A 39 37.43 26.20 14.94
CA LEU A 39 36.39 26.22 13.88
C LEU A 39 36.61 25.16 12.79
N LEU A 40 35.52 24.53 12.34
CA LEU A 40 35.57 23.48 11.30
C LEU A 40 34.74 23.89 10.07
N SER A 41 35.30 23.75 8.86
CA SER A 41 34.56 24.12 7.67
C SER A 41 34.90 23.30 6.40
N SER A 42 33.96 23.34 5.45
CA SER A 42 34.10 22.67 4.16
C SER A 42 33.77 23.67 3.04
N GLY A 43 34.48 23.58 1.92
CA GLY A 43 34.23 24.52 0.82
C GLY A 43 35.29 25.62 0.72
N ARG A 44 36.49 25.21 0.32
CA ARG A 44 37.67 26.07 0.13
C ARG A 44 38.17 26.83 1.38
N ASP A 45 38.03 26.27 2.58
CA ASP A 45 38.62 26.94 3.75
C ASP A 45 39.94 26.26 4.14
N ALA A 46 40.06 25.03 3.67
CA ALA A 46 41.24 24.14 3.82
C ALA A 46 41.78 23.87 5.26
N SER A 47 41.58 24.76 6.22
CA SER A 47 42.14 24.52 7.57
C SER A 47 41.31 25.13 8.70
N LEU A 48 41.51 24.61 9.91
CA LEU A 48 40.81 25.13 11.07
C LEU A 48 41.53 26.39 11.57
N MET A 49 40.81 27.48 11.66
CA MET A 49 41.39 28.71 12.17
C MET A 49 40.93 28.92 13.60
N VAL A 50 41.89 29.07 14.48
CA VAL A 50 41.58 29.28 15.88
C VAL A 50 41.48 30.78 16.15
N THR A 51 40.26 31.26 16.41
CA THR A 51 40.09 32.70 16.65
C THR A 51 39.20 33.08 17.84
N ASN A 52 39.78 33.64 18.92
CA ASN A 52 38.99 34.09 20.06
C ASN A 52 38.71 35.57 19.90
N ASP A 53 39.23 36.12 18.81
CA ASP A 53 38.97 37.50 18.48
C ASP A 53 37.61 37.48 17.82
N GLY A 54 36.62 38.02 18.50
CA GLY A 54 35.27 37.97 17.98
C GLY A 54 35.09 38.65 16.63
N ALA A 55 35.74 39.79 16.46
CA ALA A 55 35.64 40.52 15.19
C ALA A 55 36.14 39.72 13.97
N THR A 56 37.30 39.08 14.09
CA THR A 56 37.89 38.34 12.96
C THR A 56 37.02 37.19 12.44
N ILE A 57 36.51 36.33 13.32
CA ILE A 57 35.67 35.22 12.88
C ILE A 57 34.31 35.66 12.37
N LEU A 58 33.70 36.63 13.03
CA LEU A 58 32.39 37.10 12.61
C LEU A 58 32.42 37.70 11.18
N LYS A 59 33.47 38.44 10.85
CA LYS A 59 33.63 39.04 9.52
C LYS A 59 33.83 38.04 8.39
N ASN A 60 34.62 37.01 8.66
CA ASN A 60 34.95 36.00 7.65
C ASN A 60 33.74 35.23 7.10
N ILE A 61 32.79 34.87 7.95
CA ILE A 61 31.67 34.04 7.49
C ILE A 61 30.23 34.48 7.82
N GLY A 62 29.36 34.30 6.82
CA GLY A 62 27.93 34.48 6.98
C GLY A 62 27.31 33.09 6.95
N VAL A 63 27.35 32.42 8.10
CA VAL A 63 26.95 31.01 8.27
C VAL A 63 25.48 30.63 7.98
N ASP A 64 24.50 31.44 8.35
CA ASP A 64 23.10 31.01 8.18
C ASP A 64 22.08 32.12 7.90
N ASN A 65 20.88 31.66 7.54
CA ASN A 65 19.73 32.51 7.15
C ASN A 65 19.39 33.67 8.12
N PRO A 66 19.31 33.49 9.47
CA PRO A 66 18.94 34.63 10.34
C PRO A 66 19.94 35.78 10.21
N ALA A 67 19.43 36.99 10.21
CA ALA A 67 20.26 38.18 10.06
C ALA A 67 21.09 38.50 11.30
N ALA A 68 22.31 38.91 11.04
CA ALA A 68 23.27 39.28 12.07
C ALA A 68 24.56 39.77 11.43
N LYS A 69 24.76 39.37 10.17
CA LYS A 69 25.97 39.72 9.42
C LYS A 69 26.16 41.23 9.27
N VAL A 70 25.09 41.98 9.03
CA VAL A 70 25.23 43.45 8.91
C VAL A 70 25.57 44.06 10.27
N LEU A 71 24.94 43.56 11.34
CA LEU A 71 25.24 44.02 12.71
C LEU A 71 26.72 43.74 13.01
N VAL A 72 27.12 42.54 12.61
CA VAL A 72 28.48 42.04 12.74
C VAL A 72 29.50 42.87 11.95
N ASP A 73 29.11 43.26 10.76
CA ASP A 73 29.94 44.03 9.84
C ASP A 73 30.36 45.38 10.45
N MET A 74 29.43 45.99 11.15
CA MET A 74 29.60 47.30 11.77
C MET A 74 30.75 47.35 12.82
N SER A 75 30.92 46.30 13.64
CA SER A 75 31.96 46.30 14.70
C SER A 75 33.37 46.62 14.17
N ARG A 76 33.65 46.26 12.93
CA ARG A 76 34.92 46.58 12.24
C ARG A 76 35.15 48.11 12.14
N VAL A 77 34.08 48.86 11.91
CA VAL A 77 34.17 50.34 11.83
C VAL A 77 34.72 50.82 13.17
N GLN A 78 34.24 50.20 14.23
CA GLN A 78 34.73 50.46 15.57
C GLN A 78 36.22 50.14 15.62
N ASP A 79 36.58 49.04 14.95
CA ASP A 79 37.97 48.54 14.94
C ASP A 79 39.02 49.52 14.37
N ASP A 80 38.76 50.22 13.28
CA ASP A 80 39.79 51.14 12.77
C ASP A 80 40.02 52.32 13.73
N GLU A 81 38.94 52.79 14.34
CA GLU A 81 39.04 53.87 15.34
C GLU A 81 39.48 53.32 16.73
N VAL A 82 39.43 51.98 16.88
CA VAL A 82 39.93 51.27 18.08
C VAL A 82 39.74 49.74 17.94
N GLY A 83 38.47 49.31 17.99
CA GLY A 83 38.10 47.91 17.79
C GLY A 83 38.11 47.00 18.96
N ASP A 84 39.22 46.94 19.63
CA ASP A 84 39.38 45.97 20.66
C ASP A 84 39.63 46.47 22.09
N GLY A 85 40.30 45.58 22.77
CA GLY A 85 40.62 45.61 24.17
C GLY A 85 40.17 44.25 24.63
N THR A 86 38.87 44.10 24.48
CA THR A 86 38.14 42.85 24.68
C THR A 86 36.81 43.02 23.95
N THR A 87 36.19 41.99 23.41
CA THR A 87 34.90 42.22 22.75
C THR A 87 33.86 42.42 23.83
N SER A 88 32.84 43.21 23.56
CA SER A 88 31.80 43.48 24.58
C SER A 88 30.58 44.20 24.00
N VAL A 89 30.81 45.01 22.96
CA VAL A 89 29.73 45.81 22.37
C VAL A 89 28.60 44.92 21.84
N THR A 90 28.96 43.81 21.23
CA THR A 90 27.99 42.86 20.70
C THR A 90 27.11 42.27 21.81
N VAL A 91 27.72 41.95 22.95
CA VAL A 91 27.01 41.38 24.11
C VAL A 91 25.91 42.33 24.63
N LEU A 92 26.29 43.60 24.82
CA LEU A 92 25.35 44.62 25.29
C LEU A 92 24.15 44.81 24.36
N ALA A 93 24.39 44.79 23.06
CA ALA A 93 23.30 44.94 22.10
C ALA A 93 22.31 43.76 22.20
N ALA A 94 22.86 42.55 22.39
CA ALA A 94 22.08 41.32 22.50
C ALA A 94 21.21 41.24 23.76
N GLU A 95 21.76 41.70 24.88
CA GLU A 95 21.09 41.66 26.19
C GLU A 95 19.76 42.45 26.18
N LEU A 96 19.73 43.54 25.43
CA LEU A 96 18.53 44.38 25.30
C LEU A 96 17.32 43.60 24.71
N LEU A 97 17.57 42.72 23.75
CA LEU A 97 16.50 41.94 23.08
C LEU A 97 15.68 41.04 24.01
N ARG A 98 16.31 40.38 24.98
CA ARG A 98 15.59 39.44 25.88
C ARG A 98 14.46 40.09 26.69
N GLU A 99 14.61 41.30 27.20
CA GLU A 99 13.49 41.92 27.95
C GLU A 99 12.33 42.31 27.03
N ALA A 100 12.54 42.24 25.70
CA ALA A 100 11.47 42.55 24.72
C ALA A 100 10.28 41.60 24.94
N GLU A 101 10.56 40.44 25.56
CA GLU A 101 9.52 39.46 25.90
C GLU A 101 8.48 40.08 26.84
N SER A 102 8.93 40.88 27.80
CA SER A 102 8.04 41.56 28.72
C SER A 102 7.23 42.66 28.00
N LEU A 103 7.75 43.09 26.84
CA LEU A 103 7.09 44.13 26.04
C LEU A 103 5.92 43.61 25.20
N ILE A 104 5.76 42.29 25.07
CA ILE A 104 4.59 41.78 24.33
C ILE A 104 3.36 41.84 25.23
N ALA A 105 3.63 41.71 26.53
CA ALA A 105 2.61 41.82 27.57
C ALA A 105 2.13 43.27 27.58
N LYS A 106 3.11 44.15 27.42
CA LYS A 106 2.91 45.59 27.37
C LYS A 106 1.98 45.95 26.20
N LYS A 107 2.19 45.26 25.06
CA LYS A 107 1.37 45.37 23.83
C LYS A 107 0.89 46.77 23.45
N ILE A 108 1.83 47.64 23.08
CA ILE A 108 1.49 49.00 22.68
C ILE A 108 2.16 49.37 21.33
N HIS A 109 3.19 50.22 21.41
CA HIS A 109 3.94 50.68 20.26
C HIS A 109 5.44 50.50 20.55
N PRO A 110 6.12 49.58 19.85
CA PRO A 110 7.57 49.28 20.06
C PRO A 110 8.43 50.57 20.03
N GLN A 111 8.06 51.46 19.12
CA GLN A 111 8.72 52.74 18.90
C GLN A 111 8.70 53.64 20.16
N THR A 112 7.59 53.64 20.90
CA THR A 112 7.45 54.48 22.12
C THR A 112 8.55 54.12 23.16
N ILE A 113 8.81 52.84 23.30
CA ILE A 113 9.88 52.30 24.18
C ILE A 113 11.23 52.86 23.75
N ILE A 114 11.39 52.93 22.45
CA ILE A 114 12.61 53.39 21.80
C ILE A 114 13.13 54.74 22.34
N ALA A 115 12.24 55.61 22.83
CA ALA A 115 12.67 56.91 23.36
C ALA A 115 13.77 56.76 24.43
N GLY A 116 13.88 55.56 25.02
CA GLY A 116 14.92 55.26 25.99
C GLY A 116 16.31 55.41 25.44
N TRP A 117 16.48 55.00 24.20
CA TRP A 117 17.75 55.10 23.50
C TRP A 117 18.12 56.54 23.15
N ARG A 118 17.16 57.38 22.78
CA ARG A 118 17.49 58.80 22.59
C ARG A 118 17.98 59.32 23.96
N GLU A 119 17.30 58.83 25.01
CA GLU A 119 17.66 59.11 26.41
C GLU A 119 19.09 58.57 26.64
N ALA A 120 19.36 57.41 26.06
CA ALA A 120 20.67 56.76 26.14
C ALA A 120 21.75 57.66 25.54
N THR A 121 21.38 58.55 24.62
CA THR A 121 22.34 59.51 24.07
C THR A 121 22.85 60.35 25.25
N LYS A 122 21.93 60.70 26.15
CA LYS A 122 22.29 61.41 27.40
C LYS A 122 23.25 60.55 28.21
N ALA A 123 22.96 59.24 28.27
CA ALA A 123 23.80 58.30 28.99
C ALA A 123 25.18 58.21 28.35
N ALA A 124 25.19 58.20 27.01
CA ALA A 124 26.43 58.19 26.25
C ALA A 124 27.27 59.41 26.56
N ARG A 125 26.61 60.57 26.49
CA ARG A 125 27.23 61.86 26.76
C ARG A 125 27.71 62.01 28.21
N GLN A 126 26.91 61.51 29.15
CA GLN A 126 27.26 61.65 30.56
C GLN A 126 28.09 60.48 31.04
N ALA A 127 28.36 59.54 30.16
CA ALA A 127 29.27 58.44 30.49
C ALA A 127 30.66 58.92 30.07
N LEU A 128 30.64 60.11 29.48
CA LEU A 128 31.81 60.80 29.03
C LEU A 128 32.12 61.87 30.06
N LEU A 129 33.40 62.05 30.35
CA LEU A 129 33.92 63.01 31.37
C LEU A 129 33.29 62.73 32.77
N ASN A 130 32.70 61.54 32.90
CA ASN A 130 32.08 61.07 34.16
C ASN A 130 32.90 59.95 34.82
N SER A 131 33.45 59.09 33.98
CA SER A 131 34.15 57.88 34.40
C SER A 131 35.37 58.12 35.29
N ALA A 132 36.17 59.15 35.00
CA ALA A 132 37.41 59.43 35.74
C ALA A 132 38.43 58.41 35.27
N VAL A 133 39.47 58.89 34.65
CA VAL A 133 40.45 58.04 33.98
C VAL A 133 41.90 58.46 34.17
N ASP A 134 42.75 57.82 33.37
CA ASP A 134 44.18 58.13 33.34
C ASP A 134 44.49 59.09 32.17
N HIS A 135 45.46 59.98 32.39
CA HIS A 135 45.89 60.92 31.35
C HIS A 135 47.19 60.37 30.73
N GLY A 136 48.27 61.13 30.82
CA GLY A 136 49.57 60.67 30.33
C GLY A 136 49.64 60.30 28.85
N SER A 137 50.18 59.10 28.58
CA SER A 137 50.39 58.59 27.21
C SER A 137 51.13 59.63 26.38
N ASP A 138 52.12 60.25 27.03
CA ASP A 138 52.92 61.36 26.47
C ASP A 138 53.32 61.14 24.99
N GLU A 139 54.24 60.21 24.77
CA GLU A 139 54.71 59.81 23.44
C GLU A 139 55.94 58.92 23.63
N VAL A 140 55.95 57.75 22.98
CA VAL A 140 57.04 56.80 23.17
C VAL A 140 56.81 56.16 24.54
N LYS A 141 57.26 56.89 25.56
CA LYS A 141 57.05 56.57 26.97
C LYS A 141 58.17 55.69 27.55
N PHE A 142 58.29 55.69 28.88
CA PHE A 142 59.31 54.90 29.56
C PHE A 142 58.81 53.48 29.92
N ARG A 143 58.04 53.37 31.01
CA ARG A 143 57.53 52.06 31.46
C ARG A 143 56.01 51.85 31.27
N GLN A 144 55.30 52.84 30.74
CA GLN A 144 53.86 52.68 30.51
C GLN A 144 53.57 52.29 29.08
N ASP A 145 54.63 51.96 28.35
CA ASP A 145 54.47 51.60 26.96
C ASP A 145 53.56 50.36 26.88
N LEU A 146 53.75 49.39 27.78
CA LEU A 146 52.86 48.22 27.83
C LEU A 146 52.74 47.55 29.21
N MET A 147 52.65 46.20 29.20
CA MET A 147 52.41 45.41 30.42
C MET A 147 51.07 45.84 31.03
N ASN A 148 50.28 46.47 30.14
CA ASN A 148 48.96 47.02 30.44
C ASN A 148 47.83 46.38 29.61
N ILE A 149 47.18 47.23 28.80
CA ILE A 149 46.03 46.84 27.96
C ILE A 149 46.29 45.74 26.93
N ALA A 150 47.44 45.73 26.27
CA ALA A 150 47.69 44.64 25.32
C ALA A 150 47.66 43.32 26.07
N GLY A 151 48.25 43.32 27.27
CA GLY A 151 48.22 42.12 28.09
C GLY A 151 46.80 41.68 28.43
N THR A 152 45.91 42.64 28.71
CA THR A 152 44.51 42.32 29.00
C THR A 152 43.80 41.72 27.78
N THR A 153 44.09 42.26 26.59
CA THR A 153 43.49 41.75 25.35
C THR A 153 43.90 40.29 25.16
N LEU A 154 45.16 40.06 25.48
CA LEU A 154 45.80 38.75 25.46
C LEU A 154 45.33 37.79 26.54
N SER A 155 44.98 38.32 27.69
CA SER A 155 44.58 37.50 28.84
C SER A 155 43.36 36.66 28.47
N SER A 156 42.44 37.27 27.73
CA SER A 156 41.23 36.57 27.28
C SER A 156 41.58 35.48 26.26
N LYS A 157 42.82 35.52 25.83
CA LYS A 157 43.34 34.60 24.84
C LYS A 157 44.15 33.48 25.54
N LEU A 158 43.99 32.26 25.07
CA LEU A 158 44.66 31.06 25.62
C LEU A 158 46.20 31.13 25.59
N LEU A 159 46.73 31.95 24.72
CA LEU A 159 48.17 32.07 24.51
C LEU A 159 48.95 32.73 25.68
N THR A 160 48.25 33.35 26.65
CA THR A 160 48.89 34.14 27.73
C THR A 160 49.88 33.42 28.66
N HIS A 161 50.49 32.35 28.21
CA HIS A 161 51.55 31.73 28.99
C HIS A 161 52.84 32.41 28.51
N HIS A 162 53.30 31.95 27.37
CA HIS A 162 54.42 32.53 26.63
C HIS A 162 54.07 33.89 26.01
N LYS A 163 52.84 33.99 25.51
CA LYS A 163 52.36 35.15 24.73
C LYS A 163 52.42 36.50 25.44
N ASP A 164 52.09 36.58 26.73
CA ASP A 164 52.08 37.91 27.36
C ASP A 164 53.40 38.65 27.10
N HIS A 165 54.50 37.90 27.00
CA HIS A 165 55.80 38.48 26.62
C HIS A 165 55.74 39.12 25.21
N PHE A 166 55.04 38.43 24.29
CA PHE A 166 54.89 38.86 22.87
C PHE A 166 54.22 40.22 22.76
N THR A 167 53.20 40.40 23.61
CA THR A 167 52.43 41.64 23.66
C THR A 167 53.29 42.82 24.03
N LYS A 168 54.18 42.57 24.96
CA LYS A 168 55.09 43.56 25.49
C LYS A 168 55.96 44.12 24.36
N LEU A 169 56.36 43.22 23.48
CA LEU A 169 57.14 43.53 22.28
C LEU A 169 56.41 44.49 21.32
N ALA A 170 55.10 44.30 21.17
CA ALA A 170 54.28 45.05 20.19
C ALA A 170 54.35 46.59 20.38
N VAL A 171 54.36 47.09 21.60
CA VAL A 171 54.48 48.55 21.80
C VAL A 171 55.76 49.12 21.22
N GLU A 172 56.84 48.37 21.24
CA GLU A 172 58.08 48.86 20.66
C GLU A 172 57.82 49.13 19.17
N ALA A 173 57.06 48.22 18.56
CA ALA A 173 56.65 48.34 17.16
C ALA A 173 55.79 49.58 16.92
N VAL A 174 54.89 49.90 17.85
CA VAL A 174 54.03 51.07 17.69
C VAL A 174 54.83 52.37 17.82
N LEU A 175 55.88 52.36 18.64
CA LEU A 175 56.67 53.57 18.84
C LEU A 175 57.29 54.05 17.53
N ARG A 176 57.79 53.11 16.73
CA ARG A 176 58.33 53.44 15.40
C ARG A 176 57.21 53.88 14.43
N LEU A 177 56.02 53.31 14.65
CA LEU A 177 54.83 53.55 13.81
C LEU A 177 54.22 54.96 13.92
N LYS A 178 54.39 55.63 15.05
CA LYS A 178 53.75 56.93 15.27
C LYS A 178 54.18 58.01 14.26
N GLY A 179 53.17 58.77 13.86
CA GLY A 179 53.28 59.83 12.89
C GLY A 179 51.96 59.95 12.16
N SER A 180 51.93 60.54 10.98
CA SER A 180 50.68 60.62 10.22
C SER A 180 50.64 59.51 9.16
N GLY A 181 49.62 58.68 9.24
CA GLY A 181 49.47 57.54 8.32
C GLY A 181 48.77 56.35 9.00
N ASN A 182 48.82 56.37 10.33
CA ASN A 182 48.16 55.39 11.22
C ASN A 182 48.57 53.88 11.09
N LEU A 183 48.24 53.16 10.02
CA LEU A 183 48.55 51.70 9.98
C LEU A 183 49.27 51.16 8.74
N GLU A 184 49.88 51.98 7.89
CA GLU A 184 50.54 51.41 6.70
C GLU A 184 51.80 50.58 6.97
N ALA A 185 51.93 49.54 6.16
CA ALA A 185 53.10 48.66 6.14
C ALA A 185 53.48 47.88 7.42
N ILE A 186 52.52 47.20 8.03
CA ILE A 186 52.82 46.37 9.20
C ILE A 186 52.47 44.91 8.86
N HIS A 187 53.49 44.05 8.94
CA HIS A 187 53.37 42.64 8.55
C HIS A 187 53.89 41.65 9.60
N VAL A 188 53.12 40.56 9.84
CA VAL A 188 53.54 39.53 10.80
C VAL A 188 53.46 38.10 10.24
N ILE A 189 54.55 37.34 10.39
CA ILE A 189 54.64 35.93 9.96
C ILE A 189 54.95 34.94 11.09
N LYS A 190 54.15 33.88 11.18
CA LYS A 190 54.33 32.83 12.20
C LYS A 190 55.59 31.98 11.92
N LYS A 191 56.30 31.63 12.97
CA LYS A 191 57.45 30.75 12.82
C LYS A 191 57.23 29.49 13.65
N LEU A 192 57.60 28.35 13.08
CA LEU A 192 57.37 27.05 13.71
C LEU A 192 58.53 26.58 14.59
N GLY A 193 59.59 27.38 14.69
CA GLY A 193 60.72 27.00 15.54
C GLY A 193 60.46 27.29 17.02
N GLY A 194 61.28 26.74 17.91
CA GLY A 194 61.04 26.96 19.34
C GLY A 194 62.05 27.85 20.03
N SER A 195 61.53 28.84 20.76
CA SER A 195 62.34 29.78 21.54
C SER A 195 61.57 30.26 22.77
N LEU A 196 62.24 30.41 23.92
CA LEU A 196 61.56 30.91 25.12
C LEU A 196 61.01 32.33 24.89
N ALA A 197 61.81 33.15 24.19
CA ALA A 197 61.42 34.54 23.88
C ALA A 197 60.14 34.56 23.04
N ASP A 198 60.08 33.60 22.12
CA ASP A 198 58.91 33.41 21.25
C ASP A 198 58.68 34.54 20.25
N SER A 199 59.63 35.44 20.11
CA SER A 199 59.49 36.48 19.12
C SER A 199 60.81 37.12 18.76
N TYR A 200 60.89 37.58 17.53
CA TYR A 200 62.05 38.29 17.02
C TYR A 200 61.60 39.52 16.26
N LEU A 201 62.25 40.62 16.51
CA LEU A 201 61.87 41.85 15.85
C LEU A 201 62.79 42.14 14.69
N ASP A 202 62.21 42.24 13.51
CA ASP A 202 62.97 42.56 12.33
C ASP A 202 62.89 44.04 12.06
N GLU A 203 64.03 44.58 11.72
CA GLU A 203 64.17 46.00 11.43
C GLU A 203 63.65 46.32 10.01
N GLY A 204 63.37 45.26 9.23
CA GLY A 204 62.84 45.40 7.87
C GLY A 204 61.59 44.55 7.59
N PHE A 205 61.50 44.03 6.36
CA PHE A 205 60.34 43.22 5.90
C PHE A 205 60.69 41.72 5.70
N LEU A 206 59.76 40.84 6.10
CA LEU A 206 59.92 39.38 5.99
C LEU A 206 59.09 38.77 4.84
N LEU A 207 59.71 37.91 4.02
CA LEU A 207 59.05 37.28 2.83
C LEU A 207 58.78 35.76 2.98
N ASP A 208 59.77 34.94 2.57
CA ASP A 208 59.75 33.44 2.52
C ASP A 208 59.69 32.89 1.07
N LYS A 209 60.73 33.23 0.30
CA LYS A 209 60.92 32.74 -1.09
C LYS A 209 62.42 32.61 -1.41
N LYS A 210 62.78 31.75 -2.36
CA LYS A 210 64.20 31.58 -2.74
C LYS A 210 64.40 31.42 -4.26
N ILE A 211 65.49 32.01 -4.78
CA ILE A 211 65.83 31.98 -6.22
C ILE A 211 66.02 30.54 -6.72
N GLY A 212 66.84 29.82 -5.97
CA GLY A 212 67.17 28.45 -6.27
C GLY A 212 68.30 27.98 -5.37
N VAL A 213 68.76 26.74 -5.52
CA VAL A 213 69.83 26.22 -4.68
C VAL A 213 71.16 27.00 -4.81
N ASN A 214 71.52 27.39 -6.04
CA ASN A 214 72.75 28.17 -6.24
C ASN A 214 72.45 29.67 -6.07
N GLN A 215 73.52 30.49 -6.02
CA GLN A 215 73.47 31.98 -5.85
C GLN A 215 74.22 32.37 -4.57
N PRO A 216 74.84 33.58 -4.50
CA PRO A 216 75.53 33.99 -3.27
C PRO A 216 74.58 34.05 -2.09
N LYS A 217 75.06 33.60 -0.95
CA LYS A 217 74.24 33.61 0.26
C LYS A 217 73.97 35.01 0.86
N ARG A 218 74.97 35.90 0.84
CA ARG A 218 74.81 37.24 1.44
C ARG A 218 75.16 38.40 0.48
N ILE A 219 74.38 39.48 0.52
CA ILE A 219 74.63 40.67 -0.32
C ILE A 219 74.76 41.96 0.52
N GLU A 220 75.72 42.81 0.12
CA GLU A 220 76.01 44.09 0.83
C GLU A 220 75.82 45.30 -0.08
N ASN A 221 75.28 46.41 0.47
CA ASN A 221 75.03 47.64 -0.31
C ASN A 221 74.07 47.31 -1.45
N ALA A 222 73.09 46.49 -1.12
CA ALA A 222 72.13 45.98 -2.06
C ALA A 222 71.27 47.02 -2.77
N LYS A 223 71.06 46.76 -4.05
CA LYS A 223 70.20 47.56 -4.90
C LYS A 223 68.97 46.72 -5.18
N ILE A 224 67.79 47.32 -5.18
CA ILE A 224 66.56 46.55 -5.33
C ILE A 224 65.87 46.80 -6.67
N LEU A 225 65.53 45.72 -7.36
CA LEU A 225 64.85 45.83 -8.64
C LEU A 225 63.49 45.10 -8.67
N ILE A 226 62.44 45.83 -9.06
CA ILE A 226 61.06 45.29 -9.15
C ILE A 226 60.53 45.40 -10.59
N ALA A 227 60.09 44.30 -11.19
CA ALA A 227 59.58 44.38 -12.56
C ALA A 227 58.12 43.95 -12.71
N ASN A 228 57.32 44.81 -13.35
CA ASN A 228 55.90 44.52 -13.65
C ASN A 228 55.75 43.40 -14.66
N THR A 229 56.62 43.40 -15.65
CA THR A 229 56.57 42.40 -16.71
C THR A 229 57.52 41.24 -16.41
N GLY A 230 57.03 40.06 -16.71
CA GLY A 230 57.79 38.85 -16.46
C GLY A 230 58.99 38.68 -17.34
N MET A 231 59.90 37.90 -16.82
CA MET A 231 61.15 37.57 -17.49
C MET A 231 60.85 36.66 -18.70
N ASP A 232 59.79 35.85 -18.58
CA ASP A 232 59.35 34.90 -19.63
C ASP A 232 58.98 35.60 -20.95
N THR A 233 59.44 35.05 -22.06
CA THR A 233 59.13 35.59 -23.39
C THR A 233 58.69 34.50 -24.39
N ASP A 234 57.56 34.72 -25.09
CA ASP A 234 57.08 33.78 -26.14
C ASP A 234 55.64 34.01 -26.65
N LYS A 235 54.66 33.38 -26.02
CA LYS A 235 53.26 33.41 -26.47
C LYS A 235 52.43 34.72 -26.39
N ILE A 236 52.57 35.52 -25.30
CA ILE A 236 51.73 36.75 -25.11
C ILE A 236 50.23 36.33 -25.35
N LYS A 237 49.26 37.22 -25.65
CA LYS A 237 47.92 36.69 -25.97
C LYS A 237 47.68 36.63 -27.48
N ILE A 238 48.69 37.05 -28.22
CA ILE A 238 48.69 36.96 -29.66
C ILE A 238 49.85 36.03 -29.95
N PHE A 239 49.57 34.93 -30.58
CA PHE A 239 50.60 33.92 -30.72
C PHE A 239 51.58 34.08 -31.85
N GLY A 240 52.85 33.97 -31.46
CA GLY A 240 53.92 33.87 -32.42
C GLY A 240 53.56 32.61 -33.18
N SER A 241 53.07 31.66 -32.34
CA SER A 241 52.49 30.34 -32.69
C SER A 241 53.31 29.20 -32.06
N ARG A 242 53.77 28.40 -32.95
CA ARG A 242 54.67 27.26 -32.82
C ARG A 242 55.06 27.09 -34.27
N VAL A 243 55.84 28.11 -34.58
CA VAL A 243 56.33 28.54 -35.87
C VAL A 243 56.89 27.55 -36.87
N ARG A 244 56.82 28.06 -38.09
CA ARG A 244 57.29 27.45 -39.32
C ARG A 244 58.65 28.02 -39.74
N VAL A 245 59.63 27.15 -39.87
CA VAL A 245 60.95 27.54 -40.35
C VAL A 245 61.34 26.60 -41.48
N ASP A 246 61.87 27.18 -42.55
CA ASP A 246 62.20 26.44 -43.77
C ASP A 246 63.24 25.29 -43.72
N SER A 247 64.35 25.38 -42.98
CA SER A 247 65.33 24.27 -43.03
C SER A 247 66.06 23.90 -41.73
N THR A 248 65.43 24.07 -40.57
CA THR A 248 66.09 23.76 -39.26
C THR A 248 67.23 24.75 -38.93
N ALA A 249 67.93 25.20 -39.95
CA ALA A 249 69.01 26.18 -39.79
C ALA A 249 68.46 27.48 -39.18
N LYS A 250 67.28 27.88 -39.63
CA LYS A 250 66.66 29.12 -39.16
C LYS A 250 65.98 28.96 -37.79
N VAL A 251 65.83 27.73 -37.29
CA VAL A 251 65.26 27.54 -35.95
C VAL A 251 66.29 28.05 -34.93
N ALA A 252 67.55 27.97 -35.34
CA ALA A 252 68.71 28.41 -34.56
C ALA A 252 68.64 29.91 -34.25
N GLU A 253 68.18 30.72 -35.21
CA GLU A 253 68.09 32.17 -35.01
C GLU A 253 67.16 32.47 -33.82
N ILE A 254 66.07 31.71 -33.72
CA ILE A 254 65.10 31.88 -32.63
C ILE A 254 65.81 31.66 -31.29
N GLU A 255 66.65 30.63 -31.23
CA GLU A 255 67.43 30.32 -30.03
C GLU A 255 68.36 31.50 -29.68
N HIS A 256 68.96 32.07 -30.71
CA HIS A 256 69.87 33.23 -30.60
C HIS A 256 69.12 34.45 -30.01
N ALA A 257 67.87 34.62 -30.45
CA ALA A 257 67.02 35.73 -30.02
C ALA A 257 66.80 35.69 -28.50
N GLU A 258 66.71 34.49 -27.96
CA GLU A 258 66.57 34.27 -26.52
C GLU A 258 67.78 34.86 -25.78
N LYS A 259 68.94 34.69 -26.37
CA LYS A 259 70.20 35.17 -25.82
C LYS A 259 70.17 36.69 -25.67
N GLU A 260 69.55 37.38 -26.62
CA GLU A 260 69.46 38.85 -26.57
C GLU A 260 68.70 39.30 -25.30
N LYS A 261 67.63 38.60 -24.91
CA LYS A 261 66.95 38.99 -23.67
C LYS A 261 67.90 38.84 -22.47
N MET A 262 68.70 37.78 -22.47
CA MET A 262 69.71 37.58 -21.41
C MET A 262 70.75 38.73 -21.39
N LYS A 263 71.17 39.15 -22.59
CA LYS A 263 72.21 40.19 -22.73
C LYS A 263 71.81 41.53 -22.14
N GLU A 264 70.56 41.93 -22.34
CA GLU A 264 70.08 43.21 -21.81
C GLU A 264 70.07 43.22 -20.29
N LYS A 265 69.67 42.08 -19.75
CA LYS A 265 69.53 41.90 -18.32
C LYS A 265 70.88 41.96 -17.58
N VAL A 266 71.91 41.34 -18.16
CA VAL A 266 73.25 41.33 -17.55
C VAL A 266 74.06 42.63 -17.71
N GLU A 267 74.01 43.22 -18.90
CA GLU A 267 74.84 44.39 -19.22
C GLU A 267 74.58 45.62 -18.34
N ARG A 268 73.33 45.91 -18.03
CA ARG A 268 73.03 47.07 -17.20
C ARG A 268 72.81 46.70 -15.74
N ILE A 269 72.70 45.41 -15.47
CA ILE A 269 72.58 44.94 -14.10
C ILE A 269 73.90 45.14 -13.38
N LEU A 270 74.98 44.86 -14.11
CA LEU A 270 76.35 45.01 -13.63
C LEU A 270 76.75 46.44 -13.22
N LYS A 271 76.35 47.45 -14.02
CA LYS A 271 76.71 48.85 -13.71
C LYS A 271 76.16 49.31 -12.37
N HIS A 272 74.94 48.90 -12.09
CA HIS A 272 74.23 49.24 -10.86
C HIS A 272 74.86 48.54 -9.65
N GLY A 273 75.34 47.32 -9.88
CA GLY A 273 75.91 46.52 -8.81
C GLY A 273 74.85 45.66 -8.17
N ILE A 274 73.68 45.63 -8.84
CA ILE A 274 72.48 44.86 -8.44
C ILE A 274 72.77 43.69 -7.49
N ASN A 275 72.19 43.76 -6.32
CA ASN A 275 72.37 42.69 -5.34
C ASN A 275 71.14 41.79 -5.20
N CYS A 276 69.96 42.32 -5.51
CA CYS A 276 68.73 41.53 -5.41
C CYS A 276 67.67 41.96 -6.42
N PHE A 277 66.98 40.99 -7.00
CA PHE A 277 65.90 41.26 -7.96
C PHE A 277 64.59 40.62 -7.48
N ILE A 278 63.53 41.41 -7.40
CA ILE A 278 62.24 40.89 -6.99
C ILE A 278 61.18 41.08 -8.09
N ASN A 279 60.61 39.96 -8.53
CA ASN A 279 59.59 40.00 -9.59
C ASN A 279 58.29 39.38 -9.12
N ARG A 280 57.18 40.06 -9.31
CA ARG A 280 55.89 39.50 -8.91
C ARG A 280 55.26 38.75 -10.09
N GLN A 281 55.68 37.50 -10.26
CA GLN A 281 55.18 36.56 -11.29
C GLN A 281 56.24 35.54 -11.68
N LEU A 282 55.95 34.74 -12.71
CA LEU A 282 56.86 33.69 -13.19
C LEU A 282 58.18 34.26 -13.76
N ILE A 283 59.28 33.59 -13.46
CA ILE A 283 60.61 34.02 -13.91
C ILE A 283 61.16 33.04 -14.96
N TYR A 284 61.81 33.57 -15.99
CA TYR A 284 62.33 32.75 -17.08
C TYR A 284 63.67 32.12 -16.65
N ASN A 285 63.87 30.87 -17.07
CA ASN A 285 65.07 30.08 -16.68
C ASN A 285 66.46 30.61 -17.09
N TYR A 286 66.61 31.15 -18.30
CA TYR A 286 67.93 31.63 -18.78
C TYR A 286 68.64 32.62 -17.83
N PRO A 287 67.95 33.68 -17.37
CA PRO A 287 68.54 34.66 -16.44
C PRO A 287 69.01 34.05 -15.13
N GLU A 288 68.38 32.94 -14.74
CA GLU A 288 68.67 32.30 -13.47
C GLU A 288 70.15 31.87 -13.36
N GLN A 289 70.70 31.35 -14.46
CA GLN A 289 72.11 30.95 -14.46
C GLN A 289 73.01 32.17 -14.30
N LEU A 290 72.60 33.24 -14.98
CA LEU A 290 73.28 34.54 -14.98
C LEU A 290 73.39 35.18 -13.58
N PHE A 291 72.26 35.18 -12.87
CA PHE A 291 72.19 35.80 -11.54
C PHE A 291 73.17 35.16 -10.55
N GLY A 292 73.29 33.82 -10.61
CA GLY A 292 74.20 33.12 -9.71
C GLY A 292 75.67 33.51 -9.86
N ALA A 293 76.14 33.62 -11.10
CA ALA A 293 77.53 34.00 -11.37
C ALA A 293 77.80 35.48 -11.03
N ALA A 294 76.84 36.33 -11.37
CA ALA A 294 76.91 37.77 -11.12
C ALA A 294 77.04 38.10 -9.63
N GLY A 295 76.30 37.35 -8.83
CA GLY A 295 76.27 37.56 -7.40
C GLY A 295 75.02 38.33 -7.00
N VAL A 296 73.93 38.00 -7.70
CA VAL A 296 72.64 38.66 -7.51
C VAL A 296 71.55 37.67 -7.10
N MET A 297 70.81 38.01 -6.05
CA MET A 297 69.74 37.14 -5.56
C MET A 297 68.37 37.63 -6.06
N ALA A 298 67.67 36.76 -6.80
CA ALA A 298 66.35 37.08 -7.37
C ALA A 298 65.21 36.28 -6.74
N ILE A 299 64.00 36.80 -6.77
CA ILE A 299 62.87 36.09 -6.18
C ILE A 299 61.78 35.78 -7.22
N GLU A 300 61.50 34.49 -7.39
CA GLU A 300 60.50 34.01 -8.36
C GLU A 300 59.09 34.02 -7.79
N HIS A 301 58.15 34.62 -8.53
CA HIS A 301 56.74 34.67 -8.14
C HIS A 301 56.52 35.33 -6.77
N ALA A 302 57.25 36.40 -6.50
CA ALA A 302 57.08 37.10 -5.23
C ALA A 302 55.65 37.63 -5.12
N ASP A 303 55.06 37.56 -3.94
CA ASP A 303 53.68 38.04 -3.77
C ASP A 303 53.62 39.57 -3.87
N PHE A 304 52.65 40.04 -4.63
CA PHE A 304 52.48 41.46 -4.94
C PHE A 304 52.25 42.31 -3.68
N VAL A 305 51.47 41.79 -2.73
CA VAL A 305 51.18 42.54 -1.50
C VAL A 305 52.47 42.85 -0.71
N GLY A 306 53.39 41.89 -0.65
CA GLY A 306 54.66 42.11 0.01
C GLY A 306 55.47 43.22 -0.67
N VAL A 307 55.43 43.21 -1.99
CA VAL A 307 56.14 44.18 -2.83
C VAL A 307 55.70 45.63 -2.60
N GLU A 308 54.39 45.86 -2.53
CA GLU A 308 53.88 47.23 -2.33
C GLU A 308 54.36 47.85 -1.02
N ARG A 309 54.38 47.05 0.05
CA ARG A 309 54.87 47.54 1.33
C ARG A 309 56.36 47.83 1.24
N LEU A 310 57.05 46.93 0.54
CA LEU A 310 58.50 47.02 0.35
C LEU A 310 58.86 48.31 -0.40
N ALA A 311 58.05 48.67 -1.40
CA ALA A 311 58.27 49.87 -2.19
C ALA A 311 58.27 51.12 -1.32
N LEU A 312 57.29 51.20 -0.44
CA LEU A 312 57.19 52.33 0.49
C LEU A 312 58.49 52.35 1.34
N VAL A 313 58.90 51.14 1.77
CA VAL A 313 60.12 50.90 2.57
C VAL A 313 61.44 51.36 1.89
N THR A 314 61.64 50.94 0.65
CA THR A 314 62.86 51.27 -0.11
C THR A 314 62.93 52.75 -0.50
N GLY A 315 61.78 53.30 -0.86
CA GLY A 315 61.69 54.68 -1.31
C GLY A 315 60.87 54.78 -2.59
N GLY A 316 60.44 53.64 -3.07
CA GLY A 316 59.61 53.54 -4.26
C GLY A 316 60.40 53.55 -5.54
N GLU A 317 59.78 53.07 -6.59
CA GLU A 317 60.41 53.03 -7.90
C GLU A 317 59.37 52.90 -9.01
N ILE A 318 59.75 53.26 -10.22
CA ILE A 318 58.79 53.17 -11.33
C ILE A 318 59.01 51.85 -12.03
N ALA A 319 57.97 51.03 -12.06
CA ALA A 319 58.08 49.69 -12.64
C ALA A 319 57.51 49.65 -14.04
N SER A 320 58.37 49.26 -14.96
CA SER A 320 58.05 49.17 -16.38
C SER A 320 58.80 48.00 -17.01
N THR A 321 59.17 48.16 -18.27
CA THR A 321 59.92 47.16 -19.02
C THR A 321 61.39 47.21 -18.62
N PHE A 322 62.17 46.22 -19.06
CA PHE A 322 63.62 46.05 -18.73
C PHE A 322 64.49 47.34 -18.69
N ASP A 323 63.95 48.46 -19.13
CA ASP A 323 64.62 49.75 -19.05
C ASP A 323 64.68 50.20 -17.57
N HIS A 324 63.80 49.57 -16.78
CA HIS A 324 63.61 49.83 -15.33
C HIS A 324 64.87 50.08 -14.44
N PRO A 325 66.08 49.49 -14.66
CA PRO A 325 67.29 49.76 -13.82
C PRO A 325 67.63 51.25 -13.52
N GLU A 326 68.83 51.45 -12.95
CA GLU A 326 69.37 52.78 -12.51
C GLU A 326 68.32 53.71 -11.84
N LEU A 327 68.24 54.98 -12.27
CA LEU A 327 67.38 56.02 -11.64
C LEU A 327 65.88 55.73 -11.61
N VAL A 328 65.32 55.16 -12.67
CA VAL A 328 63.89 54.86 -12.65
C VAL A 328 63.59 53.88 -11.49
N LYS A 329 64.64 53.17 -11.03
CA LYS A 329 64.55 52.31 -9.83
C LYS A 329 65.29 52.92 -8.65
N LEU A 330 64.63 52.99 -7.51
CA LEU A 330 65.28 53.48 -6.32
C LEU A 330 65.56 52.30 -5.40
N GLY A 331 66.82 52.08 -5.10
CA GLY A 331 67.18 50.98 -4.23
C GLY A 331 67.71 51.42 -2.90
N SER A 332 67.18 50.85 -1.83
CA SER A 332 67.67 51.18 -0.50
C SER A 332 68.76 50.18 -0.17
N CYS A 333 69.85 50.63 0.43
CA CYS A 333 70.93 49.70 0.71
C CYS A 333 71.30 49.61 2.19
N LYS A 334 71.17 48.40 2.70
CA LYS A 334 71.57 48.09 4.06
C LYS A 334 71.99 46.62 4.12
N LEU A 335 71.02 45.74 4.41
CA LEU A 335 71.32 44.31 4.45
C LEU A 335 70.16 43.45 3.94
N ILE A 336 70.41 42.67 2.89
CA ILE A 336 69.42 41.71 2.40
C ILE A 336 70.04 40.32 2.48
N GLU A 337 69.45 39.40 3.22
CA GLU A 337 70.03 38.06 3.30
C GLU A 337 69.01 37.02 3.72
N GLU A 338 69.33 35.77 3.45
CA GLU A 338 68.47 34.70 3.87
C GLU A 338 69.07 34.10 5.14
N VAL A 339 68.31 34.14 6.21
CA VAL A 339 68.77 33.64 7.50
C VAL A 339 67.86 32.54 8.00
N MET A 340 68.43 31.42 8.39
CA MET A 340 67.60 30.36 8.91
C MET A 340 67.14 30.73 10.31
N ILE A 341 65.86 30.62 10.56
CA ILE A 341 65.35 30.95 11.87
C ILE A 341 64.91 29.66 12.55
N GLY A 342 65.88 29.07 13.24
CA GLY A 342 65.72 27.81 13.97
C GLY A 342 65.09 26.63 13.20
N GLU A 343 64.34 26.87 12.12
CA GLU A 343 63.67 25.77 11.40
C GLU A 343 63.47 26.00 9.88
N ASP A 344 62.34 26.58 9.50
CA ASP A 344 62.03 26.81 8.08
C ASP A 344 62.70 28.11 7.60
N LYS A 345 63.49 28.01 6.54
CA LYS A 345 64.24 29.15 6.00
C LYS A 345 63.38 30.23 5.33
N LEU A 346 63.77 31.46 5.60
CA LEU A 346 63.09 32.68 5.13
C LEU A 346 64.11 33.73 4.65
N ILE A 347 63.65 34.69 3.88
CA ILE A 347 64.53 35.76 3.41
C ILE A 347 64.16 37.05 4.13
N HIS A 348 65.17 37.71 4.68
CA HIS A 348 64.97 38.91 5.48
C HIS A 348 65.46 40.18 4.82
N PHE A 349 64.54 41.13 4.68
CA PHE A 349 64.88 42.43 4.14
C PHE A 349 65.03 43.37 5.35
N SER A 350 66.10 44.13 5.44
CA SER A 350 66.27 44.99 6.62
C SER A 350 67.06 46.27 6.37
N GLY A 351 67.00 47.20 7.33
CA GLY A 351 67.73 48.46 7.22
C GLY A 351 67.05 49.50 6.34
N VAL A 352 65.76 49.67 6.51
CA VAL A 352 65.01 50.62 5.69
C VAL A 352 65.21 52.07 6.13
N ALA A 353 65.60 52.89 5.15
CA ALA A 353 65.84 54.32 5.35
C ALA A 353 64.60 55.09 5.82
N LEU A 354 63.45 54.73 5.25
CA LEU A 354 62.17 55.38 5.57
C LEU A 354 61.78 55.25 7.06
N GLY A 355 61.84 54.02 7.57
CA GLY A 355 61.51 53.74 8.96
C GLY A 355 60.00 53.61 9.25
N GLU A 356 59.18 54.17 8.36
CA GLU A 356 57.71 54.11 8.51
C GLU A 356 57.16 52.66 8.50
N ALA A 357 57.73 51.83 7.62
CA ALA A 357 57.28 50.45 7.44
C ALA A 357 58.15 49.39 8.15
N CYS A 358 57.53 48.56 9.01
CA CYS A 358 58.26 47.52 9.75
C CYS A 358 57.50 46.17 9.87
N THR A 359 58.29 45.09 10.06
CA THR A 359 57.80 43.70 10.17
C THR A 359 58.13 43.01 11.52
N ILE A 360 57.13 42.36 12.13
CA ILE A 360 57.32 41.65 13.41
C ILE A 360 57.23 40.14 13.20
N VAL A 361 58.22 39.40 13.71
CA VAL A 361 58.28 37.94 13.55
C VAL A 361 58.06 37.20 14.88
N LEU A 362 57.14 36.23 14.84
CA LEU A 362 56.79 35.47 16.04
C LEU A 362 57.27 34.01 16.01
N ARG A 363 57.67 33.50 17.18
CA ARG A 363 58.15 32.12 17.37
C ARG A 363 57.39 31.50 18.55
N GLY A 364 57.32 30.19 18.69
CA GLY A 364 56.59 29.65 19.82
C GLY A 364 56.83 28.19 20.14
N ALA A 365 56.00 27.68 21.05
CA ALA A 365 56.08 26.27 21.49
C ALA A 365 55.91 25.28 20.33
N THR A 366 54.95 25.59 19.42
CA THR A 366 54.64 24.81 18.18
C THR A 366 53.30 24.06 18.23
N GLN A 367 52.20 24.79 18.01
CA GLN A 367 50.85 24.19 18.04
C GLN A 367 49.76 25.14 17.51
N GLN A 368 48.51 24.73 17.69
CA GLN A 368 47.33 25.52 17.27
C GLN A 368 47.36 26.85 18.03
N ILE A 369 47.75 26.73 19.28
CA ILE A 369 47.92 27.83 20.21
C ILE A 369 49.00 28.79 19.64
N LEU A 370 50.04 28.25 19.06
CA LEU A 370 51.06 29.07 18.40
C LEU A 370 50.46 29.91 17.24
N ASP A 371 49.53 29.33 16.46
CA ASP A 371 48.91 30.04 15.31
C ASP A 371 48.02 31.16 15.84
N GLU A 372 47.69 30.98 17.09
CA GLU A 372 46.92 31.89 17.92
C GLU A 372 47.62 33.26 18.04
N ALA A 373 48.95 33.24 18.08
CA ALA A 373 49.76 34.46 18.21
C ALA A 373 49.49 35.42 17.05
N GLU A 374 49.24 34.87 15.86
CA GLU A 374 48.89 35.71 14.70
C GLU A 374 47.61 36.49 15.01
N ARG A 375 46.68 35.79 15.63
CA ARG A 375 45.40 36.33 16.07
C ARG A 375 45.53 37.45 17.12
N SER A 376 46.44 37.22 18.05
CA SER A 376 46.70 38.14 19.15
C SER A 376 47.39 39.45 18.74
N LEU A 377 48.34 39.37 17.82
CA LEU A 377 49.08 40.55 17.36
C LEU A 377 48.19 41.60 16.72
N HIS A 378 47.20 41.15 15.95
CA HIS A 378 46.31 42.07 15.25
C HIS A 378 45.57 42.95 16.26
N ASP A 379 45.16 42.36 17.36
CA ASP A 379 44.50 43.13 18.41
C ASP A 379 45.49 44.08 19.14
N ALA A 380 46.70 43.59 19.39
CA ALA A 380 47.72 44.37 20.09
C ALA A 380 48.10 45.68 19.39
N LEU A 381 48.34 45.61 18.09
CA LEU A 381 48.75 46.77 17.30
C LEU A 381 47.73 47.93 17.32
N CYS A 382 46.46 47.60 17.10
CA CYS A 382 45.40 48.62 17.04
C CYS A 382 45.21 49.43 18.33
N VAL A 383 45.29 48.76 19.48
CA VAL A 383 45.09 49.44 20.77
C VAL A 383 46.08 50.58 21.04
N LEU A 384 47.36 50.30 20.86
CA LEU A 384 48.41 51.29 21.13
C LEU A 384 48.33 52.54 20.25
N ALA A 385 48.01 52.37 18.97
CA ALA A 385 47.90 53.52 18.06
C ALA A 385 46.82 54.49 18.55
N GLN A 386 45.73 53.91 19.00
CA GLN A 386 44.62 54.68 19.56
C GLN A 386 44.96 55.34 20.88
N THR A 387 45.71 54.62 21.71
CA THR A 387 46.07 55.11 23.04
C THR A 387 46.87 56.42 22.97
N VAL A 388 47.78 56.56 22.02
CA VAL A 388 48.52 57.82 21.91
C VAL A 388 47.67 59.04 21.43
N LYS A 389 46.88 58.91 20.34
CA LYS A 389 46.06 60.04 19.86
C LYS A 389 44.88 60.45 20.75
N ASP A 390 44.18 59.49 21.32
CA ASP A 390 43.03 59.82 22.18
C ASP A 390 43.44 60.63 23.40
N SER A 391 44.60 60.26 23.98
CA SER A 391 45.15 60.91 25.19
C SER A 391 44.27 60.64 26.39
N ARG A 392 43.23 59.86 26.16
CA ARG A 392 42.27 59.52 27.20
C ARG A 392 41.87 58.04 27.08
N THR A 393 41.76 57.36 28.19
CA THR A 393 41.32 55.95 28.24
C THR A 393 40.51 55.78 29.52
N VAL A 394 39.91 54.62 29.77
CA VAL A 394 39.09 54.44 30.99
C VAL A 394 39.51 53.18 31.73
N TYR A 395 39.17 53.08 33.02
CA TYR A 395 39.58 51.90 33.78
C TYR A 395 38.84 50.66 33.25
N GLY A 396 39.59 49.58 33.10
CA GLY A 396 39.06 48.33 32.57
C GLY A 396 38.51 47.39 33.62
N GLY A 397 38.22 46.16 33.20
CA GLY A 397 37.70 45.16 34.13
C GLY A 397 36.29 45.44 34.58
N GLY A 398 35.57 46.22 33.79
CA GLY A 398 34.20 46.56 34.13
C GLY A 398 34.06 47.66 35.16
N CYS A 399 35.16 48.34 35.48
CA CYS A 399 35.11 49.43 36.47
C CYS A 399 34.15 50.53 36.00
N SER A 400 34.28 50.86 34.72
CA SER A 400 33.45 51.87 34.08
C SER A 400 31.96 51.55 34.10
N GLU A 401 31.64 50.27 33.87
CA GLU A 401 30.25 49.85 33.78
C GLU A 401 29.45 49.93 35.07
N MET A 402 30.05 49.58 36.21
CA MET A 402 29.29 49.64 37.46
C MET A 402 29.00 51.10 37.88
N LEU A 403 29.99 51.98 37.71
CA LEU A 403 29.85 53.39 38.11
C LEU A 403 28.70 54.06 37.38
N MET A 404 28.66 53.90 36.07
CA MET A 404 27.59 54.46 35.27
C MET A 404 26.21 53.91 35.68
N ALA A 405 26.16 52.60 35.97
CA ALA A 405 24.91 51.95 36.39
C ALA A 405 24.31 52.56 37.67
N HIS A 406 25.14 52.86 38.66
CA HIS A 406 24.66 53.48 39.89
C HIS A 406 23.99 54.85 39.63
N ALA A 407 24.60 55.62 38.74
CA ALA A 407 24.11 56.96 38.38
C ALA A 407 22.79 56.94 37.59
N VAL A 408 22.67 55.99 36.68
CA VAL A 408 21.48 55.88 35.82
C VAL A 408 20.21 55.41 36.57
N THR A 409 20.36 54.67 37.66
CA THR A 409 19.21 54.20 38.45
C THR A 409 18.36 55.36 39.00
N GLN A 410 19.04 56.42 39.46
CA GLN A 410 18.41 57.64 40.00
C GLN A 410 17.52 58.33 38.96
N LEU A 411 18.01 58.33 37.74
CA LEU A 411 17.41 59.00 36.60
C LEU A 411 16.00 58.53 36.20
N ALA A 412 15.75 57.23 36.27
CA ALA A 412 14.46 56.68 35.80
C ALA A 412 13.20 57.22 36.52
N SER A 413 13.16 57.22 37.84
CA SER A 413 11.98 57.72 38.55
C SER A 413 11.81 59.24 38.40
N ARG A 414 12.93 59.95 38.43
CA ARG A 414 12.96 61.41 38.28
C ARG A 414 12.41 61.97 36.94
N THR A 415 12.70 61.32 35.81
CA THR A 415 12.24 61.80 34.49
C THR A 415 10.72 61.66 34.24
N PRO A 416 10.15 62.57 33.41
CA PRO A 416 8.71 62.57 33.04
C PRO A 416 8.22 61.44 32.12
N GLY A 417 6.98 61.01 32.39
CA GLY A 417 6.26 60.05 31.54
C GLY A 417 7.04 58.90 30.92
N LYS A 418 7.02 58.90 29.58
CA LYS A 418 7.60 57.82 28.76
C LYS A 418 9.09 57.65 28.98
N GLU A 419 9.75 58.74 29.31
CA GLU A 419 11.18 58.74 29.56
C GLU A 419 11.55 57.82 30.73
N ALA A 420 10.73 57.82 31.79
CA ALA A 420 11.00 57.02 32.99
C ALA A 420 11.07 55.50 32.74
N VAL A 421 10.09 54.92 32.05
CA VAL A 421 10.13 53.47 31.77
C VAL A 421 11.33 53.06 30.91
N ALA A 422 11.63 53.90 29.94
CA ALA A 422 12.73 53.68 29.01
C ALA A 422 14.13 53.74 29.67
N MET A 423 14.36 54.82 30.40
CA MET A 423 15.64 55.02 31.09
C MET A 423 15.95 53.95 32.15
N GLU A 424 14.95 53.52 32.91
CA GLU A 424 15.13 52.48 33.93
C GLU A 424 15.64 51.16 33.36
N SER A 425 15.08 50.77 32.21
CA SER A 425 15.47 49.51 31.56
C SER A 425 16.91 49.57 31.02
N TYR A 426 17.29 50.72 30.46
CA TYR A 426 18.64 50.90 29.93
C TYR A 426 19.68 50.72 31.05
N ALA A 427 19.35 51.26 32.22
CA ALA A 427 20.22 51.20 33.41
C ALA A 427 20.55 49.77 33.87
N LYS A 428 19.57 48.88 33.84
CA LYS A 428 19.75 47.49 34.28
C LYS A 428 20.62 46.68 33.31
N ALA A 429 20.72 47.15 32.06
CA ALA A 429 21.52 46.48 31.02
C ALA A 429 23.01 46.40 31.41
N LEU A 430 23.49 47.48 32.01
CA LEU A 430 24.88 47.60 32.47
C LEU A 430 25.25 46.53 33.51
N ARG A 431 24.25 46.11 34.27
CA ARG A 431 24.41 45.11 35.35
C ARG A 431 24.94 43.76 34.84
N MET A 432 24.47 43.31 33.69
CA MET A 432 24.88 42.02 33.15
C MET A 432 26.40 41.93 32.90
N LEU A 433 27.05 42.99 32.39
CA LEU A 433 28.51 42.94 32.15
C LEU A 433 29.32 42.46 33.38
N PRO A 434 29.11 43.01 34.59
CA PRO A 434 29.79 42.51 35.79
C PRO A 434 29.64 41.00 35.98
N THR A 435 28.43 40.51 35.69
CA THR A 435 28.11 39.07 35.81
C THR A 435 28.87 38.21 34.79
N ILE A 436 29.00 38.71 33.57
CA ILE A 436 29.70 37.99 32.50
C ILE A 436 31.21 37.93 32.76
N ILE A 437 31.75 39.04 33.24
CA ILE A 437 33.17 39.14 33.54
C ILE A 437 33.60 38.22 34.70
N ALA A 438 32.77 38.15 35.72
CA ALA A 438 33.01 37.29 36.89
C ALA A 438 32.90 35.79 36.60
N ASP A 439 31.90 35.45 35.79
CA ASP A 439 31.57 34.05 35.49
C ASP A 439 32.73 33.27 34.82
N ASN A 440 33.43 33.88 33.88
CA ASN A 440 34.56 33.19 33.22
C ASN A 440 35.80 33.10 34.13
N ALA A 441 35.84 33.97 35.13
CA ALA A 441 36.96 34.07 36.09
C ALA A 441 37.25 32.81 36.90
N GLY A 442 36.21 32.12 37.36
CA GLY A 442 36.42 30.95 38.21
C GLY A 442 35.92 31.19 39.62
N TYR A 443 35.17 32.28 39.76
CA TYR A 443 34.60 32.69 41.04
C TYR A 443 33.11 32.97 40.90
N ASP A 444 32.38 32.95 42.00
CA ASP A 444 30.93 33.07 41.96
C ASP A 444 30.41 34.47 41.56
N SER A 445 29.70 34.48 40.41
CA SER A 445 29.11 35.70 39.84
C SER A 445 28.06 36.40 40.72
N ALA A 446 27.20 35.62 41.40
CA ALA A 446 26.15 36.21 42.25
C ALA A 446 26.74 37.06 43.38
N ASP A 447 27.72 36.47 44.07
CA ASP A 447 28.43 37.14 45.17
C ASP A 447 29.14 38.40 44.64
N LEU A 448 29.71 38.24 43.46
CA LEU A 448 30.49 39.26 42.79
C LEU A 448 29.71 40.55 42.49
N VAL A 449 28.45 40.42 42.03
CA VAL A 449 27.68 41.62 41.68
C VAL A 449 27.47 42.58 42.85
N ALA A 450 27.03 42.05 43.98
CA ALA A 450 26.80 42.88 45.17
C ALA A 450 28.06 43.59 45.69
N GLN A 451 29.14 42.84 45.85
CA GLN A 451 30.40 43.40 46.33
C GLN A 451 30.94 44.45 45.38
N LEU A 452 30.76 44.20 44.09
CA LEU A 452 31.20 45.14 43.05
C LEU A 452 30.53 46.49 43.18
N ARG A 453 29.21 46.49 43.32
CA ARG A 453 28.44 47.71 43.39
C ARG A 453 28.82 48.62 44.57
N ALA A 454 29.08 48.03 45.72
CA ALA A 454 29.44 48.83 46.91
C ALA A 454 30.72 49.67 46.72
N ALA A 455 31.75 49.10 46.08
CA ALA A 455 33.01 49.85 45.87
C ALA A 455 32.89 51.01 44.84
N HIS A 456 32.16 50.78 43.76
CA HIS A 456 31.94 51.78 42.70
C HIS A 456 31.08 52.96 43.16
N SER A 457 30.06 52.65 43.94
CA SER A 457 29.13 53.64 44.48
C SER A 457 29.89 54.65 45.35
N GLU A 458 30.85 54.13 46.12
CA GLU A 458 31.64 54.93 47.06
C GLU A 458 32.43 56.04 46.35
N GLY A 459 32.99 55.77 45.18
CA GLY A 459 33.73 56.81 44.48
C GLY A 459 35.13 56.43 44.07
N LYS A 460 35.49 55.15 44.18
CA LYS A 460 36.83 54.75 43.73
C LYS A 460 36.72 54.20 42.33
N THR A 461 37.19 55.00 41.38
CA THR A 461 37.17 54.66 39.96
C THR A 461 38.15 53.52 39.63
N THR A 462 39.26 53.51 40.34
CA THR A 462 40.30 52.50 40.17
C THR A 462 39.79 51.09 40.45
N ALA A 463 38.96 50.96 41.49
CA ALA A 463 38.39 49.66 41.88
C ALA A 463 37.55 49.04 40.75
N GLY A 464 37.68 47.73 40.58
CA GLY A 464 36.96 47.02 39.52
C GLY A 464 36.90 45.52 39.74
N LEU A 465 36.51 44.78 38.71
CA LEU A 465 36.40 43.33 38.84
C LEU A 465 37.77 42.65 38.71
N ASP A 466 38.16 41.87 39.71
CA ASP A 466 39.40 41.13 39.59
C ASP A 466 39.03 39.66 39.44
N MET A 467 39.21 39.19 38.24
CA MET A 467 38.89 37.83 37.86
C MET A 467 39.76 36.73 38.47
N LYS A 468 41.07 36.92 38.59
CA LYS A 468 41.87 35.87 39.20
C LYS A 468 41.58 35.75 40.70
N GLU A 469 41.41 36.89 41.37
CA GLU A 469 41.02 36.90 42.79
C GLU A 469 39.57 36.42 42.99
N GLY A 470 38.68 36.86 42.08
CA GLY A 470 37.26 36.50 42.16
C GLY A 470 36.41 37.52 42.89
N THR A 471 37.07 38.57 43.33
CA THR A 471 36.43 39.66 44.05
C THR A 471 36.77 40.99 43.39
N ILE A 472 36.49 42.07 44.07
CA ILE A 472 36.78 43.41 43.57
C ILE A 472 38.19 43.85 44.00
N GLY A 473 38.91 44.50 43.09
CA GLY A 473 40.27 44.94 43.38
C GLY A 473 40.66 46.22 42.66
N ASP A 474 41.93 46.62 42.79
CA ASP A 474 42.38 47.85 42.15
C ASP A 474 42.90 47.58 40.72
N MET A 475 42.13 48.05 39.78
CA MET A 475 42.36 47.88 38.34
C MET A 475 43.68 48.47 37.82
N SER A 476 44.07 49.66 38.31
CA SER A 476 45.27 50.37 37.79
C SER A 476 46.58 49.58 37.93
N VAL A 477 46.77 48.90 39.07
CA VAL A 477 47.98 48.08 39.27
C VAL A 477 48.03 46.94 38.25
N LEU A 478 46.86 46.36 38.00
CA LEU A 478 46.69 45.25 37.05
C LEU A 478 47.12 45.70 35.65
N GLY A 479 46.77 46.93 35.29
CA GLY A 479 47.14 47.45 33.98
C GLY A 479 46.04 47.38 32.95
N ILE A 480 44.84 47.06 33.35
CA ILE A 480 43.75 46.96 32.39
C ILE A 480 43.02 48.29 32.27
N THR A 481 43.06 48.80 31.06
CA THR A 481 42.43 50.06 30.71
C THR A 481 41.79 49.94 29.33
N GLU A 482 40.79 50.73 29.08
CA GLU A 482 40.12 50.73 27.77
C GLU A 482 40.24 52.09 27.12
N SER A 483 40.45 52.15 25.81
CA SER A 483 40.59 53.43 25.12
C SER A 483 39.32 54.28 25.28
N PHE A 484 39.49 55.58 25.48
CA PHE A 484 38.35 56.48 25.74
C PHE A 484 37.33 56.47 24.59
N GLN A 485 37.78 56.44 23.35
CA GLN A 485 36.83 56.39 22.24
C GLN A 485 36.10 55.04 22.15
N VAL A 486 36.63 53.95 22.73
CA VAL A 486 35.89 52.69 22.66
C VAL A 486 34.54 52.92 23.34
N LYS A 487 34.60 53.58 24.49
CA LYS A 487 33.40 53.89 25.24
C LYS A 487 32.50 54.95 24.57
N ARG A 488 33.07 56.02 23.98
CA ARG A 488 32.21 57.04 23.33
C ARG A 488 31.35 56.49 22.20
N GLN A 489 31.99 55.76 21.30
CA GLN A 489 31.29 55.18 20.15
C GLN A 489 30.34 54.04 20.51
N VAL A 490 30.73 53.17 21.42
CA VAL A 490 29.84 52.07 21.81
C VAL A 490 28.53 52.59 22.39
N LEU A 491 28.61 53.61 23.21
CA LEU A 491 27.43 54.19 23.83
C LEU A 491 26.43 54.71 22.78
N LEU A 492 26.94 55.49 21.81
CA LEU A 492 26.09 56.01 20.74
C LEU A 492 25.63 54.92 19.76
N SER A 493 26.54 54.00 19.45
CA SER A 493 26.25 52.91 18.50
C SER A 493 25.27 51.86 19.03
N ALA A 494 25.41 51.51 20.31
CA ALA A 494 24.54 50.51 20.93
C ALA A 494 23.09 50.92 20.91
N ALA A 495 22.84 52.20 21.19
CA ALA A 495 21.49 52.72 21.23
C ALA A 495 20.81 52.76 19.86
N GLU A 496 21.56 53.14 18.82
CA GLU A 496 21.02 53.21 17.47
C GLU A 496 20.70 51.83 16.87
N ALA A 497 21.57 50.85 17.11
CA ALA A 497 21.36 49.49 16.56
C ALA A 497 20.18 48.75 17.19
N ALA A 498 20.02 48.89 18.50
CA ALA A 498 18.93 48.25 19.24
C ALA A 498 17.57 48.82 18.83
N GLU A 499 17.58 50.12 18.65
CA GLU A 499 16.40 50.90 18.30
C GLU A 499 15.74 50.49 16.97
N VAL A 500 16.55 50.22 15.96
CA VAL A 500 16.05 49.83 14.63
C VAL A 500 15.51 48.38 14.57
N ILE A 501 15.92 47.53 15.50
CA ILE A 501 15.51 46.10 15.49
C ILE A 501 13.98 45.89 15.58
N LEU A 502 13.34 46.54 16.53
CA LEU A 502 11.88 46.41 16.70
C LEU A 502 11.10 46.94 15.48
N ARG A 503 11.58 48.06 14.95
CA ARG A 503 10.99 48.77 13.80
C ARG A 503 10.90 48.00 12.46
N VAL A 504 11.92 47.23 12.11
CA VAL A 504 11.98 46.61 10.78
C VAL A 504 11.25 45.25 10.64
N ASP A 505 10.39 45.20 9.60
CA ASP A 505 9.57 44.02 9.26
C ASP A 505 10.35 42.73 8.92
N ASN A 506 11.47 42.82 8.20
CA ASN A 506 12.28 41.61 7.89
C ASN A 506 13.75 41.95 8.02
N ILE A 507 14.62 40.95 8.11
CA ILE A 507 16.05 41.19 8.39
C ILE A 507 17.07 40.94 7.24
N ILE A 508 17.12 39.67 6.81
CA ILE A 508 18.04 39.10 5.76
C ILE A 508 19.49 39.76 5.58
N LYS A 509 20.01 39.95 4.34
CA LYS A 509 21.46 40.30 4.12
C LYS A 509 21.93 41.74 3.73
N ALA A 510 23.28 41.84 3.91
CA ALA A 510 24.18 43.03 3.74
C ALA A 510 24.28 43.70 2.36
N ALA A 511 24.35 45.05 2.39
CA ALA A 511 24.47 45.90 1.19
C ALA A 511 24.98 47.38 1.44
N PRO A 512 24.70 48.02 2.63
CA PRO A 512 25.03 49.47 2.89
C PRO A 512 26.48 49.99 2.81
N ARG A 513 26.48 51.29 2.42
CA ARG A 513 27.62 52.22 2.16
C ARG A 513 27.53 52.78 0.73
N ALA B 1 -16.38 11.73 -38.41
CA ALA B 1 -15.30 10.97 -37.73
C ALA B 1 -14.00 11.78 -37.62
N GLY B 2 -13.77 12.29 -36.43
CA GLY B 2 -12.57 13.07 -36.12
C GLY B 2 -12.04 12.70 -34.75
N ALA B 3 -12.21 13.61 -33.80
CA ALA B 3 -11.78 13.36 -32.41
C ALA B 3 -12.48 14.31 -31.42
N ASP B 4 -13.45 13.76 -30.67
CA ASP B 4 -14.23 14.50 -29.62
C ASP B 4 -15.57 13.73 -29.34
N GLU B 5 -15.59 13.18 -28.12
CA GLU B 5 -16.61 12.26 -27.52
C GLU B 5 -18.10 12.66 -27.34
N GLU B 6 -18.43 13.88 -26.94
CA GLU B 6 -19.84 14.21 -26.51
C GLU B 6 -20.99 13.83 -27.46
N ARG B 7 -22.07 13.35 -26.80
CA ARG B 7 -23.32 12.85 -27.41
C ARG B 7 -24.52 13.78 -27.17
N ALA B 8 -25.45 13.77 -28.14
CA ALA B 8 -26.71 14.55 -28.14
C ALA B 8 -26.85 15.64 -27.05
N GLU B 9 -27.46 15.30 -25.90
CA GLU B 9 -27.69 16.28 -24.83
C GLU B 9 -26.41 16.90 -24.27
N THR B 10 -25.35 16.10 -24.10
CA THR B 10 -24.09 16.64 -23.56
C THR B 10 -23.41 17.61 -24.53
N ALA B 11 -23.43 17.29 -25.83
CA ALA B 11 -22.85 18.18 -26.84
C ALA B 11 -23.55 19.54 -26.85
N ARG B 12 -24.88 19.49 -26.78
CA ARG B 12 -25.74 20.67 -26.72
C ARG B 12 -25.45 21.56 -25.50
N LEU B 13 -25.21 20.89 -24.38
CA LEU B 13 -24.95 21.56 -23.10
C LEU B 13 -23.71 22.46 -23.17
N SER B 14 -22.65 22.00 -23.83
CA SER B 14 -21.44 22.81 -23.93
C SER B 14 -21.71 24.14 -24.63
N SER B 15 -22.55 24.12 -25.68
CA SER B 15 -22.90 25.36 -26.36
C SER B 15 -23.66 26.30 -25.41
N PHE B 16 -24.54 25.69 -24.63
CA PHE B 16 -25.38 26.38 -23.66
C PHE B 16 -24.55 27.13 -22.62
N ILE B 17 -23.54 26.44 -22.08
CA ILE B 17 -22.68 27.03 -21.04
C ILE B 17 -21.80 28.15 -21.61
N GLY B 18 -21.27 27.97 -22.81
CA GLY B 18 -20.44 29.00 -23.41
C GLY B 18 -21.17 30.33 -23.61
N ALA B 19 -22.43 30.23 -24.02
CA ALA B 19 -23.26 31.41 -24.28
C ALA B 19 -23.58 32.24 -23.02
N ILE B 20 -23.84 31.58 -21.90
CA ILE B 20 -24.18 32.28 -20.66
C ILE B 20 -23.00 33.06 -20.04
N ALA B 21 -21.80 32.49 -20.06
CA ALA B 21 -20.62 33.16 -19.48
C ALA B 21 -20.20 34.41 -20.24
N ILE B 22 -20.27 34.32 -21.56
CA ILE B 22 -19.90 35.45 -22.43
C ILE B 22 -20.90 36.60 -22.36
N GLY B 23 -22.19 36.27 -22.29
CA GLY B 23 -23.24 37.29 -22.24
C GLY B 23 -23.17 38.24 -21.05
N ASP B 24 -22.84 37.74 -19.86
CA ASP B 24 -22.75 38.61 -18.67
C ASP B 24 -21.61 39.63 -18.72
N LEU B 25 -20.46 39.22 -19.22
CA LEU B 25 -19.32 40.13 -19.31
C LEU B 25 -19.53 41.21 -20.36
N VAL B 26 -20.11 40.81 -21.49
CA VAL B 26 -20.42 41.74 -22.57
C VAL B 26 -21.63 42.62 -22.24
N LYS B 27 -22.53 42.11 -21.40
CA LYS B 27 -23.77 42.82 -21.07
C LYS B 27 -23.49 44.19 -20.42
N SER B 28 -22.52 44.25 -19.55
CA SER B 28 -22.16 45.49 -18.86
C SER B 28 -21.75 46.57 -19.86
N THR B 29 -21.09 46.13 -20.92
CA THR B 29 -20.59 46.94 -22.02
C THR B 29 -21.68 47.73 -22.82
N LEU B 30 -22.84 47.11 -23.08
CA LEU B 30 -23.89 47.73 -23.93
C LEU B 30 -24.48 49.07 -23.47
N GLY B 31 -24.71 49.94 -24.46
CA GLY B 31 -25.35 51.23 -24.25
C GLY B 31 -24.44 52.34 -23.77
N PRO B 32 -25.03 53.52 -23.52
CA PRO B 32 -24.34 54.73 -23.01
C PRO B 32 -23.65 54.57 -21.65
N LYS B 33 -24.04 53.58 -20.85
CA LYS B 33 -23.41 53.39 -19.54
C LYS B 33 -22.76 52.02 -19.35
N GLY B 34 -21.89 51.65 -20.28
CA GLY B 34 -21.19 50.38 -20.21
C GLY B 34 -19.98 50.41 -19.26
N MET B 35 -19.31 49.27 -19.12
CA MET B 35 -18.15 49.16 -18.23
C MET B 35 -16.92 48.54 -18.90
N ASP B 36 -15.75 48.86 -18.35
CA ASP B 36 -14.46 48.41 -18.88
C ASP B 36 -13.86 47.26 -18.06
N LYS B 37 -13.29 46.27 -18.73
CA LYS B 37 -12.68 45.10 -18.04
C LYS B 37 -11.19 44.98 -18.37
N ILE B 38 -10.37 44.62 -17.37
CA ILE B 38 -8.91 44.55 -17.58
C ILE B 38 -8.43 43.08 -17.59
N LEU B 39 -7.69 42.71 -18.63
CA LEU B 39 -7.17 41.33 -18.75
C LEU B 39 -5.63 41.30 -18.81
N LEU B 40 -5.00 40.33 -18.14
CA LEU B 40 -3.52 40.24 -18.11
C LEU B 40 -2.94 38.89 -18.61
N SER B 41 -1.91 38.99 -19.46
CA SER B 41 -1.15 37.81 -19.93
C SER B 41 0.33 38.23 -20.03
N SER B 42 1.26 37.36 -19.62
CA SER B 42 2.70 37.75 -19.59
C SER B 42 3.64 37.19 -20.69
N GLY B 43 3.22 36.21 -21.49
CA GLY B 43 4.16 35.64 -22.48
C GLY B 43 4.37 36.48 -23.74
N ARG B 44 3.41 36.41 -24.65
CA ARG B 44 3.45 37.17 -25.90
C ARG B 44 2.60 38.43 -25.81
N ASP B 45 2.14 38.72 -24.62
CA ASP B 45 1.30 39.89 -24.39
C ASP B 45 2.13 40.95 -23.66
N ALA B 46 2.26 42.10 -24.31
CA ALA B 46 3.06 43.22 -23.79
C ALA B 46 2.63 43.78 -22.43
N SER B 47 1.34 44.00 -22.26
CA SER B 47 0.82 44.57 -21.03
C SER B 47 -0.67 44.27 -20.92
N LEU B 48 -1.25 44.55 -19.76
CA LEU B 48 -2.67 44.31 -19.59
C LEU B 48 -3.42 45.13 -20.60
N MET B 49 -4.39 44.54 -21.25
CA MET B 49 -5.21 45.29 -22.15
C MET B 49 -6.62 45.21 -21.69
N VAL B 50 -7.25 46.33 -21.82
CA VAL B 50 -8.62 46.46 -21.46
C VAL B 50 -9.35 46.77 -22.73
N THR B 51 -10.35 45.96 -23.05
CA THR B 51 -11.11 46.23 -24.25
C THR B 51 -12.58 46.47 -23.92
N ASN B 52 -13.14 47.55 -24.42
CA ASN B 52 -14.55 47.82 -24.23
C ASN B 52 -15.34 47.08 -25.30
N ASP B 53 -14.68 46.88 -26.44
CA ASP B 53 -15.28 46.19 -27.57
C ASP B 53 -15.36 44.70 -27.27
N GLY B 54 -16.58 44.16 -27.27
CA GLY B 54 -16.75 42.74 -27.02
C GLY B 54 -16.01 41.88 -28.04
N ALA B 55 -16.08 42.28 -29.31
CA ALA B 55 -15.44 41.53 -30.39
C ALA B 55 -13.92 41.39 -30.25
N THR B 56 -13.24 42.48 -29.92
CA THR B 56 -11.77 42.45 -29.80
C THR B 56 -11.26 41.50 -28.71
N ILE B 57 -11.92 41.48 -27.56
CA ILE B 57 -11.49 40.62 -26.45
C ILE B 57 -11.72 39.13 -26.73
N LEU B 58 -12.84 38.77 -27.34
CA LEU B 58 -13.14 37.37 -27.61
C LEU B 58 -12.20 36.72 -28.64
N LYS B 59 -11.86 37.45 -29.71
CA LYS B 59 -10.94 36.93 -30.75
C LYS B 59 -9.49 36.76 -30.30
N ASN B 60 -9.00 37.72 -29.53
CA ASN B 60 -7.61 37.70 -29.09
C ASN B 60 -7.23 36.47 -28.28
N ILE B 61 -8.11 36.02 -27.39
CA ILE B 61 -7.77 34.88 -26.55
C ILE B 61 -8.79 33.74 -26.48
N GLY B 62 -8.27 32.54 -26.69
CA GLY B 62 -9.05 31.32 -26.55
C GLY B 62 -8.67 30.71 -25.21
N VAL B 63 -9.31 31.21 -24.16
CA VAL B 63 -9.00 30.84 -22.76
C VAL B 63 -9.21 29.36 -22.41
N ASP B 64 -10.26 28.73 -22.90
CA ASP B 64 -10.54 27.34 -22.49
C ASP B 64 -11.13 26.44 -23.60
N ASN B 65 -11.10 25.14 -23.29
CA ASN B 65 -11.55 24.04 -24.16
C ASN B 65 -12.96 24.16 -24.81
N PRO B 66 -14.03 24.66 -24.11
CA PRO B 66 -15.37 24.73 -24.73
C PRO B 66 -15.42 25.62 -25.98
N ALA B 67 -16.33 25.27 -26.89
CA ALA B 67 -16.45 25.99 -28.16
C ALA B 67 -17.24 27.29 -28.05
N ALA B 68 -16.64 28.34 -28.58
CA ALA B 68 -17.23 29.68 -28.60
C ALA B 68 -16.38 30.63 -29.45
N LYS B 69 -15.11 30.24 -29.64
CA LYS B 69 -14.16 31.02 -30.43
C LYS B 69 -14.61 31.22 -31.88
N VAL B 70 -15.20 30.16 -32.46
CA VAL B 70 -15.69 30.23 -33.85
C VAL B 70 -16.91 31.16 -33.97
N LEU B 71 -17.82 31.11 -32.98
CA LEU B 71 -19.00 31.99 -32.98
C LEU B 71 -18.54 33.46 -32.96
N VAL B 72 -17.50 33.69 -32.17
CA VAL B 72 -16.85 34.99 -32.02
C VAL B 72 -16.23 35.51 -33.32
N ASP B 73 -15.63 34.59 -34.07
CA ASP B 73 -14.88 34.88 -35.30
C ASP B 73 -15.79 35.54 -36.35
N MET B 74 -17.03 35.11 -36.42
CA MET B 74 -18.00 35.61 -37.39
C MET B 74 -18.22 37.14 -37.20
N SER B 75 -18.26 37.60 -35.94
CA SER B 75 -18.53 39.01 -35.62
C SER B 75 -17.55 39.97 -36.35
N ARG B 76 -16.29 39.59 -36.49
CA ARG B 76 -15.32 40.42 -37.24
C ARG B 76 -15.76 40.62 -38.69
N VAL B 77 -16.29 39.59 -39.33
CA VAL B 77 -16.78 39.73 -40.70
C VAL B 77 -17.86 40.80 -40.67
N GLN B 78 -18.69 40.74 -39.64
CA GLN B 78 -19.68 41.77 -39.37
C GLN B 78 -19.01 43.12 -39.16
N ASP B 79 -17.94 43.11 -38.37
CA ASP B 79 -17.17 44.31 -38.06
C ASP B 79 -16.58 44.98 -39.32
N ASP B 80 -16.05 44.19 -40.26
CA ASP B 80 -15.47 44.81 -41.46
C ASP B 80 -16.57 45.42 -42.34
N GLU B 81 -17.69 44.71 -42.45
CA GLU B 81 -18.87 45.19 -43.20
C GLU B 81 -19.56 46.39 -42.55
N VAL B 82 -19.68 46.38 -41.22
CA VAL B 82 -20.29 47.52 -40.52
C VAL B 82 -19.59 47.89 -39.22
N GLY B 83 -19.01 46.90 -38.59
CA GLY B 83 -18.36 47.16 -37.34
C GLY B 83 -19.18 46.79 -36.13
N ASP B 84 -18.77 47.42 -35.07
CA ASP B 84 -19.29 47.24 -33.73
C ASP B 84 -20.62 47.92 -33.32
N GLY B 85 -20.80 49.24 -33.58
CA GLY B 85 -21.98 49.89 -33.00
C GLY B 85 -21.82 49.72 -31.49
N THR B 86 -22.66 48.90 -30.90
CA THR B 86 -22.52 48.49 -29.50
C THR B 86 -22.63 46.97 -29.56
N THR B 87 -21.92 46.23 -28.71
CA THR B 87 -21.96 44.77 -28.88
C THR B 87 -23.21 44.13 -28.27
N SER B 88 -24.17 43.88 -29.15
CA SER B 88 -25.41 43.23 -28.77
C SER B 88 -25.61 41.90 -29.52
N VAL B 89 -24.76 41.68 -30.52
CA VAL B 89 -24.87 40.50 -31.41
C VAL B 89 -24.77 39.17 -30.65
N THR B 90 -23.79 39.08 -29.78
CA THR B 90 -23.54 37.86 -29.01
C THR B 90 -24.65 37.56 -27.98
N VAL B 91 -25.15 38.60 -27.32
CA VAL B 91 -26.18 38.46 -26.28
C VAL B 91 -27.47 37.82 -26.82
N LEU B 92 -27.96 38.32 -27.96
CA LEU B 92 -29.19 37.77 -28.56
C LEU B 92 -29.03 36.29 -28.94
N ALA B 93 -27.86 35.93 -29.47
CA ALA B 93 -27.59 34.55 -29.85
C ALA B 93 -27.63 33.60 -28.64
N ALA B 94 -27.07 34.06 -27.52
CA ALA B 94 -27.01 33.28 -26.27
C ALA B 94 -28.41 32.91 -25.73
N GLU B 95 -29.29 33.87 -25.84
CA GLU B 95 -30.69 33.77 -25.37
C GLU B 95 -31.47 32.65 -26.08
N LEU B 96 -31.13 32.45 -27.33
CA LEU B 96 -31.74 31.44 -28.19
C LEU B 96 -31.53 30.03 -27.59
N LEU B 97 -30.34 29.80 -27.05
CA LEU B 97 -29.97 28.52 -26.43
C LEU B 97 -30.82 28.16 -25.19
N ARG B 98 -31.32 29.15 -24.46
CA ARG B 98 -32.13 28.91 -23.24
C ARG B 98 -33.41 28.11 -23.51
N GLU B 99 -34.08 28.38 -24.61
CA GLU B 99 -35.31 27.66 -24.93
C GLU B 99 -35.03 26.21 -25.32
N ALA B 100 -33.76 25.84 -25.46
CA ALA B 100 -33.39 24.46 -25.80
C ALA B 100 -33.91 23.51 -24.73
N GLU B 101 -33.98 23.99 -23.48
CA GLU B 101 -34.56 23.20 -22.38
C GLU B 101 -36.02 22.85 -22.74
N SER B 102 -36.73 23.84 -23.31
CA SER B 102 -38.10 23.66 -23.82
C SER B 102 -38.11 22.58 -24.91
N LEU B 103 -37.07 22.64 -25.75
CA LEU B 103 -36.85 21.72 -26.87
C LEU B 103 -36.73 20.24 -26.45
N ILE B 104 -36.23 19.96 -25.25
CA ILE B 104 -36.10 18.56 -24.81
C ILE B 104 -37.49 17.95 -24.59
N ALA B 105 -38.49 18.81 -24.40
CA ALA B 105 -39.86 18.36 -24.22
C ALA B 105 -40.54 18.27 -25.59
N LYS B 106 -39.77 18.61 -26.63
CA LYS B 106 -40.27 18.54 -27.99
C LYS B 106 -40.20 17.06 -28.47
N LYS B 107 -39.35 16.32 -27.76
CA LYS B 107 -39.13 14.86 -27.91
C LYS B 107 -38.64 14.27 -29.27
N ILE B 108 -38.35 15.04 -30.32
CA ILE B 108 -37.88 14.35 -31.54
C ILE B 108 -36.58 14.91 -32.18
N HIS B 109 -36.73 15.71 -33.24
CA HIS B 109 -35.59 16.21 -34.02
C HIS B 109 -35.44 17.76 -33.98
N PRO B 110 -34.35 18.25 -33.37
CA PRO B 110 -34.06 19.71 -33.21
C PRO B 110 -33.93 20.55 -34.51
N GLN B 111 -33.49 19.94 -35.60
CA GLN B 111 -33.26 20.67 -36.87
C GLN B 111 -34.43 21.36 -37.55
N THR B 112 -35.57 20.75 -37.55
CA THR B 112 -36.73 21.38 -38.14
C THR B 112 -37.01 22.71 -37.41
N ILE B 113 -36.84 22.68 -36.09
CA ILE B 113 -36.98 23.86 -35.23
C ILE B 113 -36.14 25.01 -35.83
N ILE B 114 -35.07 24.60 -36.50
CA ILE B 114 -34.11 25.48 -37.19
C ILE B 114 -34.81 26.29 -38.27
N ALA B 115 -35.75 25.69 -39.00
CA ALA B 115 -36.49 26.42 -40.04
C ALA B 115 -37.05 27.75 -39.48
N GLY B 116 -37.15 27.81 -38.15
CA GLY B 116 -37.53 29.04 -37.45
C GLY B 116 -36.53 30.15 -37.77
N TRP B 117 -35.27 29.75 -37.91
CA TRP B 117 -34.18 30.65 -38.29
C TRP B 117 -34.42 31.29 -39.64
N ARG B 118 -34.95 30.51 -40.60
CA ARG B 118 -35.27 31.08 -41.92
C ARG B 118 -36.28 32.19 -41.68
N GLU B 119 -37.21 31.87 -40.77
CA GLU B 119 -38.25 32.80 -40.34
C GLU B 119 -37.61 33.98 -39.63
N ALA B 120 -36.58 33.68 -38.83
CA ALA B 120 -35.84 34.68 -38.09
C ALA B 120 -35.20 35.68 -39.02
N THR B 121 -34.66 35.22 -40.14
CA THR B 121 -34.07 36.13 -41.11
C THR B 121 -35.12 37.11 -41.63
N LYS B 122 -36.31 36.58 -41.99
CA LYS B 122 -37.42 37.45 -42.44
C LYS B 122 -37.83 38.43 -41.33
N ALA B 123 -37.85 37.92 -40.10
CA ALA B 123 -38.19 38.72 -38.92
C ALA B 123 -37.10 39.74 -38.63
N ALA B 124 -35.87 39.32 -38.80
CA ALA B 124 -34.72 40.17 -38.62
C ALA B 124 -34.68 41.24 -39.69
N ARG B 125 -35.03 40.85 -40.90
CA ARG B 125 -35.10 41.78 -42.02
C ARG B 125 -36.19 42.81 -41.79
N GLN B 126 -37.33 42.41 -41.25
CA GLN B 126 -38.40 43.38 -40.98
C GLN B 126 -37.94 44.40 -39.91
N ALA B 127 -36.86 44.07 -39.20
CA ALA B 127 -36.24 45.00 -38.24
C ALA B 127 -35.79 46.25 -39.00
N LEU B 128 -35.36 46.06 -40.26
CA LEU B 128 -34.96 47.19 -41.10
C LEU B 128 -36.04 47.32 -42.18
N LEU B 129 -36.24 48.52 -42.69
CA LEU B 129 -37.29 48.78 -43.70
C LEU B 129 -38.69 48.90 -43.07
N ASN B 130 -38.82 48.58 -41.78
CA ASN B 130 -40.11 48.73 -41.06
C ASN B 130 -40.08 49.77 -39.94
N SER B 131 -38.88 50.26 -39.61
CA SER B 131 -38.73 51.23 -38.50
C SER B 131 -37.36 51.92 -38.52
N ALA B 132 -36.98 52.48 -37.35
CA ALA B 132 -35.72 53.23 -37.20
C ALA B 132 -35.56 54.27 -38.30
N VAL B 133 -34.34 54.43 -38.82
CA VAL B 133 -34.04 55.38 -39.91
C VAL B 133 -33.80 56.82 -39.44
N ASP B 134 -32.99 57.50 -40.24
CA ASP B 134 -32.63 58.90 -40.06
C ASP B 134 -33.08 59.67 -41.31
N HIS B 135 -32.44 60.80 -41.66
CA HIS B 135 -32.93 61.53 -42.84
C HIS B 135 -31.93 61.72 -44.01
N GLY B 136 -30.88 62.55 -43.84
CA GLY B 136 -29.99 62.85 -44.98
C GLY B 136 -28.72 62.01 -45.19
N SER B 137 -27.59 62.43 -44.59
CA SER B 137 -26.30 61.74 -44.80
C SER B 137 -25.92 61.72 -46.31
N ASP B 138 -25.81 62.93 -46.88
CA ASP B 138 -25.58 63.12 -48.34
C ASP B 138 -24.19 62.71 -48.88
N GLU B 139 -23.15 62.70 -48.03
CA GLU B 139 -21.74 62.36 -48.40
C GLU B 139 -20.86 63.58 -48.07
N VAL B 140 -19.88 63.39 -47.19
CA VAL B 140 -19.02 64.48 -46.71
C VAL B 140 -19.77 65.18 -45.58
N LYS B 141 -20.85 65.91 -45.93
CA LYS B 141 -21.71 66.61 -44.95
C LYS B 141 -21.01 67.56 -43.98
N PHE B 142 -21.45 68.81 -44.02
CA PHE B 142 -20.86 69.84 -43.15
C PHE B 142 -20.98 69.50 -41.65
N ARG B 143 -22.20 69.60 -41.11
CA ARG B 143 -22.46 69.31 -39.69
C ARG B 143 -22.85 67.84 -39.38
N GLN B 144 -23.29 67.10 -40.39
CA GLN B 144 -23.80 65.74 -40.20
C GLN B 144 -22.71 64.68 -40.18
N ASP B 145 -21.47 65.13 -40.25
CA ASP B 145 -20.32 64.24 -40.26
C ASP B 145 -20.29 63.38 -38.97
N LEU B 146 -20.60 64.01 -37.82
CA LEU B 146 -20.64 63.31 -36.52
C LEU B 146 -21.67 63.82 -35.52
N MET B 147 -21.29 63.66 -34.23
CA MET B 147 -22.11 63.97 -33.06
C MET B 147 -23.37 63.10 -33.14
N ASN B 148 -23.09 61.87 -33.57
CA ASN B 148 -24.09 60.82 -33.78
C ASN B 148 -23.64 59.48 -33.15
N ILE B 149 -23.50 58.46 -34.03
CA ILE B 149 -23.14 57.08 -33.65
C ILE B 149 -21.78 56.95 -32.96
N ALA B 150 -20.78 57.69 -33.40
CA ALA B 150 -19.47 57.58 -32.78
C ALA B 150 -19.60 57.93 -31.30
N GLY B 151 -20.40 58.95 -30.99
CA GLY B 151 -20.65 59.30 -29.60
C GLY B 151 -21.29 58.13 -28.87
N THR B 152 -22.21 57.44 -29.54
CA THR B 152 -22.89 56.24 -29.00
C THR B 152 -21.94 55.09 -28.66
N THR B 153 -21.03 54.79 -29.58
CA THR B 153 -20.05 53.73 -29.35
C THR B 153 -19.21 54.06 -28.12
N LEU B 154 -18.87 55.33 -28.05
CA LEU B 154 -18.11 55.94 -26.97
C LEU B 154 -18.83 56.05 -25.65
N SER B 155 -20.15 56.20 -25.66
CA SER B 155 -20.90 56.41 -24.42
C SER B 155 -20.71 55.22 -23.47
N SER B 156 -20.71 54.01 -24.02
CA SER B 156 -20.48 52.80 -23.21
C SER B 156 -19.09 52.82 -22.58
N LYS B 157 -18.24 53.62 -23.16
CA LYS B 157 -16.87 53.74 -22.74
C LYS B 157 -16.68 54.93 -21.78
N LEU B 158 -15.92 54.70 -20.71
CA LEU B 158 -15.66 55.70 -19.66
C LEU B 158 -14.96 56.97 -20.16
N LEU B 159 -14.01 56.80 -21.07
CA LEU B 159 -13.18 57.89 -21.64
C LEU B 159 -13.99 59.10 -22.17
N THR B 160 -15.29 58.92 -22.40
CA THR B 160 -16.18 59.95 -22.97
C THR B 160 -16.17 61.32 -22.24
N HIS B 161 -15.52 61.43 -21.08
CA HIS B 161 -15.45 62.74 -20.42
C HIS B 161 -14.76 63.75 -21.36
N HIS B 162 -13.71 63.30 -22.05
CA HIS B 162 -13.02 64.11 -23.07
C HIS B 162 -13.09 63.43 -24.45
N LYS B 163 -13.34 62.14 -24.42
CA LYS B 163 -13.38 61.27 -25.60
C LYS B 163 -14.43 61.66 -26.65
N ASP B 164 -15.61 62.08 -26.23
CA ASP B 164 -16.66 62.42 -27.20
C ASP B 164 -16.14 63.44 -28.23
N HIS B 165 -15.31 64.38 -27.80
CA HIS B 165 -14.67 65.32 -28.74
C HIS B 165 -13.80 64.56 -29.78
N PHE B 166 -13.09 63.53 -29.29
CA PHE B 166 -12.18 62.67 -30.10
C PHE B 166 -12.92 61.96 -31.22
N THR B 167 -14.12 61.50 -30.88
CA THR B 167 -15.03 60.80 -31.77
C THR B 167 -15.43 61.66 -32.97
N LYS B 168 -15.64 62.94 -32.68
CA LYS B 168 -15.99 63.95 -33.68
C LYS B 168 -14.88 64.06 -34.74
N LEU B 169 -13.65 64.01 -34.28
CA LEU B 169 -12.45 64.06 -35.12
C LEU B 169 -12.36 62.90 -36.14
N ALA B 170 -12.74 61.71 -35.70
CA ALA B 170 -12.60 60.48 -36.51
C ALA B 170 -13.35 60.49 -37.85
N VAL B 171 -14.56 61.03 -37.93
CA VAL B 171 -15.25 61.09 -39.25
C VAL B 171 -14.52 61.98 -40.24
N GLU B 172 -13.78 62.96 -39.76
CA GLU B 172 -12.99 63.78 -40.68
C GLU B 172 -12.03 62.84 -41.40
N ALA B 173 -11.51 61.90 -40.61
CA ALA B 173 -10.61 60.86 -41.11
C ALA B 173 -11.28 59.97 -42.19
N VAL B 174 -12.55 59.63 -42.01
CA VAL B 174 -13.24 58.81 -43.01
C VAL B 174 -13.49 59.59 -44.31
N LEU B 175 -13.87 60.87 -44.17
CA LEU B 175 -14.14 61.70 -45.35
C LEU B 175 -12.92 61.85 -46.26
N ARG B 176 -11.73 62.02 -45.68
CA ARG B 176 -10.50 62.14 -46.45
C ARG B 176 -10.13 60.81 -47.14
N LEU B 177 -10.35 59.74 -46.39
CA LEU B 177 -10.07 58.35 -46.80
C LEU B 177 -10.96 57.82 -47.92
N LYS B 178 -12.26 58.14 -47.87
CA LYS B 178 -13.23 57.56 -48.80
C LYS B 178 -12.92 57.86 -50.28
N GLY B 179 -13.13 56.83 -51.09
CA GLY B 179 -12.83 56.91 -52.50
C GLY B 179 -12.47 55.54 -53.09
N SER B 180 -11.61 55.56 -54.08
CA SER B 180 -11.16 54.36 -54.81
C SER B 180 -10.44 53.27 -53.96
N GLY B 181 -9.59 53.67 -53.01
CA GLY B 181 -8.78 52.72 -52.24
C GLY B 181 -9.51 51.58 -51.48
N ASN B 182 -10.14 51.91 -50.33
CA ASN B 182 -10.84 50.96 -49.42
C ASN B 182 -10.54 51.39 -47.97
N LEU B 183 -9.76 50.59 -47.24
CA LEU B 183 -9.36 50.97 -45.87
C LEU B 183 -7.85 50.74 -45.68
N GLU B 184 -7.06 51.75 -46.04
CA GLU B 184 -5.60 51.70 -45.92
C GLU B 184 -5.00 53.08 -45.63
N ALA B 185 -3.73 53.05 -45.22
CA ALA B 185 -2.96 54.26 -44.89
C ALA B 185 -3.48 55.12 -43.72
N ILE B 186 -3.90 54.47 -42.65
CA ILE B 186 -4.34 55.20 -41.45
C ILE B 186 -3.45 54.81 -40.26
N HIS B 187 -2.77 55.80 -39.67
CA HIS B 187 -1.90 55.54 -38.52
C HIS B 187 -2.32 56.39 -37.32
N VAL B 188 -2.48 55.79 -36.16
CA VAL B 188 -2.85 56.55 -34.98
C VAL B 188 -2.12 56.10 -33.69
N ILE B 189 -1.64 57.09 -32.90
CA ILE B 189 -0.91 56.84 -31.65
C ILE B 189 -1.47 57.67 -30.45
N LYS B 190 -1.16 57.24 -29.21
CA LYS B 190 -1.62 57.94 -27.99
C LYS B 190 -0.44 58.67 -27.31
N LYS B 191 -0.72 59.73 -26.55
CA LYS B 191 0.38 60.48 -25.94
C LYS B 191 0.14 60.81 -24.44
N LEU B 192 1.25 60.99 -23.71
CA LEU B 192 1.20 61.27 -22.26
C LEU B 192 1.14 62.78 -21.92
N GLY B 193 1.13 63.64 -22.93
CA GLY B 193 1.03 65.10 -22.67
C GLY B 193 -0.42 65.53 -22.52
N GLY B 194 -0.69 66.73 -21.99
CA GLY B 194 -2.08 67.14 -21.83
C GLY B 194 -2.47 68.51 -22.37
N SER B 195 -3.67 68.55 -22.97
CA SER B 195 -4.28 69.76 -23.52
C SER B 195 -5.80 69.58 -23.57
N LEU B 196 -6.57 70.66 -23.64
CA LEU B 196 -8.04 70.55 -23.68
C LEU B 196 -8.55 69.74 -24.90
N ALA B 197 -7.93 69.97 -26.06
CA ALA B 197 -8.33 69.28 -27.29
C ALA B 197 -8.18 67.76 -27.15
N ASP B 198 -7.09 67.37 -26.49
CA ASP B 198 -6.77 65.95 -26.23
C ASP B 198 -6.39 65.20 -27.51
N SER B 199 -6.39 65.89 -28.64
CA SER B 199 -5.97 65.29 -29.89
C SER B 199 -5.58 66.32 -30.95
N TYR B 200 -4.67 65.94 -31.80
CA TYR B 200 -4.22 66.76 -32.93
C TYR B 200 -4.21 65.97 -34.23
N LEU B 201 -4.65 66.62 -35.30
CA LEU B 201 -4.64 65.97 -36.60
C LEU B 201 -3.40 66.48 -37.37
N ASP B 202 -2.43 65.59 -37.54
CA ASP B 202 -1.16 65.91 -38.25
C ASP B 202 -1.23 66.15 -39.74
N GLU B 203 -2.25 65.63 -40.42
CA GLU B 203 -2.34 65.74 -41.90
C GLU B 203 -1.11 65.06 -42.53
N GLY B 204 -0.50 64.16 -41.73
CA GLY B 204 0.70 63.43 -42.11
C GLY B 204 0.94 62.21 -41.22
N PHE B 205 2.11 61.58 -41.33
CA PHE B 205 2.45 60.35 -40.57
C PHE B 205 3.34 60.61 -39.33
N LEU B 206 2.98 59.98 -38.19
CA LEU B 206 3.72 60.12 -36.92
C LEU B 206 4.67 58.92 -36.62
N LEU B 207 5.93 59.24 -36.30
CA LEU B 207 6.96 58.23 -35.98
C LEU B 207 7.71 58.64 -34.68
N ASP B 208 8.38 57.70 -34.00
CA ASP B 208 9.09 58.05 -32.75
C ASP B 208 10.47 57.35 -32.62
N LYS B 209 11.48 57.89 -33.31
CA LYS B 209 12.87 57.39 -33.26
C LYS B 209 13.88 58.53 -33.49
N LYS B 210 15.14 58.34 -33.08
CA LYS B 210 16.17 59.38 -33.28
C LYS B 210 17.53 58.76 -33.70
N ILE B 211 18.21 59.44 -34.63
CA ILE B 211 19.49 58.96 -35.22
C ILE B 211 20.64 58.76 -34.22
N GLY B 212 20.89 59.77 -33.39
CA GLY B 212 22.00 59.71 -32.46
C GLY B 212 22.36 61.07 -31.86
N VAL B 213 23.50 61.13 -31.17
CA VAL B 213 23.97 62.36 -30.52
C VAL B 213 24.19 63.52 -31.51
N ASN B 214 24.91 63.26 -32.60
CA ASN B 214 25.15 64.29 -33.61
C ASN B 214 24.05 64.25 -34.68
N GLN B 215 23.96 65.33 -35.49
CA GLN B 215 22.98 65.48 -36.62
C GLN B 215 22.25 66.84 -36.53
N PRO B 216 21.91 67.47 -37.69
CA PRO B 216 21.16 68.74 -37.72
C PRO B 216 19.80 68.64 -37.03
N LYS B 217 19.42 69.68 -36.30
CA LYS B 217 18.13 69.69 -35.59
C LYS B 217 16.89 69.76 -36.51
N ARG B 218 16.95 70.55 -37.59
CA ARG B 218 15.82 70.72 -38.50
C ARG B 218 16.27 70.76 -39.98
N ILE B 219 15.42 70.29 -40.88
CA ILE B 219 15.76 70.26 -42.31
C ILE B 219 14.93 71.26 -43.16
N GLU B 220 13.87 70.77 -43.86
CA GLU B 220 12.96 71.57 -44.76
C GLU B 220 13.17 71.20 -46.24
N ASN B 221 12.06 71.11 -47.00
CA ASN B 221 12.11 70.69 -48.41
C ASN B 221 12.74 69.31 -48.45
N ALA B 222 12.33 68.53 -47.47
CA ALA B 222 12.85 67.20 -47.22
C ALA B 222 12.58 66.17 -48.30
N LYS B 223 13.61 65.37 -48.52
CA LYS B 223 13.57 64.25 -49.43
C LYS B 223 13.62 63.00 -48.55
N ILE B 224 12.75 62.04 -48.80
CA ILE B 224 12.68 60.86 -47.95
C ILE B 224 13.17 59.60 -48.67
N LEU B 225 14.07 58.90 -48.00
CA LEU B 225 14.67 57.69 -48.55
C LEU B 225 14.36 56.49 -47.66
N ILE B 226 13.82 55.43 -48.28
CA ILE B 226 13.48 54.17 -47.59
C ILE B 226 14.27 53.01 -48.21
N ALA B 227 15.00 52.26 -47.40
CA ALA B 227 15.78 51.15 -47.96
C ALA B 227 15.40 49.77 -47.41
N ASN B 228 15.20 48.83 -48.35
CA ASN B 228 14.91 47.42 -48.05
C ASN B 228 16.13 46.72 -47.47
N ILE B 254 40.70 46.02 -48.72
CA ILE B 254 39.42 45.66 -48.06
C ILE B 254 38.84 46.86 -47.30
N GLU B 255 39.68 47.50 -46.48
CA GLU B 255 39.26 48.68 -45.73
C GLU B 255 38.83 49.83 -46.66
N HIS B 256 39.61 49.97 -47.74
CA HIS B 256 39.35 50.98 -48.79
C HIS B 256 37.99 50.75 -49.48
N ALA B 257 37.65 49.48 -49.67
CA ALA B 257 36.39 49.09 -50.31
C ALA B 257 35.21 49.62 -49.51
N GLU B 258 35.37 49.62 -48.19
CA GLU B 258 34.35 50.16 -47.28
C GLU B 258 34.12 51.66 -47.58
N LYS B 259 35.20 52.36 -47.86
CA LYS B 259 35.18 53.80 -48.16
C LYS B 259 34.32 54.07 -49.40
N GLU B 260 34.42 53.20 -50.39
CA GLU B 260 33.64 53.35 -51.62
C GLU B 260 32.14 53.31 -51.31
N LYS B 261 31.77 52.43 -50.40
CA LYS B 261 30.39 52.30 -49.96
C LYS B 261 29.92 53.63 -49.35
N MET B 262 30.80 54.25 -48.57
CA MET B 262 30.58 55.60 -48.00
C MET B 262 30.40 56.66 -49.10
N LYS B 263 31.33 56.62 -50.05
CA LYS B 263 31.39 57.58 -51.14
C LYS B 263 30.19 57.52 -52.09
N GLU B 264 29.72 56.33 -52.40
CA GLU B 264 28.55 56.22 -53.28
C GLU B 264 27.36 56.90 -52.63
N LYS B 265 27.24 56.71 -51.32
CA LYS B 265 26.15 57.27 -50.54
C LYS B 265 26.20 58.81 -50.52
N VAL B 266 27.41 59.37 -50.36
CA VAL B 266 27.58 60.83 -50.34
C VAL B 266 27.40 61.48 -51.72
N GLU B 267 27.99 60.86 -52.75
CA GLU B 267 27.91 61.41 -54.12
C GLU B 267 26.47 61.52 -54.62
N ARG B 268 25.71 60.45 -54.39
CA ARG B 268 24.30 60.38 -54.81
C ARG B 268 23.43 61.32 -53.97
N ILE B 269 23.74 61.35 -52.68
CA ILE B 269 23.06 62.19 -51.68
C ILE B 269 23.16 63.71 -51.83
N LEU B 270 24.33 64.20 -52.16
CA LEU B 270 24.53 65.65 -52.27
C LEU B 270 23.62 66.32 -53.33
N LYS B 271 23.51 65.70 -54.50
CA LYS B 271 22.69 66.27 -55.60
C LYS B 271 21.21 66.44 -55.23
N HIS B 272 20.67 65.46 -54.53
CA HIS B 272 19.26 65.44 -54.11
C HIS B 272 18.98 66.50 -53.04
N GLY B 273 19.95 66.71 -52.16
CA GLY B 273 19.76 67.64 -51.04
C GLY B 273 19.16 66.94 -49.84
N ILE B 274 19.19 65.59 -49.92
CA ILE B 274 18.68 64.65 -48.90
C ILE B 274 18.53 65.24 -47.49
N ASN B 275 17.30 65.38 -47.06
CA ASN B 275 17.02 65.90 -45.74
C ASN B 275 16.79 64.81 -44.68
N CYS B 276 16.22 63.67 -45.08
CA CYS B 276 15.96 62.59 -44.12
C CYS B 276 16.00 61.19 -44.76
N PHE B 277 16.59 60.25 -44.03
CA PHE B 277 16.68 58.87 -44.48
C PHE B 277 16.01 57.93 -43.45
N ILE B 278 15.10 57.09 -43.92
CA ILE B 278 14.42 56.14 -43.02
C ILE B 278 14.68 54.69 -43.47
N ASN B 279 15.28 53.90 -42.61
CA ASN B 279 15.59 52.51 -42.94
C ASN B 279 14.92 51.52 -41.99
N ARG B 280 14.25 50.52 -42.53
CA ARG B 280 13.60 49.51 -41.67
C ARG B 280 14.57 48.39 -41.30
N GLN B 281 15.62 48.71 -40.54
CA GLN B 281 16.60 47.72 -40.05
C GLN B 281 17.82 48.39 -39.42
N LEU B 282 18.83 47.58 -39.15
CA LEU B 282 20.07 48.07 -38.55
C LEU B 282 20.83 48.92 -39.56
N ILE B 283 21.58 49.89 -39.08
CA ILE B 283 22.28 50.81 -39.96
C ILE B 283 23.78 50.88 -39.63
N TYR B 284 24.57 50.74 -40.67
CA TYR B 284 26.03 50.71 -40.58
C TYR B 284 26.58 52.07 -40.10
N ASN B 285 27.58 52.00 -39.24
CA ASN B 285 28.18 53.19 -38.60
C ASN B 285 28.82 54.25 -39.53
N TYR B 286 29.53 53.86 -40.59
CA TYR B 286 30.18 54.85 -41.47
C TYR B 286 29.25 55.96 -41.99
N PRO B 287 28.06 55.62 -42.55
CA PRO B 287 27.11 56.63 -43.06
C PRO B 287 26.63 57.60 -41.98
N GLU B 288 26.60 57.13 -40.75
CA GLU B 288 26.07 57.92 -39.65
C GLU B 288 26.85 59.22 -39.45
N GLN B 289 28.16 59.18 -39.59
CA GLN B 289 28.98 60.40 -39.46
C GLN B 289 28.70 61.35 -40.61
N LEU B 290 28.55 60.79 -41.81
CA LEU B 290 28.26 61.55 -43.04
C LEU B 290 26.94 62.33 -42.97
N PHE B 291 25.89 61.67 -42.52
CA PHE B 291 24.55 62.29 -42.46
C PHE B 291 24.55 63.51 -41.55
N GLY B 292 25.26 63.42 -40.42
CA GLY B 292 25.32 64.55 -39.48
C GLY B 292 25.95 65.81 -40.06
N ALA B 293 27.09 65.66 -40.71
CA ALA B 293 27.80 66.81 -41.31
C ALA B 293 27.07 67.39 -42.55
N ALA B 294 26.53 66.51 -43.37
CA ALA B 294 25.83 66.90 -44.61
C ALA B 294 24.59 67.77 -44.38
N GLY B 295 23.83 67.45 -43.35
CA GLY B 295 22.60 68.17 -43.07
C GLY B 295 21.40 67.26 -43.23
N VAL B 296 21.57 66.01 -42.80
CA VAL B 296 20.53 64.99 -42.93
C VAL B 296 20.23 64.23 -41.63
N MET B 297 19.06 63.63 -41.58
CA MET B 297 18.60 62.84 -40.44
C MET B 297 18.25 61.40 -40.86
N ALA B 298 18.77 60.42 -40.14
CA ALA B 298 18.53 59.01 -40.46
C ALA B 298 17.82 58.27 -39.32
N ILE B 299 17.01 57.28 -39.65
CA ILE B 299 16.27 56.54 -38.63
C ILE B 299 16.66 55.06 -38.66
N GLU B 300 17.06 54.55 -37.49
CA GLU B 300 17.53 53.17 -37.34
C GLU B 300 16.45 52.24 -36.79
N HIS B 301 16.28 51.13 -37.49
CA HIS B 301 15.29 50.09 -37.15
C HIS B 301 13.86 50.63 -37.17
N ALA B 302 13.55 51.48 -38.13
CA ALA B 302 12.19 52.01 -38.27
C ALA B 302 11.22 50.86 -38.52
N ASP B 303 10.04 50.91 -37.91
CA ASP B 303 9.07 49.83 -38.10
C ASP B 303 8.58 49.75 -39.55
N PHE B 304 8.55 48.52 -40.07
CA PHE B 304 8.14 48.26 -41.46
C PHE B 304 6.71 48.73 -41.68
N VAL B 305 5.89 48.47 -40.68
CA VAL B 305 4.49 48.85 -40.69
C VAL B 305 4.34 50.37 -40.83
N GLY B 306 5.12 51.13 -40.05
CA GLY B 306 5.09 52.58 -40.16
C GLY B 306 5.54 53.07 -41.53
N VAL B 307 6.57 52.40 -42.06
CA VAL B 307 7.14 52.72 -43.37
C VAL B 307 6.14 52.59 -44.54
N GLU B 308 5.34 51.52 -44.53
CA GLU B 308 4.39 51.28 -45.62
C GLU B 308 3.33 52.40 -45.75
N ARG B 309 2.86 52.89 -44.61
CA ARG B 309 1.91 54.02 -44.58
C ARG B 309 2.55 55.29 -45.11
N LEU B 310 3.81 55.45 -44.71
CA LEU B 310 4.62 56.61 -45.09
C LEU B 310 4.75 56.67 -46.62
N ALA B 311 4.91 55.51 -47.25
CA ALA B 311 5.09 55.44 -48.70
C ALA B 311 3.90 56.02 -49.48
N LEU B 312 2.66 55.73 -49.11
CA LEU B 312 1.54 56.37 -49.82
C LEU B 312 1.61 57.89 -49.66
N VAL B 313 1.97 58.29 -48.44
CA VAL B 313 2.11 59.68 -48.04
C VAL B 313 3.17 60.47 -48.83
N THR B 314 4.32 59.84 -49.04
CA THR B 314 5.44 60.46 -49.75
C THR B 314 5.40 60.21 -51.27
N GLY B 315 4.39 59.49 -51.72
CA GLY B 315 4.29 59.13 -53.14
C GLY B 315 4.97 57.79 -53.43
N GLY B 316 5.68 57.31 -52.44
CA GLY B 316 6.34 56.02 -52.54
C GLY B 316 7.65 56.06 -53.27
N GLU B 317 8.21 54.89 -53.43
CA GLU B 317 9.48 54.72 -54.10
C GLU B 317 9.71 53.27 -54.50
N ILE B 318 10.71 53.05 -55.33
CA ILE B 318 11.07 51.70 -55.68
C ILE B 318 12.25 51.38 -54.77
N ALA B 319 12.09 50.40 -53.90
CA ALA B 319 13.15 50.09 -52.93
C ALA B 319 14.08 49.02 -53.43
N SER B 320 15.33 49.41 -53.52
CA SER B 320 16.39 48.56 -54.05
C SER B 320 17.77 49.01 -53.53
N THR B 321 18.79 48.64 -54.27
CA THR B 321 20.18 48.98 -53.96
C THR B 321 20.43 50.47 -54.20
N PHE B 322 21.60 50.96 -53.77
CA PHE B 322 22.01 52.40 -53.84
C PHE B 322 21.62 53.19 -55.11
N ASP B 323 21.14 52.50 -56.12
CA ASP B 323 20.61 53.14 -57.34
C ASP B 323 19.29 53.83 -56.97
N HIS B 324 18.83 53.53 -55.75
CA HIS B 324 17.57 54.02 -55.16
C HIS B 324 17.34 55.55 -55.26
N PRO B 325 18.27 56.48 -54.91
CA PRO B 325 18.03 57.94 -55.03
C PRO B 325 17.47 58.37 -56.41
N GLU B 326 17.17 59.68 -56.54
CA GLU B 326 16.64 60.33 -57.77
C GLU B 326 15.18 59.92 -58.11
N LEU B 327 14.89 59.67 -59.40
CA LEU B 327 13.54 59.35 -59.89
C LEU B 327 12.87 58.10 -59.31
N VAL B 328 13.61 57.00 -59.11
CA VAL B 328 12.98 55.80 -58.57
C VAL B 328 12.42 56.08 -57.15
N LYS B 329 12.96 57.13 -56.52
CA LYS B 329 12.48 57.60 -55.22
C LYS B 329 11.57 58.81 -55.36
N LEU B 330 10.40 58.76 -54.78
CA LEU B 330 9.53 59.92 -54.79
C LEU B 330 9.54 60.56 -53.41
N GLY B 331 9.90 61.82 -53.38
CA GLY B 331 9.96 62.53 -52.13
C GLY B 331 8.87 63.57 -52.00
N SER B 332 8.18 63.57 -50.87
CA SER B 332 7.15 64.57 -50.65
C SER B 332 7.76 65.62 -49.74
N CYS B 333 7.79 66.84 -50.24
CA CYS B 333 8.43 67.92 -49.50
C CYS B 333 7.47 68.95 -48.96
N LYS B 334 7.52 69.07 -47.65
CA LYS B 334 6.77 70.06 -46.92
C LYS B 334 7.60 70.37 -45.67
N LEU B 335 7.36 69.66 -44.59
CA LEU B 335 8.17 69.87 -43.40
C LEU B 335 8.36 68.61 -42.55
N ILE B 336 9.61 68.24 -42.31
CA ILE B 336 9.94 67.13 -41.43
C ILE B 336 10.80 67.66 -40.30
N GLU B 337 10.33 67.52 -39.08
CA GLU B 337 11.08 68.03 -37.94
C GLU B 337 10.79 67.27 -36.67
N GLU B 338 11.68 67.39 -35.72
CA GLU B 338 11.48 66.77 -34.43
C GLU B 338 10.99 67.86 -33.48
N VAL B 339 9.82 67.64 -32.93
CA VAL B 339 9.20 68.63 -32.06
C VAL B 339 8.75 67.95 -30.78
N MET B 340 8.56 68.74 -29.75
CA MET B 340 8.16 68.22 -28.47
C MET B 340 6.78 68.71 -28.07
N ILE B 341 5.94 67.76 -27.68
CA ILE B 341 4.59 68.09 -27.27
C ILE B 341 4.50 68.04 -25.77
N GLY B 342 4.35 69.21 -25.17
CA GLY B 342 4.26 69.39 -23.72
C GLY B 342 5.34 68.72 -22.85
N GLU B 343 6.04 67.68 -23.34
CA GLU B 343 7.05 66.98 -22.53
C GLU B 343 7.94 65.96 -23.29
N ASP B 344 7.34 64.94 -23.90
CA ASP B 344 8.09 63.87 -24.60
C ASP B 344 8.57 64.31 -26.00
N LYS B 345 9.58 63.63 -26.56
CA LYS B 345 10.10 63.99 -27.89
C LYS B 345 9.54 63.07 -28.97
N LEU B 346 9.07 63.66 -30.06
CA LEU B 346 8.54 62.92 -31.19
C LEU B 346 9.03 63.49 -32.51
N ILE B 347 8.97 62.69 -33.56
CA ILE B 347 9.36 63.15 -34.87
C ILE B 347 8.11 63.17 -35.76
N HIS B 348 7.82 64.32 -36.33
CA HIS B 348 6.60 64.47 -37.11
C HIS B 348 6.84 64.61 -38.61
N PHE B 349 6.21 63.73 -39.37
CA PHE B 349 6.26 63.84 -40.82
C PHE B 349 4.94 64.49 -41.22
N SER B 350 4.97 65.57 -42.00
CA SER B 350 3.71 66.24 -42.34
C SER B 350 3.73 66.94 -43.69
N GLY B 351 2.55 67.38 -44.13
CA GLY B 351 2.44 68.07 -45.40
C GLY B 351 2.40 67.15 -46.61
N VAL B 352 1.68 66.05 -46.50
CA VAL B 352 1.62 65.07 -47.58
C VAL B 352 0.64 65.49 -48.70
N ALA B 353 1.17 65.45 -49.91
CA ALA B 353 0.45 65.78 -51.15
C ALA B 353 -0.77 64.88 -51.40
N LEU B 354 -0.61 63.59 -51.11
CA LEU B 354 -1.66 62.59 -51.36
C LEU B 354 -2.97 62.88 -50.61
N GLY B 355 -2.87 63.15 -49.32
CA GLY B 355 -4.05 63.43 -48.50
C GLY B 355 -4.82 62.19 -48.05
N GLU B 356 -4.60 61.09 -48.76
CA GLU B 356 -5.24 59.81 -48.45
C GLU B 356 -4.87 59.28 -47.05
N ALA B 357 -3.60 59.44 -46.66
CA ALA B 357 -3.12 58.95 -45.36
C ALA B 357 -2.89 60.06 -44.31
N CYS B 358 -3.45 59.87 -43.12
CA CYS B 358 -3.31 60.83 -42.00
C CYS B 358 -3.11 60.14 -40.63
N THR B 359 -2.57 60.88 -39.67
CA THR B 359 -2.31 60.37 -38.31
C THR B 359 -2.91 61.26 -37.20
N ILE B 360 -3.47 60.60 -36.17
CA ILE B 360 -4.06 61.29 -35.02
C ILE B 360 -3.22 61.10 -33.75
N VAL B 361 -2.92 62.21 -33.07
CA VAL B 361 -2.15 62.17 -31.82
C VAL B 361 -3.04 62.53 -30.64
N LEU B 362 -3.14 61.63 -29.66
CA LEU B 362 -4.03 61.85 -28.52
C LEU B 362 -3.28 62.36 -27.26
N ARG B 363 -3.87 63.32 -26.58
CA ARG B 363 -3.28 63.93 -25.38
C ARG B 363 -4.21 63.70 -24.18
N GLY B 364 -3.65 63.61 -22.97
CA GLY B 364 -4.47 63.38 -21.80
C GLY B 364 -3.82 63.78 -20.48
N ALA B 365 -4.58 63.62 -19.40
CA ALA B 365 -4.11 63.98 -18.06
C ALA B 365 -2.85 63.24 -17.59
N THR B 366 -2.78 61.93 -17.90
CA THR B 366 -1.68 60.98 -17.51
C THR B 366 -2.16 60.02 -16.40
N GLN B 367 -3.18 59.26 -16.76
CA GLN B 367 -3.87 58.34 -15.86
C GLN B 367 -4.23 57.02 -16.56
N GLN B 368 -4.79 56.07 -15.81
CA GLN B 368 -5.20 54.75 -16.34
C GLN B 368 -6.25 55.01 -17.44
N ILE B 369 -7.03 56.03 -17.20
CA ILE B 369 -8.07 56.53 -18.09
C ILE B 369 -7.42 56.94 -19.43
N LEU B 370 -6.26 57.56 -19.38
CA LEU B 370 -5.54 57.95 -20.60
C LEU B 370 -5.21 56.72 -21.49
N ASP B 371 -4.81 55.59 -20.88
CA ASP B 371 -4.48 54.36 -21.64
C ASP B 371 -5.76 53.77 -22.23
N GLU B 372 -6.84 54.19 -21.62
CA GLU B 372 -8.22 53.87 -21.99
C GLU B 372 -8.52 54.35 -23.42
N ALA B 373 -8.00 55.53 -23.74
CA ALA B 373 -8.21 56.15 -25.05
C ALA B 373 -7.67 55.26 -26.18
N GLU B 374 -6.56 54.54 -25.94
CA GLU B 374 -6.03 53.63 -26.95
C GLU B 374 -7.10 52.58 -27.28
N ARG B 375 -7.75 52.08 -26.23
CA ARG B 375 -8.90 51.17 -26.36
C ARG B 375 -10.09 51.74 -27.12
N SER B 376 -10.45 52.97 -26.77
CA SER B 376 -11.59 53.66 -27.37
C SER B 376 -11.46 53.87 -28.87
N LEU B 377 -10.26 54.19 -29.27
CA LEU B 377 -9.91 54.47 -30.66
C LEU B 377 -10.16 53.32 -31.62
N HIS B 378 -9.79 52.11 -31.23
CA HIS B 378 -9.94 50.98 -32.12
C HIS B 378 -11.43 50.81 -32.50
N ASP B 379 -12.30 51.00 -31.51
CA ASP B 379 -13.75 50.94 -31.73
C ASP B 379 -14.25 52.05 -32.67
N ALA B 380 -13.70 53.24 -32.50
CA ALA B 380 -14.09 54.39 -33.32
C ALA B 380 -13.85 54.17 -34.81
N LEU B 381 -12.65 53.71 -35.16
CA LEU B 381 -12.30 53.50 -36.56
C LEU B 381 -13.23 52.49 -37.23
N CYS B 382 -13.49 51.37 -36.56
CA CYS B 382 -14.39 50.37 -37.11
C CYS B 382 -15.81 50.94 -37.33
N VAL B 383 -16.29 51.77 -36.39
CA VAL B 383 -17.64 52.39 -36.47
C VAL B 383 -17.77 53.38 -37.65
N LEU B 384 -16.79 54.28 -37.70
CA LEU B 384 -16.73 55.39 -38.67
C LEU B 384 -16.61 55.02 -40.12
N ALA B 385 -15.82 54.00 -40.42
CA ALA B 385 -15.62 53.59 -41.79
C ALA B 385 -16.96 53.20 -42.40
N GLN B 386 -17.79 52.56 -41.60
CA GLN B 386 -19.08 52.13 -42.06
C GLN B 386 -20.24 53.13 -41.85
N THR B 387 -20.01 54.29 -41.22
CA THR B 387 -21.11 55.25 -41.03
C THR B 387 -21.55 55.85 -42.39
N VAL B 388 -20.55 56.30 -43.14
CA VAL B 388 -20.73 56.87 -44.48
C VAL B 388 -21.12 55.84 -45.53
N LYS B 389 -20.51 54.65 -45.46
CA LYS B 389 -20.74 53.60 -46.45
C LYS B 389 -22.23 53.18 -46.51
N ASP B 390 -22.82 52.89 -45.35
CA ASP B 390 -24.25 52.54 -45.30
C ASP B 390 -25.20 53.71 -45.57
N SER B 391 -24.85 54.87 -45.02
CA SER B 391 -25.65 56.11 -45.11
C SER B 391 -26.96 55.97 -44.32
N ARG B 392 -27.15 54.81 -43.72
CA ARG B 392 -28.35 54.48 -42.95
C ARG B 392 -28.03 54.14 -41.49
N THR B 393 -28.85 54.61 -40.56
CA THR B 393 -28.67 54.35 -39.12
C THR B 393 -29.99 53.98 -38.42
N VAL B 394 -29.88 53.51 -37.19
CA VAL B 394 -31.05 53.13 -36.36
C VAL B 394 -30.92 53.79 -34.99
N TYR B 395 -32.02 53.93 -34.25
CA TYR B 395 -31.93 54.59 -32.94
C TYR B 395 -31.30 53.67 -31.88
N GLY B 396 -30.37 54.25 -31.12
CA GLY B 396 -29.64 53.51 -30.09
C GLY B 396 -30.31 53.56 -28.73
N GLY B 397 -29.60 53.09 -27.71
CA GLY B 397 -30.14 53.08 -26.35
C GLY B 397 -31.21 52.02 -26.17
N GLY B 398 -31.19 51.04 -27.06
CA GLY B 398 -32.14 49.94 -27.01
C GLY B 398 -33.50 50.29 -27.60
N CYS B 399 -33.62 51.45 -28.25
CA CYS B 399 -34.90 51.83 -28.85
C CYS B 399 -35.34 50.81 -29.91
N SER B 400 -34.39 50.45 -30.75
CA SER B 400 -34.62 49.47 -31.81
C SER B 400 -35.05 48.09 -31.31
N GLU B 401 -34.44 47.66 -30.21
CA GLU B 401 -34.69 46.32 -29.68
C GLU B 401 -36.09 46.10 -29.09
N MET B 402 -36.64 47.07 -28.37
CA MET B 402 -37.95 46.83 -27.77
C MET B 402 -39.05 46.79 -28.85
N LEU B 403 -38.94 47.67 -29.85
CA LEU B 403 -39.94 47.74 -30.93
C LEU B 403 -40.02 46.42 -31.68
N MET B 404 -38.86 45.87 -32.00
CA MET B 404 -38.77 44.59 -32.68
C MET B 404 -39.42 43.49 -31.82
N ALA B 405 -39.20 43.55 -30.50
CA ALA B 405 -39.79 42.57 -29.57
C ALA B 405 -41.32 42.57 -29.63
N HIS B 406 -41.93 43.75 -29.72
CA HIS B 406 -43.39 43.84 -29.86
C HIS B 406 -43.87 43.12 -31.13
N ALA B 407 -43.11 43.30 -32.21
CA ALA B 407 -43.40 42.72 -33.53
C ALA B 407 -43.22 41.18 -33.59
N VAL B 408 -42.19 40.68 -32.92
CA VAL B 408 -41.86 39.25 -32.93
C VAL B 408 -42.92 38.34 -32.25
N THR B 409 -43.66 38.88 -31.28
CA THR B 409 -44.72 38.11 -30.60
C THR B 409 -45.80 37.64 -31.59
N GLN B 410 -46.14 38.52 -32.52
CA GLN B 410 -47.13 38.25 -33.57
C GLN B 410 -46.69 37.07 -34.44
N LEU B 411 -45.41 37.06 -34.73
CA LEU B 411 -44.76 36.07 -35.60
C LEU B 411 -44.89 34.61 -35.15
N ALA B 412 -44.78 34.34 -33.86
CA ALA B 412 -44.82 32.95 -33.37
C ALA B 412 -46.12 32.21 -33.71
N SER B 413 -47.28 32.80 -33.45
CA SER B 413 -48.56 32.14 -33.78
C SER B 413 -48.78 32.07 -35.31
N ARG B 414 -48.14 33.00 -36.04
CA ARG B 414 -48.20 33.05 -37.53
C ARG B 414 -47.68 31.79 -38.22
N THR B 415 -46.50 31.34 -37.82
CA THR B 415 -45.88 30.17 -38.42
C THR B 415 -46.61 28.88 -38.07
N PRO B 416 -46.48 27.82 -38.90
CA PRO B 416 -47.24 26.57 -38.69
C PRO B 416 -47.05 25.77 -37.40
N GLY B 417 -45.83 25.55 -36.92
CA GLY B 417 -45.73 24.70 -35.74
C GLY B 417 -44.39 24.69 -35.01
N LYS B 418 -43.56 23.71 -35.29
CA LYS B 418 -42.26 23.58 -34.63
C LYS B 418 -41.39 24.81 -34.88
N GLU B 419 -41.47 25.33 -36.09
CA GLU B 419 -40.74 26.53 -36.46
C GLU B 419 -41.20 27.68 -35.54
N ALA B 420 -42.51 27.71 -35.27
CA ALA B 420 -43.11 28.71 -34.40
C ALA B 420 -42.56 28.71 -32.97
N VAL B 421 -42.34 27.52 -32.39
CA VAL B 421 -41.80 27.47 -31.03
C VAL B 421 -40.42 28.17 -30.96
N ALA B 422 -39.61 27.96 -31.99
CA ALA B 422 -38.30 28.60 -32.08
C ALA B 422 -38.45 30.10 -32.34
N MET B 423 -39.40 30.47 -33.19
CA MET B 423 -39.63 31.87 -33.49
C MET B 423 -40.03 32.68 -32.23
N GLU B 424 -40.88 32.10 -31.38
CA GLU B 424 -41.26 32.80 -30.15
C GLU B 424 -40.09 32.87 -29.16
N SER B 425 -39.23 31.85 -29.17
CA SER B 425 -38.09 31.83 -28.27
C SER B 425 -37.09 32.92 -28.63
N TYR B 426 -36.91 33.09 -29.94
CA TYR B 426 -36.04 34.12 -30.47
C TYR B 426 -36.59 35.50 -30.06
N ALA B 427 -37.92 35.58 -30.13
CA ALA B 427 -38.70 36.78 -29.81
C ALA B 427 -38.54 37.32 -28.37
N LYS B 428 -38.50 36.46 -27.37
CA LYS B 428 -38.36 36.94 -25.98
C LYS B 428 -36.91 37.31 -25.65
N ALA B 429 -36.00 36.95 -26.54
CA ALA B 429 -34.57 37.26 -26.40
C ALA B 429 -34.37 38.78 -26.34
N LEU B 430 -35.15 39.49 -27.13
CA LEU B 430 -35.11 40.95 -27.19
C LEU B 430 -35.43 41.59 -25.83
N ARG B 431 -36.26 40.92 -25.04
CA ARG B 431 -36.70 41.40 -23.72
C ARG B 431 -35.52 41.63 -22.74
N MET B 432 -34.53 40.76 -22.73
CA MET B 432 -33.40 40.92 -21.80
C MET B 432 -32.64 42.26 -22.02
N LEU B 433 -32.45 42.66 -23.28
CA LEU B 433 -31.76 43.93 -23.59
C LEU B 433 -32.34 45.16 -22.82
N PRO B 434 -33.66 45.41 -22.82
CA PRO B 434 -34.21 46.51 -22.01
C PRO B 434 -33.74 46.45 -20.54
N THR B 435 -33.67 45.23 -20.01
CA THR B 435 -33.23 44.98 -18.62
C THR B 435 -31.74 45.32 -18.42
N ILE B 436 -30.92 44.97 -19.41
CA ILE B 436 -29.48 45.20 -19.36
C ILE B 436 -29.12 46.69 -19.38
N ILE B 437 -29.83 47.45 -20.20
CA ILE B 437 -29.59 48.88 -20.34
C ILE B 437 -29.98 49.64 -19.07
N ALA B 438 -31.08 49.23 -18.47
CA ALA B 438 -31.56 49.83 -17.23
C ALA B 438 -30.67 49.50 -16.04
N ASP B 439 -30.19 48.25 -15.99
CA ASP B 439 -29.36 47.79 -14.89
C ASP B 439 -28.05 48.58 -14.73
N ASN B 440 -27.32 48.79 -15.83
CA ASN B 440 -26.06 49.55 -15.76
C ASN B 440 -26.32 51.04 -15.47
N ALA B 441 -27.54 51.48 -15.77
CA ALA B 441 -27.98 52.86 -15.57
C ALA B 441 -28.00 53.26 -14.09
N GLY B 442 -28.45 52.33 -13.27
CA GLY B 442 -28.57 52.60 -11.85
C GLY B 442 -30.02 52.79 -11.40
N TYR B 443 -30.94 52.14 -12.12
CA TYR B 443 -32.37 52.22 -11.84
C TYR B 443 -33.00 50.83 -11.76
N ASP B 444 -34.17 50.73 -11.13
CA ASP B 444 -34.84 49.43 -10.96
C ASP B 444 -35.27 48.84 -12.31
N SER B 445 -34.73 47.65 -12.60
CA SER B 445 -34.98 46.93 -13.85
C SER B 445 -36.45 46.57 -14.13
N ALA B 446 -37.18 46.15 -13.09
CA ALA B 446 -38.59 45.75 -13.27
C ALA B 446 -39.47 46.88 -13.80
N ASP B 447 -39.37 48.04 -13.14
CA ASP B 447 -40.16 49.21 -13.52
C ASP B 447 -39.89 49.66 -14.95
N LEU B 448 -38.61 49.63 -15.30
CA LEU B 448 -38.16 50.05 -16.62
C LEU B 448 -38.77 49.24 -17.77
N VAL B 449 -38.83 47.91 -17.63
CA VAL B 449 -39.33 47.05 -18.71
C VAL B 449 -40.78 47.34 -19.13
N ALA B 450 -41.71 47.41 -18.17
CA ALA B 450 -43.12 47.68 -18.49
C ALA B 450 -43.34 49.03 -19.18
N GLN B 451 -42.79 50.09 -18.58
CA GLN B 451 -42.92 51.45 -19.14
C GLN B 451 -42.33 51.55 -20.54
N LEU B 452 -41.19 50.89 -20.73
CA LEU B 452 -40.53 50.87 -22.02
C LEU B 452 -41.40 50.26 -23.11
N ARG B 453 -41.98 49.11 -22.81
CA ARG B 453 -42.83 48.40 -23.77
C ARG B 453 -44.05 49.21 -24.20
N ALA B 454 -44.67 49.90 -23.25
CA ALA B 454 -45.86 50.70 -23.56
C ALA B 454 -45.62 51.82 -24.59
N ALA B 455 -44.52 52.57 -24.47
CA ALA B 455 -44.24 53.67 -25.42
C ALA B 455 -43.87 53.18 -26.83
N HIS B 456 -43.07 52.12 -26.89
CA HIS B 456 -42.64 51.50 -28.15
C HIS B 456 -43.78 50.96 -29.02
N SER B 457 -44.76 50.34 -28.37
CA SER B 457 -45.89 49.70 -29.05
C SER B 457 -46.69 50.69 -29.92
N GLU B 458 -46.91 51.91 -29.42
CA GLU B 458 -47.66 52.92 -30.18
C GLU B 458 -47.01 53.26 -31.53
N GLY B 459 -45.69 53.36 -31.55
CA GLY B 459 -45.02 53.68 -32.80
C GLY B 459 -44.00 54.79 -32.72
N LYS B 460 -43.56 55.16 -31.53
CA LYS B 460 -42.54 56.21 -31.43
C LYS B 460 -41.16 55.56 -31.46
N THR B 461 -40.52 55.64 -32.62
CA THR B 461 -39.19 55.06 -32.84
C THR B 461 -38.10 55.77 -32.05
N THR B 462 -38.22 57.10 -31.97
CA THR B 462 -37.28 57.94 -31.25
C THR B 462 -37.19 57.59 -29.75
N ALA B 463 -38.33 57.30 -29.14
CA ALA B 463 -38.38 56.94 -27.71
C ALA B 463 -37.54 55.70 -27.39
N GLY B 464 -36.84 55.73 -26.26
CA GLY B 464 -35.99 54.61 -25.88
C GLY B 464 -35.63 54.62 -24.41
N LEU B 465 -34.53 53.96 -24.06
CA LEU B 465 -34.11 53.89 -22.67
C LEU B 465 -33.17 55.03 -22.32
N ASP B 466 -33.56 55.86 -21.36
CA ASP B 466 -32.66 56.90 -20.95
C ASP B 466 -32.17 56.57 -19.55
N MET B 467 -30.92 56.21 -19.51
CA MET B 467 -30.21 55.81 -18.30
C MET B 467 -29.98 56.97 -17.35
N LYS B 468 -29.65 58.13 -17.92
CA LYS B 468 -29.44 59.33 -17.13
C LYS B 468 -30.76 59.76 -16.48
N GLU B 469 -31.83 59.63 -17.25
CA GLU B 469 -33.21 59.94 -16.84
C GLU B 469 -33.73 58.97 -15.77
N GLY B 470 -33.39 57.70 -15.94
CA GLY B 470 -33.88 56.64 -15.05
C GLY B 470 -35.15 55.97 -15.55
N THR B 471 -35.74 56.55 -16.58
CA THR B 471 -36.95 56.02 -17.20
C THR B 471 -36.75 55.87 -18.71
N ILE B 472 -37.71 56.35 -19.48
CA ILE B 472 -37.63 56.30 -20.93
C ILE B 472 -37.70 57.73 -21.47
N GLY B 473 -37.08 57.97 -22.61
CA GLY B 473 -37.07 59.32 -23.17
C GLY B 473 -36.79 59.35 -24.65
N ASP B 474 -36.56 60.54 -25.18
CA ASP B 474 -36.32 60.69 -26.61
C ASP B 474 -34.82 60.52 -26.92
N MET B 475 -34.53 59.40 -27.56
CA MET B 475 -33.17 59.01 -27.95
C MET B 475 -32.52 60.02 -28.90
N SER B 476 -33.32 60.54 -29.83
CA SER B 476 -32.86 61.49 -30.85
C SER B 476 -32.29 62.75 -30.21
N VAL B 477 -32.91 63.25 -29.14
CA VAL B 477 -32.42 64.44 -28.45
C VAL B 477 -30.99 64.18 -27.93
N LEU B 478 -30.78 62.98 -27.40
CA LEU B 478 -29.50 62.52 -26.88
C LEU B 478 -28.42 62.53 -27.99
N GLY B 479 -28.81 62.11 -29.20
CA GLY B 479 -27.87 62.01 -30.31
C GLY B 479 -27.26 60.64 -30.46
N ILE B 480 -27.95 59.65 -29.90
CA ILE B 480 -27.48 58.28 -29.92
C ILE B 480 -28.15 57.47 -31.04
N THR B 481 -27.30 56.95 -31.92
CA THR B 481 -27.73 56.16 -33.07
C THR B 481 -26.76 54.99 -33.34
N GLU B 482 -27.26 53.94 -33.97
CA GLU B 482 -26.47 52.76 -34.32
C GLU B 482 -26.47 52.55 -35.84
N SER B 483 -25.37 52.07 -36.40
CA SER B 483 -25.30 51.85 -37.85
C SER B 483 -26.36 50.84 -38.32
N PHE B 484 -26.95 51.13 -39.47
CA PHE B 484 -27.96 50.28 -40.08
C PHE B 484 -27.44 48.89 -40.40
N GLN B 485 -26.22 48.85 -40.91
CA GLN B 485 -25.55 47.61 -41.29
C GLN B 485 -25.39 46.67 -40.08
N VAL B 486 -25.07 47.22 -38.88
CA VAL B 486 -24.87 46.34 -37.71
C VAL B 486 -26.14 45.56 -37.43
N LYS B 487 -27.30 46.18 -37.56
CA LYS B 487 -28.53 45.47 -37.30
C LYS B 487 -28.84 44.37 -38.34
N ARG B 488 -28.60 44.61 -39.63
CA ARG B 488 -28.90 43.55 -40.63
C ARG B 488 -28.03 42.29 -40.54
N GLN B 489 -26.75 42.46 -40.30
CA GLN B 489 -25.85 41.32 -40.26
C GLN B 489 -25.74 40.60 -38.91
N VAL B 490 -26.05 41.25 -37.79
CA VAL B 490 -25.95 40.56 -36.51
C VAL B 490 -27.04 39.52 -36.41
N LEU B 491 -28.21 39.90 -36.89
CA LEU B 491 -29.35 39.01 -36.88
C LEU B 491 -29.07 37.77 -37.75
N LEU B 492 -28.43 38.00 -38.91
CA LEU B 492 -28.02 36.91 -39.81
C LEU B 492 -27.02 35.96 -39.11
N SER B 493 -26.02 36.59 -38.49
CA SER B 493 -24.91 35.90 -37.81
C SER B 493 -25.28 35.15 -36.52
N ALA B 494 -26.07 35.78 -35.67
CA ALA B 494 -26.44 35.18 -34.40
C ALA B 494 -27.17 33.87 -34.61
N ALA B 495 -28.17 33.92 -35.47
CA ALA B 495 -28.96 32.76 -35.78
C ALA B 495 -28.15 31.59 -36.39
N GLU B 496 -27.35 31.90 -37.40
CA GLU B 496 -26.56 30.87 -38.08
C GLU B 496 -25.48 30.21 -37.21
N ALA B 497 -24.80 31.00 -36.37
CA ALA B 497 -23.76 30.46 -35.47
C ALA B 497 -24.36 29.56 -34.38
N ALA B 498 -25.50 29.98 -33.86
CA ALA B 498 -26.25 29.25 -32.83
C ALA B 498 -26.65 27.87 -33.34
N GLU B 499 -27.05 27.86 -34.60
CA GLU B 499 -27.49 26.66 -35.30
C GLU B 499 -26.43 25.58 -35.36
N VAL B 500 -25.18 25.96 -35.60
CA VAL B 500 -24.15 24.97 -35.92
C VAL B 500 -23.90 23.89 -34.83
N ILE B 501 -23.71 24.28 -33.59
CA ILE B 501 -23.46 23.26 -32.55
C ILE B 501 -24.74 22.59 -32.01
N LEU B 502 -25.80 23.39 -31.82
CA LEU B 502 -27.13 22.93 -31.33
C LEU B 502 -27.68 21.88 -32.29
N ARG B 503 -27.26 22.06 -33.52
CA ARG B 503 -27.57 21.26 -34.71
C ARG B 503 -27.15 19.80 -34.61
N VAL B 504 -26.00 19.61 -34.05
CA VAL B 504 -25.36 18.32 -34.08
C VAL B 504 -25.74 17.30 -33.00
N ASP B 505 -26.08 16.12 -33.52
CA ASP B 505 -26.30 14.91 -32.73
C ASP B 505 -24.89 14.33 -32.51
N ASN B 506 -24.71 13.32 -31.66
CA ASN B 506 -23.35 12.78 -31.34
C ASN B 506 -22.33 12.93 -32.50
N ILE B 507 -21.23 13.64 -32.21
CA ILE B 507 -20.19 13.94 -33.23
C ILE B 507 -19.57 12.66 -33.82
N ILE B 508 -19.14 11.73 -32.94
CA ILE B 508 -18.54 10.48 -33.40
C ILE B 508 -18.31 9.46 -32.23
N LYS B 509 -18.14 10.01 -31.01
CA LYS B 509 -17.95 9.25 -29.73
C LYS B 509 -16.87 8.13 -29.73
N ALA B 510 -17.14 7.10 -28.88
CA ALA B 510 -16.28 5.91 -28.69
C ALA B 510 -17.03 4.84 -27.85
N ALA B 511 -17.53 5.28 -26.67
CA ALA B 511 -18.35 4.44 -25.73
C ALA B 511 -17.62 3.34 -24.92
N PRO B 512 -17.33 3.61 -23.62
CA PRO B 512 -16.71 2.62 -22.70
C PRO B 512 -17.47 1.27 -22.70
N ARG B 513 -18.81 1.40 -22.75
CA ARG B 513 -19.84 0.33 -22.77
C ARG B 513 -21.25 0.93 -22.79
N ALA C 1 33.46 28.49 7.97
CA ALA C 1 32.12 28.34 7.34
C ALA C 1 31.40 27.06 7.79
N GLY C 2 30.27 26.81 7.11
CA GLY C 2 29.34 25.67 7.27
C GLY C 2 29.55 24.52 8.30
N ALA C 3 28.46 23.74 8.39
CA ALA C 3 28.22 22.51 9.21
C ALA C 3 29.01 22.25 10.53
N ASP C 4 28.37 21.34 11.31
CA ASP C 4 28.86 20.81 12.61
C ASP C 4 28.76 21.84 13.76
N GLU C 5 27.60 21.88 14.38
CA GLU C 5 27.30 22.83 15.47
C GLU C 5 27.44 22.18 16.87
N GLU C 6 28.37 22.69 17.71
CA GLU C 6 28.49 22.17 19.10
C GLU C 6 28.74 23.28 20.12
N ARG C 7 28.10 23.16 21.27
CA ARG C 7 28.20 24.14 22.36
C ARG C 7 28.29 23.50 23.75
N ALA C 8 28.95 24.20 24.66
CA ALA C 8 29.17 23.79 26.06
C ALA C 8 29.25 22.27 26.34
N GLU C 9 28.15 21.70 26.82
CA GLU C 9 28.07 20.27 27.23
C GLU C 9 28.37 19.28 26.11
N THR C 10 27.70 19.51 24.97
CA THR C 10 27.82 18.64 23.80
C THR C 10 29.21 18.71 23.22
N ALA C 11 29.72 19.92 23.20
CA ALA C 11 31.06 20.17 22.70
C ALA C 11 32.14 19.55 23.60
N ARG C 12 31.94 19.63 24.91
CA ARG C 12 32.85 19.01 25.86
C ARG C 12 32.88 17.50 25.62
N LEU C 13 31.69 16.96 25.34
CA LEU C 13 31.50 15.54 25.07
C LEU C 13 32.31 15.08 23.86
N SER C 14 32.37 15.88 22.79
CA SER C 14 33.15 15.48 21.62
C SER C 14 34.62 15.29 22.00
N SER C 15 35.14 16.19 22.84
CA SER C 15 36.51 16.05 23.31
C SER C 15 36.68 14.76 24.11
N PHE C 16 35.65 14.47 24.92
CA PHE C 16 35.58 13.30 25.80
C PHE C 16 35.68 11.98 25.01
N ILE C 17 34.89 11.88 23.95
CA ILE C 17 34.87 10.67 23.11
C ILE C 17 36.19 10.45 22.37
N GLY C 18 36.80 11.51 21.87
CA GLY C 18 38.08 11.37 21.17
C GLY C 18 39.17 10.78 22.02
N ALA C 19 39.21 11.19 23.28
CA ALA C 19 40.23 10.69 24.23
C ALA C 19 40.03 9.22 24.60
N ILE C 20 38.78 8.80 24.80
CA ILE C 20 38.50 7.41 25.17
C ILE C 20 38.78 6.41 24.03
N ALA C 21 38.42 6.78 22.79
CA ALA C 21 38.64 5.91 21.64
C ALA C 21 40.12 5.66 21.35
N ILE C 22 40.92 6.71 21.49
CA ILE C 22 42.37 6.60 21.26
C ILE C 22 43.06 5.79 22.36
N GLY C 23 42.58 5.97 23.59
CA GLY C 23 43.17 5.28 24.73
C GLY C 23 43.11 3.76 24.63
N ASP C 24 42.01 3.20 24.15
CA ASP C 24 41.90 1.74 24.03
C ASP C 24 42.88 1.13 22.99
N LEU C 25 43.06 1.79 21.85
CA LEU C 25 44.00 1.29 20.82
C LEU C 25 45.46 1.39 21.28
N VAL C 26 45.79 2.49 21.93
CA VAL C 26 47.13 2.71 22.48
C VAL C 26 47.36 1.86 23.72
N LYS C 27 46.26 1.43 24.34
CA LYS C 27 46.28 0.67 25.59
C LYS C 27 47.04 -0.66 25.47
N SER C 28 46.78 -1.39 24.40
CA SER C 28 47.47 -2.66 24.16
C SER C 28 48.96 -2.47 23.80
N THR C 29 49.26 -1.32 23.20
CA THR C 29 50.61 -0.97 22.71
C THR C 29 51.75 -0.87 23.78
N LEU C 30 51.46 -0.31 24.95
CA LEU C 30 52.47 -0.07 26.00
C LEU C 30 53.04 -1.31 26.75
N GLY C 31 54.31 -1.18 27.19
CA GLY C 31 54.95 -2.20 28.02
C GLY C 31 55.46 -3.47 27.34
N PRO C 32 56.54 -4.10 27.92
CA PRO C 32 57.21 -5.34 27.45
C PRO C 32 56.40 -6.40 26.66
N LYS C 33 55.08 -6.40 26.74
CA LYS C 33 54.29 -7.23 25.84
C LYS C 33 53.04 -6.50 25.37
N GLY C 34 53.20 -5.85 24.24
CA GLY C 34 52.13 -5.10 23.62
C GLY C 34 51.42 -5.86 22.53
N MET C 35 50.57 -5.18 21.79
CA MET C 35 49.82 -5.80 20.71
C MET C 35 49.95 -5.01 19.41
N ASP C 36 49.72 -5.69 18.31
CA ASP C 36 49.90 -5.09 17.01
C ASP C 36 48.59 -4.64 16.37
N LYS C 37 48.58 -3.41 15.89
CA LYS C 37 47.43 -2.91 15.14
C LYS C 37 47.83 -2.76 13.69
N ILE C 38 46.99 -3.32 12.86
CA ILE C 38 47.19 -3.40 11.42
C ILE C 38 46.13 -2.62 10.65
N LEU C 39 46.55 -1.67 9.80
CA LEU C 39 45.60 -0.82 9.10
C LEU C 39 45.63 -0.88 7.56
N LEU C 40 44.43 -0.85 6.97
CA LEU C 40 44.23 -0.84 5.52
C LEU C 40 43.33 0.36 5.15
N SER C 41 43.72 1.17 4.18
CA SER C 41 42.92 2.34 3.79
C SER C 41 42.70 2.38 2.26
N SER C 42 41.82 3.27 1.80
CA SER C 42 41.50 3.31 0.36
C SER C 42 41.58 4.70 -0.28
N GLY C 43 42.10 4.69 -1.51
CA GLY C 43 42.23 5.90 -2.35
C GLY C 43 43.53 6.70 -2.24
N ARG C 44 44.38 6.44 -1.26
CA ARG C 44 45.68 7.18 -1.17
C ARG C 44 46.88 6.39 -0.63
N ASP C 45 46.74 5.10 -0.40
CA ASP C 45 47.87 4.32 0.05
C ASP C 45 47.83 2.89 -0.49
N ALA C 46 49.03 2.34 -0.68
CA ALA C 46 49.24 1.02 -1.29
C ALA C 46 48.72 -0.22 -0.55
N SER C 47 48.84 -0.28 0.76
CA SER C 47 48.46 -1.52 1.44
C SER C 47 48.31 -1.42 2.95
N LEU C 48 48.59 -2.55 3.58
CA LEU C 48 48.48 -2.77 5.00
C LEU C 48 49.66 -2.15 5.77
N MET C 49 49.36 -1.12 6.56
CA MET C 49 50.38 -0.52 7.39
C MET C 49 50.14 -0.89 8.84
N VAL C 50 51.15 -1.45 9.46
CA VAL C 50 51.04 -1.90 10.83
C VAL C 50 52.01 -1.11 11.71
N THR C 51 51.49 -0.40 12.71
CA THR C 51 52.38 0.38 13.57
C THR C 51 52.14 0.17 15.08
N ASN C 52 53.22 -0.11 15.79
CA ASN C 52 53.21 -0.29 17.25
C ASN C 52 53.59 1.02 17.90
N ASP C 53 53.90 1.99 17.06
CA ASP C 53 54.22 3.33 17.50
C ASP C 53 52.97 4.15 17.38
N GLY C 54 52.43 4.60 18.50
CA GLY C 54 51.24 5.39 18.44
C GLY C 54 51.45 6.66 17.63
N ALA C 55 52.61 7.27 17.81
CA ALA C 55 52.96 8.49 17.10
C ALA C 55 52.99 8.34 15.56
N THR C 56 53.59 7.26 15.05
CA THR C 56 53.70 7.07 13.58
C THR C 56 52.35 6.96 12.86
N ILE C 57 51.44 6.13 13.37
CA ILE C 57 50.14 5.98 12.72
C ILE C 57 49.25 7.21 12.86
N LEU C 58 49.26 7.83 14.03
CA LEU C 58 48.46 9.02 14.28
C LEU C 58 48.81 10.20 13.35
N LYS C 59 50.10 10.40 13.09
CA LYS C 59 50.54 11.51 12.23
C LYS C 59 49.98 11.40 10.80
N ASN C 60 49.96 10.17 10.32
CA ASN C 60 49.49 9.82 8.97
C ASN C 60 47.98 9.98 8.75
N ILE C 61 47.19 9.60 9.75
CA ILE C 61 45.72 9.55 9.59
C ILE C 61 44.80 10.40 10.49
N GLY C 62 43.89 11.10 9.79
CA GLY C 62 42.79 11.84 10.39
C GLY C 62 41.49 11.20 9.88
N VAL C 63 41.12 10.06 10.49
CA VAL C 63 39.96 9.23 10.07
C VAL C 63 38.57 9.86 10.11
N ASP C 64 38.25 10.64 11.14
CA ASP C 64 36.87 11.10 11.27
C ASP C 64 36.67 12.48 11.89
N ASN C 65 35.41 12.90 11.85
CA ASN C 65 34.91 14.20 12.33
C ASN C 65 35.34 14.59 13.77
N PRO C 66 35.32 13.69 14.79
CA PRO C 66 35.70 14.10 16.16
C PRO C 66 37.13 14.63 16.26
N ALA C 67 37.33 15.55 17.20
CA ALA C 67 38.63 16.21 17.37
C ALA C 67 39.63 15.39 18.18
N ALA C 68 40.82 15.26 17.62
CA ALA C 68 41.93 14.54 18.26
C ALA C 68 43.24 14.77 17.50
N LYS C 69 43.11 15.23 16.25
CA LYS C 69 44.26 15.46 15.36
C LYS C 69 45.28 16.49 15.90
N VAL C 70 44.80 17.57 16.51
CA VAL C 70 45.70 18.61 17.01
C VAL C 70 46.53 18.12 18.22
N LEU C 71 45.91 17.37 19.12
CA LEU C 71 46.61 16.80 20.28
C LEU C 71 47.73 15.87 19.77
N VAL C 72 47.36 15.09 18.75
CA VAL C 72 48.26 14.13 18.08
C VAL C 72 49.47 14.75 17.39
N ASP C 73 49.24 15.87 16.73
CA ASP C 73 50.27 16.59 15.96
C ASP C 73 51.42 17.00 16.88
N MET C 74 51.08 17.43 18.08
CA MET C 74 52.04 17.92 19.08
C MET C 74 53.07 16.85 19.45
N SER C 75 52.66 15.60 19.60
CA SER C 75 53.58 14.51 19.97
C SER C 75 54.84 14.47 19.06
N ARG C 76 54.71 14.87 17.79
CA ARG C 76 55.86 14.90 16.88
C ARG C 76 56.98 15.85 17.35
N VAL C 77 56.62 17.03 17.88
CA VAL C 77 57.63 17.97 18.39
C VAL C 77 58.40 17.25 19.49
N GLN C 78 57.67 16.45 20.25
CA GLN C 78 58.25 15.66 21.31
C GLN C 78 59.31 14.72 20.72
N ASP C 79 59.00 14.06 19.58
CA ASP C 79 59.97 13.15 18.91
C ASP C 79 61.26 13.81 18.46
N ASP C 80 61.16 15.01 17.94
CA ASP C 80 62.34 15.70 17.46
C ASP C 80 63.35 15.94 18.58
N GLU C 81 62.88 16.30 19.78
CA GLU C 81 63.80 16.53 20.90
C GLU C 81 63.84 15.38 21.93
N VAL C 82 62.99 14.36 21.79
CA VAL C 82 63.04 13.18 22.68
C VAL C 82 62.12 12.03 22.18
N GLY C 83 60.84 12.35 22.08
CA GLY C 83 59.82 11.46 21.56
C GLY C 83 59.37 10.25 22.34
N ASP C 84 59.59 9.17 21.65
CA ASP C 84 59.21 7.81 22.00
C ASP C 84 59.54 7.24 23.40
N GLY C 85 60.34 6.15 23.39
CA GLY C 85 60.55 5.36 24.58
C GLY C 85 59.47 4.30 24.49
N THR C 86 58.33 4.65 25.04
CA THR C 86 57.11 3.88 24.90
C THR C 86 56.00 4.92 24.74
N THR C 87 54.92 4.64 24.03
CA THR C 87 53.92 5.70 23.88
C THR C 87 53.00 5.76 25.08
N SER C 88 53.30 6.66 26.01
CA SER C 88 52.49 6.78 27.22
C SER C 88 51.83 8.16 27.38
N VAL C 89 52.37 9.17 26.72
CA VAL C 89 51.89 10.55 26.89
C VAL C 89 50.41 10.77 26.52
N THR C 90 49.98 10.14 25.44
CA THR C 90 48.60 10.27 24.99
C THR C 90 47.60 9.75 26.03
N VAL C 91 47.96 8.64 26.67
CA VAL C 91 47.12 7.99 27.67
C VAL C 91 46.84 8.89 28.91
N LEU C 92 47.86 9.60 29.40
CA LEU C 92 47.69 10.50 30.56
C LEU C 92 46.66 11.60 30.32
N ALA C 93 46.67 12.17 29.13
CA ALA C 93 45.74 13.24 28.78
C ALA C 93 44.29 12.78 28.65
N ALA C 94 44.08 11.61 28.06
CA ALA C 94 42.74 11.05 27.84
C ALA C 94 41.91 10.80 29.12
N GLU C 95 42.58 10.30 30.15
CA GLU C 95 41.94 9.96 31.43
C GLU C 95 41.49 11.18 32.27
N LEU C 96 42.03 12.31 31.91
CA LEU C 96 41.71 13.62 32.48
C LEU C 96 40.22 13.92 32.28
N LEU C 97 39.74 13.56 31.12
CA LEU C 97 38.37 13.79 30.66
C LEU C 97 37.30 12.98 31.45
N ARG C 98 37.64 11.80 31.98
CA ARG C 98 36.67 10.93 32.71
C ARG C 98 36.05 11.63 33.93
N GLU C 99 36.86 12.36 34.67
CA GLU C 99 36.43 13.10 35.87
C GLU C 99 35.36 14.15 35.53
N ALA C 100 35.36 14.63 34.29
CA ALA C 100 34.44 15.70 33.86
C ALA C 100 32.96 15.31 34.06
N GLU C 101 32.62 14.03 33.88
CA GLU C 101 31.25 13.58 34.13
C GLU C 101 30.81 13.83 35.59
N SER C 102 31.70 13.60 36.55
CA SER C 102 31.37 13.82 37.97
C SER C 102 31.22 15.33 38.27
N LEU C 103 31.79 16.17 37.42
CA LEU C 103 31.72 17.64 37.56
C LEU C 103 30.32 18.21 37.30
N ILE C 104 29.53 17.58 36.43
CA ILE C 104 28.19 18.11 36.13
C ILE C 104 27.26 17.96 37.35
N ALA C 105 27.54 16.97 38.19
CA ALA C 105 26.79 16.77 39.43
C ALA C 105 26.92 18.01 40.33
N LYS C 106 28.13 18.55 40.34
CA LYS C 106 28.48 19.78 41.08
C LYS C 106 27.63 20.96 40.55
N LYS C 107 27.46 20.96 39.21
CA LYS C 107 26.63 21.91 38.39
C LYS C 107 26.82 23.42 38.64
N ILE C 108 28.02 23.90 38.87
CA ILE C 108 28.17 25.35 39.04
C ILE C 108 29.37 25.94 38.33
N HIS C 109 30.52 25.73 38.92
CA HIS C 109 31.74 26.29 38.37
C HIS C 109 32.83 25.28 38.22
N PRO C 110 33.01 24.75 37.01
CA PRO C 110 34.10 23.86 36.77
C PRO C 110 35.39 24.61 37.06
N GLN C 111 35.36 25.92 36.76
CA GLN C 111 36.51 26.79 36.95
C GLN C 111 36.95 26.83 38.41
N THR C 112 36.01 26.87 39.35
CA THR C 112 36.36 26.84 40.78
C THR C 112 36.96 25.47 41.14
N ILE C 113 36.38 24.41 40.57
CA ILE C 113 36.82 23.01 40.78
C ILE C 113 38.24 22.86 40.32
N ILE C 114 38.39 23.44 39.16
CA ILE C 114 39.58 23.45 38.40
C ILE C 114 40.87 23.87 39.20
N ALA C 115 40.82 24.38 40.44
CA ALA C 115 42.08 24.75 41.23
C ALA C 115 43.42 23.91 40.95
N GLY C 116 43.27 22.73 40.38
CA GLY C 116 44.32 21.73 40.09
C GLY C 116 45.53 22.01 39.14
N TRP C 117 45.45 22.73 38.00
CA TRP C 117 46.67 22.89 37.15
C TRP C 117 47.83 23.57 37.82
N ARG C 118 47.56 24.57 38.61
CA ARG C 118 48.63 25.20 39.40
C ARG C 118 49.21 24.08 40.28
N GLU C 119 48.29 23.28 40.79
CA GLU C 119 48.56 22.10 41.58
C GLU C 119 49.34 21.05 40.74
N ALA C 120 48.98 20.96 39.45
CA ALA C 120 49.62 20.05 38.49
C ALA C 120 50.96 20.59 37.99
N THR C 121 51.23 21.85 38.30
CA THR C 121 52.53 22.47 38.02
C THR C 121 53.55 21.67 38.83
N LYS C 122 53.00 21.17 39.92
CA LYS C 122 53.64 20.29 40.89
C LYS C 122 54.08 19.02 40.15
N ALA C 123 53.24 18.53 39.24
CA ALA C 123 53.55 17.33 38.43
C ALA C 123 54.84 17.56 37.62
N ALA C 124 55.01 18.77 37.09
CA ALA C 124 56.22 19.13 36.34
C ALA C 124 57.42 18.98 37.29
N ARG C 125 57.14 19.26 38.55
CA ARG C 125 58.09 19.17 39.66
C ARG C 125 58.29 17.70 40.16
N GLN C 126 57.26 17.12 40.77
CA GLN C 126 57.31 15.77 41.38
C GLN C 126 57.63 14.60 40.45
N ALA C 127 57.09 14.59 39.25
CA ALA C 127 57.28 13.43 38.36
C ALA C 127 58.71 13.23 37.86
N LEU C 128 59.37 14.32 37.53
CA LEU C 128 60.70 14.22 36.93
C LEU C 128 61.83 15.00 37.59
N LEU C 129 61.77 15.15 38.90
CA LEU C 129 62.85 15.82 39.60
C LEU C 129 63.43 14.96 40.74
N ASN C 130 62.63 14.01 41.22
CA ASN C 130 63.05 13.12 42.30
C ASN C 130 63.26 11.70 41.76
N SER C 131 64.52 11.23 41.92
CA SER C 131 65.02 9.90 41.46
C SER C 131 66.20 10.13 40.48
N ALA C 132 67.38 9.59 40.80
CA ALA C 132 68.56 9.80 39.94
C ALA C 132 68.54 8.87 38.72
N VAL C 133 68.28 9.53 37.62
CA VAL C 133 68.14 8.96 36.28
C VAL C 133 69.26 7.99 35.72
N ASP C 134 70.27 8.56 35.07
CA ASP C 134 71.42 7.87 34.45
C ASP C 134 72.53 8.92 34.30
N HIS C 135 73.75 8.57 33.89
CA HIS C 135 74.78 9.63 33.83
C HIS C 135 75.78 9.66 32.64
N GLY C 136 76.69 8.68 32.58
CA GLY C 136 77.79 8.70 31.60
C GLY C 136 77.52 8.56 30.10
N SER C 137 77.25 7.33 29.62
CA SER C 137 77.10 7.07 28.16
C SER C 137 78.32 7.70 27.42
N ASP C 138 79.49 7.38 27.96
CA ASP C 138 80.82 7.91 27.54
C ASP C 138 80.95 8.29 26.04
N GLU C 139 81.18 7.29 25.18
CA GLU C 139 81.34 7.51 23.73
C GLU C 139 81.71 6.17 23.09
N VAL C 140 81.01 5.77 22.02
CA VAL C 140 81.22 4.44 21.39
C VAL C 140 80.78 3.37 22.39
N LYS C 141 81.54 3.28 23.49
CA LYS C 141 81.28 2.41 24.65
C LYS C 141 81.00 0.93 24.29
N PHE C 142 81.84 0.04 24.81
CA PHE C 142 81.74 -1.41 24.54
C PHE C 142 80.39 -2.07 24.90
N ARG C 143 80.22 -2.47 26.16
CA ARG C 143 78.99 -3.15 26.63
C ARG C 143 77.72 -2.28 26.67
N GLN C 144 77.88 -1.03 27.10
CA GLN C 144 76.75 -0.10 27.31
C GLN C 144 76.19 0.49 26.02
N ASP C 145 76.62 -0.04 24.89
CA ASP C 145 76.15 0.44 23.60
C ASP C 145 74.61 0.23 23.57
N LEU C 146 74.15 -0.92 24.10
CA LEU C 146 72.70 -1.20 24.19
C LEU C 146 72.32 -2.21 25.30
N MET C 147 71.36 -3.08 24.96
CA MET C 147 70.82 -4.08 25.88
C MET C 147 70.20 -3.40 27.11
N ASN C 148 69.51 -2.28 26.82
CA ASN C 148 68.82 -1.45 27.82
C ASN C 148 67.58 -0.71 27.24
N ILE C 149 67.69 0.61 27.04
CA ILE C 149 66.53 1.42 26.56
C ILE C 149 65.95 1.02 25.20
N ALA C 150 66.78 0.67 24.22
CA ALA C 150 66.22 0.23 22.94
C ALA C 150 65.38 -1.02 23.15
N GLY C 151 65.89 -1.92 24.00
CA GLY C 151 65.18 -3.14 24.30
C GLY C 151 63.81 -2.89 24.91
N THR C 152 63.69 -1.90 25.81
CA THR C 152 62.39 -1.58 26.40
C THR C 152 61.38 -1.10 25.38
N THR C 153 61.81 -0.28 24.43
CA THR C 153 60.92 0.23 23.40
C THR C 153 60.37 -0.94 22.60
N LEU C 154 61.27 -1.86 22.27
CA LEU C 154 60.95 -3.09 21.55
C LEU C 154 60.17 -4.10 22.35
N SER C 155 60.40 -4.20 23.66
CA SER C 155 59.70 -5.18 24.47
C SER C 155 58.20 -4.93 24.38
N SER C 156 57.81 -3.66 24.39
CA SER C 156 56.39 -3.28 24.28
C SER C 156 55.84 -3.73 22.94
N LYS C 157 56.77 -4.05 22.07
CA LYS C 157 56.48 -4.49 20.74
C LYS C 157 56.58 -6.02 20.69
N LEU C 158 55.67 -6.63 19.99
CA LEU C 158 55.55 -8.08 19.88
C LEU C 158 56.79 -8.80 19.30
N LEU C 159 57.39 -8.22 18.28
CA LEU C 159 58.57 -8.77 17.60
C LEU C 159 59.79 -9.14 18.50
N THR C 160 59.71 -8.91 19.81
CA THR C 160 60.85 -9.15 20.72
C THR C 160 61.37 -10.58 20.76
N HIS C 161 60.65 -11.53 20.18
CA HIS C 161 61.17 -12.89 20.16
C HIS C 161 62.53 -12.91 19.41
N HIS C 162 62.62 -12.13 18.33
CA HIS C 162 63.86 -11.96 17.57
C HIS C 162 64.30 -10.50 17.41
N LYS C 163 63.38 -9.54 17.61
CA LYS C 163 63.73 -8.15 17.34
C LYS C 163 64.53 -7.49 18.47
N ASP C 164 64.66 -8.14 19.61
CA ASP C 164 65.46 -7.56 20.68
C ASP C 164 66.88 -7.40 20.13
N HIS C 165 67.31 -8.40 19.37
CA HIS C 165 68.60 -8.36 18.67
C HIS C 165 68.68 -7.17 17.68
N PHE C 166 67.57 -6.91 16.96
CA PHE C 166 67.49 -5.80 15.97
C PHE C 166 67.74 -4.45 16.61
N THR C 167 67.17 -4.29 17.80
CA THR C 167 67.30 -3.05 18.56
C THR C 167 68.76 -2.80 18.89
N LYS C 168 69.45 -3.88 19.23
CA LYS C 168 70.86 -3.87 19.60
C LYS C 168 71.70 -3.34 18.43
N LEU C 169 71.32 -3.75 17.25
CA LEU C 169 71.94 -3.33 15.99
C LEU C 169 71.85 -1.82 15.77
N ALA C 170 70.70 -1.23 16.13
CA ALA C 170 70.42 0.20 15.88
C ALA C 170 71.44 1.14 16.57
N VAL C 171 71.87 0.85 17.78
CA VAL C 171 72.87 1.73 18.42
C VAL C 171 74.20 1.70 17.65
N GLU C 172 74.53 0.58 17.02
CA GLU C 172 75.76 0.52 16.24
C GLU C 172 75.65 1.59 15.15
N ALA C 173 74.45 1.69 14.60
CA ALA C 173 74.13 2.68 13.58
C ALA C 173 74.27 4.11 14.13
N VAL C 174 73.85 4.32 15.38
CA VAL C 174 73.96 5.65 16.00
C VAL C 174 75.42 6.03 16.29
N LEU C 175 76.28 5.04 16.58
CA LEU C 175 77.70 5.33 16.87
C LEU C 175 78.39 6.02 15.68
N ARG C 176 78.08 5.54 14.48
CA ARG C 176 78.58 6.17 13.26
C ARG C 176 77.92 7.54 13.04
N LEU C 177 76.69 7.64 13.54
CA LEU C 177 75.86 8.85 13.43
C LEU C 177 76.21 9.94 14.47
N LYS C 178 77.05 9.61 15.45
CA LYS C 178 77.43 10.59 16.48
C LYS C 178 78.66 11.42 16.09
N GLY C 179 78.69 12.64 16.59
CA GLY C 179 79.80 13.54 16.29
C GLY C 179 79.30 14.83 15.68
N SER C 180 79.88 15.22 14.57
CA SER C 180 79.48 16.43 13.87
C SER C 180 79.01 16.05 12.46
N GLY C 181 77.85 16.55 12.03
CA GLY C 181 77.37 16.20 10.70
C GLY C 181 75.85 16.13 10.51
N ASN C 182 75.07 16.36 11.58
CA ASN C 182 73.57 16.38 11.50
C ASN C 182 72.92 14.98 11.51
N LEU C 183 71.63 14.95 11.85
CA LEU C 183 70.86 13.71 11.82
C LEU C 183 70.22 13.56 10.44
N GLU C 184 70.96 12.95 9.53
CA GLU C 184 70.51 12.76 8.14
C GLU C 184 71.06 11.51 7.50
N ALA C 185 70.45 11.16 6.37
CA ALA C 185 70.90 10.07 5.52
C ALA C 185 70.94 8.68 6.16
N ILE C 186 69.84 8.28 6.77
CA ILE C 186 69.76 6.94 7.33
C ILE C 186 68.60 6.26 6.62
N HIS C 187 68.92 5.17 5.94
CA HIS C 187 67.96 4.45 5.13
C HIS C 187 67.77 3.01 5.57
N VAL C 188 66.53 2.60 5.74
CA VAL C 188 66.28 1.22 6.12
C VAL C 188 65.10 0.59 5.36
N ILE C 189 65.31 -0.66 4.92
CA ILE C 189 64.31 -1.45 4.19
C ILE C 189 64.23 -2.88 4.77
N LYS C 190 63.09 -3.56 4.59
CA LYS C 190 62.92 -4.93 5.08
C LYS C 190 62.86 -5.91 3.90
N LYS C 191 63.49 -7.08 4.06
CA LYS C 191 63.56 -8.08 3.00
C LYS C 191 62.76 -9.35 3.38
N LEU C 192 62.05 -9.91 2.40
CA LEU C 192 61.22 -11.10 2.63
C LEU C 192 62.06 -12.40 2.62
N GLY C 193 62.78 -12.66 3.71
CA GLY C 193 63.60 -13.87 3.82
C GLY C 193 63.96 -14.16 5.27
N GLY C 194 63.82 -15.42 5.71
CA GLY C 194 64.09 -15.73 7.11
C GLY C 194 65.51 -16.18 7.44
N SER C 195 66.07 -15.54 8.47
CA SER C 195 67.42 -15.86 8.98
C SER C 195 67.47 -15.56 10.48
N LEU C 196 68.40 -16.18 11.22
CA LEU C 196 68.52 -15.92 12.67
C LEU C 196 68.80 -14.43 12.98
N ALA C 197 69.72 -13.84 12.20
CA ALA C 197 70.10 -12.44 12.38
C ALA C 197 68.92 -11.49 12.21
N ASP C 198 68.09 -11.81 11.21
CA ASP C 198 66.89 -11.05 10.85
C ASP C 198 67.23 -9.62 10.39
N SER C 199 68.49 -9.34 10.19
CA SER C 199 68.93 -8.04 9.69
C SER C 199 70.41 -8.07 9.28
N TYR C 200 70.77 -7.23 8.34
CA TYR C 200 72.16 -7.11 7.91
C TYR C 200 72.61 -5.66 7.90
N LEU C 201 73.82 -5.43 8.33
CA LEU C 201 74.35 -4.08 8.38
C LEU C 201 75.27 -3.81 7.19
N ASP C 202 74.90 -2.82 6.39
CA ASP C 202 75.68 -2.44 5.21
C ASP C 202 76.73 -1.36 5.52
N GLU C 203 77.72 -1.24 4.65
CA GLU C 203 78.79 -0.28 4.82
C GLU C 203 78.43 1.06 4.17
N GLY C 204 77.24 1.11 3.57
CA GLY C 204 76.79 2.31 2.87
C GLY C 204 75.30 2.32 2.56
N PHE C 205 74.94 2.83 1.38
CA PHE C 205 73.54 2.97 0.95
C PHE C 205 73.06 1.84 0.02
N LEU C 206 71.86 1.34 0.31
CA LEU C 206 71.24 0.25 -0.48
C LEU C 206 70.12 0.76 -1.41
N LEU C 207 70.19 0.35 -2.69
CA LEU C 207 69.20 0.72 -3.72
C LEU C 207 68.74 -0.55 -4.47
N ASP C 208 67.50 -0.59 -4.98
CA ASP C 208 67.03 -1.80 -5.71
C ASP C 208 66.65 -1.51 -7.17
N LYS C 209 67.65 -1.42 -8.07
CA LYS C 209 67.38 -1.21 -9.52
C LYS C 209 68.52 -1.77 -10.41
N LYS C 210 68.24 -2.03 -11.70
CA LYS C 210 69.26 -2.55 -12.64
C LYS C 210 69.12 -1.91 -14.05
N ILE C 211 70.26 -1.74 -14.74
CA ILE C 211 70.29 -1.14 -16.09
C ILE C 211 69.46 -1.96 -17.09
N GLY C 212 69.74 -3.26 -17.06
CA GLY C 212 69.10 -4.22 -17.94
C GLY C 212 69.80 -5.56 -17.84
N VAL C 213 69.40 -6.54 -18.66
CA VAL C 213 70.03 -7.87 -18.60
C VAL C 213 71.53 -7.82 -18.93
N ASN C 214 71.90 -7.02 -19.93
CA ASN C 214 73.31 -6.85 -20.30
C ASN C 214 73.99 -5.84 -19.37
N GLN C 215 75.34 -5.73 -19.46
CA GLN C 215 76.19 -4.82 -18.63
C GLN C 215 77.00 -5.63 -17.61
N PRO C 216 78.22 -5.14 -17.21
CA PRO C 216 79.06 -5.86 -16.23
C PRO C 216 78.39 -6.05 -14.86
N LYS C 217 78.61 -7.22 -14.29
CA LYS C 217 78.05 -7.56 -12.98
C LYS C 217 78.59 -6.70 -11.81
N ARG C 218 79.89 -6.39 -11.82
CA ARG C 218 80.52 -5.65 -10.71
C ARG C 218 81.56 -4.60 -11.12
N ILE C 219 81.55 -3.47 -10.41
CA ILE C 219 82.48 -2.36 -10.64
C ILE C 219 83.35 -2.05 -9.40
N GLU C 220 84.57 -1.55 -9.62
CA GLU C 220 85.51 -1.21 -8.53
C GLU C 220 86.04 0.22 -8.70
N ASN C 221 86.36 0.90 -7.58
CA ASN C 221 86.83 2.31 -7.65
C ASN C 221 85.83 3.14 -8.44
N ALA C 222 84.58 2.82 -8.17
CA ALA C 222 83.44 3.40 -8.87
C ALA C 222 83.26 4.90 -8.78
N LYS C 223 82.87 5.46 -9.91
CA LYS C 223 82.56 6.88 -10.03
C LYS C 223 81.05 6.98 -10.19
N ILE C 224 80.40 7.84 -9.42
CA ILE C 224 78.93 7.93 -9.45
C ILE C 224 78.43 9.23 -10.07
N LEU C 225 77.50 9.08 -11.01
CA LEU C 225 76.95 10.22 -11.73
C LEU C 225 75.42 10.30 -11.51
N ILE C 226 74.93 11.47 -11.08
CA ILE C 226 73.49 11.72 -10.86
C ILE C 226 72.99 12.87 -11.74
N ALA C 227 71.99 12.64 -12.58
CA ALA C 227 71.48 13.71 -13.44
C ALA C 227 70.00 14.05 -13.21
N ASN C 228 69.74 15.35 -13.03
CA ASN C 228 68.37 15.88 -12.87
C ASN C 228 67.55 15.75 -14.15
N THR C 229 68.20 16.01 -15.28
CA THR C 229 67.53 15.97 -16.57
C THR C 229 67.68 14.60 -17.22
N GLY C 230 66.61 14.19 -17.87
CA GLY C 230 66.57 12.90 -18.51
C GLY C 230 67.45 12.78 -19.73
N MET C 231 67.79 11.53 -19.98
CA MET C 231 68.62 11.11 -21.09
C MET C 231 67.86 11.27 -22.43
N ASP C 232 66.51 11.22 -22.36
CA ASP C 232 65.64 11.28 -23.56
C ASP C 232 65.82 12.58 -24.37
N THR C 233 65.80 12.43 -25.70
CA THR C 233 65.98 13.56 -26.62
C THR C 233 65.04 13.51 -27.84
N ASP C 234 64.59 14.69 -28.31
CA ASP C 234 63.73 14.85 -29.52
C ASP C 234 62.94 16.18 -29.61
N LYS C 235 61.95 16.35 -28.74
CA LYS C 235 61.01 17.51 -28.76
C LYS C 235 61.56 18.94 -28.55
N ILE C 236 62.53 19.13 -27.63
CA ILE C 236 63.02 20.48 -27.21
C ILE C 236 61.82 21.48 -26.91
N LYS C 237 62.07 22.66 -26.32
CA LYS C 237 60.95 23.60 -25.98
C LYS C 237 60.12 24.04 -27.19
N ILE C 238 60.79 24.31 -28.30
CA ILE C 238 60.10 24.67 -29.54
C ILE C 238 60.37 23.52 -30.49
N PHE C 239 59.32 22.93 -31.01
CA PHE C 239 59.48 21.72 -31.82
C PHE C 239 60.35 21.88 -33.06
N GLY C 240 60.20 23.01 -33.72
CA GLY C 240 60.89 23.19 -34.98
C GLY C 240 60.07 22.44 -36.02
N SER C 241 58.89 22.02 -35.52
CA SER C 241 57.88 21.23 -36.23
C SER C 241 58.46 19.92 -36.77
N ARG C 242 57.61 19.03 -37.26
CA ARG C 242 58.19 17.85 -37.85
C ARG C 242 58.39 18.19 -39.31
N VAL C 243 59.64 18.13 -39.67
CA VAL C 243 60.14 18.55 -40.95
C VAL C 243 60.18 17.48 -42.03
N ARG C 244 60.18 17.99 -43.25
CA ARG C 244 60.32 17.21 -44.45
C ARG C 244 61.47 17.89 -45.17
N VAL C 245 62.25 17.17 -45.94
CA VAL C 245 63.39 17.80 -46.57
C VAL C 245 63.50 17.55 -48.06
N ASP C 246 64.25 18.43 -48.71
CA ASP C 246 64.48 18.38 -50.16
C ASP C 246 65.44 17.25 -50.55
N SER C 247 64.88 16.03 -50.56
CA SER C 247 65.55 14.77 -50.94
C SER C 247 65.89 13.91 -49.70
N THR C 248 66.27 12.68 -49.96
CA THR C 248 66.62 11.72 -48.90
C THR C 248 67.93 12.06 -48.20
N ALA C 249 68.74 12.86 -48.86
CA ALA C 249 70.06 13.24 -48.35
C ALA C 249 70.06 14.00 -47.01
N LYS C 250 69.13 14.92 -46.79
CA LYS C 250 69.17 15.72 -45.56
C LYS C 250 68.39 15.09 -44.39
N VAL C 251 67.60 14.05 -44.64
CA VAL C 251 66.88 13.34 -43.57
C VAL C 251 67.88 12.58 -42.69
N ALA C 252 68.97 12.17 -43.35
CA ALA C 252 70.07 11.41 -42.75
C ALA C 252 70.75 12.16 -41.60
N GLU C 253 70.95 13.48 -41.75
CA GLU C 253 71.62 14.27 -40.71
C GLU C 253 70.86 14.19 -39.37
N ILE C 254 69.53 14.14 -39.46
CA ILE C 254 68.71 14.05 -38.24
C ILE C 254 69.05 12.78 -37.45
N GLU C 255 69.12 11.64 -38.14
CA GLU C 255 69.51 10.38 -37.48
C GLU C 255 70.93 10.53 -36.90
N HIS C 256 71.78 11.18 -37.70
CA HIS C 256 73.18 11.44 -37.38
C HIS C 256 73.32 12.28 -36.10
N ALA C 257 72.41 13.25 -35.96
CA ALA C 257 72.40 14.15 -34.80
C ALA C 257 72.20 13.31 -33.53
N GLU C 258 71.40 12.27 -33.64
CA GLU C 258 71.15 11.33 -32.54
C GLU C 258 72.45 10.67 -32.08
N LYS C 259 73.29 10.33 -33.03
CA LYS C 259 74.58 9.71 -32.80
C LYS C 259 75.46 10.63 -31.94
N GLU C 260 75.36 11.94 -32.18
CA GLU C 260 76.15 12.93 -31.44
C GLU C 260 75.85 12.86 -29.92
N LYS C 261 74.58 12.69 -29.54
CA LYS C 261 74.25 12.55 -28.12
C LYS C 261 74.97 11.34 -27.53
N MET C 262 74.99 10.26 -28.31
CA MET C 262 75.70 9.03 -27.93
C MET C 262 77.21 9.31 -27.74
N LYS C 263 77.77 10.09 -28.68
CA LYS C 263 79.20 10.43 -28.69
C LYS C 263 79.68 11.18 -27.44
N GLU C 264 78.91 12.19 -27.04
CA GLU C 264 79.27 13.01 -25.90
C GLU C 264 79.31 12.23 -24.59
N LYS C 265 78.35 11.34 -24.44
CA LYS C 265 78.22 10.55 -23.22
C LYS C 265 79.41 9.60 -23.00
N VAL C 266 79.91 8.96 -24.05
CA VAL C 266 81.05 8.04 -23.92
C VAL C 266 82.43 8.73 -23.84
N GLU C 267 82.62 9.77 -24.65
CA GLU C 267 83.93 10.42 -24.76
C GLU C 267 84.45 11.05 -23.46
N ARG C 268 83.59 11.70 -22.69
CA ARG C 268 84.04 12.30 -21.44
C ARG C 268 83.73 11.42 -20.22
N ILE C 269 82.89 10.44 -20.42
CA ILE C 269 82.58 9.47 -19.39
C ILE C 269 83.82 8.58 -19.15
N LEU C 270 84.45 8.22 -20.26
CA LEU C 270 85.65 7.41 -20.26
C LEU C 270 86.82 8.04 -19.47
N LYS C 271 87.02 9.36 -19.62
CA LYS C 271 88.12 10.05 -18.91
C LYS C 271 87.98 9.92 -17.39
N HIS C 272 86.73 10.03 -16.94
CA HIS C 272 86.37 9.93 -15.52
C HIS C 272 86.60 8.50 -15.02
N GLY C 273 86.27 7.53 -15.88
CA GLY C 273 86.38 6.14 -15.50
C GLY C 273 85.07 5.60 -14.98
N ILE C 274 84.03 6.44 -15.13
CA ILE C 274 82.64 6.17 -14.72
C ILE C 274 82.31 4.68 -14.53
N ASN C 275 81.93 4.32 -13.33
CA ASN C 275 81.58 2.93 -13.06
C ASN C 275 80.07 2.74 -12.87
N CYS C 276 79.37 3.79 -12.44
CA CYS C 276 77.92 3.69 -12.23
C CYS C 276 77.20 5.02 -12.47
N PHE C 277 76.04 4.94 -13.09
CA PHE C 277 75.23 6.12 -13.36
C PHE C 277 73.84 5.98 -12.74
N ILE C 278 73.41 6.97 -11.97
CA ILE C 278 72.08 6.92 -11.36
C ILE C 278 71.22 8.12 -11.81
N ASN C 279 70.10 7.83 -12.44
CA ASN C 279 69.20 8.88 -12.95
C ASN C 279 67.80 8.76 -12.36
N ARG C 280 67.25 9.85 -11.83
CA ARG C 280 65.90 9.80 -11.27
C ARG C 280 64.85 10.22 -12.31
N GLN C 281 64.52 9.28 -13.20
CA GLN C 281 63.44 9.43 -14.22
C GLN C 281 63.64 8.44 -15.37
N LEU C 282 63.02 8.73 -16.51
CA LEU C 282 63.12 7.88 -17.69
C LEU C 282 64.52 7.97 -18.32
N ILE C 283 65.01 6.87 -18.87
CA ILE C 283 66.34 6.80 -19.46
C ILE C 283 66.29 6.45 -20.95
N TYR C 284 67.04 7.21 -21.73
CA TYR C 284 67.09 7.06 -23.16
C TYR C 284 67.80 5.75 -23.56
N ASN C 285 67.23 5.07 -24.54
CA ASN C 285 67.72 3.76 -25.01
C ASN C 285 69.13 3.73 -25.65
N TYR C 286 69.48 4.73 -26.46
CA TYR C 286 70.79 4.74 -27.16
C TYR C 286 72.02 4.53 -26.26
N PRO C 287 72.16 5.27 -25.14
CA PRO C 287 73.30 5.13 -24.22
C PRO C 287 73.43 3.73 -23.62
N GLU C 288 72.31 3.04 -23.54
CA GLU C 288 72.26 1.74 -22.89
C GLU C 288 73.19 0.72 -23.56
N GLN C 289 73.27 0.71 -24.89
CA GLN C 289 74.17 -0.22 -25.57
C GLN C 289 75.63 0.13 -25.28
N LEU C 290 75.89 1.44 -25.27
CA LEU C 290 77.21 2.03 -25.02
C LEU C 290 77.79 1.69 -23.63
N PHE C 291 76.95 1.81 -22.60
CA PHE C 291 77.36 1.53 -21.22
C PHE C 291 77.85 0.09 -21.01
N GLY C 292 77.16 -0.87 -21.64
CA GLY C 292 77.56 -2.26 -21.52
C GLY C 292 78.97 -2.56 -22.04
N ALA C 293 79.31 -1.95 -23.18
CA ALA C 293 80.65 -2.14 -23.77
C ALA C 293 81.74 -1.45 -22.94
N ALA C 294 81.42 -0.27 -22.45
CA ALA C 294 82.33 0.53 -21.62
C ALA C 294 82.66 -0.17 -20.30
N GLY C 295 81.64 -0.79 -19.73
CA GLY C 295 81.78 -1.45 -18.45
C GLY C 295 81.24 -0.58 -17.34
N VAL C 296 80.13 0.09 -17.65
CA VAL C 296 79.48 1.03 -16.75
C VAL C 296 78.05 0.60 -16.41
N MET C 297 77.73 0.59 -15.13
CA MET C 297 76.40 0.20 -14.68
C MET C 297 75.52 1.42 -14.36
N ALA C 298 74.40 1.53 -15.07
CA ALA C 298 73.46 2.65 -14.91
C ALA C 298 72.14 2.19 -14.25
N ILE C 299 71.45 3.12 -13.62
CA ILE C 299 70.20 2.79 -12.95
C ILE C 299 69.01 3.58 -13.51
N GLU C 300 68.02 2.84 -14.02
CA GLU C 300 66.82 3.44 -14.63
C GLU C 300 65.73 3.76 -13.60
N HIS C 301 65.23 4.99 -13.66
CA HIS C 301 64.15 5.47 -12.77
C HIS C 301 64.49 5.37 -11.28
N ALA C 302 65.72 5.69 -10.92
CA ALA C 302 66.12 5.64 -9.51
C ALA C 302 65.29 6.61 -8.68
N ASP C 303 64.89 6.20 -7.47
CA ASP C 303 64.08 7.07 -6.62
C ASP C 303 64.87 8.28 -6.13
N PHE C 304 64.21 9.44 -6.23
CA PHE C 304 64.80 10.73 -5.90
C PHE C 304 65.26 10.81 -4.44
N VAL C 305 64.47 10.26 -3.52
CA VAL C 305 64.83 10.30 -2.10
C VAL C 305 66.17 9.58 -1.84
N GLY C 306 66.39 8.46 -2.51
CA GLY C 306 67.68 7.77 -2.39
C GLY C 306 68.83 8.63 -2.88
N VAL C 307 68.57 9.34 -3.98
CA VAL C 307 69.53 10.22 -4.64
C VAL C 307 70.02 11.38 -3.74
N GLU C 308 69.10 12.08 -3.11
CA GLU C 308 69.47 13.22 -2.24
C GLU C 308 70.35 12.79 -1.07
N ARG C 309 70.04 11.64 -0.50
CA ARG C 309 70.84 11.09 0.60
C ARG C 309 72.23 10.71 0.10
N LEU C 310 72.23 10.14 -1.11
CA LEU C 310 73.45 9.67 -1.76
C LEU C 310 74.44 10.83 -1.99
N ALA C 311 73.92 11.99 -2.37
CA ALA C 311 74.77 13.17 -2.59
C ALA C 311 75.53 13.56 -1.32
N LEU C 312 74.84 13.55 -0.19
CA LEU C 312 75.49 13.83 1.09
C LEU C 312 76.60 12.80 1.33
N VAL C 313 76.27 11.55 0.98
CA VAL C 313 77.15 10.38 1.13
C VAL C 313 78.49 10.45 0.34
N THR C 314 78.41 10.84 -0.93
CA THR C 314 79.59 10.85 -1.82
C THR C 314 80.21 12.25 -2.01
N GLY C 315 79.78 13.21 -1.20
CA GLY C 315 80.25 14.58 -1.34
C GLY C 315 79.40 15.39 -2.29
N GLY C 316 78.53 14.68 -2.99
CA GLY C 316 77.57 15.30 -3.88
C GLY C 316 78.11 15.84 -5.17
N GLU C 317 77.21 16.45 -5.91
CA GLU C 317 77.49 17.07 -7.18
C GLU C 317 76.42 18.07 -7.57
N ILE C 318 76.68 18.85 -8.60
CA ILE C 318 75.67 19.77 -9.08
C ILE C 318 75.04 19.10 -10.32
N ALA C 319 73.74 18.87 -10.26
CA ALA C 319 73.07 18.17 -11.36
C ALA C 319 72.34 19.11 -12.29
N SER C 320 72.76 19.06 -13.55
CA SER C 320 72.23 19.87 -14.62
C SER C 320 72.27 19.08 -15.93
N THR C 321 72.58 19.74 -17.03
CA THR C 321 72.67 19.08 -18.33
C THR C 321 73.96 18.29 -18.43
N PHE C 322 74.07 17.46 -19.48
CA PHE C 322 75.22 16.54 -19.74
C PHE C 322 76.64 17.06 -19.45
N ASP C 323 76.77 18.34 -19.19
CA ASP C 323 78.05 18.95 -18.80
C ASP C 323 78.45 18.46 -17.39
N HIS C 324 77.43 17.99 -16.66
CA HIS C 324 77.50 17.52 -15.26
C HIS C 324 78.72 16.60 -14.85
N PRO C 325 79.23 15.66 -15.69
CA PRO C 325 80.40 14.77 -15.36
C PRO C 325 81.65 15.45 -14.75
N GLU C 326 82.77 14.73 -14.80
CA GLU C 326 84.09 15.17 -14.28
C GLU C 326 84.05 15.92 -12.92
N LEU C 327 84.72 17.08 -12.84
CA LEU C 327 84.86 17.86 -11.58
C LEU C 327 83.54 18.32 -10.97
N VAL C 328 82.58 18.75 -11.78
CA VAL C 328 81.28 19.18 -11.25
C VAL C 328 80.66 18.07 -10.37
N LYS C 329 80.98 16.81 -10.69
CA LYS C 329 80.52 15.66 -9.88
C LYS C 329 81.63 14.98 -9.07
N LEU C 330 81.31 14.63 -7.83
CA LEU C 330 82.24 13.94 -6.93
C LEU C 330 81.80 12.49 -6.73
N GLY C 331 82.72 11.55 -6.88
CA GLY C 331 82.35 10.16 -6.68
C GLY C 331 83.23 9.42 -5.68
N SER C 332 82.61 8.84 -4.65
CA SER C 332 83.33 8.03 -3.67
C SER C 332 83.75 6.73 -4.36
N CYS C 333 84.77 6.05 -3.89
CA CYS C 333 85.24 4.88 -4.64
C CYS C 333 85.58 3.59 -3.87
N LYS C 334 84.72 3.05 -3.00
CA LYS C 334 85.13 1.78 -2.38
C LYS C 334 84.66 0.59 -3.22
N LEU C 335 83.39 0.21 -3.10
CA LEU C 335 82.88 -0.91 -3.89
C LEU C 335 81.38 -0.77 -4.22
N ILE C 336 81.03 -0.84 -5.50
CA ILE C 336 79.63 -0.84 -5.90
C ILE C 336 79.32 -2.13 -6.67
N GLU C 337 78.40 -2.91 -6.16
CA GLU C 337 78.06 -4.17 -6.82
C GLU C 337 76.63 -4.60 -6.55
N GLU C 338 76.12 -5.46 -7.40
CA GLU C 338 74.78 -5.98 -7.19
C GLU C 338 74.94 -7.37 -6.57
N VAL C 339 74.39 -7.52 -5.38
CA VAL C 339 74.53 -8.75 -4.60
C VAL C 339 73.19 -9.34 -4.19
N MET C 340 73.02 -10.63 -4.45
CA MET C 340 71.80 -11.30 -4.06
C MET C 340 71.71 -11.34 -2.52
N ILE C 341 70.56 -11.00 -1.99
CA ILE C 341 70.33 -10.99 -0.55
C ILE C 341 69.21 -11.94 -0.20
N GLY C 342 69.51 -12.94 0.63
CA GLY C 342 68.56 -14.00 0.99
C GLY C 342 67.87 -14.66 -0.22
N GLU C 343 67.14 -13.88 -1.00
CA GLU C 343 66.47 -14.36 -2.21
C GLU C 343 66.40 -13.29 -3.32
N ASP C 344 66.13 -12.03 -2.91
CA ASP C 344 66.01 -10.91 -3.84
C ASP C 344 67.38 -10.32 -4.24
N LYS C 345 67.42 -9.63 -5.37
CA LYS C 345 68.66 -9.01 -5.86
C LYS C 345 68.66 -7.51 -5.51
N LEU C 346 69.75 -7.07 -4.88
CA LEU C 346 69.89 -5.67 -4.45
C LEU C 346 71.23 -5.09 -4.90
N ILE C 347 71.30 -3.76 -5.03
CA ILE C 347 72.57 -3.12 -5.42
C ILE C 347 73.10 -2.35 -4.22
N HIS C 348 74.36 -2.61 -3.89
CA HIS C 348 74.96 -2.01 -2.70
C HIS C 348 76.02 -0.95 -2.99
N PHE C 349 75.79 0.22 -2.44
CA PHE C 349 76.72 1.32 -2.51
C PHE C 349 77.44 1.32 -1.15
N SER C 350 78.75 1.27 -1.13
CA SER C 350 79.45 1.18 0.15
C SER C 350 80.82 1.83 0.21
N GLY C 351 81.35 1.92 1.44
CA GLY C 351 82.68 2.46 1.65
C GLY C 351 82.79 3.97 1.53
N VAL C 352 81.74 4.68 1.88
CA VAL C 352 81.78 6.13 1.78
C VAL C 352 82.79 6.70 2.79
N ALA C 353 83.79 7.39 2.24
CA ALA C 353 84.88 7.98 3.02
C ALA C 353 84.42 9.03 4.04
N LEU C 354 83.47 9.85 3.64
CA LEU C 354 82.93 10.91 4.49
C LEU C 354 82.33 10.31 5.79
N GLY C 355 81.48 9.30 5.66
CA GLY C 355 80.96 8.56 6.83
C GLY C 355 79.70 9.09 7.49
N GLU C 356 79.27 10.28 7.10
CA GLU C 356 78.07 10.91 7.70
C GLU C 356 76.80 10.08 7.47
N ALA C 357 76.68 9.52 6.26
CA ALA C 357 75.48 8.78 5.84
C ALA C 357 75.65 7.25 5.78
N CYS C 358 74.69 6.54 6.39
CA CYS C 358 74.70 5.07 6.42
C CYS C 358 73.30 4.44 6.22
N THR C 359 73.28 3.17 5.81
CA THR C 359 72.01 2.43 5.56
C THR C 359 71.95 1.05 6.27
N ILE C 360 70.76 0.73 6.80
CA ILE C 360 70.51 -0.55 7.51
C ILE C 360 69.48 -1.40 6.75
N VAL C 361 69.77 -2.67 6.51
CA VAL C 361 68.82 -3.55 5.82
C VAL C 361 68.27 -4.65 6.75
N LEU C 362 66.95 -4.66 6.92
CA LEU C 362 66.28 -5.64 7.76
C LEU C 362 65.84 -6.88 6.95
N ARG C 363 65.80 -8.03 7.59
CA ARG C 363 65.38 -9.27 6.93
C ARG C 363 64.31 -9.97 7.79
N GLY C 364 63.42 -10.76 7.19
CA GLY C 364 62.40 -11.38 8.03
C GLY C 364 61.64 -12.56 7.45
N ALA C 365 60.75 -13.07 8.27
CA ALA C 365 59.94 -14.26 7.99
C ALA C 365 59.03 -14.16 6.74
N THR C 366 58.44 -12.98 6.49
CA THR C 366 57.52 -12.72 5.34
C THR C 366 56.07 -12.54 5.80
N GLN C 367 55.92 -12.24 7.07
CA GLN C 367 54.61 -12.04 7.64
C GLN C 367 54.30 -10.59 7.87
N GLN C 368 53.05 -10.37 8.05
CA GLN C 368 52.51 -9.08 8.39
C GLN C 368 53.13 -8.65 9.72
N ILE C 369 53.31 -9.67 10.56
CA ILE C 369 53.91 -9.53 11.88
C ILE C 369 55.34 -8.99 11.66
N LEU C 370 55.96 -9.44 10.57
CA LEU C 370 57.29 -8.97 10.14
C LEU C 370 57.28 -7.46 9.86
N ASP C 371 56.20 -6.97 9.25
CA ASP C 371 56.06 -5.54 8.92
C ASP C 371 56.12 -4.71 10.20
N GLU C 372 55.93 -5.41 11.32
CA GLU C 372 56.00 -4.86 12.65
C GLU C 372 57.41 -4.26 12.86
N ALA C 373 58.42 -4.95 12.33
CA ALA C 373 59.82 -4.51 12.48
C ALA C 373 59.99 -3.11 11.91
N GLU C 374 59.33 -2.80 10.79
CA GLU C 374 59.42 -1.45 10.21
C GLU C 374 58.90 -0.38 11.20
N ARG C 375 57.81 -0.70 11.89
CA ARG C 375 57.22 0.25 12.85
C ARG C 375 58.12 0.44 14.09
N SER C 376 58.70 -0.67 14.57
CA SER C 376 59.57 -0.66 15.75
C SER C 376 60.89 0.04 15.51
N LEU C 377 61.42 -0.19 14.33
CA LEU C 377 62.68 0.40 13.90
C LEU C 377 62.66 1.91 13.87
N HIS C 378 61.60 2.46 13.32
CA HIS C 378 61.45 3.90 13.20
C HIS C 378 61.49 4.50 14.61
N ASP C 379 60.83 3.79 15.50
CA ASP C 379 60.74 4.19 16.90
C ASP C 379 62.11 4.19 17.58
N ALA C 380 62.89 3.17 17.22
CA ALA C 380 64.24 2.96 17.78
C ALA C 380 65.26 4.02 17.38
N LEU C 381 65.22 4.44 16.11
CA LEU C 381 66.19 5.42 15.62
C LEU C 381 66.07 6.71 16.44
N CYS C 382 64.84 7.15 16.61
CA CYS C 382 64.57 8.35 17.40
C CYS C 382 64.94 8.20 18.89
N VAL C 383 64.66 7.02 19.47
CA VAL C 383 64.95 6.75 20.90
C VAL C 383 66.43 6.89 21.27
N LEU C 384 67.29 6.24 20.49
CA LEU C 384 68.74 6.22 20.79
C LEU C 384 69.43 7.58 20.67
N ALA C 385 69.07 8.36 19.67
CA ALA C 385 69.69 9.67 19.49
C ALA C 385 69.45 10.56 20.71
N GLN C 386 68.23 10.52 21.18
CA GLN C 386 67.87 11.30 22.34
C GLN C 386 68.50 10.79 23.65
N THR C 387 68.56 9.47 23.80
CA THR C 387 69.17 8.87 25.01
C THR C 387 70.64 9.24 25.19
N VAL C 388 71.38 9.25 24.09
CA VAL C 388 72.81 9.55 24.14
C VAL C 388 73.19 10.95 24.68
N LYS C 389 72.46 12.00 24.32
CA LYS C 389 72.82 13.34 24.80
C LYS C 389 71.84 14.00 25.78
N ASP C 390 70.69 13.41 26.04
CA ASP C 390 69.76 14.01 27.01
C ASP C 390 70.29 13.87 28.44
N SER C 391 71.20 12.90 28.62
CA SER C 391 71.82 12.57 29.91
C SER C 391 70.78 12.41 31.03
N ARG C 392 69.53 12.17 30.67
CA ARG C 392 68.50 12.05 31.68
C ARG C 392 67.41 11.02 31.28
N THR C 393 66.99 10.19 32.23
CA THR C 393 65.96 9.13 32.00
C THR C 393 65.12 8.84 33.25
N VAL C 394 64.03 8.11 33.11
CA VAL C 394 63.19 7.73 34.25
C VAL C 394 62.93 6.23 34.23
N TYR C 395 62.56 5.65 35.36
CA TYR C 395 62.30 4.21 35.39
C TYR C 395 61.00 3.93 34.64
N GLY C 396 61.05 2.93 33.76
CA GLY C 396 59.90 2.58 32.93
C GLY C 396 58.99 1.54 33.53
N GLY C 397 58.05 1.04 32.73
CA GLY C 397 57.12 0.04 33.21
C GLY C 397 56.11 0.59 34.19
N GLY C 398 55.87 1.89 34.10
CA GLY C 398 54.91 2.55 34.98
C GLY C 398 55.44 2.88 36.36
N CYS C 399 56.75 2.73 36.58
CA CYS C 399 57.33 3.04 37.90
C CYS C 399 57.10 4.50 38.28
N SER C 400 57.37 5.37 37.32
CA SER C 400 57.19 6.81 37.51
C SER C 400 55.75 7.21 37.82
N GLU C 401 54.81 6.56 37.14
CA GLU C 401 53.40 6.91 37.28
C GLU C 401 52.79 6.58 38.63
N MET C 402 53.14 5.44 39.23
CA MET C 402 52.56 5.09 40.51
C MET C 402 53.10 6.03 41.61
N LEU C 403 54.40 6.32 41.54
CA LEU C 403 55.06 7.18 42.53
C LEU C 403 54.43 8.56 42.59
N MET C 404 54.28 9.18 41.42
CA MET C 404 53.66 10.49 41.33
C MET C 404 52.22 10.47 41.86
N ALA C 405 51.47 9.41 41.55
CA ALA C 405 50.09 9.28 42.01
C ALA C 405 49.98 9.31 43.54
N HIS C 406 50.86 8.57 44.22
CA HIS C 406 50.88 8.57 45.69
C HIS C 406 51.14 9.99 46.24
N ALA C 407 52.09 10.68 45.60
CA ALA C 407 52.49 12.04 46.00
C ALA C 407 51.38 13.08 45.76
N VAL C 408 50.69 12.95 44.64
CA VAL C 408 49.61 13.89 44.29
C VAL C 408 48.36 13.73 45.20
N THR C 409 48.10 12.51 45.68
CA THR C 409 46.97 12.28 46.61
C THR C 409 47.15 13.10 47.90
N GLN C 410 48.38 13.17 48.39
CA GLN C 410 48.76 13.93 49.59
C GLN C 410 48.46 15.41 49.40
N LEU C 411 48.72 15.87 48.18
CA LEU C 411 48.55 17.25 47.82
C LEU C 411 47.09 17.66 48.03
N ALA C 412 46.17 16.78 47.66
CA ALA C 412 44.77 17.00 47.95
C ALA C 412 44.59 16.86 49.47
N SER C 413 43.77 17.73 50.08
CA SER C 413 43.53 17.74 51.55
C SER C 413 44.52 18.69 52.24
N ARG C 414 45.82 18.57 51.90
CA ARG C 414 46.84 19.47 52.46
C ARG C 414 46.55 20.93 52.11
N THR C 415 46.12 21.17 50.88
CA THR C 415 45.73 22.52 50.47
C THR C 415 44.32 22.75 51.05
N PRO C 416 44.01 23.97 51.55
CA PRO C 416 42.71 24.19 52.23
C PRO C 416 41.45 24.17 51.36
N GLY C 417 40.95 25.35 51.01
CA GLY C 417 39.71 25.42 50.24
C GLY C 417 39.95 25.85 48.82
N LYS C 418 38.99 25.57 47.93
CA LYS C 418 39.13 25.94 46.52
C LYS C 418 40.21 25.13 45.79
N GLU C 419 41.40 25.13 46.36
CA GLU C 419 42.59 24.51 45.76
C GLU C 419 42.57 22.96 45.64
N ALA C 420 42.06 22.33 46.68
CA ALA C 420 42.01 20.85 46.83
C ALA C 420 41.23 20.00 45.78
N VAL C 421 40.06 20.45 45.30
CA VAL C 421 39.20 19.57 44.47
C VAL C 421 39.83 19.04 43.15
N ALA C 422 40.40 19.92 42.35
CA ALA C 422 41.02 19.49 41.09
C ALA C 422 42.31 18.69 41.29
N MET C 423 43.06 19.04 42.33
CA MET C 423 44.34 18.39 42.58
C MET C 423 44.18 16.88 42.78
N GLU C 424 43.14 16.45 43.50
CA GLU C 424 42.90 15.02 43.67
C GLU C 424 42.51 14.37 42.33
N SER C 425 41.69 15.06 41.52
CA SER C 425 41.27 14.51 40.23
C SER C 425 42.46 14.31 39.30
N TYR C 426 43.37 15.27 39.33
CA TYR C 426 44.60 15.17 38.56
C TYR C 426 45.39 13.94 39.03
N ALA C 427 45.37 13.75 40.36
CA ALA C 427 46.06 12.65 41.05
C ALA C 427 45.61 11.26 40.61
N LYS C 428 44.31 11.07 40.42
CA LYS C 428 43.77 9.77 40.00
C LYS C 428 44.16 9.45 38.55
N ALA C 429 44.54 10.48 37.80
CA ALA C 429 44.95 10.35 36.39
C ALA C 429 46.19 9.43 36.27
N LEU C 430 47.02 9.42 37.24
CA LEU C 430 48.20 8.56 37.20
C LEU C 430 47.85 7.06 37.32
N ARG C 431 46.75 6.77 38.00
CA ARG C 431 46.29 5.38 38.26
C ARG C 431 45.99 4.54 36.99
N MET C 432 45.38 5.10 35.96
CA MET C 432 45.06 4.31 34.75
C MET C 432 46.29 3.69 34.07
N LEU C 433 47.41 4.41 33.98
CA LEU C 433 48.63 3.85 33.37
C LEU C 433 49.03 2.48 33.96
N PRO C 434 49.11 2.31 35.28
CA PRO C 434 49.36 0.99 35.87
C PRO C 434 48.41 -0.08 35.32
N THR C 435 47.16 0.31 35.14
CA THR C 435 46.11 -0.56 34.59
C THR C 435 46.36 -0.90 33.12
N ILE C 436 46.81 0.07 32.34
CA ILE C 436 47.08 -0.11 30.90
C ILE C 436 48.22 -1.12 30.67
N ILE C 437 49.25 -1.04 31.50
CA ILE C 437 50.39 -1.92 31.37
C ILE C 437 50.06 -3.39 31.76
N ALA C 438 49.27 -3.56 32.82
CA ALA C 438 48.87 -4.90 33.28
C ALA C 438 47.91 -5.64 32.36
N ASP C 439 46.92 -4.92 31.83
CA ASP C 439 45.87 -5.53 30.99
C ASP C 439 46.41 -6.20 29.73
N ASN C 440 47.37 -5.55 29.08
CA ASN C 440 47.96 -6.09 27.86
C ASN C 440 48.84 -7.32 28.13
N ALA C 441 49.19 -7.55 29.40
CA ALA C 441 50.05 -8.67 29.77
C ALA C 441 49.25 -9.94 30.08
N GLY C 442 47.93 -9.87 30.04
CA GLY C 442 47.12 -11.05 30.30
C GLY C 442 46.93 -11.38 31.77
N TYR C 443 47.25 -10.45 32.62
CA TYR C 443 47.10 -10.66 34.05
C TYR C 443 45.96 -9.80 34.54
N ASP C 444 45.27 -10.25 35.58
CA ASP C 444 44.11 -9.52 36.06
C ASP C 444 44.51 -8.12 36.53
N SER C 445 43.91 -7.13 35.87
CA SER C 445 44.17 -5.72 36.14
C SER C 445 43.82 -5.32 37.55
N ALA C 446 42.69 -5.83 38.04
CA ALA C 446 42.26 -5.51 39.39
C ALA C 446 43.29 -5.94 40.44
N ASP C 447 43.73 -7.18 40.36
CA ASP C 447 44.73 -7.71 41.30
C ASP C 447 46.04 -6.92 41.21
N LEU C 448 46.45 -6.62 39.98
CA LEU C 448 47.70 -5.91 39.71
C LEU C 448 47.78 -4.49 40.33
N VAL C 449 46.70 -3.73 40.27
CA VAL C 449 46.71 -2.36 40.78
C VAL C 449 47.04 -2.30 42.27
N ALA C 450 46.40 -3.17 43.04
CA ALA C 450 46.61 -3.24 44.49
C ALA C 450 48.05 -3.54 44.90
N GLN C 451 48.61 -4.59 44.29
CA GLN C 451 49.97 -5.02 44.60
C GLN C 451 51.02 -4.02 44.08
N LEU C 452 50.72 -3.40 42.96
CA LEU C 452 51.61 -2.39 42.36
C LEU C 452 51.88 -1.20 43.27
N ARG C 453 50.81 -0.63 43.81
CA ARG C 453 50.90 0.57 44.63
C ARG C 453 51.77 0.39 45.88
N ALA C 454 51.65 -0.77 46.53
CA ALA C 454 52.43 -1.02 47.74
C ALA C 454 53.96 -0.96 47.53
N ALA C 455 54.47 -1.48 46.42
CA ALA C 455 55.92 -1.46 46.15
C ALA C 455 56.47 -0.04 45.87
N HIS C 456 55.71 0.74 45.12
CA HIS C 456 56.06 2.14 44.77
C HIS C 456 56.06 3.04 46.02
N SER C 457 55.07 2.81 46.86
CA SER C 457 54.85 3.54 48.11
C SER C 457 56.08 3.38 49.03
N GLU C 458 56.66 2.18 49.02
CA GLU C 458 57.82 1.82 49.85
C GLU C 458 59.02 2.74 49.57
N GLY C 459 59.27 3.08 48.32
CA GLY C 459 60.39 3.95 48.03
C GLY C 459 61.40 3.40 47.06
N LYS C 460 61.12 2.25 46.46
CA LYS C 460 62.03 1.72 45.47
C LYS C 460 61.57 2.20 44.11
N THR C 461 62.27 3.19 43.57
CA THR C 461 61.93 3.76 42.27
C THR C 461 62.25 2.76 41.15
N THR C 462 63.11 1.81 41.50
CA THR C 462 63.51 0.75 40.59
C THR C 462 62.36 -0.23 40.32
N ALA C 463 61.58 -0.54 41.35
CA ALA C 463 60.44 -1.47 41.23
C ALA C 463 59.32 -0.94 40.33
N GLY C 464 58.75 -1.81 39.52
CA GLY C 464 57.68 -1.44 38.58
C GLY C 464 56.82 -2.62 38.14
N LEU C 465 56.18 -2.49 36.97
CA LEU C 465 55.33 -3.57 36.45
C LEU C 465 56.09 -4.55 35.57
N ASP C 466 56.10 -5.81 35.99
CA ASP C 466 56.72 -6.82 35.16
C ASP C 466 55.61 -7.69 34.59
N MET C 467 55.40 -7.54 33.32
CA MET C 467 54.39 -8.27 32.58
C MET C 467 54.66 -9.77 32.45
N LYS C 468 55.90 -10.13 32.20
CA LYS C 468 56.25 -11.55 32.10
C LYS C 468 55.96 -12.24 33.44
N GLU C 469 56.27 -11.54 34.52
CA GLU C 469 56.02 -11.99 35.90
C GLU C 469 54.52 -12.07 36.23
N GLY C 470 53.79 -11.08 35.74
CA GLY C 470 52.35 -10.98 36.03
C GLY C 470 52.06 -10.15 37.28
N THR C 471 53.12 -9.83 38.00
CA THR C 471 53.02 -9.02 39.22
C THR C 471 53.92 -7.78 39.14
N ILE C 472 54.71 -7.58 40.18
CA ILE C 472 55.62 -6.45 40.29
C ILE C 472 57.07 -6.94 40.42
N GLY C 473 58.02 -6.15 39.93
CA GLY C 473 59.42 -6.55 40.01
C GLY C 473 60.39 -5.38 39.85
N ASP C 474 61.67 -5.67 39.73
CA ASP C 474 62.67 -4.59 39.60
C ASP C 474 62.87 -4.23 38.13
N MET C 475 62.38 -3.05 37.80
CA MET C 475 62.42 -2.47 36.45
C MET C 475 63.86 -2.31 35.94
N SER C 476 64.76 -1.89 36.84
CA SER C 476 66.17 -1.62 36.52
C SER C 476 66.89 -2.87 35.99
N VAL C 477 66.61 -4.02 36.58
CA VAL C 477 67.23 -5.29 36.14
C VAL C 477 66.87 -5.54 34.66
N LEU C 478 65.61 -5.28 34.34
CA LEU C 478 65.09 -5.40 32.98
C LEU C 478 65.86 -4.46 32.04
N GLY C 479 66.15 -3.26 32.54
CA GLY C 479 66.82 -2.25 31.74
C GLY C 479 65.82 -1.39 31.01
N ILE C 480 64.66 -1.25 31.63
CA ILE C 480 63.58 -0.48 31.04
C ILE C 480 63.65 0.97 31.54
N THR C 481 63.86 1.88 30.61
CA THR C 481 63.97 3.29 30.95
C THR C 481 63.29 4.18 29.91
N GLU C 482 62.82 5.33 30.36
CA GLU C 482 62.16 6.31 29.50
C GLU C 482 62.98 7.59 29.55
N SER C 483 63.13 8.29 28.43
CA SER C 483 63.94 9.51 28.47
C SER C 483 63.26 10.62 29.27
N PHE C 484 64.06 11.46 29.89
CA PHE C 484 63.56 12.55 30.74
C PHE C 484 62.67 13.53 30.00
N GLN C 485 63.08 13.92 28.81
CA GLN C 485 62.29 14.86 27.99
C GLN C 485 60.90 14.31 27.66
N VAL C 486 60.78 13.01 27.34
CA VAL C 486 59.46 12.49 26.95
C VAL C 486 58.48 12.70 28.09
N LYS C 487 58.87 12.36 29.29
CA LYS C 487 58.01 12.60 30.43
C LYS C 487 57.86 14.09 30.77
N ARG C 488 58.96 14.85 30.67
CA ARG C 488 58.91 16.27 30.98
C ARG C 488 58.06 17.12 30.05
N GLN C 489 58.14 16.86 28.77
CA GLN C 489 57.41 17.69 27.81
C GLN C 489 55.90 17.48 27.89
N VAL C 490 55.47 16.24 28.08
CA VAL C 490 54.03 15.92 28.16
C VAL C 490 53.34 16.60 29.35
N LEU C 491 53.98 16.59 30.52
CA LEU C 491 53.37 17.20 31.70
C LEU C 491 53.15 18.70 31.50
N LEU C 492 54.11 19.39 30.88
CA LEU C 492 53.91 20.81 30.58
C LEU C 492 52.82 21.02 29.54
N SER C 493 52.76 20.17 28.51
CA SER C 493 51.71 20.32 27.48
C SER C 493 50.30 20.14 28.05
N ALA C 494 50.17 19.16 28.95
CA ALA C 494 48.89 18.86 29.62
C ALA C 494 48.46 20.02 30.54
N ALA C 495 49.45 20.59 31.22
CA ALA C 495 49.26 21.68 32.18
C ALA C 495 49.71 23.05 31.62
N GLU C 496 49.80 23.17 30.30
CA GLU C 496 50.26 24.41 29.65
C GLU C 496 49.07 25.34 29.36
N ALA C 497 48.35 25.02 28.29
CA ALA C 497 47.17 25.78 27.88
C ALA C 497 46.13 25.71 28.99
N ALA C 498 46.21 24.62 29.71
CA ALA C 498 45.34 24.35 30.83
C ALA C 498 45.49 25.44 31.89
N GLU C 499 46.73 25.87 32.12
CA GLU C 499 47.01 26.96 33.03
C GLU C 499 46.70 28.27 32.29
N VAL C 500 46.30 29.31 33.03
CA VAL C 500 45.96 30.65 32.49
C VAL C 500 44.55 30.69 31.89
N ILE C 501 44.16 29.65 31.14
CA ILE C 501 42.83 29.65 30.55
C ILE C 501 41.93 28.83 31.47
N LEU C 502 40.91 29.51 31.98
CA LEU C 502 40.04 29.00 33.05
C LEU C 502 41.03 28.78 34.20
N ARG C 503 42.18 29.50 34.04
CA ARG C 503 43.39 29.43 34.87
C ARG C 503 43.31 28.50 36.04
N VAL C 504 43.51 27.18 35.73
CA VAL C 504 43.52 26.10 36.72
C VAL C 504 43.23 24.66 36.01
N ASP C 505 42.93 23.49 36.72
CA ASP C 505 42.69 22.05 36.16
C ASP C 505 41.22 21.46 35.98
N ASN C 506 40.97 20.92 34.75
CA ASN C 506 39.69 20.30 34.21
C ASN C 506 39.24 21.14 33.00
N ILE C 507 40.04 20.97 31.95
CA ILE C 507 40.04 21.78 30.70
C ILE C 507 38.92 21.74 29.66
N ILE C 508 39.42 22.47 28.65
CA ILE C 508 38.95 22.72 27.31
C ILE C 508 37.52 23.17 27.06
N LYS C 509 36.59 22.23 26.85
CA LYS C 509 35.22 22.56 26.39
C LYS C 509 35.25 23.50 25.15
N ALA C 510 34.17 23.54 24.40
CA ALA C 510 34.13 24.35 23.17
C ALA C 510 33.89 25.82 23.38
N ALA C 511 34.13 26.56 22.31
CA ALA C 511 33.96 27.98 22.35
C ALA C 511 32.94 28.51 21.27
N PRO C 512 33.31 29.18 20.11
CA PRO C 512 32.32 29.76 19.20
C PRO C 512 31.82 28.85 18.07
N ARG C 513 30.91 29.45 17.25
CA ARG C 513 30.27 28.85 16.06
C ARG C 513 28.81 28.43 16.35
N ALA D 1 38.39 -19.79 -3.70
CA ALA D 1 38.87 -20.48 -4.93
C ALA D 1 38.27 -19.85 -6.19
N GLY D 2 37.24 -19.05 -6.00
CA GLY D 2 36.55 -18.39 -7.10
C GLY D 2 35.04 -18.38 -6.90
N ALA D 3 34.35 -19.30 -7.57
CA ALA D 3 32.89 -19.41 -7.45
C ALA D 3 32.37 -20.79 -7.89
N ASP D 4 31.16 -21.15 -7.44
CA ASP D 4 30.51 -22.44 -7.82
C ASP D 4 31.36 -23.68 -7.44
N GLU D 5 31.72 -23.80 -6.16
CA GLU D 5 32.61 -24.90 -5.69
C GLU D 5 32.08 -26.34 -5.91
N GLU D 6 30.78 -26.59 -5.70
CA GLU D 6 30.15 -27.92 -5.90
C GLU D 6 31.07 -29.17 -5.69
N ARG D 7 31.36 -29.52 -4.43
CA ARG D 7 32.19 -30.72 -4.15
C ARG D 7 31.45 -31.93 -3.52
N ALA D 8 30.15 -31.83 -3.26
CA ALA D 8 29.44 -32.95 -2.61
C ALA D 8 28.05 -33.25 -3.19
N GLU D 9 27.05 -33.36 -2.30
CA GLU D 9 25.67 -33.70 -2.70
C GLU D 9 25.07 -32.65 -3.65
N THR D 10 25.35 -31.38 -3.43
CA THR D 10 24.83 -30.34 -4.31
C THR D 10 25.52 -30.37 -5.70
N ALA D 11 26.71 -30.96 -5.75
CA ALA D 11 27.45 -31.10 -7.03
C ALA D 11 26.97 -32.32 -7.83
N ARG D 12 26.74 -33.40 -7.09
CA ARG D 12 26.27 -34.66 -7.66
C ARG D 12 24.92 -34.50 -8.35
N LEU D 13 24.05 -33.71 -7.74
CA LEU D 13 22.71 -33.45 -8.28
C LEU D 13 22.82 -32.81 -9.64
N SER D 14 23.74 -31.85 -9.79
CA SER D 14 23.92 -31.19 -11.08
C SER D 14 24.31 -32.19 -12.16
N SER D 15 25.17 -33.15 -11.81
CA SER D 15 25.58 -34.20 -12.73
C SER D 15 24.39 -35.08 -13.11
N PHE D 16 23.61 -35.36 -12.08
CA PHE D 16 22.42 -36.21 -12.14
C PHE D 16 21.35 -35.67 -13.10
N ILE D 17 21.12 -34.36 -13.05
CA ILE D 17 20.10 -33.74 -13.91
C ILE D 17 20.51 -33.74 -15.38
N GLY D 18 21.79 -33.47 -15.68
CA GLY D 18 22.26 -33.46 -17.06
C GLY D 18 22.07 -34.80 -17.76
N ALA D 19 22.34 -35.88 -17.04
CA ALA D 19 22.23 -37.24 -17.57
C ALA D 19 20.78 -37.64 -17.88
N ILE D 20 19.82 -37.26 -17.03
CA ILE D 20 18.42 -37.62 -17.26
C ILE D 20 17.84 -36.92 -18.51
N ALA D 21 18.19 -35.65 -18.71
CA ALA D 21 17.70 -34.89 -19.85
C ALA D 21 18.10 -35.51 -21.19
N ILE D 22 19.35 -35.93 -21.28
CA ILE D 22 19.88 -36.53 -22.51
C ILE D 22 19.30 -37.92 -22.81
N GLY D 23 19.13 -38.74 -21.77
CA GLY D 23 18.69 -40.12 -21.96
C GLY D 23 17.33 -40.31 -22.62
N ASP D 24 16.31 -39.52 -22.28
CA ASP D 24 15.00 -39.71 -22.94
C ASP D 24 14.99 -39.33 -24.42
N LEU D 25 15.67 -38.24 -24.76
CA LEU D 25 15.75 -37.78 -26.16
C LEU D 25 16.58 -38.68 -27.08
N VAL D 26 17.70 -39.17 -26.57
CA VAL D 26 18.59 -40.07 -27.33
C VAL D 26 18.01 -41.47 -27.45
N LYS D 27 17.09 -41.77 -26.55
CA LYS D 27 16.44 -43.08 -26.45
C LYS D 27 15.66 -43.55 -27.68
N SER D 28 14.86 -42.68 -28.25
CA SER D 28 14.05 -43.03 -29.43
C SER D 28 14.90 -43.25 -30.70
N THR D 29 16.06 -42.63 -30.72
CA THR D 29 17.04 -42.64 -31.82
C THR D 29 17.61 -44.04 -32.20
N LEU D 30 17.90 -44.89 -31.22
CA LEU D 30 18.60 -46.18 -31.44
C LEU D 30 17.92 -47.21 -32.38
N GLY D 31 18.81 -47.85 -33.18
CA GLY D 31 18.48 -48.91 -34.14
C GLY D 31 17.51 -48.59 -35.28
N PRO D 32 16.95 -49.65 -35.92
CA PRO D 32 16.02 -49.56 -37.08
C PRO D 32 14.74 -48.80 -36.84
N LYS D 33 14.29 -48.79 -35.61
CA LYS D 33 13.05 -48.10 -35.29
C LYS D 33 13.36 -46.74 -34.67
N GLY D 34 14.62 -46.30 -34.81
CA GLY D 34 15.04 -45.00 -34.32
C GLY D 34 14.15 -43.91 -34.90
N MET D 35 13.95 -42.83 -34.18
CA MET D 35 13.00 -41.83 -34.62
C MET D 35 13.59 -40.45 -34.86
N ASP D 36 13.12 -39.82 -35.94
CA ASP D 36 13.56 -38.49 -36.34
C ASP D 36 12.96 -37.44 -35.47
N LYS D 37 13.81 -36.50 -35.08
CA LYS D 37 13.38 -35.45 -34.19
C LYS D 37 13.85 -34.09 -34.71
N ILE D 38 13.19 -33.05 -34.25
CA ILE D 38 13.47 -31.65 -34.61
C ILE D 38 13.55 -30.87 -33.30
N LEU D 39 14.00 -29.60 -33.29
CA LEU D 39 13.94 -28.74 -32.06
C LEU D 39 13.40 -27.35 -32.34
N LEU D 40 12.77 -26.81 -31.31
CA LEU D 40 12.22 -25.46 -31.35
C LEU D 40 13.06 -24.52 -30.49
N SER D 41 13.60 -23.49 -31.11
CA SER D 41 14.42 -22.50 -30.39
C SER D 41 14.29 -21.13 -31.08
N SER D 42 14.62 -20.08 -30.35
CA SER D 42 14.53 -18.74 -30.89
C SER D 42 15.83 -17.97 -30.67
N GLY D 43 16.24 -17.21 -31.67
CA GLY D 43 17.49 -16.46 -31.54
C GLY D 43 18.61 -16.93 -32.45
N ARG D 44 18.55 -16.51 -33.73
CA ARG D 44 19.58 -16.82 -34.74
C ARG D 44 19.57 -18.31 -35.22
N ASP D 45 18.46 -19.02 -35.01
CA ASP D 45 18.35 -20.42 -35.47
C ASP D 45 17.61 -20.59 -36.82
N ALA D 46 16.58 -19.75 -37.03
CA ALA D 46 15.74 -19.71 -38.26
C ALA D 46 14.49 -20.62 -38.24
N SER D 47 14.63 -21.88 -37.85
CA SER D 47 13.47 -22.81 -37.84
C SER D 47 13.76 -24.09 -37.04
N LEU D 48 12.86 -25.07 -37.19
CA LEU D 48 13.03 -26.36 -36.54
C LEU D 48 13.80 -27.30 -37.48
N MET D 49 14.91 -27.81 -37.00
CA MET D 49 15.76 -28.71 -37.79
C MET D 49 15.71 -30.13 -37.26
N VAL D 50 15.77 -31.09 -38.15
CA VAL D 50 15.74 -32.48 -37.73
C VAL D 50 17.09 -33.12 -37.95
N THR D 51 17.70 -33.53 -36.86
CA THR D 51 18.96 -34.23 -36.93
C THR D 51 18.79 -35.59 -36.28
N ASN D 52 18.88 -36.64 -37.06
CA ASN D 52 18.74 -37.98 -36.53
C ASN D 52 19.94 -38.36 -35.66
N ASP D 53 21.13 -37.96 -36.10
CA ASP D 53 22.36 -38.28 -35.39
C ASP D 53 22.49 -37.41 -34.13
N GLY D 54 22.53 -38.06 -32.98
CA GLY D 54 22.65 -37.36 -31.71
C GLY D 54 23.91 -36.51 -31.59
N ALA D 55 25.03 -37.02 -32.07
CA ALA D 55 26.32 -36.32 -31.99
C ALA D 55 26.33 -34.95 -32.69
N THR D 56 25.71 -34.86 -33.87
CA THR D 56 25.72 -33.60 -34.63
C THR D 56 25.05 -32.43 -33.90
N ILE D 57 23.88 -32.66 -33.33
CA ILE D 57 23.17 -31.58 -32.62
C ILE D 57 23.83 -31.16 -31.30
N LEU D 58 24.35 -32.11 -30.53
CA LEU D 58 24.96 -31.77 -29.24
C LEU D 58 26.17 -30.82 -29.40
N LYS D 59 26.97 -31.05 -30.44
CA LYS D 59 28.12 -30.17 -30.74
C LYS D 59 27.65 -28.74 -31.05
N ASN D 60 26.55 -28.68 -31.78
CA ASN D 60 25.94 -27.42 -32.22
C ASN D 60 25.48 -26.48 -31.10
N ILE D 61 24.91 -26.99 -30.01
CA ILE D 61 24.35 -26.07 -29.01
C ILE D 61 24.78 -26.32 -27.54
N GLY D 62 24.63 -25.24 -26.76
CA GLY D 62 24.93 -25.20 -25.32
C GLY D 62 24.02 -24.17 -24.65
N VAL D 63 22.73 -24.48 -24.66
CA VAL D 63 21.65 -23.61 -24.13
C VAL D 63 21.67 -23.20 -22.66
N ASP D 64 22.03 -24.08 -21.75
CA ASP D 64 21.93 -23.72 -20.33
C ASP D 64 23.16 -23.97 -19.48
N ASN D 65 23.07 -23.43 -18.26
CA ASN D 65 24.11 -23.48 -17.22
C ASN D 65 24.65 -24.90 -16.95
N PRO D 66 23.78 -25.93 -16.77
CA PRO D 66 24.23 -27.30 -16.46
C PRO D 66 25.14 -27.94 -17.52
N ALA D 67 26.02 -28.81 -17.04
CA ALA D 67 27.00 -29.48 -17.89
C ALA D 67 26.46 -30.66 -18.66
N ALA D 68 27.15 -30.92 -19.76
CA ALA D 68 26.86 -31.99 -20.69
C ALA D 68 27.72 -31.80 -21.90
N LYS D 69 27.99 -30.53 -22.20
CA LYS D 69 28.78 -30.13 -23.37
C LYS D 69 30.20 -30.70 -23.37
N VAL D 70 30.87 -30.74 -22.22
CA VAL D 70 32.22 -31.33 -22.17
C VAL D 70 32.13 -32.86 -22.36
N LEU D 71 31.13 -33.48 -21.75
CA LEU D 71 30.88 -34.92 -21.90
C LEU D 71 30.60 -35.23 -23.38
N VAL D 72 29.78 -34.37 -23.98
CA VAL D 72 29.40 -34.42 -25.39
C VAL D 72 30.57 -34.28 -26.36
N ASP D 73 31.48 -33.38 -26.02
CA ASP D 73 32.64 -33.07 -26.86
C ASP D 73 33.49 -34.33 -27.07
N MET D 74 33.63 -35.11 -26.01
CA MET D 74 34.42 -36.35 -26.05
C MET D 74 33.84 -37.32 -27.09
N SER D 75 32.51 -37.41 -27.18
CA SER D 75 31.85 -38.32 -28.12
C SER D 75 32.38 -38.15 -29.56
N ARG D 76 32.83 -36.94 -29.93
CA ARG D 76 33.36 -36.71 -31.28
C ARG D 76 34.57 -37.59 -31.58
N VAL D 77 35.47 -37.77 -30.59
CA VAL D 77 36.66 -38.59 -30.82
C VAL D 77 36.25 -40.01 -31.19
N GLN D 78 35.23 -40.53 -30.52
CA GLN D 78 34.70 -41.84 -30.83
C GLN D 78 34.20 -41.85 -32.28
N ASP D 79 33.54 -40.76 -32.66
CA ASP D 79 33.02 -40.60 -34.01
C ASP D 79 34.18 -40.45 -35.04
N ASP D 80 35.18 -39.65 -34.70
CA ASP D 80 36.36 -39.47 -35.57
C ASP D 80 37.08 -40.81 -35.83
N GLU D 81 37.35 -41.52 -34.74
CA GLU D 81 38.05 -42.82 -34.76
C GLU D 81 37.26 -43.95 -35.39
N VAL D 82 35.98 -43.98 -35.11
CA VAL D 82 35.12 -45.05 -35.62
C VAL D 82 33.78 -44.55 -36.13
N GLY D 83 33.26 -43.50 -35.54
CA GLY D 83 32.02 -42.97 -36.05
C GLY D 83 30.81 -43.16 -35.18
N ASP D 84 29.80 -43.67 -35.84
CA ASP D 84 28.49 -43.88 -35.27
C ASP D 84 27.96 -45.30 -35.51
N GLY D 85 26.68 -45.32 -35.83
CA GLY D 85 25.91 -46.51 -36.10
C GLY D 85 24.56 -46.30 -35.48
N THR D 86 24.57 -46.31 -34.17
CA THR D 86 23.42 -45.99 -33.34
C THR D 86 23.96 -45.18 -32.16
N THR D 87 23.15 -44.36 -31.51
CA THR D 87 23.70 -43.64 -30.37
C THR D 87 23.35 -44.34 -29.07
N SER D 88 24.35 -44.92 -28.43
CA SER D 88 24.14 -45.61 -27.15
C SER D 88 25.20 -45.25 -26.13
N VAL D 89 26.32 -44.72 -26.60
CA VAL D 89 27.45 -44.41 -25.73
C VAL D 89 27.12 -43.40 -24.63
N THR D 90 26.38 -42.37 -25.00
CA THR D 90 25.97 -41.33 -24.07
C THR D 90 24.95 -41.85 -23.04
N VAL D 91 24.02 -42.67 -23.52
CA VAL D 91 22.93 -43.23 -22.69
C VAL D 91 23.46 -44.08 -21.53
N LEU D 92 24.38 -44.98 -21.85
CA LEU D 92 24.96 -45.89 -20.88
C LEU D 92 25.66 -45.15 -19.75
N ALA D 93 26.37 -44.08 -20.09
CA ALA D 93 27.06 -43.27 -19.09
C ALA D 93 26.07 -42.56 -18.17
N ALA D 94 25.00 -42.05 -18.77
CA ALA D 94 23.96 -41.29 -18.04
C ALA D 94 23.20 -42.10 -16.97
N GLU D 95 22.88 -43.34 -17.27
CA GLU D 95 22.08 -44.19 -16.37
C GLU D 95 22.78 -44.63 -15.07
N LEU D 96 24.10 -44.79 -15.09
CA LEU D 96 24.81 -45.22 -13.89
C LEU D 96 24.80 -44.13 -12.79
N LEU D 97 24.54 -42.89 -13.21
CA LEU D 97 24.44 -41.74 -12.28
C LEU D 97 23.29 -41.95 -11.27
N ARG D 98 22.25 -42.69 -11.69
CA ARG D 98 21.07 -42.97 -10.85
C ARG D 98 21.45 -43.72 -9.58
N GLU D 99 22.37 -44.65 -9.70
CA GLU D 99 22.86 -45.43 -8.56
C GLU D 99 23.49 -44.53 -7.49
N ALA D 100 23.95 -43.34 -7.88
CA ALA D 100 24.57 -42.42 -6.94
C ALA D 100 23.64 -42.13 -5.75
N GLU D 101 22.32 -42.07 -5.98
CA GLU D 101 21.37 -41.90 -4.87
C GLU D 101 21.51 -43.08 -3.88
N SER D 102 21.65 -44.28 -4.44
CA SER D 102 21.90 -45.50 -3.65
C SER D 102 23.21 -45.35 -2.87
N LEU D 103 24.19 -44.76 -3.55
CA LEU D 103 25.53 -44.48 -3.02
C LEU D 103 25.51 -43.58 -1.78
N ILE D 104 24.63 -42.58 -1.72
CA ILE D 104 24.54 -41.73 -0.52
C ILE D 104 24.18 -42.63 0.68
N ALA D 105 23.29 -43.61 0.43
CA ALA D 105 22.91 -44.62 1.44
C ALA D 105 24.18 -45.39 1.87
N LYS D 106 25.04 -45.64 0.87
CA LYS D 106 26.34 -46.31 1.08
C LYS D 106 27.15 -45.41 2.07
N LYS D 107 27.02 -44.09 1.85
CA LYS D 107 27.60 -43.00 2.71
C LYS D 107 29.10 -43.02 3.01
N ILE D 108 29.91 -43.19 1.99
CA ILE D 108 31.37 -43.13 2.12
C ILE D 108 32.02 -42.48 0.89
N HIS D 109 33.35 -42.49 0.83
CA HIS D 109 34.09 -41.82 -0.25
C HIS D 109 33.73 -42.40 -1.64
N PRO D 110 33.22 -41.54 -2.52
CA PRO D 110 32.78 -41.87 -3.90
C PRO D 110 33.82 -42.65 -4.73
N GLN D 111 35.09 -42.26 -4.58
CA GLN D 111 36.22 -42.89 -5.29
C GLN D 111 36.42 -44.38 -5.00
N THR D 112 36.23 -44.81 -3.76
CA THR D 112 36.39 -46.24 -3.44
C THR D 112 35.39 -47.06 -4.28
N ILE D 113 34.18 -46.52 -4.42
CA ILE D 113 33.13 -47.12 -5.26
C ILE D 113 33.63 -47.19 -6.72
N ILE D 114 34.30 -46.13 -7.11
CA ILE D 114 34.88 -45.93 -8.44
C ILE D 114 35.84 -47.05 -8.86
N ALA D 115 36.32 -47.84 -7.90
CA ALA D 115 37.23 -48.95 -8.18
C ALA D 115 36.54 -49.96 -9.11
N GLY D 116 35.22 -49.95 -9.09
CA GLY D 116 34.42 -50.80 -9.96
C GLY D 116 34.77 -50.62 -11.43
N TRP D 117 35.23 -49.41 -11.79
CA TRP D 117 35.60 -49.11 -13.18
C TRP D 117 36.86 -49.80 -13.68
N ARG D 118 37.86 -50.05 -12.85
CA ARG D 118 38.97 -50.86 -13.33
C ARG D 118 38.42 -52.22 -13.76
N GLU D 119 37.50 -52.71 -12.94
CA GLU D 119 36.75 -53.93 -13.22
C GLU D 119 35.84 -53.70 -14.45
N ALA D 120 35.31 -52.48 -14.59
CA ALA D 120 34.50 -52.10 -15.76
C ALA D 120 35.36 -52.27 -17.02
N THR D 121 36.63 -51.89 -16.91
CA THR D 121 37.58 -52.08 -18.01
C THR D 121 37.65 -53.58 -18.29
N LYS D 122 37.65 -54.34 -17.20
CA LYS D 122 37.60 -55.80 -17.25
C LYS D 122 36.32 -56.27 -17.95
N ALA D 123 35.20 -55.62 -17.67
CA ALA D 123 33.93 -56.00 -18.29
C ALA D 123 34.04 -55.87 -19.79
N ALA D 124 34.66 -54.78 -20.25
CA ALA D 124 34.87 -54.60 -21.67
C ALA D 124 35.72 -55.73 -22.25
N ARG D 125 36.86 -56.02 -21.60
CA ARG D 125 37.75 -57.09 -22.06
C ARG D 125 37.18 -58.51 -21.88
N GLN D 126 36.52 -58.74 -20.75
CA GLN D 126 35.96 -60.07 -20.42
C GLN D 126 34.80 -60.46 -21.34
N ALA D 127 33.96 -59.46 -21.65
CA ALA D 127 32.80 -59.63 -22.53
C ALA D 127 33.22 -59.83 -23.98
N LEU D 128 34.24 -59.10 -24.41
CA LEU D 128 34.71 -59.21 -25.78
C LEU D 128 35.18 -60.65 -26.10
N LEU D 129 35.85 -61.27 -25.14
CA LEU D 129 36.26 -62.69 -25.26
C LEU D 129 35.05 -63.62 -25.05
N ASN D 130 34.00 -63.07 -24.42
CA ASN D 130 32.77 -63.82 -24.15
C ASN D 130 31.57 -63.13 -24.82
N SER D 131 31.32 -63.60 -26.04
CA SER D 131 30.29 -63.12 -26.97
C SER D 131 30.97 -63.13 -28.37
N ALA D 132 30.80 -64.24 -29.07
CA ALA D 132 31.45 -64.45 -30.37
C ALA D 132 30.76 -63.66 -31.48
N VAL D 133 31.12 -62.40 -31.51
CA VAL D 133 30.58 -61.42 -32.44
C VAL D 133 30.70 -61.84 -33.93
N ASP D 134 31.89 -61.73 -34.52
CA ASP D 134 32.12 -62.23 -35.87
C ASP D 134 33.61 -62.41 -36.08
N HIS D 135 33.94 -63.21 -37.04
CA HIS D 135 35.32 -63.41 -37.46
C HIS D 135 35.41 -63.28 -38.98
N GLY D 136 34.38 -62.62 -39.52
CA GLY D 136 34.23 -62.41 -40.95
C GLY D 136 34.85 -61.10 -41.45
N SER D 137 34.18 -60.47 -42.45
CA SER D 137 34.71 -59.23 -43.05
C SER D 137 36.09 -59.49 -43.65
N ASP D 138 36.12 -60.52 -44.51
CA ASP D 138 37.35 -61.03 -45.13
C ASP D 138 38.15 -60.02 -45.98
N GLU D 139 37.43 -59.21 -46.78
CA GLU D 139 38.00 -58.18 -47.69
C GLU D 139 37.17 -58.13 -48.96
N VAL D 140 36.55 -57.00 -49.27
CA VAL D 140 35.66 -56.91 -50.43
C VAL D 140 34.39 -57.66 -50.04
N LYS D 141 34.49 -58.99 -50.09
CA LYS D 141 33.43 -59.91 -49.65
C LYS D 141 32.12 -59.74 -50.44
N PHE D 142 31.60 -60.86 -50.93
CA PHE D 142 30.38 -60.89 -51.74
C PHE D 142 29.17 -60.12 -51.14
N ARG D 143 28.26 -60.87 -50.51
CA ARG D 143 27.05 -60.27 -49.89
C ARG D 143 27.32 -59.40 -48.65
N GLN D 144 28.25 -59.85 -47.79
CA GLN D 144 28.58 -59.17 -46.53
C GLN D 144 29.15 -57.77 -46.72
N ASP D 145 29.19 -57.30 -47.95
CA ASP D 145 29.69 -55.98 -48.23
C ASP D 145 28.79 -54.98 -47.47
N LEU D 146 27.48 -55.25 -47.46
CA LEU D 146 26.52 -54.44 -46.71
C LEU D 146 25.27 -55.24 -46.31
N MET D 147 24.14 -54.53 -46.21
CA MET D 147 22.88 -55.09 -45.73
C MET D 147 23.12 -55.56 -44.32
N ASN D 148 23.91 -54.74 -43.63
CA ASN D 148 24.34 -54.98 -42.25
C ASN D 148 24.30 -53.68 -41.42
N ILE D 149 25.47 -53.28 -40.90
CA ILE D 149 25.60 -52.08 -40.06
C ILE D 149 25.21 -50.76 -40.72
N ALA D 150 25.55 -50.55 -42.00
CA ALA D 150 25.15 -49.29 -42.65
C ALA D 150 23.63 -49.18 -42.69
N GLY D 151 22.97 -50.31 -42.97
CA GLY D 151 21.53 -50.35 -42.97
C GLY D 151 20.97 -49.97 -41.60
N THR D 152 21.62 -50.46 -40.54
CA THR D 152 21.23 -50.12 -39.17
C THR D 152 21.47 -48.65 -38.83
N THR D 153 22.59 -48.09 -39.29
CA THR D 153 22.87 -46.68 -39.05
C THR D 153 21.77 -45.82 -39.68
N LEU D 154 21.48 -46.15 -40.93
CA LEU D 154 20.42 -45.53 -41.73
C LEU D 154 19.00 -45.84 -41.28
N SER D 155 18.79 -47.02 -40.76
CA SER D 155 17.46 -47.45 -40.32
C SER D 155 16.92 -46.50 -39.22
N SER D 156 17.79 -46.02 -38.36
CA SER D 156 17.39 -45.07 -37.32
C SER D 156 17.06 -43.72 -37.98
N LYS D 157 17.57 -43.56 -39.19
CA LYS D 157 17.37 -42.36 -39.99
C LYS D 157 16.05 -42.59 -40.79
N LEU D 158 15.15 -41.62 -40.85
CA LEU D 158 13.86 -41.84 -41.57
C LEU D 158 14.03 -42.18 -43.05
N LEU D 159 14.97 -41.50 -43.73
CA LEU D 159 15.25 -41.70 -45.16
C LEU D 159 15.37 -43.18 -45.60
N THR D 160 15.42 -44.10 -44.65
CA THR D 160 15.61 -45.53 -44.90
C THR D 160 14.52 -46.17 -45.77
N HIS D 161 13.43 -45.47 -46.04
CA HIS D 161 12.37 -46.05 -46.87
C HIS D 161 12.89 -46.42 -48.28
N HIS D 162 13.73 -45.56 -48.86
CA HIS D 162 14.38 -45.85 -50.15
C HIS D 162 15.90 -45.77 -50.01
N LYS D 163 16.33 -45.07 -48.97
CA LYS D 163 17.74 -44.81 -48.69
C LYS D 163 18.58 -46.06 -48.48
N ASP D 164 18.02 -47.07 -47.79
CA ASP D 164 18.79 -48.28 -47.50
C ASP D 164 19.41 -48.83 -48.79
N HIS D 165 18.74 -48.62 -49.93
CA HIS D 165 19.31 -49.01 -51.23
C HIS D 165 20.65 -48.28 -51.50
N PHE D 166 20.69 -46.94 -51.29
CA PHE D 166 21.94 -46.19 -51.51
C PHE D 166 23.00 -46.50 -50.47
N THR D 167 22.56 -46.94 -49.28
CA THR D 167 23.51 -47.34 -48.23
C THR D 167 24.36 -48.48 -48.77
N LYS D 168 23.69 -49.37 -49.50
CA LYS D 168 24.30 -50.54 -50.12
C LYS D 168 25.39 -50.12 -51.10
N LEU D 169 25.12 -49.06 -51.83
CA LEU D 169 26.05 -48.48 -52.80
C LEU D 169 27.38 -48.02 -52.16
N ALA D 170 27.29 -47.42 -50.96
CA ALA D 170 28.47 -46.86 -50.28
C ALA D 170 29.57 -47.89 -50.00
N VAL D 171 29.22 -49.11 -49.61
CA VAL D 171 30.25 -50.14 -49.38
C VAL D 171 31.04 -50.47 -50.64
N GLU D 172 30.43 -50.36 -51.80
CA GLU D 172 31.15 -50.62 -53.05
C GLU D 172 32.31 -49.63 -53.15
N ALA D 173 32.02 -48.39 -52.74
CA ALA D 173 32.99 -47.29 -52.72
C ALA D 173 34.13 -47.53 -51.72
N VAL D 174 33.82 -48.08 -50.55
CA VAL D 174 34.84 -48.31 -49.52
C VAL D 174 35.81 -49.41 -49.92
N LEU D 175 35.32 -50.46 -50.56
CA LEU D 175 36.18 -51.58 -50.97
C LEU D 175 37.30 -51.14 -51.92
N ARG D 176 36.99 -50.24 -52.85
CA ARG D 176 37.99 -49.73 -53.82
C ARG D 176 39.05 -48.82 -53.15
N LEU D 177 38.64 -48.09 -52.13
CA LEU D 177 39.50 -47.17 -51.34
C LEU D 177 40.67 -47.86 -50.65
N LYS D 178 40.35 -49.02 -50.12
CA LYS D 178 41.23 -49.81 -49.27
C LYS D 178 42.59 -50.19 -49.85
N GLY D 179 43.63 -49.92 -49.08
CA GLY D 179 44.97 -50.31 -49.47
C GLY D 179 45.95 -49.18 -49.78
N SER D 180 46.41 -49.19 -51.02
CA SER D 180 47.44 -48.28 -51.55
C SER D 180 47.06 -46.79 -51.73
N GLY D 181 45.80 -46.43 -51.80
CA GLY D 181 45.46 -45.03 -52.08
C GLY D 181 45.51 -44.02 -50.93
N ASN D 182 44.71 -44.27 -49.88
CA ASN D 182 44.55 -43.43 -48.64
C ASN D 182 43.10 -42.99 -48.57
N LEU D 183 42.73 -42.20 -47.57
CA LEU D 183 41.34 -41.71 -47.51
C LEU D 183 41.25 -40.40 -48.29
N GLU D 184 41.17 -40.53 -49.61
CA GLU D 184 41.11 -39.37 -50.50
C GLU D 184 40.14 -39.54 -51.67
N ALA D 185 39.77 -38.40 -52.22
CA ALA D 185 38.91 -38.31 -53.41
C ALA D 185 37.51 -38.92 -53.33
N ILE D 186 36.80 -38.64 -52.25
CA ILE D 186 35.42 -39.12 -52.12
C ILE D 186 34.51 -37.92 -51.99
N HIS D 187 33.57 -37.79 -52.91
CA HIS D 187 32.66 -36.66 -52.88
C HIS D 187 31.25 -37.09 -53.27
N VAL D 188 30.26 -36.45 -52.68
CA VAL D 188 28.86 -36.77 -52.95
C VAL D 188 27.96 -35.53 -53.16
N ILE D 189 27.16 -35.61 -54.21
CA ILE D 189 26.19 -34.57 -54.60
C ILE D 189 24.80 -35.18 -54.85
N LYS D 190 23.75 -34.37 -54.80
CA LYS D 190 22.39 -34.87 -55.03
C LYS D 190 21.70 -34.05 -56.12
N LYS D 191 20.74 -34.67 -56.82
CA LYS D 191 20.04 -33.99 -57.92
C LYS D 191 18.51 -34.03 -57.82
N LEU D 192 17.93 -32.93 -58.28
CA LEU D 192 16.49 -32.73 -58.29
C LEU D 192 15.73 -33.79 -59.12
N GLY D 193 16.25 -34.20 -60.28
CA GLY D 193 15.56 -35.25 -61.03
C GLY D 193 15.62 -36.57 -60.26
N GLY D 194 14.53 -37.35 -60.22
CA GLY D 194 14.54 -38.59 -59.43
C GLY D 194 14.04 -39.85 -60.12
N SER D 195 14.67 -40.96 -59.74
CA SER D 195 14.35 -42.31 -60.25
C SER D 195 14.19 -43.29 -59.07
N LEU D 196 13.65 -44.49 -59.35
CA LEU D 196 13.46 -45.53 -58.30
C LEU D 196 14.80 -45.93 -57.65
N ALA D 197 15.83 -46.06 -58.50
CA ALA D 197 17.19 -46.39 -58.07
C ALA D 197 17.72 -45.32 -57.09
N ASP D 198 17.36 -44.08 -57.42
CA ASP D 198 17.73 -42.87 -56.67
C ASP D 198 19.21 -42.50 -56.79
N SER D 199 20.01 -43.26 -57.52
CA SER D 199 21.40 -42.85 -57.68
C SER D 199 22.11 -43.50 -58.88
N TYR D 200 23.06 -42.76 -59.42
CA TYR D 200 23.97 -43.23 -60.47
C TYR D 200 25.40 -43.16 -59.99
N LEU D 201 26.18 -44.15 -60.32
CA LEU D 201 27.58 -44.18 -59.89
C LEU D 201 28.47 -43.72 -61.06
N ASP D 202 29.21 -42.65 -60.83
CA ASP D 202 30.08 -42.11 -61.86
C ASP D 202 31.50 -42.62 -61.73
N GLU D 203 32.11 -42.92 -62.87
CA GLU D 203 33.49 -43.39 -62.92
C GLU D 203 34.48 -42.27 -62.55
N GLY D 204 34.08 -41.02 -62.77
CA GLY D 204 34.92 -39.87 -62.46
C GLY D 204 34.43 -39.01 -61.29
N PHE D 205 34.55 -37.69 -61.46
CA PHE D 205 34.15 -36.69 -60.45
C PHE D 205 33.04 -35.75 -60.95
N LEU D 206 32.08 -35.43 -60.07
CA LEU D 206 30.96 -34.55 -60.40
C LEU D 206 31.15 -33.12 -59.86
N LEU D 207 31.02 -32.12 -60.76
CA LEU D 207 31.15 -30.70 -60.43
C LEU D 207 29.94 -29.92 -60.99
N ASP D 208 29.61 -28.75 -60.45
CA ASP D 208 28.47 -27.99 -60.99
C ASP D 208 28.76 -26.48 -61.15
N LYS D 209 29.42 -26.16 -62.28
CA LYS D 209 29.73 -24.76 -62.65
C LYS D 209 29.83 -24.61 -64.17
N LYS D 210 29.70 -23.39 -64.67
CA LYS D 210 29.85 -23.12 -66.10
C LYS D 210 30.62 -21.80 -66.29
N ILE D 211 31.43 -21.73 -67.34
CA ILE D 211 32.27 -20.55 -67.63
C ILE D 211 31.43 -19.30 -67.82
N GLY D 212 30.43 -19.46 -68.65
CA GLY D 212 29.50 -18.40 -68.99
C GLY D 212 28.50 -18.96 -69.98
N VAL D 213 27.55 -18.16 -70.41
CA VAL D 213 26.56 -18.66 -71.36
C VAL D 213 27.23 -19.12 -72.68
N ASN D 214 28.22 -18.34 -73.16
CA ASN D 214 28.98 -18.69 -74.36
C ASN D 214 30.08 -19.71 -74.01
N GLN D 215 30.68 -20.33 -75.05
CA GLN D 215 31.78 -21.35 -74.94
C GLN D 215 31.33 -22.68 -75.55
N PRO D 216 32.25 -23.55 -76.04
CA PRO D 216 31.83 -24.85 -76.59
C PRO D 216 31.10 -25.65 -75.52
N LYS D 217 30.00 -26.27 -75.90
CA LYS D 217 29.19 -27.03 -74.95
C LYS D 217 29.87 -28.32 -74.44
N ARG D 218 30.55 -29.03 -75.35
CA ARG D 218 31.24 -30.29 -75.00
C ARG D 218 32.71 -30.28 -75.43
N ILE D 219 33.59 -30.81 -74.60
CA ILE D 219 35.01 -30.87 -74.92
C ILE D 219 35.55 -32.31 -74.96
N GLU D 220 36.35 -32.61 -75.99
CA GLU D 220 36.94 -33.95 -76.19
C GLU D 220 38.47 -33.92 -76.17
N ASN D 221 39.09 -34.97 -75.61
CA ASN D 221 40.57 -35.04 -75.50
C ASN D 221 41.04 -33.85 -74.69
N ALA D 222 40.27 -33.57 -73.67
CA ALA D 222 40.48 -32.44 -72.79
C ALA D 222 41.76 -32.45 -71.97
N LYS D 223 42.34 -31.26 -71.87
CA LYS D 223 43.52 -31.03 -71.05
C LYS D 223 43.04 -30.22 -69.86
N ILE D 224 43.49 -30.55 -68.66
CA ILE D 224 43.01 -29.83 -67.48
C ILE D 224 44.09 -28.96 -66.84
N LEU D 225 43.70 -27.71 -66.60
CA LEU D 225 44.59 -26.73 -66.02
C LEU D 225 44.08 -26.25 -64.65
N ILE D 226 44.96 -26.34 -63.64
CA ILE D 226 44.65 -25.93 -62.26
C ILE D 226 45.62 -24.83 -61.80
N ALA D 227 45.10 -23.69 -61.37
CA ALA D 227 45.98 -22.61 -60.91
C ALA D 227 45.74 -22.19 -59.45
N ASN D 228 46.82 -22.13 -58.68
CA ASN D 228 46.76 -21.65 -57.28
C ASN D 228 46.36 -20.19 -57.21
N GLU D 253 49.98 2.98 -69.87
CA GLU D 253 50.97 2.00 -69.39
C GLU D 253 50.31 0.84 -68.62
N ILE D 254 49.30 1.13 -67.79
CA ILE D 254 48.63 0.07 -67.04
C ILE D 254 47.64 -0.71 -67.90
N GLU D 255 46.89 -0.02 -68.75
CA GLU D 255 45.90 -0.68 -69.61
C GLU D 255 46.62 -1.68 -70.53
N HIS D 256 47.76 -1.22 -71.09
CA HIS D 256 48.63 -2.03 -71.95
C HIS D 256 49.16 -3.26 -71.18
N ALA D 257 49.51 -3.02 -69.92
CA ALA D 257 50.03 -4.06 -69.01
C ALA D 257 49.00 -5.17 -68.86
N GLU D 258 47.75 -4.77 -68.75
CA GLU D 258 46.63 -5.71 -68.65
C GLU D 258 46.59 -6.61 -69.88
N LYS D 259 46.85 -6.02 -71.03
CA LYS D 259 46.85 -6.70 -72.31
C LYS D 259 47.90 -7.81 -72.26
N GLU D 260 49.03 -7.54 -71.61
CA GLU D 260 50.11 -8.52 -71.49
C GLU D 260 49.65 -9.79 -70.76
N LYS D 261 48.82 -9.66 -69.72
CA LYS D 261 48.29 -10.87 -69.05
C LYS D 261 47.44 -11.67 -70.04
N MET D 262 46.66 -10.94 -70.84
CA MET D 262 45.82 -11.53 -71.89
C MET D 262 46.63 -12.30 -72.94
N LYS D 263 47.72 -11.69 -73.40
CA LYS D 263 48.56 -12.27 -74.45
C LYS D 263 49.34 -13.52 -74.01
N GLU D 264 49.86 -13.51 -72.80
CA GLU D 264 50.60 -14.66 -72.30
C GLU D 264 49.71 -15.90 -72.20
N LYS D 265 48.47 -15.68 -71.77
CA LYS D 265 47.51 -16.75 -71.58
C LYS D 265 47.10 -17.41 -72.90
N VAL D 266 46.93 -16.60 -73.95
CA VAL D 266 46.54 -17.14 -75.27
C VAL D 266 47.63 -17.95 -75.97
N GLU D 267 48.88 -17.50 -75.90
CA GLU D 267 49.96 -18.17 -76.60
C GLU D 267 50.28 -19.55 -76.02
N ARG D 268 50.25 -19.66 -74.69
CA ARG D 268 50.50 -20.92 -73.99
C ARG D 268 49.35 -21.92 -74.21
N ILE D 269 48.12 -21.38 -74.18
CA ILE D 269 46.88 -22.14 -74.38
C ILE D 269 46.72 -22.86 -75.72
N LEU D 270 46.96 -22.19 -76.82
CA LEU D 270 46.76 -22.81 -78.14
C LEU D 270 47.61 -24.08 -78.38
N LYS D 271 48.90 -24.04 -78.02
CA LYS D 271 49.81 -25.19 -78.23
C LYS D 271 49.37 -26.48 -77.50
N HIS D 272 48.88 -26.32 -76.27
CA HIS D 272 48.45 -27.46 -75.44
C HIS D 272 47.19 -28.12 -75.97
N GLY D 273 46.28 -27.31 -76.53
CA GLY D 273 45.01 -27.84 -77.00
C GLY D 273 43.95 -27.76 -75.91
N ILE D 274 44.39 -27.24 -74.76
CA ILE D 274 43.57 -27.01 -73.55
C ILE D 274 42.06 -26.94 -73.80
N ASN D 275 41.35 -27.92 -73.29
CA ASN D 275 39.90 -27.95 -73.44
C ASN D 275 39.16 -27.49 -72.18
N CYS D 276 39.84 -27.49 -71.03
CA CYS D 276 39.19 -27.08 -69.79
C CYS D 276 40.15 -26.44 -68.78
N PHE D 277 39.68 -25.39 -68.14
CA PHE D 277 40.44 -24.68 -67.13
C PHE D 277 39.72 -24.68 -65.78
N ILE D 278 40.37 -25.16 -64.74
CA ILE D 278 39.79 -25.17 -63.40
C ILE D 278 40.66 -24.33 -62.44
N ASN D 279 40.09 -23.29 -61.86
CA ASN D 279 40.84 -22.41 -60.96
C ASN D 279 40.16 -22.28 -59.61
N ARG D 280 40.92 -22.47 -58.53
CA ARG D 280 40.35 -22.35 -57.19
C ARG D 280 40.37 -20.89 -56.67
N GLN D 281 39.54 -20.05 -57.29
CA GLN D 281 39.30 -18.65 -56.89
C GLN D 281 38.62 -17.82 -57.98
N LEU D 282 38.56 -16.51 -57.76
CA LEU D 282 37.95 -15.55 -58.70
C LEU D 282 38.69 -15.52 -60.05
N ILE D 283 37.91 -15.41 -61.14
CA ILE D 283 38.49 -15.41 -62.48
C ILE D 283 38.24 -14.07 -63.21
N TYR D 284 39.32 -13.52 -63.76
CA TYR D 284 39.30 -12.23 -64.45
C TYR D 284 38.52 -12.29 -65.78
N ASN D 285 37.77 -11.22 -66.03
CA ASN D 285 36.92 -11.09 -67.23
C ASN D 285 37.64 -11.13 -68.59
N TYR D 286 38.81 -10.50 -68.72
CA TYR D 286 39.53 -10.46 -70.03
C TYR D 286 39.74 -11.83 -70.68
N PRO D 287 40.26 -12.84 -69.94
CA PRO D 287 40.48 -14.19 -70.48
C PRO D 287 39.20 -14.86 -70.95
N GLU D 288 38.09 -14.51 -70.32
CA GLU D 288 36.81 -15.16 -70.59
C GLU D 288 36.37 -15.01 -72.04
N GLN D 289 36.58 -13.84 -72.63
CA GLN D 289 36.22 -13.64 -74.02
C GLN D 289 37.04 -14.57 -74.93
N LEU D 290 38.32 -14.71 -74.57
CA LEU D 290 39.26 -15.57 -75.30
C LEU D 290 38.89 -17.05 -75.26
N PHE D 291 38.47 -17.53 -74.10
CA PHE D 291 38.10 -18.94 -73.91
C PHE D 291 36.95 -19.37 -74.83
N GLY D 292 35.96 -18.48 -75.01
CA GLY D 292 34.85 -18.79 -75.89
C GLY D 292 35.29 -18.99 -77.34
N ALA D 293 36.12 -18.07 -77.84
CA ALA D 293 36.63 -18.15 -79.22
C ALA D 293 37.63 -19.30 -79.41
N ALA D 294 38.48 -19.50 -78.41
CA ALA D 294 39.50 -20.56 -78.44
C ALA D 294 38.88 -21.96 -78.42
N GLY D 295 37.84 -22.11 -77.63
CA GLY D 295 37.18 -23.40 -77.48
C GLY D 295 37.64 -24.10 -76.22
N VAL D 296 37.81 -23.31 -75.17
CA VAL D 296 38.28 -23.82 -73.89
C VAL D 296 37.24 -23.54 -72.79
N MET D 297 36.89 -24.54 -72.01
CA MET D 297 35.88 -24.34 -70.96
C MET D 297 36.53 -24.15 -69.58
N ALA D 298 36.29 -22.99 -68.98
CA ALA D 298 36.87 -22.61 -67.69
C ALA D 298 35.84 -22.55 -66.56
N ILE D 299 36.28 -22.82 -65.33
CA ILE D 299 35.39 -22.80 -64.17
C ILE D 299 35.81 -21.77 -63.10
N GLU D 300 34.88 -20.86 -62.80
CA GLU D 300 35.09 -19.78 -61.82
C GLU D 300 34.95 -20.23 -60.36
N HIS D 301 35.94 -19.90 -59.54
CA HIS D 301 35.96 -20.22 -58.11
C HIS D 301 35.68 -21.69 -57.82
N ALA D 302 36.36 -22.57 -58.54
CA ALA D 302 36.20 -24.01 -58.32
C ALA D 302 36.61 -24.35 -56.89
N ASP D 303 35.87 -25.25 -56.26
CA ASP D 303 36.15 -25.63 -54.88
C ASP D 303 37.46 -26.42 -54.77
N PHE D 304 38.27 -26.02 -53.78
CA PHE D 304 39.59 -26.61 -53.53
C PHE D 304 39.50 -28.10 -53.23
N VAL D 305 38.50 -28.50 -52.45
CA VAL D 305 38.35 -29.89 -52.10
C VAL D 305 38.15 -30.77 -53.36
N GLY D 306 37.39 -30.28 -54.33
CA GLY D 306 37.20 -31.04 -55.55
C GLY D 306 38.49 -31.16 -56.36
N VAL D 307 39.22 -30.06 -56.44
CA VAL D 307 40.49 -29.98 -57.19
C VAL D 307 41.57 -30.94 -56.66
N GLU D 308 41.80 -30.93 -55.35
CA GLU D 308 42.82 -31.82 -54.74
C GLU D 308 42.51 -33.29 -54.96
N ARG D 309 41.22 -33.60 -54.85
CA ARG D 309 40.74 -34.96 -55.01
C ARG D 309 40.93 -35.37 -56.47
N LEU D 310 40.65 -34.39 -57.34
CA LEU D 310 40.79 -34.49 -58.79
C LEU D 310 42.23 -34.73 -59.21
N ALA D 311 43.17 -34.07 -58.54
CA ALA D 311 44.58 -34.18 -58.90
C ALA D 311 45.08 -35.62 -58.81
N LEU D 312 44.68 -36.36 -57.80
CA LEU D 312 45.08 -37.77 -57.72
C LEU D 312 44.56 -38.48 -58.99
N VAL D 313 43.31 -38.19 -59.30
CA VAL D 313 42.57 -38.75 -60.46
C VAL D 313 43.21 -38.43 -61.85
N THR D 314 43.56 -37.17 -62.08
CA THR D 314 44.12 -36.73 -63.37
C THR D 314 45.67 -36.72 -63.38
N GLY D 315 46.25 -37.10 -62.25
CA GLY D 315 47.70 -37.08 -62.09
C GLY D 315 48.18 -35.74 -61.54
N GLY D 316 47.26 -34.78 -61.50
CA GLY D 316 47.55 -33.48 -60.93
C GLY D 316 48.56 -32.67 -61.72
N GLU D 317 49.22 -31.78 -61.01
CA GLU D 317 50.24 -30.91 -61.58
C GLU D 317 50.81 -30.01 -60.51
N ILE D 318 51.76 -29.18 -60.88
CA ILE D 318 52.28 -28.20 -59.94
C ILE D 318 51.66 -26.87 -60.35
N ALA D 319 50.83 -26.32 -59.47
CA ALA D 319 50.09 -25.10 -59.81
C ALA D 319 50.82 -23.81 -59.45
N SER D 320 51.77 -23.46 -60.28
CA SER D 320 52.53 -22.22 -60.12
C SER D 320 51.85 -21.06 -60.86
N THR D 321 52.67 -20.12 -61.31
CA THR D 321 52.22 -18.95 -62.07
C THR D 321 51.99 -19.36 -63.53
N PHE D 322 51.41 -18.46 -64.34
CA PHE D 322 51.06 -18.71 -65.78
C PHE D 322 52.06 -19.51 -66.62
N ASP D 323 53.24 -19.76 -66.09
CA ASP D 323 54.23 -20.63 -66.74
C ASP D 323 53.72 -22.07 -66.66
N HIS D 324 52.76 -22.28 -65.74
CA HIS D 324 52.13 -23.58 -65.43
C HIS D 324 51.77 -24.51 -66.63
N PRO D 325 51.26 -24.03 -67.80
CA PRO D 325 50.92 -24.92 -68.94
C PRO D 325 52.02 -25.93 -69.37
N GLU D 326 51.62 -26.86 -70.25
CA GLU D 326 52.46 -27.94 -70.85
C GLU D 326 52.89 -29.06 -69.87
N LEU D 327 54.18 -29.42 -69.86
CA LEU D 327 54.71 -30.54 -69.03
C LEU D 327 54.54 -30.38 -67.53
N VAL D 328 54.72 -29.17 -67.00
CA VAL D 328 54.53 -28.95 -65.57
C VAL D 328 53.07 -29.29 -65.17
N LYS D 329 52.17 -29.23 -66.17
CA LYS D 329 50.76 -29.62 -66.02
C LYS D 329 50.49 -31.02 -66.55
N LEU D 330 49.79 -31.81 -65.77
CA LEU D 330 49.38 -33.14 -66.20
C LEU D 330 47.87 -33.17 -66.31
N GLY D 331 47.36 -33.48 -67.48
CA GLY D 331 45.93 -33.50 -67.64
C GLY D 331 45.40 -34.77 -68.26
N SER D 332 44.43 -35.38 -67.60
CA SER D 332 43.80 -36.56 -68.15
C SER D 332 42.99 -36.15 -69.36
N CYS D 333 42.84 -37.04 -70.33
CA CYS D 333 42.13 -36.69 -71.54
C CYS D 333 41.06 -37.68 -71.99
N LYS D 334 40.17 -38.11 -71.10
CA LYS D 334 39.15 -39.05 -71.58
C LYS D 334 37.92 -38.29 -72.08
N LEU D 335 37.03 -37.83 -71.19
CA LEU D 335 35.90 -37.04 -71.66
C LEU D 335 35.33 -36.09 -70.59
N ILE D 336 35.29 -34.80 -70.89
CA ILE D 336 34.71 -33.80 -69.99
C ILE D 336 33.55 -33.09 -70.68
N GLU D 337 32.38 -33.15 -70.11
CA GLU D 337 31.25 -32.47 -70.73
C GLU D 337 30.21 -31.99 -69.72
N GLU D 338 29.41 -31.03 -70.16
CA GLU D 338 28.31 -30.54 -69.35
C GLU D 338 27.06 -31.23 -69.89
N VAL D 339 26.37 -31.99 -69.06
CA VAL D 339 25.25 -32.78 -69.52
C VAL D 339 24.00 -32.59 -68.68
N MET D 340 22.90 -33.04 -69.24
CA MET D 340 21.64 -33.00 -68.54
C MET D 340 21.41 -34.41 -67.99
N ILE D 341 21.36 -34.55 -66.67
CA ILE D 341 21.15 -35.85 -66.04
C ILE D 341 19.71 -35.97 -65.59
N GLY D 342 19.04 -34.83 -65.64
CA GLY D 342 17.65 -34.76 -65.26
C GLY D 342 17.09 -33.35 -65.40
N GLU D 343 17.53 -32.44 -64.53
CA GLU D 343 17.04 -31.06 -64.60
C GLU D 343 18.14 -29.98 -64.67
N ASP D 344 19.14 -30.11 -63.81
CA ASP D 344 20.25 -29.14 -63.71
C ASP D 344 21.40 -29.42 -64.69
N LYS D 345 21.99 -28.36 -65.27
CA LYS D 345 23.13 -28.50 -66.19
C LYS D 345 24.46 -28.71 -65.47
N LEU D 346 24.67 -29.92 -64.98
CA LEU D 346 25.90 -30.30 -64.28
C LEU D 346 27.03 -30.63 -65.26
N ILE D 347 28.26 -30.58 -64.76
CA ILE D 347 29.42 -30.93 -65.57
C ILE D 347 30.05 -32.20 -65.01
N HIS D 348 30.27 -33.18 -65.87
CA HIS D 348 30.84 -34.45 -65.46
C HIS D 348 32.26 -34.66 -65.93
N PHE D 349 33.14 -34.89 -64.99
CA PHE D 349 34.50 -35.23 -65.30
C PHE D 349 34.61 -36.74 -65.17
N SER D 350 34.97 -37.44 -66.22
CA SER D 350 35.04 -38.90 -66.12
C SER D 350 36.16 -39.50 -66.96
N GLY D 351 36.53 -40.73 -66.60
CA GLY D 351 37.60 -41.40 -67.31
C GLY D 351 38.92 -41.30 -66.58
N VAL D 352 39.00 -41.88 -65.39
CA VAL D 352 40.22 -41.78 -64.59
C VAL D 352 41.21 -42.91 -64.87
N ALA D 353 42.40 -42.51 -65.31
CA ALA D 353 43.48 -43.45 -65.61
C ALA D 353 44.04 -44.12 -64.34
N LEU D 354 44.16 -43.35 -63.26
CA LEU D 354 44.67 -43.87 -61.99
C LEU D 354 43.83 -45.02 -61.44
N GLY D 355 42.51 -44.80 -61.40
CA GLY D 355 41.56 -45.81 -60.93
C GLY D 355 41.43 -45.90 -59.40
N GLU D 356 42.41 -45.35 -58.68
CA GLU D 356 42.40 -45.38 -57.21
C GLU D 356 41.20 -44.67 -56.56
N ALA D 357 40.79 -43.53 -57.11
CA ALA D 357 39.71 -42.77 -56.49
C ALA D 357 38.49 -42.55 -57.40
N CYS D 358 37.31 -42.75 -56.81
CA CYS D 358 36.04 -42.60 -57.51
C CYS D 358 35.02 -41.71 -56.75
N THR D 359 33.98 -41.28 -57.46
CA THR D 359 32.93 -40.40 -56.92
C THR D 359 31.52 -41.01 -57.00
N ILE D 360 30.71 -40.80 -55.95
CA ILE D 360 29.34 -41.32 -55.91
C ILE D 360 28.33 -40.18 -56.02
N VAL D 361 27.36 -40.31 -56.93
CA VAL D 361 26.37 -39.27 -57.14
C VAL D 361 24.97 -39.74 -56.68
N LEU D 362 24.34 -38.94 -55.83
CA LEU D 362 23.03 -39.27 -55.27
C LEU D 362 21.89 -38.42 -55.83
N ARG D 363 20.74 -39.06 -55.97
CA ARG D 363 19.50 -38.43 -56.44
C ARG D 363 18.36 -38.78 -55.45
N GLY D 364 17.30 -37.98 -55.35
CA GLY D 364 16.25 -38.38 -54.40
C GLY D 364 15.11 -37.41 -54.05
N ALA D 365 14.22 -37.18 -55.01
CA ALA D 365 12.98 -36.38 -54.83
C ALA D 365 13.16 -34.90 -54.42
N THR D 366 14.38 -34.36 -54.48
CA THR D 366 14.68 -32.92 -54.16
C THR D 366 13.95 -32.27 -52.94
N GLN D 367 14.64 -32.24 -51.78
CA GLN D 367 14.09 -31.58 -50.57
C GLN D 367 15.09 -31.52 -49.39
N GLN D 368 14.66 -30.94 -48.28
CA GLN D 368 15.46 -30.79 -47.05
C GLN D 368 15.87 -32.18 -46.53
N ILE D 369 14.94 -33.10 -46.63
CA ILE D 369 15.11 -34.52 -46.24
C ILE D 369 16.26 -35.16 -47.05
N LEU D 370 16.35 -34.79 -48.32
CA LEU D 370 17.39 -35.29 -49.24
C LEU D 370 18.78 -34.90 -48.67
N ASP D 371 18.86 -33.72 -48.05
CA ASP D 371 20.09 -33.24 -47.37
C ASP D 371 20.46 -34.24 -46.26
N GLU D 372 19.45 -34.75 -45.59
CA GLU D 372 19.61 -35.74 -44.50
C GLU D 372 20.30 -37.00 -45.06
N ALA D 373 19.96 -37.40 -46.28
CA ALA D 373 20.59 -38.56 -46.93
C ALA D 373 22.09 -38.29 -47.05
N GLU D 374 22.44 -37.03 -47.32
CA GLU D 374 23.84 -36.60 -47.39
C GLU D 374 24.54 -36.84 -46.03
N ARG D 375 23.81 -36.57 -44.95
CA ARG D 375 24.33 -36.75 -43.58
C ARG D 375 24.75 -38.21 -43.28
N SER D 376 23.83 -39.14 -43.57
CA SER D 376 24.06 -40.57 -43.31
C SER D 376 25.04 -41.28 -44.26
N LEU D 377 25.19 -40.78 -45.50
CA LEU D 377 26.14 -41.39 -46.42
C LEU D 377 27.56 -41.25 -45.85
N HIS D 378 27.80 -40.07 -45.25
CA HIS D 378 29.08 -39.79 -44.58
C HIS D 378 29.28 -40.80 -43.46
N ASP D 379 28.19 -41.09 -42.77
CA ASP D 379 28.19 -42.07 -41.69
C ASP D 379 28.56 -43.46 -42.21
N ALA D 380 28.05 -43.80 -43.40
CA ALA D 380 28.32 -45.09 -44.02
C ALA D 380 29.80 -45.26 -44.40
N LEU D 381 30.40 -44.22 -44.94
CA LEU D 381 31.81 -44.24 -45.34
C LEU D 381 32.71 -44.53 -44.13
N CYS D 382 32.50 -43.78 -43.05
CA CYS D 382 33.30 -43.91 -41.83
C CYS D 382 33.18 -45.26 -41.11
N VAL D 383 31.97 -45.81 -41.05
CA VAL D 383 31.76 -47.09 -40.36
C VAL D 383 32.42 -48.28 -41.07
N LEU D 384 32.30 -48.30 -42.39
CA LEU D 384 32.86 -49.39 -43.20
C LEU D 384 34.38 -49.46 -43.17
N ALA D 385 35.07 -48.33 -43.20
CA ALA D 385 36.53 -48.33 -43.19
C ALA D 385 37.09 -49.01 -41.94
N GLN D 386 36.50 -48.68 -40.79
CA GLN D 386 36.89 -49.26 -39.52
C GLN D 386 36.56 -50.75 -39.37
N THR D 387 35.38 -51.17 -39.85
CA THR D 387 34.95 -52.57 -39.70
C THR D 387 35.91 -53.57 -40.36
N VAL D 388 36.40 -53.26 -41.54
CA VAL D 388 37.37 -54.13 -42.20
C VAL D 388 38.75 -54.12 -41.51
N LYS D 389 39.24 -52.92 -41.19
CA LYS D 389 40.57 -52.76 -40.57
C LYS D 389 40.69 -53.30 -39.14
N ASP D 390 39.67 -53.09 -38.30
CA ASP D 390 39.72 -53.57 -36.91
C ASP D 390 39.65 -55.10 -36.76
N SER D 391 39.15 -55.75 -37.80
CA SER D 391 38.98 -57.22 -37.85
C SER D 391 38.01 -57.75 -36.77
N ARG D 392 37.22 -56.86 -36.17
CA ARG D 392 36.23 -57.27 -35.16
C ARG D 392 34.96 -56.41 -35.20
N THR D 393 33.89 -56.97 -34.68
CA THR D 393 32.58 -56.31 -34.55
C THR D 393 31.88 -56.87 -33.33
N VAL D 394 30.70 -56.37 -32.99
CA VAL D 394 29.90 -56.95 -31.89
C VAL D 394 28.47 -57.20 -32.37
N TYR D 395 27.71 -58.06 -31.70
CA TYR D 395 26.31 -58.25 -32.11
C TYR D 395 25.50 -57.01 -31.69
N GLY D 396 24.71 -56.50 -32.61
CA GLY D 396 23.93 -55.31 -32.34
C GLY D 396 22.56 -55.59 -31.77
N GLY D 397 21.76 -54.53 -31.61
CA GLY D 397 20.42 -54.68 -31.08
C GLY D 397 20.43 -55.04 -29.61
N GLY D 398 21.54 -54.76 -28.96
CA GLY D 398 21.68 -55.04 -27.55
C GLY D 398 22.00 -56.50 -27.25
N CYS D 399 22.32 -57.30 -28.27
CA CYS D 399 22.64 -58.72 -28.04
C CYS D 399 23.85 -58.89 -27.12
N SER D 400 24.93 -58.18 -27.45
CA SER D 400 26.14 -58.21 -26.63
C SER D 400 25.87 -57.69 -25.23
N GLU D 401 25.08 -56.64 -25.23
CA GLU D 401 24.68 -55.90 -24.05
C GLU D 401 23.93 -56.71 -22.99
N MET D 402 22.89 -57.48 -23.39
CA MET D 402 22.16 -58.26 -22.41
C MET D 402 23.01 -59.42 -21.87
N LEU D 403 23.76 -60.07 -22.78
CA LEU D 403 24.62 -61.21 -22.42
C LEU D 403 25.67 -60.80 -21.39
N MET D 404 26.28 -59.66 -21.66
CA MET D 404 27.28 -59.09 -20.77
C MET D 404 26.66 -58.80 -19.40
N ALA D 405 25.42 -58.31 -19.41
CA ALA D 405 24.70 -58.04 -18.16
C ALA D 405 24.51 -59.31 -17.31
N HIS D 406 24.19 -60.43 -17.97
CA HIS D 406 24.03 -61.71 -17.26
C HIS D 406 25.34 -62.14 -16.56
N ALA D 407 26.45 -61.94 -17.25
CA ALA D 407 27.78 -62.30 -16.73
C ALA D 407 28.22 -61.40 -15.56
N VAL D 408 27.94 -60.10 -15.66
CA VAL D 408 28.33 -59.13 -14.63
C VAL D 408 27.54 -59.28 -13.32
N THR D 409 26.30 -59.73 -13.39
CA THR D 409 25.48 -59.91 -12.17
C THR D 409 26.13 -60.91 -11.20
N GLN D 410 26.70 -61.99 -11.73
CA GLN D 410 27.41 -63.00 -10.91
C GLN D 410 28.63 -62.38 -10.21
N LEU D 411 29.31 -61.51 -10.95
CA LEU D 411 30.53 -60.85 -10.49
C LEU D 411 30.35 -60.00 -9.24
N ALA D 412 29.23 -59.28 -9.16
CA ALA D 412 28.97 -58.43 -7.98
C ALA D 412 28.94 -59.29 -6.72
N SER D 413 28.33 -60.46 -6.84
CA SER D 413 28.25 -61.41 -5.74
C SER D 413 29.64 -61.94 -5.32
N ARG D 414 30.50 -62.22 -6.31
CA ARG D 414 31.87 -62.69 -6.06
C ARG D 414 32.78 -61.77 -5.27
N THR D 415 32.72 -60.49 -5.52
CA THR D 415 33.62 -59.57 -4.84
C THR D 415 33.32 -59.36 -3.34
N PRO D 416 34.38 -59.12 -2.53
CA PRO D 416 34.28 -58.76 -1.14
C PRO D 416 34.46 -57.23 -0.96
N GLY D 417 34.61 -56.78 0.28
CA GLY D 417 34.85 -55.36 0.54
C GLY D 417 33.90 -54.40 -0.17
N LYS D 418 34.35 -53.18 -0.44
CA LYS D 418 33.52 -52.13 -1.08
C LYS D 418 33.21 -52.45 -2.55
N GLU D 419 33.87 -53.47 -3.08
CA GLU D 419 33.71 -53.90 -4.47
C GLU D 419 32.27 -54.32 -4.81
N ALA D 420 31.60 -55.02 -3.89
CA ALA D 420 30.26 -55.56 -4.19
C ALA D 420 29.20 -54.48 -4.54
N VAL D 421 29.07 -53.40 -3.78
CA VAL D 421 28.10 -52.35 -4.14
C VAL D 421 28.41 -51.72 -5.50
N ALA D 422 29.68 -51.35 -5.71
CA ALA D 422 30.12 -50.73 -6.96
C ALA D 422 29.90 -51.63 -8.18
N MET D 423 30.36 -52.87 -8.07
CA MET D 423 30.17 -53.87 -9.13
C MET D 423 28.68 -54.11 -9.39
N GLU D 424 27.91 -54.15 -8.30
CA GLU D 424 26.46 -54.38 -8.37
C GLU D 424 25.75 -53.31 -9.18
N SER D 425 26.07 -52.05 -8.89
CA SER D 425 25.46 -50.95 -9.59
C SER D 425 25.83 -51.00 -11.07
N TYR D 426 27.08 -51.34 -11.34
CA TYR D 426 27.56 -51.49 -12.71
C TYR D 426 26.75 -52.56 -13.45
N ALA D 427 26.53 -53.71 -12.77
CA ALA D 427 25.80 -54.84 -13.35
C ALA D 427 24.36 -54.49 -13.75
N LYS D 428 23.66 -53.77 -12.88
CA LYS D 428 22.28 -53.36 -13.15
C LYS D 428 22.23 -52.30 -14.26
N ALA D 429 23.33 -51.57 -14.43
CA ALA D 429 23.45 -50.52 -15.46
C ALA D 429 23.27 -51.12 -16.86
N LEU D 430 23.82 -52.28 -17.08
CA LEU D 430 23.71 -52.99 -18.36
C LEU D 430 22.24 -53.29 -18.72
N ARG D 431 21.43 -53.52 -17.70
CA ARG D 431 20.00 -53.89 -17.85
C ARG D 431 19.16 -52.82 -18.60
N MET D 432 19.41 -51.55 -18.33
CA MET D 432 18.65 -50.47 -18.97
C MET D 432 18.80 -50.49 -20.52
N LEU D 433 20.01 -50.78 -21.02
CA LEU D 433 20.24 -50.80 -22.49
C LEU D 433 19.19 -51.66 -23.25
N PRO D 434 18.91 -52.93 -22.85
CA PRO D 434 17.84 -53.70 -23.48
C PRO D 434 16.51 -52.95 -23.48
N THR D 435 16.26 -52.27 -22.36
CA THR D 435 15.04 -51.49 -22.15
C THR D 435 14.93 -50.31 -23.12
N ILE D 436 16.06 -49.64 -23.36
CA ILE D 436 16.08 -48.49 -24.26
C ILE D 436 15.76 -48.90 -25.71
N ILE D 437 16.30 -50.04 -26.13
CA ILE D 437 16.06 -50.53 -27.49
C ILE D 437 14.61 -50.95 -27.70
N ALA D 438 14.04 -51.62 -26.70
CA ALA D 438 12.65 -52.05 -26.77
C ALA D 438 11.65 -50.91 -26.69
N ASP D 439 11.94 -49.95 -25.83
CA ASP D 439 11.04 -48.85 -25.60
C ASP D 439 10.99 -47.92 -26.83
N ASN D 440 12.15 -47.68 -27.49
CA ASN D 440 12.15 -46.87 -28.72
C ASN D 440 11.27 -47.58 -29.77
N ALA D 441 11.40 -48.91 -29.81
CA ALA D 441 10.59 -49.76 -30.67
C ALA D 441 9.13 -49.55 -30.30
N GLY D 442 8.94 -49.39 -28.99
CA GLY D 442 7.63 -49.13 -28.42
C GLY D 442 6.92 -50.32 -27.86
N TYR D 443 7.44 -51.49 -28.08
CA TYR D 443 6.85 -52.68 -27.51
C TYR D 443 7.08 -52.64 -26.01
N ASP D 444 6.17 -53.23 -25.26
CA ASP D 444 6.20 -53.08 -23.81
C ASP D 444 7.50 -53.63 -23.20
N SER D 445 8.20 -52.68 -22.53
CA SER D 445 9.50 -52.91 -21.91
C SER D 445 9.55 -53.97 -20.80
N ALA D 446 8.54 -54.05 -19.94
CA ALA D 446 8.56 -55.07 -18.87
C ALA D 446 8.62 -56.46 -19.47
N ASP D 447 7.72 -56.69 -20.41
CA ASP D 447 7.63 -57.96 -21.11
C ASP D 447 8.93 -58.27 -21.85
N LEU D 448 9.42 -57.28 -22.56
CA LEU D 448 10.63 -57.38 -23.36
C LEU D 448 11.90 -57.71 -22.56
N VAL D 449 12.12 -57.05 -21.43
CA VAL D 449 13.39 -57.23 -20.70
C VAL D 449 13.67 -58.66 -20.26
N ALA D 450 12.72 -59.31 -19.59
CA ALA D 450 12.93 -60.70 -19.16
C ALA D 450 12.97 -61.72 -20.30
N GLN D 451 12.08 -61.56 -21.30
CA GLN D 451 12.08 -62.52 -22.40
C GLN D 451 13.42 -62.48 -23.09
N LEU D 452 13.95 -61.26 -23.21
CA LEU D 452 15.27 -61.03 -23.76
C LEU D 452 16.35 -61.72 -22.93
N ARG D 453 16.26 -61.54 -21.60
CA ARG D 453 17.24 -62.10 -20.67
C ARG D 453 17.30 -63.62 -20.73
N ALA D 454 16.16 -64.28 -20.84
CA ALA D 454 16.12 -65.74 -20.92
C ALA D 454 16.90 -66.28 -22.13
N ALA D 455 16.79 -65.61 -23.28
CA ALA D 455 17.49 -66.06 -24.51
C ALA D 455 19.03 -65.94 -24.42
N HIS D 456 19.52 -64.86 -23.83
CA HIS D 456 20.98 -64.63 -23.63
C HIS D 456 21.61 -65.61 -22.65
N SER D 457 20.85 -65.88 -21.60
CA SER D 457 21.23 -66.80 -20.52
C SER D 457 21.46 -68.19 -21.10
N GLU D 458 20.64 -68.53 -22.08
CA GLU D 458 20.68 -69.83 -22.74
C GLU D 458 22.07 -70.05 -23.40
N GLY D 459 22.63 -69.01 -23.99
CA GLY D 459 23.95 -69.14 -24.61
C GLY D 459 23.96 -68.76 -26.08
N LYS D 460 22.88 -68.17 -26.55
CA LYS D 460 22.81 -67.78 -27.94
C LYS D 460 23.14 -66.29 -28.06
N THR D 461 24.38 -66.02 -28.47
CA THR D 461 24.90 -64.66 -28.63
C THR D 461 24.25 -63.91 -29.78
N THR D 462 23.77 -64.68 -30.75
CA THR D 462 23.10 -64.15 -31.94
C THR D 462 21.77 -63.48 -31.60
N ALA D 463 21.02 -64.09 -30.69
CA ALA D 463 19.71 -63.57 -30.27
C ALA D 463 19.81 -62.22 -29.56
N GLY D 464 18.87 -61.33 -29.86
CA GLY D 464 18.87 -60.01 -29.25
C GLY D 464 17.55 -59.28 -29.44
N LEU D 465 17.57 -57.96 -29.33
CA LEU D 465 16.34 -57.18 -29.48
C LEU D 465 16.00 -56.96 -30.94
N ASP D 466 14.83 -57.39 -31.37
CA ASP D 466 14.44 -57.11 -32.73
C ASP D 466 13.31 -56.09 -32.67
N MET D 467 13.64 -54.90 -33.09
CA MET D 467 12.71 -53.78 -33.10
C MET D 467 11.59 -53.96 -34.11
N LYS D 468 11.94 -54.49 -35.27
CA LYS D 468 10.95 -54.76 -36.33
C LYS D 468 9.94 -55.83 -35.87
N GLU D 469 10.45 -56.84 -35.18
CA GLU D 469 9.66 -57.95 -34.63
C GLU D 469 8.71 -57.51 -33.51
N GLY D 470 9.22 -56.61 -32.66
CA GLY D 470 8.47 -56.15 -31.50
C GLY D 470 8.77 -56.94 -30.24
N THR D 471 9.53 -58.01 -30.41
CA THR D 471 9.95 -58.85 -29.31
C THR D 471 11.47 -59.08 -29.40
N ILE D 472 11.88 -60.32 -29.31
CA ILE D 472 13.29 -60.67 -29.42
C ILE D 472 13.50 -61.62 -30.60
N GLY D 473 14.66 -61.57 -31.22
CA GLY D 473 14.92 -62.40 -32.37
C GLY D 473 16.39 -62.60 -32.67
N ASP D 474 16.71 -63.18 -33.82
CA ASP D 474 18.10 -63.44 -34.18
C ASP D 474 18.69 -62.23 -34.91
N MET D 475 19.60 -61.57 -34.21
CA MET D 475 20.31 -60.38 -34.68
C MET D 475 21.12 -60.64 -35.96
N SER D 476 21.76 -61.81 -35.99
CA SER D 476 22.61 -62.20 -37.12
C SER D 476 21.80 -62.25 -38.43
N VAL D 477 20.57 -62.74 -38.37
CA VAL D 477 19.71 -62.78 -39.56
C VAL D 477 19.47 -61.34 -40.06
N LEU D 478 19.27 -60.43 -39.12
CA LEU D 478 19.09 -59.01 -39.40
C LEU D 478 20.35 -58.46 -40.09
N GLY D 479 21.49 -58.93 -39.61
CA GLY D 479 22.76 -58.48 -40.14
C GLY D 479 23.27 -57.26 -39.43
N ILE D 480 22.74 -57.01 -38.25
CA ILE D 480 23.17 -55.84 -37.50
C ILE D 480 24.36 -56.21 -36.63
N THR D 481 25.44 -55.54 -36.91
CA THR D 481 26.67 -55.74 -36.20
C THR D 481 27.31 -54.38 -35.96
N GLU D 482 28.06 -54.25 -34.90
CA GLU D 482 28.66 -52.97 -34.58
C GLU D 482 30.18 -53.08 -34.56
N SER D 483 30.86 -52.02 -34.95
CA SER D 483 32.32 -52.02 -34.98
C SER D 483 32.89 -52.26 -33.57
N PHE D 484 33.95 -53.05 -33.52
CA PHE D 484 34.59 -53.42 -32.25
C PHE D 484 35.07 -52.18 -31.49
N GLN D 485 35.63 -51.22 -32.22
CA GLN D 485 36.07 -49.96 -31.60
C GLN D 485 34.92 -49.24 -30.92
N VAL D 486 33.72 -49.22 -31.51
CA VAL D 486 32.63 -48.47 -30.88
C VAL D 486 32.35 -49.01 -29.47
N LYS D 487 32.25 -50.32 -29.29
CA LYS D 487 31.98 -50.86 -27.95
C LYS D 487 33.11 -50.74 -26.91
N ARG D 488 34.37 -50.96 -27.29
CA ARG D 488 35.44 -50.82 -26.29
C ARG D 488 35.73 -49.38 -25.84
N GLN D 489 35.71 -48.40 -26.75
CA GLN D 489 35.93 -47.01 -26.34
C GLN D 489 34.80 -46.47 -25.49
N VAL D 490 33.56 -46.82 -25.84
CA VAL D 490 32.41 -46.34 -25.05
C VAL D 490 32.43 -46.86 -23.63
N LEU D 491 32.70 -48.15 -23.44
CA LEU D 491 32.67 -48.71 -22.09
C LEU D 491 33.70 -48.04 -21.19
N LEU D 492 34.92 -47.82 -21.69
CA LEU D 492 35.91 -47.12 -20.87
C LEU D 492 35.57 -45.64 -20.67
N SER D 493 35.09 -45.01 -21.75
CA SER D 493 34.73 -43.59 -21.75
C SER D 493 33.50 -43.21 -20.93
N ALA D 494 32.44 -44.00 -21.09
CA ALA D 494 31.19 -43.74 -20.37
C ALA D 494 31.43 -43.79 -18.89
N ALA D 495 32.20 -44.80 -18.52
CA ALA D 495 32.59 -45.03 -17.15
C ALA D 495 33.38 -43.86 -16.57
N GLU D 496 34.39 -43.45 -17.32
CA GLU D 496 35.25 -42.36 -16.91
C GLU D 496 34.51 -41.03 -16.84
N ALA D 497 33.62 -40.77 -17.80
CA ALA D 497 32.86 -39.52 -17.85
C ALA D 497 31.96 -39.33 -16.62
N ALA D 498 31.33 -40.42 -16.20
CA ALA D 498 30.42 -40.39 -15.06
C ALA D 498 31.05 -40.00 -13.73
N GLU D 499 32.26 -40.46 -13.44
CA GLU D 499 32.84 -40.13 -12.15
C GLU D 499 33.83 -38.94 -12.13
N VAL D 500 34.08 -38.31 -13.29
CA VAL D 500 34.91 -37.09 -13.28
C VAL D 500 34.07 -35.99 -12.62
N ILE D 501 32.79 -36.03 -12.97
CA ILE D 501 31.79 -35.07 -12.56
C ILE D 501 31.48 -35.12 -11.04
N LEU D 502 31.43 -36.32 -10.47
CA LEU D 502 31.12 -36.46 -9.04
C LEU D 502 32.17 -35.71 -8.18
N ARG D 503 33.43 -35.79 -8.58
CA ARG D 503 34.57 -35.15 -7.87
C ARG D 503 34.91 -33.72 -8.40
N VAL D 504 34.15 -33.25 -9.42
CA VAL D 504 34.39 -31.96 -10.14
C VAL D 504 35.03 -30.79 -9.38
N ASP D 505 34.22 -30.07 -8.59
CA ASP D 505 34.62 -28.84 -7.90
C ASP D 505 35.19 -27.75 -8.88
N ASN D 506 34.31 -26.78 -9.22
CA ASN D 506 34.61 -25.58 -10.10
C ASN D 506 34.99 -25.72 -11.63
N ILE D 507 34.34 -26.55 -12.47
CA ILE D 507 34.70 -26.52 -13.94
C ILE D 507 33.70 -25.73 -14.83
N ILE D 508 33.65 -26.07 -16.13
CA ILE D 508 32.86 -25.31 -17.13
C ILE D 508 31.36 -25.20 -16.90
N LYS D 509 30.68 -26.31 -16.64
CA LYS D 509 29.22 -26.27 -16.46
C LYS D 509 28.78 -27.31 -15.43
N ALA D 510 27.58 -27.16 -14.85
CA ALA D 510 27.07 -28.16 -13.89
C ALA D 510 25.56 -28.02 -13.63
N ALA D 511 25.15 -26.79 -13.31
CA ALA D 511 23.76 -26.43 -12.99
C ALA D 511 23.74 -24.98 -12.44
N PRO D 512 23.49 -24.65 -11.12
CA PRO D 512 23.51 -23.22 -10.73
C PRO D 512 24.89 -22.59 -10.98
N ARG D 513 24.89 -21.29 -11.27
CA ARG D 513 26.14 -20.58 -11.55
C ARG D 513 26.17 -19.22 -10.84
N ALA E 1 20.72 -30.59 -20.44
CA ALA E 1 20.30 -29.67 -21.53
C ALA E 1 18.81 -29.33 -21.42
N GLY E 2 18.14 -29.27 -22.58
CA GLY E 2 16.71 -28.98 -22.60
C GLY E 2 16.34 -27.70 -23.31
N ALA E 3 15.36 -27.82 -24.21
CA ALA E 3 14.85 -26.68 -24.94
C ALA E 3 13.32 -26.78 -25.08
N ASP E 4 12.60 -26.07 -24.20
CA ASP E 4 11.11 -26.03 -24.22
C ASP E 4 10.42 -27.36 -23.81
N GLU E 5 10.47 -27.73 -22.52
CA GLU E 5 9.77 -28.95 -22.04
C GLU E 5 8.50 -28.62 -21.24
N GLU E 6 7.37 -29.25 -21.59
CA GLU E 6 6.12 -29.05 -20.81
C GLU E 6 5.55 -30.36 -20.19
N ARG E 7 6.24 -31.49 -20.44
CA ARG E 7 5.91 -32.84 -19.89
C ARG E 7 4.62 -33.60 -20.29
N ALA E 8 4.71 -34.33 -21.41
CA ALA E 8 3.69 -35.29 -21.89
C ALA E 8 2.45 -34.77 -22.62
N GLU E 9 1.30 -34.74 -21.91
CA GLU E 9 0.02 -34.35 -22.55
C GLU E 9 0.08 -32.94 -23.12
N THR E 10 0.72 -32.05 -22.39
CA THR E 10 0.87 -30.67 -22.81
C THR E 10 1.73 -30.58 -24.08
N ALA E 11 2.80 -31.39 -24.13
CA ALA E 11 3.70 -31.42 -25.29
C ALA E 11 2.91 -31.83 -26.55
N ARG E 12 2.10 -32.85 -26.38
CA ARG E 12 1.20 -33.36 -27.42
C ARG E 12 0.20 -32.27 -27.84
N LEU E 13 -0.28 -31.54 -26.83
CA LEU E 13 -1.27 -30.49 -27.03
C LEU E 13 -0.78 -29.39 -27.97
N SER E 14 0.48 -28.97 -27.87
CA SER E 14 0.96 -27.92 -28.78
C SER E 14 0.85 -28.38 -30.24
N SER E 15 1.16 -29.64 -30.50
CA SER E 15 0.99 -30.18 -31.84
C SER E 15 -0.49 -30.17 -32.23
N PHE E 16 -1.31 -30.54 -31.24
CA PHE E 16 -2.77 -30.62 -31.36
C PHE E 16 -3.40 -29.26 -31.70
N ILE E 17 -2.98 -28.23 -30.94
CA ILE E 17 -3.48 -26.86 -31.09
C ILE E 17 -3.13 -26.26 -32.46
N GLY E 18 -1.92 -26.51 -32.94
CA GLY E 18 -1.53 -25.98 -34.24
C GLY E 18 -2.43 -26.46 -35.36
N ALA E 19 -2.81 -27.73 -35.30
CA ALA E 19 -3.69 -28.33 -36.30
C ALA E 19 -5.13 -27.79 -36.24
N ILE E 20 -5.65 -27.61 -35.02
CA ILE E 20 -7.03 -27.11 -34.86
C ILE E 20 -7.21 -25.64 -35.28
N ALA E 21 -6.24 -24.79 -34.95
CA ALA E 21 -6.31 -23.36 -35.29
C ALA E 21 -6.31 -23.09 -36.79
N ILE E 22 -5.49 -23.83 -37.52
CA ILE E 22 -5.37 -23.69 -38.98
C ILE E 22 -6.62 -24.17 -39.72
N GLY E 23 -7.23 -25.25 -39.22
CA GLY E 23 -8.39 -25.83 -39.88
C GLY E 23 -9.60 -24.89 -39.99
N ASP E 24 -9.87 -24.09 -38.96
CA ASP E 24 -11.03 -23.18 -39.04
C ASP E 24 -10.90 -22.12 -40.14
N LEU E 25 -9.70 -21.55 -40.34
CA LEU E 25 -9.48 -20.54 -41.39
C LEU E 25 -9.54 -21.13 -42.80
N VAL E 26 -8.97 -22.32 -42.97
CA VAL E 26 -8.96 -23.02 -44.26
C VAL E 26 -10.34 -23.60 -44.59
N LYS E 27 -11.14 -23.78 -43.56
CA LYS E 27 -12.50 -24.33 -43.65
C LYS E 27 -13.47 -23.52 -44.53
N SER E 28 -13.44 -22.21 -44.38
CA SER E 28 -14.31 -21.32 -45.17
C SER E 28 -13.89 -21.28 -46.66
N THR E 29 -12.63 -21.65 -46.87
CA THR E 29 -11.98 -21.64 -48.17
C THR E 29 -12.62 -22.61 -49.22
N LEU E 30 -13.04 -23.80 -48.81
CA LEU E 30 -13.59 -24.85 -49.72
C LEU E 30 -15.03 -24.58 -50.24
N GLY E 31 -15.44 -25.25 -51.36
CA GLY E 31 -16.83 -25.18 -51.86
C GLY E 31 -17.22 -24.02 -52.80
N PRO E 32 -18.35 -24.19 -53.60
CA PRO E 32 -18.90 -23.19 -54.59
C PRO E 32 -19.07 -21.79 -54.03
N LYS E 33 -19.53 -21.66 -52.80
CA LYS E 33 -19.58 -20.34 -52.24
C LYS E 33 -18.49 -20.22 -51.21
N GLY E 34 -17.40 -19.61 -51.65
CA GLY E 34 -16.25 -19.42 -50.81
C GLY E 34 -16.21 -18.07 -50.17
N MET E 35 -15.38 -17.98 -49.15
CA MET E 35 -15.22 -16.74 -48.42
C MET E 35 -13.78 -16.26 -48.47
N ASP E 36 -13.62 -14.96 -48.63
CA ASP E 36 -12.30 -14.35 -48.70
C ASP E 36 -11.95 -13.67 -47.41
N LYS E 37 -10.78 -13.98 -46.91
CA LYS E 37 -10.32 -13.39 -45.68
C LYS E 37 -9.37 -12.25 -46.01
N ILE E 38 -9.59 -11.12 -45.38
CA ILE E 38 -8.79 -9.93 -45.64
C ILE E 38 -7.79 -9.76 -44.52
N LEU E 39 -6.52 -9.77 -44.89
CA LEU E 39 -5.46 -9.70 -43.90
C LEU E 39 -4.60 -8.44 -44.07
N LEU E 40 -4.46 -7.67 -43.00
CA LEU E 40 -3.70 -6.41 -43.02
C LEU E 40 -2.54 -6.45 -42.00
N SER E 41 -1.40 -5.92 -42.39
CA SER E 41 -0.23 -5.92 -41.51
C SER E 41 0.57 -4.61 -41.58
N SER E 42 1.35 -4.38 -40.55
CA SER E 42 2.20 -3.20 -40.43
C SER E 42 3.66 -3.60 -40.44
N GLY E 43 4.48 -2.83 -41.12
CA GLY E 43 5.89 -3.16 -41.20
C GLY E 43 6.22 -4.00 -42.42
N ARG E 44 6.57 -3.33 -43.50
CA ARG E 44 6.91 -3.96 -44.80
C ARG E 44 5.78 -4.72 -45.50
N ASP E 45 4.54 -4.42 -45.14
CA ASP E 45 3.36 -4.91 -45.86
C ASP E 45 2.59 -3.67 -46.34
N ALA E 46 2.30 -3.60 -47.64
CA ALA E 46 1.63 -2.41 -48.22
C ALA E 46 0.18 -2.21 -47.83
N SER E 47 -0.62 -3.22 -48.09
CA SER E 47 -2.05 -3.16 -47.84
C SER E 47 -2.55 -4.55 -47.53
N LEU E 48 -3.82 -4.67 -47.26
CA LEU E 48 -4.37 -5.96 -46.92
C LEU E 48 -4.16 -6.93 -48.08
N MET E 49 -3.62 -8.08 -47.75
CA MET E 49 -3.38 -9.12 -48.72
C MET E 49 -4.52 -10.09 -48.60
N VAL E 50 -5.24 -10.26 -49.66
CA VAL E 50 -6.34 -11.18 -49.62
C VAL E 50 -5.99 -12.29 -50.54
N THR E 51 -5.92 -13.48 -50.00
CA THR E 51 -5.60 -14.60 -50.82
C THR E 51 -6.63 -15.67 -50.62
N ASN E 52 -7.30 -16.02 -51.70
CA ASN E 52 -8.28 -17.06 -51.63
C ASN E 52 -7.59 -18.40 -51.43
N ASP E 53 -6.47 -18.57 -52.11
CA ASP E 53 -5.69 -19.79 -52.04
C ASP E 53 -5.02 -19.90 -50.67
N GLY E 54 -5.39 -20.94 -49.93
CA GLY E 54 -4.84 -21.16 -48.59
C GLY E 54 -3.33 -21.33 -48.55
N ALA E 55 -2.77 -22.05 -49.51
CA ALA E 55 -1.33 -22.30 -49.54
C ALA E 55 -0.48 -21.02 -49.64
N THR E 56 -0.90 -20.07 -50.48
CA THR E 56 -0.14 -18.83 -50.65
C THR E 56 -0.03 -17.99 -49.37
N ILE E 57 -1.11 -17.88 -48.61
CA ILE E 57 -1.09 -17.09 -47.37
C ILE E 57 -0.24 -17.73 -46.27
N LEU E 58 -0.31 -19.06 -46.13
CA LEU E 58 0.49 -19.74 -45.10
C LEU E 58 2.00 -19.58 -45.34
N LYS E 59 2.40 -19.66 -46.60
CA LYS E 59 3.81 -19.48 -47.00
C LYS E 59 4.39 -18.10 -46.69
N ASN E 60 3.59 -17.08 -46.90
CA ASN E 60 4.04 -15.70 -46.71
C ASN E 60 4.52 -15.35 -45.30
N ILE E 61 3.86 -15.83 -44.25
CA ILE E 61 4.29 -15.46 -42.90
C ILE E 61 4.27 -16.58 -41.83
N GLY E 62 5.31 -16.57 -41.00
CA GLY E 62 5.39 -17.49 -39.85
C GLY E 62 5.19 -16.67 -38.58
N VAL E 63 3.92 -16.39 -38.30
CA VAL E 63 3.50 -15.52 -37.17
C VAL E 63 3.84 -15.95 -35.73
N ASP E 64 3.75 -17.23 -35.36
CA ASP E 64 3.98 -17.56 -33.94
C ASP E 64 4.75 -18.86 -33.64
N ASN E 65 5.14 -18.92 -32.36
CA ASN E 65 5.94 -20.00 -31.73
C ASN E 65 5.50 -21.47 -31.92
N PRO E 66 4.19 -21.85 -31.87
CA PRO E 66 3.81 -23.28 -31.99
C PRO E 66 4.23 -23.92 -33.31
N ALA E 67 4.51 -25.23 -33.26
CA ALA E 67 4.97 -25.95 -34.44
C ALA E 67 3.82 -26.28 -35.40
N ALA E 68 4.03 -25.88 -36.66
CA ALA E 68 3.04 -26.09 -37.73
C ALA E 68 3.57 -25.54 -39.06
N LYS E 69 4.55 -24.65 -38.97
CA LYS E 69 5.15 -23.99 -40.15
C LYS E 69 5.78 -25.01 -41.12
N VAL E 70 6.44 -26.02 -40.59
CA VAL E 70 7.08 -27.05 -41.44
C VAL E 70 6.03 -27.86 -42.22
N LEU E 71 4.91 -28.20 -41.56
CA LEU E 71 3.81 -28.93 -42.22
C LEU E 71 3.28 -28.10 -43.40
N VAL E 72 3.16 -26.80 -43.16
CA VAL E 72 2.70 -25.82 -44.15
C VAL E 72 3.62 -25.72 -45.38
N ASP E 73 4.92 -25.75 -45.13
CA ASP E 73 5.96 -25.61 -46.16
C ASP E 73 5.87 -26.69 -47.25
N MET E 74 5.59 -27.91 -46.83
CA MET E 74 5.52 -29.07 -47.74
C MET E 74 4.46 -28.91 -48.84
N SER E 75 3.30 -28.35 -48.49
CA SER E 75 2.18 -28.19 -49.45
C SER E 75 2.59 -27.52 -50.80
N ARG E 76 3.59 -26.64 -50.80
CA ARG E 76 4.01 -25.96 -52.06
C ARG E 76 4.48 -26.94 -53.13
N VAL E 77 5.23 -27.98 -52.72
CA VAL E 77 5.76 -28.98 -53.66
C VAL E 77 4.60 -29.66 -54.37
N GLN E 78 3.55 -29.89 -53.62
CA GLN E 78 2.33 -30.46 -54.13
C GLN E 78 1.77 -29.55 -55.22
N ASP E 79 1.85 -28.23 -54.99
CA ASP E 79 1.32 -27.23 -55.93
C ASP E 79 1.98 -27.33 -57.32
N ASP E 80 3.29 -27.53 -57.38
CA ASP E 80 3.96 -27.68 -58.68
C ASP E 80 3.49 -28.96 -59.39
N GLU E 81 3.33 -30.03 -58.62
CA GLU E 81 2.88 -31.32 -59.15
C GLU E 81 1.40 -31.27 -59.60
N VAL E 82 0.59 -30.59 -58.83
CA VAL E 82 -0.85 -30.43 -59.11
C VAL E 82 -1.46 -29.37 -58.17
N GLY E 83 -1.11 -29.49 -56.89
CA GLY E 83 -1.50 -28.51 -55.91
C GLY E 83 -2.92 -28.45 -55.44
N ASP E 84 -3.58 -27.54 -56.10
CA ASP E 84 -4.91 -27.10 -55.79
C ASP E 84 -6.09 -27.84 -56.43
N GLY E 85 -7.19 -27.26 -56.02
CA GLY E 85 -8.56 -27.58 -56.34
C GLY E 85 -9.29 -26.71 -55.36
N THR E 86 -9.29 -27.19 -54.15
CA THR E 86 -9.75 -26.49 -52.98
C THR E 86 -8.75 -26.86 -51.90
N THR E 87 -8.47 -26.04 -50.90
CA THR E 87 -7.48 -26.48 -49.92
C THR E 87 -8.12 -27.50 -49.00
N SER E 88 -7.61 -28.71 -49.03
CA SER E 88 -8.17 -29.77 -48.20
C SER E 88 -7.14 -30.60 -47.44
N VAL E 89 -5.94 -30.75 -48.01
CA VAL E 89 -4.92 -31.64 -47.42
C VAL E 89 -4.52 -31.24 -46.00
N THR E 90 -4.39 -29.95 -45.76
CA THR E 90 -4.05 -29.45 -44.43
C THR E 90 -5.11 -29.82 -43.38
N VAL E 91 -6.38 -29.73 -43.79
CA VAL E 91 -7.52 -30.03 -42.92
C VAL E 91 -7.53 -31.49 -42.43
N LEU E 92 -7.29 -32.44 -43.35
CA LEU E 92 -7.27 -33.87 -43.00
C LEU E 92 -6.19 -34.20 -41.98
N ALA E 93 -5.03 -33.60 -42.15
CA ALA E 93 -3.93 -33.81 -41.22
C ALA E 93 -4.29 -33.34 -39.81
N ALA E 94 -4.96 -32.19 -39.75
CA ALA E 94 -5.38 -31.58 -38.48
C ALA E 94 -6.33 -32.45 -37.63
N GLU E 95 -7.33 -33.02 -38.28
CA GLU E 95 -8.35 -33.84 -37.60
C GLU E 95 -7.81 -35.18 -37.10
N LEU E 96 -6.68 -35.56 -37.65
CA LEU E 96 -5.97 -36.78 -37.28
C LEU E 96 -5.62 -36.71 -35.80
N LEU E 97 -5.20 -35.55 -35.40
CA LEU E 97 -4.83 -35.26 -34.02
C LEU E 97 -6.02 -35.49 -33.06
N ARG E 98 -7.23 -35.12 -33.47
CA ARG E 98 -8.43 -35.26 -32.62
C ARG E 98 -8.66 -36.70 -32.10
N GLU E 99 -8.09 -37.69 -32.78
CA GLU E 99 -8.17 -39.08 -32.31
C GLU E 99 -7.16 -39.35 -31.20
N ALA E 100 -6.25 -38.40 -30.99
CA ALA E 100 -5.21 -38.49 -29.94
C ALA E 100 -5.87 -38.61 -28.57
N GLU E 101 -7.03 -37.98 -28.40
CA GLU E 101 -7.78 -38.08 -27.14
C GLU E 101 -8.09 -39.57 -26.91
N SER E 102 -8.47 -40.24 -27.99
CA SER E 102 -8.69 -41.68 -28.00
C SER E 102 -7.39 -42.44 -27.65
N LEU E 103 -6.26 -41.93 -28.17
CA LEU E 103 -4.93 -42.56 -27.96
C LEU E 103 -4.52 -42.64 -26.48
N ILE E 104 -4.81 -41.63 -25.67
CA ILE E 104 -4.49 -41.76 -24.24
C ILE E 104 -5.28 -42.95 -23.67
N ALA E 105 -6.53 -43.08 -24.14
CA ALA E 105 -7.42 -44.20 -23.76
C ALA E 105 -6.86 -45.52 -24.33
N LYS E 106 -6.10 -45.40 -25.43
CA LYS E 106 -5.44 -46.54 -26.09
C LYS E 106 -4.47 -47.23 -25.11
N LYS E 107 -3.78 -46.41 -24.33
CA LYS E 107 -2.82 -46.87 -23.30
C LYS E 107 -1.66 -47.73 -23.84
N ILE E 108 -1.12 -47.36 -25.00
CA ILE E 108 0.01 -48.06 -25.60
C ILE E 108 0.96 -47.04 -26.22
N HIS E 109 2.18 -47.45 -26.53
CA HIS E 109 3.11 -46.53 -27.15
C HIS E 109 2.53 -46.04 -28.51
N PRO E 110 2.64 -44.73 -28.79
CA PRO E 110 2.06 -44.09 -30.00
C PRO E 110 2.58 -44.63 -31.34
N GLN E 111 3.80 -45.10 -31.34
CA GLN E 111 4.45 -45.64 -32.55
C GLN E 111 3.72 -46.86 -33.16
N THR E 112 3.10 -47.71 -32.34
CA THR E 112 2.32 -48.87 -32.87
C THR E 112 1.21 -48.31 -33.75
N ILE E 113 0.64 -47.22 -33.27
CA ILE E 113 -0.43 -46.46 -33.94
C ILE E 113 0.11 -45.99 -35.30
N ILE E 114 1.37 -45.58 -35.24
CA ILE E 114 2.15 -45.03 -36.35
C ILE E 114 2.30 -46.00 -37.53
N ALA E 115 2.51 -47.30 -37.26
CA ALA E 115 2.61 -48.29 -38.36
C ALA E 115 1.35 -48.18 -39.23
N GLY E 116 0.33 -47.63 -38.60
CA GLY E 116 -0.93 -47.36 -39.23
C GLY E 116 -0.81 -46.42 -40.42
N TRP E 117 0.12 -45.44 -40.37
CA TRP E 117 0.28 -44.50 -41.50
C TRP E 117 0.84 -45.12 -42.77
N ARG E 118 1.80 -46.01 -42.66
CA ARG E 118 2.24 -46.73 -43.83
C ARG E 118 1.04 -47.54 -44.35
N GLU E 119 0.30 -48.08 -43.38
CA GLU E 119 -0.99 -48.77 -43.59
C GLU E 119 -1.98 -47.76 -44.23
N ALA E 120 -1.91 -46.53 -43.73
CA ALA E 120 -2.73 -45.41 -44.18
C ALA E 120 -2.47 -45.18 -45.66
N THR E 121 -1.22 -45.38 -46.07
CA THR E 121 -0.91 -45.26 -47.47
C THR E 121 -1.77 -46.30 -48.19
N LYS E 122 -1.85 -47.50 -47.60
CA LYS E 122 -2.69 -48.60 -48.10
C LYS E 122 -4.19 -48.24 -48.14
N ALA E 123 -4.69 -47.71 -47.01
CA ALA E 123 -6.11 -47.34 -46.85
C ALA E 123 -6.56 -46.32 -47.89
N ALA E 124 -5.79 -45.27 -48.00
CA ALA E 124 -6.05 -44.22 -48.95
C ALA E 124 -5.80 -44.72 -50.37
N ARG E 125 -4.72 -45.51 -50.50
CA ARG E 125 -4.33 -46.13 -51.78
C ARG E 125 -5.42 -47.06 -52.31
N GLN E 126 -6.07 -47.81 -51.42
CA GLN E 126 -7.14 -48.69 -51.88
C GLN E 126 -8.21 -47.84 -52.49
N ALA E 127 -8.49 -46.70 -51.85
CA ALA E 127 -9.53 -45.78 -52.31
C ALA E 127 -9.27 -45.26 -53.70
N LEU E 128 -8.03 -44.94 -54.03
CA LEU E 128 -7.77 -44.52 -55.39
C LEU E 128 -7.96 -45.77 -56.23
N LEU E 129 -8.58 -45.60 -57.36
CA LEU E 129 -8.90 -46.70 -58.26
C LEU E 129 -9.83 -47.76 -57.60
N ASN E 130 -10.48 -47.38 -56.49
CA ASN E 130 -11.53 -48.20 -55.84
C ASN E 130 -12.81 -47.40 -55.90
N SER E 131 -12.61 -46.17 -56.31
CA SER E 131 -13.68 -45.23 -56.56
C SER E 131 -13.56 -44.92 -58.03
N ALA E 132 -14.44 -45.54 -58.82
CA ALA E 132 -14.44 -45.46 -60.30
C ALA E 132 -13.34 -44.58 -60.88
N VAL E 133 -13.62 -43.27 -60.91
CA VAL E 133 -12.78 -42.16 -61.42
C VAL E 133 -13.41 -41.71 -62.73
N ASP E 134 -12.63 -41.18 -63.64
CA ASP E 134 -13.16 -40.82 -64.93
C ASP E 134 -12.38 -41.61 -65.96
N HIS E 135 -13.03 -42.07 -67.01
CA HIS E 135 -12.29 -42.78 -68.04
C HIS E 135 -11.22 -41.86 -68.62
N GLY E 136 -11.58 -40.59 -68.78
CA GLY E 136 -10.62 -39.60 -69.24
C GLY E 136 -11.08 -38.83 -70.45
N SER E 137 -10.53 -37.63 -70.62
CA SER E 137 -10.86 -36.81 -71.77
C SER E 137 -10.16 -37.41 -72.98
N ASP E 138 -10.89 -37.58 -74.06
CA ASP E 138 -10.34 -38.20 -75.26
C ASP E 138 -9.15 -37.40 -75.85
N GLU E 139 -9.30 -36.07 -75.82
CA GLU E 139 -8.30 -35.08 -76.29
C GLU E 139 -9.07 -33.87 -76.83
N VAL E 140 -8.76 -32.67 -76.35
CA VAL E 140 -9.49 -31.46 -76.77
C VAL E 140 -10.90 -31.52 -76.15
N LYS E 141 -11.68 -32.48 -76.66
CA LYS E 141 -13.03 -32.82 -76.19
C LYS E 141 -14.04 -31.65 -76.30
N PHE E 142 -15.18 -31.93 -76.93
CA PHE E 142 -16.20 -30.91 -77.17
C PHE E 142 -16.80 -30.26 -75.88
N ARG E 143 -17.32 -31.10 -74.98
CA ARG E 143 -17.97 -30.59 -73.73
C ARG E 143 -17.25 -30.85 -72.41
N GLN E 144 -16.49 -31.94 -72.31
CA GLN E 144 -15.84 -32.30 -71.04
C GLN E 144 -14.53 -31.52 -70.86
N ASP E 145 -14.31 -30.55 -71.73
CA ASP E 145 -13.11 -29.73 -71.68
C ASP E 145 -13.08 -29.01 -70.31
N LEU E 146 -14.23 -28.48 -69.88
CA LEU E 146 -14.35 -27.88 -68.56
C LEU E 146 -15.77 -28.00 -68.01
N MET E 147 -16.22 -26.93 -67.36
CA MET E 147 -17.49 -26.92 -66.65
C MET E 147 -17.36 -28.05 -65.64
N ASN E 148 -16.11 -28.20 -65.17
CA ASN E 148 -15.70 -29.28 -64.29
C ASN E 148 -14.93 -28.79 -63.03
N ILE E 149 -13.68 -29.28 -62.91
CA ILE E 149 -12.77 -28.98 -61.78
C ILE E 149 -12.43 -27.50 -61.60
N ALA E 150 -12.21 -26.79 -62.70
CA ALA E 150 -11.86 -25.38 -62.61
C ALA E 150 -12.98 -24.61 -61.91
N GLY E 151 -14.23 -24.97 -62.22
CA GLY E 151 -15.36 -24.33 -61.56
C GLY E 151 -15.30 -24.57 -60.05
N THR E 152 -14.91 -25.78 -59.66
CA THR E 152 -14.70 -26.13 -58.24
C THR E 152 -13.52 -25.38 -57.61
N THR E 153 -12.45 -25.23 -58.37
CA THR E 153 -11.30 -24.49 -57.89
C THR E 153 -11.70 -23.04 -57.61
N LEU E 154 -12.53 -22.52 -58.51
CA LEU E 154 -13.07 -21.16 -58.39
C LEU E 154 -14.24 -21.08 -57.44
N SER E 155 -14.73 -22.23 -57.02
CA SER E 155 -15.85 -22.31 -56.11
C SER E 155 -15.50 -21.61 -54.81
N SER E 156 -14.27 -21.83 -54.43
CA SER E 156 -13.71 -21.27 -53.22
C SER E 156 -13.56 -19.75 -53.31
N LYS E 157 -13.55 -19.25 -54.53
CA LYS E 157 -13.32 -17.83 -54.79
C LYS E 157 -14.62 -17.02 -55.04
N LEU E 158 -14.66 -15.82 -54.45
CA LEU E 158 -15.83 -14.91 -54.52
C LEU E 158 -16.25 -14.46 -55.94
N LEU E 159 -15.26 -14.17 -56.79
CA LEU E 159 -15.51 -13.70 -58.16
C LEU E 159 -16.37 -14.65 -59.03
N THR E 160 -16.75 -15.82 -58.49
CA THR E 160 -17.53 -16.86 -59.19
C THR E 160 -18.86 -16.37 -59.77
N HIS E 161 -19.32 -15.19 -59.39
CA HIS E 161 -20.57 -14.69 -59.96
C HIS E 161 -20.41 -14.58 -61.49
N HIS E 162 -19.24 -14.12 -61.94
CA HIS E 162 -18.91 -14.08 -63.38
C HIS E 162 -17.68 -14.96 -63.70
N LYS E 163 -16.93 -15.27 -62.64
CA LYS E 163 -15.67 -16.04 -62.72
C LYS E 163 -15.84 -17.45 -63.31
N ASP E 164 -16.91 -18.16 -62.98
CA ASP E 164 -17.07 -19.52 -63.50
C ASP E 164 -16.99 -19.50 -65.04
N HIS E 165 -17.50 -18.44 -65.66
CA HIS E 165 -17.37 -18.28 -67.12
C HIS E 165 -15.86 -18.22 -67.51
N PHE E 166 -15.08 -17.49 -66.69
CA PHE E 166 -13.63 -17.31 -66.90
C PHE E 166 -12.90 -18.66 -66.89
N THR E 167 -13.35 -19.50 -65.95
CA THR E 167 -12.82 -20.83 -65.76
C THR E 167 -13.01 -21.71 -66.99
N LYS E 168 -14.18 -21.56 -67.61
CA LYS E 168 -14.53 -22.31 -68.82
C LYS E 168 -13.54 -21.97 -69.93
N LEU E 169 -13.20 -20.70 -69.99
CA LEU E 169 -12.25 -20.13 -70.94
C LEU E 169 -10.84 -20.74 -70.81
N ALA E 170 -10.42 -20.99 -69.57
CA ALA E 170 -9.04 -21.46 -69.28
C ALA E 170 -8.70 -22.81 -69.94
N VAL E 171 -9.62 -23.76 -69.99
CA VAL E 171 -9.32 -25.04 -70.68
C VAL E 171 -9.05 -24.87 -72.15
N GLU E 172 -9.66 -23.89 -72.80
CA GLU E 172 -9.39 -23.67 -74.22
C GLU E 172 -7.89 -23.39 -74.37
N ALA E 173 -7.38 -22.63 -73.43
CA ALA E 173 -5.96 -22.28 -73.37
C ALA E 173 -5.07 -23.51 -73.14
N VAL E 174 -5.52 -24.43 -72.29
CA VAL E 174 -4.77 -25.64 -71.99
C VAL E 174 -4.72 -26.60 -73.17
N LEU E 175 -5.76 -26.55 -74.03
CA LEU E 175 -5.82 -27.45 -75.18
C LEU E 175 -4.62 -27.26 -76.12
N ARG E 176 -4.21 -26.02 -76.34
CA ARG E 176 -3.04 -25.76 -77.15
C ARG E 176 -1.73 -26.20 -76.44
N LEU E 177 -1.66 -25.97 -75.13
CA LEU E 177 -0.50 -26.34 -74.31
C LEU E 177 -0.30 -27.87 -74.19
N LYS E 178 -1.40 -28.62 -74.05
CA LYS E 178 -1.39 -30.09 -73.79
C LYS E 178 -0.02 -30.79 -73.91
N GLY E 179 0.37 -31.21 -72.71
CA GLY E 179 1.65 -31.83 -72.35
C GLY E 179 2.56 -32.50 -73.37
N SER E 180 3.57 -31.73 -73.76
CA SER E 180 4.71 -32.20 -74.55
C SER E 180 5.94 -32.04 -73.62
N GLY E 181 5.56 -31.74 -72.37
CA GLY E 181 6.49 -31.44 -71.28
C GLY E 181 5.70 -31.09 -70.01
N ASN E 182 6.18 -30.18 -69.17
CA ASN E 182 5.44 -29.82 -67.95
C ASN E 182 4.45 -28.66 -68.23
N LEU E 183 4.92 -27.42 -68.25
CA LEU E 183 4.07 -26.28 -68.59
C LEU E 183 4.89 -24.99 -68.68
N GLU E 184 4.82 -24.37 -69.83
CA GLU E 184 5.52 -23.13 -70.11
C GLU E 184 4.68 -22.18 -70.93
N ALA E 185 5.05 -20.91 -70.87
CA ALA E 185 4.43 -19.85 -71.65
C ALA E 185 2.94 -19.55 -71.42
N ILE E 186 2.48 -19.54 -70.19
CA ILE E 186 1.11 -19.12 -69.94
C ILE E 186 1.09 -17.91 -69.02
N HIS E 187 0.52 -16.84 -69.55
CA HIS E 187 0.46 -15.56 -68.88
C HIS E 187 -0.95 -14.96 -68.87
N VAL E 188 -1.43 -14.54 -67.70
CA VAL E 188 -2.76 -13.94 -67.62
C VAL E 188 -2.79 -12.58 -66.87
N ILE E 189 -3.40 -11.55 -67.48
CA ILE E 189 -3.55 -10.22 -66.82
C ILE E 189 -4.95 -9.56 -67.01
N LYS E 190 -5.42 -8.97 -65.91
CA LYS E 190 -6.70 -8.21 -65.77
C LYS E 190 -6.65 -6.75 -66.30
N LYS E 191 -7.83 -6.19 -66.58
CA LYS E 191 -7.93 -4.75 -66.91
C LYS E 191 -9.17 -4.09 -66.23
N LEU E 192 -9.03 -2.79 -65.94
CA LEU E 192 -10.02 -1.96 -65.20
C LEU E 192 -11.40 -1.71 -65.83
N GLY E 193 -11.95 -2.61 -66.63
CA GLY E 193 -13.26 -2.33 -67.23
C GLY E 193 -14.24 -3.48 -67.21
N GLY E 194 -15.53 -3.15 -67.28
CA GLY E 194 -16.56 -4.17 -67.24
C GLY E 194 -17.14 -4.58 -68.60
N SER E 195 -17.37 -5.88 -68.74
CA SER E 195 -17.97 -6.47 -69.94
C SER E 195 -18.69 -7.76 -69.52
N LEU E 196 -19.71 -8.19 -70.26
CA LEU E 196 -20.42 -9.42 -69.87
C LEU E 196 -19.49 -10.65 -70.04
N ALA E 197 -18.71 -10.66 -71.12
CA ALA E 197 -17.76 -11.74 -71.41
C ALA E 197 -16.71 -11.88 -70.30
N ASP E 198 -16.25 -10.73 -69.82
CA ASP E 198 -15.25 -10.62 -68.75
C ASP E 198 -13.90 -11.27 -69.07
N SER E 199 -13.52 -11.33 -70.35
CA SER E 199 -12.21 -11.88 -70.75
C SER E 199 -12.10 -12.12 -72.25
N TYR E 200 -10.89 -12.02 -72.77
CA TYR E 200 -10.62 -12.32 -74.18
C TYR E 200 -9.38 -13.18 -74.35
N LEU E 201 -9.39 -13.99 -75.40
CA LEU E 201 -8.27 -14.88 -75.68
C LEU E 201 -7.43 -14.30 -76.82
N ASP E 202 -6.12 -14.23 -76.61
CA ASP E 202 -5.21 -13.66 -77.60
C ASP E 202 -4.19 -14.70 -78.07
N GLU E 203 -3.89 -14.66 -79.36
CA GLU E 203 -2.94 -15.58 -79.99
C GLU E 203 -1.49 -15.38 -79.48
N GLY E 204 -1.14 -14.16 -79.10
CA GLY E 204 0.22 -13.87 -78.67
C GLY E 204 0.38 -13.60 -77.17
N PHE E 205 1.49 -12.94 -76.81
CA PHE E 205 1.83 -12.63 -75.41
C PHE E 205 1.47 -11.18 -75.05
N LEU E 206 0.78 -11.03 -73.94
CA LEU E 206 0.32 -9.71 -73.47
C LEU E 206 1.23 -9.13 -72.36
N LEU E 207 1.66 -7.90 -72.58
CA LEU E 207 2.49 -7.16 -71.62
C LEU E 207 1.90 -5.74 -71.45
N ASP E 208 2.19 -5.06 -70.34
CA ASP E 208 1.64 -3.72 -70.16
C ASP E 208 2.66 -2.76 -69.55
N LYS E 209 3.54 -2.26 -70.41
CA LYS E 209 4.55 -1.27 -70.05
C LYS E 209 4.83 -0.36 -71.24
N LYS E 210 5.22 0.88 -71.00
CA LYS E 210 5.52 1.79 -72.11
C LYS E 210 6.75 2.66 -71.81
N ILE E 211 7.58 2.85 -72.84
CA ILE E 211 8.83 3.65 -72.70
C ILE E 211 8.51 5.08 -72.27
N GLY E 212 7.57 5.65 -73.00
CA GLY E 212 7.10 6.99 -72.79
C GLY E 212 6.06 7.34 -73.84
N VAL E 213 5.44 8.50 -73.73
CA VAL E 213 4.42 8.90 -74.72
C VAL E 213 5.02 9.03 -76.13
N ASN E 214 6.23 9.57 -76.23
CA ASN E 214 6.92 9.70 -77.52
C ASN E 214 7.40 8.32 -78.02
N GLN E 215 7.65 8.23 -79.33
CA GLN E 215 8.12 6.99 -80.04
C GLN E 215 7.09 6.61 -81.14
N PRO E 216 7.53 5.97 -82.25
CA PRO E 216 6.59 5.58 -83.31
C PRO E 216 5.51 4.61 -82.81
N LYS E 217 4.29 4.81 -83.28
CA LYS E 217 3.13 4.01 -82.88
C LYS E 217 3.23 2.52 -83.27
N ARG E 218 3.73 2.24 -84.47
CA ARG E 218 3.80 0.87 -84.99
C ARG E 218 5.20 0.44 -85.46
N ILE E 219 5.55 -0.81 -85.17
CA ILE E 219 6.82 -1.39 -85.61
C ILE E 219 6.61 -2.75 -86.28
N GLU E 220 7.31 -2.99 -87.39
CA GLU E 220 7.19 -4.24 -88.14
C GLU E 220 8.57 -4.84 -88.44
N ASN E 221 8.65 -6.16 -88.59
CA ASN E 221 9.94 -6.84 -88.80
C ASN E 221 10.80 -6.54 -87.58
N ALA E 222 10.13 -6.56 -86.44
CA ALA E 222 10.73 -6.20 -85.17
C ALA E 222 11.86 -7.10 -84.67
N LYS E 223 12.86 -6.44 -84.10
CA LYS E 223 13.99 -7.10 -83.47
C LYS E 223 13.87 -6.87 -81.98
N ILE E 224 14.02 -7.93 -81.20
CA ILE E 224 13.86 -7.84 -79.75
C ILE E 224 15.18 -8.01 -79.02
N LEU E 225 15.46 -7.07 -78.12
CA LEU E 225 16.71 -7.07 -77.36
C LEU E 225 16.40 -7.25 -75.85
N ILE E 226 17.07 -8.21 -75.20
CA ILE E 226 16.92 -8.46 -73.75
C ILE E 226 18.25 -8.30 -73.02
N ALA E 227 18.30 -7.41 -72.03
CA ALA E 227 19.56 -7.21 -71.29
C ALA E 227 19.44 -7.50 -69.78
N ASN E 228 20.32 -8.39 -69.29
CA ASN E 228 20.40 -8.73 -67.86
C ASN E 228 20.83 -7.54 -67.01
N THR E 229 21.77 -6.77 -67.52
CA THR E 229 22.30 -5.62 -66.81
C THR E 229 21.55 -4.36 -67.16
N GLY E 230 21.35 -3.54 -66.14
CA GLY E 230 20.62 -2.32 -66.33
C GLY E 230 21.38 -1.29 -67.15
N MET E 231 20.60 -0.41 -67.73
CA MET E 231 21.09 0.66 -68.55
C MET E 231 21.82 1.70 -67.67
N ASP E 232 21.41 1.74 -66.40
CA ASP E 232 21.94 2.69 -65.40
C ASP E 232 23.45 2.55 -65.16
N THR E 233 24.14 3.70 -65.12
CA THR E 233 25.59 3.74 -64.85
C THR E 233 25.97 4.90 -63.92
N ASP E 234 26.75 4.62 -62.85
CA ASP E 234 27.22 5.69 -61.93
C ASP E 234 27.98 5.17 -60.70
N LYS E 235 27.42 4.19 -60.00
CA LYS E 235 28.01 3.67 -58.76
C LYS E 235 29.42 3.06 -58.98
N ILE E 236 29.56 2.35 -60.09
CA ILE E 236 30.83 1.73 -60.54
C ILE E 236 31.55 0.82 -59.50
N LYS E 237 32.80 0.44 -59.84
CA LYS E 237 33.67 -0.42 -58.99
C LYS E 237 33.95 0.24 -57.62
N ILE E 238 34.36 1.50 -57.69
CA ILE E 238 34.64 2.34 -56.52
C ILE E 238 33.74 3.57 -56.57
N PHE E 239 33.04 3.90 -55.50
CA PHE E 239 32.10 5.04 -55.57
C PHE E 239 32.75 6.38 -55.91
N GLY E 240 33.92 6.62 -55.37
CA GLY E 240 34.54 7.93 -55.55
C GLY E 240 34.04 8.81 -54.42
N SER E 241 33.04 8.22 -53.75
CA SER E 241 32.33 8.78 -52.60
C SER E 241 31.32 9.85 -52.98
N ARG E 242 30.98 10.62 -51.97
CA ARG E 242 30.11 11.76 -52.08
C ARG E 242 31.19 12.86 -52.13
N VAL E 243 31.34 13.46 -53.31
CA VAL E 243 32.53 14.28 -53.57
C VAL E 243 32.61 15.79 -53.27
N ARG E 244 32.04 16.58 -54.18
CA ARG E 244 32.14 18.04 -54.18
C ARG E 244 33.40 18.39 -55.02
N VAL E 245 33.51 19.59 -55.53
CA VAL E 245 34.67 19.96 -56.36
C VAL E 245 35.05 21.44 -56.17
N ASP E 246 36.21 21.86 -56.67
CA ASP E 246 36.54 23.27 -56.58
C ASP E 246 35.59 24.00 -57.54
N SER E 247 34.66 24.75 -56.93
CA SER E 247 33.59 25.47 -57.62
C SER E 247 32.96 24.68 -58.78
N THR E 248 33.00 25.21 -60.00
CA THR E 248 32.42 24.49 -61.14
C THR E 248 33.41 24.27 -62.28
N ALA E 249 33.63 22.99 -62.65
CA ALA E 249 34.52 22.63 -63.77
C ALA E 249 34.58 21.11 -63.97
N LYS E 250 35.19 20.44 -62.99
CA LYS E 250 35.38 18.99 -62.99
C LYS E 250 34.08 18.17 -63.03
N VAL E 251 33.06 18.61 -62.30
CA VAL E 251 31.77 17.90 -62.26
C VAL E 251 31.25 17.62 -63.68
N ALA E 252 31.60 18.50 -64.60
CA ALA E 252 31.22 18.38 -66.01
C ALA E 252 31.77 17.07 -66.64
N GLU E 253 32.97 16.62 -66.23
CA GLU E 253 33.57 15.40 -66.78
C GLU E 253 32.65 14.20 -66.51
N ILE E 254 32.00 14.21 -65.34
CA ILE E 254 31.10 13.13 -64.96
C ILE E 254 29.96 13.05 -65.99
N GLU E 255 29.45 14.22 -66.38
CA GLU E 255 28.39 14.31 -67.39
C GLU E 255 28.85 13.72 -68.75
N HIS E 256 30.09 14.01 -69.12
CA HIS E 256 30.72 13.53 -70.37
C HIS E 256 30.80 11.99 -70.46
N ALA E 257 31.12 11.36 -69.34
CA ALA E 257 31.31 9.89 -69.26
C ALA E 257 30.02 9.16 -69.65
N GLU E 258 28.91 9.76 -69.30
CA GLU E 258 27.58 9.26 -69.62
C GLU E 258 27.34 9.14 -71.13
N LYS E 259 27.83 10.11 -71.87
CA LYS E 259 27.61 10.19 -73.31
C LYS E 259 28.19 8.94 -74.00
N GLU E 260 29.34 8.44 -73.54
CA GLU E 260 29.92 7.24 -74.13
C GLU E 260 28.95 6.05 -74.00
N LYS E 261 28.27 5.90 -72.87
CA LYS E 261 27.28 4.83 -72.72
C LYS E 261 26.12 5.02 -73.70
N MET E 262 25.68 6.26 -73.90
CA MET E 262 24.61 6.58 -74.86
C MET E 262 24.96 6.18 -76.30
N LYS E 263 26.16 6.59 -76.72
CA LYS E 263 26.64 6.34 -78.08
C LYS E 263 26.82 4.87 -78.42
N GLU E 264 27.35 4.08 -77.49
CA GLU E 264 27.54 2.66 -77.76
C GLU E 264 26.21 1.97 -78.04
N LYS E 265 25.20 2.38 -77.28
CA LYS E 265 23.86 1.82 -77.40
C LYS E 265 23.26 2.11 -78.79
N VAL E 266 23.42 3.33 -79.30
CA VAL E 266 22.88 3.70 -80.62
C VAL E 266 23.66 3.10 -81.80
N GLU E 267 24.99 3.10 -81.70
CA GLU E 267 25.84 2.61 -82.79
C GLU E 267 25.58 1.14 -83.11
N ARG E 268 25.45 0.35 -82.06
CA ARG E 268 25.17 -1.09 -82.18
C ARG E 268 23.73 -1.31 -82.67
N ILE E 269 22.83 -0.49 -82.14
CA ILE E 269 21.40 -0.46 -82.48
C ILE E 269 21.01 -0.18 -83.92
N LEU E 270 21.56 0.86 -84.51
CA LEU E 270 21.18 1.25 -85.88
C LEU E 270 21.44 0.15 -86.92
N LYS E 271 22.59 -0.52 -86.83
CA LYS E 271 22.94 -1.59 -87.79
C LYS E 271 21.95 -2.77 -87.80
N HIS E 272 21.49 -3.15 -86.62
CA HIS E 272 20.54 -4.27 -86.46
C HIS E 272 19.15 -3.94 -87.02
N GLY E 273 18.70 -2.70 -86.79
CA GLY E 273 17.37 -2.30 -87.21
C GLY E 273 16.36 -2.40 -86.07
N ILE E 274 16.89 -2.73 -84.88
CA ILE E 274 16.14 -2.86 -83.61
C ILE E 274 14.78 -2.14 -83.58
N ASN E 275 13.72 -2.90 -83.38
CA ASN E 275 12.39 -2.31 -83.30
C ASN E 275 11.86 -2.23 -81.86
N CYS E 276 12.36 -3.11 -80.99
CA CYS E 276 11.91 -3.13 -79.60
C CYS E 276 13.01 -3.61 -78.63
N PHE E 277 13.11 -2.95 -77.50
CA PHE E 277 14.09 -3.31 -76.47
C PHE E 277 13.39 -3.66 -75.15
N ILE E 278 13.66 -4.84 -74.61
CA ILE E 278 13.06 -5.24 -73.34
C ILE E 278 14.14 -5.52 -72.27
N ASN E 279 14.08 -4.77 -71.18
CA ASN E 279 15.06 -4.93 -70.10
C ASN E 279 14.38 -5.31 -68.79
N ARG E 280 14.88 -6.35 -68.12
CA ARG E 280 14.31 -6.75 -66.84
C ARG E 280 15.00 -6.04 -65.69
N GLN E 281 14.53 -4.83 -65.39
CA GLN E 281 15.00 -3.98 -64.27
C GLN E 281 14.96 -2.49 -64.65
N LEU E 282 15.56 -1.66 -63.82
CA LEU E 282 15.60 -0.21 -64.05
C LEU E 282 16.32 0.15 -65.36
N ILE E 283 15.77 1.14 -66.05
CA ILE E 283 16.30 1.59 -67.34
C ILE E 283 16.87 3.00 -67.17
N TYR E 284 17.87 3.35 -67.95
CA TYR E 284 18.51 4.64 -67.80
C TYR E 284 17.86 5.66 -68.73
N ASN E 285 17.63 6.85 -68.21
CA ASN E 285 16.93 7.94 -68.92
C ASN E 285 17.59 8.45 -70.21
N TYR E 286 18.91 8.59 -70.25
CA TYR E 286 19.60 9.12 -71.45
C TYR E 286 19.25 8.41 -72.77
N PRO E 287 19.31 7.05 -72.83
CA PRO E 287 18.97 6.29 -74.04
C PRO E 287 17.53 6.51 -74.51
N GLU E 288 16.67 6.86 -73.56
CA GLU E 288 15.24 7.01 -73.84
C GLU E 288 14.98 8.08 -74.91
N GLN E 289 15.72 9.19 -74.86
CA GLN E 289 15.57 10.24 -75.87
C GLN E 289 16.03 9.73 -77.24
N LEU E 290 17.12 8.98 -77.18
CA LEU E 290 17.76 8.36 -78.34
C LEU E 290 16.82 7.40 -79.09
N PHE E 291 16.15 6.53 -78.32
CA PHE E 291 15.22 5.55 -78.91
C PHE E 291 14.07 6.23 -79.66
N GLY E 292 13.57 7.34 -79.10
CA GLY E 292 12.48 8.07 -79.73
C GLY E 292 12.82 8.62 -81.11
N ALA E 293 14.03 9.15 -81.26
CA ALA E 293 14.48 9.70 -82.54
C ALA E 293 14.71 8.60 -83.59
N ALA E 294 15.28 7.50 -83.13
CA ALA E 294 15.57 6.33 -83.97
C ALA E 294 14.29 5.66 -84.49
N GLY E 295 13.30 5.57 -83.62
CA GLY E 295 12.05 4.90 -83.96
C GLY E 295 12.02 3.50 -83.38
N VAL E 296 12.56 3.39 -82.18
CA VAL E 296 12.68 2.12 -81.46
C VAL E 296 11.92 2.15 -80.12
N MET E 297 11.09 1.16 -79.87
CA MET E 297 10.31 1.11 -78.63
C MET E 297 10.95 0.20 -77.57
N ALA E 298 11.23 0.76 -76.41
CA ALA E 298 11.84 0.01 -75.30
C ALA E 298 10.88 -0.18 -74.11
N ILE E 299 11.13 -1.20 -73.31
CA ILE E 299 10.28 -1.47 -72.16
C ILE E 299 11.07 -1.42 -70.85
N GLU E 300 10.66 -0.52 -69.95
CA GLU E 300 11.36 -0.33 -68.66
C GLU E 300 10.85 -1.27 -67.57
N HIS E 301 11.79 -1.93 -66.90
CA HIS E 301 11.50 -2.85 -65.79
C HIS E 301 10.55 -3.99 -66.16
N ALA E 302 10.70 -4.56 -67.35
CA ALA E 302 9.84 -5.67 -67.75
C ALA E 302 10.06 -6.83 -66.78
N ASP E 303 8.98 -7.50 -66.35
CA ASP E 303 9.13 -8.60 -65.40
C ASP E 303 9.87 -9.79 -66.03
N PHE E 304 10.74 -10.36 -65.22
CA PHE E 304 11.63 -11.46 -65.65
C PHE E 304 10.87 -12.70 -66.14
N VAL E 305 9.78 -13.06 -65.45
CA VAL E 305 9.00 -14.25 -65.84
C VAL E 305 8.45 -14.10 -67.27
N GLY E 306 7.98 -12.89 -67.60
CA GLY E 306 7.48 -12.61 -68.93
C GLY E 306 8.56 -12.71 -69.99
N VAL E 307 9.74 -12.19 -69.63
CA VAL E 307 10.91 -12.16 -70.51
C VAL E 307 11.39 -13.56 -70.95
N GLU E 308 11.55 -14.47 -69.98
CA GLU E 308 12.02 -15.83 -70.30
C GLU E 308 11.04 -16.60 -71.19
N ARG E 309 9.74 -16.46 -70.92
CA ARG E 309 8.72 -17.12 -71.75
C ARG E 309 8.81 -16.59 -73.17
N LEU E 310 9.04 -15.28 -73.23
CA LEU E 310 9.19 -14.53 -74.48
C LEU E 310 10.38 -15.08 -75.29
N ALA E 311 11.47 -15.43 -74.60
CA ALA E 311 12.69 -15.90 -75.27
C ALA E 311 12.45 -17.16 -76.12
N LEU E 312 11.78 -18.19 -75.61
CA LEU E 312 11.48 -19.35 -76.47
C LEU E 312 10.63 -18.91 -77.66
N VAL E 313 9.70 -18.02 -77.37
CA VAL E 313 8.78 -17.45 -78.35
C VAL E 313 9.51 -16.70 -79.48
N THR E 314 10.55 -15.95 -79.12
CA THR E 314 11.31 -15.14 -80.07
C THR E 314 12.64 -15.80 -80.53
N GLY E 315 12.85 -17.05 -80.17
CA GLY E 315 14.09 -17.75 -80.52
C GLY E 315 15.20 -17.60 -79.48
N GLY E 316 14.97 -16.72 -78.52
CA GLY E 316 15.90 -16.55 -77.41
C GLY E 316 17.00 -15.55 -77.65
N GLU E 317 17.71 -15.26 -76.58
CA GLU E 317 18.82 -14.33 -76.62
C GLU E 317 19.92 -14.79 -75.67
N ILE E 318 21.14 -14.37 -75.92
CA ILE E 318 22.19 -14.61 -74.96
C ILE E 318 22.35 -13.27 -74.29
N ALA E 319 22.01 -13.15 -73.01
CA ALA E 319 22.04 -11.85 -72.38
C ALA E 319 23.28 -11.63 -71.55
N SER E 320 24.01 -10.64 -71.99
CA SER E 320 25.26 -10.21 -71.41
C SER E 320 25.31 -8.69 -71.41
N THR E 321 26.50 -8.14 -71.30
CA THR E 321 26.69 -6.70 -71.32
C THR E 321 26.55 -6.21 -72.76
N PHE E 322 26.48 -4.88 -72.94
CA PHE E 322 26.31 -4.17 -74.25
C PHE E 322 26.89 -4.81 -75.55
N ASP E 323 27.53 -5.95 -75.47
CA ASP E 323 28.00 -6.67 -76.66
C ASP E 323 26.87 -7.60 -77.11
N HIS E 324 25.80 -7.52 -76.32
CA HIS E 324 24.55 -8.27 -76.49
C HIS E 324 23.89 -8.23 -77.90
N PRO E 325 23.81 -7.05 -78.59
CA PRO E 325 23.21 -6.92 -79.96
C PRO E 325 23.72 -7.97 -81.00
N GLU E 326 23.38 -7.73 -82.28
CA GLU E 326 23.78 -8.60 -83.41
C GLU E 326 23.51 -10.12 -83.24
N LEU E 327 24.46 -10.94 -83.70
CA LEU E 327 24.36 -12.41 -83.77
C LEU E 327 24.14 -13.14 -82.44
N VAL E 328 24.76 -12.72 -81.35
CA VAL E 328 24.57 -13.44 -80.08
C VAL E 328 23.07 -13.43 -79.68
N LYS E 329 22.32 -12.44 -80.17
CA LYS E 329 20.86 -12.42 -79.95
C LYS E 329 20.05 -12.77 -81.19
N LEU E 330 19.00 -13.55 -80.97
CA LEU E 330 18.09 -13.96 -82.03
C LEU E 330 16.75 -13.27 -81.87
N GLY E 331 16.22 -12.70 -82.95
CA GLY E 331 14.95 -12.03 -82.82
C GLY E 331 13.90 -12.48 -83.83
N SER E 332 12.77 -12.97 -83.34
CA SER E 332 11.64 -13.33 -84.20
C SER E 332 11.04 -12.02 -84.71
N CYS E 333 10.45 -11.99 -85.89
CA CYS E 333 9.95 -10.71 -86.36
C CYS E 333 8.61 -10.71 -87.11
N LYS E 334 7.50 -10.59 -86.38
CA LYS E 334 6.22 -10.40 -87.06
C LYS E 334 5.73 -8.99 -86.80
N LEU E 335 4.97 -8.84 -85.72
CA LEU E 335 4.44 -7.54 -85.34
C LEU E 335 4.38 -7.34 -83.82
N ILE E 336 4.91 -6.22 -83.36
CA ILE E 336 4.82 -5.84 -81.95
C ILE E 336 4.09 -4.51 -81.92
N GLU E 337 2.94 -4.41 -81.27
CA GLU E 337 2.24 -3.14 -81.31
C GLU E 337 1.38 -2.84 -80.09
N GLU E 338 1.09 -1.56 -79.94
CA GLU E 338 0.21 -1.07 -78.90
C GLU E 338 -1.13 -0.79 -79.59
N VAL E 339 -2.14 -1.61 -79.31
CA VAL E 339 -3.45 -1.45 -79.96
C VAL E 339 -4.58 -0.95 -79.05
N MET E 340 -4.50 -1.32 -77.77
CA MET E 340 -5.53 -1.05 -76.76
C MET E 340 -6.95 -1.44 -77.21
N ILE E 341 -7.52 -2.34 -76.43
CA ILE E 341 -8.87 -2.83 -76.65
C ILE E 341 -9.48 -3.13 -75.30
N GLY E 342 -10.11 -2.11 -74.76
CA GLY E 342 -10.72 -2.19 -73.45
C GLY E 342 -10.59 -0.87 -72.70
N GLU E 343 -9.71 -0.82 -71.70
CA GLU E 343 -9.55 0.41 -70.91
C GLU E 343 -8.08 0.82 -70.78
N ASP E 344 -7.34 0.02 -70.01
CA ASP E 344 -5.93 0.28 -69.76
C ASP E 344 -5.10 -0.19 -70.96
N LYS E 345 -4.29 0.72 -71.49
CA LYS E 345 -3.47 0.47 -72.68
C LYS E 345 -2.39 -0.59 -72.43
N LEU E 346 -2.18 -1.45 -73.42
CA LEU E 346 -1.19 -2.54 -73.34
C LEU E 346 -0.53 -2.83 -74.70
N ILE E 347 0.52 -3.65 -74.64
CA ILE E 347 1.30 -4.03 -75.81
C ILE E 347 1.20 -5.53 -76.11
N HIS E 348 0.90 -5.87 -77.36
CA HIS E 348 0.74 -7.28 -77.75
C HIS E 348 1.89 -7.79 -78.62
N PHE E 349 2.49 -8.89 -78.18
CA PHE E 349 3.55 -9.53 -78.95
C PHE E 349 2.87 -10.72 -79.65
N SER E 350 2.91 -10.78 -80.98
CA SER E 350 2.18 -11.85 -81.68
C SER E 350 2.86 -12.35 -82.97
N GLY E 351 2.46 -13.57 -83.39
CA GLY E 351 3.00 -14.16 -84.61
C GLY E 351 4.36 -14.80 -84.42
N VAL E 352 4.58 -15.34 -83.24
CA VAL E 352 5.84 -15.98 -82.89
C VAL E 352 6.16 -17.18 -83.81
N ALA E 353 7.40 -17.19 -84.29
CA ALA E 353 7.91 -18.26 -85.17
C ALA E 353 7.86 -19.66 -84.54
N LEU E 354 8.20 -19.74 -83.26
CA LEU E 354 8.23 -21.03 -82.54
C LEU E 354 6.85 -21.73 -82.52
N GLY E 355 5.82 -20.97 -82.15
CA GLY E 355 4.45 -21.49 -82.11
C GLY E 355 4.09 -22.25 -80.82
N GLU E 356 5.11 -22.66 -80.09
CA GLU E 356 4.94 -23.40 -78.82
C GLU E 356 4.17 -22.61 -77.74
N ALA E 357 4.45 -21.31 -77.65
CA ALA E 357 3.90 -20.43 -76.59
C ALA E 357 2.73 -19.50 -77.00
N CYS E 358 1.68 -19.45 -76.15
CA CYS E 358 0.49 -18.58 -76.34
C CYS E 358 0.00 -17.94 -75.00
N THR E 359 -0.78 -16.83 -75.05
CA THR E 359 -1.20 -16.08 -73.81
C THR E 359 -2.73 -15.75 -73.68
N ILE E 360 -3.23 -15.73 -72.41
CA ILE E 360 -4.66 -15.49 -72.07
C ILE E 360 -4.89 -14.15 -71.29
N VAL E 361 -5.84 -13.31 -71.72
CA VAL E 361 -6.10 -12.03 -71.01
C VAL E 361 -7.51 -11.99 -70.32
N LEU E 362 -7.54 -11.79 -68.98
CA LEU E 362 -8.82 -11.72 -68.20
C LEU E 362 -9.34 -10.27 -68.03
N ARG E 363 -10.67 -10.11 -67.95
CA ARG E 363 -11.28 -8.75 -67.83
C ARG E 363 -12.48 -8.64 -66.86
N GLY E 364 -12.77 -7.40 -66.42
CA GLY E 364 -13.94 -7.13 -65.57
C GLY E 364 -13.70 -6.98 -64.07
N ALA E 365 -14.75 -6.52 -63.36
CA ALA E 365 -14.77 -6.30 -61.88
C ALA E 365 -14.08 -5.00 -61.41
N THR E 366 -12.82 -4.82 -61.82
CA THR E 366 -11.98 -3.62 -61.51
C THR E 366 -11.79 -3.22 -60.00
N GLN E 367 -11.62 -4.18 -59.09
CA GLN E 367 -11.38 -3.81 -57.67
C GLN E 367 -10.32 -4.72 -56.98
N GLN E 368 -10.44 -4.85 -55.66
CA GLN E 368 -9.53 -5.68 -54.84
C GLN E 368 -9.58 -7.15 -55.29
N ILE E 369 -10.79 -7.60 -55.60
CA ILE E 369 -11.07 -8.97 -56.04
C ILE E 369 -10.47 -9.28 -57.43
N LEU E 370 -10.53 -8.34 -58.35
CA LEU E 370 -9.97 -8.54 -59.69
C LEU E 370 -8.45 -8.81 -59.60
N ASP E 371 -7.80 -8.07 -58.70
CA ASP E 371 -6.35 -8.18 -58.44
C ASP E 371 -6.01 -9.66 -58.07
N GLU E 372 -7.01 -10.34 -57.51
CA GLU E 372 -6.93 -11.77 -57.12
C GLU E 372 -6.64 -12.69 -58.30
N ALA E 373 -7.27 -12.39 -59.43
CA ALA E 373 -7.18 -13.20 -60.66
C ALA E 373 -5.75 -13.55 -61.06
N GLU E 374 -4.77 -12.80 -60.57
CA GLU E 374 -3.36 -13.05 -60.89
C GLU E 374 -2.93 -14.46 -60.45
N ARG E 375 -3.23 -14.81 -59.22
CA ARG E 375 -2.91 -16.15 -58.70
C ARG E 375 -4.05 -17.16 -58.90
N SER E 376 -5.25 -16.66 -59.23
CA SER E 376 -6.40 -17.54 -59.45
C SER E 376 -6.28 -18.39 -60.71
N LEU E 377 -5.83 -17.77 -61.80
CA LEU E 377 -5.68 -18.48 -63.07
C LEU E 377 -4.55 -19.50 -63.01
N HIS E 378 -3.45 -19.12 -62.33
CA HIS E 378 -2.27 -20.00 -62.25
C HIS E 378 -2.69 -21.30 -61.56
N ASP E 379 -3.55 -21.17 -60.54
CA ASP E 379 -4.07 -22.35 -59.87
C ASP E 379 -4.84 -23.24 -60.84
N ALA E 380 -5.62 -22.62 -61.73
CA ALA E 380 -6.39 -23.38 -62.72
C ALA E 380 -5.50 -24.04 -63.78
N LEU E 381 -4.52 -23.28 -64.26
CA LEU E 381 -3.60 -23.75 -65.30
C LEU E 381 -2.77 -24.98 -64.85
N CYS E 382 -2.27 -24.96 -63.62
CA CYS E 382 -1.44 -26.07 -63.12
C CYS E 382 -2.20 -27.40 -63.12
N VAL E 383 -3.47 -27.36 -62.73
CA VAL E 383 -4.32 -28.56 -62.70
C VAL E 383 -4.46 -29.19 -64.09
N LEU E 384 -4.75 -28.34 -65.07
CA LEU E 384 -4.91 -28.76 -66.47
C LEU E 384 -3.70 -29.39 -67.14
N ALA E 385 -2.50 -28.87 -66.89
CA ALA E 385 -1.30 -29.46 -67.52
C ALA E 385 -1.19 -30.93 -67.10
N GLN E 386 -1.47 -31.17 -65.84
CA GLN E 386 -1.51 -32.50 -65.24
C GLN E 386 -2.63 -33.37 -65.80
N THR E 387 -3.81 -32.80 -66.04
CA THR E 387 -4.99 -33.57 -66.46
C THR E 387 -4.79 -34.34 -67.78
N VAL E 388 -4.21 -33.74 -68.80
CA VAL E 388 -3.94 -34.51 -70.02
C VAL E 388 -2.83 -35.56 -69.82
N LYS E 389 -1.78 -35.17 -69.08
CA LYS E 389 -0.64 -36.05 -68.81
C LYS E 389 -1.02 -37.29 -67.98
N ASP E 390 -1.88 -37.09 -66.97
CA ASP E 390 -2.32 -38.20 -66.12
C ASP E 390 -3.24 -39.19 -66.84
N SER E 391 -4.14 -38.65 -67.66
CA SER E 391 -5.17 -39.41 -68.39
C SER E 391 -6.15 -40.04 -67.38
N ARG E 392 -5.97 -39.67 -66.11
CA ARG E 392 -6.77 -40.20 -65.01
C ARG E 392 -7.13 -39.09 -64.00
N THR E 393 -8.34 -39.13 -63.47
CA THR E 393 -8.81 -38.16 -62.46
C THR E 393 -9.83 -38.86 -61.56
N VAL E 394 -10.33 -38.19 -60.53
CA VAL E 394 -11.32 -38.79 -59.63
C VAL E 394 -12.50 -37.84 -59.48
N TYR E 395 -13.66 -38.33 -59.04
CA TYR E 395 -14.82 -37.43 -58.93
C TYR E 395 -14.64 -36.41 -57.81
N GLY E 396 -15.06 -35.18 -58.08
CA GLY E 396 -14.92 -34.10 -57.12
C GLY E 396 -16.11 -33.95 -56.18
N GLY E 397 -16.12 -32.86 -55.44
CA GLY E 397 -17.22 -32.63 -54.51
C GLY E 397 -17.20 -33.57 -53.32
N GLY E 398 -16.03 -34.15 -53.04
CA GLY E 398 -15.91 -35.08 -51.93
C GLY E 398 -16.41 -36.49 -52.21
N CYS E 399 -16.70 -36.79 -53.48
CA CYS E 399 -17.20 -38.13 -53.84
C CYS E 399 -16.20 -39.22 -53.47
N SER E 400 -14.93 -38.93 -53.73
CA SER E 400 -13.85 -39.85 -53.43
C SER E 400 -13.71 -40.17 -51.94
N GLU E 401 -13.88 -39.15 -51.11
CA GLU E 401 -13.68 -39.29 -49.67
C GLU E 401 -14.71 -40.16 -48.92
N MET E 402 -15.99 -40.09 -49.26
CA MET E 402 -16.96 -40.90 -48.50
C MET E 402 -16.80 -42.39 -48.81
N LEU E 403 -16.56 -42.73 -50.08
CA LEU E 403 -16.43 -44.13 -50.49
C LEU E 403 -15.25 -44.78 -49.77
N MET E 404 -14.17 -44.02 -49.66
CA MET E 404 -12.99 -44.45 -48.94
C MET E 404 -13.29 -44.74 -47.47
N ALA E 405 -14.12 -43.90 -46.85
CA ALA E 405 -14.49 -44.08 -45.45
C ALA E 405 -15.18 -45.43 -45.20
N HIS E 406 -16.08 -45.84 -46.09
CA HIS E 406 -16.74 -47.15 -45.95
C HIS E 406 -15.74 -48.32 -45.97
N ALA E 407 -14.77 -48.23 -46.87
CA ALA E 407 -13.74 -49.28 -47.02
C ALA E 407 -12.77 -49.35 -45.84
N VAL E 408 -12.39 -48.19 -45.32
CA VAL E 408 -11.44 -48.10 -44.22
C VAL E 408 -12.01 -48.60 -42.87
N THR E 409 -13.31 -48.47 -42.65
CA THR E 409 -13.92 -48.98 -41.41
C THR E 409 -13.72 -50.49 -41.29
N GLN E 410 -13.88 -51.18 -42.43
CA GLN E 410 -13.69 -52.63 -42.51
C GLN E 410 -12.25 -53.03 -42.16
N LEU E 411 -11.31 -52.21 -42.64
CA LEU E 411 -9.87 -52.48 -42.49
C LEU E 411 -9.38 -52.58 -41.05
N ALA E 412 -9.87 -51.73 -40.16
CA ALA E 412 -9.43 -51.78 -38.77
C ALA E 412 -9.73 -53.14 -38.16
N SER E 413 -10.95 -53.61 -38.35
CA SER E 413 -11.36 -54.90 -37.82
C SER E 413 -10.66 -56.08 -38.54
N ARG E 414 -10.52 -55.96 -39.86
CA ARG E 414 -9.94 -57.01 -40.70
C ARG E 414 -8.49 -57.38 -40.33
N THR E 415 -7.65 -56.39 -40.09
CA THR E 415 -6.25 -56.62 -39.72
C THR E 415 -6.10 -57.04 -38.25
N PRO E 416 -4.95 -57.67 -37.88
CA PRO E 416 -4.72 -58.00 -36.48
C PRO E 416 -4.73 -56.70 -35.70
N GLY E 417 -5.13 -56.79 -34.46
CA GLY E 417 -5.38 -55.61 -33.65
C GLY E 417 -4.31 -54.56 -33.47
N LYS E 418 -3.02 -54.91 -33.36
CA LYS E 418 -2.05 -53.84 -33.12
C LYS E 418 -2.10 -52.85 -34.27
N GLU E 419 -2.23 -53.39 -35.46
CA GLU E 419 -2.40 -52.59 -36.67
C GLU E 419 -3.81 -51.92 -36.66
N ALA E 420 -4.76 -52.73 -36.19
CA ALA E 420 -6.21 -52.45 -36.17
C ALA E 420 -6.75 -51.25 -35.39
N VAL E 421 -6.25 -50.94 -34.21
CA VAL E 421 -6.88 -49.85 -33.46
C VAL E 421 -6.83 -48.51 -34.19
N ALA E 422 -5.70 -48.21 -34.84
CA ALA E 422 -5.57 -46.93 -35.53
C ALA E 422 -6.01 -46.87 -37.01
N MET E 423 -6.23 -47.98 -37.76
CA MET E 423 -6.74 -47.76 -39.15
C MET E 423 -8.06 -47.03 -39.14
N GLU E 424 -8.89 -47.41 -38.18
CA GLU E 424 -10.19 -46.80 -38.00
C GLU E 424 -10.07 -45.32 -37.65
N SER E 425 -9.10 -44.94 -36.82
CA SER E 425 -8.94 -43.52 -36.48
C SER E 425 -8.59 -42.72 -37.74
N TYR E 426 -7.72 -43.30 -38.57
CA TYR E 426 -7.40 -42.71 -39.86
C TYR E 426 -8.66 -42.62 -40.71
N ALA E 427 -9.45 -43.69 -40.63
CA ALA E 427 -10.71 -43.85 -41.36
C ALA E 427 -11.75 -42.78 -41.05
N LYS E 428 -11.92 -42.47 -39.77
CA LYS E 428 -12.90 -41.46 -39.35
C LYS E 428 -12.46 -40.05 -39.77
N ALA E 429 -11.16 -39.88 -40.01
CA ALA E 429 -10.60 -38.62 -40.46
C ALA E 429 -11.21 -38.18 -41.80
N LEU E 430 -11.42 -39.14 -42.67
CA LEU E 430 -11.99 -38.87 -43.99
C LEU E 430 -13.41 -38.27 -43.89
N ARG E 431 -14.09 -38.56 -42.79
CA ARG E 431 -15.47 -38.08 -42.54
C ARG E 431 -15.58 -36.54 -42.55
N MET E 432 -14.59 -35.86 -41.97
CA MET E 432 -14.62 -34.38 -41.89
C MET E 432 -14.65 -33.71 -43.28
N LEU E 433 -13.91 -34.21 -44.29
CA LEU E 433 -13.92 -33.55 -45.60
C LEU E 433 -15.36 -33.29 -46.11
N PRO E 434 -16.27 -34.28 -46.10
CA PRO E 434 -17.68 -34.05 -46.46
C PRO E 434 -18.30 -32.92 -45.63
N THR E 435 -17.94 -32.89 -44.35
CA THR E 435 -18.45 -31.90 -43.39
C THR E 435 -17.93 -30.49 -43.68
N ILE E 436 -16.65 -30.40 -44.03
CA ILE E 436 -16.04 -29.11 -44.34
C ILE E 436 -16.59 -28.55 -45.65
N ILE E 437 -16.76 -29.43 -46.62
CA ILE E 437 -17.32 -29.07 -47.92
C ILE E 437 -18.74 -28.48 -47.78
N ALA E 438 -19.54 -29.14 -46.98
CA ALA E 438 -20.93 -28.73 -46.72
C ALA E 438 -21.08 -27.46 -45.90
N ASP E 439 -20.24 -27.30 -44.88
CA ASP E 439 -20.34 -26.16 -43.97
C ASP E 439 -20.19 -24.80 -44.67
N ASN E 440 -19.22 -24.68 -45.57
CA ASN E 440 -19.00 -23.43 -46.31
C ASN E 440 -20.10 -23.17 -47.35
N ALA E 441 -20.78 -24.24 -47.74
CA ALA E 441 -21.84 -24.19 -48.74
C ALA E 441 -22.99 -23.30 -48.34
N GLY E 442 -23.34 -23.35 -47.06
CA GLY E 442 -24.46 -22.58 -46.58
C GLY E 442 -25.62 -23.46 -46.19
N TYR E 443 -25.33 -24.73 -46.13
CA TYR E 443 -26.29 -25.76 -45.78
C TYR E 443 -25.82 -26.51 -44.55
N ASP E 444 -26.74 -27.13 -43.85
CA ASP E 444 -26.40 -27.82 -42.62
C ASP E 444 -25.56 -29.08 -42.84
N SER E 445 -24.37 -29.08 -42.22
CA SER E 445 -23.38 -30.16 -42.35
C SER E 445 -23.84 -31.54 -41.87
N ALA E 446 -24.56 -31.61 -40.76
CA ALA E 446 -25.04 -32.89 -40.24
C ALA E 446 -25.96 -33.60 -41.21
N ASP E 447 -26.97 -32.87 -41.71
CA ASP E 447 -27.89 -33.43 -42.68
C ASP E 447 -27.14 -33.84 -43.95
N LEU E 448 -26.20 -32.98 -44.34
CA LEU E 448 -25.37 -33.20 -45.52
C LEU E 448 -24.56 -34.50 -45.38
N VAL E 449 -23.91 -34.65 -44.22
CA VAL E 449 -23.11 -35.84 -43.95
C VAL E 449 -24.01 -37.06 -44.00
N ALA E 450 -25.18 -36.87 -43.44
CA ALA E 450 -26.18 -37.91 -43.37
C ALA E 450 -26.64 -38.41 -44.74
N GLN E 451 -27.01 -37.52 -45.62
CA GLN E 451 -27.46 -37.92 -46.95
C GLN E 451 -26.33 -38.47 -47.84
N LEU E 452 -25.13 -37.95 -47.62
CA LEU E 452 -23.94 -38.36 -48.40
C LEU E 452 -23.55 -39.83 -48.33
N ARG E 453 -23.47 -40.37 -47.12
CA ARG E 453 -23.00 -41.75 -46.95
C ARG E 453 -23.84 -42.82 -47.64
N ALA E 454 -25.16 -42.70 -47.62
CA ALA E 454 -26.00 -43.72 -48.27
C ALA E 454 -25.72 -43.84 -49.77
N ALA E 455 -25.53 -42.71 -50.46
CA ALA E 455 -25.23 -42.71 -51.90
C ALA E 455 -23.94 -43.46 -52.24
N HIS E 456 -22.86 -43.14 -51.52
CA HIS E 456 -21.54 -43.77 -51.70
C HIS E 456 -21.54 -45.25 -51.31
N SER E 457 -22.22 -45.54 -50.21
CA SER E 457 -22.38 -46.91 -49.70
C SER E 457 -23.06 -47.77 -50.75
N GLU E 458 -24.04 -47.15 -51.42
CA GLU E 458 -24.86 -47.79 -52.45
C GLU E 458 -23.98 -48.28 -53.60
N GLY E 459 -22.97 -47.52 -53.99
CA GLY E 459 -22.10 -47.96 -55.06
C GLY E 459 -21.97 -46.97 -56.21
N LYS E 460 -22.47 -45.76 -56.04
CA LYS E 460 -22.36 -44.78 -57.10
C LYS E 460 -21.21 -43.83 -56.80
N THR E 461 -20.16 -43.97 -57.58
CA THR E 461 -18.95 -43.15 -57.47
C THR E 461 -19.23 -41.72 -57.93
N THR E 462 -20.06 -41.62 -58.96
CA THR E 462 -20.45 -40.34 -59.53
C THR E 462 -21.16 -39.44 -58.52
N ALA E 463 -22.02 -40.03 -57.69
CA ALA E 463 -22.74 -39.26 -56.67
C ALA E 463 -21.79 -38.58 -55.68
N GLY E 464 -22.09 -37.36 -55.30
CA GLY E 464 -21.21 -36.62 -54.37
C GLY E 464 -21.93 -35.51 -53.63
N LEU E 465 -21.16 -34.56 -53.09
CA LEU E 465 -21.77 -33.47 -52.35
C LEU E 465 -22.12 -32.33 -53.28
N ASP E 466 -23.40 -31.98 -53.34
CA ASP E 466 -23.78 -30.85 -54.15
C ASP E 466 -24.09 -29.70 -53.21
N MET E 467 -23.14 -28.82 -53.13
CA MET E 467 -23.25 -27.64 -52.28
C MET E 467 -24.34 -26.67 -52.75
N LYS E 468 -24.45 -26.49 -54.05
CA LYS E 468 -25.46 -25.59 -54.61
C LYS E 468 -26.90 -26.01 -54.24
N GLU E 469 -27.21 -27.31 -54.40
CA GLU E 469 -28.52 -27.86 -54.00
C GLU E 469 -28.72 -27.92 -52.48
N GLY E 470 -27.64 -28.29 -51.77
CA GLY E 470 -27.70 -28.46 -50.32
C GLY E 470 -28.00 -29.91 -49.95
N THR E 471 -28.17 -30.73 -50.98
CA THR E 471 -28.44 -32.17 -50.86
C THR E 471 -27.38 -32.95 -51.63
N ILE E 472 -27.62 -34.22 -51.86
CA ILE E 472 -26.67 -35.04 -52.62
C ILE E 472 -27.18 -35.26 -54.03
N GLY E 473 -26.28 -35.21 -54.99
CA GLY E 473 -26.66 -35.38 -56.37
C GLY E 473 -25.59 -36.04 -57.21
N ASP E 474 -25.77 -35.98 -58.52
CA ASP E 474 -24.82 -36.60 -59.45
C ASP E 474 -23.73 -35.59 -59.83
N MET E 475 -22.53 -35.87 -59.34
CA MET E 475 -21.34 -35.04 -59.56
C MET E 475 -21.02 -34.94 -61.06
N SER E 476 -21.17 -36.06 -61.77
CA SER E 476 -20.87 -36.14 -63.20
C SER E 476 -21.70 -35.16 -64.01
N VAL E 477 -22.99 -34.98 -63.69
CA VAL E 477 -23.81 -33.99 -64.41
C VAL E 477 -23.19 -32.59 -64.26
N LEU E 478 -22.77 -32.28 -63.03
CA LEU E 478 -22.07 -31.03 -62.73
C LEU E 478 -20.77 -30.99 -63.53
N GLY E 479 -20.13 -32.17 -63.60
CA GLY E 479 -18.88 -32.33 -64.32
C GLY E 479 -17.65 -32.13 -63.46
N ILE E 480 -17.85 -31.78 -62.20
CA ILE E 480 -16.72 -31.53 -61.32
C ILE E 480 -15.93 -32.80 -61.03
N THR E 481 -14.63 -32.69 -61.26
CA THR E 481 -13.71 -33.80 -61.08
C THR E 481 -12.39 -33.30 -60.46
N GLU E 482 -11.66 -34.20 -59.83
CA GLU E 482 -10.37 -33.86 -59.20
C GLU E 482 -9.26 -34.59 -59.93
N SER E 483 -8.07 -33.99 -60.02
CA SER E 483 -6.99 -34.66 -60.75
C SER E 483 -6.48 -35.88 -59.99
N PHE E 484 -6.01 -36.88 -60.73
CA PHE E 484 -5.47 -38.12 -60.17
C PHE E 484 -4.27 -37.85 -59.26
N GLN E 485 -3.42 -36.91 -59.69
CA GLN E 485 -2.21 -36.53 -58.95
C GLN E 485 -2.51 -35.99 -57.56
N VAL E 486 -3.55 -35.19 -57.40
CA VAL E 486 -3.79 -34.65 -56.07
C VAL E 486 -4.01 -35.78 -55.06
N LYS E 487 -4.76 -36.82 -55.45
CA LYS E 487 -4.99 -37.91 -54.52
C LYS E 487 -3.78 -38.83 -54.21
N ARG E 488 -2.91 -39.23 -55.16
CA ARG E 488 -1.81 -40.13 -54.73
C ARG E 488 -0.74 -39.45 -53.85
N GLN E 489 -0.38 -38.22 -54.19
CA GLN E 489 0.63 -37.48 -53.44
C GLN E 489 0.21 -37.02 -52.04
N VAL E 490 -1.04 -36.57 -51.90
CA VAL E 490 -1.52 -36.10 -50.60
C VAL E 490 -1.48 -37.22 -49.55
N LEU E 491 -1.87 -38.40 -49.98
CA LEU E 491 -1.93 -39.55 -49.11
C LEU E 491 -0.55 -39.90 -48.55
N LEU E 492 0.47 -39.79 -49.41
CA LEU E 492 1.86 -40.04 -48.99
C LEU E 492 2.35 -38.93 -48.04
N SER E 493 1.96 -37.70 -48.37
CA SER E 493 2.33 -36.52 -47.56
C SER E 493 1.67 -36.53 -46.18
N ALA E 494 0.41 -36.93 -46.15
CA ALA E 494 -0.33 -37.01 -44.90
C ALA E 494 0.27 -38.08 -44.01
N ALA E 495 0.65 -39.18 -44.63
CA ALA E 495 1.24 -40.30 -43.92
C ALA E 495 2.53 -39.93 -43.18
N GLU E 496 3.46 -39.28 -43.85
CA GLU E 496 4.72 -38.92 -43.19
C GLU E 496 4.62 -37.82 -42.11
N ALA E 497 4.10 -36.65 -42.48
CA ALA E 497 4.04 -35.48 -41.56
C ALA E 497 3.05 -35.50 -40.37
N ALA E 498 1.84 -36.00 -40.56
CA ALA E 498 0.80 -35.91 -39.52
C ALA E 498 1.08 -36.59 -38.16
N GLU E 499 1.45 -37.85 -38.15
CA GLU E 499 1.69 -38.54 -36.89
C GLU E 499 3.14 -38.70 -36.42
N VAL E 500 4.11 -38.21 -37.18
CA VAL E 500 5.48 -38.29 -36.70
C VAL E 500 5.61 -37.34 -35.54
N ILE E 501 4.82 -36.27 -35.62
CA ILE E 501 4.75 -35.27 -34.58
C ILE E 501 4.09 -35.87 -33.33
N LEU E 502 3.05 -36.68 -33.53
CA LEU E 502 2.37 -37.37 -32.44
C LEU E 502 3.26 -38.40 -31.74
N ARG E 503 4.06 -39.14 -32.52
CA ARG E 503 4.93 -40.17 -31.95
C ARG E 503 6.09 -39.51 -31.17
N VAL E 504 6.26 -38.22 -31.38
CA VAL E 504 7.33 -37.45 -30.72
C VAL E 504 6.72 -36.48 -29.70
N ASP E 505 7.22 -36.48 -28.47
CA ASP E 505 6.65 -35.59 -27.47
C ASP E 505 7.43 -34.30 -27.39
N ASN E 506 6.83 -33.31 -28.04
CA ASN E 506 7.37 -31.95 -28.15
C ASN E 506 8.81 -31.92 -28.62
N ILE E 507 9.17 -32.78 -29.57
CA ILE E 507 10.48 -32.69 -30.19
C ILE E 507 11.70 -33.08 -29.26
N ILE E 508 13.00 -33.04 -29.71
CA ILE E 508 14.12 -33.39 -28.77
C ILE E 508 15.33 -32.42 -28.82
N LYS E 509 16.07 -32.44 -29.95
CA LYS E 509 17.26 -31.63 -30.11
C LYS E 509 17.39 -31.02 -31.53
N ALA E 510 18.02 -29.86 -31.58
CA ALA E 510 18.25 -29.06 -32.79
C ALA E 510 18.71 -27.66 -32.40
N ALA E 511 18.29 -26.64 -33.15
CA ALA E 511 18.81 -25.28 -32.95
C ALA E 511 20.30 -25.35 -33.24
N PRO E 512 20.61 -25.75 -34.49
CA PRO E 512 21.94 -26.02 -34.99
C PRO E 512 22.28 -25.32 -36.30
N ARG E 513 22.98 -26.08 -37.16
CA ARG E 513 23.38 -25.70 -38.52
C ARG E 513 24.72 -26.39 -38.88
N ALA F 1 -7.20 24.30 -19.96
CA ALA F 1 -6.05 24.87 -19.23
C ALA F 1 -6.50 25.51 -17.91
N GLY F 2 -6.34 26.82 -17.79
CA GLY F 2 -6.77 27.47 -16.57
C GLY F 2 -6.34 28.91 -16.40
N ALA F 3 -6.90 29.80 -17.21
CA ALA F 3 -6.67 31.23 -17.02
C ALA F 3 -7.40 31.59 -15.74
N ASP F 4 -6.97 32.56 -14.97
CA ASP F 4 -7.63 32.79 -13.71
C ASP F 4 -9.04 33.33 -13.87
N GLU F 5 -9.99 32.54 -13.34
CA GLU F 5 -11.40 32.92 -13.34
C GLU F 5 -11.89 33.00 -11.91
N GLU F 6 -12.65 34.01 -11.63
CA GLU F 6 -13.22 34.18 -10.32
C GLU F 6 -14.71 34.44 -10.47
N ARG F 7 -15.51 33.99 -9.51
CA ARG F 7 -16.95 34.19 -9.60
C ARG F 7 -17.56 34.94 -8.42
N ALA F 8 -18.48 35.81 -8.80
CA ALA F 8 -19.24 36.74 -7.95
C ALA F 8 -18.45 37.41 -6.81
N GLU F 9 -18.41 36.81 -5.60
CA GLU F 9 -17.69 37.45 -4.48
C GLU F 9 -16.17 37.47 -4.65
N THR F 10 -15.62 36.39 -5.20
CA THR F 10 -14.17 36.22 -5.36
C THR F 10 -13.50 37.30 -6.23
N ALA F 11 -14.14 37.70 -7.32
CA ALA F 11 -13.56 38.71 -8.20
C ALA F 11 -13.33 40.02 -7.43
N ARG F 12 -14.38 40.46 -6.74
CA ARG F 12 -14.30 41.65 -5.89
C ARG F 12 -13.26 41.45 -4.76
N LEU F 13 -13.24 40.23 -4.22
CA LEU F 13 -12.33 39.86 -3.12
C LEU F 13 -10.85 39.99 -3.51
N SER F 14 -10.48 39.58 -4.73
CA SER F 14 -9.08 39.69 -5.13
C SER F 14 -8.65 41.15 -5.08
N SER F 15 -9.50 42.04 -5.57
CA SER F 15 -9.23 43.46 -5.49
C SER F 15 -9.12 43.94 -4.03
N PHE F 16 -10.01 43.38 -3.22
CA PHE F 16 -10.12 43.69 -1.78
C PHE F 16 -8.83 43.34 -1.01
N ILE F 17 -8.30 42.15 -1.26
CA ILE F 17 -7.10 41.67 -0.58
C ILE F 17 -5.85 42.50 -0.92
N GLY F 18 -5.71 42.90 -2.18
CA GLY F 18 -4.56 43.70 -2.57
C GLY F 18 -4.46 45.03 -1.85
N ALA F 19 -5.61 45.68 -1.65
CA ALA F 19 -5.66 46.97 -0.95
C ALA F 19 -5.33 46.86 0.55
N ILE F 20 -5.80 45.82 1.21
CA ILE F 20 -5.55 45.65 2.64
C ILE F 20 -4.07 45.33 2.95
N ALA F 21 -3.46 44.48 2.12
CA ALA F 21 -2.05 44.10 2.30
C ALA F 21 -1.08 45.29 2.23
N ILE F 22 -1.34 46.20 1.31
CA ILE F 22 -0.49 47.39 1.13
C ILE F 22 -0.60 48.38 2.29
N GLY F 23 -1.82 48.58 2.79
CA GLY F 23 -2.06 49.56 3.85
C GLY F 23 -1.30 49.33 5.15
N ASP F 24 -1.17 48.09 5.61
CA ASP F 24 -0.46 47.85 6.87
C ASP F 24 1.04 48.21 6.82
N LEU F 25 1.71 47.91 5.70
CA LEU F 25 3.13 48.25 5.55
C LEU F 25 3.38 49.76 5.41
N VAL F 26 2.50 50.40 4.66
CA VAL F 26 2.60 51.85 4.40
C VAL F 26 2.21 52.73 5.58
N LYS F 27 1.31 52.27 6.44
CA LYS F 27 0.82 53.08 7.56
C LYS F 27 1.93 53.52 8.53
N SER F 28 2.88 52.64 8.82
CA SER F 28 3.97 52.99 9.74
C SER F 28 4.92 54.03 9.14
N THR F 29 4.90 54.09 7.83
CA THR F 29 5.73 55.00 7.03
C THR F 29 5.31 56.50 7.19
N LEU F 30 3.98 56.74 7.25
CA LEU F 30 3.38 58.11 7.34
C LEU F 30 3.76 58.99 8.54
N GLY F 31 3.94 60.28 8.22
CA GLY F 31 4.17 61.32 9.22
C GLY F 31 5.46 61.24 10.03
N PRO F 32 5.78 62.35 10.73
CA PRO F 32 6.99 62.54 11.58
C PRO F 32 7.49 61.37 12.46
N LYS F 33 6.75 60.30 12.61
CA LYS F 33 7.31 59.17 13.34
C LYS F 33 7.12 57.89 12.54
N GLY F 34 7.81 57.84 11.41
CA GLY F 34 7.72 56.69 10.52
C GLY F 34 8.75 55.61 10.82
N MET F 35 8.69 54.54 10.03
CA MET F 35 9.62 53.42 10.21
C MET F 35 10.29 53.01 8.90
N ASP F 36 11.48 52.46 9.03
CA ASP F 36 12.26 52.01 7.88
C ASP F 36 11.95 50.55 7.56
N LYS F 37 11.67 50.26 6.31
CA LYS F 37 11.37 48.89 5.94
C LYS F 37 12.37 48.38 4.91
N ILE F 38 12.81 47.15 5.09
CA ILE F 38 13.73 46.54 4.16
C ILE F 38 13.06 45.31 3.59
N LEU F 39 13.36 44.97 2.35
CA LEU F 39 12.75 43.80 1.76
C LEU F 39 13.75 43.01 0.91
N LEU F 40 13.64 41.69 0.94
CA LEU F 40 14.55 40.80 0.20
C LEU F 40 13.82 39.94 -0.81
N SER F 41 14.35 39.89 -2.02
CA SER F 41 13.81 39.10 -3.11
C SER F 41 14.93 38.34 -3.85
N SER F 42 14.54 37.41 -4.72
CA SER F 42 15.49 36.55 -5.46
C SER F 42 16.40 37.33 -6.43
N GLY F 43 17.10 36.58 -7.29
CA GLY F 43 18.07 37.15 -8.23
C GLY F 43 17.62 38.42 -8.95
N ARG F 44 18.62 39.13 -9.48
CA ARG F 44 18.44 40.43 -10.16
C ARG F 44 17.91 41.54 -9.23
N ASP F 45 18.08 41.32 -7.92
CA ASP F 45 17.75 42.33 -6.89
C ASP F 45 18.97 42.70 -6.05
N ALA F 46 19.95 41.79 -6.11
CA ALA F 46 21.24 41.88 -5.39
C ALA F 46 21.11 41.94 -3.86
N SER F 47 19.90 41.61 -3.33
CA SER F 47 19.61 41.52 -1.87
C SER F 47 18.52 42.48 -1.36
N LEU F 48 18.90 43.24 -0.32
CA LEU F 48 17.98 44.13 0.39
C LEU F 48 18.02 45.61 0.06
N MET F 49 16.84 46.16 -0.09
CA MET F 49 16.64 47.57 -0.29
C MET F 49 15.79 48.08 0.86
N VAL F 50 16.13 49.23 1.40
CA VAL F 50 15.33 49.78 2.48
C VAL F 50 14.74 51.07 1.97
N THR F 51 13.44 51.12 1.93
CA THR F 51 12.77 52.29 1.43
C THR F 51 11.84 52.95 2.45
N ASN F 52 11.98 54.26 2.64
CA ASN F 52 11.07 55.00 3.51
C ASN F 52 10.03 55.70 2.63
N ASP F 53 10.31 55.72 1.33
CA ASP F 53 9.44 56.32 0.34
C ASP F 53 8.50 55.22 -0.17
N GLY F 54 7.23 55.30 0.17
CA GLY F 54 6.30 54.24 -0.22
C GLY F 54 6.19 54.05 -1.72
N ALA F 55 6.18 55.13 -2.48
CA ALA F 55 6.08 55.02 -3.93
C ALA F 55 7.23 54.22 -4.57
N THR F 56 8.47 54.43 -4.12
CA THR F 56 9.62 53.74 -4.72
C THR F 56 9.59 52.21 -4.61
N ILE F 57 9.21 51.68 -3.45
CA ILE F 57 9.17 50.21 -3.28
C ILE F 57 8.06 49.52 -4.07
N LEU F 58 6.88 50.13 -4.12
CA LEU F 58 5.76 49.53 -4.85
C LEU F 58 6.01 49.54 -6.37
N LYS F 59 6.57 50.63 -6.86
CA LYS F 59 6.87 50.80 -8.29
C LYS F 59 7.87 49.78 -8.85
N ASN F 60 8.88 49.50 -8.04
CA ASN F 60 9.96 48.58 -8.39
C ASN F 60 9.54 47.12 -8.60
N ILE F 61 8.64 46.63 -7.77
CA ILE F 61 8.31 45.21 -7.81
C ILE F 61 6.86 44.78 -8.09
N GLY F 62 6.78 43.80 -8.96
CA GLY F 62 5.51 43.13 -9.23
C GLY F 62 5.62 41.76 -8.59
N VAL F 63 5.45 41.73 -7.26
CA VAL F 63 5.62 40.52 -6.44
C VAL F 63 4.71 39.35 -6.80
N ASP F 64 3.45 39.62 -7.07
CA ASP F 64 2.51 38.54 -7.34
C ASP F 64 1.36 38.91 -8.29
N ASN F 65 0.65 37.87 -8.69
CA ASN F 65 -0.51 37.93 -9.60
C ASN F 65 -1.59 38.98 -9.23
N PRO F 66 -2.08 39.05 -7.95
CA PRO F 66 -3.16 39.99 -7.58
C PRO F 66 -2.89 41.44 -8.03
N ALA F 67 -3.92 42.02 -8.65
CA ALA F 67 -3.83 43.38 -9.19
C ALA F 67 -3.55 44.44 -8.12
N ALA F 68 -2.58 45.28 -8.42
CA ALA F 68 -2.16 46.38 -7.54
C ALA F 68 -1.02 47.17 -8.19
N LYS F 69 -0.32 46.51 -9.11
CA LYS F 69 0.83 47.11 -9.81
C LYS F 69 0.42 48.37 -10.60
N VAL F 70 -0.75 48.33 -11.23
CA VAL F 70 -1.23 49.48 -12.02
C VAL F 70 -1.60 50.65 -11.10
N LEU F 71 -2.23 50.35 -9.96
CA LEU F 71 -2.59 51.40 -8.99
C LEU F 71 -1.32 52.14 -8.51
N VAL F 72 -0.28 51.33 -8.28
CA VAL F 72 1.04 51.80 -7.86
C VAL F 72 1.76 52.70 -8.88
N ASP F 73 1.65 52.32 -10.13
CA ASP F 73 2.33 52.98 -11.26
C ASP F 73 1.93 54.46 -11.36
N MET F 74 0.65 54.74 -11.12
CA MET F 74 0.10 56.09 -11.20
C MET F 74 0.80 57.05 -10.21
N SER F 75 1.09 56.58 -9.00
CA SER F 75 1.71 57.42 -7.96
C SER F 75 2.99 58.13 -8.47
N ARG F 76 3.76 57.48 -9.35
CA ARG F 76 4.95 58.12 -9.93
C ARG F 76 4.64 59.40 -10.73
N VAL F 77 3.54 59.39 -11.48
CA VAL F 77 3.16 60.56 -12.26
C VAL F 77 2.86 61.72 -11.28
N GLN F 78 2.26 61.37 -10.15
CA GLN F 78 2.00 62.33 -9.08
C GLN F 78 3.32 62.91 -8.61
N ASP F 79 4.33 62.05 -8.54
CA ASP F 79 5.66 62.43 -8.12
C ASP F 79 6.24 63.50 -9.07
N ASP F 80 6.01 63.35 -10.37
CA ASP F 80 6.49 64.34 -11.34
C ASP F 80 5.90 65.71 -11.01
N GLU F 81 4.61 65.71 -10.67
CA GLU F 81 3.91 66.94 -10.28
C GLU F 81 4.47 67.49 -8.95
N VAL F 82 4.75 66.57 -8.03
CA VAL F 82 5.33 66.83 -6.69
C VAL F 82 5.73 65.50 -6.04
N GLY F 83 4.74 64.63 -5.85
CA GLY F 83 5.01 63.31 -5.32
C GLY F 83 5.01 63.11 -3.85
N ASP F 84 6.23 63.11 -3.38
CA ASP F 84 6.61 62.81 -2.02
C ASP F 84 6.04 63.73 -0.92
N GLY F 85 6.92 64.01 0.04
CA GLY F 85 6.52 64.69 1.24
C GLY F 85 6.40 63.56 2.23
N THR F 86 5.22 63.01 2.27
CA THR F 86 4.96 61.80 3.03
C THR F 86 4.02 60.96 2.18
N THR F 87 4.08 59.64 2.27
CA THR F 87 3.17 58.86 1.44
C THR F 87 1.90 58.59 2.22
N SER F 88 0.77 58.82 1.59
CA SER F 88 -0.52 58.63 2.27
C SER F 88 -1.67 58.46 1.28
N VAL F 89 -1.47 58.88 0.04
CA VAL F 89 -2.53 58.83 -0.97
C VAL F 89 -3.03 57.40 -1.21
N THR F 90 -2.09 56.46 -1.23
CA THR F 90 -2.38 55.05 -1.42
C THR F 90 -3.27 54.48 -0.29
N VAL F 91 -2.99 54.91 0.95
CA VAL F 91 -3.70 54.43 2.15
C VAL F 91 -5.21 54.71 2.11
N LEU F 92 -5.57 55.94 1.73
CA LEU F 92 -6.98 56.33 1.65
C LEU F 92 -7.77 55.49 0.65
N ALA F 93 -7.15 55.18 -0.49
CA ALA F 93 -7.79 54.35 -1.53
C ALA F 93 -8.13 52.95 -1.00
N ALA F 94 -7.22 52.40 -0.20
CA ALA F 94 -7.36 51.07 0.42
C ALA F 94 -8.59 50.98 1.33
N GLU F 95 -8.83 52.06 2.07
CA GLU F 95 -9.92 52.17 3.05
C GLU F 95 -11.29 51.99 2.39
N LEU F 96 -11.41 52.48 1.17
CA LEU F 96 -12.63 52.46 0.37
C LEU F 96 -13.12 51.00 0.13
N LEU F 97 -12.20 50.10 -0.12
CA LEU F 97 -12.49 48.67 -0.35
C LEU F 97 -13.17 47.97 0.86
N ARG F 98 -12.81 48.34 2.09
CA ARG F 98 -13.39 47.75 3.33
C ARG F 98 -14.91 47.93 3.44
N GLU F 99 -15.43 49.07 3.07
CA GLU F 99 -16.89 49.30 3.13
C GLU F 99 -17.67 48.45 2.11
N ALA F 100 -16.96 47.78 1.19
CA ALA F 100 -17.62 46.92 0.20
C ALA F 100 -18.47 45.85 0.92
N GLU F 101 -18.11 45.55 2.17
CA GLU F 101 -18.89 44.64 3.02
C GLU F 101 -20.32 45.14 3.25
N SER F 102 -20.48 46.44 3.48
CA SER F 102 -21.81 47.04 3.68
C SER F 102 -22.61 47.03 2.37
N LEU F 103 -21.90 46.92 1.26
CA LEU F 103 -22.49 46.88 -0.08
C LEU F 103 -23.32 45.61 -0.32
N ILE F 104 -22.94 44.49 0.30
CA ILE F 104 -23.75 43.27 0.19
C ILE F 104 -25.03 43.39 1.03
N ALA F 105 -25.00 44.31 2.00
CA ALA F 105 -26.16 44.65 2.86
C ALA F 105 -27.29 45.27 2.01
N LYS F 106 -26.88 46.12 1.05
CA LYS F 106 -27.80 46.81 0.12
C LYS F 106 -28.26 45.83 -0.96
N LYS F 107 -27.60 44.69 -0.93
CA LYS F 107 -27.84 43.50 -1.74
C LYS F 107 -28.00 43.57 -3.29
N ILE F 108 -26.87 43.89 -4.01
CA ILE F 108 -26.72 43.76 -5.53
C ILE F 108 -26.66 44.96 -6.51
N HIS F 109 -26.71 46.23 -6.13
CA HIS F 109 -26.68 47.25 -7.22
C HIS F 109 -25.61 48.36 -7.00
N PRO F 110 -24.31 47.94 -7.11
CA PRO F 110 -23.09 48.79 -6.96
C PRO F 110 -22.88 49.97 -7.92
N GLN F 111 -23.35 49.91 -9.17
CA GLN F 111 -23.11 51.02 -10.13
C GLN F 111 -23.70 52.33 -9.66
N THR F 112 -24.87 52.27 -9.10
CA THR F 112 -25.50 53.45 -8.53
C THR F 112 -24.64 53.95 -7.36
N ILE F 113 -24.15 52.99 -6.59
CA ILE F 113 -23.29 53.27 -5.43
C ILE F 113 -22.04 54.00 -5.96
N ILE F 114 -21.56 53.56 -7.12
CA ILE F 114 -20.44 54.21 -7.84
C ILE F 114 -20.60 55.76 -7.87
N ALA F 115 -21.85 56.24 -7.66
CA ALA F 115 -22.14 57.68 -7.60
C ALA F 115 -21.30 58.34 -6.50
N GLY F 116 -20.81 57.51 -5.59
CA GLY F 116 -19.96 57.97 -4.49
C GLY F 116 -18.70 58.63 -5.01
N TRP F 117 -18.19 58.15 -6.13
CA TRP F 117 -17.03 58.74 -6.77
C TRP F 117 -17.38 60.12 -7.33
N ARG F 118 -18.57 60.24 -7.92
CA ARG F 118 -19.06 61.53 -8.37
C ARG F 118 -19.16 62.45 -7.14
N GLU F 119 -19.63 61.86 -6.04
CA GLU F 119 -19.72 62.49 -4.72
C GLU F 119 -18.33 62.92 -4.26
N ALA F 120 -17.35 62.05 -4.55
CA ALA F 120 -15.95 62.28 -4.22
C ALA F 120 -15.48 63.54 -4.94
N THR F 121 -15.99 63.79 -6.14
CA THR F 121 -15.65 65.01 -6.87
C THR F 121 -16.08 66.22 -6.03
N LYS F 122 -17.25 66.13 -5.37
CA LYS F 122 -17.70 67.16 -4.43
C LYS F 122 -16.83 67.23 -3.18
N ALA F 123 -16.43 66.07 -2.68
CA ALA F 123 -15.59 66.01 -1.49
C ALA F 123 -14.23 66.67 -1.76
N ALA F 124 -13.72 66.44 -2.96
CA ALA F 124 -12.44 67.02 -3.38
C ALA F 124 -12.53 68.55 -3.50
N ARG F 125 -13.66 69.05 -4.02
CA ARG F 125 -13.87 70.50 -4.18
C ARG F 125 -13.80 71.29 -2.87
N GLN F 126 -14.40 70.74 -1.83
CA GLN F 126 -14.41 71.43 -0.54
C GLN F 126 -13.11 71.25 0.21
N ALA F 127 -12.28 70.34 -0.28
CA ALA F 127 -10.96 70.14 0.29
C ALA F 127 -10.04 71.24 -0.21
N LEU F 128 -10.49 71.88 -1.28
CA LEU F 128 -9.77 72.98 -1.88
C LEU F 128 -10.23 74.32 -1.28
N LEU F 129 -11.49 74.35 -0.80
CA LEU F 129 -12.03 75.50 -0.06
C LEU F 129 -11.47 75.54 1.39
N ASN F 130 -11.73 74.41 2.07
CA ASN F 130 -11.32 74.16 3.45
C ASN F 130 -9.87 73.73 3.51
N SER F 131 -9.29 73.73 4.71
CA SER F 131 -7.88 73.40 4.87
C SER F 131 -7.03 74.39 4.08
N ALA F 132 -6.68 75.48 4.76
CA ALA F 132 -5.94 76.56 4.16
C ALA F 132 -4.57 76.15 3.62
N VAL F 133 -3.85 77.17 3.26
CA VAL F 133 -2.55 77.07 2.63
C VAL F 133 -1.52 77.99 3.29
N ASP F 134 -0.53 78.31 2.50
CA ASP F 134 0.48 79.31 2.81
C ASP F 134 0.27 80.29 1.68
N HIS F 135 0.97 81.39 1.56
CA HIS F 135 0.62 82.18 0.40
C HIS F 135 1.43 81.78 -0.84
N GLY F 136 2.66 82.23 -0.97
CA GLY F 136 3.35 81.91 -2.20
C GLY F 136 4.74 81.30 -2.16
N SER F 137 5.60 81.59 -1.16
CA SER F 137 6.99 81.09 -1.25
C SER F 137 7.48 81.59 -2.61
N ASP F 138 7.45 82.92 -2.73
CA ASP F 138 7.62 83.62 -4.01
C ASP F 138 8.93 83.44 -4.82
N GLU F 139 10.13 83.40 -4.23
CA GLU F 139 11.36 83.17 -5.04
C GLU F 139 12.62 83.39 -4.22
N VAL F 140 13.55 82.41 -4.26
CA VAL F 140 14.79 82.46 -3.44
C VAL F 140 14.39 82.43 -1.95
N LYS F 141 13.69 83.48 -1.56
CA LYS F 141 13.10 83.69 -0.23
C LYS F 141 14.06 83.46 0.96
N PHE F 142 14.09 84.44 1.87
CA PHE F 142 14.98 84.39 3.03
C PHE F 142 14.69 83.21 4.00
N ARG F 143 13.95 83.49 5.07
CA ARG F 143 13.59 82.50 6.10
C ARG F 143 12.68 81.35 5.60
N GLN F 144 11.72 81.72 4.76
CA GLN F 144 10.68 80.81 4.25
C GLN F 144 11.21 79.79 3.24
N ASP F 145 12.50 79.85 2.96
CA ASP F 145 13.10 78.96 1.98
C ASP F 145 12.90 77.49 2.42
N LEU F 146 13.15 77.19 3.70
CA LEU F 146 12.94 75.83 4.22
C LEU F 146 12.55 75.84 5.70
N MET F 147 13.02 74.82 6.44
CA MET F 147 12.67 74.65 7.84
C MET F 147 11.15 74.48 7.86
N ASN F 148 10.68 73.77 6.82
CA ASN F 148 9.24 73.55 6.58
C ASN F 148 8.92 72.12 6.10
N ILE F 149 8.48 72.03 4.83
CA ILE F 149 8.09 70.74 4.21
C ILE F 149 9.20 69.69 4.13
N ALA F 150 10.42 70.10 3.80
CA ALA F 150 11.51 69.12 3.73
C ALA F 150 11.68 68.47 5.09
N GLY F 151 11.58 69.27 6.15
CA GLY F 151 11.69 68.74 7.49
C GLY F 151 10.64 67.69 7.77
N THR F 152 9.41 67.93 7.29
CA THR F 152 8.31 66.97 7.43
C THR F 152 8.55 65.67 6.65
N THR F 153 9.08 65.79 5.44
CA THR F 153 9.38 64.60 4.64
C THR F 153 10.37 63.73 5.40
N LEU F 154 11.32 64.43 6.00
CA LEU F 154 12.34 63.88 6.88
C LEU F 154 11.83 63.39 8.21
N SER F 155 10.78 64.01 8.73
CA SER F 155 10.31 63.69 10.08
C SER F 155 9.90 62.22 10.18
N SER F 156 9.26 61.68 9.16
CA SER F 156 8.86 60.27 9.15
C SER F 156 10.11 59.36 9.18
N LYS F 157 11.22 59.97 8.86
CA LYS F 157 12.51 59.30 8.83
C LYS F 157 13.31 59.62 10.12
N LEU F 158 13.91 58.62 10.76
CA LEU F 158 14.60 58.81 12.05
C LEU F 158 15.91 59.65 12.00
N LEU F 159 16.59 59.67 10.86
CA LEU F 159 17.87 60.39 10.70
C LEU F 159 17.78 61.87 11.14
N THR F 160 16.55 62.38 11.19
CA THR F 160 16.22 63.78 11.51
C THR F 160 16.84 64.35 12.80
N HIS F 161 17.51 63.57 13.66
CA HIS F 161 18.10 64.21 14.86
C HIS F 161 19.13 65.29 14.43
N HIS F 162 19.90 64.97 13.37
CA HIS F 162 20.83 65.92 12.77
C HIS F 162 20.45 66.20 11.32
N LYS F 163 19.69 65.27 10.75
CA LYS F 163 19.25 65.34 9.36
C LYS F 163 18.42 66.57 9.04
N ASP F 164 17.55 67.00 9.96
CA ASP F 164 16.70 68.16 9.68
C ASP F 164 17.58 69.36 9.29
N HIS F 165 18.76 69.48 9.90
CA HIS F 165 19.70 70.53 9.51
C HIS F 165 20.10 70.36 8.01
N PHE F 166 20.31 69.09 7.60
CA PHE F 166 20.69 68.73 6.20
C PHE F 166 19.62 69.15 5.20
N THR F 167 18.37 68.93 5.61
CA THR F 167 17.19 69.25 4.81
C THR F 167 17.12 70.72 4.48
N LYS F 168 17.47 71.51 5.48
CA LYS F 168 17.46 72.97 5.39
C LYS F 168 18.42 73.42 4.28
N LEU F 169 19.53 72.74 4.20
CA LEU F 169 20.58 73.01 3.22
C LEU F 169 20.07 72.85 1.77
N ALA F 170 19.26 71.84 1.51
CA ALA F 170 18.79 71.53 0.15
C ALA F 170 18.06 72.68 -0.56
N VAL F 171 17.38 73.58 0.16
CA VAL F 171 16.74 74.73 -0.51
C VAL F 171 17.75 75.60 -1.23
N GLU F 172 18.90 75.79 -0.61
CA GLU F 172 19.94 76.60 -1.19
C GLU F 172 20.34 75.96 -2.52
N ALA F 173 20.40 74.63 -2.53
CA ALA F 173 20.70 73.86 -3.73
C ALA F 173 19.64 74.07 -4.82
N VAL F 174 18.37 74.13 -4.43
CA VAL F 174 17.27 74.33 -5.40
C VAL F 174 17.29 75.75 -5.99
N LEU F 175 17.63 76.74 -5.15
CA LEU F 175 17.64 78.13 -5.60
C LEU F 175 18.60 78.38 -6.76
N ARG F 176 19.79 77.77 -6.70
CA ARG F 176 20.75 77.89 -7.81
C ARG F 176 20.27 77.12 -9.04
N LEU F 177 19.66 75.96 -8.77
CA LEU F 177 19.11 75.05 -9.77
C LEU F 177 18.01 75.70 -10.62
N LYS F 178 17.17 76.49 -9.98
CA LYS F 178 16.00 77.10 -10.64
C LYS F 178 16.37 78.00 -11.82
N GLY F 179 15.56 77.88 -12.87
CA GLY F 179 15.73 78.61 -14.12
C GLY F 179 15.08 77.84 -15.26
N SER F 180 15.49 78.07 -16.51
CA SER F 180 14.88 77.30 -17.61
C SER F 180 15.71 76.02 -17.82
N GLY F 181 16.74 75.90 -17.00
CA GLY F 181 17.64 74.75 -16.98
C GLY F 181 16.93 73.43 -16.67
N ASN F 182 15.98 73.51 -15.73
CA ASN F 182 15.24 72.36 -15.22
C ASN F 182 16.16 71.46 -14.38
N LEU F 183 15.82 70.19 -14.17
CA LEU F 183 16.64 69.35 -13.28
C LEU F 183 17.82 68.65 -13.97
N GLU F 184 19.01 69.16 -13.65
CA GLU F 184 20.31 68.65 -14.09
C GLU F 184 21.46 69.11 -13.19
N ALA F 185 22.56 68.40 -13.30
CA ALA F 185 23.82 68.70 -12.60
C ALA F 185 23.75 68.71 -11.06
N ILE F 186 23.00 67.80 -10.47
CA ILE F 186 22.97 67.69 -9.02
C ILE F 186 23.45 66.29 -8.60
N HIS F 187 24.53 66.26 -7.82
CA HIS F 187 25.14 65.00 -7.38
C HIS F 187 25.40 64.99 -5.85
N VAL F 188 25.11 63.86 -5.19
CA VAL F 188 25.37 63.78 -3.74
C VAL F 188 26.02 62.46 -3.30
N ILE F 189 26.99 62.60 -2.40
CA ILE F 189 27.74 61.49 -1.77
C ILE F 189 27.98 61.76 -0.28
N LYS F 190 27.91 60.71 0.52
CA LYS F 190 28.13 60.78 1.98
C LYS F 190 29.57 60.34 2.35
N LYS F 191 30.19 61.01 3.31
CA LYS F 191 31.58 60.71 3.69
C LYS F 191 31.80 60.38 5.19
N LEU F 192 32.75 59.47 5.43
CA LEU F 192 33.15 59.03 6.78
C LEU F 192 33.75 60.21 7.57
N GLY F 193 33.43 60.32 8.87
CA GLY F 193 33.96 61.41 9.68
C GLY F 193 33.10 61.73 10.90
N GLY F 194 33.24 62.94 11.43
CA GLY F 194 32.43 63.35 12.57
C GLY F 194 32.35 64.86 12.75
N SER F 195 31.25 65.45 12.31
CA SER F 195 31.00 66.88 12.46
C SER F 195 29.52 67.14 12.80
N LEU F 196 29.23 68.22 13.53
CA LEU F 196 27.83 68.54 13.88
C LEU F 196 27.02 68.92 12.63
N ALA F 197 27.65 69.68 11.72
CA ALA F 197 26.99 70.12 10.48
C ALA F 197 26.60 68.94 9.61
N ASP F 198 27.50 67.96 9.56
CA ASP F 198 27.32 66.72 8.81
C ASP F 198 27.09 66.95 7.31
N SER F 199 27.64 68.02 6.75
CA SER F 199 27.51 68.27 5.32
C SER F 199 28.21 69.55 4.87
N TYR F 200 28.85 69.45 3.73
CA TYR F 200 29.53 70.57 3.08
C TYR F 200 28.99 70.88 1.70
N LEU F 201 28.88 72.15 1.43
CA LEU F 201 28.37 72.62 0.17
C LEU F 201 29.54 73.01 -0.73
N ASP F 202 29.65 72.34 -1.87
CA ASP F 202 30.72 72.61 -2.80
C ASP F 202 30.23 73.44 -3.97
N GLU F 203 30.98 74.49 -4.27
CA GLU F 203 30.65 75.35 -5.40
C GLU F 203 30.89 74.63 -6.73
N GLY F 204 31.76 73.61 -6.69
CA GLY F 204 32.07 72.81 -7.88
C GLY F 204 31.52 71.38 -7.81
N PHE F 205 32.25 70.45 -8.43
CA PHE F 205 31.88 69.03 -8.47
C PHE F 205 32.87 68.17 -7.66
N LEU F 206 32.35 67.18 -6.94
CA LEU F 206 33.19 66.30 -6.10
C LEU F 206 33.31 64.88 -6.65
N LEU F 207 34.57 64.41 -6.74
CA LEU F 207 34.91 63.05 -7.21
C LEU F 207 35.58 62.22 -6.09
N ASP F 208 36.18 61.10 -6.47
CA ASP F 208 36.86 60.22 -5.49
C ASP F 208 37.88 59.30 -6.18
N LYS F 209 38.80 59.87 -6.97
CA LYS F 209 39.79 59.04 -7.67
C LYS F 209 41.20 59.66 -7.69
N LYS F 210 42.22 58.81 -7.79
CA LYS F 210 43.61 59.26 -7.82
C LYS F 210 44.40 58.57 -8.96
N ILE F 211 45.30 59.33 -9.59
CA ILE F 211 46.11 58.83 -10.74
C ILE F 211 46.96 57.62 -10.37
N GLY F 212 47.67 57.76 -9.27
CA GLY F 212 48.56 56.74 -8.77
C GLY F 212 49.42 57.26 -7.64
N VAL F 213 50.37 56.46 -7.16
CA VAL F 213 51.24 56.89 -6.06
C VAL F 213 52.06 58.14 -6.43
N ASN F 214 52.56 58.17 -7.66
CA ASN F 214 53.34 59.31 -8.14
C ASN F 214 52.38 60.36 -8.74
N GLN F 215 52.90 61.56 -9.04
CA GLN F 215 52.15 62.72 -9.64
C GLN F 215 52.19 63.93 -8.69
N PRO F 216 52.13 65.18 -9.23
CA PRO F 216 52.14 66.38 -8.38
C PRO F 216 50.96 66.43 -7.40
N LYS F 217 51.22 66.98 -6.22
CA LYS F 217 50.20 67.11 -5.18
C LYS F 217 49.03 68.06 -5.54
N ARG F 218 49.36 69.18 -6.18
CA ARG F 218 48.33 70.19 -6.53
C ARG F 218 48.57 70.80 -7.92
N ILE F 219 47.50 71.19 -8.59
CA ILE F 219 47.60 71.84 -9.90
C ILE F 219 46.96 73.25 -9.86
N GLU F 220 47.49 74.16 -10.69
CA GLU F 220 46.99 75.55 -10.75
C GLU F 220 46.71 75.97 -12.18
N ASN F 221 45.74 76.87 -12.37
CA ASN F 221 45.34 77.33 -13.71
C ASN F 221 44.97 76.09 -14.50
N ALA F 222 44.30 75.19 -13.81
CA ALA F 222 43.96 73.88 -14.34
C ALA F 222 43.11 73.85 -15.59
N LYS F 223 43.49 72.92 -16.45
CA LYS F 223 42.77 72.63 -17.68
C LYS F 223 42.26 71.21 -17.55
N ILE F 224 41.01 70.99 -17.92
CA ILE F 224 40.41 69.66 -17.76
C ILE F 224 40.12 69.00 -19.10
N LEU F 225 40.57 67.76 -19.20
CA LEU F 225 40.40 67.00 -20.42
C LEU F 225 39.51 65.77 -20.13
N ILE F 226 38.47 65.59 -20.93
CA ILE F 226 37.54 64.45 -20.78
C ILE F 226 37.55 63.60 -22.05
N ALA F 227 37.83 62.31 -21.93
CA ALA F 227 37.85 61.45 -23.11
C ALA F 227 36.85 60.29 -23.06
N ASN F 228 36.05 60.20 -24.12
CA ASN F 228 35.07 59.12 -24.30
C ASN F 228 35.73 57.76 -24.50
N THR F 229 36.82 57.76 -25.26
CA THR F 229 37.54 56.53 -25.58
C THR F 229 38.76 56.33 -24.69
N GLY F 230 38.99 55.07 -24.35
CA GLY F 230 40.09 54.71 -23.48
C GLY F 230 41.46 54.88 -24.10
N MET F 231 42.44 54.93 -23.23
CA MET F 231 43.83 55.13 -23.61
C MET F 231 44.44 53.78 -24.11
N ASP F 232 43.69 52.69 -23.89
CA ASP F 232 44.13 51.31 -24.27
C ASP F 232 44.13 51.06 -25.79
N THR F 233 45.25 50.54 -26.31
CA THR F 233 45.37 50.20 -27.73
C THR F 233 46.02 48.83 -27.98
N ASP F 234 45.48 48.06 -28.97
CA ASP F 234 46.04 46.73 -29.40
C ASP F 234 44.99 45.71 -29.95
N LYS F 235 44.01 45.34 -29.14
CA LYS F 235 43.00 44.32 -29.51
C LYS F 235 42.04 44.64 -30.69
N ILE F 236 41.56 45.91 -30.79
CA ILE F 236 40.61 46.40 -31.85
C ILE F 236 39.45 45.38 -32.24
N LYS F 237 38.59 45.77 -33.21
CA LYS F 237 37.45 44.93 -33.70
C LYS F 237 37.90 43.59 -34.28
N ILE F 238 38.94 43.65 -35.07
CA ILE F 238 39.52 42.47 -35.68
C ILE F 238 40.96 42.41 -35.20
N PHE F 239 41.33 41.28 -34.65
CA PHE F 239 42.66 41.11 -34.06
C PHE F 239 43.79 41.32 -35.07
N GLY F 240 43.49 41.08 -36.34
CA GLY F 240 44.53 41.14 -37.34
C GLY F 240 45.22 39.81 -37.30
N SER F 241 44.51 38.90 -36.63
CA SER F 241 44.90 37.53 -36.41
C SER F 241 46.30 37.42 -35.86
N ARG F 242 46.86 36.25 -36.01
CA ARG F 242 48.20 35.99 -35.57
C ARG F 242 49.08 36.60 -36.69
N VAL F 243 50.05 37.41 -36.29
CA VAL F 243 50.81 38.28 -37.22
C VAL F 243 51.58 37.64 -38.40
N ARG F 244 52.66 36.90 -38.16
CA ARG F 244 53.47 36.32 -39.26
C ARG F 244 53.99 37.40 -40.26
N VAL F 245 55.14 37.98 -39.97
CA VAL F 245 55.77 39.01 -40.82
C VAL F 245 57.15 38.52 -41.27
N ASP F 246 57.46 38.59 -42.58
CA ASP F 246 58.74 38.08 -43.06
C ASP F 246 59.90 38.60 -42.20
N SER F 247 60.63 37.61 -41.67
CA SER F 247 61.75 37.79 -40.73
C SER F 247 61.19 37.74 -39.29
N THR F 248 61.21 38.87 -38.59
CA THR F 248 60.67 38.97 -37.22
C THR F 248 60.96 40.36 -36.61
N ALA F 249 61.96 41.03 -37.18
CA ALA F 249 62.38 42.38 -36.75
C ALA F 249 61.26 43.40 -36.89
N LYS F 250 60.43 43.21 -37.90
CA LYS F 250 59.32 44.11 -38.19
C LYS F 250 58.33 44.17 -37.02
N VAL F 251 58.04 43.06 -36.35
CA VAL F 251 57.13 43.07 -35.18
C VAL F 251 57.55 44.18 -34.19
N ALA F 252 58.85 44.48 -34.15
CA ALA F 252 59.41 45.54 -33.30
C ALA F 252 58.81 46.91 -33.64
N GLU F 253 58.51 47.18 -34.92
CA GLU F 253 57.92 48.47 -35.34
C GLU F 253 56.57 48.66 -34.63
N ILE F 254 55.90 47.55 -34.32
CA ILE F 254 54.62 47.60 -33.61
C ILE F 254 54.83 48.28 -32.25
N GLU F 255 55.91 47.90 -31.56
CA GLU F 255 56.26 48.52 -30.27
C GLU F 255 56.52 50.03 -30.48
N HIS F 256 57.20 50.34 -31.58
CA HIS F 256 57.53 51.72 -31.97
C HIS F 256 56.24 52.54 -32.16
N ALA F 257 55.24 51.88 -32.77
CA ALA F 257 53.93 52.50 -33.02
C ALA F 257 53.29 52.93 -31.69
N GLU F 258 53.48 52.10 -30.66
CA GLU F 258 52.97 52.40 -29.32
C GLU F 258 53.58 53.71 -28.80
N LYS F 259 54.85 53.89 -29.07
CA LYS F 259 55.58 55.09 -28.67
C LYS F 259 54.93 56.32 -29.31
N GLU F 260 54.48 56.19 -30.54
CA GLU F 260 53.80 57.29 -31.24
C GLU F 260 52.55 57.74 -30.48
N LYS F 261 51.77 56.79 -29.93
CA LYS F 261 50.60 57.17 -29.13
C LYS F 261 51.03 58.01 -27.92
N MET F 262 52.13 57.61 -27.28
CA MET F 262 52.72 58.35 -26.16
C MET F 262 53.11 59.76 -26.57
N LYS F 263 53.80 59.81 -27.70
CA LYS F 263 54.33 61.06 -28.26
C LYS F 263 53.26 62.05 -28.70
N GLU F 264 52.17 61.58 -29.30
CA GLU F 264 51.09 62.47 -29.73
C GLU F 264 50.47 63.17 -28.52
N LYS F 265 50.31 62.41 -27.44
CA LYS F 265 49.70 62.89 -26.23
C LYS F 265 50.54 63.96 -25.53
N VAL F 266 51.86 63.78 -25.52
CA VAL F 266 52.76 64.74 -24.90
C VAL F 266 52.86 66.07 -25.65
N GLU F 267 52.89 66.01 -26.98
CA GLU F 267 53.06 67.24 -27.76
C GLU F 267 51.84 68.16 -27.64
N ARG F 268 50.63 67.58 -27.65
CA ARG F 268 49.41 68.36 -27.47
C ARG F 268 49.28 68.90 -26.04
N ILE F 269 49.67 68.04 -25.09
CA ILE F 269 49.68 68.35 -23.66
C ILE F 269 50.56 69.50 -23.19
N LEU F 270 51.82 69.51 -23.62
CA LEU F 270 52.75 70.54 -23.15
C LEU F 270 52.32 71.97 -23.52
N LYS F 271 51.87 72.19 -24.76
CA LYS F 271 51.46 73.54 -25.20
C LYS F 271 50.29 74.12 -24.38
N HIS F 272 49.34 73.25 -24.07
CA HIS F 272 48.15 73.61 -23.29
C HIS F 272 48.49 73.91 -21.83
N GLY F 273 49.39 73.10 -21.28
CA GLY F 273 49.76 73.22 -19.88
C GLY F 273 48.85 72.38 -19.01
N ILE F 274 48.03 71.54 -19.69
CA ILE F 274 47.08 70.59 -19.08
C ILE F 274 47.39 70.23 -17.62
N ASN F 275 46.45 70.48 -16.75
CA ASN F 275 46.65 70.20 -15.34
C ASN F 275 45.93 68.93 -14.87
N CYS F 276 44.95 68.47 -15.64
CA CYS F 276 44.20 67.27 -15.25
C CYS F 276 43.54 66.57 -16.43
N PHE F 277 43.43 65.25 -16.34
CA PHE F 277 42.79 64.45 -17.38
C PHE F 277 41.79 63.48 -16.74
N ILE F 278 40.57 63.44 -17.23
CA ILE F 278 39.57 62.52 -16.71
C ILE F 278 39.04 61.59 -17.80
N ASN F 279 39.19 60.29 -17.58
CA ASN F 279 38.75 59.29 -18.56
C ASN F 279 37.70 58.36 -17.96
N ARG F 280 36.59 58.16 -18.64
CA ARG F 280 35.54 57.28 -18.13
C ARG F 280 35.76 55.81 -18.54
N GLN F 281 36.89 55.23 -18.12
CA GLN F 281 37.21 53.81 -18.39
C GLN F 281 38.65 53.45 -18.02
N LEU F 282 39.06 52.24 -18.42
CA LEU F 282 40.41 51.75 -18.16
C LEU F 282 41.47 52.60 -18.87
N ILE F 283 42.58 52.85 -18.18
CA ILE F 283 43.63 53.71 -18.72
C ILE F 283 44.94 52.94 -18.95
N TYR F 284 45.50 53.11 -20.14
CA TYR F 284 46.71 52.42 -20.58
C TYR F 284 47.95 52.95 -19.81
N ASN F 285 48.84 52.02 -19.45
CA ASN F 285 50.03 52.32 -18.64
C ASN F 285 51.07 53.31 -19.20
N TYR F 286 51.37 53.28 -20.52
CA TYR F 286 52.39 54.23 -21.06
C TYR F 286 52.08 55.71 -20.74
N PRO F 287 50.83 56.18 -21.00
CA PRO F 287 50.40 57.54 -20.68
C PRO F 287 50.70 57.95 -19.25
N GLU F 288 50.50 57.01 -18.33
CA GLU F 288 50.60 57.28 -16.91
C GLU F 288 51.99 57.77 -16.50
N GLN F 289 53.04 57.20 -17.08
CA GLN F 289 54.40 57.65 -16.76
C GLN F 289 54.60 59.11 -17.20
N LEU F 290 54.06 59.42 -18.37
CA LEU F 290 54.13 60.77 -18.97
C LEU F 290 53.48 61.85 -18.10
N PHE F 291 52.27 61.56 -17.64
CA PHE F 291 51.51 62.50 -16.82
C PHE F 291 52.23 62.89 -15.52
N GLY F 292 52.85 61.91 -14.87
CA GLY F 292 53.58 62.18 -13.63
C GLY F 292 54.74 63.17 -13.76
N ALA F 293 55.56 63.00 -14.79
CA ALA F 293 56.71 63.88 -15.02
C ALA F 293 56.30 65.29 -15.45
N ALA F 294 55.28 65.34 -16.31
CA ALA F 294 54.74 66.60 -16.84
C ALA F 294 54.20 67.51 -15.75
N GLY F 295 53.54 66.91 -14.78
CA GLY F 295 52.91 67.64 -13.70
C GLY F 295 51.42 67.76 -13.96
N VAL F 296 50.87 66.66 -14.47
CA VAL F 296 49.47 66.57 -14.84
C VAL F 296 48.77 65.46 -14.05
N MET F 297 47.63 65.77 -13.46
CA MET F 297 46.89 64.79 -12.66
C MET F 297 45.75 64.15 -13.48
N ALA F 298 45.82 62.83 -13.63
CA ALA F 298 44.81 62.08 -14.41
C ALA F 298 43.90 61.19 -13.54
N ILE F 299 42.70 60.97 -14.02
CA ILE F 299 41.71 60.15 -13.31
C ILE F 299 41.30 58.91 -14.13
N GLU F 300 41.36 57.74 -13.49
CA GLU F 300 41.03 56.47 -14.14
C GLU F 300 39.62 55.98 -13.84
N HIS F 301 38.89 55.63 -14.90
CA HIS F 301 37.55 55.04 -14.77
C HIS F 301 36.56 55.93 -14.02
N ALA F 302 36.59 57.24 -14.27
CA ALA F 302 35.64 58.12 -13.62
C ALA F 302 34.24 57.78 -14.12
N ASP F 303 33.25 57.73 -13.23
CA ASP F 303 31.89 57.39 -13.66
C ASP F 303 31.34 58.41 -14.65
N PHE F 304 30.65 57.88 -15.66
CA PHE F 304 30.10 58.67 -16.76
C PHE F 304 29.09 59.72 -16.26
N VAL F 305 28.25 59.34 -15.30
CA VAL F 305 27.24 60.26 -14.78
C VAL F 305 27.89 61.51 -14.15
N GLY F 306 29.00 61.32 -13.45
CA GLY F 306 29.72 62.45 -12.88
C GLY F 306 30.28 63.38 -13.96
N VAL F 307 30.80 62.76 -15.02
CA VAL F 307 31.40 63.47 -16.15
C VAL F 307 30.42 64.41 -16.87
N GLU F 308 29.19 63.93 -17.12
CA GLU F 308 28.17 64.75 -17.79
C GLU F 308 27.84 65.99 -16.98
N ARG F 309 27.78 65.81 -15.67
CA ARG F 309 27.49 66.90 -14.74
C ARG F 309 28.60 67.94 -14.79
N LEU F 310 29.82 67.43 -14.89
CA LEU F 310 31.04 68.24 -14.91
C LEU F 310 31.11 69.10 -16.19
N ALA F 311 30.72 68.53 -17.32
CA ALA F 311 30.76 69.24 -18.61
C ALA F 311 29.91 70.52 -18.61
N LEU F 312 28.73 70.45 -18.03
CA LEU F 312 27.86 71.63 -17.95
C LEU F 312 28.60 72.71 -17.13
N VAL F 313 29.25 72.24 -16.07
CA VAL F 313 30.05 73.05 -15.13
C VAL F 313 31.26 73.80 -15.76
N THR F 314 32.06 73.07 -16.54
CA THR F 314 33.29 73.64 -17.13
C THR F 314 33.12 74.29 -18.52
N GLY F 315 31.91 74.28 -19.04
CA GLY F 315 31.68 74.79 -20.40
C GLY F 315 31.65 73.67 -21.43
N GLY F 316 31.94 72.46 -20.95
CA GLY F 316 31.88 71.25 -21.78
C GLY F 316 33.05 71.00 -22.70
N GLU F 317 32.88 69.95 -23.50
CA GLU F 317 33.90 69.56 -24.48
C GLU F 317 33.28 68.68 -25.57
N ILE F 318 33.94 68.62 -26.73
CA ILE F 318 33.49 67.76 -27.83
C ILE F 318 33.66 66.26 -27.50
N ALA F 319 34.78 65.92 -26.86
CA ALA F 319 35.07 64.54 -26.39
C ALA F 319 35.15 63.48 -27.51
N SER F 320 36.24 63.53 -28.26
CA SER F 320 36.48 62.59 -29.37
C SER F 320 37.81 61.84 -29.18
N THR F 321 38.48 61.57 -30.29
CA THR F 321 39.78 60.90 -30.29
C THR F 321 40.85 61.92 -29.90
N PHE F 322 42.08 61.48 -29.64
CA PHE F 322 43.21 62.34 -29.17
C PHE F 322 43.35 63.74 -29.79
N ASP F 323 42.61 64.04 -30.84
CA ASP F 323 42.55 65.38 -31.40
C ASP F 323 41.82 66.31 -30.40
N HIS F 324 41.05 65.65 -29.52
CA HIS F 324 40.21 66.25 -28.45
C HIS F 324 40.81 67.46 -27.66
N PRO F 325 42.14 67.55 -27.38
CA PRO F 325 42.76 68.74 -26.71
C PRO F 325 42.40 70.10 -27.35
N GLU F 326 43.15 71.14 -26.95
CA GLU F 326 42.99 72.54 -27.41
C GLU F 326 41.55 73.11 -27.35
N LEU F 327 41.17 73.88 -28.38
CA LEU F 327 39.90 74.61 -28.41
C LEU F 327 38.64 73.77 -28.69
N VAL F 328 38.78 72.52 -29.12
CA VAL F 328 37.57 71.73 -29.35
C VAL F 328 36.93 71.43 -27.98
N LYS F 329 37.76 71.55 -26.94
CA LYS F 329 37.31 71.39 -25.55
C LYS F 329 37.46 72.69 -24.77
N LEU F 330 36.55 72.93 -23.82
CA LEU F 330 36.64 74.12 -22.98
C LEU F 330 37.05 73.73 -21.56
N GLY F 331 38.05 74.42 -21.03
CA GLY F 331 38.52 74.13 -19.69
C GLY F 331 38.29 75.27 -18.71
N SER F 332 37.74 74.95 -17.55
CA SER F 332 37.53 75.94 -16.51
C SER F 332 38.77 75.97 -15.63
N CYS F 333 39.19 77.13 -15.18
CA CYS F 333 40.44 77.19 -14.41
C CYS F 333 40.37 77.96 -13.09
N LYS F 334 39.85 77.34 -12.04
CA LYS F 334 39.88 77.98 -10.74
C LYS F 334 40.91 77.27 -9.84
N LEU F 335 40.69 75.97 -9.61
CA LEU F 335 41.60 75.17 -8.80
C LEU F 335 41.10 73.72 -8.59
N ILE F 336 41.95 72.76 -8.93
CA ILE F 336 41.65 71.34 -8.71
C ILE F 336 42.71 70.75 -7.79
N GLU F 337 42.31 70.09 -6.72
CA GLU F 337 43.31 69.55 -5.79
C GLU F 337 42.82 68.37 -4.95
N GLU F 338 43.78 67.62 -4.41
CA GLU F 338 43.45 66.51 -3.52
C GLU F 338 43.48 67.09 -2.10
N VAL F 339 42.36 67.00 -1.43
CA VAL F 339 42.21 67.58 -0.09
C VAL F 339 41.71 66.58 0.92
N MET F 340 42.37 66.48 2.05
CA MET F 340 41.86 65.60 3.06
C MET F 340 40.62 66.29 3.67
N ILE F 341 39.49 65.60 3.55
CA ILE F 341 38.18 66.06 4.05
C ILE F 341 38.21 66.27 5.55
N GLY F 342 38.86 65.33 6.19
CA GLY F 342 39.03 65.30 7.61
C GLY F 342 39.83 64.08 7.97
N GLU F 343 39.27 62.92 7.70
CA GLU F 343 39.95 61.66 7.92
C GLU F 343 40.35 60.96 6.60
N ASP F 344 39.55 61.20 5.56
CA ASP F 344 39.72 60.53 4.27
C ASP F 344 40.02 61.53 3.13
N LYS F 345 41.05 61.23 2.35
CA LYS F 345 41.48 62.07 1.24
C LYS F 345 40.62 61.88 -0.03
N LEU F 346 40.18 63.02 -0.57
CA LEU F 346 39.32 63.12 -1.76
C LEU F 346 39.80 64.24 -2.70
N ILE F 347 39.30 64.21 -3.93
CA ILE F 347 39.70 65.21 -4.92
C ILE F 347 38.53 66.17 -5.22
N HIS F 348 38.81 67.46 -5.16
CA HIS F 348 37.79 68.49 -5.33
C HIS F 348 37.94 69.34 -6.58
N PHE F 349 36.86 69.44 -7.32
CA PHE F 349 36.80 70.31 -8.49
C PHE F 349 35.97 71.53 -8.05
N SER F 350 36.52 72.73 -8.14
CA SER F 350 35.77 73.91 -7.66
C SER F 350 36.08 75.20 -8.41
N GLY F 351 35.27 76.22 -8.14
CA GLY F 351 35.47 77.53 -8.76
C GLY F 351 34.94 77.63 -10.18
N VAL F 352 33.91 76.86 -10.49
CA VAL F 352 33.33 76.87 -11.83
C VAL F 352 32.70 78.23 -12.18
N ALA F 353 33.07 78.75 -13.35
CA ALA F 353 32.58 80.04 -13.85
C ALA F 353 31.07 80.08 -14.05
N LEU F 354 30.49 79.00 -14.57
CA LEU F 354 29.04 78.91 -14.83
C LEU F 354 28.19 79.11 -13.55
N GLY F 355 28.51 78.38 -12.48
CA GLY F 355 27.84 78.59 -11.18
C GLY F 355 26.45 77.96 -10.96
N GLU F 356 25.83 77.34 -11.95
CA GLU F 356 24.50 76.74 -11.73
C GLU F 356 24.51 75.21 -11.64
N ALA F 357 25.70 74.63 -11.54
CA ALA F 357 25.86 73.20 -11.36
C ALA F 357 26.75 72.92 -10.15
N CYS F 358 26.18 72.40 -9.07
CA CYS F 358 26.95 72.16 -7.84
C CYS F 358 26.76 70.78 -7.22
N THR F 359 27.75 70.40 -6.42
CA THR F 359 27.80 69.11 -5.74
C THR F 359 27.86 69.27 -4.21
N ILE F 360 27.02 68.53 -3.52
CA ILE F 360 26.95 68.59 -2.05
C ILE F 360 27.51 67.32 -1.45
N VAL F 361 28.42 67.47 -0.51
CA VAL F 361 29.05 66.31 0.11
C VAL F 361 28.57 66.19 1.55
N LEU F 362 27.95 65.07 1.83
CA LEU F 362 27.39 64.81 3.14
C LEU F 362 28.38 64.15 4.07
N ARG F 363 28.24 64.41 5.35
CA ARG F 363 29.08 63.81 6.38
C ARG F 363 28.15 63.26 7.45
N GLY F 364 28.61 62.34 8.26
CA GLY F 364 27.70 61.79 9.25
C GLY F 364 28.32 60.75 10.16
N ALA F 365 27.46 60.09 10.93
CA ALA F 365 27.89 59.06 11.87
C ALA F 365 28.60 57.90 11.16
N THR F 366 28.08 57.50 9.98
CA THR F 366 28.66 56.44 9.12
C THR F 366 27.95 55.05 9.24
N GLN F 367 26.82 54.92 8.56
CA GLN F 367 26.03 53.68 8.56
C GLN F 367 24.81 53.77 7.64
N GLN F 368 23.88 52.85 7.83
CA GLN F 368 22.65 52.77 7.03
C GLN F 368 21.85 54.07 7.18
N ILE F 369 21.80 54.61 8.39
CA ILE F 369 21.08 55.86 8.65
C ILE F 369 21.67 57.00 7.80
N LEU F 370 22.98 57.06 7.65
CA LEU F 370 23.59 58.07 6.78
C LEU F 370 23.13 57.83 5.32
N ASP F 371 23.04 56.55 4.89
CA ASP F 371 22.56 56.22 3.53
C ASP F 371 21.08 56.59 3.42
N GLU F 372 20.45 56.66 4.57
CA GLU F 372 19.08 57.13 4.73
C GLU F 372 19.05 58.59 4.23
N ALA F 373 20.11 59.33 4.53
CA ALA F 373 20.26 60.72 4.08
C ALA F 373 20.25 60.76 2.54
N GLU F 374 20.80 59.72 1.89
CA GLU F 374 20.76 59.63 0.42
C GLU F 374 19.31 59.63 -0.03
N ARG F 375 18.50 58.89 0.73
CA ARG F 375 17.05 58.81 0.54
C ARG F 375 16.39 60.19 0.67
N SER F 376 16.77 60.85 1.77
CA SER F 376 16.25 62.15 2.19
C SER F 376 16.65 63.33 1.30
N LEU F 377 17.91 63.42 0.93
CA LEU F 377 18.37 64.53 0.08
C LEU F 377 17.67 64.54 -1.27
N HIS F 378 17.48 63.36 -1.84
CA HIS F 378 16.82 63.23 -3.13
C HIS F 378 15.40 63.81 -3.05
N ASP F 379 14.73 63.52 -1.96
CA ASP F 379 13.40 64.04 -1.73
C ASP F 379 13.40 65.55 -1.49
N ALA F 380 14.41 66.03 -0.74
CA ALA F 380 14.52 67.46 -0.41
C ALA F 380 14.83 68.34 -1.62
N LEU F 381 15.72 67.90 -2.49
CA LEU F 381 16.08 68.68 -3.67
C LEU F 381 14.85 68.92 -4.57
N CYS F 382 14.13 67.84 -4.84
CA CYS F 382 12.96 67.89 -5.72
C CYS F 382 11.74 68.64 -5.13
N VAL F 383 11.46 68.49 -3.84
CA VAL F 383 10.29 69.14 -3.20
C VAL F 383 10.31 70.66 -3.29
N LEU F 384 11.43 71.24 -2.89
CA LEU F 384 11.60 72.69 -2.88
C LEU F 384 11.48 73.35 -4.25
N ALA F 385 12.04 72.73 -5.30
CA ALA F 385 11.92 73.31 -6.64
C ALA F 385 10.44 73.42 -7.02
N GLN F 386 9.70 72.37 -6.66
CA GLN F 386 8.25 72.34 -6.86
C GLN F 386 7.50 73.38 -6.05
N THR F 387 7.92 73.61 -4.80
CA THR F 387 7.23 74.56 -3.92
C THR F 387 7.21 75.96 -4.52
N VAL F 388 8.33 76.40 -5.09
CA VAL F 388 8.35 77.70 -5.74
C VAL F 388 7.52 77.68 -7.03
N LYS F 389 7.65 76.58 -7.76
CA LYS F 389 7.01 76.44 -9.06
C LYS F 389 5.46 76.42 -8.92
N ASP F 390 4.96 75.73 -7.89
CA ASP F 390 3.52 75.64 -7.60
C ASP F 390 2.91 76.96 -7.11
N SER F 391 3.68 77.65 -6.26
CA SER F 391 3.27 78.92 -5.64
C SER F 391 2.16 78.72 -4.59
N ARG F 392 1.83 77.45 -4.31
CA ARG F 392 0.79 77.11 -3.33
C ARG F 392 1.19 75.88 -2.47
N THR F 393 0.82 75.87 -1.18
CA THR F 393 1.11 74.73 -0.26
C THR F 393 0.01 74.64 0.80
N VAL F 394 0.00 73.58 1.61
CA VAL F 394 -1.01 73.41 2.68
C VAL F 394 -0.32 73.07 4.02
N TYR F 395 -1.00 73.29 5.15
CA TYR F 395 -0.36 73.01 6.46
C TYR F 395 -0.18 71.49 6.69
N GLY F 396 0.96 71.14 7.26
CA GLY F 396 1.29 69.73 7.52
C GLY F 396 0.84 69.23 8.88
N GLY F 397 1.29 68.03 9.24
CA GLY F 397 0.92 67.45 10.54
C GLY F 397 -0.52 66.98 10.59
N GLY F 398 -1.10 66.77 9.42
CA GLY F 398 -2.49 66.33 9.34
C GLY F 398 -3.50 67.45 9.51
N CYS F 399 -3.02 68.71 9.51
CA CYS F 399 -3.94 69.84 9.66
C CYS F 399 -4.94 69.86 8.53
N SER F 400 -4.43 69.60 7.33
CA SER F 400 -5.25 69.57 6.13
C SER F 400 -6.36 68.51 6.17
N GLU F 401 -6.02 67.35 6.69
CA GLU F 401 -6.96 66.23 6.70
C GLU F 401 -8.18 66.36 7.62
N MET F 402 -8.02 66.87 8.84
CA MET F 402 -9.18 66.93 9.74
C MET F 402 -10.24 67.97 9.30
N LEU F 403 -9.80 69.14 8.85
CA LEU F 403 -10.74 70.19 8.46
C LEU F 403 -11.61 69.73 7.30
N MET F 404 -10.97 69.03 6.36
CA MET F 404 -11.69 68.43 5.24
C MET F 404 -12.73 67.43 5.76
N ALA F 405 -12.36 66.66 6.79
CA ALA F 405 -13.26 65.70 7.41
C ALA F 405 -14.51 66.39 8.02
N HIS F 406 -14.31 67.56 8.65
CA HIS F 406 -15.42 68.33 9.22
C HIS F 406 -16.46 68.75 8.17
N ALA F 407 -15.95 69.17 7.02
CA ALA F 407 -16.80 69.64 5.91
C ALA F 407 -17.63 68.53 5.27
N VAL F 408 -17.01 67.37 5.12
CA VAL F 408 -17.65 66.22 4.47
C VAL F 408 -18.79 65.58 5.26
N THR F 409 -18.76 65.66 6.59
CA THR F 409 -19.82 65.04 7.41
C THR F 409 -21.23 65.59 7.11
N GLN F 410 -21.36 66.90 6.93
CA GLN F 410 -22.67 67.49 6.61
C GLN F 410 -23.15 67.13 5.19
N LEU F 411 -22.20 66.80 4.31
CA LEU F 411 -22.53 66.44 2.92
C LEU F 411 -23.42 65.22 2.84
N ALA F 412 -23.14 64.25 3.71
CA ALA F 412 -23.90 63.00 3.73
C ALA F 412 -25.38 63.26 4.00
N SER F 413 -25.65 64.11 4.98
CA SER F 413 -27.03 64.46 5.31
C SER F 413 -27.69 65.32 4.21
N ARG F 414 -26.94 66.27 3.63
CA ARG F 414 -27.47 67.15 2.58
C ARG F 414 -27.97 66.43 1.33
N THR F 415 -27.18 65.51 0.78
CA THR F 415 -27.65 64.83 -0.42
C THR F 415 -28.83 63.91 -0.08
N PRO F 416 -29.77 63.73 -1.02
CA PRO F 416 -30.92 62.87 -0.82
C PRO F 416 -30.70 61.43 -1.23
N GLY F 417 -30.82 61.24 -2.54
CA GLY F 417 -30.74 59.95 -3.19
C GLY F 417 -29.51 59.07 -2.96
N LYS F 418 -29.15 58.42 -4.03
CA LYS F 418 -28.13 57.39 -4.08
C LYS F 418 -26.77 57.93 -3.63
N GLU F 419 -26.63 59.21 -3.86
CA GLU F 419 -25.44 59.98 -3.56
C GLU F 419 -25.09 59.99 -2.05
N ALA F 420 -26.10 60.09 -1.18
CA ALA F 420 -25.89 60.21 0.28
C ALA F 420 -25.12 59.09 1.01
N VAL F 421 -25.49 57.82 0.82
CA VAL F 421 -24.80 56.72 1.52
C VAL F 421 -23.30 56.66 1.18
N ALA F 422 -23.02 56.77 -0.11
CA ALA F 422 -21.66 56.74 -0.62
C ALA F 422 -20.82 57.94 -0.16
N MET F 423 -21.44 59.12 -0.14
CA MET F 423 -20.75 60.36 0.23
C MET F 423 -20.19 60.30 1.66
N GLU F 424 -20.95 59.74 2.61
CA GLU F 424 -20.48 59.66 4.00
C GLU F 424 -19.34 58.66 4.18
N SER F 425 -19.30 57.60 3.37
CA SER F 425 -18.21 56.61 3.49
C SER F 425 -16.87 57.23 3.09
N TYR F 426 -16.88 58.04 2.03
CA TYR F 426 -15.67 58.73 1.59
C TYR F 426 -15.16 59.65 2.71
N ALA F 427 -16.13 60.31 3.36
CA ALA F 427 -15.87 61.26 4.44
C ALA F 427 -15.15 60.65 5.66
N LYS F 428 -15.56 59.45 6.05
CA LYS F 428 -14.97 58.75 7.19
C LYS F 428 -13.52 58.28 6.93
N ALA F 429 -13.17 58.18 5.65
CA ALA F 429 -11.83 57.74 5.22
C ALA F 429 -10.74 58.69 5.74
N LEU F 430 -11.04 59.96 5.72
CA LEU F 430 -10.12 61.03 6.15
C LEU F 430 -9.76 60.93 7.64
N ARG F 431 -10.67 60.35 8.43
CA ARG F 431 -10.51 60.20 9.89
C ARG F 431 -9.27 59.38 10.31
N MET F 432 -8.95 58.31 9.60
CA MET F 432 -7.80 57.48 9.98
C MET F 432 -6.46 58.25 9.96
N LEU F 433 -6.23 59.12 8.96
CA LEU F 433 -4.95 59.87 8.90
C LEU F 433 -4.58 60.59 10.22
N PRO F 434 -5.50 61.36 10.85
CA PRO F 434 -5.24 61.97 12.18
C PRO F 434 -4.78 60.94 13.22
N THR F 435 -5.42 59.77 13.16
CA THR F 435 -5.13 58.66 14.08
C THR F 435 -3.75 58.05 13.87
N ILE F 436 -3.35 57.91 12.60
CA ILE F 436 -2.07 57.31 12.24
C ILE F 436 -0.89 58.20 12.64
N ILE F 437 -1.04 59.51 12.45
CA ILE F 437 0.02 60.46 12.81
C ILE F 437 0.27 60.48 14.33
N ALA F 438 -0.82 60.45 15.09
CA ALA F 438 -0.74 60.44 16.55
C ALA F 438 -0.18 59.14 17.14
N ASP F 439 -0.60 58.01 16.56
CA ASP F 439 -0.21 56.70 17.05
C ASP F 439 1.31 56.47 17.02
N ASN F 440 1.96 56.89 15.95
CA ASN F 440 3.40 56.72 15.84
C ASN F 440 4.18 57.61 16.83
N ALA F 441 3.52 58.67 17.29
CA ALA F 441 4.09 59.62 18.26
C ALA F 441 4.41 58.97 19.61
N GLY F 442 3.53 58.09 20.06
CA GLY F 442 3.71 57.45 21.37
C GLY F 442 2.65 57.88 22.38
N TYR F 443 1.64 58.59 21.89
CA TYR F 443 0.54 59.09 22.71
C TYR F 443 -0.78 58.38 22.38
N ASP F 444 -1.74 58.44 23.30
CA ASP F 444 -3.02 57.75 23.12
C ASP F 444 -3.85 58.40 22.01
N SER F 445 -4.18 57.57 21.02
CA SER F 445 -4.95 57.98 19.82
C SER F 445 -6.35 58.53 20.11
N ALA F 446 -7.07 57.93 21.07
CA ALA F 446 -8.45 58.35 21.37
C ALA F 446 -8.55 59.80 21.82
N ASP F 447 -7.71 60.16 22.77
CA ASP F 447 -7.67 61.51 23.28
C ASP F 447 -7.32 62.50 22.17
N LEU F 448 -6.38 62.09 21.33
CA LEU F 448 -5.89 62.89 20.22
C LEU F 448 -7.01 63.25 19.21
N VAL F 449 -7.83 62.27 18.88
CA VAL F 449 -8.93 62.46 17.92
C VAL F 449 -9.92 63.51 18.45
N ALA F 450 -10.17 63.44 19.75
CA ALA F 450 -11.13 64.32 20.41
C ALA F 450 -10.81 65.81 20.32
N GLN F 451 -9.61 66.16 20.69
CA GLN F 451 -9.16 67.55 20.65
C GLN F 451 -8.96 68.06 19.23
N LEU F 452 -8.49 67.19 18.35
CA LEU F 452 -8.22 67.55 16.96
C LEU F 452 -9.45 68.04 16.22
N ARG F 453 -10.54 67.26 16.29
CA ARG F 453 -11.75 67.65 15.59
C ARG F 453 -12.31 68.98 16.08
N ALA F 454 -12.25 69.19 17.39
CA ALA F 454 -12.74 70.44 17.98
C ALA F 454 -11.99 71.69 17.46
N ALA F 455 -10.66 71.61 17.35
CA ALA F 455 -9.86 72.77 16.89
C ALA F 455 -10.07 73.14 15.40
N HIS F 456 -10.10 72.14 14.53
CA HIS F 456 -10.34 72.32 13.08
C HIS F 456 -11.71 72.89 12.76
N SER F 457 -12.70 72.42 13.50
CA SER F 457 -14.11 72.80 13.34
C SER F 457 -14.27 74.30 13.57
N GLU F 458 -13.54 74.83 14.52
CA GLU F 458 -13.59 76.25 14.88
C GLU F 458 -13.21 77.13 13.69
N GLY F 459 -12.22 76.73 12.91
CA GLY F 459 -11.83 77.53 11.76
C GLY F 459 -10.36 77.87 11.71
N LYS F 460 -9.57 77.25 12.57
CA LYS F 460 -8.15 77.52 12.57
C LYS F 460 -7.43 76.47 11.74
N THR F 461 -7.01 76.90 10.56
CA THR F 461 -6.30 76.04 9.61
C THR F 461 -4.89 75.68 10.08
N THR F 462 -4.25 76.64 10.75
CA THR F 462 -2.89 76.47 11.27
C THR F 462 -2.79 75.33 12.30
N ALA F 463 -3.80 75.21 13.16
CA ALA F 463 -3.84 74.16 14.19
C ALA F 463 -3.81 72.75 13.59
N GLY F 464 -3.06 71.86 14.22
CA GLY F 464 -2.94 70.49 13.72
C GLY F 464 -2.56 69.49 14.79
N LEU F 465 -2.04 68.34 14.37
CA LEU F 465 -1.65 67.30 15.33
C LEU F 465 -0.23 67.55 15.80
N ASP F 466 -0.03 67.75 17.10
CA ASP F 466 1.32 67.91 17.57
C ASP F 466 1.71 66.69 18.37
N MET F 467 2.55 65.91 17.75
CA MET F 467 3.08 64.67 18.30
C MET F 467 4.01 64.92 19.47
N LYS F 468 4.83 65.95 19.33
CA LYS F 468 5.80 66.35 20.36
C LYS F 468 5.10 66.74 21.67
N GLU F 469 4.00 67.46 21.54
CA GLU F 469 3.17 67.90 22.66
C GLU F 469 2.43 66.73 23.34
N GLY F 470 1.94 65.82 22.51
CA GLY F 470 1.14 64.70 22.98
C GLY F 470 -0.34 64.97 22.81
N THR F 471 -0.62 66.16 22.28
CA THR F 471 -1.97 66.63 22.01
C THR F 471 -2.01 67.27 20.61
N ILE F 472 -2.42 68.54 20.57
CA ILE F 472 -2.48 69.29 19.33
C ILE F 472 -1.77 70.63 19.52
N GLY F 473 -1.37 71.27 18.44
CA GLY F 473 -0.66 72.53 18.57
C GLY F 473 -0.64 73.34 17.29
N ASP F 474 0.16 74.40 17.27
CA ASP F 474 0.24 75.27 16.11
C ASP F 474 1.32 74.76 15.15
N MET F 475 0.85 74.25 14.03
CA MET F 475 1.68 73.68 12.97
C MET F 475 2.66 74.71 12.39
N SER F 476 2.17 75.93 12.23
CA SER F 476 2.94 77.04 11.62
C SER F 476 4.22 77.33 12.42
N VAL F 477 4.16 77.29 13.75
CA VAL F 477 5.35 77.54 14.57
C VAL F 477 6.43 76.50 14.24
N LEU F 478 5.99 75.26 14.08
CA LEU F 478 6.87 74.16 13.67
C LEU F 478 7.47 74.45 12.30
N GLY F 479 6.63 75.01 11.43
CA GLY F 479 7.04 75.36 10.08
C GLY F 479 6.68 74.29 9.07
N ILE F 480 6.01 73.25 9.52
CA ILE F 480 5.65 72.15 8.63
C ILE F 480 4.51 72.51 7.66
N THR F 481 4.81 72.33 6.39
CA THR F 481 3.88 72.59 5.30
C THR F 481 3.99 71.50 4.22
N GLU F 482 2.94 71.32 3.44
CA GLU F 482 2.92 70.31 2.36
C GLU F 482 2.66 70.99 1.01
N SER F 483 3.33 70.56 -0.06
CA SER F 483 3.12 71.19 -1.39
C SER F 483 1.65 71.05 -1.82
N PHE F 484 1.09 72.11 -2.38
CA PHE F 484 -0.33 72.14 -2.76
C PHE F 484 -0.79 71.09 -3.78
N GLN F 485 -0.04 70.86 -4.87
CA GLN F 485 -0.49 69.89 -5.87
C GLN F 485 -0.44 68.43 -5.41
N VAL F 486 0.20 68.12 -4.28
CA VAL F 486 0.18 66.72 -3.84
C VAL F 486 -1.27 66.38 -3.50
N LYS F 487 -1.98 67.34 -2.89
CA LYS F 487 -3.37 67.16 -2.52
C LYS F 487 -4.34 67.13 -3.74
N ARG F 488 -4.15 67.97 -4.78
CA ARG F 488 -5.07 67.94 -5.96
C ARG F 488 -5.13 66.60 -6.69
N GLN F 489 -3.96 66.06 -6.98
CA GLN F 489 -3.86 64.81 -7.74
C GLN F 489 -4.38 63.61 -6.99
N VAL F 490 -4.10 63.51 -5.70
CA VAL F 490 -4.60 62.38 -4.91
C VAL F 490 -6.13 62.37 -4.92
N LEU F 491 -6.74 63.54 -4.83
CA LEU F 491 -8.20 63.62 -4.79
C LEU F 491 -8.87 63.05 -6.05
N LEU F 492 -8.31 63.30 -7.24
CA LEU F 492 -8.92 62.72 -8.45
C LEU F 492 -8.39 61.30 -8.73
N SER F 493 -7.09 61.10 -8.51
CA SER F 493 -6.46 59.79 -8.76
C SER F 493 -6.87 58.69 -7.78
N ALA F 494 -6.99 59.02 -6.51
CA ALA F 494 -7.36 58.02 -5.50
C ALA F 494 -8.75 57.48 -5.75
N ALA F 495 -9.64 58.37 -6.13
CA ALA F 495 -11.02 58.00 -6.39
C ALA F 495 -11.20 57.12 -7.62
N GLU F 496 -10.82 57.61 -8.79
CA GLU F 496 -11.05 56.86 -10.02
C GLU F 496 -10.21 55.56 -10.15
N ALA F 497 -8.94 55.58 -9.75
CA ALA F 497 -8.11 54.35 -9.82
C ALA F 497 -8.71 53.20 -8.99
N ALA F 498 -9.20 53.54 -7.81
CA ALA F 498 -9.86 52.57 -6.90
C ALA F 498 -11.21 52.14 -7.47
N GLU F 499 -11.85 53.11 -8.11
CA GLU F 499 -13.17 52.99 -8.73
C GLU F 499 -13.23 51.92 -9.81
N VAL F 500 -12.19 51.83 -10.62
CA VAL F 500 -12.16 50.88 -11.74
C VAL F 500 -12.28 49.43 -11.28
N ILE F 501 -11.51 49.04 -10.27
CA ILE F 501 -11.54 47.66 -9.78
C ILE F 501 -12.83 47.24 -9.04
N LEU F 502 -13.39 48.12 -8.21
CA LEU F 502 -14.66 47.80 -7.49
C LEU F 502 -15.82 47.64 -8.50
N ARG F 503 -15.78 48.52 -9.49
CA ARG F 503 -16.77 48.61 -10.58
C ARG F 503 -16.89 47.34 -11.44
N VAL F 504 -15.75 46.72 -11.73
CA VAL F 504 -15.67 45.60 -12.67
C VAL F 504 -15.83 44.22 -12.01
N ASP F 505 -16.74 43.43 -12.60
CA ASP F 505 -17.03 42.10 -12.08
C ASP F 505 -16.16 41.00 -12.70
N ASN F 506 -14.89 40.93 -12.24
CA ASN F 506 -13.89 39.88 -12.59
C ASN F 506 -12.63 40.42 -13.27
N ILE F 507 -11.76 39.48 -13.59
CA ILE F 507 -10.50 39.69 -14.31
C ILE F 507 -10.22 38.41 -15.09
N ILE F 508 -10.72 38.37 -16.32
CA ILE F 508 -10.62 37.19 -17.19
C ILE F 508 -9.18 36.76 -17.49
N LYS F 509 -8.33 37.73 -17.80
CA LYS F 509 -6.95 37.45 -18.21
C LYS F 509 -6.88 36.60 -19.46
N ALA F 510 -5.73 35.99 -19.64
CA ALA F 510 -5.46 35.09 -20.73
C ALA F 510 -4.27 34.22 -20.35
N ALA F 511 -4.33 32.93 -20.64
CA ALA F 511 -3.21 32.05 -20.36
C ALA F 511 -2.06 32.39 -21.31
N PRO F 512 -0.79 32.04 -20.97
CA PRO F 512 0.34 32.32 -21.87
C PRO F 512 0.16 31.64 -23.23
N ARG F 513 -0.52 30.48 -23.20
CA ARG F 513 -0.85 29.65 -24.38
C ARG F 513 -1.85 28.55 -24.00
N ALA G 1 -9.64 -9.80 -15.58
CA ALA G 1 -9.41 -10.61 -16.81
C ALA G 1 -8.92 -9.74 -17.97
N GLY G 2 -9.63 -8.65 -18.23
CA GLY G 2 -9.30 -7.74 -19.33
C GLY G 2 -10.42 -7.70 -20.36
N ALA G 3 -10.73 -8.88 -20.93
CA ALA G 3 -11.84 -9.09 -21.89
C ALA G 3 -11.58 -8.68 -23.35
N ASP G 4 -12.70 -8.70 -24.12
CA ASP G 4 -12.79 -8.36 -25.58
C ASP G 4 -12.65 -9.58 -26.50
N GLU G 5 -12.37 -10.74 -25.91
CA GLU G 5 -12.12 -12.01 -26.62
C GLU G 5 -12.94 -12.24 -27.93
N GLU G 6 -14.27 -12.26 -27.82
CA GLU G 6 -15.19 -12.44 -28.98
C GLU G 6 -15.36 -13.89 -29.52
N ARG G 7 -16.61 -14.32 -29.47
CA ARG G 7 -17.06 -15.66 -29.90
C ARG G 7 -18.40 -15.54 -30.66
N ALA G 8 -18.75 -16.58 -31.43
CA ALA G 8 -20.00 -16.67 -32.23
C ALA G 8 -20.92 -15.43 -32.21
N GLU G 9 -21.86 -15.36 -31.26
CA GLU G 9 -22.82 -14.22 -31.18
C GLU G 9 -22.15 -12.85 -31.00
N THR G 10 -21.13 -12.79 -30.15
CA THR G 10 -20.44 -11.52 -29.86
C THR G 10 -19.75 -10.96 -31.12
N ALA G 11 -19.15 -11.85 -31.92
CA ALA G 11 -18.47 -11.44 -33.16
C ALA G 11 -19.43 -10.76 -34.13
N ARG G 12 -20.64 -11.33 -34.24
CA ARG G 12 -21.69 -10.77 -35.10
C ARG G 12 -22.04 -9.35 -34.67
N LEU G 13 -22.08 -9.16 -33.36
CA LEU G 13 -22.40 -7.86 -32.77
C LEU G 13 -21.42 -6.78 -33.20
N SER G 14 -20.12 -7.08 -33.26
CA SER G 14 -19.17 -6.04 -33.68
C SER G 14 -19.46 -5.55 -35.11
N SER G 15 -19.81 -6.46 -36.02
CA SER G 15 -20.19 -6.04 -37.38
C SER G 15 -21.45 -5.17 -37.31
N PHE G 16 -22.36 -5.62 -36.45
CA PHE G 16 -23.66 -4.98 -36.19
C PHE G 16 -23.50 -3.53 -35.67
N ILE G 17 -22.65 -3.38 -34.65
CA ILE G 17 -22.43 -2.08 -34.01
C ILE G 17 -21.82 -1.05 -34.97
N GLY G 18 -20.89 -1.49 -35.81
CA GLY G 18 -20.26 -0.59 -36.76
C GLY G 18 -21.27 0.03 -37.73
N ALA G 19 -22.23 -0.78 -38.17
CA ALA G 19 -23.26 -0.32 -39.10
C ALA G 19 -24.23 0.68 -38.47
N ILE G 20 -24.63 0.46 -37.22
CA ILE G 20 -25.57 1.38 -36.57
C ILE G 20 -24.94 2.75 -36.24
N ALA G 21 -23.68 2.74 -35.80
CA ALA G 21 -22.97 3.98 -35.45
C ALA G 21 -22.84 4.94 -36.64
N ILE G 22 -22.52 4.36 -37.80
CA ILE G 22 -22.38 5.14 -39.04
C ILE G 22 -23.71 5.69 -39.55
N GLY G 23 -24.77 4.88 -39.43
CA GLY G 23 -26.07 5.30 -39.91
C GLY G 23 -26.63 6.56 -39.27
N ASP G 24 -26.45 6.72 -37.96
CA ASP G 24 -26.94 7.93 -37.27
C ASP G 24 -26.28 9.22 -37.78
N LEU G 25 -24.97 9.16 -38.04
CA LEU G 25 -24.24 10.34 -38.56
C LEU G 25 -24.63 10.68 -40.01
N VAL G 26 -24.79 9.63 -40.81
CA VAL G 26 -25.14 9.79 -42.22
C VAL G 26 -26.63 10.09 -42.47
N LYS G 27 -27.50 9.63 -41.58
CA LYS G 27 -28.95 9.81 -41.75
C LYS G 27 -29.34 11.29 -41.82
N SER G 28 -28.70 12.09 -41.00
CA SER G 28 -28.95 13.54 -40.96
C SER G 28 -28.41 14.24 -42.22
N THR G 29 -27.54 13.56 -42.93
CA THR G 29 -26.86 14.13 -44.10
C THR G 29 -27.56 13.95 -45.48
N LEU G 30 -28.73 13.31 -45.57
CA LEU G 30 -29.39 13.15 -46.90
C LEU G 30 -30.89 13.55 -47.00
N GLY G 31 -31.16 14.85 -46.91
CA GLY G 31 -32.52 15.40 -47.05
C GLY G 31 -32.50 16.93 -47.08
N PRO G 32 -33.57 17.66 -47.52
CA PRO G 32 -33.56 19.14 -47.56
C PRO G 32 -33.10 19.74 -46.26
N LYS G 33 -33.49 19.21 -45.12
CA LYS G 33 -32.80 19.71 -43.96
C LYS G 33 -31.88 18.69 -43.34
N GLY G 34 -30.62 18.88 -43.71
CA GLY G 34 -29.52 18.07 -43.24
C GLY G 34 -28.81 18.80 -42.13
N MET G 35 -27.83 18.17 -41.53
CA MET G 35 -27.15 18.84 -40.43
C MET G 35 -25.94 19.71 -40.79
N ASP G 36 -24.80 19.02 -41.00
CA ASP G 36 -23.41 19.52 -41.27
C ASP G 36 -22.57 19.26 -40.00
N LYS G 37 -21.61 18.34 -40.11
CA LYS G 37 -20.78 17.92 -38.94
C LYS G 37 -19.34 18.41 -39.05
N ILE G 38 -18.70 18.66 -37.90
CA ILE G 38 -17.31 19.16 -37.87
C ILE G 38 -16.34 18.22 -37.14
N LEU G 39 -15.13 18.09 -37.70
CA LEU G 39 -14.13 17.19 -37.10
C LEU G 39 -12.74 17.86 -36.94
N LEU G 40 -12.39 18.33 -35.74
CA LEU G 40 -11.05 18.94 -35.51
C LEU G 40 -9.83 17.97 -35.64
N SER G 41 -9.90 16.86 -34.90
CA SER G 41 -8.83 15.83 -34.83
C SER G 41 -7.42 16.46 -34.56
N SER G 42 -6.33 15.74 -34.88
CA SER G 42 -4.95 16.25 -34.68
C SER G 42 -3.92 15.49 -35.54
N GLY G 43 -2.80 16.15 -35.87
CA GLY G 43 -1.75 15.48 -36.66
C GLY G 43 -1.60 16.04 -38.07
N ARG G 44 -2.28 15.39 -39.02
CA ARG G 44 -2.25 15.80 -40.43
C ARG G 44 -3.50 16.62 -40.77
N ASP G 45 -4.24 16.99 -39.74
CA ASP G 45 -5.45 17.78 -39.93
C ASP G 45 -5.14 19.25 -39.63
N ALA G 46 -5.34 20.12 -40.61
CA ALA G 46 -5.03 21.54 -40.46
C ALA G 46 -6.28 22.41 -40.32
N SER G 47 -6.99 22.22 -39.20
CA SER G 47 -8.23 22.95 -38.81
C SER G 47 -9.37 21.95 -38.66
N LEU G 48 -10.57 22.45 -38.40
CA LEU G 48 -11.69 21.54 -38.29
C LEU G 48 -12.28 21.32 -39.66
N MET G 49 -12.42 20.08 -40.04
CA MET G 49 -13.02 19.79 -41.30
C MET G 49 -14.46 19.42 -41.09
N VAL G 50 -15.31 20.20 -41.70
CA VAL G 50 -16.73 19.97 -41.63
C VAL G 50 -17.03 19.06 -42.80
N THR G 51 -17.90 18.08 -42.65
CA THR G 51 -18.20 17.25 -43.79
C THR G 51 -19.70 16.99 -43.99
N ASN G 52 -20.22 17.40 -45.15
CA ASN G 52 -21.60 17.12 -45.50
C ASN G 52 -21.62 15.99 -46.55
N ASP G 53 -20.46 15.73 -47.14
CA ASP G 53 -20.37 14.63 -48.11
C ASP G 53 -19.98 13.37 -47.33
N GLY G 54 -20.91 12.44 -47.21
CA GLY G 54 -20.64 11.23 -46.45
C GLY G 54 -19.48 10.41 -47.00
N ALA G 55 -19.39 10.31 -48.31
CA ALA G 55 -18.31 9.55 -48.94
C ALA G 55 -16.92 10.11 -48.60
N THR G 56 -16.77 11.44 -48.66
CA THR G 56 -15.49 12.09 -48.37
C THR G 56 -14.98 11.84 -46.95
N ILE G 57 -15.85 11.96 -45.96
CA ILE G 57 -15.45 11.78 -44.56
C ILE G 57 -15.10 10.34 -44.14
N LEU G 58 -15.84 9.34 -44.62
CA LEU G 58 -15.53 7.95 -44.23
C LEU G 58 -14.16 7.46 -44.70
N LYS G 59 -13.77 7.84 -45.91
CA LYS G 59 -12.47 7.42 -46.49
C LYS G 59 -11.26 8.07 -45.79
N ASN G 60 -11.46 9.31 -45.35
CA ASN G 60 -10.40 10.11 -44.72
C ASN G 60 -9.83 9.54 -43.42
N ILE G 61 -10.69 8.99 -42.57
CA ILE G 61 -10.22 8.55 -41.25
C ILE G 61 -10.60 7.12 -40.80
N GLY G 62 -9.62 6.46 -40.18
CA GLY G 62 -9.82 5.14 -39.58
C GLY G 62 -9.55 5.24 -38.07
N VAL G 63 -10.55 5.76 -37.36
CA VAL G 63 -10.47 6.04 -35.91
C VAL G 63 -10.41 4.86 -34.92
N ASP G 64 -11.17 3.78 -35.13
CA ASP G 64 -11.18 2.73 -34.09
C ASP G 64 -11.08 1.27 -34.58
N ASN G 65 -10.88 0.41 -33.57
CA ASN G 65 -10.71 -1.05 -33.71
C ASN G 65 -11.76 -1.80 -34.56
N PRO G 66 -13.10 -1.60 -34.37
CA PRO G 66 -14.08 -2.40 -35.13
C PRO G 66 -13.94 -2.21 -36.65
N ALA G 67 -14.27 -3.25 -37.39
CA ALA G 67 -14.11 -3.21 -38.84
C ALA G 67 -15.31 -2.63 -39.57
N ALA G 68 -14.98 -1.70 -40.44
CA ALA G 68 -15.95 -1.01 -41.30
C ALA G 68 -15.21 -0.22 -42.38
N LYS G 69 -13.90 -0.08 -42.19
CA LYS G 69 -13.02 0.64 -43.11
C LYS G 69 -13.01 0.04 -44.53
N VAL G 70 -13.02 -1.29 -44.61
CA VAL G 70 -13.03 -1.98 -45.91
C VAL G 70 -14.33 -1.69 -46.67
N LEU G 71 -15.44 -1.68 -45.94
CA LEU G 71 -16.75 -1.37 -46.51
C LEU G 71 -16.75 0.06 -47.09
N VAL G 72 -16.10 0.97 -46.36
CA VAL G 72 -15.98 2.39 -46.72
C VAL G 72 -15.26 2.69 -48.06
N ASP G 73 -14.17 1.99 -48.34
CA ASP G 73 -13.38 2.19 -49.59
C ASP G 73 -14.17 1.93 -50.87
N MET G 74 -15.00 0.90 -50.87
CA MET G 74 -15.77 0.50 -52.05
C MET G 74 -16.72 1.62 -52.53
N SER G 75 -17.22 2.44 -51.61
CA SER G 75 -18.11 3.54 -51.95
C SER G 75 -17.42 4.52 -52.92
N ARG G 76 -16.12 4.73 -52.71
CA ARG G 76 -15.31 5.61 -53.57
C ARG G 76 -15.27 5.17 -55.05
N VAL G 77 -15.17 3.86 -55.32
CA VAL G 77 -15.16 3.39 -56.72
C VAL G 77 -16.48 3.81 -57.39
N GLN G 78 -17.56 3.70 -56.61
CA GLN G 78 -18.88 4.13 -57.05
C GLN G 78 -18.87 5.61 -57.37
N ASP G 79 -18.18 6.40 -56.55
CA ASP G 79 -18.10 7.84 -56.76
C ASP G 79 -17.48 8.15 -58.12
N ASP G 80 -16.44 7.42 -58.49
CA ASP G 80 -15.80 7.65 -59.78
C ASP G 80 -16.78 7.36 -60.93
N GLU G 81 -17.58 6.29 -60.77
CA GLU G 81 -18.60 5.92 -61.78
C GLU G 81 -19.76 6.92 -61.82
N VAL G 82 -20.17 7.37 -60.63
CA VAL G 82 -21.26 8.34 -60.47
C VAL G 82 -21.33 8.86 -59.03
N GLY G 83 -21.19 7.94 -58.08
CA GLY G 83 -21.15 8.27 -56.68
C GLY G 83 -22.40 8.75 -56.01
N ASP G 84 -22.28 10.01 -55.70
CA ASP G 84 -23.22 10.79 -54.94
C ASP G 84 -24.50 11.22 -55.62
N GLY G 85 -25.21 11.91 -54.78
CA GLY G 85 -26.51 12.51 -55.01
C GLY G 85 -26.92 12.86 -53.61
N THR G 86 -27.14 11.80 -52.89
CA THR G 86 -27.38 11.82 -51.47
C THR G 86 -26.62 10.61 -50.92
N THR G 87 -26.13 10.63 -49.70
CA THR G 87 -25.41 9.45 -49.22
C THR G 87 -26.39 8.49 -48.55
N SER G 88 -26.93 7.59 -49.34
CA SER G 88 -27.89 6.61 -48.86
C SER G 88 -27.40 5.16 -48.93
N VAL G 89 -26.36 4.90 -49.73
CA VAL G 89 -25.89 3.51 -49.92
C VAL G 89 -25.43 2.86 -48.62
N THR G 90 -24.76 3.63 -47.79
CA THR G 90 -24.28 3.15 -46.50
C THR G 90 -25.43 2.85 -45.52
N VAL G 91 -26.45 3.71 -45.52
CA VAL G 91 -27.61 3.56 -44.62
C VAL G 91 -28.38 2.25 -44.85
N LEU G 92 -28.71 1.95 -46.11
CA LEU G 92 -29.45 0.72 -46.45
C LEU G 92 -28.68 -0.54 -46.08
N ALA G 93 -27.37 -0.52 -46.30
CA ALA G 93 -26.52 -1.67 -45.96
C ALA G 93 -26.53 -1.94 -44.46
N ALA G 94 -26.50 -0.86 -43.68
CA ALA G 94 -26.49 -0.93 -42.21
C ALA G 94 -27.77 -1.51 -41.60
N GLU G 95 -28.92 -1.13 -42.15
CA GLU G 95 -30.23 -1.57 -41.63
C GLU G 95 -30.49 -3.06 -41.87
N LEU G 96 -29.70 -3.60 -42.78
CA LEU G 96 -29.71 -5.01 -43.16
C LEU G 96 -29.38 -5.88 -41.92
N LEU G 97 -28.44 -5.38 -41.15
CA LEU G 97 -27.94 -6.04 -39.92
C LEU G 97 -29.00 -6.13 -38.80
N ARG G 98 -29.93 -5.18 -38.74
CA ARG G 98 -30.97 -5.13 -37.66
C ARG G 98 -31.85 -6.38 -37.65
N GLU G 99 -32.21 -6.87 -38.82
CA GLU G 99 -33.02 -8.08 -38.92
C GLU G 99 -32.33 -9.28 -38.28
N ALA G 100 -30.99 -9.36 -38.34
CA ALA G 100 -30.25 -10.50 -37.76
C ALA G 100 -30.65 -10.83 -36.30
N GLU G 101 -31.20 -9.85 -35.57
CA GLU G 101 -31.72 -10.10 -34.22
C GLU G 101 -32.85 -11.16 -34.31
N SER G 102 -33.67 -10.97 -35.36
CA SER G 102 -34.79 -11.86 -35.72
C SER G 102 -34.26 -13.21 -36.23
N LEU G 103 -33.13 -13.16 -36.93
CA LEU G 103 -32.49 -14.34 -37.50
C LEU G 103 -32.10 -15.37 -36.43
N ILE G 104 -31.60 -14.95 -35.27
CA ILE G 104 -31.29 -15.92 -34.21
C ILE G 104 -32.62 -16.53 -33.71
N ALA G 105 -33.69 -15.73 -33.78
CA ALA G 105 -35.06 -16.18 -33.45
C ALA G 105 -35.44 -17.32 -34.41
N LYS G 106 -35.00 -17.16 -35.66
CA LYS G 106 -35.19 -18.15 -36.75
C LYS G 106 -34.49 -19.44 -36.28
N LYS G 107 -33.33 -19.23 -35.64
CA LYS G 107 -32.49 -20.27 -34.97
C LYS G 107 -31.95 -21.39 -35.85
N ILE G 108 -31.51 -21.06 -37.07
CA ILE G 108 -30.97 -22.08 -37.97
C ILE G 108 -29.59 -21.66 -38.56
N HIS G 109 -29.44 -21.74 -39.88
CA HIS G 109 -28.17 -21.40 -40.54
C HIS G 109 -28.35 -20.13 -41.40
N PRO G 110 -27.46 -19.11 -41.23
CA PRO G 110 -27.52 -17.80 -41.93
C PRO G 110 -27.46 -17.82 -43.46
N GLN G 111 -26.89 -18.85 -44.07
CA GLN G 111 -26.79 -18.92 -45.54
C GLN G 111 -28.16 -19.08 -46.20
N THR G 112 -29.11 -19.62 -45.46
CA THR G 112 -30.49 -19.74 -45.93
C THR G 112 -30.97 -18.32 -46.23
N ILE G 113 -30.55 -17.46 -45.32
CA ILE G 113 -30.78 -16.02 -45.35
C ILE G 113 -29.96 -15.34 -46.48
N ILE G 114 -28.72 -15.80 -46.63
CA ILE G 114 -27.77 -15.27 -47.63
C ILE G 114 -28.24 -15.37 -49.07
N ALA G 115 -28.88 -16.49 -49.41
CA ALA G 115 -29.41 -16.69 -50.76
C ALA G 115 -30.42 -15.59 -51.10
N GLY G 116 -30.94 -14.95 -50.05
CA GLY G 116 -31.90 -13.87 -50.21
C GLY G 116 -31.37 -12.69 -51.00
N TRP G 117 -30.10 -12.27 -50.81
CA TRP G 117 -29.56 -11.14 -51.60
C TRP G 117 -29.55 -11.40 -53.09
N ARG G 118 -29.19 -12.63 -53.45
CA ARG G 118 -29.14 -13.00 -54.86
C ARG G 118 -30.52 -12.88 -55.49
N GLU G 119 -31.54 -13.29 -54.73
CA GLU G 119 -32.93 -13.16 -55.19
C GLU G 119 -33.55 -11.84 -54.72
N ALA G 120 -32.78 -11.03 -54.01
CA ALA G 120 -33.25 -9.70 -53.58
C ALA G 120 -33.11 -8.76 -54.77
N THR G 121 -32.40 -9.28 -55.76
CA THR G 121 -32.20 -8.63 -57.05
C THR G 121 -33.49 -8.74 -57.86
N LYS G 122 -34.36 -9.63 -57.40
CA LYS G 122 -35.68 -9.82 -58.00
C LYS G 122 -36.42 -8.49 -57.90
N ALA G 123 -36.22 -7.86 -56.75
CA ALA G 123 -36.76 -6.55 -56.45
C ALA G 123 -36.21 -5.44 -57.37
N ALA G 124 -34.91 -5.52 -57.66
CA ALA G 124 -34.20 -4.49 -58.45
C ALA G 124 -34.85 -4.07 -59.79
N ARG G 125 -34.49 -4.73 -60.87
CA ARG G 125 -34.99 -4.38 -62.22
C ARG G 125 -36.43 -4.81 -62.50
N GLN G 126 -37.15 -5.10 -61.44
CA GLN G 126 -38.57 -5.46 -61.49
C GLN G 126 -39.42 -4.23 -61.90
N ALA G 127 -38.83 -3.04 -61.66
CA ALA G 127 -39.38 -1.69 -61.97
C ALA G 127 -38.88 -0.69 -60.94
N LEU G 128 -37.77 -1.04 -60.31
CA LEU G 128 -37.24 -0.23 -59.23
C LEU G 128 -35.82 0.26 -59.55
N LEU G 129 -35.62 1.57 -59.39
CA LEU G 129 -34.33 2.22 -59.68
C LEU G 129 -33.98 2.01 -61.16
N ASN G 130 -35.01 1.61 -61.92
CA ASN G 130 -34.89 1.27 -63.33
C ASN G 130 -36.20 1.46 -64.11
N SER G 131 -36.07 1.30 -65.43
CA SER G 131 -37.18 1.31 -66.39
C SER G 131 -38.05 2.59 -66.57
N ALA G 132 -37.62 3.37 -67.57
CA ALA G 132 -38.32 4.57 -68.13
C ALA G 132 -39.00 5.60 -67.21
N VAL G 133 -38.24 6.56 -66.68
CA VAL G 133 -38.86 7.64 -65.89
C VAL G 133 -38.45 9.07 -66.31
N ASP G 134 -37.51 9.24 -67.27
CA ASP G 134 -37.06 10.62 -67.62
C ASP G 134 -36.38 10.83 -69.00
N HIS G 135 -36.80 10.22 -70.11
CA HIS G 135 -35.99 10.42 -71.34
C HIS G 135 -35.88 11.91 -71.77
N GLY G 136 -34.64 12.29 -72.08
CA GLY G 136 -34.29 13.66 -72.46
C GLY G 136 -32.77 13.84 -72.52
N SER G 137 -32.26 15.02 -72.11
CA SER G 137 -30.81 15.29 -72.09
C SER G 137 -30.15 15.16 -73.48
N ASP G 138 -30.80 15.71 -74.49
CA ASP G 138 -30.31 15.63 -75.88
C ASP G 138 -29.03 16.47 -76.16
N GLU G 139 -28.63 17.34 -75.20
CA GLU G 139 -27.39 18.19 -75.25
C GLU G 139 -27.64 19.68 -75.07
N VAL G 140 -26.92 20.26 -74.10
CA VAL G 140 -27.05 21.69 -73.72
C VAL G 140 -28.33 21.81 -72.92
N LYS G 141 -29.44 21.62 -73.63
CA LYS G 141 -30.80 21.60 -73.09
C LYS G 141 -31.19 22.84 -72.24
N PHE G 142 -32.31 23.46 -72.61
CA PHE G 142 -32.81 24.69 -71.97
C PHE G 142 -33.03 24.59 -70.43
N ARG G 143 -34.29 24.33 -70.03
CA ARG G 143 -34.70 24.21 -68.61
C ARG G 143 -34.16 22.96 -67.90
N GLN G 144 -34.16 21.86 -68.60
CA GLN G 144 -33.73 20.54 -68.09
C GLN G 144 -32.30 20.52 -67.56
N ASP G 145 -31.56 21.59 -67.80
CA ASP G 145 -30.16 21.65 -67.38
C ASP G 145 -30.07 21.48 -65.86
N LEU G 146 -30.91 22.15 -65.10
CA LEU G 146 -30.94 21.96 -63.64
C LEU G 146 -32.32 21.95 -63.01
N MET G 147 -32.34 22.39 -61.75
CA MET G 147 -33.53 22.38 -60.91
C MET G 147 -33.97 20.93 -60.81
N ASN G 148 -32.96 20.07 -60.73
CA ASN G 148 -33.13 18.63 -60.65
C ASN G 148 -32.33 17.99 -59.50
N ILE G 149 -31.45 17.07 -59.88
CA ILE G 149 -30.58 16.32 -58.97
C ILE G 149 -29.65 17.19 -58.13
N ALA G 150 -29.09 18.23 -58.71
CA ALA G 150 -28.18 19.09 -57.95
C ALA G 150 -28.94 19.68 -56.77
N GLY G 151 -30.19 20.07 -57.01
CA GLY G 151 -31.01 20.58 -55.93
C GLY G 151 -31.20 19.56 -54.81
N THR G 152 -31.39 18.29 -55.18
CA THR G 152 -31.54 17.20 -54.20
C THR G 152 -30.25 16.91 -53.46
N THR G 153 -29.14 16.93 -54.19
CA THR G 153 -27.83 16.70 -53.59
C THR G 153 -27.55 17.75 -52.53
N LEU G 154 -27.94 18.96 -52.85
CA LEU G 154 -27.80 20.07 -51.95
C LEU G 154 -28.94 20.16 -50.96
N SER G 155 -30.00 19.40 -51.18
CA SER G 155 -31.12 19.39 -50.26
C SER G 155 -30.62 18.96 -48.91
N SER G 156 -29.73 17.98 -48.93
CA SER G 156 -29.14 17.41 -47.73
C SER G 156 -28.36 18.45 -46.94
N LYS G 157 -28.04 19.53 -47.61
CA LYS G 157 -27.28 20.61 -47.04
C LYS G 157 -28.24 21.76 -46.64
N LEU G 158 -28.04 22.35 -45.45
CA LEU G 158 -28.93 23.42 -44.94
C LEU G 158 -28.98 24.66 -45.83
N LEU G 159 -27.82 25.02 -46.33
CA LEU G 159 -27.65 26.21 -47.17
C LEU G 159 -28.67 26.40 -48.31
N THR G 160 -29.57 25.43 -48.54
CA THR G 160 -30.55 25.47 -49.64
C THR G 160 -31.51 26.65 -49.63
N HIS G 161 -31.56 27.41 -48.54
CA HIS G 161 -32.43 28.58 -48.54
C HIS G 161 -31.98 29.55 -49.65
N HIS G 162 -30.65 29.69 -49.83
CA HIS G 162 -30.08 30.50 -50.93
C HIS G 162 -29.19 29.63 -51.84
N LYS G 163 -28.71 28.53 -51.28
CA LYS G 163 -27.78 27.61 -51.94
C LYS G 163 -28.34 26.98 -53.22
N ASP G 164 -29.62 26.61 -53.23
CA ASP G 164 -30.19 25.94 -54.42
C ASP G 164 -29.91 26.76 -55.69
N HIS G 165 -29.84 28.09 -55.56
CA HIS G 165 -29.47 28.94 -56.69
C HIS G 165 -28.05 28.58 -57.18
N PHE G 166 -27.15 28.35 -56.21
CA PHE G 166 -25.73 27.99 -56.47
C PHE G 166 -25.63 26.71 -57.29
N THR G 167 -26.50 25.77 -56.91
CA THR G 167 -26.61 24.46 -57.55
C THR G 167 -27.00 24.57 -59.01
N LYS G 168 -27.90 25.52 -59.28
CA LYS G 168 -28.39 25.80 -60.62
C LYS G 168 -27.25 26.24 -61.54
N LEU G 169 -26.35 27.03 -60.98
CA LEU G 169 -25.16 27.53 -61.65
C LEU G 169 -24.22 26.40 -62.13
N ALA G 170 -24.07 25.36 -61.30
CA ALA G 170 -23.13 24.25 -61.55
C ALA G 170 -23.31 23.59 -62.95
N VAL G 171 -24.53 23.39 -63.41
CA VAL G 171 -24.74 22.81 -64.75
C VAL G 171 -24.11 23.63 -65.87
N GLU G 172 -24.17 24.95 -65.78
CA GLU G 172 -23.58 25.78 -66.82
C GLU G 172 -22.09 25.44 -66.90
N ALA G 173 -21.47 25.25 -65.75
CA ALA G 173 -20.06 24.86 -65.69
C ALA G 173 -19.81 23.51 -66.39
N VAL G 174 -20.69 22.54 -66.19
CA VAL G 174 -20.54 21.23 -66.84
C VAL G 174 -20.78 21.29 -68.35
N LEU G 175 -21.78 22.08 -68.79
CA LEU G 175 -22.09 22.18 -70.23
C LEU G 175 -20.92 22.71 -71.04
N ARG G 176 -20.22 23.71 -70.51
CA ARG G 176 -19.04 24.26 -71.18
C ARG G 176 -17.90 23.24 -71.14
N LEU G 177 -17.86 22.50 -70.04
CA LEU G 177 -16.87 21.45 -69.77
C LEU G 177 -16.82 20.30 -70.78
N LYS G 178 -17.99 19.77 -71.13
CA LYS G 178 -18.05 18.61 -72.01
C LYS G 178 -17.89 18.93 -73.50
N GLY G 179 -17.45 17.91 -74.24
CA GLY G 179 -17.22 18.05 -75.67
C GLY G 179 -15.88 18.65 -76.07
N SER G 180 -15.96 19.86 -76.61
CA SER G 180 -14.85 20.66 -77.17
C SER G 180 -13.40 20.55 -76.57
N GLY G 181 -13.13 19.91 -75.43
CA GLY G 181 -11.72 19.92 -74.99
C GLY G 181 -11.30 19.14 -73.74
N ASN G 182 -11.84 17.94 -73.51
CA ASN G 182 -11.40 17.09 -72.37
C ASN G 182 -11.81 17.70 -71.00
N LEU G 183 -11.15 17.27 -69.91
CA LEU G 183 -11.44 17.80 -68.58
C LEU G 183 -10.23 18.47 -67.94
N GLU G 184 -10.29 19.79 -67.83
CA GLU G 184 -9.22 20.56 -67.20
C GLU G 184 -9.72 21.84 -66.50
N ALA G 185 -8.98 22.22 -65.48
CA ALA G 185 -9.19 23.48 -64.75
C ALA G 185 -10.55 23.76 -64.08
N ILE G 186 -11.11 22.85 -63.32
CA ILE G 186 -12.34 23.22 -62.61
C ILE G 186 -11.93 23.59 -61.20
N HIS G 187 -12.04 24.88 -60.90
CA HIS G 187 -11.62 25.39 -59.60
C HIS G 187 -12.71 26.22 -58.92
N VAL G 188 -12.99 25.88 -57.66
CA VAL G 188 -13.98 26.63 -56.89
C VAL G 188 -13.49 27.04 -55.49
N ILE G 189 -13.65 28.31 -55.17
CA ILE G 189 -13.29 28.86 -53.85
C ILE G 189 -14.36 29.81 -53.32
N LYS G 190 -14.61 29.71 -52.01
CA LYS G 190 -15.63 30.55 -51.35
C LYS G 190 -15.07 31.96 -51.05
N LYS G 191 -15.99 32.88 -50.85
CA LYS G 191 -15.66 34.27 -50.55
C LYS G 191 -16.39 34.74 -49.28
N LEU G 192 -15.75 35.56 -48.48
CA LEU G 192 -16.34 35.99 -47.21
C LEU G 192 -17.38 37.14 -47.35
N GLY G 193 -17.50 37.74 -48.53
CA GLY G 193 -18.51 38.79 -48.72
C GLY G 193 -19.91 38.22 -48.97
N GLY G 194 -20.96 38.93 -48.53
CA GLY G 194 -22.33 38.44 -48.72
C GLY G 194 -23.16 39.23 -49.74
N SER G 195 -23.77 38.49 -50.68
CA SER G 195 -24.63 39.09 -51.73
C SER G 195 -25.87 38.21 -51.97
N LEU G 196 -26.94 38.77 -52.55
CA LEU G 196 -28.16 37.98 -52.83
C LEU G 196 -27.85 36.80 -53.77
N ALA G 197 -27.05 37.07 -54.80
CA ALA G 197 -26.63 36.03 -55.75
C ALA G 197 -25.86 34.93 -55.05
N ASP G 198 -25.02 35.37 -54.10
CA ASP G 198 -24.16 34.51 -53.28
C ASP G 198 -23.08 33.79 -54.11
N SER G 199 -22.92 34.18 -55.37
CA SER G 199 -21.87 33.60 -56.22
C SER G 199 -21.82 34.25 -57.60
N TYR G 200 -20.61 34.47 -58.09
CA TYR G 200 -20.35 34.99 -59.44
C TYR G 200 -19.53 34.05 -60.28
N LEU G 201 -19.88 33.95 -61.55
CA LEU G 201 -19.16 33.09 -62.47
C LEU G 201 -18.14 33.93 -63.24
N ASP G 202 -16.88 33.55 -63.08
CA ASP G 202 -15.76 34.26 -63.71
C ASP G 202 -15.48 33.76 -65.13
N GLU G 203 -15.02 34.69 -65.95
CA GLU G 203 -14.66 34.39 -67.35
C GLU G 203 -13.54 33.33 -67.40
N GLY G 204 -12.58 33.46 -66.48
CA GLY G 204 -11.44 32.55 -66.43
C GLY G 204 -11.20 31.90 -65.07
N PHE G 205 -9.94 31.97 -64.62
CA PHE G 205 -9.47 31.35 -63.36
C PHE G 205 -9.20 32.37 -62.23
N LEU G 206 -9.57 32.01 -61.00
CA LEU G 206 -9.40 32.89 -59.82
C LEU G 206 -8.27 32.38 -58.88
N LEU G 207 -7.36 33.30 -58.52
CA LEU G 207 -6.19 33.03 -57.65
C LEU G 207 -6.07 34.10 -56.52
N ASP G 208 -5.30 33.82 -55.46
CA ASP G 208 -5.16 34.81 -54.37
C ASP G 208 -3.71 34.93 -53.85
N LYS G 209 -2.89 35.72 -54.56
CA LYS G 209 -1.50 36.03 -54.14
C LYS G 209 -1.04 37.41 -54.68
N LYS G 210 0.00 37.99 -54.06
CA LYS G 210 0.55 39.28 -54.52
C LYS G 210 2.09 39.29 -54.45
N ILE G 211 2.74 39.89 -55.45
CA ILE G 211 4.24 39.96 -55.51
C ILE G 211 4.80 40.70 -54.29
N GLY G 212 4.22 41.86 -54.05
CA GLY G 212 4.60 42.74 -52.97
C GLY G 212 3.89 44.06 -53.11
N VAL G 213 4.11 44.99 -52.17
CA VAL G 213 3.44 46.30 -52.23
C VAL G 213 3.81 47.09 -53.50
N ASN G 214 5.08 47.05 -53.90
CA ASN G 214 5.52 47.73 -55.12
C ASN G 214 5.13 46.87 -56.34
N GLN G 215 5.07 47.51 -57.53
CA GLN G 215 4.70 46.88 -58.85
C GLN G 215 3.45 47.57 -59.43
N PRO G 216 3.29 47.64 -60.77
CA PRO G 216 2.09 48.25 -61.37
C PRO G 216 0.80 47.53 -60.94
N LYS G 217 -0.28 48.28 -60.82
CA LYS G 217 -1.56 47.71 -60.41
C LYS G 217 -2.19 46.72 -61.43
N ARG G 218 -2.10 47.04 -62.72
CA ARG G 218 -2.71 46.19 -63.78
C ARG G 218 -1.81 46.07 -65.03
N ILE G 219 -1.72 44.88 -65.63
CA ILE G 219 -0.92 44.73 -66.87
C ILE G 219 -1.73 44.87 -68.19
N GLU G 220 -2.85 44.13 -68.29
CA GLU G 220 -3.81 44.15 -69.45
C GLU G 220 -3.25 43.78 -70.86
N ASN G 221 -2.13 43.10 -70.92
CA ASN G 221 -1.53 42.66 -72.22
C ASN G 221 -0.63 41.48 -71.88
N ALA G 222 -1.12 40.71 -70.95
CA ALA G 222 -0.37 39.65 -70.29
C ALA G 222 0.18 38.47 -71.10
N LYS G 223 1.39 38.14 -70.68
CA LYS G 223 2.12 36.95 -71.09
C LYS G 223 2.36 36.17 -69.80
N ILE G 224 2.24 34.87 -69.82
CA ILE G 224 2.36 34.11 -68.57
C ILE G 224 3.56 33.16 -68.58
N LEU G 225 4.35 33.25 -67.52
CA LEU G 225 5.54 32.43 -67.38
C LEU G 225 5.42 31.52 -66.13
N ILE G 226 5.56 30.20 -66.34
CA ILE G 226 5.51 29.21 -65.26
C ILE G 226 6.82 28.43 -65.18
N ALA G 227 7.46 28.42 -64.01
CA ALA G 227 8.75 27.71 -63.89
C ALA G 227 8.75 26.58 -62.85
N ILE G 254 31.57 35.18 -57.34
CA ILE G 254 30.38 34.61 -56.72
C ILE G 254 29.25 35.65 -56.67
N GLU G 255 29.56 36.86 -56.19
CA GLU G 255 28.57 37.95 -56.15
C GLU G 255 28.10 38.31 -57.58
N HIS G 256 29.07 38.32 -58.50
CA HIS G 256 28.86 38.62 -59.91
C HIS G 256 27.89 37.62 -60.59
N ALA G 257 28.02 36.35 -60.23
CA ALA G 257 27.21 35.28 -60.81
C ALA G 257 25.72 35.55 -60.53
N GLU G 258 25.42 36.03 -59.34
CA GLU G 258 24.05 36.39 -59.01
C GLU G 258 23.49 37.48 -59.92
N LYS G 259 24.34 38.45 -60.23
CA LYS G 259 23.96 39.55 -61.12
C LYS G 259 23.57 39.03 -62.49
N GLU G 260 24.32 38.04 -62.96
CA GLU G 260 24.04 37.39 -64.24
C GLU G 260 22.65 36.76 -64.24
N LYS G 261 22.30 36.15 -63.11
CA LYS G 261 20.99 35.50 -62.99
C LYS G 261 19.85 36.52 -63.12
N MET G 262 20.01 37.70 -62.52
CA MET G 262 18.99 38.74 -62.61
C MET G 262 18.89 39.34 -64.03
N LYS G 263 20.03 39.55 -64.69
CA LYS G 263 20.04 40.13 -66.05
C LYS G 263 19.42 39.23 -67.10
N GLU G 264 19.67 37.93 -67.02
CA GLU G 264 19.10 37.00 -68.00
C GLU G 264 17.57 37.07 -67.95
N LYS G 265 17.07 37.17 -66.73
CA LYS G 265 15.63 37.23 -66.48
C LYS G 265 14.98 38.47 -67.12
N VAL G 266 15.64 39.64 -67.05
CA VAL G 266 15.08 40.87 -67.65
C VAL G 266 15.26 40.97 -69.17
N GLU G 267 16.43 40.57 -69.67
CA GLU G 267 16.74 40.71 -71.09
C GLU G 267 15.76 39.93 -71.98
N ARG G 268 15.53 38.68 -71.61
CA ARG G 268 14.61 37.80 -72.33
C ARG G 268 13.15 38.23 -72.12
N ILE G 269 12.87 38.62 -70.89
CA ILE G 269 11.54 39.05 -70.46
C ILE G 269 10.95 40.26 -71.20
N LEU G 270 11.72 41.34 -71.34
CA LEU G 270 11.23 42.57 -71.98
C LEU G 270 10.79 42.38 -73.45
N LYS G 271 11.55 41.59 -74.22
CA LYS G 271 11.23 41.37 -75.65
C LYS G 271 9.85 40.72 -75.82
N HIS G 272 9.53 39.79 -74.94
CA HIS G 272 8.24 39.07 -74.96
C HIS G 272 7.10 40.02 -74.55
N GLY G 273 7.42 41.01 -73.73
CA GLY G 273 6.41 41.94 -73.24
C GLY G 273 5.79 41.47 -71.94
N ILE G 274 6.48 40.50 -71.31
CA ILE G 274 6.08 39.89 -70.03
C ILE G 274 5.30 40.81 -69.07
N ASN G 275 4.11 40.38 -68.73
CA ASN G 275 3.27 41.13 -67.81
C ASN G 275 3.10 40.46 -66.45
N CYS G 276 3.18 39.13 -66.44
CA CYS G 276 2.99 38.40 -65.19
C CYS G 276 3.79 37.10 -65.17
N PHE G 277 4.36 36.82 -64.01
CA PHE G 277 5.14 35.61 -63.79
C PHE G 277 4.54 34.78 -62.65
N ILE G 278 4.28 33.52 -62.89
CA ILE G 278 3.75 32.66 -61.84
C ILE G 278 4.70 31.49 -61.56
N ASN G 279 5.19 31.40 -60.33
CA ASN G 279 6.12 30.33 -59.98
C ASN G 279 5.56 29.46 -58.85
N ARG G 280 5.58 28.15 -59.03
CA ARG G 280 5.08 27.24 -58.01
C ARG G 280 6.19 26.90 -57.00
N GLN G 281 6.57 27.88 -56.17
CA GLN G 281 7.58 27.71 -55.10
C GLN G 281 8.21 29.04 -54.67
N LEU G 282 9.23 28.94 -53.82
CA LEU G 282 9.95 30.10 -53.29
C LEU G 282 10.61 30.92 -54.40
N ILE G 283 10.55 32.24 -54.27
CA ILE G 283 11.08 33.15 -55.28
C ILE G 283 12.29 33.94 -54.71
N TYR G 284 13.30 34.14 -55.55
CA TYR G 284 14.53 34.81 -55.12
C TYR G 284 14.37 36.34 -55.20
N ASN G 285 14.91 37.02 -54.18
CA ASN G 285 14.77 38.49 -54.03
C ASN G 285 15.36 39.40 -55.14
N TYR G 286 16.53 39.08 -55.69
CA TYR G 286 17.15 39.94 -56.73
C TYR G 286 16.22 40.27 -57.91
N PRO G 287 15.57 39.24 -58.53
CA PRO G 287 14.63 39.46 -59.65
C PRO G 287 13.44 40.34 -59.26
N GLU G 288 13.07 40.27 -57.99
CA GLU G 288 11.90 41.00 -57.49
C GLU G 288 12.02 42.51 -57.71
N GLN G 289 13.22 43.04 -57.48
CA GLN G 289 13.48 44.47 -57.71
C GLN G 289 13.24 44.83 -59.16
N LEU G 290 13.73 43.93 -60.01
CA LEU G 290 13.64 44.03 -61.46
C LEU G 290 12.21 44.04 -62.00
N PHE G 291 11.38 43.12 -61.48
CA PHE G 291 9.99 43.00 -61.91
C PHE G 291 9.18 44.28 -61.65
N GLY G 292 9.44 44.93 -60.50
CA GLY G 292 8.74 46.16 -60.16
C GLY G 292 8.98 47.30 -61.14
N ALA G 293 10.24 47.52 -61.52
CA ALA G 293 10.58 48.59 -62.47
C ALA G 293 10.08 48.28 -63.88
N ALA G 294 10.20 47.02 -64.28
CA ALA G 294 9.76 46.56 -65.59
C ALA G 294 8.25 46.74 -65.80
N GLY G 295 7.52 46.46 -64.74
CA GLY G 295 6.07 46.54 -64.77
C GLY G 295 5.46 45.16 -64.96
N VAL G 296 6.07 44.20 -64.27
CA VAL G 296 5.68 42.79 -64.35
C VAL G 296 5.26 42.24 -62.98
N MET G 297 4.10 41.60 -62.94
CA MET G 297 3.59 41.05 -61.69
C MET G 297 3.93 39.56 -61.54
N ALA G 298 4.67 39.25 -60.48
CA ALA G 298 5.10 37.86 -60.20
C ALA G 298 4.39 37.28 -58.97
N ILE G 299 4.22 35.97 -58.94
CA ILE G 299 3.56 35.32 -57.80
C ILE G 299 4.47 34.31 -57.11
N GLU G 300 4.71 34.54 -55.82
CA GLU G 300 5.57 33.68 -55.00
C GLU G 300 4.81 32.52 -54.36
N HIS G 301 5.36 31.32 -54.53
CA HIS G 301 4.78 30.09 -53.96
C HIS G 301 3.36 29.81 -54.46
N ALA G 302 3.12 30.06 -55.74
CA ALA G 302 1.81 29.79 -56.35
C ALA G 302 1.49 28.30 -56.23
N ASP G 303 0.25 27.96 -55.93
CA ASP G 303 -0.11 26.54 -55.78
C ASP G 303 -0.13 25.81 -57.12
N PHE G 304 0.48 24.63 -57.11
CA PHE G 304 0.64 23.78 -58.29
C PHE G 304 -0.69 23.36 -58.91
N VAL G 305 -1.67 23.05 -58.06
CA VAL G 305 -2.98 22.59 -58.55
C VAL G 305 -3.64 23.65 -59.44
N GLY G 306 -3.52 24.92 -59.05
CA GLY G 306 -4.04 26.00 -59.86
C GLY G 306 -3.33 26.12 -61.20
N VAL G 307 -2.00 25.95 -61.17
CA VAL G 307 -1.14 26.08 -62.36
C VAL G 307 -1.45 25.09 -63.50
N GLU G 308 -1.58 23.80 -63.19
CA GLU G 308 -1.88 22.80 -64.23
C GLU G 308 -3.20 23.11 -64.92
N ARG G 309 -4.15 23.51 -64.09
CA ARG G 309 -5.47 23.86 -64.55
C ARG G 309 -5.44 25.13 -65.41
N LEU G 310 -4.61 26.06 -64.97
CA LEU G 310 -4.41 27.35 -65.61
C LEU G 310 -3.79 27.16 -67.01
N ALA G 311 -2.84 26.23 -67.10
CA ALA G 311 -2.11 25.98 -68.34
C ALA G 311 -3.03 25.58 -69.49
N LEU G 312 -4.02 24.73 -69.24
CA LEU G 312 -4.95 24.36 -70.31
C LEU G 312 -5.65 25.65 -70.80
N VAL G 313 -6.02 26.47 -69.82
CA VAL G 313 -6.71 27.75 -70.04
C VAL G 313 -5.89 28.74 -70.90
N THR G 314 -4.63 28.93 -70.53
CA THR G 314 -3.72 29.85 -71.23
C THR G 314 -3.31 29.35 -72.63
N GLY G 315 -3.25 28.04 -72.78
CA GLY G 315 -2.79 27.45 -74.04
C GLY G 315 -1.56 26.58 -73.82
N GLY G 316 -1.16 26.51 -72.56
CA GLY G 316 -0.04 25.69 -72.16
C GLY G 316 1.30 26.37 -72.15
N GLU G 317 2.23 25.68 -71.54
CA GLU G 317 3.60 26.11 -71.39
C GLU G 317 4.49 24.88 -71.34
N ILE G 318 5.76 25.03 -71.62
CA ILE G 318 6.66 23.92 -71.41
C ILE G 318 7.62 24.47 -70.39
N ALA G 319 7.70 23.83 -69.23
CA ALA G 319 8.50 24.40 -68.16
C ALA G 319 9.85 23.75 -68.04
N SER G 320 10.83 24.59 -68.21
CA SER G 320 12.23 24.21 -68.19
C SER G 320 13.04 25.27 -67.43
N THR G 321 14.31 25.33 -67.76
CA THR G 321 15.24 26.28 -67.17
C THR G 321 15.05 27.63 -67.86
N PHE G 322 15.78 28.66 -67.41
CA PHE G 322 15.68 30.05 -67.93
C PHE G 322 15.48 30.25 -69.46
N ASP G 323 15.62 29.18 -70.21
CA ASP G 323 15.35 29.18 -71.65
C ASP G 323 13.82 29.34 -71.84
N HIS G 324 13.07 29.04 -70.76
CA HIS G 324 11.59 29.06 -70.69
C HIS G 324 10.85 30.22 -71.43
N PRO G 325 11.32 31.49 -71.46
CA PRO G 325 10.64 32.59 -72.19
C PRO G 325 10.25 32.27 -73.67
N GLU G 326 9.85 33.32 -74.39
CA GLU G 326 9.41 33.27 -75.81
C GLU G 326 8.56 32.02 -76.20
N LEU G 327 8.94 31.34 -77.29
CA LEU G 327 8.15 30.25 -77.92
C LEU G 327 7.85 29.05 -77.01
N VAL G 328 8.78 28.59 -76.19
CA VAL G 328 8.47 27.44 -75.35
C VAL G 328 7.27 27.75 -74.41
N LYS G 329 7.04 29.04 -74.08
CA LYS G 329 5.83 29.46 -73.32
C LYS G 329 4.76 30.08 -74.28
N LEU G 330 3.56 29.49 -74.34
CA LEU G 330 2.48 30.06 -75.19
C LEU G 330 1.91 31.41 -74.68
N GLY G 331 1.73 31.53 -73.36
CA GLY G 331 1.20 32.77 -72.74
C GLY G 331 -0.07 33.40 -73.36
N SER G 332 -1.26 33.16 -72.76
CA SER G 332 -2.51 33.76 -73.25
C SER G 332 -2.57 35.24 -72.79
N CYS G 333 -3.40 36.07 -73.45
CA CYS G 333 -3.36 37.51 -73.10
C CYS G 333 -4.67 38.33 -73.03
N LYS G 334 -5.73 37.98 -72.30
CA LYS G 334 -6.83 38.96 -72.31
C LYS G 334 -6.61 39.95 -71.15
N LEU G 335 -6.96 39.56 -69.93
CA LEU G 335 -6.73 40.44 -68.77
C LEU G 335 -6.33 39.71 -67.48
N ILE G 336 -5.26 40.17 -66.85
CA ILE G 336 -4.85 39.66 -65.53
C ILE G 336 -4.86 40.83 -64.55
N GLU G 337 -5.57 40.71 -63.44
CA GLU G 337 -5.65 41.81 -62.49
C GLU G 337 -5.99 41.36 -61.08
N GLU G 338 -5.69 42.19 -60.10
CA GLU G 338 -6.04 41.90 -58.72
C GLU G 338 -7.35 42.65 -58.47
N VAL G 339 -8.38 41.90 -58.12
CA VAL G 339 -9.74 42.44 -58.01
C VAL G 339 -10.32 42.36 -56.61
N MET G 340 -10.82 43.50 -56.18
CA MET G 340 -11.46 43.62 -54.89
C MET G 340 -12.81 42.90 -54.95
N ILE G 341 -13.01 41.88 -54.13
CA ILE G 341 -14.30 41.21 -54.10
C ILE G 341 -14.84 41.33 -52.69
N GLY G 342 -16.01 41.96 -52.55
CA GLY G 342 -16.57 42.13 -51.22
C GLY G 342 -15.51 42.60 -50.22
N GLU G 343 -15.09 41.64 -49.40
CA GLU G 343 -14.10 41.84 -48.35
C GLU G 343 -12.60 41.59 -48.76
N ASP G 344 -12.20 40.30 -48.81
CA ASP G 344 -10.81 39.85 -49.12
C ASP G 344 -10.34 40.16 -50.57
N LYS G 345 -9.07 40.57 -50.70
CA LYS G 345 -8.45 40.88 -52.01
C LYS G 345 -7.94 39.60 -52.72
N LEU G 346 -8.32 39.44 -53.98
CA LEU G 346 -7.93 38.27 -54.80
C LEU G 346 -7.48 38.68 -56.21
N ILE G 347 -6.74 37.81 -56.89
CA ILE G 347 -6.24 38.10 -58.23
C ILE G 347 -6.97 37.22 -59.26
N HIS G 348 -7.47 37.86 -60.31
CA HIS G 348 -8.27 37.17 -61.31
C HIS G 348 -7.62 37.08 -62.69
N PHE G 349 -7.60 35.87 -63.21
CA PHE G 349 -7.12 35.59 -64.55
C PHE G 349 -8.39 35.38 -65.40
N SER G 350 -8.55 36.10 -66.49
CA SER G 350 -9.79 35.95 -67.25
C SER G 350 -9.65 36.19 -68.75
N GLY G 351 -10.72 35.86 -69.49
CA GLY G 351 -10.74 36.05 -70.93
C GLY G 351 -9.96 35.02 -71.71
N VAL G 352 -9.92 33.81 -71.19
CA VAL G 352 -9.17 32.74 -71.83
C VAL G 352 -9.73 32.48 -73.25
N ALA G 353 -8.82 32.51 -74.22
CA ALA G 353 -9.15 32.30 -75.63
C ALA G 353 -9.74 30.92 -75.91
N LEU G 354 -9.19 29.92 -75.25
CA LEU G 354 -9.60 28.52 -75.42
C LEU G 354 -11.08 28.27 -75.07
N GLY G 355 -11.50 28.73 -73.89
CA GLY G 355 -12.89 28.58 -73.45
C GLY G 355 -13.22 27.22 -72.82
N GLU G 356 -12.31 26.26 -72.97
CA GLU G 356 -12.49 24.90 -72.44
C GLU G 356 -12.61 24.81 -70.91
N ALA G 357 -11.83 25.61 -70.19
CA ALA G 357 -11.81 25.55 -68.72
C ALA G 357 -12.28 26.84 -68.04
N CYS G 358 -13.05 26.67 -66.95
CA CYS G 358 -13.60 27.80 -66.20
C CYS G 358 -13.56 27.62 -64.66
N THR G 359 -13.66 28.76 -63.97
CA THR G 359 -13.60 28.86 -62.49
C THR G 359 -14.88 29.46 -61.89
N ILE G 360 -15.43 28.78 -60.87
CA ILE G 360 -16.66 29.22 -60.21
C ILE G 360 -16.37 29.72 -58.79
N VAL G 361 -16.87 30.91 -58.49
CA VAL G 361 -16.65 31.51 -57.17
C VAL G 361 -17.95 31.53 -56.36
N LEU G 362 -17.88 30.97 -55.15
CA LEU G 362 -19.03 30.90 -54.25
C LEU G 362 -18.79 31.89 -53.11
N ARG G 363 -19.83 32.52 -52.57
CA ARG G 363 -19.56 33.50 -51.51
C ARG G 363 -20.05 33.01 -50.13
N GLY G 364 -21.31 33.20 -49.80
CA GLY G 364 -21.84 32.76 -48.50
C GLY G 364 -21.68 33.79 -47.35
N ALA G 365 -22.37 33.52 -46.24
CA ALA G 365 -22.36 34.39 -45.04
C ALA G 365 -20.99 34.63 -44.36
N THR G 366 -20.22 33.53 -44.13
CA THR G 366 -18.87 33.48 -43.43
C THR G 366 -18.94 32.60 -42.19
N GLN G 367 -18.68 31.33 -42.38
CA GLN G 367 -18.76 30.34 -41.29
C GLN G 367 -17.83 29.15 -41.41
N GLN G 368 -17.81 28.43 -40.30
CA GLN G 368 -17.18 27.12 -40.22
C GLN G 368 -17.91 26.25 -41.25
N ILE G 369 -19.21 26.51 -41.23
CA ILE G 369 -20.24 25.94 -42.10
C ILE G 369 -19.95 26.27 -43.56
N LEU G 370 -19.40 27.43 -43.80
CA LEU G 370 -19.15 27.92 -45.15
C LEU G 370 -18.21 26.92 -45.89
N ASP G 371 -17.21 26.36 -45.20
CA ASP G 371 -16.30 25.35 -45.81
C ASP G 371 -17.10 24.11 -46.30
N GLU G 372 -18.34 23.99 -45.82
CA GLU G 372 -19.27 22.92 -46.21
C GLU G 372 -19.53 22.96 -47.71
N ALA G 373 -19.67 24.17 -48.22
CA ALA G 373 -19.92 24.42 -49.65
C ALA G 373 -18.81 23.85 -50.53
N GLU G 374 -17.59 23.74 -50.00
CA GLU G 374 -16.45 23.21 -50.77
C GLU G 374 -16.75 21.77 -51.24
N ARG G 375 -17.24 20.97 -50.30
CA ARG G 375 -17.66 19.60 -50.56
C ARG G 375 -18.93 19.56 -51.39
N SER G 376 -19.83 20.51 -51.10
CA SER G 376 -21.10 20.57 -51.79
C SER G 376 -20.89 20.75 -53.27
N LEU G 377 -19.93 21.59 -53.66
CA LEU G 377 -19.61 21.72 -55.08
C LEU G 377 -19.08 20.39 -55.59
N HIS G 378 -18.26 19.71 -54.79
CA HIS G 378 -17.71 18.40 -55.19
C HIS G 378 -18.84 17.44 -55.44
N ASP G 379 -19.86 17.49 -54.58
CA ASP G 379 -21.02 16.66 -54.79
C ASP G 379 -21.77 17.08 -56.04
N ALA G 380 -21.88 18.39 -56.26
CA ALA G 380 -22.56 18.89 -57.44
C ALA G 380 -21.77 18.64 -58.75
N LEU G 381 -20.47 18.84 -58.70
CA LEU G 381 -19.63 18.71 -59.89
C LEU G 381 -19.71 17.28 -60.46
N CYS G 382 -19.59 16.27 -59.57
CA CYS G 382 -19.64 14.87 -60.00
C CYS G 382 -21.02 14.47 -60.51
N VAL G 383 -22.06 14.95 -59.84
CA VAL G 383 -23.44 14.64 -60.22
C VAL G 383 -23.83 15.14 -61.62
N LEU G 384 -23.55 16.40 -61.89
CA LEU G 384 -23.90 17.01 -63.18
C LEU G 384 -23.14 16.42 -64.37
N ALA G 385 -21.85 16.14 -64.22
CA ALA G 385 -21.06 15.57 -65.33
C ALA G 385 -21.67 14.22 -65.74
N GLN G 386 -22.08 13.46 -64.74
CA GLN G 386 -22.75 12.17 -64.93
C GLN G 386 -24.14 12.32 -65.51
N THR G 387 -24.87 13.34 -65.07
CA THR G 387 -26.25 13.55 -65.52
C THR G 387 -26.30 13.77 -67.04
N VAL G 388 -25.34 14.50 -67.60
CA VAL G 388 -25.33 14.66 -69.04
C VAL G 388 -24.95 13.36 -69.78
N LYS G 389 -23.97 12.59 -69.26
CA LYS G 389 -23.57 11.31 -69.90
C LYS G 389 -24.60 10.17 -69.81
N ASP G 390 -25.27 10.03 -68.66
CA ASP G 390 -26.27 8.96 -68.48
C ASP G 390 -27.54 9.19 -69.30
N SER G 391 -27.96 10.46 -69.35
CA SER G 391 -29.18 10.89 -70.04
C SER G 391 -30.41 10.24 -69.39
N ARG G 392 -30.23 9.69 -68.19
CA ARG G 392 -31.31 9.03 -67.46
C ARG G 392 -31.26 9.36 -65.96
N THR G 393 -32.43 9.40 -65.35
CA THR G 393 -32.59 9.69 -63.91
C THR G 393 -33.83 8.98 -63.35
N VAL G 394 -33.96 8.97 -62.04
CA VAL G 394 -35.13 8.38 -61.37
C VAL G 394 -35.68 9.39 -60.37
N TYR G 395 -36.93 9.25 -59.95
CA TYR G 395 -37.50 10.25 -59.03
C TYR G 395 -36.84 10.17 -57.65
N GLY G 396 -36.55 11.35 -57.10
CA GLY G 396 -35.91 11.47 -55.80
C GLY G 396 -36.88 11.60 -54.65
N GLY G 397 -36.37 11.95 -53.47
CA GLY G 397 -37.23 12.12 -52.31
C GLY G 397 -37.79 10.81 -51.79
N GLY G 398 -37.12 9.73 -52.14
CA GLY G 398 -37.54 8.41 -51.70
C GLY G 398 -38.69 7.82 -52.51
N CYS G 399 -39.04 8.45 -53.64
CA CYS G 399 -40.13 7.93 -54.47
C CYS G 399 -39.80 6.52 -54.96
N SER G 400 -38.57 6.38 -55.44
CA SER G 400 -38.07 5.10 -55.93
C SER G 400 -38.03 4.01 -54.85
N GLU G 401 -37.63 4.41 -53.64
CA GLU G 401 -37.49 3.47 -52.54
C GLU G 401 -38.80 2.91 -52.00
N MET G 402 -39.84 3.75 -51.88
CA MET G 402 -41.12 3.24 -51.38
C MET G 402 -41.71 2.23 -52.35
N LEU G 403 -41.57 2.53 -53.64
CA LEU G 403 -42.08 1.67 -54.69
C LEU G 403 -41.41 0.31 -54.59
N MET G 404 -40.10 0.35 -54.33
CA MET G 404 -39.31 -0.87 -54.16
C MET G 404 -39.84 -1.72 -53.01
N ALA G 405 -40.23 -1.06 -51.91
CA ALA G 405 -40.81 -1.76 -50.76
C ALA G 405 -42.09 -2.53 -51.14
N HIS G 406 -42.93 -1.91 -51.96
CA HIS G 406 -44.19 -2.55 -52.41
C HIS G 406 -43.94 -3.86 -53.18
N ALA G 407 -42.94 -3.86 -54.07
CA ALA G 407 -42.61 -5.04 -54.89
C ALA G 407 -42.02 -6.19 -54.06
N VAL G 408 -41.18 -5.83 -53.11
CA VAL G 408 -40.48 -6.79 -52.24
C VAL G 408 -41.38 -7.50 -51.22
N THR G 409 -42.34 -6.79 -50.65
CA THR G 409 -43.21 -7.39 -49.63
C THR G 409 -44.00 -8.62 -50.09
N GLN G 410 -44.53 -8.61 -51.31
CA GLN G 410 -45.28 -9.78 -51.79
C GLN G 410 -44.35 -10.90 -52.28
N LEU G 411 -43.07 -10.58 -52.45
CA LEU G 411 -42.06 -11.56 -52.87
C LEU G 411 -41.76 -12.62 -51.78
N ALA G 412 -41.72 -12.15 -50.54
CA ALA G 412 -41.34 -12.96 -49.36
C ALA G 412 -42.04 -14.32 -49.18
N SER G 413 -43.28 -14.31 -48.71
CA SER G 413 -44.03 -15.55 -48.46
C SER G 413 -44.40 -16.26 -49.76
N ARG G 414 -44.46 -15.48 -50.83
CA ARG G 414 -44.81 -16.00 -52.15
C ARG G 414 -43.78 -17.08 -52.56
N THR G 415 -42.50 -16.83 -52.26
CA THR G 415 -41.47 -17.80 -52.60
C THR G 415 -41.24 -18.81 -51.46
N PRO G 416 -41.66 -20.07 -51.69
CA PRO G 416 -41.52 -21.16 -50.72
C PRO G 416 -40.07 -21.51 -50.35
N GLY G 417 -39.88 -21.99 -49.14
CA GLY G 417 -38.57 -22.46 -48.75
C GLY G 417 -37.67 -21.56 -47.92
N LYS G 418 -36.39 -21.81 -48.19
CA LYS G 418 -35.24 -21.21 -47.53
C LYS G 418 -35.25 -19.70 -47.73
N GLU G 419 -35.62 -19.33 -48.92
CA GLU G 419 -35.69 -17.96 -49.36
C GLU G 419 -37.03 -17.36 -48.97
N ALA G 420 -37.14 -16.89 -47.73
CA ALA G 420 -38.39 -16.31 -47.24
C ALA G 420 -38.16 -15.22 -46.19
N VAL G 421 -37.70 -15.60 -45.00
CA VAL G 421 -37.42 -14.61 -43.96
C VAL G 421 -36.36 -13.63 -44.46
N ALA G 422 -35.36 -14.19 -45.12
CA ALA G 422 -34.30 -13.39 -45.72
C ALA G 422 -34.81 -12.40 -46.77
N MET G 423 -35.61 -12.90 -47.69
CA MET G 423 -36.16 -12.06 -48.76
C MET G 423 -37.03 -10.93 -48.19
N GLU G 424 -37.85 -11.26 -47.17
CA GLU G 424 -38.70 -10.26 -46.51
C GLU G 424 -37.90 -9.25 -45.67
N SER G 425 -36.76 -9.69 -45.10
CA SER G 425 -35.94 -8.77 -44.30
C SER G 425 -35.42 -7.64 -45.18
N TYR G 426 -35.03 -8.01 -46.40
CA TYR G 426 -34.58 -7.04 -47.41
C TYR G 426 -35.71 -6.07 -47.71
N ALA G 427 -36.92 -6.65 -47.77
CA ALA G 427 -38.14 -5.92 -48.12
C ALA G 427 -38.50 -4.77 -47.16
N LYS G 428 -38.37 -4.95 -45.85
CA LYS G 428 -38.70 -3.85 -44.93
C LYS G 428 -37.55 -2.84 -44.84
N ALA G 429 -36.40 -3.19 -45.40
CA ALA G 429 -35.23 -2.31 -45.40
C ALA G 429 -35.56 -1.00 -46.14
N LEU G 430 -36.32 -1.11 -47.19
CA LEU G 430 -36.74 0.04 -47.99
C LEU G 430 -37.60 1.00 -47.16
N ARG G 431 -38.27 0.46 -46.16
CA ARG G 431 -39.15 1.20 -45.27
C ARG G 431 -38.41 2.31 -44.50
N MET G 432 -37.19 2.04 -44.06
CA MET G 432 -36.41 3.05 -43.30
C MET G 432 -36.15 4.35 -44.09
N LEU G 433 -35.85 4.26 -45.38
CA LEU G 433 -35.59 5.49 -46.17
C LEU G 433 -36.73 6.53 -46.04
N PRO G 434 -38.01 6.16 -46.23
CA PRO G 434 -39.12 7.09 -46.00
C PRO G 434 -39.06 7.74 -44.62
N THR G 435 -38.69 6.94 -43.62
CA THR G 435 -38.59 7.38 -42.23
C THR G 435 -37.51 8.43 -42.03
N ILE G 436 -36.36 8.22 -42.69
CA ILE G 436 -35.23 9.14 -42.57
C ILE G 436 -35.51 10.48 -43.25
N ILE G 437 -36.17 10.41 -44.40
CA ILE G 437 -36.52 11.58 -45.18
C ILE G 437 -37.43 12.57 -44.43
N ALA G 438 -38.46 12.07 -43.78
CA ALA G 438 -39.36 12.94 -43.03
C ALA G 438 -38.85 13.28 -41.62
N ASP G 439 -38.07 12.39 -41.03
CA ASP G 439 -37.56 12.65 -39.68
C ASP G 439 -36.72 13.93 -39.67
N ASN G 440 -35.84 14.10 -40.67
CA ASN G 440 -35.04 15.32 -40.76
C ASN G 440 -35.91 16.51 -41.21
N ALA G 441 -37.05 16.17 -41.79
CA ALA G 441 -38.06 17.13 -42.26
C ALA G 441 -38.70 17.87 -41.08
N GLY G 442 -38.91 17.15 -39.98
CA GLY G 442 -39.54 17.73 -38.79
C GLY G 442 -41.00 17.40 -38.65
N TYR G 443 -41.37 16.33 -39.30
CA TYR G 443 -42.72 15.85 -39.29
C TYR G 443 -42.65 14.45 -38.70
N ASP G 444 -43.60 14.08 -37.86
CA ASP G 444 -43.50 12.79 -37.16
C ASP G 444 -43.44 11.64 -38.20
N SER G 445 -42.36 10.84 -38.07
CA SER G 445 -42.00 9.79 -39.04
C SER G 445 -42.98 8.63 -39.33
N ALA G 446 -43.66 8.08 -38.34
CA ALA G 446 -44.58 6.96 -38.64
C ALA G 446 -45.76 7.42 -39.47
N ASP G 447 -46.29 8.60 -39.15
CA ASP G 447 -47.41 9.13 -39.91
C ASP G 447 -46.99 9.28 -41.36
N LEU G 448 -45.76 9.74 -41.54
CA LEU G 448 -45.18 9.88 -42.87
C LEU G 448 -45.14 8.52 -43.55
N VAL G 449 -44.62 7.53 -42.83
CA VAL G 449 -44.51 6.16 -43.36
C VAL G 449 -45.90 5.64 -43.70
N ALA G 450 -46.83 5.95 -42.82
CA ALA G 450 -48.22 5.55 -42.98
C ALA G 450 -48.87 6.13 -44.24
N GLN G 451 -48.80 7.45 -44.38
CA GLN G 451 -49.39 8.14 -45.52
C GLN G 451 -48.65 7.87 -46.83
N LEU G 452 -47.33 7.77 -46.74
CA LEU G 452 -46.48 7.53 -47.91
C LEU G 452 -46.78 6.23 -48.66
N ARG G 453 -46.89 5.13 -47.92
CA ARG G 453 -47.13 3.83 -48.55
C ARG G 453 -48.42 3.78 -49.35
N ALA G 454 -49.47 4.39 -48.82
CA ALA G 454 -50.77 4.39 -49.49
C ALA G 454 -50.72 5.06 -50.89
N ALA G 455 -50.00 6.17 -51.03
CA ALA G 455 -49.91 6.87 -52.33
C ALA G 455 -49.12 6.10 -53.40
N HIS G 456 -48.02 5.48 -53.01
CA HIS G 456 -47.17 4.66 -53.92
C HIS G 456 -47.90 3.40 -54.40
N SER G 457 -48.64 2.80 -53.48
CA SER G 457 -49.42 1.58 -53.73
C SER G 457 -50.45 1.85 -54.82
N GLU G 458 -51.01 3.04 -54.82
CA GLU G 458 -52.02 3.47 -55.79
C GLU G 458 -51.48 3.40 -57.23
N GLY G 459 -50.24 3.80 -57.45
CA GLY G 459 -49.69 3.71 -58.79
C GLY G 459 -49.08 5.01 -59.30
N LYS G 460 -48.92 6.00 -58.44
CA LYS G 460 -48.32 7.24 -58.89
C LYS G 460 -46.83 7.26 -58.53
N THR G 461 -46.02 7.09 -59.57
CA THR G 461 -44.56 7.05 -59.44
C THR G 461 -43.97 8.42 -59.09
N THR G 462 -44.56 9.47 -59.66
CA THR G 462 -44.13 10.85 -59.44
C THR G 462 -44.19 11.28 -57.96
N ALA G 463 -45.25 10.86 -57.27
CA ALA G 463 -45.43 11.20 -55.86
C ALA G 463 -44.28 10.69 -54.98
N GLY G 464 -43.87 11.51 -54.03
CA GLY G 464 -42.78 11.16 -53.13
C GLY G 464 -42.85 11.91 -51.82
N LEU G 465 -41.74 11.99 -51.11
CA LEU G 465 -41.74 12.68 -49.84
C LEU G 465 -41.40 14.15 -50.01
N ASP G 466 -42.31 15.02 -49.61
CA ASP G 466 -42.03 16.44 -49.68
C ASP G 466 -41.83 16.92 -48.26
N MET G 467 -40.59 17.18 -47.98
CA MET G 467 -40.12 17.64 -46.69
C MET G 467 -40.58 19.06 -46.34
N LYS G 468 -40.56 19.93 -47.34
CA LYS G 468 -41.05 21.30 -47.13
C LYS G 468 -42.54 21.28 -46.75
N GLU G 469 -43.26 20.39 -47.43
CA GLU G 469 -44.70 20.14 -47.21
C GLU G 469 -44.98 19.45 -45.88
N GLY G 470 -44.11 18.50 -45.53
CA GLY G 470 -44.29 17.72 -44.31
C GLY G 470 -45.06 16.43 -44.56
N THR G 471 -45.54 16.28 -45.78
CA THR G 471 -46.29 15.10 -46.20
C THR G 471 -45.69 14.52 -47.48
N ILE G 472 -46.55 14.28 -48.46
CA ILE G 472 -46.14 13.73 -49.75
C ILE G 472 -46.52 14.72 -50.86
N GLY G 473 -45.75 14.74 -51.94
CA GLY G 473 -46.04 15.66 -53.03
C GLY G 473 -45.44 15.23 -54.35
N ASP G 474 -45.65 16.03 -55.38
CA ASP G 474 -45.12 15.70 -56.70
C ASP G 474 -43.65 16.07 -56.77
N MET G 475 -42.83 15.04 -56.83
CA MET G 475 -41.38 15.15 -56.86
C MET G 475 -40.91 15.96 -58.09
N SER G 476 -41.57 15.72 -59.23
CA SER G 476 -41.22 16.40 -60.49
C SER G 476 -41.35 17.92 -60.38
N VAL G 477 -42.40 18.41 -59.70
CA VAL G 477 -42.59 19.86 -59.53
C VAL G 477 -41.40 20.46 -58.76
N LEU G 478 -40.98 19.75 -57.72
CA LEU G 478 -39.81 20.11 -56.91
C LEU G 478 -38.57 20.10 -57.81
N GLY G 479 -38.51 19.10 -58.68
CA GLY G 479 -37.40 18.93 -59.59
C GLY G 479 -36.36 17.94 -59.11
N ILE G 480 -36.58 17.36 -57.95
CA ILE G 480 -35.61 16.42 -57.39
C ILE G 480 -35.62 15.07 -58.12
N THR G 481 -34.43 14.73 -58.61
CA THR G 481 -34.21 13.50 -59.35
C THR G 481 -32.87 12.87 -58.96
N GLU G 482 -32.71 11.58 -59.22
CA GLU G 482 -31.47 10.89 -58.91
C GLU G 482 -30.84 10.31 -60.19
N SER G 483 -29.52 10.37 -60.30
CA SER G 483 -28.83 9.87 -61.51
C SER G 483 -29.11 8.39 -61.71
N PHE G 484 -29.31 8.01 -62.97
CA PHE G 484 -29.62 6.63 -63.30
C PHE G 484 -28.56 5.60 -62.92
N GLN G 485 -27.28 5.89 -63.11
CA GLN G 485 -26.29 4.88 -62.74
C GLN G 485 -25.99 4.85 -61.23
N VAL G 486 -26.46 5.82 -60.43
CA VAL G 486 -26.20 5.70 -58.99
C VAL G 486 -27.06 4.55 -58.47
N LYS G 487 -28.28 4.48 -58.99
CA LYS G 487 -29.23 3.46 -58.60
C LYS G 487 -28.93 2.02 -59.06
N ARG G 488 -28.45 1.78 -60.29
CA ARG G 488 -28.14 0.38 -60.66
C ARG G 488 -26.94 -0.18 -59.90
N GLN G 489 -25.93 0.65 -59.73
CA GLN G 489 -24.75 0.28 -58.98
C GLN G 489 -25.00 0.14 -57.48
N VAL G 490 -25.83 1.02 -56.91
CA VAL G 490 -26.07 0.95 -55.47
C VAL G 490 -26.69 -0.38 -55.05
N LEU G 491 -27.62 -0.93 -55.82
CA LEU G 491 -28.18 -2.23 -55.42
C LEU G 491 -27.16 -3.36 -55.57
N LEU G 492 -26.40 -3.35 -56.66
CA LEU G 492 -25.38 -4.39 -56.87
C LEU G 492 -24.19 -4.30 -55.91
N SER G 493 -23.72 -3.08 -55.66
CA SER G 493 -22.59 -2.87 -54.76
C SER G 493 -22.93 -3.21 -53.32
N ALA G 494 -24.12 -2.78 -52.90
CA ALA G 494 -24.60 -3.05 -51.55
C ALA G 494 -24.70 -4.55 -51.28
N ALA G 495 -25.36 -5.25 -52.19
CA ALA G 495 -25.55 -6.69 -52.06
C ALA G 495 -24.26 -7.50 -52.00
N GLU G 496 -23.35 -7.24 -52.94
CA GLU G 496 -22.06 -7.96 -52.98
C GLU G 496 -21.18 -7.71 -51.76
N ALA G 497 -21.15 -6.48 -51.27
CA ALA G 497 -20.33 -6.15 -50.10
C ALA G 497 -21.06 -6.44 -48.79
N ALA G 498 -22.37 -6.66 -48.85
CA ALA G 498 -23.14 -6.97 -47.64
C ALA G 498 -23.20 -8.49 -47.38
N GLU G 499 -22.88 -9.28 -48.41
CA GLU G 499 -22.88 -10.74 -48.25
C GLU G 499 -21.86 -11.16 -47.19
N VAL G 500 -20.72 -10.50 -47.19
CA VAL G 500 -19.66 -10.72 -46.20
C VAL G 500 -20.16 -10.40 -44.77
N ILE G 501 -20.95 -9.35 -44.67
CA ILE G 501 -21.45 -8.87 -43.37
C ILE G 501 -22.31 -9.91 -42.61
N LEU G 502 -23.31 -10.52 -43.23
CA LEU G 502 -24.14 -11.47 -42.49
C LEU G 502 -23.50 -12.88 -42.30
N ARG G 503 -23.08 -13.52 -43.40
CA ARG G 503 -22.53 -14.90 -43.35
C ARG G 503 -21.14 -15.08 -42.69
N VAL G 504 -20.28 -14.10 -42.75
CA VAL G 504 -18.94 -14.22 -42.15
C VAL G 504 -19.01 -14.26 -40.59
N ASP G 505 -19.88 -13.42 -40.02
CA ASP G 505 -20.09 -13.30 -38.55
C ASP G 505 -19.00 -12.52 -37.84
N ASN G 506 -17.75 -12.85 -38.07
CA ASN G 506 -16.66 -12.14 -37.40
C ASN G 506 -15.79 -11.40 -38.40
N ILE G 507 -15.11 -10.41 -37.92
CA ILE G 507 -14.17 -9.67 -38.74
C ILE G 507 -12.84 -9.57 -37.99
N ILE G 508 -11.75 -9.98 -38.64
CA ILE G 508 -10.45 -10.04 -37.95
C ILE G 508 -9.23 -9.57 -38.76
N LYS G 509 -8.25 -9.04 -38.04
CA LYS G 509 -6.97 -8.58 -38.60
C LYS G 509 -5.80 -8.89 -37.64
N ALA G 510 -4.57 -8.70 -38.15
CA ALA G 510 -3.32 -8.92 -37.40
C ALA G 510 -3.07 -10.34 -36.88
N ALA G 511 -3.40 -11.33 -37.68
CA ALA G 511 -3.14 -12.73 -37.35
C ALA G 511 -2.16 -13.37 -38.36
N PRO G 512 -2.39 -13.18 -39.69
CA PRO G 512 -1.55 -13.69 -40.76
C PRO G 512 -0.60 -12.64 -41.35
N ARG G 513 -0.37 -11.59 -40.56
CA ARG G 513 0.54 -10.45 -40.90
C ARG G 513 1.47 -10.69 -42.12
N ALA H 1 44.40 4.96 14.84
CA ALA H 1 44.86 3.57 14.56
C ALA H 1 43.69 2.69 14.12
N GLY H 2 43.04 3.06 13.02
CA GLY H 2 41.91 2.27 12.56
C GLY H 2 41.81 2.08 11.04
N ALA H 3 41.07 1.04 10.70
CA ALA H 3 40.79 0.62 9.33
C ALA H 3 39.54 -0.27 9.38
N ASP H 4 39.58 -1.45 8.79
CA ASP H 4 38.48 -2.38 8.94
C ASP H 4 38.74 -3.00 10.30
N GLU H 5 37.89 -2.75 11.27
CA GLU H 5 38.21 -3.25 12.59
C GLU H 5 37.22 -4.22 13.22
N GLU H 6 37.84 -5.21 13.80
CA GLU H 6 37.21 -6.23 14.59
C GLU H 6 38.11 -6.36 15.81
N ARG H 7 37.58 -6.66 16.97
CA ARG H 7 38.45 -6.70 18.15
C ARG H 7 38.49 -8.05 18.86
N ALA H 8 39.70 -8.38 19.29
CA ALA H 8 40.03 -9.62 20.00
C ALA H 8 39.32 -10.89 19.50
N GLU H 9 38.13 -11.22 20.04
CA GLU H 9 37.45 -12.46 19.63
C GLU H 9 36.92 -12.43 18.19
N THR H 10 36.37 -11.30 17.74
CA THR H 10 35.88 -11.18 16.36
C THR H 10 37.05 -11.17 15.39
N ALA H 11 38.10 -10.46 15.80
CA ALA H 11 39.34 -10.33 15.04
C ALA H 11 39.99 -11.70 14.80
N ARG H 12 39.96 -12.50 15.85
CA ARG H 12 40.48 -13.87 15.87
C ARG H 12 39.76 -14.73 14.84
N LEU H 13 38.46 -14.52 14.74
CA LEU H 13 37.60 -15.28 13.83
C LEU H 13 38.01 -15.12 12.36
N SER H 14 38.41 -13.92 11.93
CA SER H 14 38.82 -13.75 10.53
C SER H 14 40.01 -14.64 10.17
N SER H 15 40.97 -14.77 11.07
CA SER H 15 42.10 -15.66 10.86
C SER H 15 41.62 -17.12 10.94
N PHE H 16 40.71 -17.36 11.90
CA PHE H 16 40.12 -18.69 12.17
C PHE H 16 39.39 -19.26 10.96
N ILE H 17 38.62 -18.43 10.28
CA ILE H 17 37.85 -18.84 9.11
C ILE H 17 38.74 -19.20 7.91
N GLY H 18 39.79 -18.42 7.69
CA GLY H 18 40.68 -18.69 6.56
C GLY H 18 41.35 -20.06 6.60
N ALA H 19 41.76 -20.48 7.80
CA ALA H 19 42.42 -21.77 7.97
C ALA H 19 41.48 -22.97 7.74
N ILE H 20 40.24 -22.88 8.21
CA ILE H 20 39.31 -23.99 8.04
C ILE H 20 38.92 -24.20 6.56
N ALA H 21 38.73 -23.09 5.84
CA ALA H 21 38.37 -23.16 4.42
C ALA H 21 39.45 -23.86 3.58
N ILE H 22 40.71 -23.54 3.86
CA ILE H 22 41.85 -24.12 3.14
C ILE H 22 42.05 -25.61 3.46
N GLY H 23 41.88 -25.97 4.74
CA GLY H 23 42.10 -27.35 5.16
C GLY H 23 41.22 -28.39 4.47
N ASP H 24 39.93 -28.09 4.26
CA ASP H 24 39.05 -29.03 3.59
C ASP H 24 39.40 -29.25 2.11
N LEU H 25 39.75 -28.17 1.42
CA LEU H 25 40.12 -28.27 0.00
C LEU H 25 41.40 -29.07 -0.20
N VAL H 26 42.36 -28.85 0.69
CA VAL H 26 43.66 -29.52 0.64
C VAL H 26 43.63 -30.96 1.18
N LYS H 27 42.70 -31.28 2.09
CA LYS H 27 42.67 -32.61 2.71
C LYS H 27 42.48 -33.75 1.70
N SER H 28 41.63 -33.53 0.71
CA SER H 28 41.36 -34.54 -0.30
C SER H 28 42.56 -34.78 -1.24
N THR H 29 43.41 -33.78 -1.34
CA THR H 29 44.64 -33.80 -2.16
C THR H 29 45.68 -34.90 -1.78
N LEU H 30 45.86 -35.11 -0.48
CA LEU H 30 46.90 -36.02 0.09
C LEU H 30 46.74 -37.54 -0.14
N GLY H 31 47.91 -38.20 -0.17
CA GLY H 31 48.01 -39.67 -0.27
C GLY H 31 47.46 -40.36 -1.52
N PRO H 32 47.53 -41.71 -1.53
CA PRO H 32 47.12 -42.59 -2.65
C PRO H 32 45.74 -42.33 -3.24
N LYS H 33 44.80 -41.97 -2.43
CA LYS H 33 43.47 -41.69 -2.95
C LYS H 33 43.12 -40.20 -3.08
N GLY H 34 44.14 -39.35 -3.10
CA GLY H 34 43.91 -37.92 -3.29
C GLY H 34 43.21 -37.63 -4.61
N MET H 35 42.53 -36.49 -4.72
CA MET H 35 41.79 -36.19 -5.94
C MET H 35 42.08 -34.81 -6.51
N ASP H 36 41.97 -34.73 -7.84
CA ASP H 36 42.28 -33.50 -8.60
C ASP H 36 41.20 -32.43 -8.45
N LYS H 37 41.66 -31.19 -8.38
CA LYS H 37 40.77 -30.06 -8.20
C LYS H 37 40.90 -29.08 -9.38
N ILE H 38 39.78 -28.54 -9.83
CA ILE H 38 39.75 -27.61 -10.96
C ILE H 38 39.10 -26.26 -10.58
N LEU H 39 39.67 -25.15 -11.05
CA LEU H 39 39.10 -23.83 -10.70
C LEU H 39 38.67 -22.98 -11.89
N LEU H 40 37.52 -22.30 -11.74
CA LEU H 40 37.02 -21.37 -12.74
C LEU H 40 36.65 -20.03 -12.06
N SER H 41 37.13 -18.92 -12.60
CA SER H 41 36.82 -17.60 -12.05
C SER H 41 36.63 -16.58 -13.18
N SER H 42 35.97 -15.48 -12.88
CA SER H 42 35.68 -14.46 -13.91
C SER H 42 36.79 -13.42 -14.08
N GLY H 43 37.02 -13.08 -15.34
CA GLY H 43 37.99 -12.06 -15.74
C GLY H 43 39.46 -12.32 -15.44
N ARG H 44 40.29 -12.09 -16.46
CA ARG H 44 41.76 -12.19 -16.37
C ARG H 44 42.34 -13.56 -15.94
N ASP H 45 41.78 -14.66 -16.45
CA ASP H 45 42.29 -16.03 -16.14
C ASP H 45 42.04 -17.03 -17.28
N ALA H 46 40.85 -16.96 -17.92
CA ALA H 46 40.41 -17.83 -19.05
C ALA H 46 39.29 -18.79 -18.62
N SER H 47 39.60 -19.99 -18.13
CA SER H 47 38.53 -20.92 -17.75
C SER H 47 38.92 -22.02 -16.77
N LEU H 48 39.37 -23.18 -17.26
CA LEU H 48 39.66 -24.30 -16.37
C LEU H 48 41.13 -24.50 -16.03
N MET H 49 41.46 -24.41 -14.77
CA MET H 49 42.80 -24.74 -14.32
C MET H 49 42.71 -25.87 -13.31
N VAL H 50 43.52 -26.90 -13.49
CA VAL H 50 43.50 -28.02 -12.59
C VAL H 50 44.86 -28.21 -11.93
N THR H 51 44.88 -28.12 -10.63
CA THR H 51 46.14 -28.28 -9.93
C THR H 51 46.06 -29.33 -8.83
N ASN H 52 46.76 -30.44 -9.03
CA ASN H 52 46.84 -31.47 -8.01
C ASN H 52 47.65 -30.96 -6.80
N ASP H 53 48.71 -30.24 -7.11
CA ASP H 53 49.61 -29.69 -6.09
C ASP H 53 48.95 -28.52 -5.37
N GLY H 54 48.82 -28.65 -4.06
CA GLY H 54 48.19 -27.61 -3.26
C GLY H 54 48.91 -26.27 -3.34
N ALA H 55 50.24 -26.31 -3.33
CA ALA H 55 51.03 -25.07 -3.38
C ALA H 55 50.78 -24.23 -4.65
N THR H 56 50.74 -24.88 -5.82
CA THR H 56 50.54 -24.16 -7.08
C THR H 56 49.20 -23.40 -7.15
N ILE H 57 48.11 -24.04 -6.71
CA ILE H 57 46.80 -23.38 -6.74
C ILE H 57 46.63 -22.22 -5.76
N LEU H 58 47.14 -22.35 -4.53
CA LEU H 58 47.00 -21.27 -3.54
C LEU H 58 47.76 -20.00 -3.94
N LYS H 59 48.94 -20.18 -4.51
CA LYS H 59 49.80 -19.06 -4.92
C LYS H 59 49.19 -18.16 -6.00
N ASN H 60 48.54 -18.80 -6.96
CA ASN H 60 47.95 -18.12 -8.09
C ASN H 60 46.86 -17.09 -7.77
N ILE H 61 45.99 -17.36 -6.81
CA ILE H 61 44.87 -16.46 -6.56
C ILE H 61 44.60 -15.99 -5.12
N GLY H 62 44.38 -14.67 -5.00
CA GLY H 62 43.95 -14.07 -3.74
C GLY H 62 42.46 -13.76 -3.88
N VAL H 63 41.67 -14.80 -3.66
CA VAL H 63 40.21 -14.79 -3.86
C VAL H 63 39.37 -13.79 -3.04
N ASP H 64 39.67 -13.58 -1.77
CA ASP H 64 38.81 -12.72 -0.96
C ASP H 64 39.53 -11.97 0.19
N ASN H 65 38.77 -11.04 0.76
CA ASN H 65 39.20 -10.14 1.85
C ASN H 65 39.88 -10.82 3.06
N PRO H 66 39.38 -11.96 3.63
CA PRO H 66 40.02 -12.54 4.83
C PRO H 66 41.49 -12.94 4.57
N ALA H 67 42.31 -12.73 5.59
CA ALA H 67 43.75 -12.99 5.51
C ALA H 67 44.09 -14.47 5.44
N ALA H 68 45.05 -14.78 4.57
CA ALA H 68 45.54 -16.15 4.37
C ALA H 68 46.64 -16.20 3.32
N LYS H 69 46.65 -15.19 2.44
CA LYS H 69 47.63 -15.11 1.34
C LYS H 69 49.08 -15.07 1.82
N VAL H 70 49.36 -14.34 2.90
CA VAL H 70 50.73 -14.26 3.41
C VAL H 70 51.18 -15.64 3.91
N LEU H 71 50.27 -16.35 4.58
CA LEU H 71 50.53 -17.70 5.06
C LEU H 71 50.84 -18.63 3.86
N VAL H 72 50.07 -18.41 2.78
CA VAL H 72 50.18 -19.15 1.50
C VAL H 72 51.53 -19.00 0.79
N ASP H 73 52.08 -17.79 0.79
CA ASP H 73 53.37 -17.46 0.14
C ASP H 73 54.55 -18.25 0.67
N MET H 74 54.56 -18.48 1.96
CA MET H 74 55.66 -19.18 2.64
C MET H 74 55.86 -20.60 2.09
N SER H 75 54.79 -21.34 1.80
CA SER H 75 54.93 -22.72 1.30
C SER H 75 55.90 -22.80 0.10
N ARG H 76 55.93 -21.76 -0.72
CA ARG H 76 56.86 -21.66 -1.86
C ARG H 76 58.33 -21.71 -1.46
N VAL H 77 58.73 -21.03 -0.37
CA VAL H 77 60.14 -21.09 0.06
C VAL H 77 60.48 -22.56 0.37
N GLN H 78 59.53 -23.24 1.01
CA GLN H 78 59.66 -24.66 1.32
C GLN H 78 59.82 -25.49 0.05
N ASP H 79 59.03 -25.13 -0.96
CA ASP H 79 59.06 -25.81 -2.25
C ASP H 79 60.46 -25.69 -2.89
N ASP H 80 61.04 -24.50 -2.84
CA ASP H 80 62.39 -24.30 -3.37
C ASP H 80 63.43 -25.17 -2.63
N GLU H 81 63.28 -25.23 -1.30
CA GLU H 81 64.21 -25.99 -0.42
C GLU H 81 64.27 -27.49 -0.72
N VAL H 82 63.11 -28.07 -1.00
CA VAL H 82 63.00 -29.50 -1.31
C VAL H 82 61.87 -29.73 -2.29
N GLY H 83 60.79 -29.01 -2.09
CA GLY H 83 59.68 -29.15 -2.99
C GLY H 83 58.41 -29.63 -2.35
N ASP H 84 57.68 -30.33 -3.17
CA ASP H 84 56.38 -30.88 -2.84
C ASP H 84 56.26 -32.01 -1.79
N GLY H 85 57.07 -33.08 -1.84
CA GLY H 85 56.78 -34.20 -0.94
C GLY H 85 55.31 -34.54 -1.15
N THR H 86 54.54 -34.37 -0.10
CA THR H 86 53.09 -34.48 -0.17
C THR H 86 52.57 -33.22 0.50
N THR H 87 51.43 -32.67 0.09
CA THR H 87 50.99 -31.44 0.74
C THR H 87 50.39 -31.77 2.08
N SER H 88 51.03 -31.35 3.15
CA SER H 88 50.53 -31.64 4.49
C SER H 88 50.67 -30.47 5.45
N VAL H 89 51.67 -29.64 5.20
CA VAL H 89 52.03 -28.53 6.09
C VAL H 89 50.93 -27.49 6.33
N THR H 90 50.19 -27.14 5.29
CA THR H 90 49.11 -26.17 5.40
C THR H 90 48.02 -26.65 6.37
N VAL H 91 47.73 -27.94 6.29
CA VAL H 91 46.70 -28.60 7.09
C VAL H 91 46.95 -28.53 8.62
N LEU H 92 48.21 -28.74 9.05
CA LEU H 92 48.52 -28.69 10.48
C LEU H 92 48.23 -27.33 11.09
N ALA H 93 48.55 -26.29 10.33
CA ALA H 93 48.34 -24.93 10.79
C ALA H 93 46.86 -24.61 11.02
N ALA H 94 46.00 -25.10 10.13
CA ALA H 94 44.56 -24.85 10.18
C ALA H 94 43.85 -25.36 11.46
N GLU H 95 44.15 -26.58 11.86
CA GLU H 95 43.51 -27.22 13.03
C GLU H 95 43.92 -26.59 14.36
N LEU H 96 45.03 -25.86 14.31
CA LEU H 96 45.61 -25.14 15.45
C LEU H 96 44.57 -24.12 15.97
N LEU H 97 43.91 -23.50 15.02
CA LEU H 97 42.88 -22.48 15.22
C LEU H 97 41.65 -22.96 16.05
N ARG H 98 41.24 -24.21 15.89
CA ARG H 98 40.04 -24.76 16.61
C ARG H 98 40.22 -24.70 18.12
N GLU H 99 41.41 -24.98 18.57
CA GLU H 99 41.73 -24.93 19.99
C GLU H 99 41.49 -23.51 20.54
N ALA H 100 41.76 -22.49 19.72
CA ALA H 100 41.62 -21.08 20.15
C ALA H 100 40.21 -20.78 20.70
N GLU H 101 39.20 -21.53 20.26
CA GLU H 101 37.85 -21.36 20.81
C GLU H 101 37.92 -21.64 22.33
N SER H 102 38.71 -22.66 22.68
CA SER H 102 38.98 -23.05 24.07
C SER H 102 40.06 -22.16 24.74
N LEU H 103 40.75 -21.33 23.94
CA LEU H 103 41.78 -20.42 24.50
C LEU H 103 41.15 -19.22 25.18
N ILE H 104 39.85 -19.05 24.99
CA ILE H 104 39.12 -17.98 25.68
C ILE H 104 38.93 -18.41 27.14
N ALA H 105 38.89 -19.73 27.32
CA ALA H 105 38.79 -20.38 28.63
C ALA H 105 40.10 -20.18 29.42
N LYS H 106 41.20 -20.12 28.70
CA LYS H 106 42.51 -19.86 29.31
C LYS H 106 42.46 -18.47 30.00
N LYS H 107 41.78 -17.55 29.31
CA LYS H 107 41.49 -16.16 29.75
C LYS H 107 42.67 -15.21 30.04
N ILE H 108 43.73 -15.24 29.25
CA ILE H 108 44.83 -14.29 29.43
C ILE H 108 45.36 -13.79 28.07
N HIS H 109 46.42 -13.01 28.10
CA HIS H 109 47.05 -12.43 26.91
C HIS H 109 47.54 -13.50 25.91
N PRO H 110 46.98 -13.46 24.68
CA PRO H 110 47.31 -14.42 23.59
C PRO H 110 48.78 -14.43 23.15
N GLN H 111 49.44 -13.29 23.24
CA GLN H 111 50.86 -13.14 22.94
C GLN H 111 51.69 -13.96 23.94
N THR H 112 51.23 -13.91 25.17
CA THR H 112 51.77 -14.69 26.27
C THR H 112 51.66 -16.19 25.96
N ILE H 113 50.55 -16.58 25.35
CA ILE H 113 50.28 -17.97 24.94
C ILE H 113 51.37 -18.44 23.94
N ILE H 114 51.73 -17.53 23.05
CA ILE H 114 52.76 -17.70 21.99
C ILE H 114 54.03 -18.47 22.45
N ALA H 115 54.28 -18.52 23.76
CA ALA H 115 55.43 -19.26 24.30
C ALA H 115 55.34 -20.73 23.89
N GLY H 116 54.11 -21.16 23.59
CA GLY H 116 53.84 -22.52 23.13
C GLY H 116 54.61 -22.81 21.84
N TRP H 117 54.81 -21.80 21.02
CA TRP H 117 55.56 -21.94 19.77
C TRP H 117 56.99 -22.40 20.06
N ARG H 118 57.57 -21.85 21.12
CA ARG H 118 58.89 -22.24 21.59
C ARG H 118 58.82 -23.70 22.01
N GLU H 119 57.69 -24.00 22.64
CA GLU H 119 57.32 -25.34 23.10
C GLU H 119 57.24 -26.27 21.88
N ALA H 120 56.68 -25.73 20.80
CA ALA H 120 56.56 -26.40 19.51
C ALA H 120 57.95 -26.78 19.00
N THR H 121 58.92 -25.92 19.32
CA THR H 121 60.33 -26.16 18.96
C THR H 121 60.77 -27.48 19.61
N LYS H 122 60.34 -27.69 20.86
CA LYS H 122 60.63 -28.94 21.56
C LYS H 122 60.03 -30.10 20.75
N ALA H 123 58.83 -29.86 20.24
CA ALA H 123 58.14 -30.84 19.38
C ALA H 123 58.92 -31.04 18.08
N ALA H 124 59.44 -29.93 17.55
CA ALA H 124 60.22 -29.94 16.32
C ALA H 124 61.46 -30.81 16.43
N ARG H 125 62.17 -30.70 17.56
CA ARG H 125 63.37 -31.52 17.75
C ARG H 125 63.09 -32.88 18.41
N GLN H 126 61.88 -33.12 18.96
CA GLN H 126 61.55 -34.46 19.46
C GLN H 126 61.45 -35.41 18.28
N ALA H 127 60.85 -34.90 17.20
CA ALA H 127 60.75 -35.64 15.94
C ALA H 127 62.16 -35.96 15.42
N LEU H 128 63.04 -34.97 15.58
CA LEU H 128 64.44 -35.08 15.16
C LEU H 128 65.28 -35.86 16.18
N LEU H 129 66.41 -36.36 15.70
CA LEU H 129 67.40 -37.18 16.46
C LEU H 129 66.79 -38.46 17.08
N ASN H 130 65.49 -38.66 16.90
CA ASN H 130 64.83 -39.87 17.34
C ASN H 130 64.42 -40.63 16.08
N SER H 131 65.02 -41.80 15.86
CA SER H 131 64.79 -42.65 14.67
C SER H 131 65.60 -42.10 13.47
N ALA H 132 66.88 -42.54 13.41
CA ALA H 132 67.86 -42.12 12.37
C ALA H 132 67.42 -42.44 10.93
N VAL H 133 66.70 -43.55 10.80
CA VAL H 133 66.13 -44.10 9.54
C VAL H 133 67.02 -44.29 8.27
N ASP H 134 67.84 -43.35 7.77
CA ASP H 134 68.53 -43.70 6.50
C ASP H 134 70.05 -43.52 6.43
N HIS H 135 70.61 -44.39 5.60
CA HIS H 135 72.03 -44.44 5.27
C HIS H 135 72.13 -44.99 3.82
N GLY H 136 72.71 -44.26 2.87
CA GLY H 136 72.78 -44.81 1.49
C GLY H 136 72.75 -43.78 0.35
N SER H 137 72.19 -44.19 -0.80
CA SER H 137 72.11 -43.35 -2.02
C SER H 137 73.49 -42.86 -2.48
N ASP H 138 74.43 -43.81 -2.65
CA ASP H 138 75.82 -43.47 -3.01
C ASP H 138 75.95 -42.71 -4.35
N GLU H 139 75.28 -43.22 -5.40
CA GLU H 139 75.28 -42.61 -6.75
C GLU H 139 74.83 -43.66 -7.77
N VAL H 140 73.74 -43.43 -8.50
CA VAL H 140 73.23 -44.43 -9.46
C VAL H 140 72.47 -45.47 -8.65
N LYS H 141 73.26 -46.28 -7.96
CA LYS H 141 72.80 -47.30 -7.00
C LYS H 141 71.88 -48.39 -7.60
N PHE H 142 72.31 -49.63 -7.40
CA PHE H 142 71.63 -50.84 -7.89
C PHE H 142 70.17 -51.09 -7.42
N ARG H 143 69.91 -51.02 -6.11
CA ARG H 143 68.54 -51.30 -5.61
C ARG H 143 67.83 -50.14 -4.88
N GLN H 144 68.59 -49.17 -4.42
CA GLN H 144 68.02 -48.03 -3.68
C GLN H 144 67.65 -46.91 -4.63
N ASP H 145 67.79 -47.18 -5.92
CA ASP H 145 67.51 -46.19 -6.95
C ASP H 145 66.04 -45.74 -6.83
N LEU H 146 65.12 -46.68 -6.58
CA LEU H 146 63.71 -46.31 -6.37
C LEU H 146 62.91 -47.19 -5.41
N MET H 147 61.60 -47.17 -5.66
CA MET H 147 60.58 -47.78 -4.83
C MET H 147 60.68 -47.13 -3.47
N ASN H 148 60.91 -45.81 -3.52
CA ASN H 148 61.07 -45.00 -2.32
C ASN H 148 60.19 -43.74 -2.32
N ILE H 149 60.85 -42.59 -2.25
CA ILE H 149 60.21 -41.27 -2.20
C ILE H 149 59.40 -40.93 -3.47
N ALA H 150 59.90 -41.29 -4.64
CA ALA H 150 59.16 -40.99 -5.85
C ALA H 150 57.80 -41.67 -5.76
N GLY H 151 57.79 -42.89 -5.24
CA GLY H 151 56.54 -43.60 -5.05
C GLY H 151 55.58 -42.87 -4.11
N THR H 152 56.11 -42.26 -3.03
CA THR H 152 55.26 -41.52 -2.07
C THR H 152 54.66 -40.24 -2.64
N THR H 153 55.42 -39.48 -3.42
CA THR H 153 54.88 -38.27 -4.03
C THR H 153 53.73 -38.65 -4.95
N LEU H 154 53.95 -39.75 -5.64
CA LEU H 154 53.00 -40.37 -6.53
C LEU H 154 51.86 -40.99 -5.78
N SER H 155 52.09 -41.31 -4.52
CA SER H 155 51.05 -41.89 -3.70
C SER H 155 49.91 -40.90 -3.65
N SER H 156 50.22 -39.62 -3.54
CA SER H 156 49.20 -38.56 -3.42
C SER H 156 48.24 -38.59 -4.63
N LYS H 157 48.77 -38.91 -5.76
CA LYS H 157 47.99 -38.99 -6.98
C LYS H 157 47.60 -40.45 -7.32
N LEU H 158 46.31 -40.68 -7.55
CA LEU H 158 45.74 -42.03 -7.87
C LEU H 158 46.41 -42.82 -9.03
N LEU H 159 47.44 -42.27 -9.66
CA LEU H 159 48.07 -42.94 -10.82
C LEU H 159 48.80 -44.22 -10.39
N THR H 160 49.01 -44.34 -9.08
CA THR H 160 49.76 -45.42 -8.43
C THR H 160 49.34 -46.84 -8.84
N HIS H 161 48.16 -47.03 -9.42
CA HIS H 161 47.76 -48.40 -9.77
C HIS H 161 48.75 -49.02 -10.77
N HIS H 162 49.23 -48.22 -11.73
CA HIS H 162 50.29 -48.65 -12.64
C HIS H 162 51.49 -47.70 -12.62
N LYS H 163 51.26 -46.48 -12.14
CA LYS H 163 52.28 -45.41 -12.13
C LYS H 163 53.52 -45.76 -11.34
N ASP H 164 53.38 -46.41 -10.19
CA ASP H 164 54.57 -46.67 -9.35
C ASP H 164 55.69 -47.33 -10.15
N HIS H 165 55.34 -48.16 -11.13
CA HIS H 165 56.34 -48.74 -12.05
C HIS H 165 57.07 -47.63 -12.84
N PHE H 166 56.30 -46.62 -13.25
CA PHE H 166 56.77 -45.48 -14.04
C PHE H 166 57.72 -44.59 -13.24
N THR H 167 57.38 -44.40 -11.97
CA THR H 167 58.20 -43.57 -11.10
C THR H 167 59.54 -44.23 -10.81
N LYS H 168 59.55 -45.56 -10.86
CA LYS H 168 60.79 -46.32 -10.68
C LYS H 168 61.79 -45.91 -11.78
N LEU H 169 61.22 -45.74 -12.94
CA LEU H 169 61.88 -45.31 -14.17
C LEU H 169 62.52 -43.91 -14.01
N ALA H 170 61.81 -43.02 -13.34
CA ALA H 170 62.22 -41.60 -13.19
C ALA H 170 63.61 -41.42 -12.56
N VAL H 171 63.99 -42.20 -11.55
CA VAL H 171 65.35 -42.08 -11.00
C VAL H 171 66.42 -42.36 -12.04
N GLU H 172 66.13 -43.24 -12.98
CA GLU H 172 67.08 -43.52 -14.06
C GLU H 172 67.33 -42.21 -14.80
N ALA H 173 66.26 -41.44 -14.99
CA ALA H 173 66.34 -40.11 -15.61
C ALA H 173 67.22 -39.15 -14.79
N VAL H 174 67.10 -39.23 -13.47
CA VAL H 174 67.88 -38.38 -12.57
C VAL H 174 69.37 -38.73 -12.58
N LEU H 175 69.68 -40.03 -12.62
CA LEU H 175 71.08 -40.47 -12.60
C LEU H 175 71.89 -39.92 -13.77
N ARG H 176 71.26 -39.89 -14.94
CA ARG H 176 71.87 -39.32 -16.14
C ARG H 176 71.99 -37.79 -16.05
N LEU H 177 71.06 -37.17 -15.31
CA LEU H 177 70.99 -35.71 -15.22
C LEU H 177 71.81 -35.07 -14.06
N LYS H 178 72.17 -35.82 -13.03
CA LYS H 178 72.91 -35.25 -11.89
C LYS H 178 74.28 -34.64 -12.25
N GLY H 179 74.98 -35.25 -13.19
CA GLY H 179 76.30 -34.78 -13.61
C GLY H 179 76.28 -33.78 -14.78
N SER H 180 77.47 -33.59 -15.36
CA SER H 180 77.74 -32.68 -16.53
C SER H 180 77.33 -31.19 -16.36
N GLY H 181 76.18 -30.88 -15.79
CA GLY H 181 75.82 -29.48 -15.61
C GLY H 181 74.38 -29.11 -15.98
N ASN H 182 73.76 -28.31 -15.08
CA ASN H 182 72.39 -27.77 -15.23
C ASN H 182 71.30 -28.67 -14.64
N LEU H 183 70.08 -28.24 -14.90
CA LEU H 183 68.86 -28.95 -14.57
C LEU H 183 67.97 -28.75 -15.77
N GLU H 184 68.41 -29.41 -16.80
CA GLU H 184 67.83 -29.37 -18.12
C GLU H 184 67.91 -30.75 -18.73
N ALA H 185 67.21 -30.92 -19.82
CA ALA H 185 67.22 -32.17 -20.64
C ALA H 185 66.21 -33.24 -20.21
N ILE H 186 65.19 -32.85 -19.47
CA ILE H 186 64.18 -33.83 -19.09
C ILE H 186 62.78 -33.42 -19.61
N HIS H 187 62.17 -34.25 -20.44
CA HIS H 187 60.83 -33.94 -20.98
C HIS H 187 59.94 -35.18 -20.94
N VAL H 188 58.70 -35.03 -20.49
CA VAL H 188 57.79 -36.18 -20.43
C VAL H 188 56.40 -35.93 -21.06
N ILE H 189 56.00 -36.86 -21.93
CA ILE H 189 54.69 -36.85 -22.59
C ILE H 189 54.00 -38.22 -22.45
N LYS H 190 52.69 -38.25 -22.63
CA LYS H 190 51.92 -39.48 -22.50
C LYS H 190 51.22 -39.81 -23.82
N LYS H 191 51.09 -41.09 -24.11
CA LYS H 191 50.46 -41.51 -25.36
C LYS H 191 49.38 -42.55 -25.10
N LEU H 192 48.36 -42.58 -25.94
CA LEU H 192 47.27 -43.52 -25.75
C LEU H 192 47.45 -44.78 -26.60
N GLY H 193 47.71 -45.85 -25.88
CA GLY H 193 47.94 -47.18 -26.42
C GLY H 193 48.48 -48.05 -25.30
N GLY H 194 47.60 -48.34 -24.36
CA GLY H 194 47.94 -49.06 -23.14
C GLY H 194 48.52 -50.46 -23.28
N SER H 195 49.50 -50.70 -22.42
CA SER H 195 50.20 -51.98 -22.30
C SER H 195 50.67 -52.14 -20.85
N LEU H 196 51.03 -53.35 -20.43
CA LEU H 196 51.46 -53.59 -19.04
C LEU H 196 52.70 -52.75 -18.67
N ALA H 197 53.66 -52.65 -19.59
CA ALA H 197 54.92 -51.90 -19.34
C ALA H 197 54.66 -50.43 -19.01
N ASP H 198 53.70 -49.85 -19.73
CA ASP H 198 53.26 -48.45 -19.51
C ASP H 198 54.32 -47.37 -19.82
N SER H 199 55.55 -47.72 -20.10
CA SER H 199 56.57 -46.72 -20.42
C SER H 199 57.75 -47.31 -21.16
N TYR H 200 58.41 -46.53 -22.00
CA TYR H 200 59.61 -47.02 -22.68
C TYR H 200 60.89 -46.37 -22.20
N LEU H 201 61.24 -45.26 -22.87
CA LEU H 201 62.44 -44.42 -22.60
C LEU H 201 63.05 -44.00 -23.94
N ASP H 202 62.79 -42.79 -24.40
CA ASP H 202 63.39 -42.36 -25.65
C ASP H 202 64.79 -41.82 -25.39
N GLU H 203 65.73 -42.27 -26.21
CA GLU H 203 67.11 -41.82 -26.09
C GLU H 203 67.22 -40.35 -26.52
N GLY H 204 66.34 -39.96 -27.44
CA GLY H 204 66.32 -38.60 -27.96
C GLY H 204 65.28 -37.72 -27.28
N PHE H 205 64.78 -36.73 -28.01
CA PHE H 205 63.78 -35.80 -27.49
C PHE H 205 62.43 -35.90 -28.23
N LEU H 206 61.33 -35.86 -27.49
CA LEU H 206 59.98 -35.94 -28.06
C LEU H 206 59.28 -34.57 -27.99
N LEU H 207 58.74 -34.11 -29.11
CA LEU H 207 58.05 -32.80 -29.18
C LEU H 207 56.70 -32.89 -29.92
N ASP H 208 55.71 -32.11 -29.49
CA ASP H 208 54.42 -32.09 -30.19
C ASP H 208 54.21 -30.74 -30.91
N LYS H 209 54.26 -30.73 -32.25
CA LYS H 209 54.02 -29.50 -33.03
C LYS H 209 54.09 -29.76 -34.55
N LYS H 210 53.70 -28.78 -35.36
CA LYS H 210 53.75 -28.94 -36.83
C LYS H 210 54.01 -27.60 -37.55
N ILE H 211 54.79 -27.64 -38.64
CA ILE H 211 55.11 -26.43 -39.44
C ILE H 211 53.84 -25.78 -39.99
N GLY H 212 53.05 -26.65 -40.61
CA GLY H 212 51.81 -26.31 -41.26
C GLY H 212 51.32 -27.49 -42.07
N VAL H 213 50.20 -27.38 -42.77
CA VAL H 213 49.68 -28.49 -43.58
C VAL H 213 50.64 -28.95 -44.69
N ASN H 214 51.28 -28.00 -45.38
CA ASN H 214 52.24 -28.37 -46.44
C ASN H 214 53.62 -28.68 -45.83
N GLN H 215 54.50 -29.27 -46.65
CA GLN H 215 55.91 -29.64 -46.27
C GLN H 215 56.09 -31.16 -46.42
N PRO H 216 57.31 -31.67 -46.74
CA PRO H 216 57.51 -33.13 -46.85
C PRO H 216 57.20 -33.85 -45.56
N LYS H 217 56.60 -35.03 -45.70
CA LYS H 217 56.21 -35.85 -44.55
C LYS H 217 57.37 -36.28 -43.63
N ARG H 218 58.50 -36.67 -44.21
CA ARG H 218 59.63 -37.18 -43.43
C ARG H 218 60.99 -36.68 -43.94
N ILE H 219 61.93 -36.51 -43.00
CA ILE H 219 63.28 -36.08 -43.34
C ILE H 219 64.33 -37.12 -42.90
N GLU H 220 65.33 -37.34 -43.76
CA GLU H 220 66.39 -38.34 -43.54
C GLU H 220 67.77 -37.68 -43.50
N ASN H 221 68.68 -38.15 -42.62
CA ASN H 221 70.00 -37.51 -42.49
C ASN H 221 69.77 -36.08 -42.08
N ALA H 222 68.80 -35.94 -41.19
CA ALA H 222 68.30 -34.66 -40.74
C ALA H 222 69.35 -33.79 -40.07
N LYS H 223 69.25 -32.52 -40.39
CA LYS H 223 70.13 -31.51 -39.85
C LYS H 223 69.25 -30.53 -39.09
N ILE H 224 69.73 -30.08 -37.95
CA ILE H 224 68.91 -29.26 -37.06
C ILE H 224 69.43 -27.83 -36.92
N LEU H 225 68.52 -26.89 -37.09
CA LEU H 225 68.86 -25.49 -36.97
C LEU H 225 68.04 -24.87 -35.82
N ILE H 226 68.73 -24.23 -34.87
CA ILE H 226 68.07 -23.57 -33.72
C ILE H 226 68.40 -22.07 -33.73
N ALA H 227 67.38 -21.23 -33.76
CA ALA H 227 67.64 -19.78 -33.79
C ALA H 227 67.05 -19.01 -32.60
N ASN H 228 67.91 -18.21 -31.97
CA ASN H 228 67.52 -17.31 -30.87
C ASN H 228 66.50 -16.27 -31.32
N GLU H 253 62.21 0.09 -50.96
CA GLU H 253 63.40 -0.65 -50.52
C GLU H 253 63.05 -1.50 -49.29
N ILE H 254 62.10 -1.04 -48.46
CA ILE H 254 61.65 -1.83 -47.31
C ILE H 254 61.07 -3.16 -47.79
N GLU H 255 60.18 -3.09 -48.79
CA GLU H 255 59.59 -4.29 -49.40
C GLU H 255 60.68 -5.20 -50.00
N HIS H 256 61.64 -4.56 -50.67
CA HIS H 256 62.78 -5.25 -51.30
C HIS H 256 63.63 -6.02 -50.28
N ALA H 257 63.83 -5.40 -49.12
CA ALA H 257 64.66 -5.96 -48.05
C ALA H 257 64.13 -7.31 -47.61
N GLU H 258 62.81 -7.44 -47.53
CA GLU H 258 62.20 -8.70 -47.13
C GLU H 258 62.56 -9.84 -48.09
N LYS H 259 62.58 -9.57 -49.40
CA LYS H 259 62.90 -10.61 -50.38
C LYS H 259 64.32 -11.16 -50.18
N GLU H 260 65.28 -10.28 -49.88
CA GLU H 260 66.67 -10.71 -49.63
C GLU H 260 66.74 -11.64 -48.42
N LYS H 261 65.96 -11.31 -47.40
CA LYS H 261 65.91 -12.06 -46.15
C LYS H 261 65.46 -13.50 -46.44
N MET H 262 64.48 -13.61 -47.33
CA MET H 262 64.02 -14.92 -47.83
C MET H 262 65.14 -15.68 -48.53
N LYS H 263 65.77 -14.94 -49.43
CA LYS H 263 66.83 -15.43 -50.29
C LYS H 263 68.07 -15.93 -49.53
N GLU H 264 68.48 -15.23 -48.48
CA GLU H 264 69.64 -15.67 -47.68
C GLU H 264 69.38 -17.04 -47.05
N LYS H 265 68.14 -17.20 -46.58
CA LYS H 265 67.70 -18.41 -45.91
C LYS H 265 67.79 -19.65 -46.83
N VAL H 266 67.34 -19.50 -48.08
CA VAL H 266 67.38 -20.60 -49.04
C VAL H 266 68.80 -20.96 -49.51
N GLU H 267 69.61 -19.93 -49.80
CA GLU H 267 70.97 -20.16 -50.32
C GLU H 267 71.85 -20.96 -49.36
N ARG H 268 71.81 -20.57 -48.09
CA ARG H 268 72.57 -21.25 -47.03
C ARG H 268 72.00 -22.64 -46.74
N ILE H 269 70.68 -22.69 -46.75
CA ILE H 269 69.89 -23.91 -46.50
C ILE H 269 70.14 -25.06 -47.47
N LEU H 270 70.11 -24.80 -48.77
CA LEU H 270 70.28 -25.86 -49.77
C LEU H 270 71.61 -26.61 -49.67
N LYS H 271 72.72 -25.88 -49.46
CA LYS H 271 74.05 -26.52 -49.38
C LYS H 271 74.15 -27.52 -48.23
N HIS H 272 73.56 -27.15 -47.10
CA HIS H 272 73.54 -27.98 -45.90
C HIS H 272 72.69 -29.23 -46.10
N GLY H 273 71.56 -29.08 -46.78
CA GLY H 273 70.64 -30.18 -46.96
C GLY H 273 69.55 -30.16 -45.89
N ILE H 274 69.56 -29.05 -45.15
CA ILE H 274 68.62 -28.74 -44.05
C ILE H 274 67.31 -29.54 -44.05
N ASN H 275 67.21 -30.43 -43.11
CA ASN H 275 66.02 -31.25 -42.98
C ASN H 275 64.96 -30.66 -42.03
N CYS H 276 65.40 -30.00 -40.95
CA CYS H 276 64.46 -29.45 -39.98
C CYS H 276 64.99 -28.19 -39.28
N PHE H 277 64.10 -27.24 -39.11
CA PHE H 277 64.42 -25.98 -38.44
C PHE H 277 63.55 -25.82 -37.19
N ILE H 278 64.16 -25.52 -36.05
CA ILE H 278 63.40 -25.33 -34.81
C ILE H 278 63.62 -23.92 -34.26
N ASN H 279 62.54 -23.16 -34.14
CA ASN H 279 62.64 -21.80 -33.65
C ASN H 279 61.82 -21.61 -32.38
N ARG H 280 62.42 -21.04 -31.35
CA ARG H 280 61.72 -20.82 -30.08
C ARG H 280 61.01 -19.46 -30.04
N GLN H 281 60.00 -19.29 -30.89
CA GLN H 281 59.18 -18.06 -30.93
C GLN H 281 58.26 -18.05 -32.15
N LEU H 282 57.65 -16.90 -32.38
CA LEU H 282 56.75 -16.75 -33.53
C LEU H 282 57.58 -16.74 -34.82
N ILE H 283 57.01 -17.26 -35.90
CA ILE H 283 57.73 -17.37 -37.16
C ILE H 283 57.06 -16.53 -38.26
N TYR H 284 57.88 -15.81 -38.98
CA TYR H 284 57.42 -14.91 -40.03
C TYR H 284 56.89 -15.73 -41.22
N ASN H 285 55.78 -15.26 -41.80
CA ASN H 285 55.08 -15.98 -42.88
C ASN H 285 55.86 -16.24 -44.19
N TYR H 286 56.66 -15.27 -44.66
CA TYR H 286 57.41 -15.46 -45.93
C TYR H 286 58.23 -16.76 -46.02
N PRO H 287 59.05 -17.08 -45.00
CA PRO H 287 59.89 -18.31 -45.01
C PRO H 287 59.08 -19.59 -45.09
N GLU H 288 57.85 -19.54 -44.60
CA GLU H 288 57.02 -20.72 -44.55
C GLU H 288 56.77 -21.31 -45.93
N GLN H 289 56.56 -20.43 -46.92
CA GLN H 289 56.33 -20.89 -48.29
C GLN H 289 57.58 -21.56 -48.87
N LEU H 290 58.75 -20.98 -48.56
CA LEU H 290 60.04 -21.49 -49.03
C LEU H 290 60.37 -22.88 -48.48
N PHE H 291 60.11 -23.08 -47.19
CA PHE H 291 60.39 -24.36 -46.53
C PHE H 291 59.61 -25.52 -47.18
N GLY H 292 58.35 -25.25 -47.53
CA GLY H 292 57.52 -26.26 -48.17
C GLY H 292 58.05 -26.76 -49.50
N ALA H 293 58.43 -25.81 -50.37
CA ALA H 293 58.98 -26.15 -51.69
C ALA H 293 60.38 -26.79 -51.59
N ALA H 294 61.19 -26.25 -50.68
CA ALA H 294 62.55 -26.75 -50.45
C ALA H 294 62.57 -28.20 -49.96
N GLY H 295 61.62 -28.50 -49.09
CA GLY H 295 61.52 -29.82 -48.49
C GLY H 295 62.13 -29.83 -47.10
N VAL H 296 61.87 -28.75 -46.36
CA VAL H 296 62.41 -28.56 -45.02
C VAL H 296 61.29 -28.40 -43.97
N MET H 297 61.38 -29.17 -42.89
CA MET H 297 60.37 -29.11 -41.83
C MET H 297 60.80 -28.17 -40.68
N ALA H 298 59.99 -27.14 -40.43
CA ALA H 298 60.27 -26.16 -39.38
C ALA H 298 59.24 -26.23 -38.24
N ILE H 299 59.62 -25.79 -37.05
CA ILE H 299 58.69 -25.83 -35.92
C ILE H 299 58.44 -24.43 -35.36
N GLU H 300 57.18 -24.02 -35.40
CA GLU H 300 56.75 -22.70 -34.93
C GLU H 300 56.45 -22.66 -33.43
N HIS H 301 57.04 -21.67 -32.76
CA HIS H 301 56.84 -21.47 -31.31
C HIS H 301 57.27 -22.67 -30.48
N ALA H 302 58.38 -23.31 -30.84
CA ALA H 302 58.87 -24.43 -30.05
C ALA H 302 59.21 -23.91 -28.66
N ASP H 303 58.90 -24.66 -27.62
CA ASP H 303 59.16 -24.18 -26.28
C ASP H 303 60.65 -24.23 -25.93
N PHE H 304 61.05 -23.18 -25.22
CA PHE H 304 62.45 -22.94 -24.83
C PHE H 304 62.99 -24.08 -23.98
N VAL H 305 62.15 -24.57 -23.08
CA VAL H 305 62.56 -25.63 -22.17
C VAL H 305 62.99 -26.87 -22.96
N GLY H 306 62.27 -27.19 -24.04
CA GLY H 306 62.65 -28.30 -24.90
C GLY H 306 63.92 -28.03 -25.72
N VAL H 307 64.05 -26.80 -26.21
CA VAL H 307 65.19 -26.37 -27.06
C VAL H 307 66.58 -26.47 -26.39
N GLU H 308 66.68 -26.01 -25.14
CA GLU H 308 67.96 -26.08 -24.41
C GLU H 308 68.39 -27.53 -24.28
N ARG H 309 67.39 -28.36 -24.01
CA ARG H 309 67.57 -29.78 -23.83
C ARG H 309 68.10 -30.45 -25.10
N LEU H 310 67.57 -30.00 -26.21
CA LEU H 310 67.93 -30.52 -27.52
C LEU H 310 69.42 -30.26 -27.81
N ALA H 311 69.90 -29.07 -27.44
CA ALA H 311 71.30 -28.68 -27.69
C ALA H 311 72.31 -29.62 -27.01
N LEU H 312 72.10 -29.96 -25.75
CA LEU H 312 73.03 -30.86 -25.05
C LEU H 312 73.03 -32.22 -25.79
N VAL H 313 71.83 -32.63 -26.19
CA VAL H 313 71.60 -33.89 -26.92
C VAL H 313 72.24 -33.96 -28.33
N THR H 314 72.18 -32.87 -29.09
CA THR H 314 72.70 -32.84 -30.48
C THR H 314 74.18 -32.40 -30.58
N GLY H 315 74.79 -32.10 -29.45
CA GLY H 315 76.16 -31.61 -29.46
C GLY H 315 76.20 -30.09 -29.40
N GLY H 316 75.02 -29.51 -29.49
CA GLY H 316 74.86 -28.07 -29.37
C GLY H 316 74.94 -27.31 -30.66
N GLU H 317 74.68 -26.02 -30.52
CA GLU H 317 74.71 -25.09 -31.63
C GLU H 317 75.12 -23.73 -31.10
N ILE H 318 75.62 -22.87 -31.95
CA ILE H 318 75.84 -21.50 -31.53
C ILE H 318 74.67 -20.77 -32.13
N ALA H 319 73.75 -20.30 -31.30
CA ALA H 319 72.54 -19.68 -31.81
C ALA H 319 72.65 -18.17 -31.82
N SER H 320 72.50 -17.63 -33.02
CA SER H 320 72.58 -16.20 -33.25
C SER H 320 71.75 -15.81 -34.48
N THR H 321 72.28 -14.90 -35.29
CA THR H 321 71.62 -14.42 -36.50
C THR H 321 71.81 -15.42 -37.64
N PHE H 322 71.09 -15.22 -38.75
CA PHE H 322 71.10 -16.12 -39.94
C PHE H 322 72.45 -16.70 -40.38
N ASP H 323 73.55 -16.23 -39.81
CA ASP H 323 74.87 -16.79 -40.05
C ASP H 323 74.93 -18.19 -39.38
N HIS H 324 74.00 -18.38 -38.43
CA HIS H 324 73.85 -19.62 -37.63
C HIS H 324 74.08 -20.97 -38.37
N PRO H 325 73.65 -21.20 -39.64
CA PRO H 325 73.89 -22.48 -40.38
C PRO H 325 75.36 -22.98 -40.36
N GLU H 326 75.63 -23.95 -41.25
CA GLU H 326 76.95 -24.60 -41.40
C GLU H 326 77.71 -24.88 -40.06
N LEU H 327 78.99 -24.48 -39.98
CA LEU H 327 79.90 -24.82 -38.86
C LEU H 327 79.44 -24.35 -37.47
N VAL H 328 78.89 -23.15 -37.34
CA VAL H 328 78.46 -22.71 -36.01
C VAL H 328 77.33 -23.62 -35.47
N LYS H 329 76.66 -24.34 -36.39
CA LYS H 329 75.62 -25.34 -36.02
C LYS H 329 76.16 -26.76 -36.04
N LEU H 330 75.94 -27.50 -34.97
CA LEU H 330 76.31 -28.90 -34.96
C LEU H 330 75.02 -29.70 -35.05
N GLY H 331 74.95 -30.60 -36.01
CA GLY H 331 73.72 -31.35 -36.19
C GLY H 331 73.85 -32.86 -36.01
N SER H 332 72.83 -33.43 -35.40
CA SER H 332 72.75 -34.88 -35.20
C SER H 332 71.81 -35.40 -36.29
N CYS H 333 72.29 -36.35 -37.06
CA CYS H 333 71.56 -36.81 -38.23
C CYS H 333 70.93 -38.22 -38.21
N LYS H 334 70.69 -38.89 -37.07
CA LYS H 334 70.08 -40.23 -37.19
C LYS H 334 68.72 -40.19 -37.88
N LEU H 335 67.82 -39.30 -37.43
CA LEU H 335 66.48 -39.22 -38.03
C LEU H 335 65.50 -38.32 -37.25
N ILE H 336 64.84 -37.41 -37.95
CA ILE H 336 63.78 -36.60 -37.36
C ILE H 336 62.49 -36.85 -38.13
N GLU H 337 61.44 -37.25 -37.45
CA GLU H 337 60.20 -37.53 -38.15
C GLU H 337 58.97 -37.26 -37.29
N GLU H 338 57.84 -37.08 -37.94
CA GLU H 338 56.59 -36.91 -37.22
C GLU H 338 55.97 -38.29 -37.19
N VAL H 339 55.75 -38.79 -35.99
CA VAL H 339 55.31 -40.16 -35.81
C VAL H 339 53.99 -40.29 -35.10
N MET H 340 53.16 -41.16 -35.62
CA MET H 340 51.90 -41.42 -34.99
C MET H 340 52.13 -42.53 -33.98
N ILE H 341 51.87 -42.25 -32.73
CA ILE H 341 51.99 -43.28 -31.72
C ILE H 341 50.61 -43.35 -31.14
N GLY H 342 49.97 -44.49 -31.21
CA GLY H 342 48.62 -44.56 -30.73
C GLY H 342 47.67 -43.72 -31.60
N GLU H 343 47.54 -42.42 -31.27
CA GLU H 343 46.60 -41.53 -31.99
C GLU H 343 47.12 -40.09 -32.28
N ASP H 344 47.46 -39.36 -31.20
CA ASP H 344 47.87 -37.93 -31.25
C ASP H 344 49.14 -37.67 -32.11
N LYS H 345 49.13 -36.57 -32.87
CA LYS H 345 50.26 -36.17 -33.72
C LYS H 345 51.44 -35.67 -32.88
N LEU H 346 52.61 -36.26 -33.06
CA LEU H 346 53.83 -35.86 -32.35
C LEU H 346 55.05 -35.96 -33.26
N ILE H 347 56.11 -35.26 -32.91
CA ILE H 347 57.35 -35.32 -33.70
C ILE H 347 58.48 -35.88 -32.83
N HIS H 348 59.18 -36.86 -33.37
CA HIS H 348 60.22 -37.55 -32.61
C HIS H 348 61.64 -37.28 -33.08
N PHE H 349 62.44 -36.77 -32.15
CA PHE H 349 63.86 -36.55 -32.38
C PHE H 349 64.56 -37.74 -31.72
N SER H 350 65.38 -38.47 -32.45
CA SER H 350 66.01 -39.65 -31.86
C SER H 350 67.37 -39.97 -32.48
N GLY H 351 68.08 -40.90 -31.84
CA GLY H 351 69.39 -41.28 -32.33
C GLY H 351 70.50 -40.32 -31.94
N VAL H 352 70.38 -39.73 -30.76
CA VAL H 352 71.38 -38.78 -30.30
C VAL H 352 72.69 -39.49 -29.95
N ALA H 353 73.77 -38.96 -30.51
CA ALA H 353 75.11 -39.50 -30.30
C ALA H 353 75.61 -39.35 -28.85
N LEU H 354 75.33 -38.19 -28.23
CA LEU H 354 75.79 -37.92 -26.87
C LEU H 354 75.26 -38.93 -25.83
N GLY H 355 73.95 -39.19 -25.85
CA GLY H 355 73.36 -40.16 -24.94
C GLY H 355 73.17 -39.65 -23.51
N GLU H 356 73.82 -38.52 -23.20
CA GLU H 356 73.76 -37.91 -21.86
C GLU H 356 72.35 -37.54 -21.41
N ALA H 357 71.55 -37.02 -22.33
CA ALA H 357 70.19 -36.61 -22.02
C ALA H 357 69.15 -37.44 -22.76
N CYS H 358 68.15 -37.89 -22.02
CA CYS H 358 67.08 -38.71 -22.60
C CYS H 358 65.68 -38.20 -22.23
N THR H 359 64.71 -38.69 -22.95
CA THR H 359 63.30 -38.33 -22.76
C THR H 359 62.47 -39.56 -22.41
N ILE H 360 61.68 -39.48 -21.37
CA ILE H 360 60.89 -40.64 -20.98
C ILE H 360 59.46 -40.50 -21.48
N VAL H 361 59.07 -41.48 -22.28
CA VAL H 361 57.73 -41.50 -22.83
C VAL H 361 56.95 -42.62 -22.20
N LEU H 362 55.87 -42.24 -21.56
CA LEU H 362 55.03 -43.18 -20.86
C LEU H 362 53.66 -43.29 -21.51
N ARG H 363 53.15 -44.49 -21.58
CA ARG H 363 51.86 -44.76 -22.19
C ARG H 363 50.86 -45.11 -21.09
N GLY H 364 49.70 -44.48 -21.09
CA GLY H 364 48.73 -44.72 -20.04
C GLY H 364 47.48 -45.48 -20.45
N ALA H 365 46.50 -45.42 -19.55
CA ALA H 365 45.20 -46.09 -19.75
C ALA H 365 44.10 -45.13 -20.22
N THR H 366 44.49 -43.88 -20.54
CA THR H 366 43.57 -42.83 -21.06
C THR H 366 42.56 -42.30 -19.99
N GLN H 367 43.07 -41.46 -19.09
CA GLN H 367 42.28 -40.86 -17.99
C GLN H 367 42.98 -39.58 -17.48
N GLN H 368 42.36 -38.74 -16.62
CA GLN H 368 43.10 -37.56 -16.10
C GLN H 368 44.32 -38.04 -15.37
N ILE H 369 44.14 -39.13 -14.67
CA ILE H 369 45.22 -39.79 -13.96
C ILE H 369 46.42 -40.00 -14.93
N LEU H 370 46.17 -40.17 -16.23
CA LEU H 370 47.27 -40.19 -17.21
C LEU H 370 48.08 -38.83 -17.24
N ASP H 371 47.36 -37.69 -17.15
CA ASP H 371 47.98 -36.33 -17.11
C ASP H 371 48.70 -36.12 -15.78
N GLU H 372 48.27 -36.96 -14.86
CA GLU H 372 48.76 -37.05 -13.49
C GLU H 372 50.27 -37.39 -13.56
N ALA H 373 50.60 -38.28 -14.50
CA ALA H 373 51.99 -38.74 -14.75
C ALA H 373 52.94 -37.57 -15.11
N GLU H 374 52.37 -36.45 -15.55
CA GLU H 374 53.13 -35.25 -15.90
C GLU H 374 53.93 -34.69 -14.73
N ARG H 375 53.33 -34.70 -13.57
CA ARG H 375 53.98 -34.14 -12.39
C ARG H 375 54.75 -35.19 -11.58
N SER H 376 54.60 -36.46 -11.90
CA SER H 376 55.33 -37.51 -11.19
C SER H 376 56.85 -37.47 -11.46
N LEU H 377 57.20 -37.22 -12.72
CA LEU H 377 58.61 -37.14 -13.12
C LEU H 377 59.31 -35.91 -12.54
N HIS H 378 58.58 -34.78 -12.53
CA HIS H 378 59.10 -33.52 -11.98
C HIS H 378 59.45 -33.68 -10.52
N ASP H 379 58.58 -34.40 -9.86
CA ASP H 379 58.70 -34.70 -8.48
C ASP H 379 59.94 -35.56 -8.19
N ALA H 380 60.22 -36.53 -9.07
CA ALA H 380 61.37 -37.44 -8.92
C ALA H 380 62.79 -36.85 -9.06
N LEU H 381 63.05 -35.98 -10.05
CA LEU H 381 64.42 -35.43 -10.22
C LEU H 381 64.90 -34.66 -8.99
N CYS H 382 64.02 -33.81 -8.51
CA CYS H 382 64.31 -32.94 -7.38
C CYS H 382 64.67 -33.70 -6.09
N VAL H 383 63.97 -34.79 -5.82
CA VAL H 383 64.22 -35.55 -4.58
C VAL H 383 65.62 -36.11 -4.47
N LEU H 384 66.10 -36.80 -5.49
CA LEU H 384 67.41 -37.44 -5.43
C LEU H 384 68.55 -36.47 -5.20
N ALA H 385 68.50 -35.31 -5.84
CA ALA H 385 69.54 -34.32 -5.62
C ALA H 385 69.58 -33.90 -4.15
N GLN H 386 68.41 -33.58 -3.60
CA GLN H 386 68.30 -33.19 -2.19
C GLN H 386 68.54 -34.37 -1.23
N THR H 387 68.03 -35.55 -1.58
CA THR H 387 68.16 -36.76 -0.75
C THR H 387 69.61 -37.20 -0.55
N VAL H 388 70.42 -37.13 -1.60
CA VAL H 388 71.82 -37.51 -1.47
C VAL H 388 72.60 -36.55 -0.53
N LYS H 389 72.34 -35.25 -0.69
CA LYS H 389 73.01 -34.20 0.10
C LYS H 389 72.64 -34.13 1.60
N ASP H 390 71.35 -34.32 1.93
CA ASP H 390 70.90 -34.24 3.35
C ASP H 390 71.40 -35.42 4.22
N SER H 391 71.41 -36.61 3.63
CA SER H 391 71.82 -37.86 4.30
C SER H 391 70.80 -38.30 5.36
N ARG H 392 69.63 -37.67 5.36
CA ARG H 392 68.55 -37.99 6.29
C ARG H 392 67.16 -37.97 5.64
N THR H 393 66.26 -38.77 6.20
CA THR H 393 64.86 -38.89 5.74
C THR H 393 63.93 -39.21 6.91
N VAL H 394 62.64 -39.18 6.67
CA VAL H 394 61.66 -39.57 7.71
C VAL H 394 60.67 -40.59 7.12
N TYR H 395 59.99 -41.34 7.97
CA TYR H 395 59.03 -42.31 7.46
C TYR H 395 57.78 -41.57 6.96
N GLY H 396 57.32 -41.94 5.77
CA GLY H 396 56.17 -41.28 5.17
C GLY H 396 54.84 -41.90 5.55
N GLY H 397 53.77 -41.46 4.88
CA GLY H 397 52.45 -42.01 5.15
C GLY H 397 51.91 -41.60 6.50
N GLY H 398 52.44 -40.50 7.03
CA GLY H 398 51.99 -40.00 8.32
C GLY H 398 52.61 -40.73 9.52
N CYS H 399 53.62 -41.57 9.28
CA CYS H 399 54.25 -42.30 10.38
C CYS H 399 54.86 -41.35 11.41
N SER H 400 55.58 -40.36 10.90
CA SER H 400 56.22 -39.35 11.74
C SER H 400 55.20 -38.53 12.53
N GLU H 401 54.10 -38.20 11.87
CA GLU H 401 53.06 -37.37 12.47
C GLU H 401 52.42 -37.97 13.72
N MET H 402 52.05 -39.26 13.69
CA MET H 402 51.42 -39.84 14.88
C MET H 402 52.47 -39.98 15.99
N LEU H 403 53.69 -40.38 15.63
CA LEU H 403 54.76 -40.55 16.61
C LEU H 403 55.04 -39.24 17.32
N MET H 404 55.22 -38.20 16.52
CA MET H 404 55.43 -36.87 17.04
C MET H 404 54.22 -36.41 17.88
N ALA H 405 53.01 -36.74 17.40
CA ALA H 405 51.77 -36.42 18.14
C ALA H 405 51.74 -37.08 19.52
N HIS H 406 52.16 -38.34 19.57
CA HIS H 406 52.21 -39.08 20.83
C HIS H 406 53.15 -38.41 21.84
N ALA H 407 54.29 -37.95 21.34
CA ALA H 407 55.30 -37.27 22.16
C ALA H 407 54.85 -35.89 22.66
N VAL H 408 54.18 -35.15 21.77
CA VAL H 408 53.70 -33.79 22.07
C VAL H 408 52.54 -33.72 23.07
N THR H 409 51.64 -34.70 23.08
CA THR H 409 50.49 -34.67 24.00
C THR H 409 50.92 -34.64 25.49
N GLN H 410 51.97 -35.41 25.80
CA GLN H 410 52.56 -35.47 27.14
C GLN H 410 53.08 -34.10 27.60
N LEU H 411 53.67 -33.39 26.65
CA LEU H 411 54.32 -32.10 26.89
C LEU H 411 53.34 -31.05 27.45
N ALA H 412 52.12 -31.01 26.94
CA ALA H 412 51.14 -30.01 27.37
C ALA H 412 50.80 -30.07 28.87
N SER H 413 50.55 -31.27 29.39
CA SER H 413 50.23 -31.40 30.82
C SER H 413 51.44 -31.03 31.69
N ARG H 414 52.61 -31.44 31.24
CA ARG H 414 53.87 -31.19 31.94
C ARG H 414 54.21 -29.70 32.11
N THR H 415 53.95 -28.89 31.07
CA THR H 415 54.29 -27.46 31.13
C THR H 415 53.26 -26.61 31.92
N PRO H 416 53.79 -25.66 32.73
CA PRO H 416 52.99 -24.76 33.58
C PRO H 416 52.34 -23.53 32.92
N GLY H 417 51.32 -23.01 33.60
CA GLY H 417 50.62 -21.78 33.23
C GLY H 417 50.11 -21.66 31.80
N LYS H 418 50.72 -20.71 31.15
CA LYS H 418 50.43 -20.26 29.79
C LYS H 418 50.58 -21.34 28.72
N GLU H 419 51.62 -22.11 28.92
CA GLU H 419 52.05 -23.17 28.05
C GLU H 419 51.08 -24.33 27.86
N ALA H 420 50.41 -24.75 28.93
CA ALA H 420 49.57 -25.96 28.87
C ALA H 420 48.42 -25.94 27.84
N VAL H 421 47.61 -24.89 27.78
CA VAL H 421 46.53 -24.88 26.78
C VAL H 421 47.09 -24.78 25.35
N ALA H 422 48.11 -23.94 25.19
CA ALA H 422 48.76 -23.75 23.89
C ALA H 422 49.59 -24.96 23.43
N MET H 423 50.29 -25.58 24.37
CA MET H 423 51.14 -26.72 24.07
C MET H 423 50.34 -27.89 23.48
N GLU H 424 49.20 -28.21 24.11
CA GLU H 424 48.35 -29.28 23.60
C GLU H 424 47.67 -28.89 22.30
N SER H 425 47.38 -27.60 22.10
CA SER H 425 46.74 -27.18 20.87
C SER H 425 47.63 -27.49 19.67
N TYR H 426 48.94 -27.26 19.82
CA TYR H 426 49.88 -27.57 18.76
C TYR H 426 49.98 -29.10 18.61
N ALA H 427 49.98 -29.80 19.76
CA ALA H 427 50.06 -31.26 19.81
C ALA H 427 48.86 -31.90 19.10
N LYS H 428 47.72 -31.29 19.31
CA LYS H 428 46.45 -31.68 18.71
C LYS H 428 46.55 -31.60 17.17
N ALA H 429 47.23 -30.55 16.71
CA ALA H 429 47.42 -30.29 15.26
C ALA H 429 48.12 -31.44 14.53
N LEU H 430 48.88 -32.25 15.23
CA LEU H 430 49.52 -33.41 14.60
C LEU H 430 48.48 -34.49 14.23
N ARG H 431 47.40 -34.56 15.01
CA ARG H 431 46.31 -35.56 14.84
C ARG H 431 45.59 -35.55 13.48
N MET H 432 45.30 -34.39 12.92
CA MET H 432 44.58 -34.30 11.64
C MET H 432 45.31 -35.00 10.49
N LEU H 433 46.64 -34.88 10.40
CA LEU H 433 47.39 -35.52 9.30
C LEU H 433 47.01 -37.02 9.14
N PRO H 434 47.03 -37.83 10.22
CA PRO H 434 46.55 -39.22 10.15
C PRO H 434 45.14 -39.32 9.54
N THR H 435 44.28 -38.37 9.95
CA THR H 435 42.89 -38.30 9.50
C THR H 435 42.76 -37.93 8.02
N ILE H 436 43.60 -36.99 7.60
CA ILE H 436 43.60 -36.50 6.22
C ILE H 436 44.08 -37.55 5.24
N ILE H 437 45.11 -38.29 5.64
CA ILE H 437 45.69 -39.34 4.83
C ILE H 437 44.70 -40.47 4.47
N ALA H 438 43.88 -40.87 5.42
CA ALA H 438 42.92 -41.95 5.18
C ALA H 438 41.52 -41.49 4.74
N ASP H 439 41.16 -40.23 5.00
CA ASP H 439 39.82 -39.75 4.60
C ASP H 439 39.63 -39.86 3.09
N ASN H 440 40.66 -39.47 2.36
CA ASN H 440 40.66 -39.53 0.90
C ASN H 440 40.77 -40.98 0.39
N ALA H 441 41.25 -41.87 1.26
CA ALA H 441 41.45 -43.29 0.95
C ALA H 441 40.16 -44.00 0.57
N GLY H 442 39.09 -43.67 1.26
CA GLY H 442 37.81 -44.32 1.02
C GLY H 442 37.39 -45.14 2.20
N TYR H 443 38.14 -44.96 3.27
CA TYR H 443 37.95 -45.63 4.53
C TYR H 443 37.48 -44.61 5.58
N ASP H 444 36.75 -45.07 6.59
CA ASP H 444 36.22 -44.15 7.61
C ASP H 444 37.36 -43.55 8.45
N SER H 445 37.39 -42.22 8.47
CA SER H 445 38.41 -41.44 9.19
C SER H 445 38.47 -41.68 10.69
N ALA H 446 37.31 -41.79 11.34
CA ALA H 446 37.26 -41.99 12.80
C ALA H 446 37.97 -43.27 13.26
N ASP H 447 37.67 -44.36 12.58
CA ASP H 447 38.28 -45.66 12.89
C ASP H 447 39.81 -45.62 12.74
N LEU H 448 40.24 -44.95 11.68
CA LEU H 448 41.65 -44.84 11.31
C LEU H 448 42.51 -44.18 12.40
N VAL H 449 41.99 -43.11 13.00
CA VAL H 449 42.77 -42.37 14.00
C VAL H 449 43.18 -43.23 15.20
N ALA H 450 42.23 -43.94 15.80
CA ALA H 450 42.52 -44.79 16.97
C ALA H 450 43.54 -45.88 16.70
N GLN H 451 43.31 -46.62 15.62
CA GLN H 451 44.19 -47.73 15.25
C GLN H 451 45.62 -47.26 14.96
N LEU H 452 45.75 -46.12 14.29
CA LEU H 452 47.05 -45.56 14.00
C LEU H 452 47.87 -45.24 15.25
N ARG H 453 47.22 -44.59 16.20
CA ARG H 453 47.89 -44.16 17.43
C ARG H 453 48.47 -45.30 18.24
N ALA H 454 47.75 -46.41 18.32
CA ALA H 454 48.21 -47.58 19.06
C ALA H 454 49.54 -48.14 18.55
N ALA H 455 49.73 -48.21 17.22
CA ALA H 455 50.97 -48.75 16.65
C ALA H 455 52.21 -47.87 16.90
N HIS H 456 52.05 -46.57 16.78
CA HIS H 456 53.15 -45.63 17.02
C HIS H 456 53.56 -45.56 18.49
N SER H 457 52.55 -45.60 19.36
CA SER H 457 52.77 -45.58 20.81
C SER H 457 53.61 -46.77 21.25
N GLU H 458 53.32 -47.92 20.64
CA GLU H 458 54.00 -49.17 20.94
C GLU H 458 55.51 -49.12 20.69
N GLY H 459 55.96 -48.45 19.62
CA GLY H 459 57.40 -48.35 19.40
C GLY H 459 57.89 -48.74 18.02
N LYS H 460 57.01 -48.95 17.06
CA LYS H 460 57.47 -49.30 15.73
C LYS H 460 57.46 -48.06 14.85
N THR H 461 58.65 -47.56 14.55
CA THR H 461 58.83 -46.36 13.72
C THR H 461 58.46 -46.60 12.26
N THR H 462 58.76 -47.80 11.79
CA THR H 462 58.47 -48.22 10.42
C THR H 462 56.96 -48.18 10.10
N ALA H 463 56.15 -48.60 11.08
CA ALA H 463 54.68 -48.63 10.93
C ALA H 463 54.08 -47.25 10.64
N GLY H 464 53.10 -47.23 9.75
CA GLY H 464 52.43 -45.99 9.36
C GLY H 464 51.07 -46.22 8.74
N LEU H 465 50.50 -45.21 8.08
CA LEU H 465 49.17 -45.39 7.48
C LEU H 465 49.25 -46.11 6.16
N ASP H 466 48.47 -47.16 6.01
CA ASP H 466 48.40 -47.84 4.74
C ASP H 466 46.98 -47.65 4.22
N MET H 467 46.89 -46.79 3.24
CA MET H 467 45.65 -46.42 2.61
C MET H 467 45.03 -47.56 1.79
N LYS H 468 45.86 -48.30 1.08
CA LYS H 468 45.39 -49.45 0.32
C LYS H 468 44.76 -50.49 1.27
N GLU H 469 45.43 -50.63 2.42
CA GLU H 469 45.03 -51.52 3.51
C GLU H 469 43.75 -51.01 4.22
N GLY H 470 43.70 -49.69 4.39
CA GLY H 470 42.60 -49.05 5.12
C GLY H 470 42.91 -48.91 6.60
N THR H 471 44.02 -49.53 7.00
CA THR H 471 44.49 -49.49 8.38
C THR H 471 45.94 -48.98 8.47
N ILE H 472 46.76 -49.73 9.19
CA ILE H 472 48.17 -49.39 9.40
C ILE H 472 49.06 -50.51 8.85
N GLY H 473 50.26 -50.14 8.40
CA GLY H 473 51.18 -51.13 7.86
C GLY H 473 52.63 -50.67 7.90
N ASP H 474 53.53 -51.49 7.38
CA ASP H 474 54.95 -51.16 7.38
C ASP H 474 55.27 -50.26 6.17
N MET H 475 55.56 -49.01 6.48
CA MET H 475 55.88 -47.98 5.50
C MET H 475 57.11 -48.34 4.65
N SER H 476 58.11 -48.90 5.32
CA SER H 476 59.39 -49.28 4.70
C SER H 476 59.20 -50.29 3.56
N VAL H 477 58.30 -51.27 3.74
CA VAL H 477 58.07 -52.29 2.69
C VAL H 477 57.59 -51.61 1.39
N LEU H 478 56.71 -50.63 1.51
CA LEU H 478 56.26 -49.84 0.35
C LEU H 478 57.47 -49.15 -0.26
N GLY H 479 58.33 -48.66 0.64
CA GLY H 479 59.53 -47.94 0.26
C GLY H 479 59.35 -46.45 0.39
N ILE H 480 58.19 -46.06 0.86
CA ILE H 480 57.86 -44.66 0.99
C ILE H 480 58.61 -43.99 2.14
N THR H 481 59.36 -42.97 1.75
CA THR H 481 60.18 -42.18 2.66
C THR H 481 60.09 -40.70 2.25
N GLU H 482 60.30 -39.80 3.19
CA GLU H 482 60.21 -38.38 2.89
C GLU H 482 61.54 -37.67 3.15
N SER H 483 61.88 -36.74 2.26
CA SER H 483 63.14 -35.99 2.35
C SER H 483 63.25 -35.21 3.66
N PHE H 484 64.44 -35.23 4.23
CA PHE H 484 64.70 -34.57 5.50
C PHE H 484 64.44 -33.05 5.44
N GLN H 485 64.84 -32.40 4.34
CA GLN H 485 64.63 -30.95 4.21
C GLN H 485 63.15 -30.55 4.31
N VAL H 486 62.25 -31.31 3.71
CA VAL H 486 60.84 -30.94 3.80
C VAL H 486 60.34 -30.93 5.24
N LYS H 487 60.76 -31.90 6.05
CA LYS H 487 60.34 -31.92 7.45
C LYS H 487 60.93 -30.82 8.36
N ARG H 488 62.23 -30.47 8.22
CA ARG H 488 62.80 -29.44 9.13
C ARG H 488 62.28 -28.03 8.91
N GLN H 489 62.12 -27.65 7.66
CA GLN H 489 61.63 -26.32 7.31
C GLN H 489 60.16 -26.08 7.64
N VAL H 490 59.31 -27.07 7.41
CA VAL H 490 57.90 -26.92 7.70
C VAL H 490 57.64 -26.60 9.16
N LEU H 491 58.31 -27.31 10.07
CA LEU H 491 58.07 -27.08 11.49
C LEU H 491 58.42 -25.66 11.92
N LEU H 492 59.54 -25.10 11.43
CA LEU H 492 59.87 -23.71 11.79
C LEU H 492 58.89 -22.74 11.10
N SER H 493 58.57 -23.05 9.84
CA SER H 493 57.61 -22.28 9.04
C SER H 493 56.20 -22.29 9.64
N ALA H 494 55.83 -23.46 10.14
CA ALA H 494 54.53 -23.72 10.77
C ALA H 494 54.29 -22.84 11.97
N ALA H 495 55.34 -22.65 12.75
CA ALA H 495 55.27 -21.82 13.93
C ALA H 495 54.89 -20.40 13.51
N GLU H 496 55.45 -19.93 12.41
CA GLU H 496 55.14 -18.61 11.91
C GLU H 496 53.66 -18.52 11.48
N ALA H 497 53.16 -19.59 10.84
CA ALA H 497 51.74 -19.66 10.41
C ALA H 497 50.78 -19.56 11.61
N ALA H 498 51.12 -20.28 12.67
CA ALA H 498 50.35 -20.24 13.91
C ALA H 498 50.54 -18.88 14.60
N GLU H 499 51.63 -18.24 14.22
CA GLU H 499 52.06 -16.93 14.73
C GLU H 499 51.27 -15.77 14.07
N VAL H 500 50.50 -16.04 13.01
CA VAL H 500 49.76 -14.97 12.31
C VAL H 500 48.23 -15.01 12.51
N ILE H 501 47.76 -15.84 13.42
CA ILE H 501 46.30 -15.96 13.66
C ILE H 501 45.68 -14.81 14.46
N LEU H 502 45.51 -15.07 15.76
CA LEU H 502 44.82 -14.19 16.71
C LEU H 502 45.45 -12.78 16.84
N ARG H 503 46.78 -12.69 16.85
CA ARG H 503 47.46 -11.39 16.99
C ARG H 503 47.11 -10.43 15.84
N VAL H 504 46.63 -10.97 14.73
CA VAL H 504 46.24 -10.16 13.58
C VAL H 504 44.72 -10.14 13.37
N ASP H 505 44.19 -8.94 13.23
CA ASP H 505 42.77 -8.76 13.00
C ASP H 505 42.53 -8.26 11.57
N ASN H 506 41.73 -8.99 10.79
CA ASN H 506 41.44 -8.57 9.41
C ASN H 506 42.74 -8.23 8.62
N ILE H 507 42.70 -7.13 7.84
CA ILE H 507 43.83 -6.58 7.03
C ILE H 507 44.19 -7.48 5.80
N ILE H 508 43.45 -7.04 4.80
CA ILE H 508 43.13 -7.53 3.42
C ILE H 508 44.06 -7.67 2.15
N LYS H 509 44.99 -6.77 1.82
CA LYS H 509 45.41 -6.75 0.37
C LYS H 509 46.79 -7.22 -0.16
N ALA H 510 46.70 -7.65 -1.45
CA ALA H 510 47.82 -8.07 -2.34
C ALA H 510 47.31 -8.50 -3.75
N ALA H 511 47.01 -7.49 -4.62
CA ALA H 511 46.50 -7.65 -6.05
C ALA H 511 45.24 -6.79 -6.32
N PRO H 512 45.11 -6.18 -7.53
CA PRO H 512 43.94 -5.32 -7.87
C PRO H 512 42.54 -5.95 -7.83
N ARG H 513 41.61 -5.06 -7.53
CA ARG H 513 40.16 -5.31 -7.43
C ARG H 513 39.50 -5.79 -8.74
N ALA I 1 -31.84 24.95 15.09
CA ALA I 1 -32.27 23.79 15.91
C ALA I 1 -32.72 22.62 15.04
N GLY I 2 -31.85 21.64 14.85
CA GLY I 2 -32.19 20.47 14.04
C GLY I 2 -31.84 20.63 12.56
N ALA I 3 -30.54 20.88 12.30
CA ALA I 3 -29.96 21.12 10.95
C ALA I 3 -30.95 21.35 9.78
N ASP I 4 -30.58 20.91 8.56
CA ASP I 4 -31.41 21.10 7.37
C ASP I 4 -31.82 22.57 7.22
N GLU I 5 -30.85 23.46 7.30
CA GLU I 5 -31.11 24.89 7.21
C GLU I 5 -30.90 25.41 5.78
N GLU I 6 -31.98 25.90 5.18
CA GLU I 6 -31.92 26.47 3.83
C GLU I 6 -32.70 27.79 3.74
N ARG I 7 -32.14 28.73 3.01
CA ARG I 7 -32.73 30.06 2.79
C ARG I 7 -32.53 30.54 1.36
N ALA I 8 -33.33 31.52 0.92
CA ALA I 8 -33.21 32.08 -0.44
C ALA I 8 -32.95 31.01 -1.53
N GLU I 9 -31.94 31.25 -2.36
CA GLU I 9 -31.63 30.39 -3.50
C GLU I 9 -31.31 28.93 -3.12
N THR I 10 -30.61 28.68 -2.02
CA THR I 10 -30.36 27.28 -1.61
C THR I 10 -31.70 26.57 -1.35
N ALA I 11 -32.62 27.30 -0.73
CA ALA I 11 -33.97 26.79 -0.46
C ALA I 11 -34.73 26.52 -1.76
N ARG I 12 -34.57 27.43 -2.73
CA ARG I 12 -35.24 27.31 -4.03
C ARG I 12 -34.87 26.02 -4.77
N LEU I 13 -33.61 25.63 -4.71
CA LEU I 13 -33.13 24.44 -5.42
C LEU I 13 -33.85 23.16 -4.99
N SER I 14 -34.00 22.95 -3.68
CA SER I 14 -34.71 21.75 -3.20
C SER I 14 -36.13 21.76 -3.73
N SER I 15 -36.68 22.95 -3.70
CA SER I 15 -38.02 23.22 -4.17
C SER I 15 -38.20 23.02 -5.68
N PHE I 16 -37.23 23.58 -6.42
CA PHE I 16 -37.21 23.57 -7.87
C PHE I 16 -37.18 22.14 -8.42
N ILE I 17 -36.39 21.30 -7.78
CA ILE I 17 -36.24 19.91 -8.19
C ILE I 17 -37.54 19.11 -7.96
N GLY I 18 -38.22 19.36 -6.84
CA GLY I 18 -39.46 18.66 -6.56
C GLY I 18 -40.55 18.89 -7.60
N ALA I 19 -40.66 20.13 -8.07
CA ALA I 19 -41.66 20.48 -9.08
C ALA I 19 -41.43 19.82 -10.44
N ILE I 20 -40.18 19.72 -10.88
CA ILE I 20 -39.87 19.10 -12.17
C ILE I 20 -40.13 17.58 -12.17
N ALA I 21 -39.77 16.93 -11.07
CA ALA I 21 -39.97 15.47 -10.92
C ALA I 21 -41.43 15.04 -11.00
N ILE I 22 -42.31 15.84 -10.39
CA ILE I 22 -43.74 15.53 -10.37
C ILE I 22 -44.41 15.69 -11.73
N GLY I 23 -44.01 16.71 -12.48
CA GLY I 23 -44.62 16.99 -13.77
C GLY I 23 -44.51 15.90 -14.82
N ASP I 24 -43.37 15.21 -14.93
CA ASP I 24 -43.23 14.16 -15.95
C ASP I 24 -44.15 12.94 -15.73
N LEU I 25 -44.31 12.49 -14.49
CA LEU I 25 -45.20 11.35 -14.22
C LEU I 25 -46.68 11.72 -14.41
N VAL I 26 -47.04 12.92 -13.98
CA VAL I 26 -48.42 13.40 -14.08
C VAL I 26 -48.80 13.86 -15.49
N LYS I 27 -47.82 14.32 -16.28
CA LYS I 27 -48.09 14.84 -17.64
C LYS I 27 -48.73 13.81 -18.54
N SER I 28 -48.26 12.60 -18.40
CA SER I 28 -48.71 11.47 -19.19
C SER I 28 -50.23 11.21 -19.01
N THR I 29 -50.70 11.34 -17.79
CA THR I 29 -52.09 11.09 -17.41
C THR I 29 -53.17 11.95 -18.13
N LEU I 30 -52.90 13.23 -18.33
CA LEU I 30 -53.90 14.18 -18.91
C LEU I 30 -54.37 13.84 -20.35
N GLY I 31 -55.68 14.03 -20.59
CA GLY I 31 -56.24 13.86 -21.94
C GLY I 31 -56.70 12.45 -22.34
N PRO I 32 -57.66 12.37 -23.32
CA PRO I 32 -58.26 11.13 -23.86
C PRO I 32 -57.34 9.91 -24.04
N LYS I 33 -56.04 10.09 -24.25
CA LYS I 33 -55.20 8.90 -24.30
C LYS I 33 -54.09 9.08 -23.26
N GLY I 34 -54.50 9.16 -21.99
CA GLY I 34 -53.56 9.36 -20.89
C GLY I 34 -52.85 8.10 -20.47
N MET I 35 -52.12 8.16 -19.37
CA MET I 35 -51.37 7.00 -18.92
C MET I 35 -51.70 6.46 -17.52
N ASP I 36 -51.71 5.12 -17.48
CA ASP I 36 -51.94 4.33 -16.28
C ASP I 36 -50.68 3.54 -16.06
N LYS I 37 -50.12 3.63 -14.89
CA LYS I 37 -48.85 2.98 -14.66
C LYS I 37 -48.83 2.15 -13.38
N ILE I 38 -48.03 1.07 -13.35
CA ILE I 38 -48.04 0.15 -12.19
C ILE I 38 -46.97 0.45 -11.16
N LEU I 39 -47.42 0.52 -9.91
CA LEU I 39 -46.55 0.89 -8.80
C LEU I 39 -46.16 -0.30 -7.90
N LEU I 40 -44.87 -0.46 -7.69
CA LEU I 40 -44.35 -1.47 -6.78
C LEU I 40 -43.56 -0.73 -5.69
N SER I 41 -43.65 -1.13 -4.43
CA SER I 41 -42.89 -0.43 -3.38
C SER I 41 -42.04 -1.36 -2.52
N SER I 42 -42.39 -2.65 -2.52
CA SER I 42 -41.67 -3.68 -1.75
C SER I 42 -41.65 -3.42 -0.22
N GLY I 43 -41.17 -4.43 0.50
CA GLY I 43 -41.02 -4.43 1.96
C GLY I 43 -42.30 -4.23 2.80
N ARG I 44 -43.10 -3.22 2.51
CA ARG I 44 -44.34 -3.00 3.28
C ARG I 44 -45.65 -3.13 2.49
N ASP I 45 -45.62 -3.19 1.15
CA ASP I 45 -46.89 -3.30 0.40
C ASP I 45 -47.17 -4.67 -0.27
N ALA I 46 -46.14 -5.25 -0.90
CA ALA I 46 -46.22 -6.59 -1.55
C ALA I 46 -47.27 -6.74 -2.69
N SER I 47 -47.73 -5.66 -3.31
CA SER I 47 -48.74 -5.75 -4.40
C SER I 47 -48.62 -4.61 -5.42
N LEU I 48 -49.34 -4.73 -6.54
CA LEU I 48 -49.28 -3.69 -7.57
C LEU I 48 -50.38 -2.64 -7.38
N MET I 49 -49.95 -1.40 -7.18
CA MET I 49 -50.86 -0.25 -7.03
C MET I 49 -50.80 0.69 -8.22
N VAL I 50 -51.34 0.30 -9.35
CA VAL I 50 -51.28 1.16 -10.53
C VAL I 50 -52.34 2.26 -10.39
N THR I 51 -51.93 3.55 -10.41
CA THR I 51 -52.89 4.66 -10.27
C THR I 51 -52.95 5.65 -11.46
N ASN I 52 -54.16 5.93 -11.94
CA ASN I 52 -54.38 6.92 -13.02
C ASN I 52 -54.47 8.35 -12.47
N ASP I 53 -55.18 8.50 -11.34
CA ASP I 53 -55.40 9.81 -10.74
C ASP I 53 -54.16 10.29 -10.03
N GLY I 54 -53.67 11.45 -10.44
CA GLY I 54 -52.49 11.98 -9.79
C GLY I 54 -52.71 12.19 -8.30
N ALA I 55 -53.89 12.69 -7.94
CA ALA I 55 -54.24 12.93 -6.54
C ALA I 55 -54.20 11.66 -5.66
N THR I 56 -54.82 10.58 -6.12
CA THR I 56 -54.86 9.33 -5.34
C THR I 56 -53.47 8.75 -5.07
N ILE I 57 -52.65 8.70 -6.11
CA ILE I 57 -51.30 8.17 -5.99
C ILE I 57 -50.35 9.04 -5.19
N LEU I 58 -50.44 10.36 -5.37
CA LEU I 58 -49.54 11.25 -4.66
C LEU I 58 -49.74 11.19 -3.14
N LYS I 59 -51.00 11.10 -2.70
CA LYS I 59 -51.33 11.02 -1.26
C LYS I 59 -50.82 9.78 -0.54
N ASN I 60 -50.90 8.64 -1.21
CA ASN I 60 -50.53 7.35 -0.60
C ASN I 60 -49.08 7.18 -0.15
N ILE I 61 -48.11 7.67 -0.91
CA ILE I 61 -46.71 7.44 -0.53
C ILE I 61 -45.77 8.67 -0.50
N GLY I 62 -45.04 8.81 0.61
CA GLY I 62 -44.03 9.85 0.73
C GLY I 62 -42.65 9.23 0.47
N VAL I 63 -42.34 9.09 -0.81
CA VAL I 63 -41.12 8.43 -1.29
C VAL I 63 -39.74 8.99 -0.90
N ASP I 64 -39.54 10.31 -0.90
CA ASP I 64 -38.16 10.80 -0.66
C ASP I 64 -38.03 12.11 0.13
N ASN I 65 -36.76 12.36 0.48
CA ASN I 65 -36.27 13.50 1.26
C ASN I 65 -36.75 14.90 0.78
N PRO I 66 -36.65 15.26 -0.53
CA PRO I 66 -37.07 16.60 -0.98
C PRO I 66 -38.55 16.87 -0.69
N ALA I 67 -38.86 18.15 -0.46
CA ALA I 67 -40.22 18.54 -0.11
C ALA I 67 -41.15 18.60 -1.33
N ALA I 68 -42.29 17.94 -1.18
CA ALA I 68 -43.32 17.88 -2.22
C ALA I 68 -44.61 17.26 -1.69
N LYS I 69 -44.51 16.50 -0.59
CA LYS I 69 -45.67 15.84 0.01
C LYS I 69 -46.73 16.86 0.44
N VAL I 70 -46.29 17.98 0.99
CA VAL I 70 -47.22 19.03 1.43
C VAL I 70 -47.94 19.68 0.25
N LEU I 71 -47.25 19.92 -0.86
CA LEU I 71 -47.86 20.47 -2.07
C LEU I 71 -48.97 19.51 -2.55
N VAL I 72 -48.63 18.23 -2.47
CA VAL I 72 -49.53 17.13 -2.82
C VAL I 72 -50.79 17.07 -1.96
N ASP I 73 -50.61 17.30 -0.68
CA ASP I 73 -51.68 17.21 0.32
C ASP I 73 -52.83 18.19 -0.01
N MET I 74 -52.45 19.38 -0.46
CA MET I 74 -53.40 20.45 -0.78
C MET I 74 -54.40 20.08 -1.91
N SER I 75 -53.99 19.21 -2.83
CA SER I 75 -54.87 18.82 -3.96
C SER I 75 -56.17 18.16 -3.46
N ARG I 76 -56.08 17.32 -2.43
CA ARG I 76 -57.27 16.66 -1.85
C ARG I 76 -58.32 17.64 -1.31
N VAL I 77 -57.92 18.73 -0.65
CA VAL I 77 -58.91 19.70 -0.17
C VAL I 77 -59.68 20.22 -1.38
N GLN I 78 -58.94 20.45 -2.47
CA GLN I 78 -59.53 20.85 -3.73
C GLN I 78 -60.51 19.77 -4.21
N ASP I 79 -60.10 18.51 -4.05
CA ASP I 79 -60.95 17.36 -4.41
C ASP I 79 -62.24 17.37 -3.58
N ASP I 80 -62.15 17.72 -2.28
CA ASP I 80 -63.34 17.74 -1.41
C ASP I 80 -64.09 19.07 -1.57
N GLU I 81 -64.37 19.33 -2.84
CA GLU I 81 -65.14 20.44 -3.40
C GLU I 81 -65.30 20.18 -4.88
N VAL I 82 -64.41 19.30 -5.40
CA VAL I 82 -64.43 18.81 -6.78
C VAL I 82 -63.05 18.33 -7.29
N GLY I 83 -62.01 19.09 -6.99
CA GLY I 83 -60.61 18.87 -7.44
C GLY I 83 -60.25 17.57 -8.15
N ASP I 84 -60.87 17.30 -9.29
CA ASP I 84 -60.54 16.09 -10.03
C ASP I 84 -60.64 16.26 -11.56
N GLY I 85 -61.69 15.74 -12.21
CA GLY I 85 -61.74 15.81 -13.67
C GLY I 85 -60.52 15.09 -14.20
N THR I 86 -59.61 15.83 -14.77
CA THR I 86 -58.35 15.27 -15.19
C THR I 86 -57.30 16.04 -14.41
N THR I 87 -56.24 15.42 -13.97
CA THR I 87 -55.28 16.15 -13.15
C THR I 87 -54.45 17.10 -13.98
N SER I 88 -54.59 18.37 -13.69
CA SER I 88 -53.84 19.40 -14.39
C SER I 88 -53.21 20.41 -13.45
N VAL I 89 -53.82 20.57 -12.28
CA VAL I 89 -53.44 21.59 -11.29
C VAL I 89 -51.99 21.50 -10.80
N THR I 90 -51.51 20.31 -10.56
CA THR I 90 -50.14 20.10 -10.07
C THR I 90 -49.10 20.61 -11.08
N VAL I 91 -49.36 20.37 -12.36
CA VAL I 91 -48.48 20.77 -13.45
C VAL I 91 -48.27 22.29 -13.56
N LEU I 92 -49.34 23.07 -13.38
CA LEU I 92 -49.25 24.54 -13.46
C LEU I 92 -48.29 25.11 -12.43
N ALA I 93 -48.34 24.55 -11.23
CA ALA I 93 -47.48 25.00 -10.15
C ALA I 93 -46.00 24.72 -10.43
N ALA I 94 -45.72 23.55 -11.01
CA ALA I 94 -44.34 23.12 -11.31
C ALA I 94 -43.58 24.03 -12.29
N GLU I 95 -44.24 24.44 -13.36
CA GLU I 95 -43.63 25.29 -14.40
C GLU I 95 -43.36 26.72 -13.94
N LEU I 96 -44.03 27.10 -12.86
CA LEU I 96 -43.90 28.44 -12.24
C LEU I 96 -42.43 28.66 -11.80
N LEU I 97 -41.86 27.59 -11.29
CA LEU I 97 -40.47 27.52 -10.81
C LEU I 97 -39.41 27.82 -11.88
N ARG I 98 -39.64 27.41 -13.13
CA ARG I 98 -38.65 27.59 -14.22
C ARG I 98 -38.33 29.08 -14.44
N GLU I 99 -39.32 29.94 -14.36
CA GLU I 99 -39.12 31.39 -14.50
C GLU I 99 -38.23 31.96 -13.38
N ALA I 100 -38.11 31.23 -12.27
CA ALA I 100 -37.30 31.69 -11.14
C ALA I 100 -35.83 31.91 -11.56
N GLU I 101 -35.31 31.05 -12.44
CA GLU I 101 -33.94 31.24 -12.96
C GLU I 101 -33.88 32.61 -13.68
N SER I 102 -34.93 32.92 -14.41
CA SER I 102 -35.09 34.22 -15.10
C SER I 102 -35.08 35.36 -14.08
N LEU I 103 -35.75 35.10 -12.95
CA LEU I 103 -35.90 36.06 -11.84
C LEU I 103 -34.57 36.52 -11.22
N ILE I 104 -33.59 35.63 -11.09
CA ILE I 104 -32.29 36.01 -10.52
C ILE I 104 -31.63 37.12 -11.38
N ALA I 105 -31.76 37.01 -12.70
CA ALA I 105 -31.21 38.00 -13.64
C ALA I 105 -31.92 39.37 -13.53
N LYS I 106 -33.13 39.36 -12.99
CA LYS I 106 -33.95 40.56 -12.79
C LYS I 106 -33.29 41.60 -11.89
N LYS I 107 -32.65 41.11 -10.84
CA LYS I 107 -31.95 41.93 -9.84
C LYS I 107 -32.85 42.87 -9.01
N ILE I 108 -34.12 42.52 -8.85
CA ILE I 108 -34.98 43.31 -7.95
C ILE I 108 -35.12 42.50 -6.68
N HIS I 109 -36.01 42.92 -5.82
CA HIS I 109 -36.29 42.16 -4.61
C HIS I 109 -37.14 40.94 -4.97
N PRO I 110 -36.67 39.73 -4.60
CA PRO I 110 -37.39 38.49 -4.91
C PRO I 110 -38.69 38.27 -4.13
N GLN I 111 -38.87 38.95 -3.01
CA GLN I 111 -40.07 38.73 -2.20
C GLN I 111 -41.31 39.57 -2.60
N THR I 112 -41.20 40.55 -3.51
CA THR I 112 -42.40 41.26 -3.98
C THR I 112 -42.86 40.66 -5.30
N ILE I 113 -42.06 39.70 -5.72
CA ILE I 113 -42.35 38.85 -6.84
C ILE I 113 -43.50 38.00 -6.33
N ILE I 114 -43.39 37.76 -5.03
CA ILE I 114 -44.34 37.04 -4.21
C ILE I 114 -45.68 37.76 -4.26
N ALA I 115 -45.66 39.09 -4.23
CA ALA I 115 -46.89 39.87 -4.37
C ALA I 115 -47.58 39.47 -5.68
N GLY I 116 -46.82 38.88 -6.59
CA GLY I 116 -47.34 38.36 -7.86
C GLY I 116 -48.39 37.30 -7.60
N TRP I 117 -48.26 36.63 -6.48
CA TRP I 117 -49.23 35.65 -6.04
C TRP I 117 -50.61 36.28 -5.85
N ARG I 118 -50.69 37.51 -5.30
CA ARG I 118 -51.99 38.20 -5.17
C ARG I 118 -52.53 38.42 -6.60
N GLU I 119 -51.57 38.59 -7.52
CA GLU I 119 -51.82 38.76 -8.95
C GLU I 119 -52.56 37.51 -9.46
N ALA I 120 -52.15 36.35 -8.93
CA ALA I 120 -52.77 35.07 -9.27
C ALA I 120 -54.25 35.12 -8.86
N THR I 121 -54.53 35.74 -7.70
CA THR I 121 -55.92 35.93 -7.29
C THR I 121 -56.63 36.78 -8.35
N LYS I 122 -55.91 37.79 -8.85
CA LYS I 122 -56.41 38.63 -9.94
C LYS I 122 -56.64 37.75 -11.18
N ALA I 123 -55.71 36.82 -11.40
CA ALA I 123 -55.75 35.85 -12.53
C ALA I 123 -57.01 35.00 -12.45
N ALA I 124 -57.57 34.93 -11.25
CA ALA I 124 -58.81 34.20 -11.01
C ALA I 124 -59.91 34.80 -11.87
N ARG I 125 -59.83 36.11 -12.14
CA ARG I 125 -60.84 36.78 -12.97
C ARG I 125 -60.86 36.15 -14.36
N GLN I 126 -59.69 35.80 -14.87
CA GLN I 126 -59.56 35.23 -16.20
C GLN I 126 -60.33 33.91 -16.36
N ALA I 127 -60.26 33.07 -15.32
CA ALA I 127 -60.93 31.76 -15.33
C ALA I 127 -62.29 31.77 -14.62
N LEU I 128 -62.58 32.84 -13.90
CA LEU I 128 -63.83 32.93 -13.14
C LEU I 128 -64.76 33.95 -13.77
N LEU I 129 -66.06 33.65 -13.72
CA LEU I 129 -67.13 34.49 -14.33
C LEU I 129 -66.77 35.09 -15.71
N ASN I 130 -65.79 34.48 -16.35
CA ASN I 130 -65.34 34.84 -17.69
C ASN I 130 -65.60 33.64 -18.60
N SER I 131 -66.47 33.84 -19.59
CA SER I 131 -66.85 32.82 -20.59
C SER I 131 -68.08 32.00 -20.13
N ALA I 132 -69.03 31.79 -21.03
CA ALA I 132 -70.22 30.98 -20.73
C ALA I 132 -69.79 29.55 -20.45
N VAL I 133 -70.37 28.89 -19.47
CA VAL I 133 -69.93 27.54 -19.13
C VAL I 133 -70.91 26.40 -19.49
N ASP I 134 -72.05 26.27 -18.81
CA ASP I 134 -73.00 25.20 -19.12
C ASP I 134 -74.44 25.48 -18.67
N HIS I 135 -75.33 24.63 -19.18
CA HIS I 135 -76.76 24.69 -18.87
C HIS I 135 -77.25 23.28 -18.46
N GLY I 136 -78.46 23.16 -17.95
CA GLY I 136 -78.97 21.83 -17.60
C GLY I 136 -78.96 21.49 -16.11
N SER I 137 -78.66 20.21 -15.81
CA SER I 137 -78.66 19.69 -14.43
C SER I 137 -80.01 19.95 -13.72
N ASP I 138 -81.08 19.60 -14.43
CA ASP I 138 -82.47 19.77 -13.95
C ASP I 138 -82.75 18.98 -12.65
N GLU I 139 -82.20 17.75 -12.58
CA GLU I 139 -82.32 16.79 -11.44
C GLU I 139 -82.96 15.48 -11.91
N VAL I 140 -82.22 14.37 -11.76
CA VAL I 140 -82.65 13.02 -12.21
C VAL I 140 -82.37 12.89 -13.71
N LYS I 141 -82.41 14.06 -14.33
CA LYS I 141 -82.21 14.36 -15.76
C LYS I 141 -82.08 13.14 -16.71
N PHE I 142 -82.94 13.15 -17.73
CA PHE I 142 -83.06 12.05 -18.72
C PHE I 142 -81.80 11.71 -19.55
N ARG I 143 -81.12 12.73 -20.13
CA ARG I 143 -79.95 12.44 -20.96
C ARG I 143 -78.66 13.16 -20.53
N GLN I 144 -78.81 14.23 -19.76
CA GLN I 144 -77.65 15.02 -19.32
C GLN I 144 -77.13 14.48 -18.00
N ASP I 145 -77.66 13.31 -17.63
CA ASP I 145 -77.26 12.66 -16.40
C ASP I 145 -75.75 12.38 -16.51
N LEU I 146 -75.32 11.98 -17.71
CA LEU I 146 -73.90 11.77 -17.97
C LEU I 146 -73.59 11.78 -19.48
N MET I 147 -72.69 10.89 -19.84
CA MET I 147 -72.13 10.72 -21.16
C MET I 147 -71.42 12.02 -21.55
N ASN I 148 -71.12 12.82 -20.51
CA ASN I 148 -70.42 14.10 -20.65
C ASN I 148 -69.00 14.11 -20.04
N ILE I 149 -68.96 14.69 -18.81
CA ILE I 149 -67.73 14.88 -18.02
C ILE I 149 -67.09 13.62 -17.47
N ALA I 150 -67.88 12.67 -17.01
CA ALA I 150 -67.31 11.44 -16.50
C ALA I 150 -66.53 10.76 -17.62
N GLY I 151 -67.10 10.81 -18.83
CA GLY I 151 -66.44 10.25 -19.98
C GLY I 151 -65.10 10.91 -20.23
N THR I 152 -65.01 12.24 -20.06
CA THR I 152 -63.74 12.96 -20.23
C THR I 152 -62.73 12.62 -19.14
N THR I 153 -63.20 12.50 -17.90
CA THR I 153 -62.30 12.15 -16.79
C THR I 153 -61.70 10.79 -17.11
N LEU I 154 -62.57 9.95 -17.61
CA LEU I 154 -62.22 8.64 -18.09
C LEU I 154 -61.41 8.67 -19.36
N SER I 155 -61.60 9.66 -20.20
CA SER I 155 -60.90 9.69 -21.48
C SER I 155 -59.41 9.71 -21.21
N SER I 156 -58.98 10.45 -20.20
CA SER I 156 -57.56 10.49 -19.83
C SER I 156 -57.11 9.13 -19.28
N LYS I 157 -58.08 8.34 -18.91
CA LYS I 157 -57.87 7.02 -18.33
C LYS I 157 -58.06 5.86 -19.35
N LEU I 158 -57.14 4.89 -19.34
CA LEU I 158 -57.19 3.74 -20.26
C LEU I 158 -58.42 2.85 -20.17
N LEU I 159 -58.88 2.61 -18.95
CA LEU I 159 -60.03 1.73 -18.68
C LEU I 159 -61.26 2.04 -19.54
N THR I 160 -61.30 3.25 -20.07
CA THR I 160 -62.41 3.78 -20.87
C THR I 160 -62.78 2.93 -22.10
N HIS I 161 -61.93 1.99 -22.48
CA HIS I 161 -62.28 1.13 -23.62
C HIS I 161 -63.58 0.39 -23.26
N HIS I 162 -63.69 -0.04 -22.00
CA HIS I 162 -64.95 -0.62 -21.48
C HIS I 162 -65.53 0.25 -20.36
N LYS I 163 -64.66 1.00 -19.69
CA LYS I 163 -65.05 1.81 -18.53
C LYS I 163 -65.92 3.02 -18.88
N ASP I 164 -65.89 3.52 -20.10
CA ASP I 164 -66.72 4.67 -20.44
C ASP I 164 -68.17 4.34 -20.08
N HIS I 165 -68.56 3.08 -20.28
CA HIS I 165 -69.87 2.59 -19.85
C HIS I 165 -70.03 2.72 -18.31
N PHE I 166 -68.95 2.38 -17.58
CA PHE I 166 -68.94 2.44 -16.09
C PHE I 166 -69.22 3.84 -15.60
N THR I 167 -68.63 4.79 -16.31
CA THR I 167 -68.76 6.19 -16.00
C THR I 167 -70.20 6.66 -16.07
N LYS I 168 -70.93 6.20 -17.09
CA LYS I 168 -72.34 6.56 -17.28
C LYS I 168 -73.16 6.11 -16.07
N LEU I 169 -72.80 4.93 -15.59
CA LEU I 169 -73.41 4.25 -14.45
C LEU I 169 -73.29 5.08 -13.15
N ALA I 170 -72.15 5.71 -12.94
CA ALA I 170 -71.87 6.45 -11.69
C ALA I 170 -72.88 7.56 -11.40
N VAL I 171 -73.33 8.32 -12.40
CA VAL I 171 -74.35 9.35 -12.13
C VAL I 171 -75.66 8.76 -11.61
N GLU I 172 -76.00 7.54 -12.01
CA GLU I 172 -77.21 6.92 -11.51
C GLU I 172 -77.07 6.83 -9.98
N ALA I 173 -75.85 6.48 -9.56
CA ALA I 173 -75.48 6.39 -8.15
C ALA I 173 -75.61 7.74 -7.43
N VAL I 174 -75.23 8.83 -8.09
CA VAL I 174 -75.31 10.16 -7.47
C VAL I 174 -76.78 10.61 -7.32
N LEU I 175 -77.61 10.31 -8.31
CA LEU I 175 -79.03 10.71 -8.25
C LEU I 175 -79.76 10.13 -7.04
N ARG I 176 -79.48 8.88 -6.72
CA ARG I 176 -80.08 8.23 -5.54
C ARG I 176 -79.51 8.83 -4.24
N LEU I 177 -78.21 9.11 -4.27
CA LEU I 177 -77.44 9.65 -3.14
C LEU I 177 -77.76 11.10 -2.76
N LYS I 178 -77.97 11.97 -3.75
CA LYS I 178 -78.14 13.39 -3.43
C LYS I 178 -79.43 13.76 -2.71
N GLY I 179 -79.22 14.69 -1.77
CA GLY I 179 -80.26 15.19 -0.90
C GLY I 179 -79.63 15.82 0.34
N SER I 180 -80.43 16.05 1.36
CA SER I 180 -79.95 16.64 2.63
C SER I 180 -79.05 15.67 3.42
N GLY I 181 -79.00 14.41 2.98
CA GLY I 181 -78.23 13.37 3.67
C GLY I 181 -76.73 13.67 3.76
N ASN I 182 -76.20 14.27 2.68
CA ASN I 182 -74.79 14.74 2.49
C ASN I 182 -73.89 13.79 1.67
N LEU I 183 -73.34 12.72 2.25
CA LEU I 183 -72.47 11.81 1.49
C LEU I 183 -71.96 10.66 2.38
N GLU I 184 -72.77 9.63 2.58
CA GLU I 184 -72.34 8.50 3.41
C GLU I 184 -72.73 7.13 2.88
N ALA I 185 -71.91 6.17 3.29
CA ALA I 185 -72.10 4.75 3.02
C ALA I 185 -72.17 4.33 1.55
N ILE I 186 -71.30 4.85 0.70
CA ILE I 186 -71.27 4.39 -0.68
C ILE I 186 -70.17 3.34 -0.75
N HIS I 187 -70.57 2.10 -0.91
CA HIS I 187 -69.62 0.99 -0.91
C HIS I 187 -69.38 0.45 -2.32
N VAL I 188 -68.16 0.50 -2.79
CA VAL I 188 -67.88 -0.03 -4.11
C VAL I 188 -66.64 -0.97 -4.13
N ILE I 189 -66.79 -2.16 -4.72
CA ILE I 189 -65.70 -3.16 -4.79
C ILE I 189 -65.48 -3.71 -6.23
N LYS I 190 -64.27 -4.20 -6.49
CA LYS I 190 -63.90 -4.79 -7.78
C LYS I 190 -63.88 -6.34 -7.72
N LYS I 191 -64.37 -6.99 -8.78
CA LYS I 191 -64.48 -8.47 -8.84
C LYS I 191 -63.52 -9.11 -9.87
N LEU I 192 -62.94 -10.24 -9.48
CA LEU I 192 -61.94 -10.98 -10.29
C LEU I 192 -62.51 -11.68 -11.56
N GLY I 193 -63.70 -11.31 -12.00
CA GLY I 193 -64.28 -11.90 -13.21
C GLY I 193 -65.59 -11.24 -13.59
N GLY I 194 -66.12 -11.54 -14.78
CA GLY I 194 -67.39 -10.91 -15.13
C GLY I 194 -67.77 -10.88 -16.61
N SER I 195 -68.83 -10.10 -16.84
CA SER I 195 -69.47 -9.89 -18.14
C SER I 195 -69.03 -8.57 -18.83
N LEU I 196 -69.66 -8.31 -19.97
CA LEU I 196 -69.41 -7.12 -20.82
C LEU I 196 -69.70 -5.81 -20.07
N ALA I 197 -70.77 -5.78 -19.28
CA ALA I 197 -71.16 -4.56 -18.53
C ALA I 197 -70.02 -4.12 -17.60
N ASP I 198 -69.38 -5.10 -16.98
CA ASP I 198 -68.23 -4.88 -16.07
C ASP I 198 -68.62 -4.22 -14.74
N SER I 199 -69.91 -4.09 -14.50
CA SER I 199 -70.42 -3.57 -13.23
C SER I 199 -71.87 -4.01 -13.08
N TYR I 200 -72.34 -4.21 -11.85
CA TYR I 200 -73.73 -4.65 -11.67
C TYR I 200 -74.66 -3.76 -10.82
N LEU I 201 -74.16 -2.64 -10.30
CA LEU I 201 -74.99 -1.70 -9.51
C LEU I 201 -75.98 -2.43 -8.55
N ASP I 202 -75.50 -2.95 -7.42
CA ASP I 202 -76.37 -3.69 -6.49
C ASP I 202 -77.38 -2.81 -5.75
N GLU I 203 -78.50 -3.46 -5.41
CA GLU I 203 -79.63 -2.84 -4.72
C GLU I 203 -79.24 -2.26 -3.34
N GLY I 204 -78.40 -3.00 -2.63
CA GLY I 204 -77.97 -2.58 -1.30
C GLY I 204 -76.48 -2.77 -1.06
N PHE I 205 -76.14 -3.37 0.09
CA PHE I 205 -74.74 -3.58 0.48
C PHE I 205 -74.22 -4.99 0.13
N LEU I 206 -73.01 -5.06 -0.41
CA LEU I 206 -72.41 -6.33 -0.82
C LEU I 206 -71.18 -6.71 0.06
N LEU I 207 -71.18 -7.94 0.56
CA LEU I 207 -70.08 -8.48 1.40
C LEU I 207 -69.65 -9.88 0.92
N ASP I 208 -68.40 -10.28 1.09
CA ASP I 208 -67.98 -11.62 0.66
C ASP I 208 -67.47 -12.49 1.83
N LYS I 209 -68.37 -13.29 2.43
CA LYS I 209 -68.01 -14.25 3.52
C LYS I 209 -69.07 -15.36 3.64
N LYS I 210 -68.70 -16.49 4.26
CA LYS I 210 -69.65 -17.60 4.48
C LYS I 210 -69.46 -18.24 5.87
N ILE I 211 -70.57 -18.59 6.52
CA ILE I 211 -70.52 -19.20 7.87
C ILE I 211 -69.74 -20.51 7.85
N GLY I 212 -70.11 -21.34 6.90
CA GLY I 212 -69.50 -22.65 6.69
C GLY I 212 -70.32 -23.47 5.71
N VAL I 213 -69.86 -24.67 5.39
CA VAL I 213 -70.60 -25.52 4.44
C VAL I 213 -72.02 -25.88 4.94
N ASN I 214 -72.15 -26.16 6.23
CA ASN I 214 -73.47 -26.48 6.78
C ASN I 214 -74.17 -25.20 7.19
N GLN I 215 -75.40 -25.00 6.69
CA GLN I 215 -76.27 -23.81 6.92
C GLN I 215 -77.19 -23.57 5.71
N PRO I 216 -78.42 -23.05 5.92
CA PRO I 216 -79.39 -22.78 4.83
C PRO I 216 -78.89 -21.76 3.80
N LYS I 217 -79.19 -22.00 2.52
CA LYS I 217 -78.82 -21.07 1.43
C LYS I 217 -79.44 -19.67 1.52
N ARG I 218 -80.70 -19.54 1.90
CA ARG I 218 -81.28 -18.20 1.99
C ARG I 218 -82.19 -17.99 3.17
N ILE I 219 -82.29 -16.72 3.49
CA ILE I 219 -83.12 -16.21 4.54
C ILE I 219 -83.97 -15.06 4.00
N GLU I 220 -85.20 -14.95 4.44
CA GLU I 220 -86.08 -13.88 3.97
C GLU I 220 -86.91 -13.35 5.13
N ASN I 221 -87.34 -12.08 5.05
CA ASN I 221 -87.96 -11.40 6.20
C ASN I 221 -86.88 -11.41 7.28
N ALA I 222 -85.67 -11.19 6.79
CA ALA I 222 -84.43 -11.26 7.55
C ALA I 222 -84.24 -10.25 8.68
N LYS I 223 -83.69 -10.77 9.76
CA LYS I 223 -83.34 -9.99 10.95
C LYS I 223 -81.81 -9.95 11.03
N ILE I 224 -81.24 -8.78 11.25
CA ILE I 224 -79.79 -8.63 11.29
C ILE I 224 -79.27 -8.31 12.68
N LEU I 225 -78.27 -9.07 13.11
CA LEU I 225 -77.68 -8.88 14.44
C LEU I 225 -76.18 -8.52 14.32
N ILE I 226 -75.77 -7.42 14.96
CA ILE I 226 -74.36 -6.98 14.97
C ILE I 226 -73.82 -6.90 16.40
N ALA I 227 -72.76 -7.64 16.72
CA ALA I 227 -72.22 -7.62 18.09
C ALA I 227 -70.76 -7.15 18.21
N ASN I 228 -70.54 -6.20 19.13
CA ASN I 228 -69.19 -5.70 19.46
C ASN I 228 -68.33 -6.78 20.09
N THR I 229 -68.94 -7.58 20.95
CA THR I 229 -68.24 -8.63 21.65
C THR I 229 -68.42 -9.97 20.93
N GLY I 230 -67.34 -10.72 20.88
CA GLY I 230 -67.34 -11.99 20.19
C GLY I 230 -68.13 -13.06 20.90
N MET I 231 -68.43 -14.07 20.14
CA MET I 231 -69.17 -15.24 20.58
C MET I 231 -68.30 -16.08 21.56
N ASP I 232 -66.97 -15.98 21.36
CA ASP I 232 -65.97 -16.73 22.17
C ASP I 232 -66.02 -16.39 23.67
N THR I 233 -65.99 -17.43 24.51
CA THR I 233 -65.98 -17.25 25.98
C THR I 233 -65.02 -18.24 26.68
N ASP I 234 -64.27 -17.78 27.72
CA ASP I 234 -63.39 -18.70 28.50
C ASP I 234 -62.47 -18.07 29.59
N LYS I 235 -61.26 -17.69 29.17
CA LYS I 235 -60.14 -17.19 30.03
C LYS I 235 -60.33 -15.91 30.89
N ILE I 236 -61.00 -14.88 30.38
CA ILE I 236 -61.14 -13.55 31.05
C ILE I 236 -59.73 -12.90 31.29
N LYS I 237 -59.63 -11.81 32.06
CA LYS I 237 -58.33 -11.12 32.31
C LYS I 237 -57.29 -12.03 32.99
N ILE I 238 -57.77 -12.77 33.96
CA ILE I 238 -56.94 -13.67 34.74
C ILE I 238 -57.46 -15.09 34.57
N PHE I 239 -56.60 -15.98 34.10
CA PHE I 239 -57.00 -17.36 33.80
C PHE I 239 -57.54 -18.11 35.02
N GLY I 240 -56.91 -17.88 36.14
CA GLY I 240 -57.24 -18.57 37.37
C GLY I 240 -56.41 -19.83 37.46
N SER I 241 -55.76 -20.09 36.29
CA SER I 241 -54.83 -21.21 36.02
C SER I 241 -55.37 -22.08 34.88
N ARG I 242 -54.53 -22.96 34.36
CA ARG I 242 -55.00 -23.91 33.37
C ARG I 242 -55.42 -25.07 34.25
N VAL I 243 -56.68 -25.46 34.20
CA VAL I 243 -57.18 -26.36 35.23
C VAL I 243 -57.76 -27.73 34.91
N ARG I 244 -57.52 -28.53 35.94
CA ARG I 244 -58.08 -29.85 36.16
C ARG I 244 -58.82 -29.74 37.48
N VAL I 245 -59.97 -30.35 37.59
CA VAL I 245 -60.70 -30.26 38.83
C VAL I 245 -60.54 -31.52 39.70
N ASP I 246 -60.48 -31.28 41.01
CA ASP I 246 -60.24 -32.28 42.08
C ASP I 246 -60.89 -33.70 41.97
N SER I 247 -61.94 -33.90 41.18
CA SER I 247 -62.57 -35.23 41.07
C SER I 247 -63.20 -35.47 39.68
N THR I 248 -64.22 -36.32 39.63
CA THR I 248 -64.94 -36.58 38.36
C THR I 248 -66.16 -35.67 38.05
N ALA I 249 -66.99 -35.38 39.05
CA ALA I 249 -68.23 -34.60 38.82
C ALA I 249 -68.07 -33.08 38.74
N LYS I 250 -66.92 -32.53 39.09
CA LYS I 250 -66.79 -31.07 39.02
C LYS I 250 -66.30 -30.59 37.64
N VAL I 251 -65.68 -31.50 36.88
CA VAL I 251 -65.25 -31.20 35.50
C VAL I 251 -66.48 -30.82 34.68
N ALA I 252 -67.57 -31.51 35.01
CA ALA I 252 -68.88 -31.32 34.38
C ALA I 252 -69.38 -29.89 34.58
N GLU I 253 -69.05 -29.29 35.72
CA GLU I 253 -69.47 -27.92 36.03
C GLU I 253 -68.96 -26.92 34.98
N ILE I 254 -67.70 -27.06 34.59
CA ILE I 254 -67.13 -26.17 33.56
C ILE I 254 -67.74 -26.44 32.18
N GLU I 255 -67.92 -27.72 31.87
CA GLU I 255 -68.50 -28.13 30.58
C GLU I 255 -69.94 -27.61 30.42
N HIS I 256 -70.68 -27.69 31.52
CA HIS I 256 -72.09 -27.24 31.61
C HIS I 256 -72.22 -25.74 31.29
N ALA I 257 -71.26 -24.96 31.79
CA ALA I 257 -71.27 -23.50 31.64
C ALA I 257 -71.26 -23.14 30.16
N GLU I 258 -70.50 -23.88 29.37
CA GLU I 258 -70.47 -23.67 27.93
C GLU I 258 -71.86 -23.86 27.31
N LYS I 259 -72.59 -24.86 27.79
CA LYS I 259 -73.93 -25.18 27.29
C LYS I 259 -74.88 -23.98 27.48
N GLU I 260 -74.76 -23.32 28.63
CA GLU I 260 -75.58 -22.13 28.93
C GLU I 260 -75.34 -21.02 27.90
N LYS I 261 -74.09 -20.85 27.54
CA LYS I 261 -73.70 -19.84 26.56
C LYS I 261 -74.39 -20.13 25.23
N MET I 262 -74.46 -21.43 24.90
CA MET I 262 -75.20 -21.90 23.73
C MET I 262 -76.70 -21.60 23.84
N LYS I 263 -77.23 -21.85 25.06
CA LYS I 263 -78.66 -21.67 25.35
C LYS I 263 -79.16 -20.24 25.22
N GLU I 264 -78.37 -19.28 25.68
CA GLU I 264 -78.75 -17.87 25.59
C GLU I 264 -78.89 -17.43 24.14
N LYS I 265 -77.96 -17.91 23.34
CA LYS I 265 -77.90 -17.57 21.93
C LYS I 265 -79.10 -18.11 21.15
N VAL I 266 -79.54 -19.34 21.46
CA VAL I 266 -80.71 -19.92 20.80
C VAL I 266 -82.05 -19.33 21.24
N GLU I 267 -82.22 -19.19 22.56
CA GLU I 267 -83.50 -18.72 23.11
C GLU I 267 -83.87 -17.31 22.64
N ARG I 268 -82.89 -16.42 22.67
CA ARG I 268 -83.08 -15.03 22.24
C ARG I 268 -83.27 -14.94 20.73
N ILE I 269 -82.47 -15.75 20.03
CA ILE I 269 -82.45 -15.81 18.58
C ILE I 269 -83.75 -16.34 17.93
N LEU I 270 -84.29 -17.44 18.43
CA LEU I 270 -85.49 -18.04 17.86
C LEU I 270 -86.73 -17.12 17.89
N LYS I 271 -86.93 -16.41 19.00
CA LYS I 271 -88.08 -15.51 19.14
C LYS I 271 -88.09 -14.40 18.08
N HIS I 272 -86.91 -13.87 17.80
CA HIS I 272 -86.72 -12.81 16.81
C HIS I 272 -86.96 -13.31 15.39
N GLY I 273 -86.77 -14.62 15.19
CA GLY I 273 -86.89 -15.20 13.87
C GLY I 273 -85.60 -15.04 13.09
N ILE I 274 -84.55 -14.64 13.84
CA ILE I 274 -83.19 -14.41 13.35
C ILE I 274 -82.83 -15.10 12.03
N ASN I 275 -82.58 -14.28 11.03
CA ASN I 275 -82.20 -14.79 9.72
C ASN I 275 -80.68 -14.74 9.49
N CYS I 276 -80.03 -13.67 9.94
CA CYS I 276 -78.58 -13.54 9.73
C CYS I 276 -77.88 -12.82 10.89
N PHE I 277 -76.71 -13.33 11.25
CA PHE I 277 -75.91 -12.74 12.31
C PHE I 277 -74.57 -12.25 11.77
N ILE I 278 -74.24 -10.99 11.98
CA ILE I 278 -72.97 -10.45 11.52
C ILE I 278 -72.14 -9.92 12.70
N ASN I 279 -70.96 -10.49 12.88
CA ASN I 279 -70.08 -10.11 13.99
C ASN I 279 -68.70 -9.66 13.49
N ARG I 280 -68.23 -8.50 13.94
CA ARG I 280 -66.92 -8.03 13.51
C ARG I 280 -65.79 -8.63 14.37
N GLN I 281 -65.61 -9.95 14.28
CA GLN I 281 -64.51 -10.65 14.99
C GLN I 281 -64.65 -12.17 14.93
N LEU I 282 -63.82 -12.84 15.70
CA LEU I 282 -63.81 -14.30 15.78
C LEU I 282 -65.13 -14.83 16.38
N ILE I 283 -65.62 -15.93 15.82
CA ILE I 283 -66.88 -16.52 16.28
C ILE I 283 -66.63 -17.90 16.88
N TYR I 284 -67.20 -18.12 18.06
CA TYR I 284 -67.01 -19.35 18.81
C TYR I 284 -67.72 -20.53 18.11
N ASN I 285 -67.04 -21.68 18.11
CA ASN I 285 -67.53 -22.90 17.43
C ASN I 285 -68.86 -23.51 17.91
N TYR I 286 -69.13 -23.52 19.22
CA TYR I 286 -70.38 -24.14 19.73
C TYR I 286 -71.68 -23.62 19.07
N PRO I 287 -71.87 -22.29 18.98
CA PRO I 287 -73.07 -21.70 18.36
C PRO I 287 -73.25 -22.09 16.90
N GLU I 288 -72.15 -22.38 16.23
CA GLU I 288 -72.18 -22.65 14.81
C GLU I 288 -73.05 -23.86 14.47
N GLN I 289 -73.00 -24.90 15.29
CA GLN I 289 -73.85 -26.08 15.06
C GLN I 289 -75.33 -25.71 15.19
N LEU I 290 -75.60 -24.87 16.18
CA LEU I 290 -76.94 -24.36 16.49
C LEU I 290 -77.57 -23.58 15.34
N PHE I 291 -76.79 -22.66 14.78
CA PHE I 291 -77.25 -21.80 13.67
C PHE I 291 -77.69 -22.61 12.43
N GLY I 292 -76.94 -23.67 12.12
CA GLY I 292 -77.29 -24.50 10.97
C GLY I 292 -78.65 -25.17 11.08
N ALA I 293 -78.95 -25.74 12.24
CA ALA I 293 -80.24 -26.40 12.47
C ALA I 293 -81.41 -25.40 12.53
N ALA I 294 -81.16 -24.27 13.17
CA ALA I 294 -82.14 -23.19 13.32
C ALA I 294 -82.59 -22.62 11.97
N GLY I 295 -81.62 -22.50 11.08
CA GLY I 295 -81.86 -21.93 9.77
C GLY I 295 -81.41 -20.47 9.73
N VAL I 296 -80.28 -20.23 10.40
CA VAL I 296 -79.70 -18.89 10.53
C VAL I 296 -78.29 -18.79 9.93
N MET I 297 -78.06 -17.79 9.11
CA MET I 297 -76.76 -17.59 8.48
C MET I 297 -75.93 -16.51 9.20
N ALA I 298 -74.76 -16.91 9.71
CA ALA I 298 -73.86 -16.00 10.45
C ALA I 298 -72.56 -15.70 9.68
N ILE I 299 -71.94 -14.58 9.97
CA ILE I 299 -70.69 -14.20 9.28
C ILE I 299 -69.51 -14.05 10.26
N GLU I 300 -68.47 -14.85 10.05
CA GLU I 300 -67.27 -14.83 10.91
C GLU I 300 -66.25 -13.77 10.48
N HIS I 301 -65.80 -12.97 11.46
CA HIS I 301 -64.79 -11.93 11.24
C HIS I 301 -65.20 -10.89 10.19
N ALA I 302 -66.46 -10.49 10.17
CA ALA I 302 -66.89 -9.48 9.22
C ALA I 302 -66.13 -8.18 9.46
N ASP I 303 -65.70 -7.51 8.39
CA ASP I 303 -64.95 -6.26 8.52
C ASP I 303 -65.81 -5.15 9.16
N PHE I 304 -65.18 -4.42 10.07
CA PHE I 304 -65.85 -3.36 10.83
C PHE I 304 -66.40 -2.27 9.91
N VAL I 305 -65.61 -1.91 8.89
CA VAL I 305 -66.03 -0.88 7.95
C VAL I 305 -67.33 -1.29 7.23
N GLY I 306 -67.44 -2.56 6.86
CA GLY I 306 -68.66 -3.06 6.23
C GLY I 306 -69.84 -3.01 7.19
N VAL I 307 -69.57 -3.40 8.43
CA VAL I 307 -70.58 -3.43 9.50
C VAL I 307 -71.18 -2.05 9.79
N GLU I 308 -70.32 -1.04 9.96
CA GLU I 308 -70.80 0.33 10.24
C GLU I 308 -71.66 0.87 9.10
N ARG I 309 -71.24 0.58 7.87
CA ARG I 309 -71.98 1.00 6.67
C ARG I 309 -73.35 0.34 6.66
N LEU I 310 -73.34 -0.93 7.06
CA LEU I 310 -74.54 -1.76 7.10
C LEU I 310 -75.52 -1.21 8.15
N ALA I 311 -74.96 -0.77 9.29
CA ALA I 311 -75.77 -0.24 10.39
C ALA I 311 -76.57 0.98 9.94
N LEU I 312 -75.94 1.88 9.20
CA LEU I 312 -76.64 3.05 8.68
C LEU I 312 -77.81 2.57 7.80
N VAL I 313 -77.49 1.63 6.91
CA VAL I 313 -78.46 1.05 5.97
C VAL I 313 -79.64 0.32 6.65
N THR I 314 -79.34 -0.56 7.61
CA THR I 314 -80.38 -1.34 8.31
C THR I 314 -81.26 -0.48 9.22
N GLY I 315 -80.63 0.47 9.92
CA GLY I 315 -81.35 1.32 10.87
C GLY I 315 -80.66 1.38 12.23
N GLY I 316 -79.45 0.84 12.27
CA GLY I 316 -78.64 0.86 13.48
C GLY I 316 -78.82 -0.34 14.40
N GLU I 317 -77.81 -0.55 15.21
CA GLU I 317 -77.78 -1.64 16.19
C GLU I 317 -77.17 -1.11 17.48
N ILE I 318 -77.61 -1.52 18.65
CA ILE I 318 -76.89 -1.12 19.84
C ILE I 318 -76.05 -2.34 20.17
N ALA I 319 -74.76 -2.26 19.92
CA ALA I 319 -73.92 -3.44 20.08
C ALA I 319 -73.29 -3.58 21.46
N SER I 320 -73.91 -4.45 22.21
CA SER I 320 -73.52 -4.78 23.57
C SER I 320 -73.31 -6.28 23.70
N THR I 321 -73.50 -6.77 24.91
CA THR I 321 -73.41 -8.18 25.24
C THR I 321 -74.71 -8.86 24.81
N PHE I 322 -74.79 -10.19 24.90
CA PHE I 322 -75.96 -11.01 24.45
C PHE I 322 -77.37 -10.45 24.73
N ASP I 323 -77.46 -9.40 25.52
CA ASP I 323 -78.73 -8.69 25.76
C ASP I 323 -79.13 -7.96 24.47
N HIS I 324 -78.11 -7.77 23.62
CA HIS I 324 -78.18 -7.06 22.32
C HIS I 324 -79.42 -7.30 21.40
N PRO I 325 -80.03 -8.51 21.29
CA PRO I 325 -81.20 -8.76 20.38
C PRO I 325 -82.40 -7.74 20.37
N GLU I 326 -83.59 -8.33 20.24
CA GLU I 326 -84.92 -7.65 20.12
C GLU I 326 -84.90 -6.16 19.67
N LEU I 327 -85.24 -5.21 20.57
CA LEU I 327 -85.34 -3.78 20.19
C LEU I 327 -84.06 -2.95 20.34
N VAL I 328 -83.08 -3.41 21.09
CA VAL I 328 -81.83 -2.63 21.15
C VAL I 328 -81.14 -2.75 19.79
N LYS I 329 -81.55 -3.79 19.05
CA LYS I 329 -81.12 -4.02 17.67
C LYS I 329 -82.22 -3.59 16.70
N LEU I 330 -81.88 -2.77 15.72
CA LEU I 330 -82.87 -2.41 14.71
C LEU I 330 -82.57 -3.19 13.44
N GLY I 331 -83.50 -4.04 13.05
CA GLY I 331 -83.29 -4.83 11.87
C GLY I 331 -84.20 -4.47 10.73
N SER I 332 -83.64 -4.32 9.55
CA SER I 332 -84.42 -4.03 8.37
C SER I 332 -84.71 -5.34 7.68
N CYS I 333 -85.92 -5.55 7.22
CA CYS I 333 -86.22 -6.82 6.60
C CYS I 333 -86.70 -6.74 5.15
N LYS I 334 -85.91 -7.36 4.32
CA LYS I 334 -86.20 -7.54 2.91
C LYS I 334 -85.62 -8.87 2.52
N LEU I 335 -84.44 -8.87 1.92
CA LEU I 335 -83.77 -10.12 1.59
C LEU I 335 -82.24 -10.10 1.81
N ILE I 336 -81.73 -11.09 2.51
CA ILE I 336 -80.28 -11.27 2.64
C ILE I 336 -79.95 -12.64 2.07
N GLU I 337 -79.11 -12.69 1.06
CA GLU I 337 -78.82 -13.98 0.46
C GLU I 337 -77.39 -14.09 -0.05
N GLU I 338 -76.91 -15.31 -0.15
CA GLU I 338 -75.58 -15.53 -0.69
C GLU I 338 -75.76 -15.97 -2.14
N VAL I 339 -75.21 -15.20 -3.04
CA VAL I 339 -75.34 -15.45 -4.46
C VAL I 339 -74.00 -15.43 -5.16
N MET I 340 -73.94 -16.02 -6.31
CA MET I 340 -72.73 -15.99 -7.09
C MET I 340 -72.90 -14.92 -8.16
N ILE I 341 -71.98 -13.97 -8.11
CA ILE I 341 -71.95 -12.82 -9.00
C ILE I 341 -71.85 -13.22 -10.47
N GLY I 342 -71.02 -14.22 -10.69
CA GLY I 342 -70.76 -14.74 -12.01
C GLY I 342 -69.53 -15.61 -11.96
N GLU I 343 -68.90 -15.57 -10.80
CA GLU I 343 -67.69 -16.33 -10.49
C GLU I 343 -67.62 -16.67 -9.00
N ASP I 344 -67.01 -15.77 -8.24
CA ASP I 344 -66.83 -15.93 -6.79
C ASP I 344 -68.19 -15.78 -6.06
N LYS I 345 -68.32 -16.47 -4.93
CA LYS I 345 -69.56 -16.45 -4.13
C LYS I 345 -69.55 -15.30 -3.12
N LEU I 346 -70.59 -14.48 -3.18
CA LEU I 346 -70.72 -13.28 -2.34
C LEU I 346 -72.10 -13.21 -1.65
N ILE I 347 -72.20 -12.43 -0.58
CA ILE I 347 -73.45 -12.28 0.14
C ILE I 347 -74.02 -10.87 -0.08
N HIS I 348 -75.29 -10.81 -0.47
CA HIS I 348 -75.94 -9.55 -0.80
C HIS I 348 -77.00 -9.11 0.20
N PHE I 349 -76.80 -7.91 0.73
CA PHE I 349 -77.78 -7.30 1.60
C PHE I 349 -78.54 -6.29 0.73
N SER I 350 -79.86 -6.41 0.61
CA SER I 350 -80.58 -5.49 -0.27
C SER I 350 -82.01 -5.24 0.19
N GLY I 351 -82.65 -4.25 -0.43
CA GLY I 351 -84.01 -3.91 -0.06
C GLY I 351 -84.06 -3.06 1.19
N VAL I 352 -83.14 -2.11 1.28
CA VAL I 352 -83.04 -1.27 2.46
C VAL I 352 -84.14 -0.20 2.54
N ALA I 353 -84.84 -0.21 3.67
CA ALA I 353 -85.93 0.73 3.94
C ALA I 353 -85.46 2.18 3.95
N LEU I 354 -84.28 2.42 4.52
CA LEU I 354 -83.73 3.78 4.61
C LEU I 354 -83.51 4.41 3.22
N GLY I 355 -82.85 3.66 2.32
CA GLY I 355 -82.62 4.14 0.96
C GLY I 355 -81.45 5.11 0.82
N GLU I 356 -80.97 5.61 1.96
CA GLU I 356 -79.87 6.58 2.02
C GLU I 356 -78.55 6.08 1.39
N ALA I 357 -78.20 4.81 1.63
CA ALA I 357 -76.92 4.25 1.15
C ALA I 357 -77.05 3.06 0.20
N CYS I 358 -76.18 3.05 -0.83
CA CYS I 358 -76.16 1.97 -1.84
C CYS I 358 -74.72 1.51 -2.22
N THR I 359 -74.63 0.32 -2.83
CA THR I 359 -73.36 -0.34 -3.21
C THR I 359 -73.17 -0.60 -4.73
N ILE I 360 -71.98 -0.27 -5.23
CA ILE I 360 -71.62 -0.48 -6.64
C ILE I 360 -70.57 -1.60 -6.77
N VAL I 361 -70.85 -2.55 -7.66
CA VAL I 361 -69.96 -3.71 -7.88
C VAL I 361 -69.35 -3.70 -9.28
N LEU I 362 -68.03 -3.86 -9.35
CA LEU I 362 -67.31 -3.84 -10.62
C LEU I 362 -66.79 -5.24 -10.99
N ARG I 363 -66.69 -5.51 -12.29
CA ARG I 363 -66.24 -6.80 -12.81
C ARG I 363 -65.14 -6.61 -13.87
N GLY I 364 -64.33 -7.65 -14.15
CA GLY I 364 -63.26 -7.45 -15.13
C GLY I 364 -62.65 -8.70 -15.78
N ALA I 365 -61.54 -8.47 -16.49
CA ALA I 365 -60.82 -9.51 -17.24
C ALA I 365 -59.56 -10.07 -16.54
N THR I 366 -59.38 -9.76 -15.24
CA THR I 366 -58.24 -10.26 -14.42
C THR I 366 -56.82 -9.89 -14.92
N GLN I 367 -56.43 -8.63 -14.69
CA GLN I 367 -55.11 -8.13 -15.12
C GLN I 367 -54.75 -6.88 -14.30
N GLN I 368 -53.57 -6.34 -14.59
CA GLN I 368 -53.11 -5.08 -13.97
C GLN I 368 -54.11 -4.01 -14.33
N ILE I 369 -54.53 -4.13 -15.58
CA ILE I 369 -55.48 -3.24 -16.20
C ILE I 369 -56.81 -3.28 -15.43
N LEU I 370 -57.24 -4.45 -14.98
CA LEU I 370 -58.46 -4.55 -14.14
C LEU I 370 -58.38 -3.78 -12.81
N ASP I 371 -57.21 -3.82 -12.15
CA ASP I 371 -57.02 -3.14 -10.84
C ASP I 371 -57.12 -1.63 -11.05
N GLU I 372 -57.00 -1.28 -12.29
CA GLU I 372 -57.11 0.06 -12.80
C GLU I 372 -58.51 0.60 -12.48
N ALA I 373 -59.50 -0.27 -12.63
CA ALA I 373 -60.88 0.06 -12.32
C ALA I 373 -61.05 0.48 -10.85
N GLU I 374 -60.32 -0.18 -9.93
CA GLU I 374 -60.41 0.15 -8.50
C GLU I 374 -60.00 1.61 -8.22
N ARG I 375 -58.88 2.03 -8.79
CA ARG I 375 -58.38 3.40 -8.66
C ARG I 375 -59.24 4.43 -9.42
N SER I 376 -59.67 4.04 -10.63
CA SER I 376 -60.49 4.90 -11.50
C SER I 376 -61.88 5.09 -10.90
N LEU I 377 -62.28 4.08 -10.16
CA LEU I 377 -63.54 4.06 -9.43
C LEU I 377 -63.59 5.21 -8.45
N HIS I 378 -62.50 5.33 -7.69
CA HIS I 378 -62.35 6.39 -6.71
C HIS I 378 -62.42 7.75 -7.43
N ASP I 379 -61.79 7.76 -8.61
CA ASP I 379 -61.72 8.95 -9.45
C ASP I 379 -63.10 9.37 -9.98
N ALA I 380 -63.88 8.36 -10.35
CA ALA I 380 -65.22 8.56 -10.88
C ALA I 380 -66.23 9.08 -9.85
N LEU I 381 -66.14 8.55 -8.64
CA LEU I 381 -67.07 8.94 -7.58
C LEU I 381 -66.99 10.45 -7.30
N CYS I 382 -65.77 10.96 -7.27
CA CYS I 382 -65.55 12.37 -7.00
C CYS I 382 -66.11 13.31 -8.10
N VAL I 383 -65.95 12.93 -9.38
CA VAL I 383 -66.39 13.78 -10.51
C VAL I 383 -67.91 13.98 -10.59
N LEU I 384 -68.63 12.88 -10.52
CA LEU I 384 -70.09 12.89 -10.68
C LEU I 384 -70.88 13.57 -9.56
N ALA I 385 -70.48 13.35 -8.32
CA ALA I 385 -71.20 13.96 -7.20
C ALA I 385 -71.19 15.49 -7.33
N GLN I 386 -70.02 16.02 -7.60
CA GLN I 386 -69.83 17.45 -7.74
C GLN I 386 -70.47 18.06 -9.01
N THR I 387 -70.38 17.36 -10.15
CA THR I 387 -70.92 17.90 -11.42
C THR I 387 -72.43 18.19 -11.39
N VAL I 388 -73.21 17.30 -10.82
CA VAL I 388 -74.65 17.54 -10.76
C VAL I 388 -75.07 18.66 -9.81
N LYS I 389 -74.44 18.77 -8.65
CA LYS I 389 -74.84 19.79 -7.69
C LYS I 389 -74.12 21.15 -7.84
N ASP I 390 -73.01 21.22 -8.58
CA ASP I 390 -72.35 22.53 -8.79
C ASP I 390 -73.03 23.34 -9.90
N SER I 391 -73.73 22.61 -10.78
CA SER I 391 -74.44 23.15 -11.95
C SER I 391 -73.55 24.05 -12.83
N ARG I 392 -72.24 23.84 -12.76
CA ARG I 392 -71.28 24.62 -13.55
C ARG I 392 -70.15 23.74 -14.11
N THR I 393 -69.73 24.00 -15.35
CA THR I 393 -68.61 23.25 -15.97
C THR I 393 -67.82 24.15 -16.93
N VAL I 394 -66.64 23.74 -17.34
CA VAL I 394 -65.85 24.52 -18.31
C VAL I 394 -65.38 23.59 -19.43
N TYR I 395 -65.01 24.12 -20.58
CA TYR I 395 -64.61 23.22 -21.66
C TYR I 395 -63.26 22.56 -21.34
N GLY I 396 -63.19 21.27 -21.63
CA GLY I 396 -62.00 20.47 -21.36
C GLY I 396 -61.00 20.46 -22.50
N GLY I 397 -60.01 19.59 -22.38
CA GLY I 397 -59.00 19.48 -23.43
C GLY I 397 -58.09 20.69 -23.49
N GLY I 398 -58.04 21.42 -22.38
CA GLY I 398 -57.20 22.61 -22.30
C GLY I 398 -57.79 23.85 -22.95
N CYS I 399 -59.08 23.80 -23.33
CA CYS I 399 -59.71 24.97 -23.96
C CYS I 399 -59.72 26.18 -23.03
N SER I 400 -60.05 25.92 -21.78
CA SER I 400 -60.10 26.97 -20.76
C SER I 400 -58.74 27.63 -20.51
N GLU I 401 -57.71 26.80 -20.52
CA GLU I 401 -56.36 27.25 -20.20
C GLU I 401 -55.72 28.18 -21.24
N MET I 402 -55.92 27.91 -22.53
CA MET I 402 -55.33 28.77 -23.56
C MET I 402 -55.99 30.16 -23.58
N LEU I 403 -57.31 30.19 -23.41
CA LEU I 403 -58.06 31.46 -23.43
C LEU I 403 -57.55 32.39 -22.33
N MET I 404 -57.38 31.82 -21.16
CA MET I 404 -56.83 32.54 -20.02
C MET I 404 -55.41 33.08 -20.30
N ALA I 405 -54.60 32.27 -20.97
CA ALA I 405 -53.22 32.63 -21.31
C ALA I 405 -53.11 33.89 -22.21
N HIS I 406 -53.99 34.02 -23.20
CA HIS I 406 -53.95 35.18 -24.10
C HIS I 406 -54.16 36.52 -23.35
N ALA I 407 -55.09 36.50 -22.40
CA ALA I 407 -55.43 37.67 -21.59
C ALA I 407 -54.33 38.07 -20.60
N VAL I 408 -53.70 37.08 -19.98
CA VAL I 408 -52.66 37.30 -18.95
C VAL I 408 -51.35 37.91 -19.48
N THR I 409 -50.89 37.52 -20.66
CA THR I 409 -49.64 38.10 -21.20
C THR I 409 -49.79 39.62 -21.37
N GLN I 410 -50.97 40.03 -21.82
CA GLN I 410 -51.33 41.44 -22.01
C GLN I 410 -51.25 42.24 -20.69
N LEU I 411 -51.71 41.60 -19.61
CA LEU I 411 -51.79 42.22 -18.28
C LEU I 411 -50.45 42.66 -17.68
N ALA I 412 -49.40 41.87 -17.85
CA ALA I 412 -48.11 42.20 -17.24
C ALA I 412 -47.56 43.55 -17.69
N SER I 413 -47.51 43.77 -18.98
CA SER I 413 -47.03 45.05 -19.51
C SER I 413 -47.87 46.23 -19.02
N ARG I 414 -49.19 46.02 -18.98
CA ARG I 414 -50.14 47.07 -18.62
C ARG I 414 -49.86 47.64 -17.20
N THR I 415 -49.55 46.76 -16.23
CA THR I 415 -49.19 47.19 -14.87
C THR I 415 -47.81 47.87 -14.92
N PRO I 416 -47.43 48.70 -13.93
CA PRO I 416 -46.15 49.42 -14.03
C PRO I 416 -44.88 48.64 -13.65
N GLY I 417 -44.38 48.81 -12.45
CA GLY I 417 -43.12 48.18 -12.09
C GLY I 417 -43.17 46.82 -11.41
N LYS I 418 -43.33 46.88 -10.11
CA LYS I 418 -43.29 45.70 -9.25
C LYS I 418 -44.34 44.63 -9.56
N GLU I 419 -45.52 45.07 -9.87
CA GLU I 419 -46.64 44.18 -10.17
C GLU I 419 -46.47 43.44 -11.50
N ALA I 420 -45.96 44.15 -12.50
CA ALA I 420 -45.83 43.64 -13.87
C ALA I 420 -44.98 42.38 -14.09
N VAL I 421 -43.77 42.33 -13.58
CA VAL I 421 -42.94 41.15 -13.84
C VAL I 421 -43.44 39.90 -13.11
N ALA I 422 -43.88 40.06 -11.88
CA ALA I 422 -44.37 38.93 -11.11
C ALA I 422 -45.56 38.27 -11.81
N MET I 423 -46.53 39.09 -12.19
CA MET I 423 -47.71 38.60 -12.89
C MET I 423 -47.37 37.94 -14.25
N GLU I 424 -46.42 38.50 -15.03
CA GLU I 424 -46.06 37.92 -16.34
C GLU I 424 -45.53 36.49 -16.21
N SER I 425 -44.71 36.22 -15.19
CA SER I 425 -44.18 34.88 -15.00
C SER I 425 -45.31 33.89 -14.75
N TYR I 426 -46.29 34.32 -13.95
CA TYR I 426 -47.47 33.52 -13.69
C TYR I 426 -48.23 33.25 -15.00
N ALA I 427 -48.30 34.29 -15.83
CA ALA I 427 -48.98 34.25 -17.12
C ALA I 427 -48.43 33.20 -18.10
N LYS I 428 -47.11 33.09 -18.18
CA LYS I 428 -46.48 32.08 -19.04
C LYS I 428 -46.68 30.65 -18.52
N ALA I 429 -47.01 30.54 -17.24
CA ALA I 429 -47.27 29.25 -16.59
C ALA I 429 -48.46 28.54 -17.27
N LEU I 430 -49.34 29.31 -17.87
CA LEU I 430 -50.48 28.74 -18.57
C LEU I 430 -50.06 28.00 -19.87
N ARG I 431 -48.97 28.47 -20.51
CA ARG I 431 -48.48 27.93 -21.80
C ARG I 431 -48.07 26.43 -21.81
N MET I 432 -47.44 25.95 -20.76
CA MET I 432 -47.02 24.53 -20.70
C MET I 432 -48.21 23.57 -20.80
N LEU I 433 -49.33 23.90 -20.13
CA LEU I 433 -50.51 23.04 -20.12
C LEU I 433 -50.94 22.57 -21.53
N PRO I 434 -51.10 23.47 -22.52
CA PRO I 434 -51.39 23.04 -23.90
C PRO I 434 -50.38 22.01 -24.43
N THR I 435 -49.13 22.26 -24.07
CA THR I 435 -48.01 21.40 -24.45
C THR I 435 -48.05 20.03 -23.78
N ILE I 436 -48.43 20.03 -22.50
CA ILE I 436 -48.47 18.79 -21.73
C ILE I 436 -49.57 17.86 -22.25
N ILE I 437 -50.70 18.46 -22.61
CA ILE I 437 -51.84 17.73 -23.17
C ILE I 437 -51.47 17.01 -24.48
N ALA I 438 -50.84 17.77 -25.36
CA ALA I 438 -50.41 17.28 -26.67
C ALA I 438 -49.29 16.23 -26.61
N ASP I 439 -48.32 16.43 -25.72
CA ASP I 439 -47.16 15.53 -25.62
C ASP I 439 -47.54 14.08 -25.29
N ASN I 440 -48.49 13.87 -24.37
CA ASN I 440 -48.91 12.51 -24.02
C ASN I 440 -49.71 11.85 -25.16
N ALA I 441 -50.25 12.71 -26.03
CA ALA I 441 -51.03 12.30 -27.19
C ALA I 441 -50.26 11.42 -28.17
N GLY I 442 -48.98 11.75 -28.39
CA GLY I 442 -48.17 11.04 -29.36
C GLY I 442 -48.05 11.83 -30.65
N TYR I 443 -48.50 13.07 -30.55
CA TYR I 443 -48.49 14.04 -31.65
C TYR I 443 -47.47 15.14 -31.35
N ASP I 444 -47.03 15.85 -32.39
CA ASP I 444 -45.98 16.87 -32.22
C ASP I 444 -46.46 18.10 -31.43
N SER I 445 -45.84 18.26 -30.24
CA SER I 445 -46.14 19.35 -29.30
C SER I 445 -45.91 20.78 -29.81
N ALA I 446 -44.82 21.00 -30.55
CA ALA I 446 -44.51 22.35 -31.04
C ALA I 446 -45.55 22.87 -32.04
N ASP I 447 -45.97 22.01 -32.97
CA ASP I 447 -46.99 22.37 -33.96
C ASP I 447 -48.28 22.78 -33.25
N LEU I 448 -48.58 22.00 -32.24
CA LEU I 448 -49.78 22.15 -31.45
C LEU I 448 -49.87 23.52 -30.76
N VAL I 449 -48.77 24.01 -30.21
CA VAL I 449 -48.77 25.30 -29.49
C VAL I 449 -49.20 26.50 -30.35
N ALA I 450 -48.62 26.64 -31.54
CA ALA I 450 -48.96 27.79 -32.41
C ALA I 450 -50.38 27.73 -32.98
N GLN I 451 -50.82 26.54 -33.38
CA GLN I 451 -52.17 26.37 -33.93
C GLN I 451 -53.23 26.55 -32.85
N LEU I 452 -52.95 26.03 -31.67
CA LEU I 452 -53.85 26.11 -30.54
C LEU I 452 -54.17 27.55 -30.13
N ARG I 453 -53.11 28.36 -29.99
CA ARG I 453 -53.27 29.75 -29.58
C ARG I 453 -54.13 30.56 -30.55
N ALA I 454 -53.96 30.32 -31.84
CA ALA I 454 -54.74 31.03 -32.85
C ALA I 454 -56.25 30.79 -32.71
N ALA I 455 -56.67 29.57 -32.41
CA ALA I 455 -58.11 29.28 -32.27
C ALA I 455 -58.75 29.92 -31.01
N HIS I 456 -58.03 29.90 -29.90
CA HIS I 456 -58.49 30.50 -28.63
C HIS I 456 -58.55 32.04 -28.66
N SER I 457 -57.55 32.63 -29.29
CA SER I 457 -57.42 34.09 -29.43
C SER I 457 -58.62 34.65 -30.18
N GLU I 458 -59.01 33.90 -31.17
CA GLU I 458 -60.08 34.23 -32.09
C GLU I 458 -61.41 34.39 -31.30
N GLY I 459 -61.65 33.54 -30.31
CA GLY I 459 -62.87 33.70 -29.48
C GLY I 459 -63.78 32.50 -29.44
N LYS I 460 -63.42 31.45 -30.12
CA LYS I 460 -64.23 30.25 -30.09
C LYS I 460 -63.72 29.36 -28.93
N THR I 461 -64.45 29.42 -27.82
CA THR I 461 -64.11 28.69 -26.59
C THR I 461 -64.27 27.18 -26.69
N THR I 462 -65.07 26.74 -27.64
CA THR I 462 -65.31 25.32 -27.86
C THR I 462 -64.05 24.60 -28.37
N ALA I 463 -63.31 25.26 -29.25
CA ALA I 463 -62.08 24.70 -29.82
C ALA I 463 -61.03 24.43 -28.73
N GLY I 464 -60.34 23.31 -28.84
CA GLY I 464 -59.34 22.93 -27.86
C GLY I 464 -58.35 21.91 -28.39
N LEU I 465 -57.73 21.16 -27.49
CA LEU I 465 -56.77 20.15 -27.93
C LEU I 465 -57.47 18.82 -28.16
N ASP I 466 -57.40 18.29 -29.38
CA ASP I 466 -58.01 17.00 -29.61
C ASP I 466 -56.91 15.99 -29.84
N MET I 467 -56.75 15.15 -28.86
CA MET I 467 -55.75 14.09 -28.86
C MET I 467 -56.04 12.99 -29.87
N LYS I 468 -57.31 12.60 -30.01
CA LYS I 468 -57.66 11.57 -31.00
C LYS I 468 -57.32 12.06 -32.42
N GLU I 469 -57.63 13.34 -32.64
CA GLU I 469 -57.39 14.04 -33.91
C GLU I 469 -55.91 14.29 -34.21
N GLY I 470 -55.15 14.65 -33.17
CA GLY I 470 -53.75 15.01 -33.33
C GLY I 470 -53.54 16.50 -33.58
N THR I 471 -54.66 17.19 -33.80
CA THR I 471 -54.68 18.64 -34.03
C THR I 471 -55.72 19.30 -33.11
N ILE I 472 -56.16 20.51 -33.47
CA ILE I 472 -57.16 21.21 -32.67
C ILE I 472 -58.57 20.93 -33.22
N GLY I 473 -59.52 20.75 -32.34
CA GLY I 473 -60.89 20.44 -32.76
C GLY I 473 -61.95 21.01 -31.83
N ASP I 474 -63.21 20.67 -32.10
CA ASP I 474 -64.31 21.17 -31.28
C ASP I 474 -64.54 20.24 -30.08
N MET I 475 -64.20 20.78 -28.93
CA MET I 475 -64.28 20.10 -27.63
C MET I 475 -65.72 19.66 -27.29
N SER I 476 -66.68 20.53 -27.60
CA SER I 476 -68.10 20.32 -27.29
C SER I 476 -68.67 19.05 -27.95
N VAL I 477 -68.27 18.77 -29.19
CA VAL I 477 -68.74 17.57 -29.90
C VAL I 477 -68.33 16.31 -29.14
N LEU I 478 -67.11 16.33 -28.64
CA LEU I 478 -66.55 15.25 -27.82
C LEU I 478 -67.39 15.04 -26.57
N GLY I 479 -67.82 16.15 -25.97
CA GLY I 479 -68.56 16.10 -24.72
C GLY I 479 -67.62 16.18 -23.56
N ILE I 480 -66.47 16.79 -23.81
CA ILE I 480 -65.44 16.92 -22.81
C ILE I 480 -65.62 18.23 -22.05
N THR I 481 -65.84 18.10 -20.76
CA THR I 481 -66.02 19.26 -19.91
C THR I 481 -65.32 19.05 -18.56
N GLU I 482 -64.91 20.14 -17.95
CA GLU I 482 -64.24 20.10 -16.66
C GLU I 482 -65.12 20.76 -15.62
N SER I 483 -65.12 20.24 -14.41
CA SER I 483 -65.93 20.84 -13.36
C SER I 483 -65.50 22.30 -13.12
N PHE I 484 -66.48 23.16 -12.93
CA PHE I 484 -66.25 24.59 -12.67
C PHE I 484 -65.43 24.87 -11.42
N GLN I 485 -65.73 24.10 -10.43
CA GLN I 485 -65.09 24.16 -9.13
C GLN I 485 -63.56 23.89 -9.21
N VAL I 486 -63.12 22.92 -10.05
CA VAL I 486 -61.68 22.60 -10.12
C VAL I 486 -60.88 23.84 -10.54
N LYS I 487 -61.41 24.63 -11.45
CA LYS I 487 -60.75 25.86 -11.85
C LYS I 487 -60.77 26.94 -10.74
N ARG I 488 -61.89 27.09 -10.00
CA ARG I 488 -61.92 28.16 -8.97
C ARG I 488 -60.96 27.93 -7.81
N GLN I 489 -60.94 26.71 -7.29
CA GLN I 489 -60.04 26.36 -6.19
C GLN I 489 -58.58 26.29 -6.61
N VAL I 490 -58.30 25.78 -7.81
CA VAL I 490 -56.92 25.65 -8.27
C VAL I 490 -56.21 26.99 -8.35
N LEU I 491 -56.90 28.02 -8.80
CA LEU I 491 -56.28 29.33 -8.86
C LEU I 491 -55.83 29.77 -7.46
N LEU I 492 -56.68 29.52 -6.46
CA LEU I 492 -56.33 29.82 -5.07
C LEU I 492 -55.25 28.84 -4.57
N SER I 493 -55.41 27.58 -4.98
CA SER I 493 -54.49 26.48 -4.64
C SER I 493 -53.08 26.71 -5.13
N ALA I 494 -52.98 27.10 -6.40
CA ALA I 494 -51.69 27.34 -7.01
C ALA I 494 -50.97 28.50 -6.36
N ALA I 495 -51.70 29.56 -6.03
CA ALA I 495 -51.08 30.69 -5.39
C ALA I 495 -50.45 30.33 -4.04
N GLU I 496 -51.19 29.68 -3.17
CA GLU I 496 -50.61 29.34 -1.88
C GLU I 496 -49.53 28.25 -2.00
N ALA I 497 -49.78 27.24 -2.85
CA ALA I 497 -48.84 26.12 -3.06
C ALA I 497 -47.54 26.47 -3.78
N ALA I 498 -47.63 27.32 -4.80
CA ALA I 498 -46.45 27.68 -5.62
C ALA I 498 -45.34 28.33 -4.81
N GLU I 499 -45.69 29.30 -3.96
CA GLU I 499 -44.67 29.96 -3.16
C GLU I 499 -44.28 29.15 -1.92
N VAL I 500 -45.05 28.10 -1.60
CA VAL I 500 -44.66 27.17 -0.53
C VAL I 500 -43.33 26.59 -0.92
N ILE I 501 -43.29 26.31 -2.20
CA ILE I 501 -42.15 25.77 -2.88
C ILE I 501 -41.01 26.83 -2.96
N LEU I 502 -41.33 28.10 -2.94
CA LEU I 502 -40.28 29.12 -2.98
C LEU I 502 -39.63 29.43 -1.58
N ARG I 503 -40.34 29.11 -0.48
CA ARG I 503 -39.88 29.41 0.92
C ARG I 503 -39.28 28.19 1.69
N VAL I 504 -39.44 27.02 1.10
CA VAL I 504 -39.15 25.68 1.69
C VAL I 504 -37.90 25.46 2.55
N ASP I 505 -37.97 24.29 3.21
CA ASP I 505 -36.96 23.73 4.11
C ASP I 505 -37.47 22.35 4.59
N ASN I 506 -38.68 22.34 5.18
CA ASN I 506 -39.38 21.11 5.66
C ASN I 506 -40.62 21.52 6.48
N ILE I 507 -41.79 21.61 5.82
CA ILE I 507 -42.99 22.12 6.51
C ILE I 507 -43.87 21.13 7.31
N ILE I 508 -44.28 21.74 8.43
CA ILE I 508 -45.06 21.24 9.58
C ILE I 508 -46.28 20.28 9.40
N LYS I 509 -46.75 20.02 10.64
CA LYS I 509 -47.92 19.24 11.09
C LYS I 509 -48.32 17.94 10.39
N ALA I 510 -48.91 17.08 11.23
CA ALA I 510 -49.43 15.77 10.84
C ALA I 510 -50.63 15.37 11.75
N ALA I 511 -50.59 15.90 12.99
CA ALA I 511 -51.52 15.62 14.11
C ALA I 511 -50.71 14.83 15.14
N PRO I 512 -50.68 15.24 16.42
CA PRO I 512 -49.82 14.58 17.42
C PRO I 512 -49.94 13.05 17.48
N ARG I 513 -48.76 12.44 17.43
CA ARG I 513 -48.60 10.99 17.43
C ARG I 513 -47.69 10.50 18.57
N ALA J 1 -39.95 -20.13 -10.63
CA ALA J 1 -39.21 -20.51 -9.39
C ALA J 1 -37.70 -20.36 -9.59
N GLY J 2 -37.04 -19.70 -8.63
CA GLY J 2 -35.58 -19.46 -8.64
C GLY J 2 -34.73 -20.53 -9.36
N ALA J 3 -33.99 -21.30 -8.56
CA ALA J 3 -33.18 -22.43 -9.07
C ALA J 3 -31.85 -22.00 -9.68
N ASP J 4 -31.13 -23.00 -10.17
CA ASP J 4 -29.88 -22.80 -10.88
C ASP J 4 -30.16 -23.25 -12.32
N GLU J 5 -30.00 -22.35 -13.27
CA GLU J 5 -30.35 -22.69 -14.64
C GLU J 5 -29.15 -22.80 -15.59
N GLU J 6 -29.13 -23.91 -16.31
CA GLU J 6 -28.11 -24.17 -17.32
C GLU J 6 -28.80 -24.75 -18.57
N ARG J 7 -28.27 -24.48 -19.74
CA ARG J 7 -28.87 -25.02 -20.96
C ARG J 7 -27.86 -25.26 -22.09
N ALA J 8 -28.29 -26.11 -23.01
CA ALA J 8 -27.56 -26.60 -24.18
C ALA J 8 -26.05 -26.87 -24.00
N GLU J 9 -25.15 -25.91 -24.23
CA GLU J 9 -23.71 -26.23 -24.05
C GLU J 9 -23.24 -26.31 -22.59
N THR J 10 -23.72 -25.40 -21.74
CA THR J 10 -23.32 -25.39 -20.32
C THR J 10 -23.92 -26.53 -19.51
N ALA J 11 -25.19 -26.84 -19.77
CA ALA J 11 -25.87 -27.92 -19.07
C ALA J 11 -25.19 -29.26 -19.35
N ARG J 12 -24.82 -29.44 -20.61
CA ARG J 12 -24.14 -30.64 -21.07
C ARG J 12 -22.81 -30.84 -20.35
N LEU J 13 -22.07 -29.75 -20.15
CA LEU J 13 -20.76 -29.83 -19.47
C LEU J 13 -20.90 -30.39 -18.06
N SER J 14 -21.90 -29.92 -17.29
CA SER J 14 -22.09 -30.45 -15.94
C SER J 14 -22.36 -31.96 -15.98
N SER J 15 -23.15 -32.36 -16.97
CA SER J 15 -23.44 -33.78 -17.19
C SER J 15 -22.16 -34.55 -17.55
N PHE J 16 -21.35 -33.90 -18.38
CA PHE J 16 -20.09 -34.45 -18.89
C PHE J 16 -19.12 -34.77 -17.75
N ILE J 17 -18.94 -33.79 -16.86
CA ILE J 17 -18.02 -33.95 -15.71
C ILE J 17 -18.48 -35.04 -14.74
N GLY J 18 -19.79 -35.12 -14.48
CA GLY J 18 -20.30 -36.15 -13.58
C GLY J 18 -20.02 -37.57 -14.07
N ALA J 19 -20.16 -37.77 -15.37
CA ALA J 19 -19.92 -39.07 -15.99
C ALA J 19 -18.45 -39.50 -16.01
N ILE J 20 -17.55 -38.56 -16.25
CA ILE J 20 -16.11 -38.89 -16.28
C ILE J 20 -15.56 -39.24 -14.89
N ALA J 21 -16.01 -38.51 -13.87
CA ALA J 21 -15.56 -38.75 -12.49
C ALA J 21 -15.92 -40.16 -11.98
N ILE J 22 -17.12 -40.61 -12.33
CA ILE J 22 -17.60 -41.93 -11.92
C ILE J 22 -16.86 -43.07 -12.62
N GLY J 23 -16.57 -42.91 -13.91
CA GLY J 23 -15.89 -43.95 -14.67
C GLY J 23 -14.53 -44.35 -14.13
N ASP J 24 -13.71 -43.39 -13.69
CA ASP J 24 -12.40 -43.72 -13.13
C ASP J 24 -12.48 -44.56 -11.85
N LEU J 25 -13.43 -44.25 -10.96
CA LEU J 25 -13.55 -45.02 -9.71
C LEU J 25 -14.05 -46.45 -9.96
N VAL J 26 -15.01 -46.55 -10.88
CA VAL J 26 -15.61 -47.85 -11.22
C VAL J 26 -14.73 -48.71 -12.13
N LYS J 27 -13.89 -48.09 -12.96
CA LYS J 27 -13.07 -48.86 -13.92
C LYS J 27 -12.14 -49.83 -13.20
N SER J 28 -11.58 -49.39 -12.09
CA SER J 28 -10.62 -50.20 -11.33
C SER J 28 -11.30 -51.39 -10.67
N THR J 29 -12.62 -51.37 -10.63
CA THR J 29 -13.40 -52.42 -10.00
C THR J 29 -13.79 -53.59 -10.94
N LEU J 30 -13.39 -53.55 -12.21
CA LEU J 30 -13.73 -54.63 -13.16
C LEU J 30 -12.68 -55.78 -13.22
N GLY J 31 -13.15 -57.00 -13.52
CA GLY J 31 -12.27 -58.18 -13.69
C GLY J 31 -11.48 -58.66 -12.46
N PRO J 32 -10.70 -59.77 -12.62
CA PRO J 32 -9.92 -60.43 -11.53
C PRO J 32 -8.97 -59.53 -10.76
N LYS J 33 -8.63 -58.42 -11.34
CA LYS J 33 -7.71 -57.48 -10.70
C LYS J 33 -8.42 -56.24 -10.18
N GLY J 34 -9.73 -56.30 -9.98
CA GLY J 34 -10.47 -55.16 -9.46
C GLY J 34 -9.94 -54.67 -8.11
N MET J 35 -10.01 -53.36 -7.90
CA MET J 35 -9.46 -52.74 -6.69
C MET J 35 -10.55 -52.44 -5.66
N ASP J 36 -10.26 -52.70 -4.40
CA ASP J 36 -11.21 -52.40 -3.33
C ASP J 36 -11.17 -50.92 -2.98
N LYS J 37 -12.33 -50.31 -2.80
CA LYS J 37 -12.36 -48.91 -2.41
C LYS J 37 -13.06 -48.76 -1.07
N ILE J 38 -12.50 -47.88 -0.27
CA ILE J 38 -12.96 -47.62 1.09
C ILE J 38 -13.38 -46.16 1.26
N LEU J 39 -14.54 -45.89 1.90
CA LEU J 39 -15.00 -44.48 2.08
C LEU J 39 -15.49 -44.14 3.52
N LEU J 40 -15.32 -42.87 3.90
CA LEU J 40 -15.76 -42.35 5.21
C LEU J 40 -16.60 -41.08 5.08
N SER J 41 -17.63 -40.97 5.90
CA SER J 41 -18.47 -39.80 5.96
C SER J 41 -18.84 -39.50 7.43
N SER J 42 -19.23 -38.27 7.73
CA SER J 42 -19.54 -37.87 9.11
C SER J 42 -20.99 -37.38 9.26
N GLY J 43 -21.65 -37.84 10.33
CA GLY J 43 -23.03 -37.46 10.62
C GLY J 43 -23.95 -38.66 10.78
N ARG J 44 -24.56 -39.14 9.70
CA ARG J 44 -25.40 -40.34 9.75
C ARG J 44 -24.61 -41.61 9.50
N ASP J 45 -23.34 -41.44 9.21
CA ASP J 45 -22.44 -42.57 8.97
C ASP J 45 -21.81 -43.01 10.28
N ALA J 46 -21.71 -44.31 10.51
CA ALA J 46 -21.12 -44.82 11.76
C ALA J 46 -19.65 -45.23 11.65
N SER J 47 -19.30 -45.88 10.54
CA SER J 47 -17.93 -46.38 10.33
C SER J 47 -17.55 -46.40 8.86
N LEU J 48 -16.31 -46.79 8.58
CA LEU J 48 -15.84 -46.86 7.20
C LEU J 48 -16.54 -48.00 6.46
N MET J 49 -17.19 -47.67 5.36
CA MET J 49 -17.82 -48.69 4.56
C MET J 49 -17.03 -48.84 3.27
N VAL J 50 -16.70 -50.07 2.97
CA VAL J 50 -15.90 -50.36 1.80
C VAL J 50 -16.68 -51.27 0.86
N THR J 51 -16.92 -50.80 -0.37
CA THR J 51 -17.70 -51.59 -1.32
C THR J 51 -17.12 -51.68 -2.74
N ASN J 52 -16.85 -52.90 -3.18
CA ASN J 52 -16.39 -53.20 -4.54
C ASN J 52 -17.54 -52.96 -5.50
N ASP J 53 -18.72 -53.36 -5.05
CA ASP J 53 -19.90 -53.24 -5.88
C ASP J 53 -20.26 -51.76 -6.01
N GLY J 54 -20.19 -51.28 -7.25
CA GLY J 54 -20.46 -49.89 -7.53
C GLY J 54 -21.85 -49.44 -7.14
N ALA J 55 -22.84 -50.30 -7.38
CA ALA J 55 -24.22 -49.97 -7.08
C ALA J 55 -24.46 -49.67 -5.59
N THR J 56 -23.91 -50.48 -4.69
CA THR J 56 -24.14 -50.28 -3.25
C THR J 56 -23.65 -48.92 -2.73
N ILE J 57 -22.40 -48.55 -3.04
CA ILE J 57 -21.87 -47.27 -2.57
C ILE J 57 -22.51 -46.05 -3.25
N LEU J 58 -22.76 -46.13 -4.55
CA LEU J 58 -23.36 -45.00 -5.27
C LEU J 58 -24.77 -44.66 -4.76
N LYS J 59 -25.56 -45.68 -4.46
CA LYS J 59 -26.93 -45.48 -3.94
C LYS J 59 -26.96 -44.76 -2.60
N ASN J 60 -26.02 -45.14 -1.74
CA ASN J 60 -25.95 -44.62 -0.38
C ASN J 60 -25.73 -43.11 -0.26
N ILE J 61 -24.87 -42.53 -1.10
CA ILE J 61 -24.57 -41.10 -0.94
C ILE J 61 -24.67 -40.19 -2.18
N GLY J 62 -25.32 -39.05 -1.97
CA GLY J 62 -25.38 -37.99 -2.98
C GLY J 62 -24.42 -36.90 -2.53
N VAL J 63 -23.15 -37.10 -2.85
CA VAL J 63 -22.03 -36.26 -2.39
C VAL J 63 -22.02 -34.77 -2.78
N ASP J 64 -22.36 -34.42 -4.01
CA ASP J 64 -22.23 -33.01 -4.40
C ASP J 64 -23.22 -32.52 -5.45
N ASN J 65 -23.21 -31.18 -5.62
CA ASN J 65 -24.08 -30.44 -6.54
C ASN J 65 -24.18 -30.97 -8.00
N PRO J 66 -23.09 -31.45 -8.66
CA PRO J 66 -23.22 -31.95 -10.06
C PRO J 66 -24.20 -33.12 -10.18
N ALA J 67 -24.84 -33.22 -11.33
CA ALA J 67 -25.86 -34.25 -11.58
C ALA J 67 -25.30 -35.62 -11.94
N ALA J 68 -25.80 -36.64 -11.24
CA ALA J 68 -25.38 -38.03 -11.46
C ALA J 68 -26.20 -39.02 -10.63
N LYS J 69 -26.86 -38.52 -9.58
CA LYS J 69 -27.63 -39.35 -8.66
C LYS J 69 -28.79 -40.13 -9.32
N VAL J 70 -29.51 -39.52 -10.26
CA VAL J 70 -30.63 -40.23 -10.91
C VAL J 70 -30.13 -41.37 -11.83
N LEU J 71 -29.03 -41.13 -12.56
CA LEU J 71 -28.45 -42.16 -13.43
C LEU J 71 -28.05 -43.36 -12.56
N VAL J 72 -27.43 -43.03 -11.44
CA VAL J 72 -26.99 -44.00 -10.43
C VAL J 72 -28.15 -44.80 -9.81
N ASP J 73 -29.23 -44.10 -9.54
CA ASP J 73 -30.43 -44.65 -8.90
C ASP J 73 -31.01 -45.78 -9.76
N MET J 74 -31.00 -45.56 -11.07
CA MET J 74 -31.55 -46.48 -12.07
C MET J 74 -30.89 -47.88 -12.05
N SER J 75 -29.57 -47.95 -11.86
CA SER J 75 -28.83 -49.24 -11.90
C SER J 75 -29.41 -50.31 -10.94
N ARG J 76 -29.91 -49.90 -9.78
CA ARG J 76 -30.54 -50.84 -8.82
C ARG J 76 -31.75 -51.60 -9.38
N VAL J 77 -32.62 -50.94 -10.15
CA VAL J 77 -33.77 -51.64 -10.73
C VAL J 77 -33.24 -52.77 -11.61
N GLN J 78 -32.16 -52.47 -12.32
CA GLN J 78 -31.46 -53.47 -13.13
C GLN J 78 -30.96 -54.60 -12.23
N ASP J 79 -30.44 -54.24 -11.05
CA ASP J 79 -29.90 -55.21 -10.08
C ASP J 79 -30.95 -56.21 -9.59
N ASP J 80 -32.17 -55.76 -9.30
CA ASP J 80 -33.19 -56.73 -8.87
C ASP J 80 -33.42 -57.76 -9.97
N GLU J 81 -33.46 -57.26 -11.21
CA GLU J 81 -33.63 -58.11 -12.37
C GLU J 81 -32.35 -58.95 -12.59
N VAL J 82 -31.18 -58.32 -12.40
CA VAL J 82 -29.87 -58.97 -12.52
C VAL J 82 -28.71 -58.07 -12.00
N GLY J 83 -28.56 -56.89 -12.63
CA GLY J 83 -27.54 -55.85 -12.29
C GLY J 83 -26.08 -56.19 -12.34
N ASP J 84 -25.67 -57.05 -11.45
CA ASP J 84 -24.27 -57.42 -11.21
C ASP J 84 -23.47 -58.03 -12.37
N GLY J 85 -22.74 -59.11 -12.06
CA GLY J 85 -21.77 -59.65 -13.01
C GLY J 85 -20.51 -58.91 -12.65
N THR J 86 -20.23 -57.86 -13.37
CA THR J 86 -19.16 -56.93 -13.05
C THR J 86 -19.70 -55.54 -13.33
N THR J 87 -19.24 -54.52 -12.64
CA THR J 87 -19.81 -53.19 -12.90
C THR J 87 -19.18 -52.61 -14.14
N SER J 88 -19.98 -52.49 -15.18
CA SER J 88 -19.52 -51.92 -16.44
C SER J 88 -20.53 -50.97 -17.07
N VAL J 89 -21.80 -51.13 -16.72
CA VAL J 89 -22.88 -50.35 -17.35
C VAL J 89 -22.70 -48.85 -17.15
N THR J 90 -22.27 -48.46 -15.96
CA THR J 90 -22.03 -47.07 -15.66
C THR J 90 -20.91 -46.49 -16.56
N VAL J 91 -19.88 -47.29 -16.79
CA VAL J 91 -18.75 -46.91 -17.64
C VAL J 91 -19.19 -46.62 -19.08
N LEU J 92 -19.98 -47.52 -19.66
CA LEU J 92 -20.47 -47.35 -21.03
C LEU J 92 -21.32 -46.10 -21.18
N ALA J 93 -22.16 -45.84 -20.20
CA ALA J 93 -23.00 -44.65 -20.25
C ALA J 93 -22.15 -43.38 -20.15
N ALA J 94 -21.13 -43.43 -19.30
CA ALA J 94 -20.21 -42.30 -19.11
C ALA J 94 -19.45 -41.90 -20.37
N GLU J 95 -18.92 -42.91 -21.06
CA GLU J 95 -18.11 -42.69 -22.27
C GLU J 95 -18.89 -42.18 -23.48
N LEU J 96 -20.21 -42.39 -23.50
CA LEU J 96 -21.02 -41.93 -24.63
C LEU J 96 -21.12 -40.39 -24.66
N LEU J 97 -20.81 -39.77 -23.51
CA LEU J 97 -20.77 -38.30 -23.36
C LEU J 97 -19.58 -37.70 -24.12
N ARG J 98 -18.49 -38.44 -24.26
CA ARG J 98 -17.28 -37.98 -24.96
C ARG J 98 -17.57 -37.63 -26.42
N GLU J 99 -18.42 -38.41 -27.07
CA GLU J 99 -18.80 -38.17 -28.45
C GLU J 99 -19.53 -36.80 -28.57
N ALA J 100 -20.02 -36.28 -27.44
CA ALA J 100 -20.71 -34.98 -27.39
C ALA J 100 -19.80 -33.86 -27.89
N GLU J 101 -18.50 -33.94 -27.58
CA GLU J 101 -17.53 -32.96 -28.09
C GLU J 101 -17.57 -33.03 -29.63
N SER J 102 -17.68 -34.25 -30.14
CA SER J 102 -17.82 -34.51 -31.57
C SER J 102 -19.10 -33.83 -32.09
N LEU J 103 -20.18 -33.89 -31.29
CA LEU J 103 -21.47 -33.29 -31.67
C LEU J 103 -21.35 -31.77 -31.90
N ILE J 104 -20.58 -31.04 -31.08
CA ILE J 104 -20.39 -29.60 -31.33
C ILE J 104 -19.74 -29.43 -32.74
N ALA J 105 -18.85 -30.37 -33.07
CA ALA J 105 -18.17 -30.43 -34.38
C ALA J 105 -19.22 -30.59 -35.50
N LYS J 106 -20.29 -31.34 -35.19
CA LYS J 106 -21.42 -31.54 -36.12
C LYS J 106 -22.04 -30.18 -36.44
N LYS J 107 -22.12 -29.36 -35.37
CA LYS J 107 -22.57 -27.95 -35.43
C LYS J 107 -24.07 -27.69 -35.70
N ILE J 108 -24.93 -28.70 -35.68
CA ILE J 108 -26.35 -28.39 -35.92
C ILE J 108 -27.32 -28.54 -34.73
N HIS J 109 -28.02 -29.68 -34.73
CA HIS J 109 -29.08 -29.99 -33.75
C HIS J 109 -28.79 -31.29 -32.97
N PRO J 110 -28.57 -31.23 -31.64
CA PRO J 110 -28.28 -32.43 -30.82
C PRO J 110 -29.41 -33.50 -30.82
N GLN J 111 -30.65 -33.04 -30.96
CA GLN J 111 -31.85 -33.92 -30.99
C GLN J 111 -31.87 -34.96 -32.13
N THR J 112 -31.44 -34.55 -33.31
CA THR J 112 -31.43 -35.45 -34.49
C THR J 112 -30.55 -36.70 -34.24
N ILE J 113 -29.44 -36.47 -33.57
CA ILE J 113 -28.47 -37.49 -33.20
C ILE J 113 -29.16 -38.55 -32.31
N ILE J 114 -30.01 -38.04 -31.42
CA ILE J 114 -30.83 -38.87 -30.50
C ILE J 114 -31.48 -40.09 -31.20
N ALA J 115 -31.58 -40.03 -32.53
CA ALA J 115 -32.14 -41.13 -33.33
C ALA J 115 -31.34 -42.42 -33.14
N GLY J 116 -30.03 -42.26 -32.84
CA GLY J 116 -29.15 -43.40 -32.61
C GLY J 116 -29.67 -44.28 -31.48
N TRP J 117 -30.30 -43.66 -30.49
CA TRP J 117 -30.88 -44.39 -29.37
C TRP J 117 -31.96 -45.37 -29.88
N ARG J 118 -32.74 -44.93 -30.87
CA ARG J 118 -33.71 -45.79 -31.54
C ARG J 118 -32.98 -46.95 -32.21
N GLU J 119 -31.83 -46.62 -32.78
CA GLU J 119 -30.96 -47.58 -33.46
C GLU J 119 -30.57 -48.64 -32.40
N ALA J 120 -30.30 -48.16 -31.19
CA ALA J 120 -30.01 -49.02 -30.03
C ALA J 120 -31.21 -49.94 -29.78
N THR J 121 -32.41 -49.43 -30.05
CA THR J 121 -33.65 -50.21 -29.93
C THR J 121 -33.56 -51.41 -30.91
N LYS J 122 -33.00 -51.16 -32.11
CA LYS J 122 -32.75 -52.25 -33.06
C LYS J 122 -31.80 -53.23 -32.40
N ALA J 123 -30.84 -52.67 -31.67
CA ALA J 123 -29.89 -53.46 -30.90
C ALA J 123 -30.65 -54.24 -29.82
N ALA J 124 -29.93 -54.77 -28.84
CA ALA J 124 -30.54 -55.66 -27.83
C ALA J 124 -31.13 -56.88 -28.56
N ARG J 125 -30.62 -57.02 -29.78
CA ARG J 125 -30.91 -58.09 -30.72
C ARG J 125 -29.60 -58.65 -31.29
N GLN J 126 -28.93 -57.79 -32.05
CA GLN J 126 -27.67 -58.12 -32.68
C GLN J 126 -26.55 -58.25 -31.67
N ALA J 127 -26.72 -57.65 -30.49
CA ALA J 127 -25.73 -57.79 -29.45
C ALA J 127 -25.66 -59.25 -29.00
N LEU J 128 -26.80 -59.77 -28.54
CA LEU J 128 -26.89 -61.16 -28.06
C LEU J 128 -28.26 -61.78 -28.38
N LEU J 129 -28.23 -62.66 -29.37
CA LEU J 129 -29.40 -63.41 -29.90
C LEU J 129 -28.82 -64.03 -31.15
N ASN J 130 -28.02 -63.15 -31.72
CA ASN J 130 -27.22 -63.29 -32.91
C ASN J 130 -25.78 -62.96 -32.50
N SER J 131 -24.80 -63.31 -33.34
CA SER J 131 -23.38 -63.02 -33.07
C SER J 131 -22.74 -64.03 -32.08
N ALA J 132 -23.01 -63.89 -30.78
CA ALA J 132 -22.41 -64.78 -29.78
C ALA J 132 -23.45 -65.72 -29.16
N VAL J 133 -22.99 -66.92 -28.84
CA VAL J 133 -23.87 -67.96 -28.28
C VAL J 133 -23.37 -68.65 -27.02
N ASP J 134 -24.34 -69.22 -26.35
CA ASP J 134 -24.13 -70.07 -25.20
C ASP J 134 -25.27 -71.10 -25.24
N HIS J 135 -24.99 -72.33 -25.54
CA HIS J 135 -26.10 -73.26 -25.49
C HIS J 135 -25.90 -74.19 -24.32
N GLY J 136 -26.75 -74.00 -23.34
CA GLY J 136 -26.68 -74.72 -22.09
C GLY J 136 -27.63 -74.11 -21.08
N SER J 137 -27.27 -74.18 -19.78
CA SER J 137 -28.16 -73.66 -18.73
C SER J 137 -29.55 -74.26 -18.93
N ASP J 138 -29.54 -75.54 -19.27
CA ASP J 138 -30.75 -76.29 -19.60
C ASP J 138 -31.76 -76.33 -18.43
N GLU J 139 -31.22 -76.53 -17.22
CA GLU J 139 -32.01 -76.58 -15.96
C GLU J 139 -31.21 -77.43 -14.95
N VAL J 140 -30.84 -76.88 -13.81
CA VAL J 140 -30.03 -77.63 -12.82
C VAL J 140 -28.59 -77.71 -13.32
N LYS J 141 -28.41 -78.50 -14.38
CA LYS J 141 -27.16 -78.69 -15.11
C LYS J 141 -25.98 -79.25 -14.26
N PHE J 142 -25.45 -80.37 -14.76
CA PHE J 142 -24.34 -81.12 -14.12
C PHE J 142 -22.99 -80.40 -13.89
N ARG J 143 -22.51 -79.61 -14.86
CA ARG J 143 -21.19 -78.97 -14.69
C ARG J 143 -21.12 -77.48 -15.07
N GLN J 144 -22.13 -76.99 -15.76
CA GLN J 144 -22.16 -75.58 -16.20
C GLN J 144 -22.83 -74.74 -15.13
N ASP J 145 -23.09 -75.37 -13.99
CA ASP J 145 -23.77 -74.71 -12.89
C ASP J 145 -22.91 -73.51 -12.44
N LEU J 146 -21.61 -73.72 -12.27
CA LEU J 146 -20.70 -72.63 -11.93
C LEU J 146 -19.29 -72.89 -12.42
N MET J 147 -18.31 -72.38 -11.69
CA MET J 147 -16.93 -72.42 -12.14
C MET J 147 -16.97 -71.64 -13.45
N ASN J 148 -17.84 -70.61 -13.40
CA ASN J 148 -18.18 -69.76 -14.54
C ASN J 148 -18.32 -68.25 -14.19
N ILE J 149 -19.57 -67.75 -14.30
CA ILE J 149 -19.88 -66.31 -14.07
C ILE J 149 -19.56 -65.78 -12.68
N ALA J 150 -19.83 -66.56 -11.66
CA ALA J 150 -19.56 -66.14 -10.31
C ALA J 150 -18.07 -65.87 -10.13
N GLY J 151 -17.23 -66.70 -10.73
CA GLY J 151 -15.79 -66.49 -10.62
C GLY J 151 -15.39 -65.14 -11.18
N THR J 152 -15.98 -64.72 -12.32
CA THR J 152 -15.73 -63.39 -12.91
C THR J 152 -16.32 -62.28 -12.05
N THR J 153 -17.50 -62.55 -11.53
CA THR J 153 -18.19 -61.59 -10.68
C THR J 153 -17.34 -61.31 -9.45
N LEU J 154 -16.74 -62.37 -8.94
CA LEU J 154 -15.83 -62.28 -7.81
C LEU J 154 -14.42 -61.92 -8.25
N SER J 155 -14.15 -61.99 -9.55
CA SER J 155 -12.83 -61.66 -10.08
C SER J 155 -12.49 -60.22 -9.72
N SER J 156 -13.50 -59.37 -9.84
CA SER J 156 -13.37 -57.95 -9.56
C SER J 156 -13.11 -57.74 -8.07
N LYS J 157 -13.38 -58.76 -7.31
CA LYS J 157 -13.24 -58.74 -5.87
C LYS J 157 -11.97 -59.50 -5.41
N LEU J 158 -11.19 -58.83 -4.56
CA LEU J 158 -9.90 -59.33 -4.01
C LEU J 158 -10.06 -60.62 -3.17
N LEU J 159 -11.29 -60.90 -2.77
CA LEU J 159 -11.61 -62.06 -1.94
C LEU J 159 -11.22 -63.36 -2.65
N THR J 160 -11.24 -63.31 -3.98
CA THR J 160 -11.03 -64.49 -4.81
C THR J 160 -9.66 -65.18 -4.70
N HIS J 161 -9.54 -65.83 -3.58
CA HIS J 161 -8.48 -66.76 -3.23
C HIS J 161 -9.26 -67.96 -2.67
N HIS J 162 -9.70 -67.82 -1.43
CA HIS J 162 -10.65 -68.73 -0.80
C HIS J 162 -12.04 -68.57 -1.42
N LYS J 163 -12.36 -67.30 -1.70
CA LYS J 163 -13.69 -66.85 -2.14
C LYS J 163 -14.17 -67.48 -3.45
N ASP J 164 -13.33 -67.70 -4.45
CA ASP J 164 -13.84 -68.32 -5.69
C ASP J 164 -14.57 -69.65 -5.38
N HIS J 165 -14.13 -70.35 -4.33
CA HIS J 165 -14.83 -71.56 -3.86
C HIS J 165 -16.29 -71.22 -3.42
N PHE J 166 -16.41 -70.07 -2.73
CA PHE J 166 -17.70 -69.55 -2.21
C PHE J 166 -18.66 -69.32 -3.35
N THR J 167 -18.08 -68.79 -4.42
CA THR J 167 -18.80 -68.47 -5.63
C THR J 167 -19.44 -69.69 -6.24
N LYS J 168 -18.69 -70.79 -6.22
CA LYS J 168 -19.14 -72.08 -6.75
C LYS J 168 -20.41 -72.56 -6.03
N LEU J 169 -20.40 -72.33 -4.73
CA LEU J 169 -21.49 -72.68 -3.82
C LEU J 169 -22.81 -71.98 -4.18
N ALA J 170 -22.72 -70.71 -4.57
CA ALA J 170 -23.91 -69.87 -4.85
C ALA J 170 -24.88 -70.51 -5.87
N VAL J 171 -24.38 -71.14 -6.93
CA VAL J 171 -25.29 -71.78 -7.90
C VAL J 171 -26.06 -72.96 -7.31
N GLU J 172 -25.53 -73.59 -6.29
CA GLU J 172 -26.27 -74.67 -5.64
C GLU J 172 -27.60 -74.10 -5.11
N ALA J 173 -27.52 -72.88 -4.55
CA ALA J 173 -28.68 -72.16 -3.99
C ALA J 173 -29.79 -71.89 -5.03
N VAL J 174 -29.39 -71.52 -6.23
CA VAL J 174 -30.33 -71.25 -7.32
C VAL J 174 -31.13 -72.49 -7.69
N LEU J 175 -30.46 -73.64 -7.71
CA LEU J 175 -31.10 -74.88 -8.11
C LEU J 175 -32.30 -75.23 -7.22
N ARG J 176 -32.18 -75.02 -5.91
CA ARG J 176 -33.34 -75.22 -5.01
C ARG J 176 -34.41 -74.15 -5.24
N LEU J 177 -33.93 -72.93 -5.44
CA LEU J 177 -34.76 -71.74 -5.66
C LEU J 177 -35.67 -71.81 -6.90
N LYS J 178 -35.14 -72.33 -8.00
CA LYS J 178 -35.87 -72.40 -9.26
C LYS J 178 -37.03 -73.38 -9.28
N GLY J 179 -38.12 -72.96 -9.93
CA GLY J 179 -39.30 -73.80 -10.06
C GLY J 179 -40.62 -73.14 -9.66
N SER J 180 -40.73 -72.73 -8.39
CA SER J 180 -41.96 -72.11 -7.88
C SER J 180 -42.38 -70.81 -8.59
N GLY J 181 -41.43 -69.93 -8.93
CA GLY J 181 -41.81 -68.71 -9.65
C GLY J 181 -41.01 -67.43 -9.38
N ASN J 182 -40.71 -67.06 -8.12
CA ASN J 182 -39.97 -65.79 -7.90
C ASN J 182 -39.13 -65.78 -6.61
N LEU J 183 -38.15 -64.86 -6.57
CA LEU J 183 -37.21 -64.71 -5.45
C LEU J 183 -37.70 -63.70 -4.40
N GLU J 184 -37.83 -64.13 -3.16
CA GLU J 184 -38.22 -63.22 -2.08
C GLU J 184 -37.93 -63.79 -0.69
N ALA J 185 -37.21 -64.91 -0.65
CA ALA J 185 -36.93 -65.58 0.61
C ALA J 185 -35.46 -65.99 0.86
N ILE J 186 -34.48 -65.23 0.38
CA ILE J 186 -33.08 -65.62 0.61
C ILE J 186 -32.36 -64.66 1.59
N HIS J 187 -31.71 -65.24 2.59
CA HIS J 187 -31.00 -64.47 3.63
C HIS J 187 -29.49 -64.82 3.70
N VAL J 188 -28.63 -63.81 3.70
CA VAL J 188 -27.18 -64.06 3.78
C VAL J 188 -26.45 -63.22 4.86
N ILE J 189 -25.65 -63.92 5.68
CA ILE J 189 -24.84 -63.29 6.73
C ILE J 189 -23.36 -63.78 6.68
N LYS J 190 -22.44 -63.02 7.27
CA LYS J 190 -21.03 -63.41 7.31
C LYS J 190 -20.58 -63.61 8.77
N LYS J 191 -19.73 -64.60 8.99
CA LYS J 191 -19.28 -64.97 10.34
C LYS J 191 -17.82 -64.60 10.60
N LEU J 192 -17.45 -64.51 11.87
CA LEU J 192 -16.10 -64.18 12.30
C LEU J 192 -15.22 -65.43 12.47
N GLY J 193 -15.81 -66.60 12.21
CA GLY J 193 -15.06 -67.86 12.30
C GLY J 193 -14.35 -68.21 10.99
N GLY J 194 -13.36 -69.09 11.04
CA GLY J 194 -12.64 -69.45 9.81
C GLY J 194 -12.49 -70.95 9.55
N SER J 195 -12.64 -71.33 8.28
CA SER J 195 -12.50 -72.74 7.84
C SER J 195 -12.13 -72.76 6.34
N LEU J 196 -11.56 -73.86 5.84
CA LEU J 196 -11.20 -73.94 4.41
C LEU J 196 -12.43 -73.79 3.50
N ALA J 197 -13.54 -74.43 3.90
CA ALA J 197 -14.79 -74.36 3.14
C ALA J 197 -15.27 -72.92 3.05
N ASP J 198 -15.10 -72.23 4.17
CA ASP J 198 -15.46 -70.81 4.33
C ASP J 198 -16.96 -70.55 4.20
N SER J 199 -17.76 -71.60 4.18
CA SER J 199 -19.20 -71.42 4.15
C SER J 199 -19.98 -72.71 4.41
N TYR J 200 -21.11 -72.55 5.07
CA TYR J 200 -22.06 -73.64 5.29
C TYR J 200 -23.39 -73.30 4.69
N LEU J 201 -24.01 -74.29 4.09
CA LEU J 201 -25.30 -74.09 3.48
C LEU J 201 -26.35 -74.52 4.47
N ASP J 202 -27.23 -73.61 4.84
CA ASP J 202 -28.26 -73.94 5.81
C ASP J 202 -29.57 -74.24 5.09
N GLU J 203 -30.11 -75.38 5.43
CA GLU J 203 -31.38 -75.83 4.86
C GLU J 203 -32.56 -74.99 5.36
N GLY J 204 -32.31 -74.14 6.38
CA GLY J 204 -33.36 -73.26 6.92
C GLY J 204 -32.90 -71.79 7.07
N PHE J 205 -33.20 -71.22 8.25
CA PHE J 205 -32.87 -69.81 8.56
C PHE J 205 -31.84 -69.69 9.71
N LEU J 206 -30.90 -68.75 9.57
CA LEU J 206 -29.84 -68.54 10.58
C LEU J 206 -30.09 -67.29 11.47
N LEU J 207 -30.02 -67.49 12.79
CA LEU J 207 -30.22 -66.40 13.78
C LEU J 207 -29.05 -66.41 14.81
N ASP J 208 -28.65 -65.25 15.35
CA ASP J 208 -27.55 -65.22 16.32
C ASP J 208 -27.96 -64.81 17.76
N LYS J 209 -28.60 -65.72 18.51
CA LYS J 209 -29.00 -65.48 19.92
C LYS J 209 -29.11 -66.75 20.79
N LYS J 210 -29.05 -66.54 22.11
CA LYS J 210 -29.19 -67.62 23.10
C LYS J 210 -30.04 -67.14 24.29
N ILE J 211 -30.77 -68.06 24.91
CA ILE J 211 -31.66 -67.73 26.06
C ILE J 211 -30.88 -67.12 27.23
N GLY J 212 -29.80 -67.80 27.56
CA GLY J 212 -28.93 -67.42 28.66
C GLY J 212 -27.88 -68.49 28.86
N VAL J 213 -27.06 -68.41 29.89
CA VAL J 213 -26.04 -69.45 30.08
C VAL J 213 -26.59 -70.62 30.93
N ASN J 214 -27.78 -71.03 30.53
CA ASN J 214 -28.53 -72.15 31.09
C ASN J 214 -29.53 -72.58 30.01
N GLN J 215 -30.19 -73.74 30.18
CA GLN J 215 -31.18 -74.28 29.19
C GLN J 215 -30.52 -75.36 28.32
N PRO J 216 -31.28 -76.36 27.85
CA PRO J 216 -30.75 -77.43 26.98
C PRO J 216 -30.15 -76.91 25.65
N LYS J 217 -29.10 -77.57 25.21
CA LYS J 217 -28.43 -77.26 23.93
C LYS J 217 -29.23 -77.62 22.68
N ARG J 218 -29.90 -78.76 22.72
CA ARG J 218 -30.59 -79.29 21.53
C ARG J 218 -32.07 -79.58 21.74
N ILE J 219 -32.88 -79.27 20.74
CA ILE J 219 -34.29 -79.59 20.80
C ILE J 219 -34.66 -80.53 19.63
N GLU J 220 -35.58 -81.43 19.88
CA GLU J 220 -35.99 -82.45 18.90
C GLU J 220 -37.47 -82.34 18.56
N ASN J 221 -37.82 -82.53 17.28
CA ASN J 221 -39.23 -82.39 16.84
C ASN J 221 -39.73 -81.04 17.36
N ALA J 222 -38.89 -80.05 17.09
CA ALA J 222 -39.08 -78.69 17.56
C ALA J 222 -40.36 -78.00 17.11
N LYS J 223 -40.92 -77.27 18.05
CA LYS J 223 -42.11 -76.48 17.82
C LYS J 223 -41.72 -75.03 18.12
N ILE J 224 -42.18 -74.10 17.32
CA ILE J 224 -41.76 -72.70 17.44
C ILE J 224 -42.88 -71.73 17.76
N LEU J 225 -42.65 -70.91 18.77
CA LEU J 225 -43.62 -69.92 19.20
C LEU J 225 -43.03 -68.50 19.00
N ILE J 226 -43.79 -67.63 18.34
CA ILE J 226 -43.38 -66.24 18.08
C ILE J 226 -44.39 -65.28 18.71
N ALA J 227 -43.94 -64.35 19.54
CA ALA J 227 -44.88 -63.42 20.18
C ALA J 227 -44.63 -61.93 19.84
N ASN J 228 -45.71 -61.26 19.42
CA ASN J 228 -45.70 -59.81 19.15
C ASN J 228 -45.48 -59.02 20.42
N THR J 229 -46.12 -59.46 21.49
CA THR J 229 -46.04 -58.79 22.78
C THR J 229 -45.04 -59.47 23.70
N GLY J 230 -44.32 -58.65 24.44
CA GLY J 230 -43.29 -59.14 25.33
C GLY J 230 -43.79 -59.89 26.54
N MET J 231 -42.89 -60.61 27.16
CA MET J 231 -43.18 -61.41 28.33
C MET J 231 -43.21 -60.53 29.60
N ASP J 232 -42.76 -59.27 29.44
CA ASP J 232 -42.68 -58.29 30.56
C ASP J 232 -44.03 -57.79 31.05
N LYS J 261 -48.64 -65.11 35.87
CA LYS J 261 -48.07 -64.97 34.52
C LYS J 261 -47.20 -66.19 34.21
N MET J 262 -46.47 -66.64 35.22
CA MET J 262 -45.62 -67.83 35.13
C MET J 262 -46.39 -69.11 34.79
N LYS J 263 -47.49 -69.34 35.53
CA LYS J 263 -48.29 -70.55 35.35
C LYS J 263 -49.04 -70.61 34.02
N GLU J 264 -49.59 -69.50 33.56
CA GLU J 264 -50.31 -69.50 32.29
C GLU J 264 -49.38 -69.91 31.16
N LYS J 265 -48.15 -69.43 31.22
CA LYS J 265 -47.14 -69.69 30.21
C LYS J 265 -46.73 -71.18 30.20
N VAL J 266 -46.59 -71.76 31.39
CA VAL J 266 -46.20 -73.19 31.50
C VAL J 266 -47.31 -74.18 31.11
N GLU J 267 -48.54 -73.91 31.56
CA GLU J 267 -49.64 -74.84 31.31
C GLU J 267 -49.92 -75.01 29.82
N ARG J 268 -49.91 -73.89 29.09
CA ARG J 268 -50.11 -73.89 27.65
C ARG J 268 -48.91 -74.53 26.92
N ILE J 269 -47.73 -74.19 27.43
CA ILE J 269 -46.45 -74.66 26.92
C ILE J 269 -46.25 -76.18 26.96
N LEU J 270 -46.50 -76.80 28.11
CA LEU J 270 -46.28 -78.24 28.27
C LEU J 270 -47.11 -79.11 27.30
N LYS J 271 -48.39 -78.77 27.10
CA LYS J 271 -49.26 -79.55 26.21
C LYS J 271 -48.73 -79.61 24.77
N HIS J 272 -48.22 -78.48 24.30
CA HIS J 272 -47.67 -78.34 22.97
C HIS J 272 -46.41 -79.18 22.79
N GLY J 273 -45.58 -79.20 23.83
CA GLY J 273 -44.30 -79.89 23.76
C GLY J 273 -43.21 -78.93 23.36
N ILE J 274 -43.61 -77.65 23.32
CA ILE J 274 -42.76 -76.48 22.97
C ILE J 274 -41.25 -76.70 23.11
N ASN J 275 -40.59 -76.73 21.98
CA ASN J 275 -39.14 -76.90 21.97
C ASN J 275 -38.39 -75.56 21.93
N CYS J 276 -38.97 -74.54 21.30
CA CYS J 276 -38.29 -73.25 21.20
C CYS J 276 -39.28 -72.07 21.14
N PHE J 277 -38.93 -71.00 21.83
CA PHE J 277 -39.76 -69.79 21.86
C PHE J 277 -38.97 -68.58 21.35
N ILE J 278 -39.51 -67.86 20.38
CA ILE J 278 -38.85 -66.67 19.84
C ILE J 278 -39.72 -65.43 20.02
N ASN J 279 -39.21 -64.43 20.73
CA ASN J 279 -39.98 -63.21 20.98
C ASN J 279 -39.26 -61.97 20.42
N ARG J 280 -39.99 -61.16 19.66
CA ARG J 280 -39.38 -59.95 19.09
C ARG J 280 -39.46 -58.77 20.07
N GLN J 281 -38.82 -58.90 21.22
CA GLN J 281 -38.75 -57.82 22.22
C GLN J 281 -38.19 -58.28 23.56
N LEU J 282 -38.29 -57.41 24.54
CA LEU J 282 -37.81 -57.65 25.90
C LEU J 282 -38.51 -58.88 26.53
N ILE J 283 -37.74 -59.69 27.25
CA ILE J 283 -38.29 -60.90 27.86
C ILE J 283 -38.23 -60.79 29.39
N TYR J 284 -39.26 -61.30 30.06
CA TYR J 284 -39.33 -61.17 31.52
C TYR J 284 -38.62 -62.37 32.18
N ASN J 285 -37.90 -62.09 33.26
CA ASN J 285 -37.05 -63.08 33.96
C ASN J 285 -37.73 -64.33 34.57
N TYR J 286 -38.91 -64.21 35.18
CA TYR J 286 -39.56 -65.39 35.80
C TYR J 286 -39.74 -66.57 34.82
N PRO J 287 -40.30 -66.33 33.62
CA PRO J 287 -40.47 -67.35 32.58
C PRO J 287 -39.17 -68.13 32.29
N GLU J 288 -38.07 -67.39 32.31
CA GLU J 288 -36.77 -67.93 31.92
C GLU J 288 -36.36 -69.11 32.82
N GLN J 289 -36.61 -69.02 34.12
CA GLN J 289 -36.28 -70.13 35.02
C GLN J 289 -37.06 -71.40 34.65
N LEU J 290 -38.32 -71.18 34.29
CA LEU J 290 -39.25 -72.23 33.91
C LEU J 290 -38.88 -72.95 32.61
N PHE J 291 -38.43 -72.18 31.61
CA PHE J 291 -38.04 -72.74 30.31
C PHE J 291 -36.88 -73.73 30.44
N GLY J 292 -35.92 -73.40 31.30
CA GLY J 292 -34.77 -74.29 31.52
C GLY J 292 -35.13 -75.66 32.09
N ALA J 293 -36.01 -75.68 33.08
CA ALA J 293 -36.44 -76.93 33.70
C ALA J 293 -37.29 -77.78 32.75
N ALA J 294 -38.16 -77.11 32.01
CA ALA J 294 -39.04 -77.75 31.02
C ALA J 294 -38.25 -78.42 29.91
N GLY J 295 -37.20 -77.74 29.48
CA GLY J 295 -36.38 -78.22 28.37
C GLY J 295 -36.76 -77.48 27.10
N VAL J 296 -37.02 -76.19 27.26
CA VAL J 296 -37.45 -75.31 26.19
C VAL J 296 -36.47 -74.17 25.96
N MET J 297 -36.06 -73.96 24.73
CA MET J 297 -35.10 -72.91 24.40
C MET J 297 -35.79 -71.66 23.86
N ALA J 298 -35.60 -70.54 24.55
CA ALA J 298 -36.22 -69.26 24.16
C ALA J 298 -35.20 -68.24 23.64
N ILE J 299 -35.68 -67.34 22.79
CA ILE J 299 -34.84 -66.30 22.20
C ILE J 299 -35.35 -64.91 22.59
N GLU J 300 -34.45 -64.09 23.12
CA GLU J 300 -34.79 -62.74 23.59
C GLU J 300 -34.42 -61.63 22.61
N HIS J 301 -35.39 -60.76 22.34
CA HIS J 301 -35.22 -59.61 21.43
C HIS J 301 -34.83 -60.02 20.01
N ALA J 302 -35.42 -61.08 19.49
CA ALA J 302 -35.13 -61.48 18.13
C ALA J 302 -35.68 -60.41 17.17
N ASP J 303 -34.88 -60.03 16.18
CA ASP J 303 -35.30 -58.99 15.23
C ASP J 303 -36.54 -59.37 14.43
N PHE J 304 -37.40 -58.37 14.26
CA PHE J 304 -38.69 -58.51 13.57
C PHE J 304 -38.52 -58.98 12.12
N VAL J 305 -37.51 -58.44 11.43
CA VAL J 305 -37.25 -58.79 10.03
C VAL J 305 -36.97 -60.30 9.88
N GLY J 306 -36.13 -60.84 10.77
CA GLY J 306 -35.85 -62.28 10.74
C GLY J 306 -37.12 -63.09 10.96
N VAL J 307 -37.94 -62.61 11.89
CA VAL J 307 -39.22 -63.24 12.25
C VAL J 307 -40.22 -63.32 11.09
N GLU J 308 -40.34 -62.23 10.33
CA GLU J 308 -41.29 -62.20 9.22
C GLU J 308 -40.96 -63.26 8.16
N ARG J 309 -39.67 -63.44 7.89
CA ARG J 309 -39.22 -64.47 6.96
C ARG J 309 -39.54 -65.85 7.52
N LEU J 310 -39.33 -65.99 8.84
CA LEU J 310 -39.58 -67.24 9.54
C LEU J 310 -41.03 -67.67 9.43
N ALA J 311 -41.95 -66.72 9.54
CA ALA J 311 -43.36 -67.01 9.42
C ALA J 311 -43.68 -67.65 8.07
N LEU J 312 -43.18 -67.04 7.00
CA LEU J 312 -43.41 -67.60 5.66
C LEU J 312 -42.80 -69.03 5.61
N VAL J 313 -41.60 -69.15 6.20
CA VAL J 313 -40.84 -70.42 6.31
C VAL J 313 -41.58 -71.55 7.08
N THR J 314 -42.09 -71.21 8.26
CA THR J 314 -42.75 -72.17 9.16
C THR J 314 -44.27 -72.32 8.95
N GLY J 315 -44.81 -71.61 7.98
CA GLY J 315 -46.27 -71.65 7.74
C GLY J 315 -47.01 -70.50 8.40
N GLY J 316 -46.31 -69.76 9.23
CA GLY J 316 -46.86 -68.57 9.87
C GLY J 316 -47.67 -68.84 11.12
N GLU J 317 -47.94 -67.78 11.84
CA GLU J 317 -48.70 -67.84 13.06
C GLU J 317 -49.30 -66.49 13.43
N ILE J 318 -50.33 -66.48 14.27
CA ILE J 318 -50.88 -65.21 14.70
C ILE J 318 -50.31 -64.96 16.09
N ALA J 319 -49.39 -63.99 16.17
CA ALA J 319 -48.66 -63.73 17.42
C ALA J 319 -49.36 -62.78 18.38
N SER J 320 -50.43 -63.28 18.97
CA SER J 320 -51.24 -62.50 19.91
C SER J 320 -50.76 -62.67 21.34
N THR J 321 -51.59 -62.26 22.29
CA THR J 321 -51.28 -62.40 23.71
C THR J 321 -51.15 -63.87 24.07
N PHE J 322 -51.08 -64.19 25.36
CA PHE J 322 -50.84 -65.58 25.80
C PHE J 322 -51.90 -66.62 25.36
N ASP J 323 -52.82 -66.21 24.51
CA ASP J 323 -53.79 -67.14 23.90
C ASP J 323 -53.17 -67.65 22.59
N HIS J 324 -51.95 -67.14 22.35
CA HIS J 324 -51.11 -67.46 21.19
C HIS J 324 -50.91 -68.98 20.89
N PRO J 325 -50.53 -69.85 21.85
CA PRO J 325 -50.31 -71.31 21.61
C PRO J 325 -51.35 -72.04 20.71
N GLU J 326 -51.26 -73.38 20.72
CA GLU J 326 -52.12 -74.29 19.92
C GLU J 326 -52.41 -73.80 18.46
N LEU J 327 -53.68 -73.81 18.06
CA LEU J 327 -54.11 -73.55 16.66
C LEU J 327 -53.73 -72.18 16.05
N VAL J 328 -53.78 -71.07 16.77
CA VAL J 328 -53.41 -69.80 16.13
C VAL J 328 -51.91 -69.80 15.77
N LYS J 329 -51.14 -70.68 16.43
CA LYS J 329 -49.71 -70.86 16.15
C LYS J 329 -49.43 -72.08 15.27
N LEU J 330 -48.51 -71.91 14.34
CA LEU J 330 -48.10 -73.02 13.49
C LEU J 330 -46.60 -73.23 13.69
N GLY J 331 -46.19 -74.49 13.82
CA GLY J 331 -44.79 -74.77 14.03
C GLY J 331 -44.23 -75.83 13.10
N SER J 332 -43.01 -75.61 12.63
CA SER J 332 -42.34 -76.54 11.73
C SER J 332 -41.31 -77.35 12.51
N CYS J 333 -41.44 -78.66 12.51
CA CYS J 333 -40.52 -79.49 13.26
C CYS J 333 -39.52 -80.25 12.41
N LYS J 334 -38.25 -79.96 12.67
CA LYS J 334 -37.14 -80.65 12.02
C LYS J 334 -35.97 -80.65 13.01
N LEU J 335 -35.11 -79.63 12.95
CA LEU J 335 -34.01 -79.53 13.90
C LEU J 335 -33.61 -78.09 14.23
N ILE J 336 -33.71 -77.72 15.50
CA ILE J 336 -33.23 -76.43 15.96
C ILE J 336 -32.17 -76.66 17.01
N GLU J 337 -30.97 -76.18 16.79
CA GLU J 337 -29.91 -76.41 17.75
C GLU J 337 -28.87 -75.31 17.72
N GLU J 338 -28.12 -75.20 18.79
CA GLU J 338 -27.04 -74.24 18.83
C GLU J 338 -25.75 -74.98 18.55
N VAL J 339 -25.08 -74.58 17.50
CA VAL J 339 -23.83 -75.21 17.09
C VAL J 339 -22.76 -74.16 16.88
N MET J 340 -21.60 -74.37 17.48
CA MET J 340 -20.53 -73.42 17.30
C MET J 340 -19.99 -73.47 15.87
N ILE J 341 -19.72 -72.32 15.34
CA ILE J 341 -19.13 -72.21 14.01
C ILE J 341 -17.82 -71.49 14.23
N GLY J 342 -16.71 -72.12 13.87
CA GLY J 342 -15.45 -71.46 14.13
C GLY J 342 -15.38 -71.03 15.60
N GLU J 343 -15.31 -69.72 15.80
CA GLU J 343 -15.25 -69.11 17.13
C GLU J 343 -16.64 -69.03 17.80
N ASP J 344 -17.50 -68.19 17.19
CA ASP J 344 -18.86 -67.88 17.69
C ASP J 344 -19.88 -69.02 17.61
N LYS J 345 -20.81 -68.98 18.56
CA LYS J 345 -21.91 -69.95 18.63
C LYS J 345 -23.20 -69.35 18.06
N LEU J 346 -23.78 -70.04 17.09
CA LEU J 346 -25.00 -69.59 16.42
C LEU J 346 -26.14 -70.58 16.59
N ILE J 347 -27.37 -70.10 16.40
CA ILE J 347 -28.54 -70.97 16.51
C ILE J 347 -29.12 -71.17 15.12
N HIS J 348 -29.35 -72.43 14.79
CA HIS J 348 -29.82 -72.78 13.47
C HIS J 348 -31.25 -73.28 13.43
N PHE J 349 -32.06 -72.61 12.62
CA PHE J 349 -33.43 -73.03 12.37
C PHE J 349 -33.35 -73.74 11.02
N SER J 350 -33.77 -74.98 10.94
CA SER J 350 -33.59 -75.67 9.67
C SER J 350 -34.65 -76.74 9.38
N GLY J 351 -34.67 -77.19 8.12
CA GLY J 351 -35.62 -78.22 7.73
C GLY J 351 -37.02 -77.70 7.45
N VAL J 352 -37.10 -76.51 6.87
CA VAL J 352 -38.40 -75.90 6.60
C VAL J 352 -39.18 -76.68 5.52
N ALA J 353 -40.43 -76.99 5.85
CA ALA J 353 -41.34 -77.73 4.98
C ALA J 353 -41.65 -77.02 3.66
N LEU J 354 -41.82 -75.70 3.72
CA LEU J 354 -42.15 -74.90 2.54
C LEU J 354 -41.08 -74.98 1.44
N GLY J 355 -39.82 -74.79 1.82
CA GLY J 355 -38.69 -74.86 0.90
C GLY J 355 -38.44 -73.56 0.12
N GLU J 356 -39.42 -72.66 0.17
CA GLU J 356 -39.32 -71.36 -0.51
C GLU J 356 -38.16 -70.49 0.01
N ALA J 357 -37.95 -70.52 1.32
CA ALA J 357 -36.92 -69.70 1.97
C ALA J 357 -35.69 -70.48 2.46
N CYS J 358 -34.51 -69.96 2.14
CA CYS J 358 -33.23 -70.56 2.54
C CYS J 358 -32.20 -69.48 2.96
N THR J 359 -31.26 -69.89 3.81
CA THR J 359 -30.21 -68.99 4.34
C THR J 359 -28.77 -69.41 4.01
N ILE J 360 -27.95 -68.44 3.62
CA ILE J 360 -26.55 -68.68 3.26
C ILE J 360 -25.63 -68.09 4.33
N VAL J 361 -24.68 -68.89 4.81
CA VAL J 361 -23.74 -68.43 5.83
C VAL J 361 -22.31 -68.50 5.30
N LEU J 362 -21.64 -67.37 5.36
CA LEU J 362 -20.26 -67.23 4.88
C LEU J 362 -19.32 -66.94 6.05
N ARG J 363 -18.09 -67.39 5.96
CA ARG J 363 -17.11 -67.13 7.02
C ARG J 363 -15.75 -66.82 6.38
N GLY J 364 -14.86 -66.18 7.11
CA GLY J 364 -13.58 -65.81 6.52
C GLY J 364 -12.51 -65.40 7.53
N ALA J 365 -11.43 -64.84 7.01
CA ALA J 365 -10.29 -64.41 7.85
C ALA J 365 -10.64 -63.36 8.92
N THR J 366 -11.49 -62.39 8.56
CA THR J 366 -11.98 -61.29 9.48
C THR J 366 -11.27 -59.94 9.22
N GLN J 367 -11.63 -59.32 8.11
CA GLN J 367 -11.06 -58.04 7.67
C GLN J 367 -12.07 -57.28 6.81
N GLN J 368 -11.75 -56.06 6.41
CA GLN J 368 -12.66 -55.28 5.57
C GLN J 368 -12.90 -56.06 4.26
N ILE J 369 -11.88 -56.83 3.86
CA ILE J 369 -11.97 -57.74 2.72
C ILE J 369 -13.09 -58.78 3.00
N LEU J 370 -13.19 -59.25 4.24
CA LEU J 370 -14.27 -60.15 4.63
C LEU J 370 -15.64 -59.46 4.42
N ASP J 371 -15.72 -58.16 4.75
CA ASP J 371 -16.97 -57.37 4.58
C ASP J 371 -17.23 -57.20 3.09
N GLU J 372 -16.16 -57.38 2.35
CA GLU J 372 -16.14 -57.37 0.89
C GLU J 372 -17.08 -58.50 0.42
N ALA J 373 -17.08 -59.61 1.16
CA ALA J 373 -17.94 -60.75 0.84
C ALA J 373 -19.42 -60.31 0.87
N GLU J 374 -19.78 -59.46 1.82
CA GLU J 374 -21.16 -58.94 1.89
C GLU J 374 -21.49 -58.17 0.60
N ARG J 375 -20.51 -57.41 0.12
CA ARG J 375 -20.62 -56.68 -1.13
C ARG J 375 -20.63 -57.66 -2.33
N SER J 376 -19.77 -58.67 -2.21
CA SER J 376 -19.57 -59.70 -3.23
C SER J 376 -20.76 -60.63 -3.45
N LEU J 377 -21.41 -61.04 -2.38
CA LEU J 377 -22.55 -61.92 -2.51
C LEU J 377 -23.68 -61.21 -3.26
N HIS J 378 -23.90 -59.92 -2.95
CA HIS J 378 -24.93 -59.18 -3.67
C HIS J 378 -24.31 -58.77 -5.00
N ASP J 379 -24.09 -59.80 -5.78
CA ASP J 379 -23.48 -59.77 -7.09
C ASP J 379 -23.64 -61.14 -7.73
N ALA J 380 -23.67 -62.17 -6.88
CA ALA J 380 -23.86 -63.54 -7.35
C ALA J 380 -25.22 -64.11 -6.96
N LEU J 381 -25.79 -63.69 -5.84
CA LEU J 381 -27.10 -64.22 -5.40
C LEU J 381 -28.20 -63.95 -6.43
N CYS J 382 -28.25 -62.70 -6.89
CA CYS J 382 -29.24 -62.25 -7.88
C CYS J 382 -29.09 -62.92 -9.26
N VAL J 383 -27.84 -63.10 -9.73
CA VAL J 383 -27.57 -63.66 -11.07
C VAL J 383 -28.14 -65.05 -11.31
N LEU J 384 -27.85 -65.93 -10.38
CA LEU J 384 -28.27 -67.32 -10.48
C LEU J 384 -29.78 -67.58 -10.54
N ALA J 385 -30.55 -66.85 -9.77
CA ALA J 385 -32.00 -67.05 -9.79
C ALA J 385 -32.55 -66.77 -11.18
N GLN J 386 -32.02 -65.74 -11.75
CA GLN J 386 -32.31 -65.30 -13.10
C GLN J 386 -31.78 -66.23 -14.20
N THR J 387 -30.66 -66.90 -13.94
CA THR J 387 -30.01 -67.78 -14.93
C THR J 387 -30.95 -68.91 -15.37
N VAL J 388 -31.69 -69.49 -14.47
CA VAL J 388 -32.63 -70.54 -14.86
C VAL J 388 -33.79 -70.02 -15.74
N LYS J 389 -34.32 -68.85 -15.39
CA LYS J 389 -35.48 -68.27 -16.11
C LYS J 389 -35.19 -67.78 -17.54
N ASP J 390 -34.04 -67.16 -17.74
CA ASP J 390 -33.67 -66.65 -19.07
C ASP J 390 -33.37 -67.76 -20.08
N SER J 391 -32.72 -68.83 -19.60
CA SER J 391 -32.29 -69.97 -20.43
C SER J 391 -31.30 -69.51 -21.50
N ARG J 392 -30.75 -68.31 -21.26
CA ARG J 392 -29.76 -67.70 -22.13
C ARG J 392 -28.67 -66.99 -21.31
N THR J 393 -27.44 -67.00 -21.80
CA THR J 393 -26.30 -66.30 -21.19
C THR J 393 -25.30 -65.90 -22.29
N VAL J 394 -24.32 -65.12 -21.97
CA VAL J 394 -23.27 -64.79 -22.95
C VAL J 394 -21.88 -65.02 -22.38
N TYR J 395 -20.85 -65.17 -23.20
CA TYR J 395 -19.53 -65.36 -22.61
C TYR J 395 -19.07 -64.06 -21.94
N GLY J 396 -18.46 -64.20 -20.76
CA GLY J 396 -18.01 -63.06 -20.00
C GLY J 396 -16.59 -62.63 -20.32
N GLY J 397 -16.06 -61.73 -19.52
CA GLY J 397 -14.70 -61.27 -19.75
C GLY J 397 -14.64 -60.31 -20.92
N GLY J 398 -15.78 -59.71 -21.26
CA GLY J 398 -15.86 -58.79 -22.38
C GLY J 398 -15.97 -59.46 -23.74
N CYS J 399 -16.19 -60.78 -23.77
CA CYS J 399 -16.32 -61.51 -25.04
C CYS J 399 -17.47 -60.99 -25.90
N SER J 400 -18.58 -60.71 -25.25
CA SER J 400 -19.77 -60.19 -25.90
C SER J 400 -19.57 -58.77 -26.39
N GLU J 401 -18.89 -58.03 -25.55
CA GLU J 401 -18.68 -56.61 -25.72
C GLU J 401 -17.91 -56.25 -27.02
N MET J 402 -16.81 -56.94 -27.32
CA MET J 402 -16.07 -56.63 -28.55
C MET J 402 -16.85 -57.05 -29.81
N LEU J 403 -17.50 -58.22 -29.74
CA LEU J 403 -18.25 -58.76 -30.88
C LEU J 403 -19.36 -57.83 -31.32
N MET J 404 -20.07 -57.29 -30.34
CA MET J 404 -21.15 -56.34 -30.61
C MET J 404 -20.60 -55.11 -31.34
N ALA J 405 -19.42 -54.65 -30.93
CA ALA J 405 -18.77 -53.49 -31.55
C ALA J 405 -18.50 -53.74 -33.04
N HIS J 406 -18.05 -54.93 -33.39
CA HIS J 406 -17.81 -55.27 -34.80
C HIS J 406 -19.10 -55.17 -35.64
N ALA J 407 -20.21 -55.65 -35.08
CA ALA J 407 -21.51 -55.63 -35.75
C ALA J 407 -22.08 -54.22 -35.92
N VAL J 408 -21.91 -53.40 -34.89
CA VAL J 408 -22.44 -52.02 -34.89
C VAL J 408 -21.70 -51.08 -35.87
N THR J 409 -20.42 -51.32 -36.12
CA THR J 409 -19.65 -50.48 -37.06
C THR J 409 -20.26 -50.52 -38.48
N GLN J 410 -20.71 -51.71 -38.88
CA GLN J 410 -21.35 -51.92 -40.19
C GLN J 410 -22.62 -51.09 -40.34
N LEU J 411 -23.36 -51.04 -39.24
CA LEU J 411 -24.65 -50.37 -39.17
C LEU J 411 -24.61 -48.89 -39.50
N ALA J 412 -23.57 -48.22 -39.02
CA ALA J 412 -23.43 -46.78 -39.26
C ALA J 412 -23.35 -46.43 -40.74
N SER J 413 -22.52 -47.16 -41.48
CA SER J 413 -22.40 -46.88 -42.91
C SER J 413 -23.66 -47.25 -43.69
N ARG J 414 -24.28 -48.39 -43.37
CA ARG J 414 -25.53 -48.82 -44.05
C ARG J 414 -26.73 -47.89 -43.89
N THR J 415 -26.95 -47.34 -42.71
CA THR J 415 -28.07 -46.42 -42.53
C THR J 415 -27.73 -45.16 -43.29
N PRO J 416 -28.70 -44.49 -43.95
CA PRO J 416 -28.37 -43.37 -44.81
C PRO J 416 -27.47 -42.30 -44.21
N GLY J 417 -27.63 -41.92 -42.93
CA GLY J 417 -26.72 -40.88 -42.43
C GLY J 417 -27.07 -40.16 -41.13
N LYS J 418 -28.28 -39.57 -41.01
CA LYS J 418 -28.60 -38.86 -39.75
C LYS J 418 -28.57 -39.82 -38.60
N GLU J 419 -29.07 -40.99 -38.89
CA GLU J 419 -29.11 -42.08 -37.94
C GLU J 419 -27.73 -42.75 -37.90
N ALA J 420 -26.87 -42.39 -38.86
CA ALA J 420 -25.53 -42.98 -38.99
C ALA J 420 -24.43 -42.35 -38.13
N VAL J 421 -24.32 -41.00 -38.11
CA VAL J 421 -23.26 -40.36 -37.30
C VAL J 421 -23.50 -40.75 -35.84
N ALA J 422 -24.75 -40.64 -35.45
CA ALA J 422 -25.17 -41.01 -34.12
C ALA J 422 -24.89 -42.48 -33.83
N MET J 423 -25.31 -43.35 -34.75
CA MET J 423 -25.12 -44.78 -34.59
C MET J 423 -23.63 -45.19 -34.55
N GLU J 424 -22.79 -44.58 -35.40
CA GLU J 424 -21.35 -44.90 -35.40
C GLU J 424 -20.69 -44.52 -34.09
N SER J 425 -21.09 -43.39 -33.53
CA SER J 425 -20.52 -42.91 -32.28
C SER J 425 -20.80 -43.90 -31.15
N TYR J 426 -22.01 -44.45 -31.15
CA TYR J 426 -22.42 -45.47 -30.16
C TYR J 426 -21.51 -46.71 -30.27
N ALA J 427 -21.23 -47.11 -31.52
CA ALA J 427 -20.41 -48.28 -31.82
C ALA J 427 -18.99 -48.22 -31.25
N LYS J 428 -18.36 -47.07 -31.36
CA LYS J 428 -17.00 -46.86 -30.85
C LYS J 428 -16.94 -46.86 -29.32
N ALA J 429 -18.07 -46.60 -28.68
CA ALA J 429 -18.21 -46.63 -27.21
C ALA J 429 -17.86 -48.02 -26.65
N LEU J 430 -18.17 -49.04 -27.43
CA LEU J 430 -17.91 -50.43 -27.06
C LEU J 430 -16.41 -50.75 -26.99
N ARG J 431 -15.62 -49.98 -27.74
CA ARG J 431 -14.16 -50.16 -27.82
C ARG J 431 -13.47 -50.00 -26.44
N MET J 432 -13.93 -49.04 -25.66
CA MET J 432 -13.36 -48.80 -24.32
C MET J 432 -13.46 -50.02 -23.39
N LEU J 433 -14.59 -50.74 -23.39
CA LEU J 433 -14.75 -51.90 -22.50
C LEU J 433 -13.56 -52.89 -22.54
N PRO J 434 -13.11 -53.35 -23.72
CA PRO J 434 -11.92 -54.20 -23.81
C PRO J 434 -10.71 -53.58 -23.11
N THR J 435 -10.58 -52.25 -23.28
CA THR J 435 -9.48 -51.48 -22.69
C THR J 435 -9.58 -51.40 -21.16
N ILE J 436 -10.80 -51.25 -20.67
CA ILE J 436 -11.04 -51.13 -19.23
C ILE J 436 -10.78 -52.46 -18.52
N ILE J 437 -11.20 -53.56 -19.15
CA ILE J 437 -10.99 -54.89 -18.58
C ILE J 437 -9.50 -55.23 -18.49
N ALA J 438 -8.76 -54.87 -19.53
CA ALA J 438 -7.31 -55.12 -19.58
C ALA J 438 -6.52 -54.27 -18.60
N ASP J 439 -6.94 -53.01 -18.49
CA ASP J 439 -6.28 -52.06 -17.61
C ASP J 439 -6.33 -52.53 -16.16
N ASN J 440 -7.45 -53.09 -15.79
CA ASN J 440 -7.61 -53.60 -14.44
C ASN J 440 -6.65 -54.76 -14.15
N ALA J 441 -6.49 -55.61 -15.16
CA ALA J 441 -5.68 -56.83 -15.12
C ALA J 441 -4.18 -56.66 -14.86
N GLY J 442 -3.56 -55.67 -15.46
CA GLY J 442 -2.12 -55.54 -15.32
C GLY J 442 -1.39 -55.85 -16.62
N TYR J 443 -2.04 -55.58 -17.74
CA TYR J 443 -1.47 -55.79 -19.06
C TYR J 443 -1.69 -54.57 -19.96
N ASP J 444 -0.91 -54.43 -21.03
CA ASP J 444 -1.06 -53.25 -21.90
C ASP J 444 -2.39 -53.35 -22.64
N SER J 445 -3.26 -52.38 -22.34
CA SER J 445 -4.63 -52.34 -22.87
C SER J 445 -4.75 -52.25 -24.40
N ALA J 446 -3.91 -51.47 -25.06
CA ALA J 446 -4.04 -51.38 -26.51
C ALA J 446 -3.64 -52.66 -27.20
N ASP J 447 -2.58 -53.28 -26.72
CA ASP J 447 -2.15 -54.57 -27.26
C ASP J 447 -3.29 -55.57 -27.07
N LEU J 448 -3.88 -55.48 -25.88
CA LEU J 448 -5.02 -56.31 -25.49
C LEU J 448 -6.23 -56.08 -26.42
N VAL J 449 -6.57 -54.82 -26.65
CA VAL J 449 -7.69 -54.46 -27.53
C VAL J 449 -7.42 -54.97 -28.92
N ALA J 450 -6.16 -54.83 -29.29
CA ALA J 450 -5.67 -55.23 -30.58
C ALA J 450 -5.84 -56.74 -30.85
N GLN J 451 -5.35 -57.54 -29.96
CA GLN J 451 -5.43 -58.99 -30.11
C GLN J 451 -6.86 -59.49 -29.95
N LEU J 452 -7.63 -58.78 -29.14
CA LEU J 452 -9.03 -59.11 -28.89
C LEU J 452 -9.92 -59.10 -30.14
N ARG J 453 -9.84 -58.03 -30.93
CA ARG J 453 -10.71 -57.89 -32.10
C ARG J 453 -10.54 -59.00 -33.14
N ALA J 454 -9.31 -59.40 -33.39
CA ALA J 454 -9.04 -60.45 -34.37
C ALA J 454 -9.76 -61.76 -34.03
N ALA J 455 -9.78 -62.14 -32.75
CA ALA J 455 -10.44 -63.39 -32.34
C ALA J 455 -11.98 -63.34 -32.47
N HIS J 456 -12.59 -62.20 -32.13
CA HIS J 456 -14.06 -62.03 -32.23
C HIS J 456 -14.57 -61.97 -33.66
N SER J 457 -13.82 -61.29 -34.52
CA SER J 457 -14.20 -61.15 -35.94
C SER J 457 -14.06 -62.50 -36.65
N GLU J 458 -13.21 -63.34 -36.08
CA GLU J 458 -12.94 -64.69 -36.59
C GLU J 458 -14.22 -65.53 -36.61
N GLY J 459 -15.03 -65.39 -35.58
CA GLY J 459 -16.26 -66.17 -35.48
C GLY J 459 -16.31 -67.05 -34.25
N LYS J 460 -15.28 -66.98 -33.43
CA LYS J 460 -15.26 -67.78 -32.21
C LYS J 460 -15.87 -66.97 -31.07
N THR J 461 -17.10 -67.35 -30.73
CA THR J 461 -17.87 -66.70 -29.67
C THR J 461 -17.23 -66.88 -28.29
N THR J 462 -16.70 -68.08 -28.07
CA THR J 462 -16.07 -68.47 -26.80
C THR J 462 -14.87 -67.59 -26.43
N ALA J 463 -14.05 -67.23 -27.41
CA ALA J 463 -12.85 -66.42 -27.17
C ALA J 463 -13.18 -65.05 -26.55
N GLY J 464 -12.35 -64.64 -25.60
CA GLY J 464 -12.55 -63.36 -24.91
C GLY J 464 -11.28 -62.83 -24.29
N LEU J 465 -11.42 -61.95 -23.29
CA LEU J 465 -10.23 -61.39 -22.66
C LEU J 465 -9.82 -62.23 -21.47
N ASP J 466 -8.61 -62.76 -21.51
CA ASP J 466 -8.13 -63.50 -20.37
C ASP J 466 -7.12 -62.64 -19.65
N MET J 467 -7.57 -62.05 -18.57
CA MET J 467 -6.75 -61.18 -17.76
C MET J 467 -5.57 -61.91 -17.12
N LYS J 468 -5.81 -63.12 -16.65
CA LYS J 468 -4.75 -63.95 -16.06
C LYS J 468 -3.64 -64.25 -17.09
N GLU J 469 -4.07 -64.54 -18.31
CA GLU J 469 -3.19 -64.80 -19.46
C GLU J 469 -2.41 -63.57 -19.92
N GLY J 470 -3.10 -62.43 -19.92
CA GLY J 470 -2.53 -61.19 -20.42
C GLY J 470 -2.83 -61.01 -21.90
N THR J 471 -3.39 -62.05 -22.49
CA THR J 471 -3.78 -62.09 -23.90
C THR J 471 -5.22 -62.59 -24.04
N ILE J 472 -5.58 -62.98 -25.24
CA ILE J 472 -6.91 -63.50 -25.51
C ILE J 472 -6.92 -65.02 -25.40
N GLY J 473 -7.99 -65.56 -24.83
CA GLY J 473 -8.09 -67.01 -24.65
C GLY J 473 -9.51 -67.51 -24.68
N ASP J 474 -9.69 -68.80 -24.41
CA ASP J 474 -11.03 -69.39 -24.43
C ASP J 474 -11.71 -69.16 -23.08
N MET J 475 -12.71 -68.29 -23.11
CA MET J 475 -13.49 -67.90 -21.94
C MET J 475 -14.23 -69.10 -21.31
N SER J 476 -14.76 -69.96 -22.17
CA SER J 476 -15.53 -71.14 -21.74
C SER J 476 -14.70 -72.11 -20.87
N VAL J 477 -13.43 -72.33 -21.21
CA VAL J 477 -12.58 -73.26 -20.46
C VAL J 477 -12.42 -72.85 -18.99
N LEU J 478 -12.24 -71.56 -18.72
CA LEU J 478 -12.11 -71.14 -17.33
C LEU J 478 -13.51 -70.80 -16.75
N GLY J 479 -14.51 -70.96 -17.64
CA GLY J 479 -15.92 -70.89 -17.26
C GLY J 479 -16.67 -69.57 -17.31
N ILE J 480 -16.06 -68.44 -17.50
CA ILE J 480 -16.86 -67.22 -17.36
C ILE J 480 -17.91 -66.97 -18.44
N THR J 481 -19.10 -66.70 -17.92
CA THR J 481 -20.29 -66.43 -18.70
C THR J 481 -21.07 -65.30 -18.02
N GLU J 482 -21.85 -64.57 -18.77
CA GLU J 482 -22.64 -63.47 -18.24
C GLU J 482 -24.12 -63.71 -18.47
N SER J 483 -24.94 -63.34 -17.53
CA SER J 483 -26.38 -63.50 -17.70
C SER J 483 -26.85 -62.70 -18.92
N PHE J 484 -27.77 -63.29 -19.67
CA PHE J 484 -28.34 -62.72 -20.89
C PHE J 484 -29.03 -61.39 -20.60
N GLN J 485 -29.66 -61.40 -19.47
CA GLN J 485 -30.47 -60.32 -18.97
C GLN J 485 -29.67 -59.03 -18.77
N VAL J 486 -28.44 -59.15 -18.27
CA VAL J 486 -27.64 -57.97 -18.01
C VAL J 486 -27.43 -57.18 -19.29
N LYS J 487 -27.07 -57.86 -20.37
CA LYS J 487 -26.85 -57.17 -21.63
C LYS J 487 -28.10 -56.60 -22.29
N ARG J 488 -29.23 -57.32 -22.27
CA ARG J 488 -30.43 -56.76 -22.89
C ARG J 488 -31.03 -55.56 -22.13
N GLN J 489 -31.06 -55.64 -20.79
CA GLN J 489 -31.54 -54.51 -19.99
C GLN J 489 -30.59 -53.31 -20.00
N VAL J 490 -29.28 -53.58 -19.94
CA VAL J 490 -28.29 -52.49 -19.94
C VAL J 490 -28.37 -51.64 -21.20
N LEU J 491 -28.59 -52.27 -22.33
CA LEU J 491 -28.69 -51.53 -23.57
C LEU J 491 -29.86 -50.54 -23.52
N LEU J 492 -30.97 -50.98 -22.94
CA LEU J 492 -32.14 -50.11 -22.79
C LEU J 492 -31.90 -49.00 -21.76
N SER J 493 -31.23 -49.36 -20.66
CA SER J 493 -30.96 -48.41 -19.58
C SER J 493 -29.84 -47.40 -19.85
N ALA J 494 -28.71 -47.88 -20.38
CA ALA J 494 -27.56 -47.00 -20.65
C ALA J 494 -27.89 -45.92 -21.67
N ALA J 495 -28.60 -46.33 -22.72
CA ALA J 495 -28.98 -45.42 -23.79
C ALA J 495 -30.04 -44.41 -23.37
N GLU J 496 -31.20 -44.88 -22.93
CA GLU J 496 -32.30 -43.99 -22.58
C GLU J 496 -31.92 -43.02 -21.45
N ALA J 497 -31.19 -43.52 -20.45
CA ALA J 497 -30.71 -42.68 -19.36
C ALA J 497 -29.76 -41.58 -19.86
N ALA J 498 -28.90 -41.93 -20.81
CA ALA J 498 -27.96 -40.95 -21.36
C ALA J 498 -28.62 -39.78 -22.10
N GLU J 499 -29.67 -40.06 -22.88
CA GLU J 499 -30.37 -39.00 -23.62
C GLU J 499 -31.16 -38.04 -22.71
N VAL J 500 -31.65 -38.55 -21.57
CA VAL J 500 -32.37 -37.71 -20.62
C VAL J 500 -31.42 -36.65 -20.07
N ILE J 501 -30.14 -37.03 -19.99
CA ILE J 501 -29.07 -36.16 -19.50
C ILE J 501 -28.91 -34.88 -20.34
N LEU J 502 -28.91 -35.01 -21.67
CA LEU J 502 -28.76 -33.83 -22.53
C LEU J 502 -29.90 -32.79 -22.40
N ARG J 503 -31.13 -33.28 -22.27
CA ARG J 503 -32.31 -32.40 -22.16
C ARG J 503 -32.64 -31.93 -20.73
N VAL J 504 -32.22 -32.70 -19.74
CA VAL J 504 -32.55 -32.42 -18.33
C VAL J 504 -31.62 -31.46 -17.63
N ASP J 505 -32.23 -30.61 -16.83
CA ASP J 505 -31.52 -29.60 -16.07
C ASP J 505 -31.88 -29.67 -14.58
N ASN J 506 -30.98 -29.13 -13.77
CA ASN J 506 -31.13 -29.01 -12.31
C ASN J 506 -31.01 -30.34 -11.52
N ILE J 507 -31.60 -31.44 -12.04
CA ILE J 507 -31.62 -32.77 -11.37
C ILE J 507 -32.11 -32.70 -9.88
N ILE J 508 -32.95 -33.66 -9.45
CA ILE J 508 -33.50 -33.63 -8.08
C ILE J 508 -32.39 -33.67 -6.99
N LYS J 509 -32.38 -32.63 -6.13
CA LYS J 509 -31.39 -32.46 -5.05
C LYS J 509 -31.68 -31.17 -4.21
N ALA J 510 -30.95 -30.91 -3.11
CA ALA J 510 -31.18 -29.67 -2.29
C ALA J 510 -30.78 -28.32 -2.98
N ALA J 511 -29.64 -28.35 -3.68
CA ALA J 511 -29.03 -27.20 -4.44
C ALA J 511 -29.11 -25.73 -3.86
N PRO J 512 -28.94 -25.43 -2.54
CA PRO J 512 -28.93 -24.03 -2.05
C PRO J 512 -27.73 -23.22 -2.62
N ARG J 513 -27.98 -21.92 -2.95
CA ARG J 513 -27.00 -20.96 -3.56
C ARG J 513 -27.55 -20.21 -4.77
N ALA K 1 -16.85 -41.29 -3.29
CA ALA K 1 -16.97 -40.03 -2.52
C ALA K 1 -15.68 -39.20 -2.57
N GLY K 2 -14.86 -39.31 -1.54
CA GLY K 2 -13.60 -38.56 -1.47
C GLY K 2 -13.80 -37.04 -1.53
N ALA K 3 -12.92 -36.35 -2.26
CA ALA K 3 -12.98 -34.89 -2.43
C ALA K 3 -11.73 -34.31 -3.11
N ASP K 4 -10.56 -34.87 -2.81
CA ASP K 4 -9.30 -34.36 -3.36
C ASP K 4 -9.04 -34.95 -4.78
N GLU K 5 -9.14 -34.08 -5.76
CA GLU K 5 -9.04 -34.39 -7.20
C GLU K 5 -7.73 -35.03 -7.78
N GLU K 6 -6.51 -34.61 -7.33
CA GLU K 6 -5.18 -35.08 -7.91
C GLU K 6 -5.33 -36.27 -8.90
N ARG K 7 -5.04 -36.00 -10.19
CA ARG K 7 -5.27 -37.00 -11.26
C ARG K 7 -4.21 -38.12 -11.48
N ALA K 8 -3.30 -37.95 -12.47
CA ALA K 8 -2.36 -39.04 -12.81
C ALA K 8 -1.02 -39.08 -12.06
N GLU K 9 -0.06 -38.26 -12.49
CA GLU K 9 1.27 -38.24 -11.87
C GLU K 9 1.26 -37.66 -10.46
N THR K 10 0.34 -36.75 -10.20
CA THR K 10 0.21 -36.12 -8.89
C THR K 10 -0.31 -37.10 -7.83
N ALA K 11 -1.27 -37.95 -8.20
CA ALA K 11 -1.84 -38.94 -7.28
C ALA K 11 -0.80 -39.97 -6.81
N ARG K 12 0.04 -40.40 -7.75
CA ARG K 12 1.13 -41.36 -7.46
C ARG K 12 2.09 -40.79 -6.42
N LEU K 13 2.36 -39.50 -6.57
CA LEU K 13 3.28 -38.79 -5.68
C LEU K 13 2.81 -38.82 -4.22
N SER K 14 1.51 -38.70 -3.98
CA SER K 14 1.01 -38.73 -2.61
C SER K 14 1.36 -40.08 -1.95
N SER K 15 1.13 -41.18 -2.67
CA SER K 15 1.50 -42.49 -2.14
C SER K 15 3.03 -42.60 -1.90
N PHE K 16 3.79 -42.03 -2.85
CA PHE K 16 5.25 -42.00 -2.82
C PHE K 16 5.83 -41.29 -1.59
N ILE K 17 5.31 -40.08 -1.31
CA ILE K 17 5.78 -39.25 -0.20
C ILE K 17 5.57 -39.89 1.18
N GLY K 18 4.43 -40.55 1.38
CA GLY K 18 4.16 -41.17 2.68
C GLY K 18 5.17 -42.23 3.08
N ALA K 19 5.61 -43.03 2.11
CA ALA K 19 6.58 -44.10 2.37
C ALA K 19 7.98 -43.59 2.76
N ILE K 20 8.44 -42.53 2.12
CA ILE K 20 9.78 -41.99 2.42
C ILE K 20 9.86 -41.34 3.83
N ALA K 21 8.81 -40.61 4.21
CA ALA K 21 8.78 -39.93 5.51
C ALA K 21 8.82 -40.92 6.69
N ILE K 22 8.09 -42.02 6.55
CA ILE K 22 8.02 -43.05 7.60
C ILE K 22 9.34 -43.82 7.76
N GLY K 23 10.00 -44.09 6.63
CA GLY K 23 11.24 -44.87 6.66
C GLY K 23 12.38 -44.27 7.47
N ASP K 24 12.59 -42.96 7.42
CA ASP K 24 13.69 -42.35 8.19
C ASP K 24 13.52 -42.47 9.72
N LEU K 25 12.30 -42.30 10.23
CA LEU K 25 12.05 -42.42 11.68
C LEU K 25 12.19 -43.85 12.19
N VAL K 26 11.71 -44.80 11.40
CA VAL K 26 11.78 -46.22 11.75
C VAL K 26 13.19 -46.80 11.53
N LYS K 27 13.92 -46.23 10.57
CA LYS K 27 15.26 -46.70 10.21
C LYS K 27 16.27 -46.64 11.36
N SER K 28 16.23 -45.57 12.14
CA SER K 28 17.14 -45.41 13.27
C SER K 28 16.98 -46.53 14.31
N THR K 29 15.72 -46.88 14.54
CA THR K 29 15.34 -47.93 15.50
C THR K 29 15.88 -49.36 15.22
N LEU K 30 15.89 -49.75 13.95
CA LEU K 30 16.20 -51.15 13.51
C LEU K 30 17.59 -51.79 13.84
N GLY K 31 18.26 -51.44 14.93
CA GLY K 31 19.58 -52.06 15.22
C GLY K 31 20.03 -51.90 16.66
N PRO K 32 21.18 -52.53 17.07
CA PRO K 32 21.72 -52.56 18.47
C PRO K 32 21.83 -51.20 19.14
N LYS K 33 22.24 -50.22 18.40
CA LYS K 33 22.33 -48.88 18.94
C LYS K 33 21.24 -48.05 18.30
N GLY K 34 20.05 -48.66 18.27
CA GLY K 34 18.87 -48.04 17.71
C GLY K 34 18.51 -46.75 18.40
N MET K 35 17.59 -46.03 17.84
CA MET K 35 17.28 -44.73 18.41
C MET K 35 15.83 -44.63 18.89
N ASP K 36 15.66 -43.99 20.03
CA ASP K 36 14.35 -43.79 20.62
C ASP K 36 13.84 -42.40 20.31
N LYS K 37 12.57 -42.34 19.97
CA LYS K 37 11.97 -41.08 19.61
C LYS K 37 10.83 -40.79 20.57
N ILE K 38 10.70 -39.54 20.97
CA ILE K 38 9.64 -39.14 21.89
C ILE K 38 8.75 -38.13 21.19
N LEU K 39 7.45 -38.37 21.22
CA LEU K 39 6.52 -37.51 20.54
C LEU K 39 5.56 -36.76 21.44
N LEU K 40 5.41 -35.50 21.12
CA LEU K 40 4.50 -34.62 21.80
C LEU K 40 3.47 -34.08 20.82
N SER K 41 2.23 -34.14 21.22
CA SER K 41 1.17 -33.59 20.41
C SER K 41 0.35 -32.65 21.29
N SER K 42 -0.18 -31.60 20.68
CA SER K 42 -0.99 -30.61 21.39
C SER K 42 -2.23 -31.23 22.03
N GLY K 43 -3.23 -30.41 22.33
CA GLY K 43 -4.45 -30.93 22.94
C GLY K 43 -4.99 -32.12 22.18
N ARG K 44 -5.69 -33.01 22.91
CA ARG K 44 -6.27 -34.28 22.42
C ARG K 44 -5.34 -35.45 22.80
N ASP K 45 -4.17 -35.08 23.32
CA ASP K 45 -3.16 -36.02 23.82
C ASP K 45 -2.72 -35.57 25.21
N ALA K 46 -2.60 -36.51 26.15
CA ALA K 46 -2.18 -36.14 27.50
C ALA K 46 -0.71 -35.71 27.58
N SER K 47 0.16 -36.42 26.82
CA SER K 47 1.63 -36.16 26.76
C SER K 47 2.40 -37.48 26.56
N LEU K 48 3.68 -37.37 26.91
CA LEU K 48 4.69 -38.46 27.03
C LEU K 48 4.74 -39.63 26.04
N MET K 49 4.21 -39.60 24.85
CA MET K 49 4.35 -40.85 24.11
C MET K 49 5.60 -40.91 23.25
N VAL K 50 6.46 -41.79 23.71
CA VAL K 50 7.74 -42.12 23.10
C VAL K 50 7.70 -43.59 22.78
N THR K 51 7.85 -43.98 21.53
CA THR K 51 7.79 -45.41 21.25
C THR K 51 8.94 -45.93 20.37
N ASN K 52 9.71 -46.88 20.93
CA ASN K 52 10.78 -47.55 20.20
C ASN K 52 10.18 -48.45 19.12
N ASP K 53 9.09 -49.12 19.48
CA ASP K 53 8.40 -50.05 18.59
C ASP K 53 7.57 -49.25 17.59
N GLY K 54 7.92 -49.39 16.32
CA GLY K 54 7.23 -48.64 15.27
C GLY K 54 5.74 -48.93 15.17
N ALA K 55 5.35 -50.19 15.33
CA ALA K 55 3.94 -50.56 15.22
C ALA K 55 3.03 -49.85 16.25
N THR K 56 3.46 -49.74 17.50
CA THR K 56 2.62 -49.12 18.53
C THR K 56 2.30 -47.62 18.26
N ILE K 57 3.32 -46.85 17.88
CA ILE K 57 3.10 -45.42 17.61
C ILE K 57 2.31 -45.11 16.34
N LEU K 58 2.56 -45.85 15.26
CA LEU K 58 1.82 -45.61 14.02
C LEU K 58 0.31 -45.85 14.19
N LYS K 59 -0.04 -46.89 14.94
CA LYS K 59 -1.44 -47.24 15.21
C LYS K 59 -2.20 -46.15 15.98
N ASN K 60 -1.51 -45.56 16.94
CA ASN K 60 -2.06 -44.53 17.81
C ASN K 60 -2.49 -43.21 17.13
N ILE K 61 -1.73 -42.71 16.17
CA ILE K 61 -2.07 -41.39 15.62
C ILE K 61 -2.12 -41.25 14.08
N GLY K 62 -2.92 -40.28 13.66
CA GLY K 62 -3.07 -39.86 12.27
C GLY K 62 -2.74 -38.37 12.17
N VAL K 63 -1.45 -38.08 12.12
CA VAL K 63 -0.91 -36.70 12.13
C VAL K 63 -1.35 -35.75 10.99
N ASP K 64 -1.43 -36.22 9.75
CA ASP K 64 -1.72 -35.30 8.64
C ASP K 64 -2.55 -35.90 7.50
N ASN K 65 -2.97 -35.00 6.60
CA ASN K 65 -3.82 -35.35 5.45
C ASN K 65 -3.33 -36.54 4.60
N PRO K 66 -2.03 -36.68 4.20
CA PRO K 66 -1.64 -37.86 3.41
C PRO K 66 -1.92 -39.14 4.20
N ALA K 67 -2.23 -40.23 3.52
CA ALA K 67 -2.60 -41.45 4.25
C ALA K 67 -1.54 -42.54 4.28
N ALA K 68 -1.23 -42.94 5.50
CA ALA K 68 -0.31 -44.03 5.77
C ALA K 68 -0.93 -44.95 6.83
N LYS K 69 -2.01 -44.45 7.46
CA LYS K 69 -2.69 -45.17 8.55
C LYS K 69 -3.24 -46.55 8.16
N VAL K 70 -3.81 -46.67 6.96
CA VAL K 70 -4.35 -47.97 6.54
C VAL K 70 -3.21 -48.99 6.36
N LEU K 71 -2.10 -48.54 5.79
CA LEU K 71 -0.92 -49.39 5.63
C LEU K 71 -0.44 -49.83 7.02
N VAL K 72 -0.46 -48.87 7.95
CA VAL K 72 -0.09 -49.06 9.35
C VAL K 72 -0.94 -50.08 10.10
N ASP K 73 -2.24 -50.03 9.86
CA ASP K 73 -3.23 -50.88 10.54
C ASP K 73 -2.94 -52.36 10.28
N MET K 74 -2.54 -52.65 9.05
CA MET K 74 -2.23 -54.01 8.62
C MET K 74 -1.08 -54.63 9.43
N SER K 75 -0.07 -53.84 9.74
CA SER K 75 1.10 -54.32 10.50
C SER K 75 0.73 -55.05 11.81
N ARG K 76 -0.40 -54.69 12.45
CA ARG K 76 -0.79 -55.36 13.72
C ARG K 76 -1.01 -56.86 13.54
N VAL K 77 -1.64 -57.27 12.44
CA VAL K 77 -1.92 -58.69 12.23
C VAL K 77 -0.62 -59.49 12.18
N GLN K 78 0.38 -58.92 11.50
CA GLN K 78 1.71 -59.50 11.42
C GLN K 78 2.31 -59.63 12.84
N ASP K 79 2.13 -58.55 13.60
CA ASP K 79 2.62 -58.41 14.96
C ASP K 79 2.02 -59.45 15.95
N ASP K 80 0.74 -59.75 15.84
CA ASP K 80 0.10 -60.65 16.81
C ASP K 80 0.71 -62.09 16.89
N GLU K 81 0.92 -62.78 15.77
CA GLU K 81 1.47 -64.15 15.86
C GLU K 81 2.90 -64.36 15.32
N VAL K 82 3.47 -63.38 14.66
CA VAL K 82 4.88 -63.48 14.26
C VAL K 82 5.58 -62.40 15.06
N GLY K 83 4.85 -61.31 15.17
CA GLY K 83 5.27 -60.21 15.95
C GLY K 83 6.12 -59.19 15.25
N ASP K 84 7.38 -59.35 15.52
CA ASP K 84 8.36 -58.39 15.12
C ASP K 84 9.75 -59.00 14.82
N GLY K 85 10.67 -58.58 15.66
CA GLY K 85 12.08 -58.86 15.60
C GLY K 85 12.68 -57.49 15.76
N THR K 86 12.38 -56.72 14.74
CA THR K 86 12.67 -55.31 14.62
C THR K 86 11.62 -54.79 13.66
N THR K 87 11.16 -53.56 13.72
CA THR K 87 10.18 -53.15 12.71
C THR K 87 10.92 -53.04 11.39
N SER K 88 10.41 -53.66 10.34
CA SER K 88 11.13 -53.63 9.05
C SER K 88 10.21 -53.89 7.86
N VAL K 89 9.05 -54.49 8.11
CA VAL K 89 8.13 -54.80 7.02
C VAL K 89 7.70 -53.50 6.32
N THR K 90 7.48 -52.46 7.12
CA THR K 90 7.12 -51.15 6.61
C THR K 90 8.25 -50.51 5.79
N VAL K 91 9.49 -50.67 6.26
CA VAL K 91 10.68 -50.11 5.60
C VAL K 91 10.88 -50.67 4.18
N LEU K 92 10.80 -51.99 4.05
CA LEU K 92 10.96 -52.65 2.76
C LEU K 92 9.90 -52.21 1.75
N ALA K 93 8.67 -52.06 2.22
CA ALA K 93 7.58 -51.61 1.37
C ALA K 93 7.82 -50.20 0.81
N ALA K 94 8.36 -49.33 1.67
CA ALA K 94 8.65 -47.94 1.30
C ALA K 94 9.64 -47.77 0.13
N GLU K 95 10.70 -48.59 0.11
CA GLU K 95 11.73 -48.50 -0.94
C GLU K 95 11.20 -48.96 -2.31
N LEU K 96 10.15 -49.76 -2.29
CA LEU K 96 9.50 -50.25 -3.50
C LEU K 96 8.96 -49.10 -4.38
N LEU K 97 8.51 -48.04 -3.73
CA LEU K 97 7.95 -46.86 -4.41
C LEU K 97 9.00 -46.09 -5.24
N ARG K 98 10.27 -46.21 -4.88
CA ARG K 98 11.37 -45.54 -5.60
C ARG K 98 11.43 -45.99 -7.08
N GLU K 99 11.19 -47.27 -7.31
CA GLU K 99 11.15 -47.81 -8.69
C GLU K 99 10.07 -47.13 -9.53
N ALA K 100 9.02 -46.58 -8.90
CA ALA K 100 7.91 -45.93 -9.60
C ALA K 100 8.43 -44.82 -10.56
N GLU K 101 9.52 -44.15 -10.22
CA GLU K 101 10.13 -43.17 -11.14
C GLU K 101 10.54 -43.85 -12.46
N SER K 102 11.08 -45.04 -12.35
CA SER K 102 11.44 -45.85 -13.50
C SER K 102 10.18 -46.14 -14.34
N LEU K 103 9.08 -46.40 -13.63
CA LEU K 103 7.77 -46.71 -14.21
C LEU K 103 7.20 -45.60 -15.11
N ILE K 104 7.34 -44.33 -14.75
CA ILE K 104 6.83 -43.24 -15.62
C ILE K 104 7.55 -43.30 -16.99
N ALA K 105 8.86 -43.57 -16.95
CA ALA K 105 9.68 -43.74 -18.16
C ALA K 105 9.14 -44.90 -19.00
N LYS K 106 8.75 -45.93 -18.26
CA LYS K 106 8.19 -47.15 -18.81
C LYS K 106 6.89 -46.79 -19.57
N LYS K 107 6.13 -45.86 -18.97
CA LYS K 107 4.86 -45.27 -19.50
C LYS K 107 3.90 -46.24 -20.19
N ILE K 108 3.78 -47.45 -19.72
CA ILE K 108 2.84 -48.36 -20.32
C ILE K 108 1.66 -48.64 -19.39
N HIS K 109 1.68 -49.76 -18.71
CA HIS K 109 0.62 -50.09 -17.78
C HIS K 109 1.19 -50.25 -16.36
N PRO K 110 0.91 -49.33 -15.41
CA PRO K 110 1.47 -49.42 -14.04
C PRO K 110 1.07 -50.70 -13.28
N GLN K 111 -0.10 -51.21 -13.59
CA GLN K 111 -0.62 -52.46 -13.02
C GLN K 111 0.14 -53.70 -13.53
N THR K 112 0.71 -53.61 -14.73
CA THR K 112 1.43 -54.74 -15.32
C THR K 112 2.61 -55.19 -14.46
N ILE K 113 3.30 -54.22 -13.92
CA ILE K 113 4.42 -54.44 -13.03
C ILE K 113 3.96 -55.21 -11.77
N ILE K 114 2.70 -55.00 -11.40
CA ILE K 114 2.06 -55.66 -10.25
C ILE K 114 2.26 -57.18 -10.26
N ALA K 115 2.38 -57.79 -11.45
CA ALA K 115 2.63 -59.24 -11.55
C ALA K 115 3.90 -59.63 -10.77
N GLY K 116 4.73 -58.62 -10.51
CA GLY K 116 5.96 -58.76 -9.75
C GLY K 116 5.73 -59.25 -8.32
N TRP K 117 4.67 -58.79 -7.72
CA TRP K 117 4.33 -59.19 -6.36
C TRP K 117 3.89 -60.65 -6.36
N ARG K 118 3.24 -61.07 -7.42
CA ARG K 118 2.93 -62.48 -7.59
C ARG K 118 4.28 -63.24 -7.62
N GLU K 119 5.26 -62.63 -8.32
CA GLU K 119 6.64 -63.13 -8.39
C GLU K 119 7.27 -63.20 -7.00
N ALA K 120 6.96 -62.17 -6.23
CA ALA K 120 7.43 -62.00 -4.86
C ALA K 120 6.96 -63.16 -3.99
N THR K 121 5.75 -63.63 -4.24
CA THR K 121 5.17 -64.70 -3.45
C THR K 121 6.00 -65.99 -3.50
N LYS K 122 6.50 -66.36 -4.67
CA LYS K 122 7.35 -67.56 -4.74
C LYS K 122 8.84 -67.24 -4.70
N ALA K 123 9.24 -66.01 -5.04
CA ALA K 123 10.66 -65.65 -4.99
C ALA K 123 11.14 -65.57 -3.55
N ALA K 124 10.30 -65.02 -2.69
CA ALA K 124 10.62 -64.95 -1.28
C ALA K 124 10.60 -66.34 -0.66
N ARG K 125 9.56 -67.10 -1.01
CA ARG K 125 9.40 -68.47 -0.55
C ARG K 125 10.54 -69.41 -0.98
N GLN K 126 10.86 -69.37 -2.25
CA GLN K 126 11.91 -70.21 -2.81
C GLN K 126 13.25 -69.92 -2.14
N ALA K 127 13.50 -68.64 -1.99
CA ALA K 127 14.74 -68.11 -1.42
C ALA K 127 14.93 -68.37 0.07
N LEU K 128 13.86 -68.30 0.87
CA LEU K 128 14.02 -68.54 2.32
C LEU K 128 14.57 -69.96 2.51
N LEU K 129 14.01 -70.89 1.75
CA LEU K 129 14.43 -72.28 1.73
C LEU K 129 15.81 -72.55 1.09
N ASN K 130 16.16 -71.85 -0.01
CA ASN K 130 17.46 -72.09 -0.70
C ASN K 130 18.62 -71.37 0.02
N SER K 131 18.51 -71.48 1.32
CA SER K 131 19.43 -70.98 2.31
C SER K 131 19.46 -72.02 3.44
N ALA K 132 20.42 -71.98 4.32
CA ALA K 132 20.39 -72.94 5.41
C ALA K 132 19.80 -72.26 6.63
N VAL K 133 18.76 -72.84 7.20
CA VAL K 133 18.16 -72.22 8.36
C VAL K 133 18.27 -73.08 9.64
N ASP K 134 19.06 -72.52 10.57
CA ASP K 134 19.38 -73.04 11.94
C ASP K 134 19.49 -74.56 12.17
N HIS K 135 18.39 -75.28 11.94
CA HIS K 135 18.24 -76.74 12.22
C HIS K 135 18.45 -76.99 13.74
N GLY K 136 18.36 -75.91 14.52
CA GLY K 136 18.61 -75.97 15.96
C GLY K 136 17.37 -76.04 16.83
N SER K 137 17.49 -75.47 18.05
CA SER K 137 16.40 -75.47 19.05
C SER K 137 15.80 -76.88 19.26
N ASP K 138 16.64 -77.80 19.71
CA ASP K 138 16.24 -79.20 19.96
C ASP K 138 15.12 -79.37 21.00
N GLU K 139 15.20 -78.57 22.07
CA GLU K 139 14.28 -78.59 23.24
C GLU K 139 15.01 -78.12 24.49
N VAL K 140 14.65 -76.93 24.96
CA VAL K 140 15.27 -76.33 26.16
C VAL K 140 16.52 -75.57 25.72
N LYS K 141 17.55 -76.35 25.32
CA LYS K 141 18.83 -75.82 24.83
C LYS K 141 19.64 -74.99 25.82
N PHE K 142 20.87 -75.43 26.05
CA PHE K 142 21.78 -74.73 26.95
C PHE K 142 22.19 -73.36 26.39
N ARG K 143 23.19 -73.36 25.51
CA ARG K 143 23.68 -72.12 24.87
C ARG K 143 22.70 -71.48 23.88
N GLN K 144 22.03 -72.32 23.09
CA GLN K 144 21.13 -71.89 22.02
C GLN K 144 19.81 -71.32 22.53
N ASP K 145 19.63 -71.29 23.85
CA ASP K 145 18.38 -70.80 24.40
C ASP K 145 18.18 -69.34 23.95
N LEU K 146 19.20 -68.48 24.11
CA LEU K 146 19.09 -67.09 23.62
C LEU K 146 20.42 -66.49 23.18
N MET K 147 20.60 -65.21 23.52
CA MET K 147 21.73 -64.42 23.07
C MET K 147 21.56 -64.48 21.54
N ASN K 148 20.25 -64.51 21.14
CA ASN K 148 19.83 -64.72 19.76
C ASN K 148 18.96 -63.56 19.17
N ILE K 149 17.74 -63.95 18.69
CA ILE K 149 16.76 -63.00 18.10
C ILE K 149 16.31 -61.94 19.07
N ALA K 150 16.13 -62.35 20.31
CA ALA K 150 15.73 -61.45 21.35
C ALA K 150 16.78 -60.36 21.49
N GLY K 151 18.05 -60.76 21.38
CA GLY K 151 19.13 -59.80 21.43
C GLY K 151 18.98 -58.80 20.28
N THR K 152 18.58 -59.31 19.10
CA THR K 152 18.30 -58.47 17.93
C THR K 152 17.08 -57.56 18.17
N THR K 153 16.04 -58.11 18.82
CA THR K 153 14.83 -57.33 19.14
C THR K 153 15.18 -56.17 20.08
N LEU K 154 16.05 -56.48 21.01
CA LEU K 154 16.58 -55.54 22.00
C LEU K 154 17.49 -54.53 21.40
N SER K 155 18.09 -54.90 20.30
CA SER K 155 19.10 -54.08 19.68
C SER K 155 18.52 -52.72 19.31
N SER K 156 17.31 -52.74 18.82
CA SER K 156 16.63 -51.51 18.38
C SER K 156 16.51 -50.54 19.56
N LYS K 157 16.21 -51.13 20.67
CA LYS K 157 15.96 -50.47 21.92
C LYS K 157 17.27 -49.96 22.59
N LEU K 158 17.21 -48.73 23.13
CA LEU K 158 18.36 -48.04 23.79
C LEU K 158 18.88 -48.81 25.00
N LEU K 159 18.07 -49.71 25.47
CA LEU K 159 18.34 -50.51 26.63
C LEU K 159 19.62 -51.38 26.45
N THR K 160 19.85 -51.95 25.25
CA THR K 160 20.98 -52.88 25.01
C THR K 160 22.40 -52.41 25.39
N HIS K 161 22.69 -52.65 26.64
CA HIS K 161 23.96 -52.50 27.32
C HIS K 161 23.86 -53.49 28.47
N HIS K 162 23.12 -53.09 29.49
CA HIS K 162 22.71 -53.95 30.59
C HIS K 162 21.68 -54.96 30.07
N LYS K 163 20.83 -54.42 29.20
CA LYS K 163 19.62 -55.06 28.65
C LYS K 163 19.87 -56.37 27.87
N ASP K 164 20.91 -56.49 27.05
CA ASP K 164 21.08 -57.78 26.33
C ASP K 164 21.02 -58.96 27.30
N HIS K 165 21.45 -58.75 28.55
CA HIS K 165 21.30 -59.75 29.61
C HIS K 165 19.82 -60.07 29.89
N PHE K 166 18.98 -59.02 29.88
CA PHE K 166 17.53 -59.14 30.15
C PHE K 166 16.81 -60.03 29.15
N THR K 167 17.18 -59.90 27.90
CA THR K 167 16.57 -60.68 26.84
C THR K 167 16.98 -62.14 26.92
N LYS K 168 18.15 -62.38 27.48
CA LYS K 168 18.68 -63.72 27.70
C LYS K 168 17.70 -64.46 28.62
N LEU K 169 17.21 -63.70 29.58
CA LEU K 169 16.22 -64.13 30.56
C LEU K 169 14.91 -64.58 29.88
N ALA K 170 14.49 -63.84 28.84
CA ALA K 170 13.22 -64.10 28.16
C ALA K 170 13.10 -65.55 27.63
N VAL K 171 14.15 -66.15 27.10
CA VAL K 171 14.06 -67.56 26.66
C VAL K 171 13.75 -68.52 27.80
N GLU K 172 14.19 -68.18 28.99
CA GLU K 172 13.88 -69.02 30.14
C GLU K 172 12.36 -69.07 30.27
N ALA K 173 11.73 -67.92 30.03
CA ALA K 173 10.27 -67.77 30.04
C ALA K 173 9.57 -68.66 28.98
N VAL K 174 10.14 -68.76 27.77
CA VAL K 174 9.54 -69.59 26.70
C VAL K 174 9.55 -71.06 27.09
N LEU K 175 10.64 -71.48 27.71
CA LEU K 175 10.80 -72.88 28.10
C LEU K 175 9.70 -73.33 29.06
N ARG K 176 9.34 -72.46 29.99
CA ARG K 176 8.25 -72.76 30.92
C ARG K 176 6.87 -72.77 30.22
N LEU K 177 6.73 -71.96 29.15
CA LEU K 177 5.49 -71.92 28.32
C LEU K 177 5.35 -73.19 27.48
N LYS K 178 6.48 -73.77 27.14
CA LYS K 178 6.56 -74.91 26.25
C LYS K 178 5.61 -76.04 26.65
N GLY K 179 4.85 -76.48 25.64
CA GLY K 179 3.82 -77.50 25.81
C GLY K 179 2.64 -77.22 24.89
N SER K 180 1.44 -77.61 25.29
CA SER K 180 0.24 -77.36 24.47
C SER K 180 -0.41 -76.01 24.80
N GLY K 181 0.19 -75.30 25.75
CA GLY K 181 -0.29 -74.00 26.23
C GLY K 181 -0.38 -72.89 25.18
N ASN K 182 0.56 -72.87 24.22
CA ASN K 182 0.64 -71.82 23.18
C ASN K 182 1.09 -70.48 23.82
N LEU K 183 0.85 -69.33 23.18
CA LEU K 183 1.31 -68.05 23.76
C LEU K 183 0.21 -67.29 24.48
N GLU K 184 0.44 -67.10 25.78
CA GLU K 184 -0.44 -66.38 26.73
C GLU K 184 0.18 -66.39 28.13
N ALA K 185 -0.53 -65.76 29.05
CA ALA K 185 -0.20 -65.75 30.49
C ALA K 185 1.15 -65.15 30.92
N ILE K 186 1.80 -64.29 30.13
CA ILE K 186 3.05 -63.69 30.63
C ILE K 186 2.94 -62.17 30.69
N HIS K 187 3.13 -61.67 31.89
CA HIS K 187 3.06 -60.26 32.21
C HIS K 187 4.33 -59.76 32.88
N VAL K 188 4.87 -58.64 32.42
CA VAL K 188 6.08 -58.12 33.04
C VAL K 188 6.08 -56.57 33.19
N ILE K 189 6.59 -56.12 34.36
CA ILE K 189 6.64 -54.69 34.74
C ILE K 189 8.04 -54.27 35.24
N LYS K 190 8.30 -52.96 35.22
CA LYS K 190 9.60 -52.36 35.58
C LYS K 190 9.62 -51.72 37.00
N LYS K 191 10.76 -51.83 37.67
CA LYS K 191 10.92 -51.24 39.01
C LYS K 191 12.07 -50.20 39.01
N LEU K 192 11.87 -49.08 39.71
CA LEU K 192 12.84 -47.94 39.73
C LEU K 192 14.02 -48.10 40.72
N GLY K 193 15.08 -48.78 40.30
CA GLY K 193 16.22 -49.00 41.20
C GLY K 193 17.50 -49.36 40.47
N GLY K 194 18.64 -49.40 41.18
CA GLY K 194 19.90 -49.70 40.50
C GLY K 194 20.64 -50.95 40.95
N SER K 195 20.66 -51.95 40.06
CA SER K 195 21.39 -53.20 40.26
C SER K 195 22.05 -53.64 38.94
N LEU K 196 23.19 -54.33 39.00
CA LEU K 196 23.85 -54.81 37.76
C LEU K 196 22.92 -55.74 36.98
N ALA K 197 22.22 -56.63 37.69
CA ALA K 197 21.29 -57.57 37.08
C ALA K 197 20.17 -56.85 36.34
N ASP K 198 19.70 -55.76 36.97
CA ASP K 198 18.64 -54.91 36.44
C ASP K 198 17.30 -55.63 36.19
N SER K 199 17.20 -56.90 36.56
CA SER K 199 15.95 -57.63 36.43
C SER K 199 15.89 -58.86 37.33
N TYR K 200 14.69 -59.23 37.76
CA TYR K 200 14.49 -60.44 38.56
C TYR K 200 13.32 -61.26 38.07
N LEU K 201 13.59 -62.54 37.89
CA LEU K 201 12.58 -63.47 37.43
C LEU K 201 12.04 -64.24 38.62
N ASP K 202 10.74 -64.18 38.82
CA ASP K 202 10.13 -64.91 39.90
C ASP K 202 9.11 -65.90 39.34
N GLU K 203 9.02 -67.00 40.04
CA GLU K 203 8.23 -68.16 39.66
C GLU K 203 6.70 -67.95 39.48
N GLY K 204 6.08 -67.03 40.19
CA GLY K 204 4.63 -66.85 40.04
C GLY K 204 4.18 -65.55 39.35
N PHE K 205 3.07 -64.99 39.87
CA PHE K 205 2.48 -63.75 39.36
C PHE K 205 2.86 -62.55 40.23
N LEU K 206 3.25 -61.45 39.59
CA LEU K 206 3.68 -60.24 40.32
C LEU K 206 2.57 -59.16 40.40
N LEU K 207 2.19 -58.82 41.63
CA LEU K 207 1.19 -57.80 41.90
C LEU K 207 1.80 -56.75 42.87
N ASP K 208 1.58 -55.45 42.66
CA ASP K 208 2.15 -54.46 43.58
C ASP K 208 1.08 -53.76 44.47
N LYS K 209 0.68 -54.45 45.54
CA LYS K 209 -0.28 -53.88 46.52
C LYS K 209 -0.04 -54.43 47.94
N LYS K 210 -0.53 -53.73 48.96
CA LYS K 210 -0.37 -54.19 50.35
C LYS K 210 -1.65 -53.92 51.17
N ILE K 211 -1.97 -54.83 52.09
CA ILE K 211 -3.18 -54.71 52.94
C ILE K 211 -3.13 -53.43 53.78
N GLY K 212 -1.99 -53.26 54.40
CA GLY K 212 -1.69 -52.13 55.25
C GLY K 212 -0.34 -52.32 55.90
N VAL K 213 0.12 -51.39 56.70
CA VAL K 213 1.44 -51.54 57.34
C VAL K 213 1.48 -52.78 58.25
N ASN K 214 0.39 -53.01 58.97
CA ASN K 214 0.26 -54.19 59.83
C ASN K 214 -0.13 -55.39 58.97
N GLN K 215 -0.01 -56.62 59.55
CA GLN K 215 -0.34 -57.92 58.90
C GLN K 215 0.91 -58.80 58.83
N PRO K 216 0.78 -60.15 58.82
CA PRO K 216 1.96 -61.03 58.74
C PRO K 216 2.77 -60.78 57.47
N LYS K 217 4.09 -60.95 57.57
CA LYS K 217 4.97 -60.74 56.43
C LYS K 217 4.62 -61.67 55.24
N ARG K 218 4.33 -62.93 55.56
CA ARG K 218 3.95 -63.91 54.55
C ARG K 218 3.11 -65.04 55.12
N ILE K 219 2.48 -65.76 54.22
CA ILE K 219 1.64 -66.89 54.54
C ILE K 219 2.15 -68.18 53.88
N GLU K 220 1.91 -69.31 54.54
CA GLU K 220 2.37 -70.61 54.03
C GLU K 220 1.18 -71.53 53.77
N ASN K 221 1.24 -72.31 52.67
CA ASN K 221 0.11 -73.18 52.29
C ASN K 221 -1.14 -72.32 52.11
N ALA K 222 -0.90 -71.17 51.51
CA ALA K 222 -1.89 -70.13 51.30
C ALA K 222 -3.11 -70.49 50.45
N LYS K 223 -4.24 -69.98 50.90
CA LYS K 223 -5.50 -70.10 50.19
C LYS K 223 -5.86 -68.70 49.69
N ILE K 224 -6.22 -68.59 48.43
CA ILE K 224 -6.48 -67.29 47.82
C ILE K 224 -7.95 -67.09 47.49
N LEU K 225 -8.47 -65.95 47.93
CA LEU K 225 -9.88 -65.61 47.75
C LEU K 225 -10.02 -64.38 46.83
N ILE K 226 -10.88 -64.48 45.82
CA ILE K 226 -11.14 -63.38 44.87
C ILE K 226 -12.62 -62.99 44.92
N ALA K 227 -12.91 -61.72 45.18
CA ALA K 227 -14.31 -61.30 45.25
C ALA K 227 -14.69 -60.19 44.26
N ASN K 228 -15.79 -60.42 43.53
CA ASN K 228 -16.37 -59.43 42.61
C ASN K 228 -16.96 -58.24 43.35
N THR K 229 -17.62 -58.50 44.47
CA THR K 229 -18.28 -57.46 45.25
C THR K 229 -17.40 -56.96 46.40
N GLY K 230 -17.44 -55.66 46.60
CA GLY K 230 -16.65 -55.03 47.62
C GLY K 230 -17.09 -55.32 49.04
N MET K 231 -16.14 -55.14 49.92
CA MET K 231 -16.29 -55.35 51.35
C MET K 231 -17.19 -54.25 51.95
N ASP K 232 -17.16 -53.05 51.34
CA ASP K 232 -17.93 -51.86 51.80
C ASP K 232 -19.46 -52.07 51.82
N THR K 233 -20.10 -51.72 52.94
CA THR K 233 -21.56 -51.81 53.07
C THR K 233 -22.14 -50.60 53.84
N ALA K 257 -24.87 -53.61 63.40
CA ALA K 257 -25.14 -54.16 62.06
C ALA K 257 -23.82 -54.40 61.31
N GLU K 258 -22.90 -53.45 61.43
CA GLU K 258 -21.57 -53.53 60.82
C GLU K 258 -20.78 -54.74 61.30
N LYS K 259 -20.91 -55.01 62.59
CA LYS K 259 -20.22 -56.11 63.26
C LYS K 259 -20.62 -57.45 62.65
N GLU K 260 -21.89 -57.59 62.28
CA GLU K 260 -22.34 -58.83 61.67
C GLU K 260 -21.58 -59.11 60.36
N LYS K 261 -21.32 -58.07 59.55
CA LYS K 261 -20.53 -58.28 58.33
C LYS K 261 -19.13 -58.79 58.70
N MET K 262 -18.58 -58.22 59.77
CA MET K 262 -17.27 -58.62 60.29
C MET K 262 -17.24 -60.09 60.73
N LYS K 263 -18.32 -60.52 61.40
CA LYS K 263 -18.43 -61.89 61.93
C LYS K 263 -18.42 -62.97 60.85
N GLU K 264 -19.15 -62.75 59.77
CA GLU K 264 -19.20 -63.73 58.69
C GLU K 264 -17.84 -63.94 58.04
N LYS K 265 -17.13 -62.83 57.90
CA LYS K 265 -15.84 -62.82 57.25
C LYS K 265 -14.77 -63.57 58.05
N VAL K 266 -14.76 -63.42 59.38
CA VAL K 266 -13.78 -64.12 60.23
C VAL K 266 -14.11 -65.58 60.54
N GLU K 267 -15.38 -65.86 60.83
CA GLU K 267 -15.79 -67.19 61.24
C GLU K 267 -15.54 -68.28 60.20
N ARG K 268 -15.79 -67.98 58.94
CA ARG K 268 -15.55 -68.96 57.89
C ARG K 268 -14.20 -68.80 57.21
N ILE K 269 -13.55 -67.67 57.47
CA ILE K 269 -12.21 -67.44 56.93
C ILE K 269 -11.20 -68.37 57.61
N LEU K 270 -11.37 -68.52 58.93
CA LEU K 270 -10.56 -69.42 59.77
C LEU K 270 -10.70 -70.87 59.29
N LYS K 271 -11.94 -71.18 58.92
CA LYS K 271 -12.34 -72.49 58.38
C LYS K 271 -11.60 -72.90 57.13
N HIS K 272 -11.51 -71.99 56.18
CA HIS K 272 -10.79 -72.26 54.95
C HIS K 272 -9.28 -72.24 55.17
N GLY K 273 -8.86 -71.60 56.26
CA GLY K 273 -7.44 -71.45 56.53
C GLY K 273 -6.84 -70.32 55.72
N ILE K 274 -7.75 -69.56 55.10
CA ILE K 274 -7.45 -68.37 54.26
C ILE K 274 -6.12 -67.68 54.57
N ASN K 275 -5.30 -67.52 53.56
CA ASN K 275 -4.04 -66.85 53.78
C ASN K 275 -3.92 -65.54 52.98
N CYS K 276 -4.73 -65.38 51.94
CA CYS K 276 -4.70 -64.15 51.14
C CYS K 276 -6.06 -63.84 50.49
N PHE K 277 -6.44 -62.57 50.49
CA PHE K 277 -7.70 -62.15 49.86
C PHE K 277 -7.43 -61.07 48.80
N ILE K 278 -7.91 -61.29 47.58
CA ILE K 278 -7.73 -60.31 46.51
C ILE K 278 -9.10 -59.83 45.96
N ASN K 279 -9.35 -58.53 46.06
CA ASN K 279 -10.62 -57.96 45.60
C ASN K 279 -10.41 -56.87 44.55
N ARG K 280 -11.12 -56.95 43.42
CA ARG K 280 -10.95 -55.92 42.39
C ARG K 280 -11.85 -54.69 42.65
N GLN K 281 -11.54 -53.94 43.70
CA GLN K 281 -12.23 -52.69 44.05
C GLN K 281 -11.83 -52.17 45.42
N LEU K 282 -12.55 -51.18 45.91
CA LEU K 282 -12.27 -50.60 47.22
C LEU K 282 -12.65 -51.59 48.33
N ILE K 283 -11.96 -51.52 49.46
CA ILE K 283 -12.19 -52.46 50.56
C ILE K 283 -12.52 -51.71 51.85
N TYR K 284 -13.52 -52.21 52.55
CA TYR K 284 -13.99 -51.60 53.77
C TYR K 284 -12.96 -51.80 54.90
N ASN K 285 -12.77 -50.75 55.69
CA ASN K 285 -11.77 -50.72 56.77
C ASN K 285 -11.92 -51.77 57.89
N TYR K 286 -13.14 -52.07 58.34
CA TYR K 286 -13.35 -53.04 59.44
C TYR K 286 -12.64 -54.39 59.20
N PRO K 287 -12.83 -55.03 58.02
CA PRO K 287 -12.16 -56.29 57.66
C PRO K 287 -10.65 -56.25 57.91
N GLU K 288 -10.01 -55.13 57.58
CA GLU K 288 -8.56 -55.00 57.70
C GLU K 288 -8.05 -55.20 59.13
N GLN K 289 -8.75 -54.70 60.14
CA GLN K 289 -8.29 -54.92 61.53
C GLN K 289 -8.26 -56.41 61.83
N LEU K 290 -9.31 -57.08 61.36
CA LEU K 290 -9.51 -58.52 61.51
C LEU K 290 -8.40 -59.36 60.86
N PHE K 291 -8.07 -59.02 59.63
CA PHE K 291 -7.05 -59.76 58.85
C PHE K 291 -5.67 -59.77 59.52
N GLY K 292 -5.28 -58.62 60.10
CA GLY K 292 -3.98 -58.53 60.76
C GLY K 292 -3.81 -59.49 61.93
N ALA K 293 -4.82 -59.55 62.80
CA ALA K 293 -4.77 -60.45 63.96
C ALA K 293 -4.87 -61.92 63.55
N ALA K 294 -5.74 -62.18 62.57
CA ALA K 294 -5.98 -63.51 62.03
C ALA K 294 -4.73 -64.15 61.42
N GLY K 295 -3.94 -63.35 60.73
CA GLY K 295 -2.77 -63.87 60.05
C GLY K 295 -3.06 -64.06 58.56
N VAL K 296 -3.99 -63.24 58.06
CA VAL K 296 -4.43 -63.31 56.68
C VAL K 296 -4.18 -62.00 55.94
N MET K 297 -3.55 -62.08 54.78
CA MET K 297 -3.20 -60.90 53.99
C MET K 297 -4.18 -60.61 52.83
N ALA K 298 -4.77 -59.41 52.88
CA ALA K 298 -5.76 -58.98 51.86
C ALA K 298 -5.21 -57.86 50.96
N ILE K 299 -5.72 -57.77 49.74
CA ILE K 299 -5.26 -56.75 48.79
C ILE K 299 -6.39 -55.81 48.33
N GLU K 300 -6.19 -54.51 48.59
CA GLU K 300 -7.17 -53.46 48.25
C GLU K 300 -7.05 -52.96 46.80
N HIS K 301 -8.18 -52.94 46.10
CA HIS K 301 -8.28 -52.44 44.72
C HIS K 301 -7.37 -53.18 43.72
N ALA K 302 -7.27 -54.49 43.85
CA ALA K 302 -6.43 -55.25 42.92
C ALA K 302 -7.01 -55.19 41.51
N ASP K 303 -6.16 -54.96 40.52
CA ASP K 303 -6.62 -54.87 39.13
C ASP K 303 -7.23 -56.17 38.62
N PHE K 304 -8.32 -56.01 37.87
CA PHE K 304 -9.12 -57.11 37.33
C PHE K 304 -8.32 -58.03 36.41
N VAL K 305 -7.47 -57.44 35.56
CA VAL K 305 -6.67 -58.23 34.60
C VAL K 305 -5.75 -59.23 35.32
N GLY K 306 -5.15 -58.81 36.43
CA GLY K 306 -4.32 -59.70 37.22
C GLY K 306 -5.12 -60.89 37.75
N VAL K 307 -6.34 -60.59 38.18
CA VAL K 307 -7.27 -61.57 38.75
C VAL K 307 -7.63 -62.72 37.79
N GLU K 308 -8.01 -62.36 36.55
CA GLU K 308 -8.40 -63.37 35.56
C GLU K 308 -7.27 -64.37 35.24
N ARG K 309 -6.05 -63.87 35.13
CA ARG K 309 -4.88 -64.73 34.89
C ARG K 309 -4.60 -65.62 36.10
N LEU K 310 -4.75 -65.00 37.26
CA LEU K 310 -4.50 -65.64 38.54
C LEU K 310 -5.44 -66.85 38.68
N ALA K 311 -6.69 -66.69 38.24
CA ALA K 311 -7.68 -67.77 38.31
C ALA K 311 -7.23 -68.99 37.52
N LEU K 312 -6.68 -68.81 36.30
CA LEU K 312 -6.13 -69.97 35.58
C LEU K 312 -5.01 -70.63 36.37
N VAL K 313 -4.17 -69.79 36.96
CA VAL K 313 -3.03 -70.23 37.76
C VAL K 313 -3.41 -71.05 39.00
N THR K 314 -4.40 -70.56 39.74
CA THR K 314 -4.85 -71.17 41.00
C THR K 314 -5.99 -72.19 40.83
N GLY K 315 -6.43 -72.42 39.61
CA GLY K 315 -7.57 -73.31 39.39
C GLY K 315 -8.88 -72.57 39.40
N GLY K 316 -8.82 -71.31 39.76
CA GLY K 316 -9.99 -70.46 39.73
C GLY K 316 -10.93 -70.60 40.89
N GLU K 317 -12.12 -70.09 40.66
CA GLU K 317 -13.18 -70.04 41.65
C GLU K 317 -14.40 -69.38 41.04
N ILE K 318 -15.43 -69.20 41.84
CA ILE K 318 -16.62 -68.49 41.38
C ILE K 318 -16.75 -67.28 42.31
N ALA K 319 -16.71 -66.08 41.74
CA ALA K 319 -16.74 -64.88 42.57
C ALA K 319 -18.13 -64.29 42.69
N SER K 320 -18.72 -64.57 43.82
CA SER K 320 -20.04 -64.11 44.21
C SER K 320 -19.97 -63.32 45.52
N THR K 321 -21.06 -63.38 46.27
CA THR K 321 -21.15 -62.74 47.57
C THR K 321 -20.42 -63.60 48.59
N PHE K 322 -20.24 -63.09 49.83
CA PHE K 322 -19.48 -63.76 50.92
C PHE K 322 -19.65 -65.28 51.09
N ASP K 323 -20.59 -65.86 50.37
CA ASP K 323 -20.77 -67.31 50.34
C ASP K 323 -19.57 -67.93 49.57
N HIS K 324 -18.86 -67.03 48.86
CA HIS K 324 -17.70 -67.37 48.00
C HIS K 324 -16.62 -68.32 48.59
N PRO K 325 -16.19 -68.26 49.89
CA PRO K 325 -15.18 -69.21 50.47
C PRO K 325 -15.43 -70.71 50.18
N GLU K 326 -14.77 -71.59 50.96
CA GLU K 326 -14.93 -73.06 50.82
C GLU K 326 -14.77 -73.63 49.37
N LEU K 327 -15.63 -74.61 49.02
CA LEU K 327 -15.57 -75.36 47.75
C LEU K 327 -15.69 -74.53 46.48
N VAL K 328 -16.55 -73.53 46.42
CA VAL K 328 -16.67 -72.73 45.20
C VAL K 328 -15.32 -72.02 44.90
N LYS K 329 -14.47 -71.91 45.93
CA LYS K 329 -13.11 -71.32 45.80
C LYS K 329 -12.03 -72.40 45.68
N LEU K 330 -11.13 -72.20 44.73
CA LEU K 330 -10.00 -73.10 44.55
C LEU K 330 -8.73 -72.30 44.80
N GLY K 331 -7.77 -72.86 45.52
CA GLY K 331 -6.56 -72.11 45.78
C GLY K 331 -5.28 -72.91 45.80
N SER K 332 -4.30 -72.47 45.01
CA SER K 332 -2.98 -73.10 45.01
C SER K 332 -2.29 -72.75 46.33
N CYS K 333 -1.40 -73.59 46.81
CA CYS K 333 -0.82 -73.38 48.15
C CYS K 333 0.70 -73.40 48.31
N LYS K 334 1.53 -72.81 47.45
CA LYS K 334 2.96 -72.92 47.75
C LYS K 334 3.47 -71.77 48.62
N LEU K 335 3.75 -70.61 48.06
CA LEU K 335 4.25 -69.52 48.90
C LEU K 335 3.84 -68.12 48.42
N ILE K 336 3.23 -67.34 49.29
CA ILE K 336 2.89 -65.95 48.96
C ILE K 336 3.59 -65.03 49.96
N GLU K 337 4.42 -64.13 49.47
CA GLU K 337 5.14 -63.23 50.36
C GLU K 337 5.44 -61.90 49.71
N GLU K 338 5.71 -60.92 50.56
CA GLU K 338 6.10 -59.62 50.07
C GLU K 338 7.63 -59.58 50.20
N VAL K 339 8.29 -59.40 49.07
CA VAL K 339 9.75 -59.47 48.98
C VAL K 339 10.40 -58.21 48.48
N MET K 340 11.50 -57.88 49.11
CA MET K 340 12.28 -56.71 48.79
C MET K 340 12.74 -56.84 47.33
N ILE K 341 12.53 -55.80 46.55
CA ILE K 341 12.90 -55.76 45.12
C ILE K 341 14.08 -54.80 44.95
N GLY K 342 14.60 -54.41 46.10
CA GLY K 342 15.71 -53.49 46.20
C GLY K 342 15.28 -52.07 46.51
N GLU K 343 14.00 -51.79 46.30
CA GLU K 343 13.45 -50.47 46.58
C GLU K 343 12.13 -50.52 47.44
N ASP K 344 10.98 -50.39 46.80
CA ASP K 344 9.67 -50.42 47.43
C ASP K 344 9.05 -51.80 47.24
N LYS K 345 8.30 -52.20 48.23
CA LYS K 345 7.68 -53.53 48.34
C LYS K 345 6.70 -53.94 47.23
N LEU K 346 6.84 -55.22 46.88
CA LEU K 346 6.01 -55.93 45.89
C LEU K 346 5.53 -57.23 46.53
N ILE K 347 4.48 -57.81 45.99
CA ILE K 347 3.94 -59.06 46.54
C ILE K 347 3.93 -60.13 45.46
N HIS K 348 4.46 -61.30 45.80
CA HIS K 348 4.60 -62.36 44.82
C HIS K 348 3.80 -63.62 45.14
N PHE K 349 3.08 -64.06 44.12
CA PHE K 349 2.29 -65.28 44.19
C PHE K 349 3.12 -66.36 43.51
N SER K 350 3.31 -67.52 44.13
CA SER K 350 4.17 -68.54 43.50
C SER K 350 3.82 -69.99 43.81
N GLY K 351 4.47 -70.90 43.08
CA GLY K 351 4.27 -72.33 43.29
C GLY K 351 2.96 -72.87 42.76
N VAL K 352 2.48 -72.30 41.68
CA VAL K 352 1.22 -72.72 41.09
C VAL K 352 1.30 -74.17 40.57
N ALA K 353 0.31 -74.96 40.98
CA ALA K 353 0.19 -76.37 40.60
C ALA K 353 0.06 -76.57 39.08
N LEU K 354 -0.71 -75.69 38.45
CA LEU K 354 -0.95 -75.76 37.00
C LEU K 354 0.34 -75.65 36.18
N GLY K 355 1.15 -74.64 36.49
CA GLY K 355 2.43 -74.43 35.80
C GLY K 355 2.29 -73.72 34.45
N GLU K 356 1.07 -73.67 33.93
CA GLU K 356 0.76 -73.05 32.64
C GLU K 356 1.09 -71.54 32.53
N ALA K 357 0.82 -70.78 33.59
CA ALA K 357 1.04 -69.32 33.56
C ALA K 357 2.18 -68.84 34.47
N CYS K 358 3.03 -67.97 33.93
CA CYS K 358 4.19 -67.42 34.67
C CYS K 358 4.44 -65.90 34.40
N THR K 359 5.17 -65.24 35.31
CA THR K 359 5.42 -63.77 35.24
C THR K 359 6.92 -63.35 35.32
N ILE K 360 7.30 -62.34 34.50
CA ILE K 360 8.67 -61.78 34.41
C ILE K 360 8.76 -60.35 35.01
N VAL K 361 9.72 -60.07 35.88
CA VAL K 361 9.83 -58.69 36.42
C VAL K 361 11.10 -57.93 35.94
N LEU K 362 10.88 -56.79 35.28
CA LEU K 362 11.95 -55.90 34.77
C LEU K 362 12.29 -54.75 35.74
N ARG K 363 13.53 -54.31 35.74
CA ARG K 363 13.96 -53.18 36.57
C ARG K 363 14.64 -52.12 35.69
N GLY K 364 14.57 -50.84 36.05
CA GLY K 364 15.20 -49.83 35.19
C GLY K 364 15.66 -48.54 35.87
N ALA K 365 16.30 -47.70 35.06
CA ALA K 365 16.88 -46.41 35.49
C ALA K 365 15.89 -45.38 36.08
N THR K 366 14.68 -45.26 35.48
CA THR K 366 13.61 -44.30 35.90
C THR K 366 13.45 -43.17 34.84
N GLN K 367 13.98 -43.48 33.68
CA GLN K 367 13.97 -42.62 32.49
C GLN K 367 12.59 -42.19 31.96
N GLN K 368 11.66 -43.15 31.98
CA GLN K 368 10.35 -43.06 31.30
C GLN K 368 10.60 -43.22 29.81
N ILE K 369 11.84 -43.64 29.61
CA ILE K 369 12.39 -44.11 28.36
C ILE K 369 12.47 -45.61 28.64
N LEU K 370 12.01 -45.92 29.87
CA LEU K 370 11.90 -47.26 30.41
C LEU K 370 10.50 -47.84 30.14
N ASP K 371 9.59 -46.96 29.71
CA ASP K 371 8.25 -47.37 29.25
C ASP K 371 8.46 -48.09 27.93
N GLU K 372 9.67 -47.84 27.44
CA GLU K 372 10.24 -48.44 26.25
C GLU K 372 10.28 -49.92 26.50
N ALA K 373 10.61 -50.27 27.72
CA ALA K 373 10.68 -51.66 28.14
C ALA K 373 9.30 -52.30 27.92
N GLU K 374 8.20 -51.58 28.19
CA GLU K 374 6.86 -52.15 27.97
C GLU K 374 6.65 -52.54 26.49
N ARG K 375 6.96 -51.64 25.56
CA ARG K 375 6.87 -51.94 24.12
C ARG K 375 7.94 -52.95 23.70
N SER K 376 9.13 -52.81 24.31
CA SER K 376 10.26 -53.70 24.08
C SER K 376 9.89 -55.11 24.46
N LEU K 377 9.26 -55.15 25.59
CA LEU K 377 8.75 -56.35 26.17
C LEU K 377 7.74 -57.06 25.29
N HIS K 378 6.77 -56.29 24.82
CA HIS K 378 5.68 -56.82 24.01
C HIS K 378 6.18 -57.47 22.74
N ASP K 379 7.07 -56.80 22.01
CA ASP K 379 7.59 -57.40 20.80
C ASP K 379 8.52 -58.59 21.12
N ALA K 380 9.34 -58.45 22.17
CA ALA K 380 10.26 -59.53 22.58
C ALA K 380 9.52 -60.84 22.98
N LEU K 381 8.47 -60.72 23.80
CA LEU K 381 7.71 -61.90 24.27
C LEU K 381 7.05 -62.73 23.19
N CYS K 382 6.50 -62.08 22.20
CA CYS K 382 5.82 -62.80 21.11
C CYS K 382 6.77 -63.73 20.36
N VAL K 383 7.99 -63.26 20.13
CA VAL K 383 9.00 -64.03 19.41
C VAL K 383 9.34 -65.37 20.09
N LEU K 384 9.57 -65.32 21.41
CA LEU K 384 9.92 -66.53 22.16
C LEU K 384 8.87 -67.65 22.11
N ALA K 385 7.61 -67.28 22.19
CA ALA K 385 6.53 -68.27 22.15
C ALA K 385 6.42 -68.94 20.79
N GLN K 386 6.58 -68.15 19.74
CA GLN K 386 6.53 -68.67 18.39
C GLN K 386 7.66 -69.65 18.12
N THR K 387 8.86 -69.35 18.62
CA THR K 387 10.02 -70.20 18.41
C THR K 387 9.83 -71.61 18.98
N VAL K 388 9.22 -71.71 20.16
CA VAL K 388 8.97 -73.03 20.74
C VAL K 388 7.90 -73.83 19.96
N LYS K 389 6.80 -73.17 19.60
CA LYS K 389 5.70 -73.83 18.86
C LYS K 389 6.01 -74.20 17.41
N ASP K 390 6.71 -73.34 16.69
CA ASP K 390 6.99 -73.60 15.28
C ASP K 390 8.10 -74.63 15.01
N SER K 391 8.94 -74.87 16.00
CA SER K 391 10.09 -75.80 15.88
C SER K 391 10.93 -75.51 14.61
N ARG K 392 10.76 -74.30 14.07
CA ARG K 392 11.49 -73.87 12.88
C ARG K 392 11.91 -72.41 13.03
N THR K 393 13.01 -72.03 12.43
CA THR K 393 13.52 -70.66 12.51
C THR K 393 14.48 -70.37 11.34
N VAL K 394 15.04 -69.17 11.29
CA VAL K 394 16.04 -68.80 10.28
C VAL K 394 17.25 -68.16 10.99
N TYR K 395 18.44 -68.11 10.38
CA TYR K 395 19.56 -67.44 11.09
C TYR K 395 19.34 -65.94 11.18
N GLY K 396 19.69 -65.37 12.33
CA GLY K 396 19.50 -63.94 12.58
C GLY K 396 20.68 -63.07 12.19
N GLY K 397 20.61 -61.81 12.58
CA GLY K 397 21.68 -60.86 12.28
C GLY K 397 21.75 -60.52 10.81
N GLY K 398 20.65 -60.75 10.12
CA GLY K 398 20.57 -60.47 8.70
C GLY K 398 21.21 -61.54 7.84
N CYS K 399 21.58 -62.67 8.45
CA CYS K 399 22.20 -63.77 7.67
C CYS K 399 21.24 -64.27 6.61
N SER K 400 19.99 -64.43 7.01
CA SER K 400 18.94 -64.87 6.10
C SER K 400 18.70 -63.92 4.94
N GLU K 401 18.74 -62.62 5.24
CA GLU K 401 18.44 -61.63 4.21
C GLU K 401 19.49 -61.48 3.10
N MET K 402 20.78 -61.52 3.40
CA MET K 402 21.76 -61.36 2.33
C MET K 402 21.80 -62.55 1.37
N LEU K 403 21.76 -63.76 1.92
CA LEU K 403 21.83 -64.97 1.09
C LEU K 403 20.66 -65.02 0.12
N MET K 404 19.49 -64.63 0.62
CA MET K 404 18.30 -64.55 -0.20
C MET K 404 18.50 -63.56 -1.35
N ALA K 405 19.15 -62.43 -1.06
CA ALA K 405 19.43 -61.42 -2.09
C ALA K 405 20.29 -62.01 -3.22
N HIS K 406 21.28 -62.83 -2.86
CA HIS K 406 22.10 -63.52 -3.86
C HIS K 406 21.30 -64.43 -4.78
N ALA K 407 20.37 -65.17 -4.20
CA ALA K 407 19.55 -66.11 -4.96
C ALA K 407 18.57 -65.42 -5.90
N VAL K 408 17.98 -64.32 -5.43
CA VAL K 408 16.98 -63.59 -6.21
C VAL K 408 17.55 -62.84 -7.43
N THR K 409 18.79 -62.37 -7.38
CA THR K 409 19.39 -61.68 -8.53
C THR K 409 19.46 -62.60 -9.76
N GLN K 410 19.82 -63.86 -9.52
CA GLN K 410 19.88 -64.88 -10.57
C GLN K 410 18.48 -65.18 -11.11
N LEU K 411 17.53 -65.21 -10.17
CA LEU K 411 16.12 -65.50 -10.45
C LEU K 411 15.47 -64.51 -11.40
N ALA K 412 15.79 -63.23 -11.25
CA ALA K 412 15.18 -62.22 -12.11
C ALA K 412 15.49 -62.46 -13.59
N SER K 413 16.73 -62.74 -13.92
CA SER K 413 17.07 -63.02 -15.31
C SER K 413 16.48 -64.38 -15.74
N ARG K 414 16.44 -65.30 -14.78
CA ARG K 414 15.90 -66.66 -14.98
C ARG K 414 14.40 -66.68 -15.42
N THR K 415 13.58 -65.83 -14.80
CA THR K 415 12.12 -65.76 -15.07
C THR K 415 11.68 -65.06 -16.39
N PRO K 416 10.43 -65.36 -16.85
CA PRO K 416 9.80 -64.80 -18.07
C PRO K 416 9.41 -63.30 -18.01
N GLY K 417 9.46 -62.69 -19.22
CA GLY K 417 9.18 -61.26 -19.49
C GLY K 417 8.69 -60.33 -18.36
N LYS K 418 7.38 -60.23 -18.18
CA LYS K 418 6.80 -59.28 -17.22
C LYS K 418 7.26 -59.49 -15.78
N GLU K 419 7.33 -60.74 -15.45
CA GLU K 419 7.64 -61.21 -14.12
C GLU K 419 9.04 -60.83 -13.60
N ALA K 420 10.04 -60.88 -14.47
CA ALA K 420 11.43 -60.60 -14.08
C ALA K 420 11.77 -59.15 -13.73
N VAL K 421 11.25 -58.15 -14.44
CA VAL K 421 11.60 -56.75 -14.15
C VAL K 421 11.21 -56.39 -12.72
N ALA K 422 10.03 -56.82 -12.33
CA ALA K 422 9.57 -56.61 -10.97
C ALA K 422 10.38 -57.46 -9.99
N MET K 423 10.67 -58.71 -10.38
CA MET K 423 11.44 -59.62 -9.53
C MET K 423 12.85 -59.07 -9.21
N GLU K 424 13.51 -58.47 -10.20
CA GLU K 424 14.85 -57.88 -10.01
C GLU K 424 14.81 -56.74 -8.97
N SER K 425 13.74 -55.94 -9.02
CA SER K 425 13.56 -54.82 -8.09
C SER K 425 13.31 -55.35 -6.68
N TYR K 426 12.53 -56.42 -6.60
CA TYR K 426 12.21 -57.05 -5.31
C TYR K 426 13.52 -57.53 -4.65
N ALA K 427 14.42 -58.07 -5.46
CA ALA K 427 15.71 -58.58 -5.01
C ALA K 427 16.59 -57.52 -4.33
N LYS K 428 16.61 -56.32 -4.88
CA LYS K 428 17.41 -55.21 -4.33
C LYS K 428 16.85 -54.69 -2.99
N ALA K 429 15.58 -54.98 -2.73
CA ALA K 429 14.89 -54.60 -1.48
C ALA K 429 15.60 -55.21 -0.26
N LEU K 430 16.05 -56.46 -0.44
CA LEU K 430 16.75 -57.23 0.59
C LEU K 430 18.04 -56.55 1.05
N ARG K 431 18.63 -55.78 0.14
CA ARG K 431 19.89 -55.05 0.37
C ARG K 431 19.78 -54.05 1.54
N MET K 432 18.64 -53.38 1.63
CA MET K 432 18.42 -52.38 2.67
C MET K 432 18.53 -52.94 4.10
N LEU K 433 18.00 -54.15 4.35
CA LEU K 433 18.05 -54.73 5.71
C LEU K 433 19.48 -54.83 6.29
N PRO K 434 20.48 -55.40 5.56
CA PRO K 434 21.87 -55.44 6.04
C PRO K 434 22.41 -54.06 6.41
N THR K 435 22.05 -53.07 5.58
CA THR K 435 22.49 -51.69 5.79
C THR K 435 21.86 -51.05 7.01
N ILE K 436 20.58 -51.33 7.20
CA ILE K 436 19.82 -50.75 8.30
C ILE K 436 20.26 -51.30 9.66
N ILE K 437 20.51 -52.61 9.71
CA ILE K 437 20.98 -53.28 10.92
C ILE K 437 22.32 -52.69 11.39
N ALA K 438 23.23 -52.57 10.43
CA ALA K 438 24.58 -52.03 10.63
C ALA K 438 24.63 -50.51 10.89
N ASP K 439 23.77 -49.75 10.22
CA ASP K 439 23.80 -48.27 10.27
C ASP K 439 23.60 -47.72 11.69
N ASN K 440 22.65 -48.26 12.41
CA ASN K 440 22.41 -47.83 13.78
C ASN K 440 23.39 -48.47 14.78
N ALA K 441 24.10 -49.48 14.34
CA ALA K 441 25.12 -50.16 15.16
C ALA K 441 26.21 -49.17 15.60
N GLY K 442 26.58 -48.31 14.68
CA GLY K 442 27.64 -47.33 14.95
C GLY K 442 28.88 -47.67 14.15
N TYR K 443 28.65 -48.28 13.00
CA TYR K 443 29.70 -48.68 12.10
C TYR K 443 29.37 -48.20 10.69
N ASP K 444 30.39 -48.11 9.84
CA ASP K 444 30.21 -47.61 8.49
C ASP K 444 29.42 -48.60 7.62
N SER K 445 28.27 -48.12 7.14
CA SER K 445 27.38 -48.93 6.29
C SER K 445 28.01 -49.40 4.99
N ALA K 446 28.79 -48.54 4.35
CA ALA K 446 29.40 -48.89 3.06
C ALA K 446 30.31 -50.10 3.14
N ASP K 447 31.24 -50.11 4.07
CA ASP K 447 32.13 -51.24 4.24
C ASP K 447 31.35 -52.52 4.56
N LEU K 448 30.40 -52.36 5.47
CA LEU K 448 29.57 -53.44 5.98
C LEU K 448 28.72 -54.18 4.91
N VAL K 449 27.99 -53.43 4.08
CA VAL K 449 27.10 -54.05 3.10
C VAL K 449 27.83 -54.92 2.10
N ALA K 450 28.86 -54.35 1.54
CA ALA K 450 29.65 -55.01 0.53
C ALA K 450 30.51 -56.19 1.07
N GLN K 451 31.10 -56.04 2.27
CA GLN K 451 31.90 -57.12 2.88
C GLN K 451 31.04 -58.36 3.14
N LEU K 452 29.81 -58.10 3.56
CA LEU K 452 28.83 -59.12 3.91
C LEU K 452 28.46 -60.06 2.77
N ARG K 453 28.28 -59.53 1.59
CA ARG K 453 27.87 -60.34 0.46
C ARG K 453 28.82 -61.46 0.09
N ALA K 454 30.12 -61.22 0.14
CA ALA K 454 31.08 -62.27 -0.21
C ALA K 454 30.94 -63.50 0.70
N ALA K 455 30.72 -63.28 1.99
CA ALA K 455 30.54 -64.40 2.95
C ALA K 455 29.33 -65.29 2.60
N HIS K 456 28.17 -64.66 2.36
CA HIS K 456 26.94 -65.39 1.99
C HIS K 456 27.04 -66.05 0.62
N SER K 457 27.66 -65.33 -0.31
CA SER K 457 27.85 -65.77 -1.69
C SER K 457 28.67 -67.06 -1.74
N GLU K 458 29.68 -67.12 -0.86
CA GLU K 458 30.59 -68.26 -0.79
C GLU K 458 29.83 -69.55 -0.48
N GLY K 459 28.85 -69.47 0.39
CA GLY K 459 28.07 -70.65 0.75
C GLY K 459 27.99 -70.90 2.24
N LYS K 460 28.45 -69.95 3.04
CA LYS K 460 28.38 -70.11 4.48
C LYS K 460 27.18 -69.34 5.00
N THR K 461 26.13 -70.08 5.30
CA THR K 461 24.86 -69.54 5.77
C THR K 461 24.93 -68.98 7.20
N THR K 462 25.74 -69.62 8.03
CA THR K 462 25.93 -69.20 9.42
C THR K 462 26.47 -67.78 9.52
N ALA K 463 27.41 -67.43 8.64
CA ALA K 463 27.99 -66.09 8.64
C ALA K 463 26.93 -65.01 8.40
N GLY K 464 27.05 -63.90 9.12
CA GLY K 464 26.11 -62.81 9.00
C GLY K 464 26.67 -61.50 9.48
N LEU K 465 25.81 -60.54 9.81
CA LEU K 465 26.31 -59.25 10.27
C LEU K 465 26.60 -59.31 11.76
N ASP K 466 27.84 -59.10 12.14
CA ASP K 466 28.14 -59.05 13.55
C ASP K 466 28.41 -57.61 13.90
N MET K 467 27.43 -57.04 14.53
CA MET K 467 27.43 -55.65 14.92
C MET K 467 28.45 -55.34 16.01
N LYS K 468 28.57 -56.24 16.97
CA LYS K 468 29.56 -56.07 18.05
C LYS K 468 30.98 -56.05 17.45
N GLU K 469 31.16 -56.92 16.47
CA GLU K 469 32.42 -57.06 15.70
C GLU K 469 32.67 -55.87 14.79
N GLY K 470 31.60 -55.38 14.17
CA GLY K 470 31.69 -54.29 13.19
C GLY K 470 31.88 -54.82 11.76
N THR K 471 32.11 -56.11 11.67
CA THR K 471 32.29 -56.81 10.39
C THR K 471 31.28 -57.97 10.27
N ILE K 472 31.78 -59.12 9.88
CA ILE K 472 30.93 -60.31 9.73
C ILE K 472 31.44 -61.39 10.68
N GLY K 473 30.54 -62.23 11.15
CA GLY K 473 30.94 -63.27 12.08
C GLY K 473 30.02 -64.46 12.06
N ASP K 474 30.31 -65.45 12.90
CA ASP K 474 29.50 -66.65 12.95
C ASP K 474 28.28 -66.41 13.83
N MET K 475 27.14 -66.33 13.18
CA MET K 475 25.86 -66.09 13.81
C MET K 475 25.52 -67.19 14.82
N SER K 476 25.84 -68.43 14.46
CA SER K 476 25.55 -69.63 15.27
C SER K 476 26.22 -69.57 16.66
N VAL K 477 27.46 -69.10 16.75
CA VAL K 477 28.12 -69.01 18.07
C VAL K 477 27.30 -68.10 18.97
N LEU K 478 26.88 -66.97 18.41
CA LEU K 478 25.98 -66.05 19.10
C LEU K 478 24.65 -66.79 19.33
N GLY K 479 24.27 -67.56 18.30
CA GLY K 479 23.06 -68.36 18.29
C GLY K 479 21.84 -67.64 17.75
N ILE K 480 22.03 -66.42 17.27
CA ILE K 480 20.90 -65.62 16.82
C ILE K 480 20.14 -66.30 15.68
N THR K 481 18.86 -66.49 15.96
CA THR K 481 17.94 -67.13 15.04
C THR K 481 16.61 -66.40 15.10
N GLU K 482 15.89 -66.40 14.00
CA GLU K 482 14.62 -65.70 13.93
C GLU K 482 13.50 -66.70 13.71
N SER K 483 12.30 -66.45 14.23
CA SER K 483 11.19 -67.40 14.08
C SER K 483 10.90 -67.63 12.60
N PHE K 484 10.61 -68.87 12.24
CA PHE K 484 10.38 -69.23 10.85
C PHE K 484 9.17 -68.44 10.31
N GLN K 485 8.14 -68.29 11.14
CA GLN K 485 6.96 -67.50 10.77
C GLN K 485 7.30 -66.03 10.47
N VAL K 486 8.22 -65.41 11.23
CA VAL K 486 8.50 -64.00 10.97
C VAL K 486 9.03 -63.82 9.54
N LYS K 487 9.93 -64.68 9.08
CA LYS K 487 10.40 -64.58 7.69
C LYS K 487 9.31 -64.98 6.68
N ARG K 488 8.55 -66.03 7.00
CA ARG K 488 7.47 -66.52 6.11
C ARG K 488 6.36 -65.52 5.80
N GLN K 489 5.93 -64.77 6.81
CA GLN K 489 4.80 -63.86 6.63
C GLN K 489 5.14 -62.41 6.32
N VAL K 490 6.35 -61.96 6.58
CA VAL K 490 6.67 -60.58 6.24
C VAL K 490 6.72 -60.42 4.72
N LEU K 491 7.28 -61.43 4.08
CA LEU K 491 7.40 -61.43 2.63
C LEU K 491 6.04 -61.55 1.93
N LEU K 492 5.15 -62.40 2.47
CA LEU K 492 3.80 -62.54 1.89
C LEU K 492 2.95 -61.28 2.12
N SER K 493 3.07 -60.71 3.33
CA SER K 493 2.32 -59.49 3.70
C SER K 493 2.82 -58.26 2.94
N ALA K 494 4.14 -58.17 2.79
CA ALA K 494 4.76 -57.05 2.09
C ALA K 494 4.29 -56.96 0.65
N ALA K 495 4.17 -58.13 0.02
CA ALA K 495 3.73 -58.18 -1.36
C ALA K 495 2.34 -57.58 -1.54
N GLU K 496 1.37 -58.01 -0.72
CA GLU K 496 0.00 -57.46 -0.79
C GLU K 496 -0.09 -55.95 -0.53
N ALA K 497 0.60 -55.45 0.50
CA ALA K 497 0.56 -54.02 0.83
C ALA K 497 1.27 -53.12 -0.18
N ALA K 498 2.42 -53.57 -0.67
CA ALA K 498 3.20 -52.83 -1.66
C ALA K 498 2.42 -52.70 -2.95
N GLU K 499 1.77 -53.80 -3.26
CA GLU K 499 0.95 -53.93 -4.43
C GLU K 499 -0.22 -52.92 -4.42
N VAL K 500 -0.84 -52.69 -3.26
CA VAL K 500 -1.94 -51.72 -3.18
C VAL K 500 -1.49 -50.34 -2.71
N ILE K 501 -0.72 -49.70 -3.57
CA ILE K 501 -0.20 -48.33 -3.42
C ILE K 501 -0.06 -47.73 -4.81
N LEU K 502 0.74 -48.42 -5.64
CA LEU K 502 0.93 -48.06 -7.03
C LEU K 502 -0.37 -48.15 -7.84
N ARG K 503 -1.16 -49.20 -7.57
CA ARG K 503 -2.42 -49.44 -8.28
C ARG K 503 -3.68 -48.80 -7.65
N VAL K 504 -3.57 -48.09 -6.54
CA VAL K 504 -4.76 -47.49 -5.94
C VAL K 504 -4.71 -45.96 -6.12
N ASP K 505 -5.74 -45.39 -6.75
CA ASP K 505 -5.79 -43.94 -7.03
C ASP K 505 -6.45 -43.04 -5.94
N ASN K 506 -7.79 -43.08 -5.86
CA ASN K 506 -8.56 -42.23 -4.91
C ASN K 506 -8.25 -42.46 -3.40
N ILE K 507 -8.06 -43.73 -3.03
CA ILE K 507 -7.77 -44.23 -1.64
C ILE K 507 -8.33 -43.41 -0.42
N ILE K 508 -9.59 -43.02 -0.33
CA ILE K 508 -10.00 -42.27 0.89
C ILE K 508 -11.12 -42.89 1.76
N LYS K 509 -10.80 -43.17 3.03
CA LYS K 509 -11.77 -43.72 4.02
C LYS K 509 -11.53 -43.03 5.36
N ALA K 510 -12.12 -43.54 6.44
CA ALA K 510 -11.97 -42.88 7.75
C ALA K 510 -10.52 -42.80 8.19
N ALA K 511 -10.22 -41.63 8.77
CA ALA K 511 -8.88 -41.26 9.25
C ALA K 511 -8.16 -40.46 8.14
N PRO K 512 -6.85 -40.10 8.29
CA PRO K 512 -6.08 -39.29 7.32
C PRO K 512 -6.51 -39.39 5.83
N ARG K 513 -6.63 -38.17 5.26
CA ARG K 513 -7.13 -37.85 3.90
C ARG K 513 -8.54 -37.28 3.93
N ALA L 1 2.01 -12.87 24.59
CA ALA L 1 3.03 -12.86 23.51
C ALA L 1 4.38 -13.38 24.00
N GLY L 2 5.20 -13.84 23.05
CA GLY L 2 6.53 -14.32 23.38
C GLY L 2 7.61 -13.54 22.66
N ALA L 3 8.59 -13.03 23.40
CA ALA L 3 9.67 -12.21 22.82
C ALA L 3 10.68 -11.75 23.89
N ASP L 4 11.44 -10.69 23.57
CA ASP L 4 12.46 -10.14 24.47
C ASP L 4 13.67 -11.06 24.66
N GLU L 5 14.44 -11.17 23.59
CA GLU L 5 15.64 -11.99 23.59
C GLU L 5 16.89 -11.13 23.84
N GLU L 6 17.54 -11.36 24.98
CA GLU L 6 18.76 -10.62 25.33
C GLU L 6 19.78 -11.55 25.98
N ARG L 7 21.06 -11.36 25.67
CA ARG L 7 22.11 -12.19 26.24
C ARG L 7 23.43 -11.42 26.41
N ALA L 8 24.28 -11.96 27.28
CA ALA L 8 25.61 -11.38 27.59
C ALA L 8 25.60 -9.86 27.85
N GLU L 9 26.20 -9.10 26.92
CA GLU L 9 26.31 -7.64 27.05
C GLU L 9 24.96 -6.92 27.14
N THR L 10 23.98 -7.35 26.36
CA THR L 10 22.66 -6.71 26.37
C THR L 10 21.94 -6.95 27.70
N ALA L 11 22.05 -8.17 28.22
CA ALA L 11 21.43 -8.49 29.51
C ALA L 11 22.03 -7.66 30.65
N ARG L 12 23.35 -7.49 30.61
CA ARG L 12 24.08 -6.66 31.59
C ARG L 12 23.57 -5.21 31.51
N LEU L 13 23.32 -4.79 30.28
CA LEU L 13 22.86 -3.43 29.96
C LEU L 13 21.53 -3.11 30.63
N SER L 14 20.60 -4.07 30.66
CA SER L 14 19.32 -3.82 31.32
C SER L 14 19.57 -3.49 32.79
N SER L 15 20.50 -4.21 33.39
CA SER L 15 20.90 -3.94 34.77
C SER L 15 21.49 -2.53 34.90
N PHE L 16 22.31 -2.18 33.91
CA PHE L 16 23.00 -0.88 33.83
C PHE L 16 22.01 0.30 33.79
N ILE L 17 21.01 0.19 32.90
CA ILE L 17 19.98 1.23 32.72
C ILE L 17 19.12 1.45 33.97
N GLY L 18 18.75 0.37 34.66
CA GLY L 18 17.93 0.51 35.85
C GLY L 18 18.59 1.37 36.94
N ALA L 19 19.89 1.18 37.11
CA ALA L 19 20.66 1.94 38.10
C ALA L 19 20.82 3.43 37.75
N ILE L 20 21.04 3.74 36.47
CA ILE L 20 21.23 5.14 36.06
C ILE L 20 19.94 5.98 36.18
N ALA L 21 18.80 5.40 35.80
CA ALA L 21 17.52 6.12 35.88
C ALA L 21 17.13 6.50 37.31
N ILE L 22 17.37 5.58 38.23
CA ILE L 22 17.06 5.79 39.66
C ILE L 22 17.97 6.83 40.31
N GLY L 23 19.26 6.80 39.97
CA GLY L 23 20.22 7.71 40.57
C GLY L 23 19.94 9.19 40.34
N ASP L 24 19.50 9.57 39.14
CA ASP L 24 19.18 10.99 38.88
C ASP L 24 18.01 11.49 39.73
N LEU L 25 16.98 10.64 39.89
CA LEU L 25 15.81 11.00 40.72
C LEU L 25 16.15 11.06 42.20
N VAL L 26 16.96 10.17 42.68
CA VAL L 26 17.35 10.21 44.08
C VAL L 26 18.47 11.24 44.35
N LYS L 27 19.10 11.72 43.28
CA LYS L 27 20.26 12.64 43.37
C LYS L 27 20.01 13.97 44.10
N SER L 28 18.90 14.64 43.89
CA SER L 28 18.71 15.92 44.60
C SER L 28 18.00 15.72 45.94
N THR L 29 17.69 14.48 46.25
CA THR L 29 17.03 14.10 47.51
C THR L 29 18.00 14.13 48.71
N LEU L 30 19.30 14.24 48.46
CA LEU L 30 20.31 14.24 49.54
C LEU L 30 20.78 15.66 49.90
N GLY L 31 20.57 16.08 51.14
CA GLY L 31 21.03 17.41 51.59
C GLY L 31 19.91 18.44 51.77
N PRO L 32 20.23 19.62 52.36
CA PRO L 32 19.25 20.72 52.70
C PRO L 32 18.30 21.19 51.62
N LYS L 33 18.71 21.32 50.41
CA LYS L 33 17.73 21.71 49.45
C LYS L 33 17.39 20.57 48.52
N GLY L 34 16.70 19.60 49.14
CA GLY L 34 16.24 18.44 48.41
C GLY L 34 14.99 18.78 47.66
N MET L 35 14.67 18.01 46.65
CA MET L 35 13.52 18.34 45.83
C MET L 35 12.31 17.47 46.17
N ASP L 36 11.14 18.08 46.19
CA ASP L 36 9.90 17.36 46.46
C ASP L 36 9.42 16.59 45.25
N LYS L 37 9.08 15.34 45.48
CA LYS L 37 8.59 14.51 44.41
C LYS L 37 7.17 14.14 44.76
N ILE L 38 6.27 14.14 43.80
CA ILE L 38 4.90 13.73 44.11
C ILE L 38 4.51 12.65 43.13
N LEU L 39 3.96 11.54 43.62
CA LEU L 39 3.65 10.45 42.70
C LEU L 39 2.27 9.81 42.96
N LEU L 40 1.44 9.62 41.93
CA LEU L 40 0.10 9.01 42.08
C LEU L 40 -0.15 7.88 41.09
N SER L 41 -0.97 6.92 41.52
CA SER L 41 -1.38 5.80 40.68
C SER L 41 -2.87 5.49 40.91
N SER L 42 -3.55 4.99 39.89
CA SER L 42 -5.00 4.70 39.97
C SER L 42 -5.34 3.45 40.81
N GLY L 43 -6.60 3.38 41.26
CA GLY L 43 -7.05 2.23 42.04
C GLY L 43 -7.19 2.49 43.53
N ARG L 44 -6.51 1.65 44.31
CA ARG L 44 -6.53 1.70 45.79
C ARG L 44 -5.45 2.61 46.41
N ASP L 45 -4.63 3.25 45.59
CA ASP L 45 -3.54 4.11 46.10
C ASP L 45 -4.08 5.26 46.96
N ALA L 46 -5.20 5.84 46.51
CA ALA L 46 -5.94 6.91 47.20
C ALA L 46 -5.78 8.27 46.56
N SER L 47 -4.94 9.13 47.13
CA SER L 47 -4.76 10.46 46.57
C SER L 47 -3.38 11.13 46.76
N LEU L 48 -3.19 11.69 47.95
CA LEU L 48 -2.06 12.60 48.32
C LEU L 48 -0.58 12.13 48.47
N MET L 49 -0.16 10.89 48.30
CA MET L 49 1.28 10.60 48.55
C MET L 49 2.31 11.37 47.68
N VAL L 50 2.88 12.42 48.27
CA VAL L 50 3.95 13.20 47.63
C VAL L 50 5.22 12.77 48.34
N THR L 51 6.12 12.13 47.62
CA THR L 51 7.27 11.53 48.27
C THR L 51 8.62 12.25 48.21
N ASN L 52 9.15 12.59 49.39
CA ASN L 52 10.50 13.13 49.49
C ASN L 52 11.44 12.03 50.00
N ASP L 53 10.83 10.98 50.55
CA ASP L 53 11.59 9.84 51.07
C ASP L 53 11.75 8.84 49.94
N GLY L 54 12.97 8.68 49.45
CA GLY L 54 13.18 7.79 48.34
C GLY L 54 12.81 6.34 48.61
N ALA L 55 13.11 5.85 49.80
CA ALA L 55 12.77 4.46 50.13
C ALA L 55 11.27 4.16 50.14
N THR L 56 10.47 5.08 50.67
CA THR L 56 9.01 4.87 50.77
C THR L 56 8.29 4.69 49.42
N ILE L 57 8.51 5.59 48.46
CA ILE L 57 7.81 5.48 47.16
C ILE L 57 8.30 4.29 46.34
N LEU L 58 9.60 4.06 46.35
CA LEU L 58 10.18 2.95 45.59
C LEU L 58 9.65 1.60 46.07
N LYS L 59 9.53 1.44 47.38
CA LYS L 59 9.04 0.19 47.96
C LYS L 59 7.59 -0.13 47.55
N ASN L 60 6.77 0.91 47.52
CA ASN L 60 5.34 0.81 47.23
C ASN L 60 4.97 0.26 45.85
N ILE L 61 5.69 0.63 44.80
CA ILE L 61 5.29 0.21 43.46
C ILE L 61 6.42 -0.38 42.57
N GLY L 62 5.98 -1.14 41.56
CA GLY L 62 6.87 -1.76 40.56
C GLY L 62 6.24 -1.61 39.18
N VAL L 63 6.25 -0.35 38.75
CA VAL L 63 5.63 0.14 37.51
C VAL L 63 6.11 -0.41 36.15
N ASP L 64 7.41 -0.61 35.93
CA ASP L 64 7.83 -0.94 34.55
C ASP L 64 8.74 -2.17 34.36
N ASN L 65 8.86 -2.48 33.07
CA ASN L 65 9.59 -3.63 32.48
C ASN L 65 11.05 -3.87 32.96
N PRO L 66 11.91 -2.83 33.17
CA PRO L 66 13.30 -3.10 33.60
C PRO L 66 13.38 -3.62 35.04
N ALA L 67 14.40 -4.44 35.31
CA ALA L 67 14.55 -5.05 36.63
C ALA L 67 15.33 -4.18 37.61
N ALA L 68 14.65 -3.83 38.69
CA ALA L 68 15.22 -3.01 39.76
C ALA L 68 14.36 -3.06 41.03
N LYS L 69 13.20 -3.72 40.92
CA LYS L 69 12.24 -3.84 42.02
C LYS L 69 12.85 -4.52 43.25
N VAL L 70 13.65 -5.54 42.98
CA VAL L 70 14.31 -6.31 44.04
C VAL L 70 15.41 -5.51 44.78
N LEU L 71 16.21 -4.72 44.05
CA LEU L 71 17.26 -3.89 44.68
C LEU L 71 16.63 -2.89 45.64
N VAL L 72 15.51 -2.35 45.19
CA VAL L 72 14.72 -1.38 45.94
C VAL L 72 14.20 -1.96 47.27
N ASP L 73 13.79 -3.21 47.19
CA ASP L 73 13.23 -3.98 48.31
C ASP L 73 14.26 -4.09 49.45
N MET L 74 15.51 -4.27 49.06
CA MET L 74 16.64 -4.47 49.96
C MET L 74 16.82 -3.26 50.92
N SER L 75 16.62 -2.05 50.43
CA SER L 75 16.82 -0.83 51.23
C SER L 75 15.94 -0.80 52.49
N ARG L 76 14.71 -1.30 52.41
CA ARG L 76 13.81 -1.34 53.58
C ARG L 76 14.34 -2.16 54.75
N VAL L 77 14.97 -3.30 54.49
CA VAL L 77 15.51 -4.09 55.61
C VAL L 77 16.53 -3.21 56.35
N GLN L 78 17.31 -2.46 55.58
CA GLN L 78 18.22 -1.49 56.15
C GLN L 78 17.45 -0.47 56.97
N ASP L 79 16.33 -0.03 56.41
CA ASP L 79 15.47 0.96 57.04
C ASP L 79 14.93 0.49 58.40
N ASP L 80 14.54 -0.77 58.50
CA ASP L 80 13.98 -1.27 59.74
C ASP L 80 14.99 -1.20 60.90
N GLU L 81 16.25 -1.52 60.64
CA GLU L 81 17.26 -1.42 61.70
C GLU L 81 17.90 -0.03 61.75
N VAL L 82 17.62 0.81 60.74
CA VAL L 82 18.14 2.18 60.73
C VAL L 82 17.69 3.01 59.48
N GLY L 83 17.95 2.52 58.28
CA GLY L 83 17.52 3.19 57.05
C GLY L 83 18.23 4.44 56.57
N ASP L 84 17.44 5.49 56.65
CA ASP L 84 17.73 6.83 56.13
C ASP L 84 18.96 7.59 56.68
N GLY L 85 18.67 8.87 56.92
CA GLY L 85 19.59 9.93 57.28
C GLY L 85 19.37 10.89 56.12
N THR L 86 19.65 10.30 54.98
CA THR L 86 19.39 10.81 53.64
C THR L 86 19.42 9.58 52.75
N THR L 87 18.70 9.50 51.64
CA THR L 87 18.79 8.26 50.85
C THR L 87 20.03 8.28 49.97
N SER L 88 21.07 7.59 50.43
CA SER L 88 22.33 7.54 49.68
C SER L 88 22.72 6.14 49.20
N VAL L 89 22.16 5.10 49.81
CA VAL L 89 22.57 3.71 49.47
C VAL L 89 22.31 3.35 48.01
N THR L 90 21.19 3.78 47.49
CA THR L 90 20.83 3.49 46.12
C THR L 90 21.78 4.20 45.13
N VAL L 91 22.14 5.44 45.46
CA VAL L 91 23.06 6.23 44.61
C VAL L 91 24.43 5.56 44.51
N LEU L 92 24.99 5.17 45.65
CA LEU L 92 26.28 4.49 45.70
C LEU L 92 26.27 3.16 44.94
N ALA L 93 25.18 2.42 45.07
CA ALA L 93 25.04 1.16 44.36
C ALA L 93 24.98 1.37 42.85
N ALA L 94 24.26 2.42 42.44
CA ALA L 94 24.09 2.78 41.03
C ALA L 94 25.39 3.19 40.31
N GLU L 95 26.23 3.94 41.00
CA GLU L 95 27.49 4.46 40.43
C GLU L 95 28.53 3.36 40.17
N LEU L 96 28.42 2.28 40.92
CA LEU L 96 29.29 1.10 40.78
C LEU L 96 29.16 0.49 39.35
N LEU L 97 27.95 0.55 38.81
CA LEU L 97 27.62 0.01 37.46
C LEU L 97 28.40 0.67 36.31
N ARG L 98 28.80 1.91 36.47
CA ARG L 98 29.53 2.65 35.42
C ARG L 98 30.86 1.95 35.07
N GLU L 99 31.54 1.44 36.08
CA GLU L 99 32.80 0.70 35.90
C GLU L 99 32.59 -0.63 35.14
N ALA L 100 31.34 -1.10 35.03
CA ALA L 100 31.02 -2.37 34.35
C ALA L 100 31.48 -2.30 32.88
N GLU L 101 31.43 -1.12 32.28
CA GLU L 101 31.93 -0.92 30.91
C GLU L 101 33.43 -1.30 30.87
N SER L 102 34.14 -0.90 31.92
CA SER L 102 35.57 -1.19 32.07
C SER L 102 35.80 -2.70 32.28
N LEU L 103 34.78 -3.39 32.79
CA LEU L 103 34.84 -4.84 33.00
C LEU L 103 35.08 -5.58 31.66
N ILE L 104 34.44 -5.12 30.58
CA ILE L 104 34.67 -5.76 29.28
C ILE L 104 36.09 -5.42 28.81
N ALA L 105 36.57 -4.24 29.23
CA ALA L 105 37.95 -3.80 28.96
C ALA L 105 38.94 -4.78 29.60
N LYS L 106 38.60 -5.23 30.81
CA LYS L 106 39.42 -6.23 31.55
C LYS L 106 39.36 -7.57 30.80
N LYS L 107 38.34 -7.67 29.95
CA LYS L 107 38.05 -8.79 29.01
C LYS L 107 38.27 -10.23 29.49
N ILE L 108 38.36 -10.46 30.79
CA ILE L 108 38.50 -11.82 31.31
C ILE L 108 37.21 -12.41 31.89
N HIS L 109 36.99 -12.21 33.19
CA HIS L 109 35.80 -12.74 33.84
C HIS L 109 35.28 -11.83 34.97
N PRO L 110 34.00 -11.42 34.90
CA PRO L 110 33.32 -10.54 35.89
C PRO L 110 33.28 -11.09 37.33
N GLN L 111 33.23 -12.41 37.46
CA GLN L 111 33.17 -13.07 38.77
C GLN L 111 34.38 -12.76 39.65
N THR L 112 35.56 -12.68 39.07
CA THR L 112 36.75 -12.35 39.85
C THR L 112 36.59 -10.97 40.51
N ILE L 113 36.02 -10.05 39.76
CA ILE L 113 35.75 -8.68 40.21
C ILE L 113 34.72 -8.59 41.36
N ILE L 114 33.64 -9.39 41.31
CA ILE L 114 32.57 -9.32 42.33
C ILE L 114 33.03 -9.72 43.73
N ALA L 115 34.15 -10.42 43.81
CA ALA L 115 34.71 -10.81 45.11
C ALA L 115 35.03 -9.54 45.90
N GLY L 116 35.24 -8.46 45.15
CA GLY L 116 35.52 -7.15 45.73
C GLY L 116 34.40 -6.71 46.67
N TRP L 117 33.16 -7.08 46.37
CA TRP L 117 32.02 -6.76 47.25
C TRP L 117 32.16 -7.35 48.65
N ARG L 118 32.65 -8.59 48.74
CA ARG L 118 32.89 -9.21 50.05
C ARG L 118 33.87 -8.37 50.80
N GLU L 119 34.84 -7.95 50.02
CA GLU L 119 35.95 -7.17 50.45
C GLU L 119 35.43 -5.79 50.85
N ALA L 120 34.49 -5.31 50.04
CA ALA L 120 33.77 -4.07 50.28
C ALA L 120 33.04 -4.18 51.61
N THR L 121 32.47 -5.36 51.88
CA THR L 121 31.80 -5.61 53.15
C THR L 121 32.80 -5.45 54.30
N LYS L 122 34.02 -5.95 54.10
CA LYS L 122 35.07 -5.78 55.11
C LYS L 122 35.44 -4.30 55.17
N ALA L 123 35.49 -3.69 53.98
CA ALA L 123 35.78 -2.27 53.84
C ALA L 123 34.74 -1.48 54.58
N ALA L 124 33.49 -1.93 54.48
CA ALA L 124 32.40 -1.32 55.19
C ALA L 124 32.66 -1.37 56.70
N ARG L 125 33.00 -2.56 57.21
CA ARG L 125 33.29 -2.71 58.64
C ARG L 125 34.61 -2.06 59.10
N GLN L 126 35.59 -1.89 58.21
CA GLN L 126 36.84 -1.25 58.61
C GLN L 126 36.73 0.26 58.40
N ALA L 127 35.58 0.69 57.90
CA ALA L 127 35.28 2.10 57.78
C ALA L 127 34.33 2.49 58.92
N LEU L 128 33.97 1.49 59.73
CA LEU L 128 33.05 1.64 60.88
C LEU L 128 33.67 2.02 62.24
N LEU L 129 34.40 1.05 62.81
CA LEU L 129 34.96 1.18 64.17
C LEU L 129 36.37 1.80 64.25
N ASN L 130 36.88 2.30 63.15
CA ASN L 130 38.17 2.98 63.16
C ASN L 130 38.00 4.35 62.48
N SER L 131 38.89 5.30 62.76
CA SER L 131 38.71 6.67 62.27
C SER L 131 37.52 7.26 63.03
N ALA L 132 37.79 7.57 64.30
CA ALA L 132 36.81 8.02 65.31
C ALA L 132 35.71 9.01 64.86
N VAL L 133 34.88 9.34 65.84
CA VAL L 133 33.73 10.20 65.64
C VAL L 133 33.33 10.94 66.97
N ASP L 134 32.07 11.33 67.11
CA ASP L 134 31.58 12.13 68.26
C ASP L 134 31.72 11.54 69.70
N HIS L 135 31.48 10.24 69.87
CA HIS L 135 31.49 9.60 71.21
C HIS L 135 30.61 10.30 72.27
N GLY L 136 29.40 10.68 71.85
CA GLY L 136 28.40 11.31 72.73
C GLY L 136 27.23 10.38 73.02
N SER L 137 25.98 10.87 72.84
CA SER L 137 24.77 10.03 73.04
C SER L 137 24.71 9.28 74.39
N ASP L 138 24.94 9.97 75.50
CA ASP L 138 24.99 9.34 76.83
C ASP L 138 23.68 8.62 77.26
N GLU L 139 22.51 9.24 76.95
CA GLU L 139 21.14 8.70 77.25
C GLU L 139 20.25 9.81 77.77
N VAL L 140 19.05 9.96 77.19
CA VAL L 140 18.12 11.04 77.54
C VAL L 140 18.69 12.30 76.91
N LYS L 141 19.82 12.75 77.48
CA LYS L 141 20.61 13.87 76.99
C LYS L 141 19.81 15.15 76.70
N PHE L 142 19.94 16.11 77.58
CA PHE L 142 19.19 17.36 77.46
C PHE L 142 19.47 18.19 76.17
N ARG L 143 20.73 18.29 75.69
CA ARG L 143 20.98 19.08 74.47
C ARG L 143 21.37 18.28 73.20
N GLN L 144 22.02 17.13 73.36
CA GLN L 144 22.48 16.32 72.21
C GLN L 144 21.41 15.31 71.77
N ASP L 145 20.26 15.34 72.41
CA ASP L 145 19.21 14.39 72.08
C ASP L 145 18.81 14.56 70.60
N LEU L 146 18.63 15.81 70.16
CA LEU L 146 18.38 16.06 68.75
C LEU L 146 18.90 17.41 68.27
N MET L 147 18.08 18.04 67.43
CA MET L 147 18.45 19.24 66.69
C MET L 147 19.67 18.81 65.85
N ASN L 148 19.77 17.45 65.69
CA ASN L 148 20.92 16.82 65.03
C ASN L 148 20.71 16.18 63.65
N ILE L 149 20.56 14.83 63.64
CA ILE L 149 20.38 14.05 62.41
C ILE L 149 19.12 14.40 61.71
N ALA L 150 18.10 14.58 62.50
CA ALA L 150 16.82 14.94 62.02
C ALA L 150 16.93 16.26 61.27
N GLY L 151 17.72 17.20 61.79
CA GLY L 151 17.90 18.46 61.09
C GLY L 151 18.49 18.21 59.70
N THR L 152 19.50 17.32 59.61
CA THR L 152 20.08 16.90 58.31
C THR L 152 19.11 16.04 57.47
N THR L 153 18.40 15.14 58.12
CA THR L 153 17.42 14.29 57.42
C THR L 153 16.31 15.19 56.86
N LEU L 154 15.93 16.15 57.69
CA LEU L 154 14.98 17.19 57.35
C LEU L 154 15.52 18.14 56.34
N SER L 155 16.84 18.23 56.29
CA SER L 155 17.50 19.16 55.38
C SER L 155 17.10 18.79 53.97
N SER L 156 17.03 17.51 53.65
CA SER L 156 16.67 17.08 52.31
C SER L 156 15.22 17.46 52.00
N LYS L 157 14.51 17.79 53.03
CA LYS L 157 13.12 18.15 52.93
C LYS L 157 12.94 19.68 53.07
N LEU L 158 12.10 20.25 52.22
CA LEU L 158 11.89 21.71 52.16
C LEU L 158 11.37 22.37 53.43
N LEU L 159 10.42 21.74 54.07
CA LEU L 159 9.78 22.24 55.29
C LEU L 159 10.74 22.68 56.44
N THR L 160 12.05 22.56 56.22
CA THR L 160 13.09 22.90 57.21
C THR L 160 12.91 24.30 57.83
N HIS L 161 12.25 25.20 57.12
CA HIS L 161 12.08 26.57 57.61
C HIS L 161 11.32 26.59 58.97
N HIS L 162 10.30 25.76 59.14
CA HIS L 162 9.64 25.64 60.45
C HIS L 162 9.76 24.21 61.00
N LYS L 163 10.03 23.26 60.09
CA LYS L 163 10.14 21.85 60.45
C LYS L 163 11.38 21.51 61.29
N ASP L 164 12.49 22.24 61.14
CA ASP L 164 13.67 21.91 61.94
C ASP L 164 13.30 21.89 63.44
N HIS L 165 12.37 22.75 63.83
CA HIS L 165 11.82 22.76 65.20
C HIS L 165 11.14 21.40 65.55
N PHE L 166 10.41 20.86 64.56
CA PHE L 166 9.65 19.58 64.67
C PHE L 166 10.56 18.42 64.98
N THR L 167 11.68 18.50 64.31
CA THR L 167 12.73 17.53 64.36
C THR L 167 13.25 17.35 65.78
N LYS L 168 13.38 18.47 66.49
CA LYS L 168 13.84 18.46 67.89
C LYS L 168 12.89 17.64 68.78
N LEU L 169 11.61 17.80 68.52
CA LEU L 169 10.53 17.13 69.23
C LEU L 169 10.60 15.58 69.13
N ALA L 170 10.97 15.08 67.95
CA ALA L 170 10.98 13.64 67.67
C ALA L 170 11.81 12.81 68.67
N VAL L 171 12.97 13.28 69.12
CA VAL L 171 13.74 12.53 70.13
C VAL L 171 13.05 12.44 71.48
N GLU L 172 12.22 13.39 71.81
CA GLU L 172 11.49 13.31 73.08
C GLU L 172 10.66 12.03 73.04
N ALA L 173 10.09 11.78 71.86
CA ALA L 173 9.30 10.59 71.61
C ALA L 173 10.12 9.31 71.81
N VAL L 174 11.37 9.31 71.39
CA VAL L 174 12.22 8.14 71.56
C VAL L 174 12.59 7.93 73.03
N LEU L 175 12.71 9.03 73.79
CA LEU L 175 13.05 8.90 75.21
C LEU L 175 12.01 8.08 75.97
N ARG L 176 10.75 8.31 75.66
CA ARG L 176 9.66 7.52 76.24
C ARG L 176 9.61 6.09 75.68
N LEU L 177 9.92 5.97 74.38
CA LEU L 177 9.92 4.70 73.64
C LEU L 177 10.90 3.66 74.21
N LYS L 178 12.07 4.12 74.60
CA LYS L 178 13.12 3.23 75.11
C LYS L 178 12.72 2.50 76.38
N GLY L 179 13.10 1.23 76.47
CA GLY L 179 12.77 0.49 77.67
C GLY L 179 12.36 -0.97 77.48
N SER L 180 11.26 -1.29 78.13
CA SER L 180 10.68 -2.64 78.22
C SER L 180 10.25 -3.35 76.92
N GLY L 181 9.66 -2.66 75.96
CA GLY L 181 9.17 -3.37 74.77
C GLY L 181 10.12 -3.53 73.59
N ASN L 182 10.07 -2.56 72.69
CA ASN L 182 10.83 -2.54 71.45
C ASN L 182 10.30 -1.38 70.61
N LEU L 183 10.53 -1.36 69.30
CA LEU L 183 9.98 -0.29 68.50
C LEU L 183 8.55 -0.69 68.11
N GLU L 184 7.61 -0.30 68.97
CA GLU L 184 6.21 -0.63 68.77
C GLU L 184 5.28 0.51 69.12
N ALA L 185 4.08 0.41 68.58
CA ALA L 185 2.98 1.30 68.90
C ALA L 185 3.26 2.80 68.76
N ILE L 186 3.83 3.23 67.66
CA ILE L 186 4.06 4.64 67.47
C ILE L 186 3.30 5.10 66.24
N HIS L 187 2.39 6.03 66.47
CA HIS L 187 1.54 6.55 65.42
C HIS L 187 1.64 8.05 65.27
N VAL L 188 1.85 8.50 64.06
CA VAL L 188 1.95 9.92 63.81
C VAL L 188 1.29 10.37 62.48
N ILE L 189 0.54 11.47 62.56
CA ILE L 189 -0.16 12.06 61.41
C ILE L 189 0.01 13.59 61.33
N LYS L 190 0.18 14.10 60.12
CA LYS L 190 0.28 15.56 59.91
C LYS L 190 -1.12 16.21 59.95
N LYS L 191 -1.21 17.45 60.39
CA LYS L 191 -2.50 18.12 60.46
C LYS L 191 -2.39 19.51 59.85
N LEU L 192 -1.80 19.57 58.64
CA LEU L 192 -1.52 20.84 57.98
C LEU L 192 -1.00 21.86 59.02
N GLY L 193 -1.52 23.09 59.10
CA GLY L 193 -0.95 23.94 60.13
C GLY L 193 -1.53 25.34 60.28
N GLY L 194 -0.95 26.04 61.25
CA GLY L 194 -1.33 27.40 61.58
C GLY L 194 -0.88 27.80 62.98
N SER L 195 0.33 27.38 63.36
CA SER L 195 0.90 27.72 64.67
C SER L 195 2.43 27.76 64.62
N LEU L 196 3.03 28.59 65.47
CA LEU L 196 4.51 28.72 65.53
C LEU L 196 5.15 27.40 66.00
N ALA L 197 4.49 26.77 66.97
CA ALA L 197 4.96 25.49 67.52
C ALA L 197 5.03 24.43 66.42
N ASP L 198 4.00 24.47 65.55
CA ASP L 198 3.88 23.54 64.43
C ASP L 198 3.76 22.09 64.86
N SER L 199 3.50 21.87 66.13
CA SER L 199 3.29 20.53 66.65
C SER L 199 3.00 20.53 68.15
N TYR L 200 2.08 19.69 68.55
CA TYR L 200 1.82 19.45 69.96
C TYR L 200 2.06 18.00 70.24
N LEU L 201 2.65 17.73 71.35
CA LEU L 201 2.97 16.37 71.70
C LEU L 201 1.91 15.82 72.61
N ASP L 202 1.40 14.66 72.23
CA ASP L 202 0.36 14.03 72.99
C ASP L 202 0.96 12.98 73.93
N GLU L 203 0.52 13.03 75.16
CA GLU L 203 0.99 12.08 76.16
C GLU L 203 0.41 10.66 75.88
N GLY L 204 -0.54 10.58 74.94
CA GLY L 204 -1.11 9.29 74.54
C GLY L 204 -1.45 9.17 73.04
N PHE L 205 -2.28 8.16 72.71
CA PHE L 205 -2.69 7.82 71.33
C PHE L 205 -3.57 8.87 70.60
N LEU L 206 -3.29 9.05 69.30
CA LEU L 206 -4.00 10.00 68.43
C LEU L 206 -5.06 9.31 67.53
N LEU L 207 -6.29 9.83 67.54
CA LEU L 207 -7.40 9.27 66.74
C LEU L 207 -8.12 10.39 65.92
N ASP L 208 -8.73 10.05 64.78
CA ASP L 208 -9.41 11.06 63.96
C ASP L 208 -10.74 10.55 63.37
N LYS L 209 -11.78 10.58 64.20
CA LYS L 209 -13.15 10.21 63.81
C LYS L 209 -14.17 10.89 64.73
N LYS L 210 -15.42 11.03 64.28
CA LYS L 210 -16.46 11.61 65.13
C LYS L 210 -17.81 10.89 64.93
N ILE L 211 -18.54 10.61 66.01
CA ILE L 211 -19.86 9.94 65.92
C ILE L 211 -20.84 10.77 65.09
N GLY L 212 -20.88 12.03 65.44
CA GLY L 212 -21.73 13.01 64.81
C GLY L 212 -21.53 14.36 65.45
N VAL L 213 -22.10 15.42 64.90
CA VAL L 213 -21.93 16.75 65.48
C VAL L 213 -22.46 16.83 66.92
N ASN L 214 -23.61 16.22 67.17
CA ASN L 214 -24.18 16.20 68.53
C ASN L 214 -23.36 15.26 69.41
N GLN L 215 -23.46 15.43 70.74
CA GLN L 215 -22.74 14.64 71.78
C GLN L 215 -21.87 15.57 72.64
N PRO L 216 -21.54 15.17 73.88
CA PRO L 216 -20.69 16.00 74.76
C PRO L 216 -19.31 16.27 74.16
N LYS L 217 -18.84 17.48 74.36
CA LYS L 217 -17.54 17.90 73.82
C LYS L 217 -16.34 17.21 74.51
N ARG L 218 -16.42 17.03 75.83
CA ARG L 218 -15.32 16.45 76.62
C ARG L 218 -15.74 15.30 77.54
N ILE L 219 -14.77 14.43 77.81
CA ILE L 219 -14.96 13.36 78.77
C ILE L 219 -13.77 13.29 79.76
N GLU L 220 -14.09 13.05 81.03
CA GLU L 220 -13.06 12.95 82.10
C GLU L 220 -13.31 11.71 82.94
N ASN L 221 -12.24 11.12 83.52
CA ASN L 221 -12.39 9.87 84.29
C ASN L 221 -13.04 8.86 83.37
N ALA L 222 -12.57 8.91 82.14
CA ALA L 222 -13.11 8.14 81.04
C ALA L 222 -12.76 6.66 81.03
N LYS L 223 -13.79 5.86 80.86
CA LYS L 223 -13.64 4.44 80.68
C LYS L 223 -13.80 4.18 79.20
N ILE L 224 -12.92 3.37 78.62
CA ILE L 224 -12.97 3.15 77.19
C ILE L 224 -13.43 1.75 76.83
N LEU L 225 -14.39 1.69 75.93
CA LEU L 225 -14.99 0.43 75.53
C LEU L 225 -14.69 0.14 74.04
N ILE L 226 -14.09 -1.02 73.78
CA ILE L 226 -13.77 -1.46 72.41
C ILE L 226 -14.49 -2.78 72.14
N ALA L 227 -15.33 -2.84 71.11
CA ALA L 227 -16.06 -4.08 70.84
C ALA L 227 -15.77 -4.69 69.46
N ASN L 228 -15.45 -5.99 69.48
CA ASN L 228 -15.22 -6.78 68.27
C ASN L 228 -16.46 -6.88 67.38
N THR L 229 -17.62 -7.05 68.01
CA THR L 229 -18.86 -7.21 67.28
C THR L 229 -19.63 -5.89 67.18
N GLY L 230 -20.21 -5.67 66.01
CA GLY L 230 -20.93 -4.46 65.74
C GLY L 230 -22.26 -4.33 66.47
N LYS L 250 -48.12 -8.83 67.20
CA LYS L 250 -46.92 -9.35 67.87
C LYS L 250 -45.68 -8.92 67.08
N VAL L 251 -45.91 -8.19 65.99
CA VAL L 251 -44.84 -7.63 65.18
C VAL L 251 -44.20 -6.51 66.00
N ALA L 252 -45.06 -5.91 66.84
CA ALA L 252 -44.69 -4.81 67.74
C ALA L 252 -43.60 -5.23 68.72
N GLU L 253 -43.65 -6.46 69.25
CA GLU L 253 -42.62 -6.91 70.19
C GLU L 253 -41.24 -6.90 69.50
N ILE L 254 -41.21 -7.17 68.20
CA ILE L 254 -39.94 -7.10 67.45
C ILE L 254 -39.37 -5.68 67.55
N GLU L 255 -40.24 -4.69 67.33
CA GLU L 255 -39.87 -3.28 67.48
C GLU L 255 -39.42 -3.02 68.94
N HIS L 256 -40.16 -3.62 69.87
CA HIS L 256 -39.90 -3.54 71.31
C HIS L 256 -38.51 -4.13 71.62
N ALA L 257 -38.19 -5.22 70.92
CA ALA L 257 -36.91 -5.93 71.07
C ALA L 257 -35.74 -5.00 70.74
N GLU L 258 -35.93 -4.14 69.74
CA GLU L 258 -34.93 -3.14 69.39
C GLU L 258 -34.66 -2.22 70.57
N LYS L 259 -35.71 -1.86 71.26
CA LYS L 259 -35.64 -1.03 72.45
C LYS L 259 -34.79 -1.76 73.50
N GLU L 260 -34.97 -3.07 73.59
CA GLU L 260 -34.21 -3.90 74.53
C GLU L 260 -32.70 -3.81 74.27
N LYS L 261 -32.27 -3.80 72.99
CA LYS L 261 -30.84 -3.64 72.71
C LYS L 261 -30.37 -2.30 73.27
N MET L 262 -31.21 -1.28 73.09
CA MET L 262 -30.95 0.05 73.63
C MET L 262 -30.84 -0.01 75.16
N LYS L 263 -31.79 -0.74 75.76
CA LYS L 263 -31.87 -0.89 77.22
C LYS L 263 -30.64 -1.56 77.84
N GLU L 264 -30.18 -2.64 77.21
CA GLU L 264 -29.01 -3.36 77.72
C GLU L 264 -27.77 -2.48 77.66
N LYS L 265 -27.66 -1.74 76.57
CA LYS L 265 -26.52 -0.88 76.36
C LYS L 265 -26.49 0.27 77.39
N VAL L 266 -27.65 0.85 77.70
CA VAL L 266 -27.73 1.93 78.67
C VAL L 266 -27.57 1.49 80.14
N GLU L 267 -28.23 0.39 80.52
CA GLU L 267 -28.20 -0.07 81.91
C GLU L 267 -26.79 -0.39 82.40
N ARG L 268 -26.03 -1.09 81.57
CA ARG L 268 -24.64 -1.45 81.88
C ARG L 268 -23.73 -0.22 81.85
N ILE L 269 -24.00 0.63 80.87
CA ILE L 269 -23.26 1.88 80.66
C ILE L 269 -23.26 2.89 81.81
N LEU L 270 -24.43 3.21 82.35
CA LEU L 270 -24.50 4.21 83.42
C LEU L 270 -23.69 3.82 84.68
N LYS L 271 -23.78 2.56 85.12
CA LYS L 271 -23.04 2.13 86.33
C LYS L 271 -21.52 2.30 86.18
N HIS L 272 -21.02 1.99 84.99
CA HIS L 272 -19.59 2.09 84.68
C HIS L 272 -19.18 3.56 84.61
N GLY L 273 -20.04 4.38 84.03
CA GLY L 273 -19.74 5.78 83.84
C GLY L 273 -19.10 6.03 82.50
N ILE L 274 -19.06 4.96 81.68
CA ILE L 274 -18.50 4.96 80.30
C ILE L 274 -18.41 6.36 79.69
N ASN L 275 -17.23 6.75 79.32
CA ASN L 275 -17.08 8.06 78.73
C ASN L 275 -16.83 8.02 77.22
N CYS L 276 -16.43 6.86 76.71
CA CYS L 276 -16.18 6.73 75.28
C CYS L 276 -16.29 5.29 74.81
N PHE L 277 -16.74 5.13 73.58
CA PHE L 277 -16.87 3.82 72.95
C PHE L 277 -16.19 3.84 71.60
N ILE L 278 -15.36 2.86 71.33
CA ILE L 278 -14.69 2.79 70.03
C ILE L 278 -14.85 1.39 69.45
N ASN L 279 -15.29 1.33 68.20
CA ASN L 279 -15.54 0.05 67.53
C ASN L 279 -14.95 0.04 66.13
N ARG L 280 -14.32 -1.07 65.74
CA ARG L 280 -13.72 -1.18 64.41
C ARG L 280 -14.73 -1.72 63.39
N GLN L 281 -15.88 -1.07 63.28
CA GLN L 281 -16.91 -1.46 62.31
C GLN L 281 -18.14 -0.56 62.38
N LEU L 282 -19.11 -0.86 61.53
CA LEU L 282 -20.35 -0.09 61.45
C LEU L 282 -21.10 -0.09 62.79
N ILE L 283 -21.67 1.05 63.16
CA ILE L 283 -22.39 1.18 64.43
C ILE L 283 -23.87 1.45 64.17
N TYR L 284 -24.71 0.78 64.94
CA TYR L 284 -26.15 0.89 64.78
C TYR L 284 -26.64 2.27 65.25
N ASN L 285 -27.58 2.84 64.50
CA ASN L 285 -28.11 4.19 64.75
C ASN L 285 -28.85 4.41 66.10
N TYR L 286 -29.65 3.45 66.54
CA TYR L 286 -30.41 3.61 67.81
C TYR L 286 -29.56 4.05 69.02
N PRO L 287 -28.42 3.36 69.31
CA PRO L 287 -27.54 3.71 70.44
C PRO L 287 -26.97 5.12 70.36
N GLU L 288 -26.89 5.64 69.14
CA GLU L 288 -26.29 6.95 68.89
C GLU L 288 -27.02 8.05 69.66
N GLN L 289 -28.36 7.98 69.70
CA GLN L 289 -29.14 8.99 70.44
C GLN L 289 -28.84 8.95 71.95
N LEU L 290 -28.71 7.73 72.46
CA LEU L 290 -28.44 7.46 73.87
C LEU L 290 -27.12 8.07 74.38
N PHE L 291 -26.07 7.89 73.60
CA PHE L 291 -24.74 8.36 73.99
C PHE L 291 -24.68 9.88 74.22
N GLY L 292 -25.37 10.63 73.37
CA GLY L 292 -25.39 12.09 73.51
C GLY L 292 -26.01 12.58 74.82
N ALA L 293 -27.14 11.98 75.22
CA ALA L 293 -27.83 12.37 76.46
C ALA L 293 -27.04 11.96 77.71
N ALA L 294 -26.47 10.76 77.66
CA ALA L 294 -25.68 10.19 78.75
C ALA L 294 -24.43 11.01 79.08
N GLY L 295 -23.78 11.51 78.05
CA GLY L 295 -22.53 12.23 78.23
C GLY L 295 -21.35 11.37 77.78
N VAL L 296 -21.65 10.48 76.83
CA VAL L 296 -20.67 9.51 76.33
C VAL L 296 -20.40 9.65 74.81
N MET L 297 -19.14 9.72 74.41
CA MET L 297 -18.78 9.85 72.99
C MET L 297 -18.37 8.50 72.37
N ALA L 298 -18.95 8.16 71.22
CA ALA L 298 -18.66 6.88 70.53
C ALA L 298 -17.93 7.08 69.19
N ILE L 299 -17.18 6.09 68.76
CA ILE L 299 -16.46 6.17 67.47
C ILE L 299 -16.91 5.05 66.52
N GLU L 300 -17.28 5.43 65.29
CA GLU L 300 -17.75 4.47 64.29
C GLU L 300 -16.67 4.09 63.27
N HIS L 301 -16.50 2.78 63.10
CA HIS L 301 -15.54 2.21 62.14
C HIS L 301 -14.11 2.67 62.41
N ALA L 302 -13.73 2.74 63.68
CA ALA L 302 -12.37 3.13 64.03
C ALA L 302 -11.39 2.09 63.49
N ASP L 303 -10.26 2.52 62.97
CA ASP L 303 -9.29 1.59 62.42
C ASP L 303 -8.77 0.59 63.46
N PHE L 304 -8.68 -0.65 63.00
CA PHE L 304 -8.25 -1.78 63.82
C PHE L 304 -6.83 -1.57 64.33
N VAL L 305 -5.99 -1.03 63.47
CA VAL L 305 -4.59 -0.77 63.80
C VAL L 305 -4.49 0.19 64.97
N GLY L 306 -5.30 1.26 64.97
CA GLY L 306 -5.31 2.19 66.08
C GLY L 306 -5.67 1.51 67.40
N VAL L 307 -6.65 0.61 67.31
CA VAL L 307 -7.12 -0.15 68.47
C VAL L 307 -6.05 -1.10 69.02
N GLU L 308 -5.30 -1.71 68.11
CA GLU L 308 -4.24 -2.65 68.49
C GLU L 308 -3.16 -1.98 69.31
N ARG L 309 -2.86 -0.77 68.90
CA ARG L 309 -1.87 0.06 69.55
C ARG L 309 -2.37 0.46 70.93
N LEU L 310 -3.66 0.77 70.93
CA LEU L 310 -4.39 1.26 72.09
C LEU L 310 -4.52 0.21 73.21
N ALA L 311 -4.76 -1.05 72.84
CA ALA L 311 -4.94 -2.12 73.82
C ALA L 311 -3.72 -2.32 74.73
N LEU L 312 -2.55 -2.37 74.14
CA LEU L 312 -1.32 -2.51 74.94
C LEU L 312 -1.19 -1.30 75.90
N VAL L 313 -1.46 -0.12 75.35
CA VAL L 313 -1.38 1.16 76.07
C VAL L 313 -2.32 1.29 77.29
N THR L 314 -3.59 0.96 77.11
CA THR L 314 -4.60 1.11 78.17
C THR L 314 -4.76 -0.12 79.06
N GLY L 315 -3.98 -1.16 78.80
CA GLY L 315 -4.13 -2.41 79.54
C GLY L 315 -5.11 -3.31 78.83
N GLY L 316 -5.75 -2.73 77.83
CA GLY L 316 -6.67 -3.42 76.97
C GLY L 316 -7.90 -3.96 77.65
N GLU L 317 -8.38 -5.06 77.10
CA GLU L 317 -9.56 -5.72 77.59
C GLU L 317 -9.86 -6.97 76.76
N ILE L 318 -10.93 -7.65 77.11
CA ILE L 318 -11.36 -8.81 76.36
C ILE L 318 -12.58 -8.36 75.57
N ALA L 319 -12.53 -8.44 74.25
CA ALA L 319 -13.65 -7.94 73.46
C ALA L 319 -14.59 -9.06 73.01
N SER L 320 -15.72 -9.08 73.65
CA SER L 320 -16.78 -10.04 73.42
C SER L 320 -18.11 -9.33 73.13
N THR L 321 -19.19 -10.00 73.48
CA THR L 321 -20.54 -9.49 73.34
C THR L 321 -20.82 -8.55 74.51
N PHE L 322 -21.97 -7.86 74.49
CA PHE L 322 -22.37 -6.84 75.49
C PHE L 322 -22.06 -7.13 76.98
N ASP L 323 -21.63 -8.34 77.29
CA ASP L 323 -21.17 -8.69 78.64
C ASP L 323 -19.83 -7.95 78.89
N HIS L 324 -19.22 -7.58 77.76
CA HIS L 324 -17.92 -6.89 77.64
C HIS L 324 -17.62 -5.69 78.61
N PRO L 325 -18.58 -4.83 79.04
CA PRO L 325 -18.26 -3.72 79.97
C PRO L 325 -17.68 -4.17 81.34
N GLU L 326 -17.85 -3.29 82.33
CA GLU L 326 -17.36 -3.47 83.74
C GLU L 326 -15.95 -4.10 83.83
N LEU L 327 -15.79 -5.13 84.67
CA LEU L 327 -14.50 -5.80 84.95
C LEU L 327 -13.79 -6.46 83.77
N VAL L 328 -14.51 -7.13 82.87
CA VAL L 328 -13.83 -7.80 81.74
C VAL L 328 -13.04 -6.79 80.86
N LYS L 329 -13.45 -5.52 80.89
CA LYS L 329 -12.73 -4.45 80.19
C LYS L 329 -12.05 -3.47 81.14
N LEU L 330 -10.86 -3.04 80.76
CA LEU L 330 -10.09 -2.07 81.55
C LEU L 330 -10.07 -0.72 80.87
N GLY L 331 -10.40 0.33 81.60
CA GLY L 331 -10.39 1.66 81.01
C GLY L 331 -9.46 2.63 81.71
N SER L 332 -8.42 3.09 81.02
CA SER L 332 -7.50 4.08 81.60
C SER L 332 -8.26 5.40 81.70
N CYS L 333 -7.94 6.23 82.67
CA CYS L 333 -8.73 7.45 82.88
C CYS L 333 -7.97 8.77 83.05
N LYS L 334 -7.07 9.16 82.16
CA LYS L 334 -6.42 10.45 82.37
C LYS L 334 -7.24 11.55 81.69
N LEU L 335 -7.11 11.71 80.37
CA LEU L 335 -7.93 12.71 79.68
C LEU L 335 -8.24 12.33 78.21
N ILE L 336 -9.51 12.28 77.86
CA ILE L 336 -9.89 12.06 76.46
C ILE L 336 -10.69 13.25 75.99
N GLU L 337 -10.22 13.92 74.97
CA GLU L 337 -10.91 15.09 74.49
C GLU L 337 -10.73 15.35 73.01
N GLU L 338 -11.64 16.13 72.48
CA GLU L 338 -11.53 16.61 71.13
C GLU L 338 -11.05 18.04 71.29
N VAL L 339 -9.92 18.36 70.70
CA VAL L 339 -9.32 19.67 70.91
C VAL L 339 -9.02 20.36 69.62
N MET L 340 -8.88 21.66 69.69
CA MET L 340 -8.58 22.40 68.52
C MET L 340 -7.09 22.35 68.31
N ILE L 341 -6.69 21.78 67.21
CA ILE L 341 -5.29 21.70 66.86
C ILE L 341 -5.07 22.71 65.77
N GLY L 342 -4.37 23.78 66.13
CA GLY L 342 -4.18 24.93 65.24
C GLY L 342 -5.50 25.44 64.60
N GLU L 343 -6.17 24.56 63.86
CA GLU L 343 -7.44 24.84 63.18
C GLU L 343 -8.44 23.66 63.24
N ASP L 344 -7.99 22.48 62.78
CA ASP L 344 -8.83 21.27 62.72
C ASP L 344 -8.97 20.53 64.07
N LYS L 345 -10.01 19.69 64.19
CA LYS L 345 -10.27 18.92 65.40
C LYS L 345 -9.78 17.48 65.25
N LEU L 346 -9.02 17.03 66.24
CA LEU L 346 -8.44 15.70 66.23
C LEU L 346 -8.57 15.09 67.66
N ILE L 347 -8.98 13.83 67.78
CA ILE L 347 -9.19 13.22 69.12
C ILE L 347 -7.90 12.75 69.78
N HIS L 348 -7.82 12.99 71.09
CA HIS L 348 -6.65 12.62 71.88
C HIS L 348 -6.96 11.59 72.98
N PHE L 349 -6.30 10.45 72.92
CA PHE L 349 -6.39 9.44 73.97
C PHE L 349 -5.13 9.63 74.77
N SER L 350 -5.18 9.94 76.05
CA SER L 350 -3.91 10.20 76.71
C SER L 350 -3.85 9.86 78.20
N GLY L 351 -2.63 9.91 78.74
CA GLY L 351 -2.41 9.63 80.15
C GLY L 351 -2.38 8.15 80.49
N VAL L 352 -1.68 7.38 79.68
CA VAL L 352 -1.59 5.95 79.90
C VAL L 352 -0.63 5.61 81.04
N ALA L 353 -1.13 4.84 81.99
CA ALA L 353 -0.35 4.41 83.17
C ALA L 353 0.88 3.58 82.80
N LEU L 354 0.72 2.70 81.82
CA LEU L 354 1.82 1.82 81.39
C LEU L 354 3.04 2.60 80.86
N GLY L 355 2.79 3.56 79.95
CA GLY L 355 3.86 4.39 79.39
C GLY L 355 4.67 3.70 78.30
N GLU L 356 4.40 2.43 78.10
CA GLU L 356 5.11 1.59 77.12
C GLU L 356 5.00 2.08 75.66
N ALA L 357 3.81 2.53 75.28
CA ALA L 357 3.57 2.98 73.90
C ALA L 357 3.08 4.43 73.83
N CYS L 358 3.57 5.18 72.85
CA CYS L 358 3.19 6.58 72.69
C CYS L 358 2.89 7.01 71.23
N THR L 359 2.28 8.18 71.11
CA THR L 359 1.85 8.76 69.83
C THR L 359 2.53 10.12 69.56
N ILE L 360 3.00 10.33 68.33
CA ILE L 360 3.74 11.55 67.97
C ILE L 360 2.87 12.40 67.03
N VAL L 361 2.71 13.69 67.33
CA VAL L 361 1.90 14.57 66.47
C VAL L 361 2.70 15.75 65.88
N LEU L 362 2.60 15.94 64.56
CA LEU L 362 3.28 17.06 63.88
C LEU L 362 2.36 17.80 62.88
N ARG L 363 2.75 19.04 62.55
CA ARG L 363 2.00 19.96 61.67
C ARG L 363 2.89 20.55 60.57
N GLY L 364 2.51 21.70 60.00
CA GLY L 364 3.37 22.35 59.00
C GLY L 364 2.81 23.60 58.33
N ALA L 365 3.59 24.16 57.40
CA ALA L 365 3.21 25.36 56.63
C ALA L 365 2.00 25.13 55.71
N THR L 366 1.95 23.95 55.07
CA THR L 366 0.85 23.49 54.17
C THR L 366 0.99 23.87 52.66
N GLN L 367 1.74 23.06 51.92
CA GLN L 367 1.86 23.26 50.46
C GLN L 367 1.80 21.89 49.74
N GLN L 368 1.29 20.92 50.50
CA GLN L 368 1.22 19.48 50.15
C GLN L 368 2.64 18.95 49.90
N ILE L 369 3.56 19.72 50.47
CA ILE L 369 4.97 19.40 50.60
C ILE L 369 5.17 19.03 52.07
N LEU L 370 4.13 19.39 52.81
CA LEU L 370 4.02 19.11 54.23
C LEU L 370 3.82 17.62 54.42
N ASP L 371 3.21 17.02 53.41
CA ASP L 371 2.94 15.61 53.35
C ASP L 371 4.26 14.83 53.33
N GLU L 372 5.37 15.55 53.12
CA GLU L 372 6.71 14.94 53.20
C GLU L 372 6.84 14.40 54.59
N ALA L 373 6.33 15.17 55.53
CA ALA L 373 6.37 14.81 56.94
C ALA L 373 5.67 13.49 57.17
N GLU L 374 4.71 13.12 56.33
CA GLU L 374 4.05 11.81 56.47
C GLU L 374 5.08 10.65 56.33
N ARG L 375 6.01 10.77 55.37
CA ARG L 375 7.04 9.72 55.15
C ARG L 375 8.46 10.12 55.63
N SER L 376 8.70 11.41 55.83
CA SER L 376 9.98 11.90 56.38
C SER L 376 10.15 11.26 57.73
N LEU L 377 9.01 11.29 58.32
CA LEU L 377 8.67 10.76 59.59
C LEU L 377 8.89 9.26 59.66
N HIS L 378 8.55 8.54 58.59
CA HIS L 378 8.73 7.10 58.57
C HIS L 378 10.23 6.80 58.75
N ASP L 379 11.07 7.58 58.08
CA ASP L 379 12.51 7.47 58.28
C ASP L 379 12.91 8.00 59.67
N ALA L 380 12.27 9.10 60.06
CA ALA L 380 12.50 9.75 61.36
C ALA L 380 12.18 8.85 62.54
N LEU L 381 11.11 8.09 62.43
CA LEU L 381 10.64 7.21 63.49
C LEU L 381 11.69 6.15 63.85
N CYS L 382 12.26 5.51 62.86
CA CYS L 382 13.28 4.50 63.08
C CYS L 382 14.63 5.05 63.60
N VAL L 383 15.08 6.20 63.07
CA VAL L 383 16.40 6.77 63.42
C VAL L 383 16.66 7.12 64.89
N LEU L 384 15.76 7.85 65.54
CA LEU L 384 16.04 8.21 66.93
C LEU L 384 15.60 7.13 67.92
N ALA L 385 14.71 6.24 67.50
CA ALA L 385 14.33 5.11 68.36
C ALA L 385 15.57 4.24 68.52
N GLN L 386 16.25 4.12 67.39
CA GLN L 386 17.52 3.42 67.20
C GLN L 386 18.63 4.05 68.07
N THR L 387 18.58 5.38 68.18
CA THR L 387 19.59 6.17 68.88
C THR L 387 19.66 5.74 70.34
N VAL L 388 18.54 5.48 70.93
CA VAL L 388 18.53 5.01 72.30
C VAL L 388 19.30 3.69 72.47
N LYS L 389 18.94 2.76 71.60
CA LYS L 389 19.48 1.40 71.61
C LYS L 389 20.99 1.34 71.36
N ASP L 390 21.46 2.18 70.44
CA ASP L 390 22.87 2.25 70.07
C ASP L 390 23.81 2.82 71.14
N SER L 391 23.37 3.87 71.84
CA SER L 391 24.23 4.61 72.77
C SER L 391 25.51 5.05 72.00
N ARG L 392 25.38 5.06 70.67
CA ARG L 392 26.45 5.41 69.75
C ARG L 392 25.88 6.28 68.60
N THR L 393 26.62 7.28 68.16
CA THR L 393 26.20 8.17 67.06
C THR L 393 27.42 8.68 66.28
N VAL L 394 27.21 9.34 65.15
CA VAL L 394 28.30 9.90 64.33
C VAL L 394 28.02 11.36 63.98
N TYR L 395 29.02 12.16 63.61
CA TYR L 395 28.73 13.56 63.28
C TYR L 395 27.94 13.68 61.97
N GLY L 396 26.98 14.59 61.97
CA GLY L 396 26.14 14.81 60.80
C GLY L 396 26.66 15.87 59.86
N GLY L 397 25.85 16.25 58.88
CA GLY L 397 26.25 17.27 57.94
C GLY L 397 27.34 16.79 57.00
N GLY L 398 27.46 15.48 56.87
CA GLY L 398 28.47 14.90 56.01
C GLY L 398 29.86 14.84 56.63
N CYS L 399 29.97 15.13 57.93
CA CYS L 399 31.27 15.09 58.60
C CYS L 399 31.89 13.69 58.52
N SER L 400 31.04 12.70 58.75
CA SER L 400 31.44 11.31 58.69
C SER L 400 31.97 10.88 57.33
N GLU L 401 31.31 11.39 56.28
CA GLU L 401 31.67 11.00 54.91
C GLU L 401 33.03 11.51 54.45
N MET L 402 33.39 12.75 54.79
CA MET L 402 34.69 13.24 54.35
C MET L 402 35.82 12.52 55.12
N LEU L 403 35.62 12.33 56.41
CA LEU L 403 36.63 11.67 57.23
C LEU L 403 36.91 10.26 56.74
N MET L 404 35.83 9.51 56.53
CA MET L 404 35.94 8.16 56.03
C MET L 404 36.62 8.15 54.66
N ALA L 405 36.29 9.12 53.80
CA ALA L 405 36.88 9.21 52.46
C ALA L 405 38.41 9.38 52.53
N HIS L 406 38.87 10.26 53.42
CA HIS L 406 40.32 10.45 53.61
C HIS L 406 41.00 9.15 54.05
N ALA L 407 40.36 8.45 54.98
CA ALA L 407 40.88 7.19 55.51
C ALA L 407 40.83 6.03 54.50
N VAL L 408 39.75 5.95 53.73
CA VAL L 408 39.54 4.87 52.77
C VAL L 408 40.48 4.92 51.55
N THR L 409 40.90 6.10 51.12
CA THR L 409 41.82 6.20 49.97
C THR L 409 43.13 5.45 50.24
N GLN L 410 43.62 5.58 51.48
CA GLN L 410 44.81 4.87 51.97
C GLN L 410 44.57 3.36 52.04
N LEU L 411 43.36 3.03 52.46
CA LEU L 411 42.90 1.67 52.70
C LEU L 411 42.95 0.77 51.47
N ALA L 412 42.70 1.29 50.29
CA ALA L 412 42.73 0.43 49.11
C ALA L 412 44.11 -0.23 48.95
N SER L 413 45.19 0.54 49.06
CA SER L 413 46.54 -0.06 48.99
C SER L 413 46.84 -0.93 50.23
N ARG L 414 46.18 -0.62 51.35
CA ARG L 414 46.39 -1.35 52.61
C ARG L 414 46.05 -2.84 52.44
N THR L 415 44.96 -3.11 51.71
CA THR L 415 44.53 -4.49 51.39
C THR L 415 45.49 -5.17 50.37
N PRO L 416 45.66 -6.52 50.42
CA PRO L 416 46.59 -7.25 49.50
C PRO L 416 46.32 -7.13 47.98
N GLY L 417 45.06 -6.99 47.65
CA GLY L 417 44.64 -6.92 46.25
C GLY L 417 43.21 -7.36 46.10
N LYS L 418 42.63 -7.18 44.90
CA LYS L 418 41.21 -7.51 44.66
C LYS L 418 40.31 -6.53 45.42
N GLU L 419 40.55 -6.49 46.73
CA GLU L 419 39.84 -5.65 47.67
C GLU L 419 40.07 -4.17 47.35
N ALA L 420 41.31 -3.87 46.98
CA ALA L 420 41.77 -2.51 46.70
C ALA L 420 41.05 -1.78 45.58
N VAL L 421 40.86 -2.47 44.45
CA VAL L 421 40.24 -1.85 43.29
C VAL L 421 38.83 -1.36 43.62
N ALA L 422 38.05 -2.25 44.21
CA ALA L 422 36.68 -1.92 44.58
C ALA L 422 36.63 -0.93 45.74
N MET L 423 37.53 -1.10 46.71
CA MET L 423 37.58 -0.21 47.87
C MET L 423 37.89 1.25 47.50
N GLU L 424 38.83 1.45 46.56
CA GLU L 424 39.20 2.81 46.12
C GLU L 424 38.06 3.52 45.35
N SER L 425 37.36 2.77 44.50
CA SER L 425 36.23 3.33 43.74
C SER L 425 35.13 3.72 44.72
N TYR L 426 34.95 2.86 45.70
CA TYR L 426 34.01 3.06 46.78
C TYR L 426 34.36 4.35 47.57
N ALA L 427 35.65 4.54 47.80
CA ALA L 427 36.18 5.70 48.54
C ALA L 427 35.82 7.05 47.92
N LYS L 428 35.97 7.14 46.60
CA LYS L 428 35.68 8.37 45.86
C LYS L 428 34.17 8.66 45.81
N ALA L 429 33.37 7.62 46.04
CA ALA L 429 31.92 7.70 46.07
C ALA L 429 31.47 8.68 47.17
N LEU L 430 32.20 8.64 48.27
CA LEU L 430 31.96 9.49 49.44
C LEU L 430 32.07 10.96 49.10
N ARG L 431 32.88 11.27 48.10
CA ARG L 431 33.10 12.67 47.67
C ARG L 431 31.81 13.35 47.21
N MET L 432 30.97 12.63 46.50
CA MET L 432 29.71 13.20 46.01
C MET L 432 28.79 13.70 47.14
N LEU L 433 28.71 12.95 48.25
CA LEU L 433 27.84 13.36 49.37
C LEU L 433 28.13 14.79 49.90
N PRO L 434 29.38 15.17 50.22
CA PRO L 434 29.69 16.55 50.62
C PRO L 434 29.27 17.57 49.56
N THR L 435 29.49 17.18 48.31
CA THR L 435 29.13 18.00 47.16
C THR L 435 27.63 18.22 47.08
N ILE L 436 26.90 17.15 47.33
CA ILE L 436 25.44 17.16 47.26
C ILE L 436 24.84 17.98 48.41
N ILE L 437 25.44 17.85 49.60
CA ILE L 437 24.99 18.57 50.80
C ILE L 437 25.07 20.09 50.62
N ALA L 438 26.16 20.56 50.02
CA ALA L 438 26.33 22.00 49.80
C ALA L 438 25.81 22.44 48.42
N ASP L 439 25.65 21.49 47.49
CA ASP L 439 25.16 21.80 46.15
C ASP L 439 23.78 22.43 46.20
N ASN L 440 22.92 21.79 46.96
CA ASN L 440 21.57 22.24 47.16
C ASN L 440 21.50 23.45 48.11
N ALA L 441 22.56 23.63 48.89
CA ALA L 441 22.65 24.70 49.90
C ALA L 441 22.63 26.11 49.32
N GLY L 442 22.85 26.25 48.02
CA GLY L 442 22.89 27.58 47.42
C GLY L 442 24.29 28.15 47.38
N TYR L 443 25.27 27.27 47.49
CA TYR L 443 26.67 27.64 47.46
C TYR L 443 27.43 26.78 46.44
N ASP L 444 28.56 27.29 45.96
CA ASP L 444 29.31 26.58 44.94
C ASP L 444 29.96 25.33 45.52
N SER L 445 29.62 24.20 44.91
CA SER L 445 30.10 22.89 45.34
C SER L 445 31.62 22.77 45.26
N ALA L 446 32.20 23.33 44.22
CA ALA L 446 33.65 23.24 43.99
C ALA L 446 34.46 23.84 45.14
N ASP L 447 34.13 25.07 45.54
CA ASP L 447 34.82 25.71 46.66
C ASP L 447 34.67 24.88 47.93
N LEU L 448 33.44 24.40 48.12
CA LEU L 448 33.05 23.61 49.28
C LEU L 448 33.82 22.30 49.47
N VAL L 449 33.95 21.50 48.42
CA VAL L 449 34.61 20.21 48.53
C VAL L 449 36.07 20.32 48.99
N ALA L 450 36.80 21.28 48.43
CA ALA L 450 38.19 21.44 48.81
C ALA L 450 38.37 21.92 50.25
N GLN L 451 37.56 22.89 50.67
CA GLN L 451 37.69 23.45 52.03
C GLN L 451 37.24 22.45 53.08
N LEU L 452 36.26 21.65 52.73
CA LEU L 452 35.74 20.63 53.61
C LEU L 452 36.83 19.64 54.03
N ARG L 453 37.57 19.13 53.05
CA ARG L 453 38.63 18.15 53.29
C ARG L 453 39.73 18.66 54.20
N ALA L 454 40.13 19.91 54.03
CA ALA L 454 41.21 20.45 54.84
C ALA L 454 40.88 20.42 56.34
N ALA L 455 39.64 20.74 56.69
CA ALA L 455 39.24 20.70 58.10
C ALA L 455 39.17 19.27 58.65
N HIS L 456 38.65 18.33 57.85
CA HIS L 456 38.56 16.91 58.23
C HIS L 456 39.91 16.20 58.31
N SER L 457 40.79 16.51 57.37
CA SER L 457 42.14 15.93 57.33
C SER L 457 42.99 16.45 58.48
N GLU L 458 42.62 17.63 58.95
CA GLU L 458 43.27 18.31 60.07
C GLU L 458 43.21 17.46 61.35
N GLY L 459 42.08 16.82 61.56
CA GLY L 459 41.91 16.00 62.74
C GLY L 459 40.74 16.41 63.61
N LYS L 460 39.96 17.39 63.18
CA LYS L 460 38.79 17.78 63.96
C LYS L 460 37.55 17.11 63.37
N THR L 461 37.05 16.12 64.07
CA THR L 461 35.86 15.39 63.64
C THR L 461 34.60 16.24 63.75
N THR L 462 34.67 17.28 64.60
CA THR L 462 33.54 18.18 64.81
C THR L 462 33.26 19.06 63.59
N ALA L 463 34.26 19.22 62.73
CA ALA L 463 34.13 20.03 61.52
C ALA L 463 33.20 19.36 60.52
N GLY L 464 32.35 20.15 59.87
CA GLY L 464 31.41 19.60 58.90
C GLY L 464 30.86 20.64 57.96
N LEU L 465 29.82 20.28 57.22
CA LEU L 465 29.23 21.21 56.27
C LEU L 465 28.30 22.18 56.98
N ASP L 466 28.64 23.47 57.01
CA ASP L 466 27.71 24.42 57.61
C ASP L 466 26.96 25.04 56.47
N MET L 467 25.80 24.51 56.31
CA MET L 467 24.87 24.80 55.26
C MET L 467 24.27 26.20 55.37
N LYS L 468 23.95 26.61 56.60
CA LYS L 468 23.43 27.97 56.83
C LYS L 468 24.50 29.01 56.45
N GLU L 469 25.73 28.66 56.84
CA GLU L 469 26.93 29.47 56.59
C GLU L 469 27.34 29.54 55.12
N GLY L 470 27.23 28.42 54.43
CA GLY L 470 27.63 28.35 53.03
C GLY L 470 29.06 27.84 52.87
N THR L 471 29.71 27.63 54.00
CA THR L 471 31.07 27.11 54.04
C THR L 471 31.14 25.89 54.97
N ILE L 472 32.18 25.83 55.77
CA ILE L 472 32.36 24.73 56.71
C ILE L 472 32.41 25.28 58.15
N GLY L 473 31.97 24.48 59.11
CA GLY L 473 31.97 24.93 60.49
C GLY L 473 31.90 23.79 61.48
N ASP L 474 31.70 24.12 62.75
CA ASP L 474 31.63 23.10 63.79
C ASP L 474 30.22 22.52 63.83
N MET L 475 30.11 21.29 63.39
CA MET L 475 28.85 20.57 63.32
C MET L 475 28.21 20.44 64.72
N SER L 476 29.05 20.17 65.72
CA SER L 476 28.59 20.04 67.11
C SER L 476 27.92 21.33 67.60
N VAL L 477 28.48 22.49 67.23
CA VAL L 477 27.90 23.78 67.61
C VAL L 477 26.50 23.90 67.03
N LEU L 478 26.38 23.55 65.74
CA LEU L 478 25.10 23.53 65.05
C LEU L 478 24.17 22.55 65.75
N GLY L 479 24.78 21.43 66.15
CA GLY L 479 24.04 20.39 66.83
C GLY L 479 23.64 19.23 65.95
N ILE L 480 24.50 18.77 65.03
CA ILE L 480 24.12 17.66 64.13
C ILE L 480 25.00 16.41 64.24
N THR L 481 24.29 15.32 64.54
CA THR L 481 24.85 13.98 64.70
C THR L 481 23.89 12.96 64.07
N GLU L 482 24.42 11.86 63.56
CA GLU L 482 23.64 10.81 62.92
C GLU L 482 23.71 9.52 63.73
N SER L 483 22.67 8.70 63.71
CA SER L 483 22.72 7.44 64.48
C SER L 483 23.89 6.58 63.99
N PHE L 484 24.61 5.99 64.92
CA PHE L 484 25.78 5.19 64.60
C PHE L 484 25.41 4.00 63.69
N GLN L 485 24.25 3.39 63.98
CA GLN L 485 23.74 2.26 63.17
C GLN L 485 23.50 2.67 61.74
N VAL L 486 23.11 3.93 61.47
CA VAL L 486 22.83 4.27 60.08
C VAL L 486 24.11 4.04 59.30
N LYS L 487 25.25 4.46 59.82
CA LYS L 487 26.51 4.22 59.15
C LYS L 487 26.99 2.75 59.12
N ARG L 488 26.86 1.94 60.20
CA ARG L 488 27.38 0.54 60.08
C ARG L 488 26.58 -0.36 59.16
N GLN L 489 25.28 -0.32 59.28
CA GLN L 489 24.42 -1.13 58.42
C GLN L 489 24.40 -0.67 56.99
N VAL L 490 24.38 0.64 56.78
CA VAL L 490 24.31 1.18 55.42
C VAL L 490 25.49 0.75 54.57
N LEU L 491 26.67 0.74 55.16
CA LEU L 491 27.85 0.38 54.42
C LEU L 491 27.85 -1.11 54.06
N LEU L 492 27.41 -1.97 54.99
CA LEU L 492 27.34 -3.41 54.73
C LEU L 492 26.24 -3.72 53.72
N SER L 493 25.12 -3.01 53.87
CA SER L 493 23.95 -3.15 53.00
C SER L 493 24.14 -2.62 51.59
N ALA L 494 24.82 -1.47 51.48
CA ALA L 494 25.05 -0.83 50.19
C ALA L 494 25.83 -1.70 49.22
N ALA L 495 26.94 -2.25 49.69
CA ALA L 495 27.77 -3.09 48.84
C ALA L 495 27.01 -4.30 48.32
N GLU L 496 26.35 -5.03 49.19
CA GLU L 496 25.57 -6.19 48.78
C GLU L 496 24.35 -5.84 47.92
N ALA L 497 23.63 -4.77 48.24
CA ALA L 497 22.50 -4.40 47.39
C ALA L 497 23.00 -4.09 45.96
N ALA L 498 24.15 -3.44 45.87
CA ALA L 498 24.80 -3.11 44.59
C ALA L 498 25.23 -4.36 43.81
N GLU L 499 25.73 -5.35 44.55
CA GLU L 499 26.27 -6.59 43.97
C GLU L 499 25.23 -7.37 43.17
N VAL L 500 23.99 -7.43 43.63
CA VAL L 500 22.98 -8.23 42.91
C VAL L 500 22.77 -7.78 41.47
N ILE L 501 22.68 -6.47 41.20
CA ILE L 501 22.49 -6.06 39.81
C ILE L 501 23.74 -6.28 38.91
N LEU L 502 24.95 -5.99 39.40
CA LEU L 502 26.16 -6.19 38.56
C LEU L 502 26.51 -7.66 38.30
N ARG L 503 26.37 -8.51 39.32
CA ARG L 503 26.70 -9.93 39.20
C ARG L 503 25.75 -10.71 38.32
N VAL L 504 24.55 -10.20 38.14
CA VAL L 504 23.58 -10.94 37.35
C VAL L 504 23.58 -10.49 35.90
N ASP L 505 24.07 -11.37 35.03
CA ASP L 505 24.03 -11.12 33.62
C ASP L 505 23.03 -12.12 33.03
N ASN L 506 21.90 -11.59 32.59
CA ASN L 506 20.79 -12.39 32.06
C ASN L 506 19.82 -12.75 33.17
N ILE L 507 18.71 -12.07 33.20
CA ILE L 507 17.69 -12.35 34.19
C ILE L 507 16.57 -13.12 33.46
N ILE L 508 16.30 -14.34 33.94
CA ILE L 508 15.31 -15.20 33.29
C ILE L 508 13.93 -14.67 33.55
N LYS L 509 13.17 -14.53 32.49
CA LYS L 509 11.88 -13.91 32.63
C LYS L 509 10.85 -14.42 31.62
N ALA L 510 10.09 -13.44 31.17
CA ALA L 510 8.98 -13.53 30.24
C ALA L 510 8.27 -12.23 30.52
N ALA L 511 8.12 -11.36 29.54
CA ALA L 511 7.57 -10.07 29.89
C ALA L 511 6.38 -9.57 29.09
N PRO L 512 5.20 -10.17 29.35
CA PRO L 512 3.92 -9.69 28.80
C PRO L 512 3.86 -8.19 29.09
N ARG L 513 4.33 -7.89 30.33
CA ARG L 513 4.50 -6.53 30.91
C ARG L 513 3.65 -6.37 32.18
N ALA M 1 10.12 1.92 40.47
CA ALA M 1 10.21 3.34 40.04
C ALA M 1 9.51 3.57 38.71
N GLY M 2 8.25 3.97 38.76
CA GLY M 2 7.51 4.24 37.53
C GLY M 2 6.86 5.60 37.51
N ALA M 3 6.74 6.19 38.67
CA ALA M 3 6.11 7.48 38.80
C ALA M 3 6.99 8.54 38.14
N ASP M 4 6.41 9.69 37.80
CA ASP M 4 7.09 10.72 37.01
C ASP M 4 8.45 11.20 37.57
N GLU M 5 9.38 11.27 36.61
CA GLU M 5 10.78 11.68 36.80
C GLU M 5 10.96 13.20 37.05
N GLU M 6 11.38 13.92 36.00
CA GLU M 6 11.57 15.38 36.00
C GLU M 6 12.32 16.07 37.17
N ARG M 7 13.57 16.43 36.89
CA ARG M 7 14.44 17.20 37.82
C ARG M 7 15.12 18.41 37.15
N ALA M 8 15.53 19.32 38.02
CA ALA M 8 16.09 20.65 37.69
C ALA M 8 15.60 21.31 36.38
N GLU M 9 16.34 21.28 35.26
CA GLU M 9 15.87 22.02 34.06
C GLU M 9 14.48 21.57 33.55
N THR M 10 14.23 20.26 33.55
CA THR M 10 12.93 19.75 33.09
C THR M 10 11.81 20.01 34.11
N ALA M 11 12.12 19.85 35.40
CA ALA M 11 11.15 20.09 36.47
C ALA M 11 10.69 21.55 36.55
N ARG M 12 11.64 22.45 36.36
CA ARG M 12 11.39 23.89 36.38
C ARG M 12 10.38 24.29 35.31
N LEU M 13 10.51 23.69 34.14
CA LEU M 13 9.63 23.99 33.01
C LEU M 13 8.17 23.70 33.33
N SER M 14 7.87 22.58 34.01
CA SER M 14 6.47 22.29 34.32
C SER M 14 5.86 23.39 35.19
N SER M 15 6.63 23.88 36.18
CA SER M 15 6.16 24.97 37.02
C SER M 15 5.95 26.26 36.21
N PHE M 16 6.89 26.47 35.28
CA PHE M 16 6.90 27.63 34.38
C PHE M 16 5.64 27.69 33.50
N ILE M 17 5.29 26.55 32.92
CA ILE M 17 4.14 26.44 32.04
C ILE M 17 2.81 26.71 32.78
N GLY M 18 2.69 26.20 34.00
CA GLY M 18 1.48 26.42 34.78
C GLY M 18 1.22 27.89 35.10
N ALA M 19 2.28 28.60 35.42
CA ALA M 19 2.19 30.03 35.77
C ALA M 19 1.76 30.92 34.60
N ILE M 20 2.27 30.65 33.41
CA ILE M 20 1.92 31.47 32.24
C ILE M 20 0.45 31.28 31.81
N ALA M 21 -0.03 30.03 31.85
CA ALA M 21 -1.41 29.72 31.46
C ALA M 21 -2.45 30.44 32.33
N ILE M 22 -2.20 30.48 33.63
CA ILE M 22 -3.12 31.12 34.59
C ILE M 22 -3.14 32.65 34.45
N GLY M 23 -1.96 33.25 34.24
CA GLY M 23 -1.86 34.70 34.16
C GLY M 23 -2.68 35.37 33.05
N ASP M 24 -2.74 34.77 31.86
CA ASP M 24 -3.49 35.39 30.77
C ASP M 24 -5.02 35.45 31.03
N LEU M 25 -5.58 34.39 31.61
CA LEU M 25 -7.02 34.37 31.93
C LEU M 25 -7.39 35.31 33.09
N VAL M 26 -6.54 35.37 34.10
CA VAL M 26 -6.77 36.22 35.28
C VAL M 26 -6.58 37.72 35.05
N LYS M 27 -5.68 38.10 34.14
CA LYS M 27 -5.39 39.51 33.88
C LYS M 27 -6.63 40.30 33.43
N SER M 28 -7.45 39.68 32.58
CA SER M 28 -8.68 40.31 32.07
C SER M 28 -9.66 40.65 33.21
N THR M 29 -9.74 39.74 34.17
CA THR M 29 -10.63 39.86 35.34
C THR M 29 -10.39 41.09 36.25
N LEU M 30 -9.13 41.43 36.46
CA LEU M 30 -8.73 42.54 37.35
C LEU M 30 -9.26 43.94 36.98
N GLY M 31 -9.66 44.69 38.02
CA GLY M 31 -10.10 46.08 37.86
C GLY M 31 -11.52 46.31 37.35
N PRO M 32 -11.96 47.59 37.37
CA PRO M 32 -13.31 48.07 36.93
C PRO M 32 -13.76 47.61 35.56
N LYS M 33 -12.90 47.56 34.61
CA LYS M 33 -13.36 47.12 33.34
C LYS M 33 -12.81 45.72 33.00
N GLY M 34 -12.97 44.85 34.01
CA GLY M 34 -12.56 43.45 33.92
C GLY M 34 -13.58 42.61 33.16
N MET M 35 -13.31 41.33 32.97
CA MET M 35 -14.23 40.51 32.18
C MET M 35 -14.66 39.19 32.85
N ASP M 36 -15.89 38.78 32.52
CA ASP M 36 -16.48 37.54 33.03
C ASP M 36 -16.05 36.33 32.18
N LYS M 37 -15.76 35.20 32.82
CA LYS M 37 -15.34 34.00 32.10
C LYS M 37 -16.09 32.75 32.58
N ILE M 38 -16.29 31.76 31.70
CA ILE M 38 -16.98 30.51 32.11
C ILE M 38 -16.17 29.28 31.68
N LEU M 39 -16.43 28.16 32.32
CA LEU M 39 -15.78 26.90 31.94
C LEU M 39 -16.79 25.77 31.76
N LEU M 40 -16.45 24.84 30.87
CA LEU M 40 -17.30 23.68 30.57
C LEU M 40 -16.60 22.40 30.99
N SER M 41 -17.33 21.58 31.73
CA SER M 41 -16.82 20.31 32.23
C SER M 41 -17.91 19.24 32.13
N SER M 42 -17.51 18.00 31.99
CA SER M 42 -18.46 16.91 31.87
C SER M 42 -18.31 15.89 32.99
N GLY M 43 -19.43 15.41 33.48
CA GLY M 43 -19.44 14.45 34.56
C GLY M 43 -19.32 15.11 35.93
N ARG M 44 -20.35 14.91 36.74
CA ARG M 44 -20.43 15.46 38.10
C ARG M 44 -20.39 16.99 38.12
N ASP M 45 -20.68 17.57 36.97
CA ASP M 45 -20.83 19.00 36.79
C ASP M 45 -22.15 19.20 36.09
N ALA M 46 -23.08 19.84 36.76
CA ALA M 46 -24.41 20.06 36.21
C ALA M 46 -24.53 21.44 35.59
N SER M 47 -23.46 22.20 35.65
CA SER M 47 -23.50 23.56 35.18
C SER M 47 -22.23 24.07 34.53
N LEU M 48 -22.44 25.11 33.75
CA LEU M 48 -21.36 25.88 33.19
C LEU M 48 -21.18 26.99 34.17
N MET M 49 -20.03 27.09 34.75
CA MET M 49 -19.88 28.09 35.79
C MET M 49 -19.20 29.34 35.32
N VAL M 50 -19.90 30.43 35.54
CA VAL M 50 -19.38 31.73 35.23
C VAL M 50 -18.82 32.27 36.52
N THR M 51 -17.52 32.38 36.61
CA THR M 51 -16.93 32.86 37.83
C THR M 51 -16.04 34.07 37.60
N ASN M 52 -16.50 35.22 38.07
CA ASN M 52 -15.74 36.46 38.01
C ASN M 52 -14.55 36.39 38.97
N ASP M 53 -14.82 35.82 40.14
CA ASP M 53 -13.82 35.70 41.20
C ASP M 53 -12.81 34.60 40.88
N GLY M 54 -11.55 34.97 40.77
CA GLY M 54 -10.51 34.02 40.43
C GLY M 54 -10.35 32.88 41.44
N ALA M 55 -10.46 33.19 42.72
CA ALA M 55 -10.31 32.18 43.77
C ALA M 55 -11.34 31.03 43.69
N THR M 56 -12.62 31.35 43.44
CA THR M 56 -13.66 30.32 43.38
C THR M 56 -13.45 29.27 42.28
N ILE M 57 -13.13 29.70 41.06
CA ILE M 57 -12.92 28.76 39.97
C ILE M 57 -11.65 27.92 40.09
N LEU M 58 -10.56 28.52 40.54
CA LEU M 58 -9.32 27.78 40.70
C LEU M 58 -9.45 26.61 41.71
N LYS M 59 -10.16 26.87 42.81
CA LYS M 59 -10.37 25.85 43.87
C LYS M 59 -11.20 24.65 43.40
N ASN M 60 -12.22 24.96 42.61
CA ASN M 60 -13.17 23.98 42.11
C ASN M 60 -12.59 22.88 41.21
N ILE M 61 -11.64 23.21 40.34
CA ILE M 61 -11.19 22.20 39.38
C ILE M 61 -9.68 21.96 39.23
N GLY M 62 -9.35 20.67 39.21
CA GLY M 62 -8.00 20.22 38.92
C GLY M 62 -8.06 19.52 37.57
N VAL M 63 -8.05 20.34 36.52
CA VAL M 63 -8.24 19.89 35.13
C VAL M 63 -7.19 18.89 34.60
N ASP M 64 -5.92 19.14 34.83
CA ASP M 64 -4.89 18.28 34.28
C ASP M 64 -3.60 18.18 35.11
N ASN M 65 -2.75 17.23 34.71
CA ASN M 65 -1.44 16.95 35.32
C ASN M 65 -0.51 18.19 35.50
N PRO M 66 -0.43 19.15 34.54
CA PRO M 66 0.47 20.35 34.65
C PRO M 66 0.20 21.26 35.86
N ALA M 67 1.29 21.89 36.31
CA ALA M 67 1.35 22.74 37.51
C ALA M 67 0.29 23.84 37.66
N ALA M 68 -0.36 23.87 38.87
CA ALA M 68 -1.37 24.88 39.21
C ALA M 68 -2.21 24.61 40.50
N LYS M 69 -2.70 23.37 40.71
CA LYS M 69 -3.65 23.10 41.83
C LYS M 69 -3.17 23.40 43.28
N VAL M 70 -1.93 23.09 43.65
CA VAL M 70 -1.48 23.40 45.03
C VAL M 70 -1.34 24.89 45.27
N LEU M 71 -0.84 25.60 44.26
CA LEU M 71 -0.66 27.04 44.31
C LEU M 71 -2.04 27.68 44.54
N VAL M 72 -3.01 27.11 43.85
CA VAL M 72 -4.41 27.53 43.93
C VAL M 72 -5.05 27.39 45.33
N ASP M 73 -4.72 26.28 46.01
CA ASP M 73 -5.30 25.95 47.32
C ASP M 73 -5.00 27.03 48.37
N MET M 74 -3.83 27.62 48.25
CA MET M 74 -3.32 28.66 49.17
C MET M 74 -4.24 29.93 49.21
N SER M 75 -4.77 30.34 48.07
CA SER M 75 -5.57 31.59 47.96
C SER M 75 -6.82 31.62 48.87
N ARG M 76 -7.52 30.51 49.04
CA ARG M 76 -8.71 30.45 49.91
C ARG M 76 -8.40 30.80 51.39
N VAL M 77 -7.27 30.34 51.93
CA VAL M 77 -6.92 30.70 53.31
C VAL M 77 -6.81 32.22 53.39
N GLN M 78 -6.24 32.80 52.34
CA GLN M 78 -6.14 34.25 52.20
C GLN M 78 -7.55 34.86 52.20
N ASP M 79 -8.48 34.18 51.51
CA ASP M 79 -9.87 34.66 51.44
C ASP M 79 -10.50 34.73 52.83
N ASP M 80 -10.25 33.72 53.66
CA ASP M 80 -10.76 33.72 55.03
C ASP M 80 -10.23 34.94 55.80
N GLU M 81 -8.94 35.22 55.61
CA GLU M 81 -8.27 36.35 56.25
C GLU M 81 -8.80 37.69 55.71
N VAL M 82 -9.00 37.70 54.40
CA VAL M 82 -9.54 38.87 53.68
C VAL M 82 -9.88 38.46 52.24
N GLY M 83 -8.91 37.87 51.55
CA GLY M 83 -9.15 37.34 50.22
C GLY M 83 -8.98 38.26 49.05
N ASP M 84 -10.10 38.82 48.74
CA ASP M 84 -10.33 39.64 47.57
C ASP M 84 -10.06 41.14 47.68
N GLY M 85 -10.36 41.69 46.54
CA GLY M 85 -10.26 43.07 46.15
C GLY M 85 -10.32 42.96 44.65
N THR M 86 -9.19 42.61 44.12
CA THR M 86 -9.01 42.24 42.72
C THR M 86 -8.03 41.06 42.77
N THR M 87 -8.03 40.13 41.84
CA THR M 87 -7.10 39.01 41.97
C THR M 87 -5.72 39.37 41.40
N SER M 88 -4.78 39.68 42.28
CA SER M 88 -3.43 40.06 41.85
C SER M 88 -2.33 39.14 42.40
N VAL M 89 -2.58 38.49 43.54
CA VAL M 89 -1.55 37.69 44.20
C VAL M 89 -1.01 36.53 43.34
N THR M 90 -1.91 35.86 42.62
CA THR M 90 -1.51 34.76 41.76
C THR M 90 -0.67 35.27 40.57
N VAL M 91 -1.06 36.41 40.02
CA VAL M 91 -0.39 37.05 38.90
C VAL M 91 1.08 37.42 39.23
N LEU M 92 1.28 38.01 40.39
CA LEU M 92 2.62 38.42 40.84
C LEU M 92 3.58 37.24 40.97
N ALA M 93 3.09 36.12 41.47
CA ALA M 93 3.92 34.92 41.61
C ALA M 93 4.30 34.34 40.24
N ALA M 94 3.35 34.36 39.32
CA ALA M 94 3.56 33.82 37.97
C ALA M 94 4.64 34.55 37.16
N GLU M 95 4.68 35.88 37.27
CA GLU M 95 5.65 36.69 36.50
C GLU M 95 7.09 36.50 37.01
N LEU M 96 7.21 36.03 38.24
CA LEU M 96 8.50 35.75 38.87
C LEU M 96 9.28 34.69 38.07
N LEU M 97 8.54 33.69 37.59
CA LEU M 97 9.07 32.55 36.81
C LEU M 97 9.74 32.96 35.47
N ARG M 98 9.30 34.06 34.85
CA ARG M 98 9.86 34.57 33.57
C ARG M 98 11.36 34.91 33.64
N GLU M 99 11.80 35.49 34.74
CA GLU M 99 13.23 35.83 34.90
C GLU M 99 14.11 34.57 34.82
N ALA M 100 13.53 33.41 35.10
CA ALA M 100 14.27 32.13 35.11
C ALA M 100 15.01 31.86 33.78
N GLU M 101 14.47 32.30 32.65
CA GLU M 101 15.18 32.11 31.38
C GLU M 101 16.55 32.83 31.47
N SER M 102 16.53 34.04 32.03
CA SER M 102 17.77 34.80 32.29
C SER M 102 18.69 34.03 33.25
N LEU M 103 18.08 33.39 34.25
CA LEU M 103 18.79 32.61 35.29
C LEU M 103 19.59 31.43 34.73
N ILE M 104 19.06 30.71 33.75
CA ILE M 104 19.80 29.59 33.15
C ILE M 104 21.06 30.13 32.45
N ALA M 105 20.91 31.28 31.79
CA ALA M 105 22.00 32.00 31.12
C ALA M 105 23.07 32.46 32.13
N LYS M 106 22.59 32.76 33.32
CA LYS M 106 23.39 33.25 34.47
C LYS M 106 24.46 32.20 34.85
N LYS M 107 24.06 30.93 34.80
CA LYS M 107 24.95 29.75 35.03
C LYS M 107 25.64 29.66 36.42
N ILE M 108 24.98 29.99 37.50
CA ILE M 108 25.64 29.85 38.80
C ILE M 108 24.90 28.90 39.72
N HIS M 109 24.61 29.29 40.96
CA HIS M 109 23.89 28.38 41.84
C HIS M 109 22.40 28.65 41.69
N PRO M 110 21.64 27.69 41.11
CA PRO M 110 20.18 27.86 40.96
C PRO M 110 19.51 28.05 42.32
N GLN M 111 20.15 27.44 43.29
CA GLN M 111 19.72 27.46 44.68
C GLN M 111 19.90 28.88 45.27
N THR M 112 20.95 29.57 44.84
CA THR M 112 21.21 30.96 45.27
C THR M 112 20.08 31.91 44.91
N ILE M 113 19.54 31.74 43.73
CA ILE M 113 18.43 32.56 43.28
C ILE M 113 17.24 32.38 44.22
N ILE M 114 17.23 31.24 44.91
CA ILE M 114 16.23 30.90 45.94
C ILE M 114 16.27 31.95 47.06
N ALA M 115 17.49 32.36 47.42
CA ALA M 115 17.72 33.39 48.44
C ALA M 115 16.90 34.65 48.14
N GLY M 116 16.48 34.79 46.88
CA GLY M 116 15.67 35.91 46.44
C GLY M 116 14.35 35.99 47.20
N TRP M 117 13.79 34.84 47.49
CA TRP M 117 12.56 34.78 48.26
C TRP M 117 12.82 35.23 49.71
N ARG M 118 13.95 34.82 50.27
CA ARG M 118 14.34 35.27 51.60
C ARG M 118 14.49 36.81 51.55
N GLU M 119 15.06 37.25 50.43
CA GLU M 119 15.26 38.67 50.11
C GLU M 119 13.91 39.39 50.04
N ALA M 120 12.95 38.67 49.46
CA ALA M 120 11.59 39.15 49.30
C ALA M 120 10.99 39.44 50.67
N THR M 121 11.32 38.62 51.66
CA THR M 121 10.85 38.86 53.03
C THR M 121 11.36 40.23 53.52
N LYS M 122 12.62 40.56 53.21
CA LYS M 122 13.18 41.87 53.55
C LYS M 122 12.37 42.95 52.82
N ALA M 123 12.01 42.64 51.57
CA ALA M 123 11.20 43.49 50.71
C ALA M 123 9.84 43.74 51.35
N ALA M 124 9.32 42.71 52.03
CA ALA M 124 8.05 42.82 52.73
C ALA M 124 8.10 43.91 53.81
N ARG M 125 9.22 44.02 54.56
CA ARG M 125 9.32 45.07 55.60
C ARG M 125 9.30 46.45 54.90
N GLN M 126 9.87 46.45 53.70
CA GLN M 126 9.97 47.65 52.87
C GLN M 126 8.56 48.15 52.55
N ALA M 127 7.68 47.19 52.29
CA ALA M 127 6.28 47.48 52.00
C ALA M 127 5.54 48.03 53.21
N LEU M 128 5.84 47.47 54.37
CA LEU M 128 5.18 47.85 55.62
C LEU M 128 5.50 49.27 56.12
N LEU M 129 6.75 49.72 56.02
CA LEU M 129 7.11 51.06 56.56
C LEU M 129 7.43 52.16 55.52
N ASN M 130 7.39 51.88 54.23
CA ASN M 130 7.70 52.91 53.23
C ASN M 130 6.46 53.56 52.58
N SER M 131 5.28 53.27 53.12
CA SER M 131 4.04 53.82 52.56
C SER M 131 3.03 54.25 53.64
N ALA M 132 2.20 55.22 53.30
CA ALA M 132 1.14 55.71 54.20
C ALA M 132 -0.18 55.06 53.77
N VAL M 133 -0.94 54.50 54.71
CA VAL M 133 -2.14 53.78 54.33
C VAL M 133 -3.50 54.52 54.41
N ASP M 134 -3.96 55.03 55.60
CA ASP M 134 -5.27 55.77 55.64
C ASP M 134 -5.62 56.30 57.03
N HIS M 135 -5.37 55.48 58.06
CA HIS M 135 -5.66 55.84 59.45
C HIS M 135 -7.19 56.11 59.69
N GLY M 136 -8.06 55.30 59.07
CA GLY M 136 -9.53 55.48 59.20
C GLY M 136 -10.28 54.20 59.59
N SER M 137 -11.60 54.16 59.33
CA SER M 137 -12.46 52.98 59.62
C SER M 137 -12.51 52.54 61.10
N ASP M 138 -12.61 53.50 62.03
CA ASP M 138 -12.64 53.16 63.47
C ASP M 138 -13.81 52.23 63.95
N GLU M 139 -15.05 52.40 63.44
CA GLU M 139 -16.20 51.48 63.78
C GLU M 139 -17.55 52.03 63.28
N VAL M 140 -18.31 51.18 62.58
CA VAL M 140 -19.61 51.57 61.98
C VAL M 140 -19.35 52.60 60.89
N LYS M 141 -18.88 53.76 61.33
CA LYS M 141 -18.43 54.86 60.47
C LYS M 141 -19.52 55.44 59.53
N PHE M 142 -19.66 56.76 59.57
CA PHE M 142 -20.64 57.47 58.74
C PHE M 142 -20.44 57.31 57.21
N ARG M 143 -19.77 58.29 56.60
CA ARG M 143 -19.51 58.34 55.15
C ARG M 143 -18.53 57.27 54.62
N GLN M 144 -17.47 57.02 55.37
CA GLN M 144 -16.38 56.09 54.98
C GLN M 144 -16.79 54.64 55.00
N ASP M 145 -18.04 54.37 55.33
CA ASP M 145 -18.51 53.00 55.41
C ASP M 145 -18.34 52.32 54.03
N LEU M 146 -18.72 52.99 52.93
CA LEU M 146 -18.51 52.40 51.60
C LEU M 146 -18.23 53.42 50.48
N MET M 147 -18.67 53.08 49.26
CA MET M 147 -18.36 53.84 48.05
C MET M 147 -16.85 53.85 47.93
N ASN M 148 -16.27 52.68 48.25
CA ASN M 148 -14.82 52.54 48.31
C ASN M 148 -14.34 51.19 47.73
N ILE M 149 -13.83 50.32 48.61
CA ILE M 149 -13.30 49.01 48.23
C ILE M 149 -14.32 48.07 47.57
N ALA M 150 -15.55 48.06 48.08
CA ALA M 150 -16.58 47.22 47.49
C ALA M 150 -16.81 47.62 46.05
N GLY M 151 -16.79 48.94 45.80
CA GLY M 151 -16.97 49.42 44.45
C GLY M 151 -15.87 48.90 43.52
N THR M 152 -14.61 48.86 44.00
CA THR M 152 -13.48 48.32 43.21
C THR M 152 -13.59 46.80 43.06
N THR M 153 -14.01 46.13 44.13
CA THR M 153 -14.18 44.68 44.10
C THR M 153 -15.24 44.33 43.06
N LEU M 154 -16.28 45.16 43.01
CA LEU M 154 -17.33 45.05 42.01
C LEU M 154 -16.94 45.66 40.70
N SER M 155 -15.84 46.37 40.71
CA SER M 155 -15.33 47.01 39.51
C SER M 155 -15.04 45.95 38.46
N SER M 156 -14.49 44.83 38.87
CA SER M 156 -14.15 43.74 37.94
C SER M 156 -15.40 43.07 37.37
N LYS M 157 -16.53 43.33 37.98
CA LYS M 157 -17.78 42.72 37.58
C LYS M 157 -18.62 43.66 36.70
N LEU M 158 -19.13 43.07 35.64
CA LEU M 158 -19.92 43.75 34.58
C LEU M 158 -21.22 44.45 35.03
N LEU M 159 -21.95 43.81 35.92
CA LEU M 159 -23.25 44.30 36.39
C LEU M 159 -23.19 45.56 37.28
N THR M 160 -22.07 46.29 37.19
CA THR M 160 -21.81 47.51 38.00
C THR M 160 -22.54 48.76 37.49
N HIS M 161 -23.31 48.66 36.42
CA HIS M 161 -24.02 49.86 35.92
C HIS M 161 -24.96 50.43 37.00
N HIS M 162 -25.64 49.55 37.74
CA HIS M 162 -26.47 49.95 38.90
C HIS M 162 -25.96 49.30 40.19
N LYS M 163 -25.08 48.31 40.03
CA LYS M 163 -24.57 47.51 41.15
C LYS M 163 -23.84 48.33 42.20
N ASP M 164 -23.04 49.31 41.79
CA ASP M 164 -22.27 50.09 42.78
C ASP M 164 -23.20 50.61 43.89
N HIS M 165 -24.45 50.91 43.56
CA HIS M 165 -25.44 51.27 44.59
C HIS M 165 -25.65 50.11 45.59
N PHE M 166 -25.68 48.88 45.05
CA PHE M 166 -25.86 47.63 45.82
C PHE M 166 -24.65 47.35 46.69
N THR M 167 -23.47 47.60 46.12
CA THR M 167 -22.21 47.40 46.81
C THR M 167 -22.19 48.27 48.04
N LYS M 168 -22.72 49.47 47.89
CA LYS M 168 -22.81 50.47 48.94
C LYS M 168 -23.66 49.93 50.10
N LEU M 169 -24.72 49.22 49.76
CA LEU M 169 -25.62 48.59 50.73
C LEU M 169 -24.90 47.56 51.64
N ALA M 170 -23.98 46.78 51.05
CA ALA M 170 -23.25 45.71 51.76
C ALA M 170 -22.65 46.16 53.11
N VAL M 171 -22.09 47.36 53.18
CA VAL M 171 -21.52 47.85 54.46
C VAL M 171 -22.57 47.92 55.56
N GLU M 172 -23.75 48.35 55.22
CA GLU M 172 -24.82 48.46 56.19
C GLU M 172 -25.09 47.07 56.78
N ALA M 173 -25.04 46.06 55.90
CA ALA M 173 -25.24 44.68 56.31
C ALA M 173 -24.19 44.21 57.33
N VAL M 174 -22.93 44.60 57.11
CA VAL M 174 -21.87 44.21 58.03
C VAL M 174 -21.98 44.93 59.38
N LEU M 175 -22.52 46.15 59.38
CA LEU M 175 -22.62 46.89 60.64
C LEU M 175 -23.45 46.14 61.68
N ARG M 176 -24.55 45.54 61.22
CA ARG M 176 -25.37 44.69 62.09
C ARG M 176 -24.64 43.37 62.41
N LEU M 177 -23.84 42.95 61.43
CA LEU M 177 -23.05 41.70 61.47
C LEU M 177 -21.74 41.81 62.27
N LYS M 178 -21.35 43.01 62.66
CA LYS M 178 -20.09 43.19 63.39
C LYS M 178 -20.24 42.84 64.87
N GLY M 179 -19.15 42.38 65.47
CA GLY M 179 -19.19 42.04 66.87
C GLY M 179 -18.78 40.61 67.18
N SER M 180 -19.27 40.13 68.31
CA SER M 180 -19.02 38.77 68.79
C SER M 180 -19.73 37.67 67.96
N GLY M 181 -20.79 38.06 67.25
CA GLY M 181 -21.58 37.10 66.46
C GLY M 181 -20.84 36.44 65.31
N ASN M 182 -21.35 35.25 64.92
CA ASN M 182 -20.75 34.46 63.84
C ASN M 182 -20.95 35.09 62.45
N LEU M 183 -20.06 34.74 61.53
CA LEU M 183 -20.03 35.31 60.17
C LEU M 183 -21.05 34.73 59.15
N GLU M 184 -21.75 33.63 59.43
CA GLU M 184 -22.68 33.13 58.39
C GLU M 184 -23.98 33.98 58.41
N ALA M 185 -25.09 33.37 58.87
CA ALA M 185 -26.39 34.04 59.02
C ALA M 185 -26.81 35.03 57.90
N ILE M 186 -26.23 34.94 56.71
CA ILE M 186 -26.58 35.88 55.63
C ILE M 186 -27.14 35.18 54.38
N HIS M 187 -28.35 35.59 54.00
CA HIS M 187 -29.06 35.01 52.86
C HIS M 187 -29.38 36.04 51.75
N VAL M 188 -29.06 35.72 50.50
CA VAL M 188 -29.37 36.63 49.39
C VAL M 188 -30.09 35.95 48.21
N ILE M 189 -31.19 36.57 47.79
CA ILE M 189 -32.00 36.13 46.65
C ILE M 189 -32.30 37.29 45.69
N LYS M 190 -32.25 37.04 44.39
CA LYS M 190 -32.53 38.07 43.40
C LYS M 190 -34.01 37.98 42.95
N LYS M 191 -34.63 39.13 42.78
CA LYS M 191 -36.05 39.23 42.45
C LYS M 191 -36.30 39.74 41.01
N LEU M 192 -37.46 39.36 40.45
CA LEU M 192 -37.81 39.70 39.06
C LEU M 192 -38.55 41.05 38.94
N GLY M 193 -38.79 41.72 40.06
CA GLY M 193 -39.42 43.03 40.01
C GLY M 193 -38.37 44.09 39.71
N GLY M 194 -38.73 45.22 39.11
CA GLY M 194 -37.69 46.19 38.78
C GLY M 194 -37.95 47.62 39.23
N SER M 195 -36.88 48.25 39.71
CA SER M 195 -36.89 49.64 40.18
C SER M 195 -35.46 50.21 40.14
N LEU M 196 -35.34 51.53 40.24
CA LEU M 196 -34.02 52.19 40.20
C LEU M 196 -33.12 51.72 41.37
N ALA M 197 -33.70 51.57 42.56
CA ALA M 197 -32.94 51.14 43.75
C ALA M 197 -32.30 49.77 43.58
N ASP M 198 -33.04 48.86 42.96
CA ASP M 198 -32.58 47.49 42.66
C ASP M 198 -32.34 46.60 43.90
N SER M 199 -32.59 47.09 45.10
CA SER M 199 -32.42 46.21 46.27
C SER M 199 -33.17 46.72 47.51
N TYR M 200 -33.59 45.76 48.33
CA TYR M 200 -34.25 46.02 49.61
C TYR M 200 -33.62 45.33 50.80
N LEU M 201 -33.57 46.05 51.89
CA LEU M 201 -33.02 45.56 53.14
C LEU M 201 -34.16 45.12 54.06
N ASP M 202 -34.08 43.89 54.55
CA ASP M 202 -35.11 43.35 55.42
C ASP M 202 -34.60 43.27 56.86
N GLU M 203 -35.54 43.27 57.80
CA GLU M 203 -35.21 43.25 59.22
C GLU M 203 -34.87 41.84 59.69
N GLY M 204 -35.12 40.86 58.83
CA GLY M 204 -34.87 39.46 59.19
C GLY M 204 -34.58 38.56 58.00
N PHE M 205 -35.21 37.38 58.00
CA PHE M 205 -35.02 36.36 56.97
C PHE M 205 -36.14 36.34 55.90
N LEU M 206 -35.72 36.25 54.65
CA LEU M 206 -36.64 36.24 53.50
C LEU M 206 -36.78 34.81 52.89
N LEU M 207 -38.03 34.37 52.70
CA LEU M 207 -38.33 33.04 52.14
C LEU M 207 -39.44 33.12 51.07
N ASP M 208 -39.43 32.24 50.06
CA ASP M 208 -40.48 32.25 49.01
C ASP M 208 -41.40 31.01 49.10
N LYS M 209 -42.37 30.98 50.04
CA LYS M 209 -43.30 29.83 50.13
C LYS M 209 -44.71 30.17 50.68
N LYS M 210 -45.70 29.33 50.30
CA LYS M 210 -47.11 29.45 50.77
C LYS M 210 -47.77 28.10 51.07
N ILE M 211 -48.50 28.05 52.18
CA ILE M 211 -49.28 26.85 52.56
C ILE M 211 -50.31 26.55 51.48
N GLY M 212 -51.03 27.61 51.14
CA GLY M 212 -52.08 27.60 50.14
C GLY M 212 -52.84 28.92 50.17
N VAL M 213 -53.90 29.03 49.37
CA VAL M 213 -54.69 30.28 49.33
C VAL M 213 -55.36 30.60 50.68
N ASN M 214 -55.87 29.59 51.37
CA ASN M 214 -56.51 29.79 52.67
C ASN M 214 -55.46 30.00 53.77
N GLN M 215 -55.90 30.60 54.90
CA GLN M 215 -55.08 30.90 56.11
C GLN M 215 -55.07 32.41 56.37
N PRO M 216 -54.98 32.86 57.65
CA PRO M 216 -54.92 34.30 57.97
C PRO M 216 -53.71 35.03 57.34
N LYS M 217 -53.90 36.30 57.03
CA LYS M 217 -52.85 37.14 56.43
C LYS M 217 -51.63 37.44 57.32
N ARG M 218 -51.86 37.70 58.60
CA ARG M 218 -50.76 38.09 59.48
C ARG M 218 -50.80 37.45 60.87
N ILE M 219 -49.63 37.09 61.37
CA ILE M 219 -49.49 36.52 62.70
C ILE M 219 -48.59 37.39 63.58
N GLU M 220 -49.00 37.56 64.84
CA GLU M 220 -48.24 38.38 65.80
C GLU M 220 -48.04 37.59 67.10
N ASN M 221 -46.95 37.90 67.82
CA ASN M 221 -46.60 37.14 69.04
C ASN M 221 -46.41 35.70 68.57
N ALA M 222 -45.78 35.62 67.41
CA ALA M 222 -45.54 34.39 66.68
C ALA M 222 -44.63 33.39 67.38
N LYS M 223 -45.02 32.14 67.26
CA LYS M 223 -44.25 31.05 67.78
C LYS M 223 -43.90 30.18 66.58
N ILE M 224 -42.68 29.68 66.52
CA ILE M 224 -42.23 28.95 65.34
C ILE M 224 -41.86 27.50 65.60
N LEU M 225 -42.43 26.64 64.79
CA LEU M 225 -42.21 25.21 64.90
C LEU M 225 -41.53 24.66 63.62
N ILE M 226 -40.42 23.96 63.82
CA ILE M 226 -39.65 23.34 62.72
C ILE M 226 -39.60 21.83 62.94
N ALA M 227 -40.04 21.04 61.98
CA ALA M 227 -40.03 19.58 62.18
C ALA M 227 -39.19 18.80 61.16
N ASN M 228 -38.30 17.96 61.68
CA ASN M 228 -37.48 17.05 60.86
C ASN M 228 -38.32 15.98 60.18
N THR M 229 -39.30 15.46 60.91
CA THR M 229 -40.16 14.41 60.38
C THR M 229 -41.40 15.00 59.76
N GLY M 230 -41.79 14.42 58.64
CA GLY M 230 -42.93 14.91 57.91
C GLY M 230 -44.26 14.62 58.55
N MET M 231 -45.22 15.41 58.14
CA MET M 231 -46.61 15.32 58.59
C MET M 231 -47.26 14.04 58.04
N ASP M 232 -46.70 13.55 56.91
CA ASP M 232 -47.23 12.35 56.21
C ASP M 232 -47.21 11.08 57.09
N THR M 233 -48.27 10.29 56.98
CA THR M 233 -48.42 9.04 57.73
C THR M 233 -49.03 7.91 56.89
N ASP M 234 -48.56 6.64 57.12
CA ASP M 234 -49.09 5.41 56.44
C ASP M 234 -48.08 4.24 56.22
N LYS M 235 -47.00 4.47 55.49
CA LYS M 235 -46.04 3.39 55.12
C LYS M 235 -45.27 2.67 56.28
N ILE M 236 -44.84 3.43 57.30
CA ILE M 236 -44.07 2.93 58.48
C ILE M 236 -42.68 2.26 58.09
N LYS M 237 -42.01 1.60 59.06
CA LYS M 237 -40.70 0.90 58.86
C LYS M 237 -40.69 -0.24 57.83
N ILE M 238 -41.64 -1.12 58.01
CA ILE M 238 -41.81 -2.32 57.20
C ILE M 238 -43.15 -2.30 56.52
N PHE M 239 -43.17 -2.53 55.23
CA PHE M 239 -44.43 -2.54 54.50
C PHE M 239 -45.52 -3.21 55.30
N GLY M 240 -46.55 -2.43 55.64
CA GLY M 240 -47.70 -2.97 56.34
C GLY M 240 -48.19 -4.12 55.51
N SER M 241 -47.93 -3.92 54.20
CA SER M 241 -48.19 -4.85 53.11
C SER M 241 -49.34 -4.39 52.27
N ARG M 242 -49.53 -5.07 51.17
CA ARG M 242 -50.71 -4.84 50.39
C ARG M 242 -51.67 -5.71 51.21
N VAL M 243 -52.50 -5.06 52.02
CA VAL M 243 -53.26 -5.77 53.06
C VAL M 243 -54.77 -5.88 52.92
N ARG M 244 -55.24 -7.12 53.12
CA ARG M 244 -56.65 -7.44 53.14
C ARG M 244 -57.13 -7.55 54.60
N VAL M 245 -58.32 -7.03 54.86
CA VAL M 245 -58.91 -7.05 56.20
C VAL M 245 -60.21 -7.85 56.21
N ASP M 246 -60.75 -8.11 57.41
CA ASP M 246 -61.96 -8.95 57.57
C ASP M 246 -63.18 -8.37 56.85
N SER M 247 -63.36 -7.06 56.90
CA SER M 247 -64.49 -6.43 56.24
C SER M 247 -64.11 -5.18 55.45
N THR M 248 -64.97 -4.83 54.51
CA THR M 248 -64.80 -3.64 53.69
C THR M 248 -64.77 -2.42 54.59
N ALA M 249 -65.64 -2.44 55.61
CA ALA M 249 -65.75 -1.35 56.56
C ALA M 249 -64.60 -1.30 57.60
N LYS M 250 -63.74 -2.33 57.67
CA LYS M 250 -62.64 -2.27 58.65
C LYS M 250 -61.48 -1.41 58.10
N VAL M 251 -61.56 -1.07 56.82
CA VAL M 251 -60.59 -0.17 56.19
C VAL M 251 -60.80 1.23 56.78
N ALA M 252 -62.06 1.47 57.18
CA ALA M 252 -62.50 2.74 57.75
C ALA M 252 -61.72 3.07 59.04
N GLU M 253 -61.43 2.07 59.88
CA GLU M 253 -60.66 2.33 61.11
C GLU M 253 -59.29 2.91 60.72
N ILE M 254 -58.76 2.45 59.58
CA ILE M 254 -57.48 2.96 59.07
C ILE M 254 -57.60 4.47 58.80
N GLU M 255 -58.71 4.88 58.18
CA GLU M 255 -58.98 6.31 57.93
C GLU M 255 -59.07 7.07 59.26
N HIS M 256 -59.70 6.40 60.23
CA HIS M 256 -59.91 6.91 61.59
C HIS M 256 -58.56 7.18 62.28
N ALA M 257 -57.60 6.31 62.04
CA ALA M 257 -56.25 6.43 62.62
C ALA M 257 -55.61 7.74 62.18
N GLU M 258 -55.87 8.14 60.94
CA GLU M 258 -55.40 9.41 60.38
C GLU M 258 -55.95 10.58 61.21
N LYS M 259 -57.21 10.47 61.61
CA LYS M 259 -57.88 11.50 62.41
C LYS M 259 -57.13 11.68 63.73
N GLU M 260 -56.66 10.58 64.31
CA GLU M 260 -55.86 10.63 65.54
C GLU M 260 -54.58 11.44 65.29
N LYS M 261 -53.99 11.25 64.11
CA LYS M 261 -52.77 11.97 63.78
C LYS M 261 -53.08 13.48 63.78
N MET M 262 -54.26 13.80 63.25
CA MET M 262 -54.82 15.16 63.24
C MET M 262 -55.00 15.75 64.63
N LYS M 263 -55.61 14.94 65.51
CA LYS M 263 -55.95 15.34 66.88
C LYS M 263 -54.75 15.72 67.73
N GLU M 264 -53.65 14.98 67.62
CA GLU M 264 -52.47 15.27 68.41
C GLU M 264 -51.87 16.63 68.05
N LYS M 265 -51.88 16.92 66.75
CA LYS M 265 -51.32 18.15 66.22
C LYS M 265 -52.02 19.39 66.78
N VAL M 266 -53.36 19.37 66.77
CA VAL M 266 -54.15 20.50 67.29
C VAL M 266 -54.07 20.68 68.80
N GLU M 267 -54.11 19.57 69.54
CA GLU M 267 -54.11 19.63 71.00
C GLU M 267 -52.86 20.32 71.54
N ARG M 268 -51.71 19.93 71.00
CA ARG M 268 -50.42 20.52 71.40
C ARG M 268 -50.31 21.97 70.89
N ILE M 269 -50.79 22.16 69.67
CA ILE M 269 -50.79 23.46 68.98
C ILE M 269 -51.59 24.60 69.65
N LEU M 270 -52.83 24.34 70.01
CA LEU M 270 -53.68 25.38 70.59
C LEU M 270 -53.13 25.98 71.90
N LYS M 271 -52.62 25.13 72.79
CA LYS M 271 -52.08 25.59 74.07
C LYS M 271 -50.90 26.57 73.91
N HIS M 272 -50.04 26.27 72.94
CA HIS M 272 -48.87 27.11 72.65
C HIS M 272 -49.28 28.46 72.05
N GLY M 273 -50.28 28.42 71.16
CA GLY M 273 -50.71 29.62 70.47
C GLY M 273 -50.06 29.74 69.10
N ILE M 274 -49.33 28.67 68.73
CA ILE M 274 -48.61 28.51 67.44
C ILE M 274 -49.09 29.42 66.29
N ASN M 275 -48.27 30.39 65.96
CA ASN M 275 -48.57 31.30 64.86
C ASN M 275 -48.13 30.77 63.48
N CYS M 276 -47.02 30.04 63.43
CA CYS M 276 -46.50 29.54 62.16
C CYS M 276 -45.76 28.20 62.30
N PHE M 277 -45.97 27.32 61.34
CA PHE M 277 -45.31 26.02 61.32
C PHE M 277 -44.45 25.88 60.05
N ILE M 278 -43.18 25.55 60.22
CA ILE M 278 -42.29 25.38 59.08
C ILE M 278 -41.71 23.96 59.06
N ASN M 279 -41.94 23.24 57.98
CA ASN M 279 -41.46 21.87 57.85
C ASN M 279 -40.53 21.73 56.66
N ARG M 280 -39.36 21.14 56.87
CA ARG M 280 -38.41 20.95 55.77
C ARG M 280 -38.64 19.61 55.07
N GLN M 281 -39.71 19.53 54.27
CA GLN M 281 -40.05 18.35 53.45
C GLN M 281 -41.52 18.34 53.04
N LEU M 282 -42.00 17.17 52.68
CA LEU M 282 -43.38 16.99 52.27
C LEU M 282 -44.33 17.13 53.47
N ILE M 283 -45.55 17.59 53.21
CA ILE M 283 -46.52 17.79 54.27
C ILE M 283 -47.86 17.15 53.91
N TYR M 284 -48.49 16.51 54.90
CA TYR M 284 -49.71 15.76 54.69
C TYR M 284 -50.93 16.70 54.71
N ASN M 285 -51.88 16.44 53.82
CA ASN M 285 -53.07 17.30 53.63
C ASN M 285 -54.04 17.47 54.82
N TYR M 286 -54.32 16.41 55.59
CA TYR M 286 -55.28 16.51 56.71
C TYR M 286 -55.01 17.66 57.70
N PRO M 287 -53.77 17.80 58.23
CA PRO M 287 -53.42 18.87 59.17
C PRO M 287 -53.64 20.26 58.58
N GLU M 288 -53.50 20.35 57.27
CA GLU M 288 -53.58 21.62 56.57
C GLU M 288 -54.95 22.29 56.76
N GLN M 289 -56.02 21.50 56.74
CA GLN M 289 -57.36 22.04 56.95
C GLN M 289 -57.48 22.65 58.34
N LEU M 290 -56.88 21.94 59.29
CA LEU M 290 -56.83 22.33 60.70
C LEU M 290 -56.13 23.67 60.93
N PHE M 291 -54.98 23.84 60.28
CA PHE M 291 -54.19 25.07 60.43
C PHE M 291 -54.97 26.31 59.97
N GLY M 292 -55.73 26.16 58.89
CA GLY M 292 -56.54 27.28 58.38
C GLY M 292 -57.59 27.76 59.37
N ALA M 293 -58.30 26.81 59.99
CA ALA M 293 -59.35 27.14 60.97
C ALA M 293 -58.76 27.71 62.26
N ALA M 294 -57.65 27.13 62.69
CA ALA M 294 -56.93 27.55 63.90
C ALA M 294 -56.41 28.99 63.79
N GLY M 295 -55.91 29.31 62.60
CA GLY M 295 -55.31 30.61 62.35
C GLY M 295 -53.81 30.52 62.43
N VAL M 296 -53.29 29.40 61.91
CA VAL M 296 -51.87 29.09 61.94
C VAL M 296 -51.34 28.91 60.50
N MET M 297 -50.24 29.58 60.18
CA MET M 297 -49.67 29.50 58.84
C MET M 297 -48.48 28.52 58.78
N ALA M 298 -48.60 27.52 57.88
CA ALA M 298 -47.56 26.48 57.73
C ALA M 298 -46.79 26.60 56.40
N ILE M 299 -45.58 26.07 56.36
CA ILE M 299 -44.77 26.13 55.14
C ILE M 299 -44.39 24.75 54.58
N GLU M 300 -44.81 24.48 53.34
CA GLU M 300 -44.52 23.20 52.66
C GLU M 300 -43.12 23.14 52.05
N HIS M 301 -42.40 22.06 52.34
CA HIS M 301 -41.09 21.80 51.74
C HIS M 301 -40.10 22.97 51.89
N ALA M 302 -40.07 23.61 53.04
CA ALA M 302 -39.12 24.70 53.25
C ALA M 302 -37.70 24.17 53.09
N ASP M 303 -36.85 24.91 52.39
CA ASP M 303 -35.47 24.47 52.19
C ASP M 303 -34.69 24.42 53.51
N PHE M 304 -33.91 23.36 53.66
CA PHE M 304 -33.14 23.09 54.87
C PHE M 304 -32.14 24.21 55.19
N VAL M 305 -31.47 24.74 54.17
CA VAL M 305 -30.48 25.80 54.38
C VAL M 305 -31.09 27.05 55.02
N GLY M 306 -32.30 27.42 54.61
CA GLY M 306 -32.98 28.55 55.23
C GLY M 306 -33.28 28.30 56.70
N VAL M 307 -33.69 27.06 56.98
CA VAL M 307 -34.04 26.60 58.32
C VAL M 307 -32.87 26.69 59.33
N GLU M 308 -31.67 26.27 58.92
CA GLU M 308 -30.51 26.31 59.81
C GLU M 308 -30.17 27.72 60.27
N ARG M 309 -30.27 28.68 59.36
CA ARG M 309 -30.02 30.08 59.70
C ARG M 309 -31.13 30.59 60.62
N LEU M 310 -32.35 30.17 60.29
CA LEU M 310 -33.54 30.55 61.04
C LEU M 310 -33.46 30.10 62.50
N ALA M 311 -32.96 28.89 62.73
CA ALA M 311 -32.85 28.37 64.10
C ALA M 311 -31.96 29.28 64.94
N LEU M 312 -30.82 29.68 64.39
CA LEU M 312 -29.92 30.59 65.09
C LEU M 312 -30.69 31.92 65.37
N VAL M 313 -31.43 32.36 64.34
CA VAL M 313 -32.26 33.59 64.40
C VAL M 313 -33.38 33.60 65.48
N THR M 314 -34.18 32.54 65.50
CA THR M 314 -35.31 32.42 66.45
C THR M 314 -34.87 32.14 67.88
N GLY M 315 -33.86 31.30 68.01
CA GLY M 315 -33.36 30.86 69.30
C GLY M 315 -33.11 29.36 69.28
N GLY M 316 -33.56 28.75 68.21
CA GLY M 316 -33.35 27.33 68.00
C GLY M 316 -34.37 26.45 68.64
N GLU M 317 -34.28 25.18 68.32
CA GLU M 317 -35.16 24.18 68.85
C GLU M 317 -34.59 22.79 68.63
N ILE M 318 -35.10 21.81 69.36
CA ILE M 318 -34.63 20.45 69.11
C ILE M 318 -35.68 19.83 68.20
N ALA M 319 -35.31 19.58 66.95
CA ALA M 319 -36.27 19.06 65.98
C ALA M 319 -36.32 17.55 65.96
N SER M 320 -37.35 17.04 66.58
CA SER M 320 -37.61 15.62 66.69
C SER M 320 -39.02 15.31 66.20
N THR M 321 -39.58 14.22 66.71
CA THR M 321 -40.94 13.81 66.39
C THR M 321 -41.93 14.80 67.01
N PHE M 322 -43.22 14.51 66.89
CA PHE M 322 -44.28 15.42 67.37
C PHE M 322 -44.27 15.74 68.88
N ASP M 323 -43.20 15.35 69.56
CA ASP M 323 -42.98 15.69 70.97
C ASP M 323 -42.26 17.04 70.99
N HIS M 324 -42.04 17.51 69.77
CA HIS M 324 -41.38 18.78 69.43
C HIS M 324 -41.88 20.06 70.16
N PRO M 325 -43.20 20.38 70.25
CA PRO M 325 -43.74 21.63 70.89
C PRO M 325 -43.13 22.11 72.25
N GLU M 326 -43.85 23.07 72.86
CA GLU M 326 -43.50 23.75 74.14
C GLU M 326 -42.00 24.12 74.38
N LEU M 327 -41.44 23.76 75.55
CA LEU M 327 -40.06 24.14 75.98
C LEU M 327 -38.95 23.65 75.06
N VAL M 328 -39.05 22.45 74.56
CA VAL M 328 -38.04 21.92 73.65
C VAL M 328 -37.95 22.84 72.40
N LYS M 329 -39.05 23.54 72.09
CA LYS M 329 -39.09 24.53 70.99
C LYS M 329 -38.93 25.98 71.48
N LEU M 330 -38.05 26.73 70.82
CA LEU M 330 -37.84 28.15 71.13
C LEU M 330 -38.27 28.98 69.93
N GLY M 331 -39.09 30.00 70.16
CA GLY M 331 -39.53 30.83 69.05
C GLY M 331 -39.57 32.31 69.35
N SER M 332 -38.93 33.09 68.47
CA SER M 332 -38.94 34.56 68.59
C SER M 332 -40.25 35.08 68.02
N CYS M 333 -40.66 36.29 68.37
CA CYS M 333 -41.96 36.75 67.89
C CYS M 333 -42.08 38.23 67.50
N LYS M 334 -41.40 38.69 66.45
CA LYS M 334 -41.64 40.07 66.03
C LYS M 334 -42.79 40.10 65.01
N LEU M 335 -42.49 39.78 63.75
CA LEU M 335 -43.53 39.73 62.72
C LEU M 335 -43.25 38.70 61.60
N ILE M 336 -44.21 37.83 61.28
CA ILE M 336 -44.06 36.93 60.14
C ILE M 336 -45.21 37.21 59.15
N GLU M 337 -44.89 37.59 57.92
CA GLU M 337 -45.96 37.90 56.96
C GLU M 337 -45.54 37.78 55.51
N GLU M 338 -46.55 37.64 54.67
CA GLU M 338 -46.36 37.62 53.24
C GLU M 338 -46.92 38.92 52.67
N VAL M 339 -46.14 39.63 51.88
CA VAL M 339 -46.64 40.86 51.31
C VAL M 339 -46.83 40.69 49.81
N MET M 340 -45.85 41.18 49.05
CA MET M 340 -45.75 41.10 47.59
C MET M 340 -44.53 41.89 47.15
N ILE M 341 -43.62 41.25 46.46
CA ILE M 341 -42.45 41.94 45.94
C ILE M 341 -42.46 41.79 44.44
N GLY M 342 -42.52 42.90 43.71
CA GLY M 342 -42.60 42.79 42.27
C GLY M 342 -43.72 41.82 41.90
N GLU M 343 -43.39 40.84 41.08
CA GLU M 343 -44.34 39.80 40.68
C GLU M 343 -44.53 38.66 41.74
N ASP M 344 -43.44 37.91 41.97
CA ASP M 344 -43.37 36.72 42.84
C ASP M 344 -43.74 36.97 44.32
N LYS M 345 -44.49 36.02 44.90
CA LYS M 345 -44.91 36.09 46.31
C LYS M 345 -43.84 35.55 47.27
N LEU M 346 -43.53 36.33 48.29
CA LEU M 346 -42.53 35.95 49.29
C LEU M 346 -43.05 36.11 50.72
N ILE M 347 -42.42 35.40 51.65
CA ILE M 347 -42.79 35.46 53.06
C ILE M 347 -41.62 36.01 53.88
N HIS M 348 -41.91 36.99 54.70
CA HIS M 348 -40.88 37.68 55.48
C HIS M 348 -40.90 37.37 56.97
N PHE M 349 -39.79 36.84 57.45
CA PHE M 349 -39.59 36.59 58.87
C PHE M 349 -38.74 37.77 59.36
N SER M 350 -39.15 38.51 60.38
CA SER M 350 -38.36 39.67 60.77
C SER M 350 -38.41 40.04 62.25
N GLY M 351 -37.53 40.97 62.64
CA GLY M 351 -37.49 41.46 64.02
C GLY M 351 -36.94 40.47 65.03
N VAL M 352 -36.04 39.61 64.57
CA VAL M 352 -35.46 38.57 65.42
C VAL M 352 -34.71 39.16 66.63
N ALA M 353 -34.96 38.57 67.80
CA ALA M 353 -34.36 39.00 69.07
C ALA M 353 -32.83 38.90 69.10
N LEU M 354 -32.28 37.84 68.53
CA LEU M 354 -30.81 37.65 68.52
C LEU M 354 -30.11 38.81 67.79
N GLY M 355 -30.58 39.15 66.59
CA GLY M 355 -30.07 40.30 65.86
C GLY M 355 -28.76 40.09 65.10
N GLU M 356 -28.09 38.98 65.33
CA GLU M 356 -26.81 38.71 64.66
C GLU M 356 -26.98 37.93 63.35
N ALA M 357 -28.22 37.61 63.01
CA ALA M 357 -28.53 36.92 61.75
C ALA M 357 -29.47 37.78 60.90
N CYS M 358 -29.02 38.19 59.71
CA CYS M 358 -29.85 39.07 58.85
C CYS M 358 -29.80 38.73 57.34
N THR M 359 -30.86 39.13 56.64
CA THR M 359 -31.05 38.88 55.19
C THR M 359 -31.18 40.14 54.29
N ILE M 360 -30.44 40.14 53.17
CA ILE M 360 -30.51 41.22 52.17
C ILE M 360 -31.18 40.68 50.90
N VAL M 361 -32.17 41.41 50.39
CA VAL M 361 -32.89 40.97 49.18
C VAL M 361 -32.56 41.86 47.99
N LEU M 362 -32.05 41.23 46.93
CA LEU M 362 -31.65 41.94 45.72
C LEU M 362 -32.70 41.84 44.63
N ARG M 363 -32.91 42.92 43.91
CA ARG M 363 -33.89 42.97 42.83
C ARG M 363 -33.16 43.29 41.50
N GLY M 364 -33.55 42.65 40.40
CA GLY M 364 -32.87 42.93 39.15
C GLY M 364 -33.68 42.60 37.90
N ALA M 365 -33.08 42.85 36.74
CA ALA M 365 -33.73 42.63 35.45
C ALA M 365 -34.16 41.18 35.20
N THR M 366 -33.23 40.21 35.42
CA THR M 366 -33.48 38.74 35.26
C THR M 366 -32.21 37.95 34.88
N GLN M 367 -31.85 38.03 33.58
CA GLN M 367 -30.71 37.35 32.87
C GLN M 367 -29.45 36.88 33.69
N GLN M 368 -28.36 36.67 32.95
CA GLN M 368 -27.07 36.23 33.51
C GLN M 368 -26.50 37.22 34.52
N ILE M 369 -26.66 38.47 34.18
CA ILE M 369 -26.17 39.60 34.97
C ILE M 369 -26.79 39.64 36.38
N LEU M 370 -28.09 39.35 36.49
CA LEU M 370 -28.73 39.30 37.81
C LEU M 370 -28.05 38.21 38.69
N ASP M 371 -27.75 37.07 38.06
CA ASP M 371 -27.00 35.94 38.67
C ASP M 371 -25.63 36.43 39.11
N GLU M 372 -25.09 37.31 38.29
CA GLU M 372 -23.78 37.92 38.47
C GLU M 372 -23.77 38.69 39.81
N ALA M 373 -24.92 39.25 40.18
CA ALA M 373 -25.06 39.96 41.45
C ALA M 373 -24.74 38.97 42.59
N GLU M 374 -25.10 37.69 42.41
CA GLU M 374 -24.78 36.65 43.41
C GLU M 374 -23.25 36.57 43.57
N ARG M 375 -22.52 36.65 42.44
CA ARG M 375 -21.06 36.67 42.49
C ARG M 375 -20.57 37.95 43.13
N SER M 376 -21.25 39.03 42.79
CA SER M 376 -20.94 40.37 43.30
C SER M 376 -21.07 40.54 44.82
N LEU M 377 -22.18 40.08 45.36
CA LEU M 377 -22.48 40.19 46.81
C LEU M 377 -21.51 39.42 47.71
N HIS M 378 -21.10 38.23 47.28
CA HIS M 378 -20.28 37.33 48.10
C HIS M 378 -18.94 37.95 48.49
N ASP M 379 -18.32 38.66 47.58
CA ASP M 379 -17.05 39.28 47.90
C ASP M 379 -17.23 40.69 48.49
N ALA M 380 -18.48 41.14 48.63
CA ALA M 380 -18.75 42.43 49.27
C ALA M 380 -18.89 42.26 50.79
N LEU M 381 -19.57 41.19 51.21
CA LEU M 381 -19.80 40.87 52.63
C LEU M 381 -18.48 40.67 53.40
N CYS M 382 -17.61 39.84 52.85
CA CYS M 382 -16.33 39.50 53.48
C CYS M 382 -15.39 40.70 53.70
N VAL M 383 -15.35 41.61 52.74
CA VAL M 383 -14.45 42.76 52.81
C VAL M 383 -14.73 43.67 54.01
N LEU M 384 -15.98 44.03 54.19
CA LEU M 384 -16.39 44.92 55.27
C LEU M 384 -16.20 44.36 56.68
N ALA M 385 -16.48 43.07 56.88
CA ALA M 385 -16.31 42.49 58.21
C ALA M 385 -14.86 42.62 58.65
N GLN M 386 -13.95 42.40 57.71
CA GLN M 386 -12.51 42.57 57.97
C GLN M 386 -12.15 44.05 58.18
N THR M 387 -12.78 44.92 57.37
CA THR M 387 -12.51 46.36 57.41
C THR M 387 -12.83 47.04 58.76
N VAL M 388 -13.92 46.65 59.41
CA VAL M 388 -14.25 47.31 60.69
C VAL M 388 -13.33 46.92 61.88
N LYS M 389 -13.13 45.63 62.13
CA LYS M 389 -12.28 45.13 63.23
C LYS M 389 -10.75 45.32 63.11
N ASP M 390 -10.22 45.38 61.90
CA ASP M 390 -8.78 45.53 61.69
C ASP M 390 -8.20 46.91 62.12
N SER M 391 -8.99 47.96 61.94
CA SER M 391 -8.62 49.35 62.27
C SER M 391 -7.53 49.90 61.31
N ARG M 392 -7.36 49.22 60.18
CA ARG M 392 -6.43 49.64 59.11
C ARG M 392 -6.89 49.25 57.72
N THR M 393 -6.33 49.94 56.74
CA THR M 393 -6.57 49.71 55.31
C THR M 393 -5.40 50.32 54.50
N VAL M 394 -5.42 50.19 53.18
CA VAL M 394 -4.39 50.82 52.32
C VAL M 394 -5.05 51.61 51.18
N TYR M 395 -4.36 52.56 50.54
CA TYR M 395 -5.01 53.29 49.43
C TYR M 395 -5.20 52.38 48.22
N GLY M 396 -6.35 52.52 47.56
CA GLY M 396 -6.67 51.70 46.41
C GLY M 396 -6.21 52.29 45.08
N GLY M 397 -6.64 51.66 43.99
CA GLY M 397 -6.28 52.13 42.65
C GLY M 397 -4.82 51.91 42.31
N GLY M 398 -4.18 50.99 43.03
CA GLY M 398 -2.79 50.69 42.78
C GLY M 398 -1.81 51.69 43.39
N CYS M 399 -2.32 52.58 44.24
CA CYS M 399 -1.45 53.59 44.87
C CYS M 399 -0.36 52.93 45.73
N SER M 400 -0.78 51.90 46.46
CA SER M 400 0.13 51.16 47.32
C SER M 400 1.29 50.48 46.60
N GLU M 401 1.01 49.89 45.43
CA GLU M 401 2.03 49.14 44.72
C GLU M 401 3.17 49.98 44.12
N MET M 402 2.86 51.15 43.55
CA MET M 402 3.94 51.92 42.92
C MET M 402 4.91 52.50 43.96
N LEU M 403 4.38 52.99 45.07
CA LEU M 403 5.24 53.60 46.11
C LEU M 403 6.25 52.56 46.63
N MET M 404 5.74 51.37 46.90
CA MET M 404 6.59 50.26 47.35
C MET M 404 7.66 49.94 46.30
N ALA M 405 7.26 49.97 45.02
CA ALA M 405 8.18 49.70 43.92
C ALA M 405 9.36 50.69 43.91
N HIS M 406 9.08 51.97 44.15
CA HIS M 406 10.12 52.98 44.21
C HIS M 406 11.16 52.69 45.32
N ALA M 407 10.66 52.24 46.46
CA ALA M 407 11.49 51.93 47.64
C ALA M 407 12.37 50.68 47.44
N VAL M 408 11.80 49.67 46.80
CA VAL M 408 12.47 48.38 46.59
C VAL M 408 13.66 48.39 45.60
N THR M 409 13.57 49.15 44.50
CA THR M 409 14.65 49.16 43.48
C THR M 409 16.02 49.62 44.00
N GLN M 410 16.07 50.66 44.86
CA GLN M 410 17.36 51.14 45.40
C GLN M 410 18.10 50.09 46.23
N LEU M 411 17.30 49.37 46.99
CA LEU M 411 17.77 48.35 47.93
C LEU M 411 18.53 47.19 47.29
N ALA M 412 18.08 46.71 46.14
CA ALA M 412 18.77 45.59 45.50
C ALA M 412 20.22 45.91 45.17
N SER M 413 20.49 47.10 44.64
CA SER M 413 21.86 47.48 44.32
C SER M 413 22.71 47.71 45.58
N ARG M 414 22.11 48.36 46.57
CA ARG M 414 22.80 48.62 47.85
C ARG M 414 23.08 47.38 48.73
N THR M 415 22.14 46.45 48.80
CA THR M 415 22.33 45.28 49.68
C THR M 415 23.36 44.26 49.13
N PRO M 416 24.40 43.97 49.95
CA PRO M 416 25.48 43.00 49.63
C PRO M 416 25.04 41.52 49.63
N GLY M 417 25.69 40.70 48.81
CA GLY M 417 25.39 39.27 48.75
C GLY M 417 24.78 38.75 47.44
N LYS M 418 24.13 37.61 47.56
CA LYS M 418 23.46 36.90 46.45
C LYS M 418 22.14 37.60 46.21
N GLU M 419 21.93 38.43 47.20
CA GLU M 419 20.80 39.28 47.45
C GLU M 419 20.52 40.31 46.35
N ALA M 420 21.60 40.88 45.81
CA ALA M 420 21.48 41.95 44.83
C ALA M 420 20.71 41.57 43.56
N VAL M 421 21.05 40.44 42.92
CA VAL M 421 20.29 40.04 41.72
C VAL M 421 18.87 39.60 42.09
N ALA M 422 18.78 38.87 43.19
CA ALA M 422 17.51 38.35 43.70
C ALA M 422 16.45 39.41 44.08
N MET M 423 16.85 40.40 44.87
CA MET M 423 15.93 41.45 45.32
C MET M 423 15.34 42.32 44.20
N GLU M 424 16.16 42.65 43.21
CA GLU M 424 15.73 43.50 42.08
C GLU M 424 14.57 42.87 41.29
N SER M 425 14.62 41.55 41.08
CA SER M 425 13.56 40.86 40.34
C SER M 425 12.19 41.01 41.03
N TYR M 426 12.19 40.93 42.37
CA TYR M 426 10.97 41.08 43.15
C TYR M 426 10.34 42.47 42.92
N ALA M 427 11.21 43.47 42.84
CA ALA M 427 10.82 44.87 42.65
C ALA M 427 10.04 45.12 41.35
N LYS M 428 10.47 44.48 40.26
CA LYS M 428 9.81 44.65 38.96
C LYS M 428 8.40 44.02 38.91
N ALA M 429 8.16 43.07 39.81
CA ALA M 429 6.85 42.40 39.90
C ALA M 429 5.72 43.40 40.19
N LEU M 430 6.03 44.36 41.05
CA LEU M 430 5.11 45.42 41.45
C LEU M 430 4.66 46.29 40.27
N ARG M 431 5.54 46.41 39.30
CA ARG M 431 5.31 47.23 38.10
C ARG M 431 4.08 46.77 37.30
N MET M 432 3.88 45.47 37.18
CA MET M 432 2.74 44.95 36.43
C MET M 432 1.36 45.39 36.97
N LEU M 433 1.18 45.43 38.31
CA LEU M 433 -0.14 45.82 38.88
C LEU M 433 -0.66 47.15 38.31
N PRO M 434 0.13 48.26 38.29
CA PRO M 434 -0.31 49.52 37.66
C PRO M 434 -0.77 49.30 36.22
N THR M 435 -0.03 48.43 35.53
CA THR M 435 -0.31 48.08 34.13
C THR M 435 -1.63 47.32 33.99
N ILE M 436 -1.89 46.41 34.92
CA ILE M 436 -3.10 45.59 34.86
C ILE M 436 -4.35 46.43 35.13
N ILE M 437 -4.27 47.34 36.10
CA ILE M 437 -5.40 48.19 36.42
C ILE M 437 -5.72 49.13 35.25
N ALA M 438 -4.68 49.66 34.63
CA ALA M 438 -4.82 50.53 33.47
C ALA M 438 -5.29 49.80 32.20
N ASP M 439 -4.76 48.60 31.98
CA ASP M 439 -5.08 47.80 30.79
C ASP M 439 -6.57 47.46 30.69
N ASN M 440 -7.18 47.12 31.83
CA ASN M 440 -8.61 46.79 31.85
C ASN M 440 -9.42 48.06 31.53
N ALA M 441 -8.88 49.18 31.97
CA ALA M 441 -9.49 50.49 31.72
C ALA M 441 -9.57 50.70 30.22
N GLY M 442 -8.51 50.29 29.52
CA GLY M 442 -8.44 50.42 28.06
C GLY M 442 -7.46 51.47 27.56
N TYR M 443 -6.93 52.30 28.46
CA TYR M 443 -5.95 53.32 28.07
C TYR M 443 -4.59 52.71 27.80
N ASP M 444 -3.75 53.43 27.06
CA ASP M 444 -2.43 52.94 26.71
C ASP M 444 -1.63 52.71 28.00
N SER M 445 -1.23 51.44 28.20
CA SER M 445 -0.55 51.00 29.43
C SER M 445 0.80 51.65 29.77
N ALA M 446 1.65 51.91 28.79
CA ALA M 446 2.98 52.49 29.07
C ALA M 446 2.92 53.92 29.56
N ASP M 447 2.08 54.71 28.92
CA ASP M 447 1.92 56.10 29.31
C ASP M 447 1.44 56.20 30.76
N LEU M 448 0.49 55.31 31.07
CA LEU M 448 -0.11 55.22 32.39
C LEU M 448 0.92 54.91 33.49
N VAL M 449 1.74 53.89 33.25
CA VAL M 449 2.76 53.46 34.22
C VAL M 449 3.74 54.57 34.54
N ALA M 450 4.22 55.18 33.47
CA ALA M 450 5.18 56.24 33.54
C ALA M 450 4.69 57.47 34.32
N GLN M 451 3.50 57.96 33.98
CA GLN M 451 2.90 59.10 34.67
C GLN M 451 2.67 58.80 36.17
N LEU M 452 2.26 57.56 36.43
CA LEU M 452 2.01 57.07 37.78
C LEU M 452 3.23 57.14 38.69
N ARG M 453 4.36 56.66 38.20
CA ARG M 453 5.58 56.64 39.00
C ARG M 453 6.03 58.01 39.45
N ALA M 454 5.93 59.01 38.57
CA ALA M 454 6.35 60.36 38.93
C ALA M 454 5.58 60.94 40.13
N ALA M 455 4.26 60.72 40.20
CA ALA M 455 3.46 61.25 41.32
C ALA M 455 3.74 60.55 42.67
N HIS M 456 3.91 59.23 42.63
CA HIS M 456 4.23 58.43 43.84
C HIS M 456 5.62 58.73 44.38
N SER M 457 6.56 58.88 43.47
CA SER M 457 7.96 59.22 43.78
C SER M 457 8.01 60.54 44.53
N GLU M 458 7.17 61.47 44.09
CA GLU M 458 7.09 62.82 44.65
C GLU M 458 6.73 62.79 46.14
N GLY M 459 5.82 61.91 46.55
CA GLY M 459 5.46 61.82 47.95
C GLY M 459 3.97 61.92 48.23
N LYS M 460 3.15 61.84 47.19
CA LYS M 460 1.71 61.93 47.41
C LYS M 460 1.10 60.52 47.40
N THR M 461 0.72 60.09 48.60
CA THR M 461 0.12 58.76 48.82
C THR M 461 -1.30 58.66 48.25
N THR M 462 -2.05 59.74 48.39
CA THR M 462 -3.44 59.81 47.91
C THR M 462 -3.54 59.58 46.40
N ALA M 463 -2.61 60.16 45.65
CA ALA M 463 -2.60 60.02 44.19
C ALA M 463 -2.48 58.56 43.76
N GLY M 464 -3.22 58.19 42.73
CA GLY M 464 -3.21 56.81 42.23
C GLY M 464 -3.72 56.70 40.81
N LEU M 465 -4.05 55.50 40.38
CA LEU M 465 -4.54 55.32 39.01
C LEU M 465 -6.03 55.59 38.94
N ASP M 466 -6.42 56.56 38.15
CA ASP M 466 -7.82 56.79 37.98
C ASP M 466 -8.19 56.37 36.58
N MET M 467 -8.90 55.29 36.53
CA MET M 467 -9.34 54.65 35.30
C MET M 467 -10.39 55.49 34.57
N LYS M 468 -11.28 56.07 35.35
CA LYS M 468 -12.34 56.91 34.82
C LYS M 468 -11.74 58.17 34.17
N GLU M 469 -10.71 58.71 34.84
CA GLU M 469 -9.93 59.87 34.39
C GLU M 469 -9.07 59.55 33.15
N GLY M 470 -8.48 58.36 33.16
CA GLY M 470 -7.57 57.94 32.10
C GLY M 470 -6.12 58.25 32.42
N THR M 471 -5.91 58.99 33.48
CA THR M 471 -4.57 59.34 33.95
C THR M 471 -4.42 59.01 35.45
N ILE M 472 -3.87 59.92 36.20
CA ILE M 472 -3.68 59.74 37.63
C ILE M 472 -4.45 60.82 38.38
N GLY M 473 -4.92 60.50 39.57
CA GLY M 473 -5.69 61.45 40.35
C GLY M 473 -5.70 61.13 41.83
N ASP M 474 -6.50 61.86 42.59
CA ASP M 474 -6.56 61.66 44.03
C ASP M 474 -7.58 60.57 44.38
N MET M 475 -7.04 59.43 44.82
CA MET M 475 -7.82 58.24 45.17
C MET M 475 -8.82 58.48 46.32
N SER M 476 -8.40 59.25 47.32
CA SER M 476 -9.25 59.54 48.50
C SER M 476 -10.56 60.25 48.13
N VAL M 477 -10.53 61.14 47.13
CA VAL M 477 -11.76 61.83 46.70
C VAL M 477 -12.78 60.79 46.24
N LEU M 478 -12.28 59.81 45.49
CA LEU M 478 -13.07 58.65 45.06
C LEU M 478 -13.54 57.91 46.30
N GLY M 479 -12.62 57.85 47.26
CA GLY M 479 -12.85 57.19 48.53
C GLY M 479 -12.38 55.75 48.55
N ILE M 480 -11.92 55.26 47.42
CA ILE M 480 -11.49 53.87 47.33
C ILE M 480 -10.31 53.55 48.25
N THR M 481 -10.50 52.50 49.03
CA THR M 481 -9.53 52.02 49.98
C THR M 481 -9.49 50.49 49.97
N GLU M 482 -8.36 49.91 50.31
CA GLU M 482 -8.21 48.45 50.32
C GLU M 482 -7.98 47.95 51.75
N SER M 483 -8.53 46.80 52.10
CA SER M 483 -8.35 46.27 53.46
C SER M 483 -6.87 46.04 53.80
N PHE M 484 -6.50 46.38 55.03
CA PHE M 484 -5.13 46.27 55.55
C PHE M 484 -4.63 44.82 55.49
N GLN M 485 -5.52 43.89 55.82
CA GLN M 485 -5.20 42.46 55.82
C GLN M 485 -4.77 41.99 54.44
N VAL M 486 -5.37 42.50 53.37
CA VAL M 486 -4.96 42.01 52.06
C VAL M 486 -3.47 42.28 51.85
N LYS M 487 -2.98 43.47 52.22
CA LYS M 487 -1.56 43.73 52.07
C LYS M 487 -0.62 42.94 53.02
N ARG M 488 -0.95 42.76 54.31
CA ARG M 488 -0.02 41.99 55.18
C ARG M 488 0.05 40.51 54.86
N GLN M 489 -1.10 39.89 54.60
CA GLN M 489 -1.11 38.47 54.27
C GLN M 489 -0.51 38.16 52.92
N VAL M 490 -0.79 39.00 51.92
CA VAL M 490 -0.25 38.77 50.59
C VAL M 490 1.27 38.78 50.56
N LEU M 491 1.89 39.70 51.31
CA LEU M 491 3.34 39.77 51.29
C LEU M 491 4.02 38.58 51.97
N LEU M 492 3.47 38.12 53.10
CA LEU M 492 4.04 36.96 53.77
C LEU M 492 3.83 35.66 53.00
N SER M 493 2.61 35.51 52.51
CA SER M 493 2.19 34.33 51.73
C SER M 493 2.82 34.20 50.36
N ALA M 494 2.95 35.33 49.65
CA ALA M 494 3.49 35.32 48.29
C ALA M 494 4.91 34.80 48.23
N ALA M 495 5.74 35.18 49.20
CA ALA M 495 7.11 34.71 49.22
C ALA M 495 7.18 33.22 49.52
N GLU M 496 6.34 32.76 50.45
CA GLU M 496 6.30 31.34 50.82
C GLU M 496 5.71 30.47 49.69
N ALA M 497 4.68 30.99 49.03
CA ALA M 497 4.03 30.28 47.92
C ALA M 497 4.93 30.22 46.70
N ALA M 498 5.61 31.31 46.43
CA ALA M 498 6.52 31.39 45.30
C ALA M 498 7.72 30.44 45.47
N GLU M 499 8.25 30.33 46.69
CA GLU M 499 9.39 29.44 46.94
C GLU M 499 9.08 27.98 46.65
N VAL M 500 7.88 27.56 47.05
CA VAL M 500 7.47 26.15 46.97
C VAL M 500 7.23 25.59 45.57
N ILE M 501 6.63 26.34 44.66
CA ILE M 501 6.32 25.81 43.31
C ILE M 501 7.57 25.36 42.56
N LEU M 502 8.60 26.19 42.60
CA LEU M 502 9.89 25.90 41.98
C LEU M 502 10.50 24.60 42.59
N ARG M 503 10.34 24.50 43.91
CA ARG M 503 10.85 23.40 44.74
C ARG M 503 10.30 22.00 44.35
N VAL M 504 8.99 21.93 44.00
CA VAL M 504 8.29 20.63 43.76
C VAL M 504 8.52 19.96 42.37
N ASP M 505 7.41 19.47 41.76
CA ASP M 505 7.43 18.71 40.48
C ASP M 505 6.09 18.66 39.72
N ASN M 506 5.46 17.47 39.82
CA ASN M 506 4.24 17.08 39.08
C ASN M 506 2.99 17.97 39.34
N ILE M 507 2.73 18.38 40.58
CA ILE M 507 1.60 19.31 40.90
C ILE M 507 0.25 18.67 41.37
N ILE M 508 0.42 17.78 42.27
CA ILE M 508 -0.63 17.07 42.98
C ILE M 508 -1.81 16.39 42.26
N LYS M 509 -1.57 15.09 42.21
CA LYS M 509 -2.49 14.01 41.89
C LYS M 509 -3.40 14.02 40.64
N ALA M 510 -3.30 12.87 39.93
CA ALA M 510 -4.10 12.57 38.74
C ALA M 510 -3.71 11.20 38.15
N ALA M 511 -2.67 11.18 37.34
CA ALA M 511 -2.14 9.97 36.70
C ALA M 511 -0.62 10.09 36.55
N PRO M 512 0.13 9.01 36.21
CA PRO M 512 1.58 9.12 36.04
C PRO M 512 1.95 10.13 34.95
N ARG M 513 2.99 10.91 35.20
CA ARG M 513 3.43 11.99 34.29
C ARG M 513 2.33 13.07 34.14
N ALA N 1 -44.33 13.41 -6.59
CA ALA N 1 -44.97 12.19 -7.14
C ALA N 1 -44.28 10.94 -6.62
N GLY N 2 -45.02 10.13 -5.87
CA GLY N 2 -44.47 8.92 -5.30
C GLY N 2 -44.58 7.67 -6.18
N ALA N 3 -44.06 6.58 -5.64
CA ALA N 3 -44.06 5.23 -6.26
C ALA N 3 -43.48 5.18 -7.68
N ASP N 4 -43.33 3.96 -8.18
CA ASP N 4 -42.80 3.72 -9.53
C ASP N 4 -43.95 3.70 -10.52
N GLU N 5 -44.20 4.82 -11.20
CA GLU N 5 -45.30 4.87 -12.15
C GLU N 5 -44.74 4.71 -13.59
N GLU N 6 -45.01 3.57 -14.27
CA GLU N 6 -44.47 3.34 -15.63
C GLU N 6 -45.46 2.96 -16.77
N ARG N 7 -45.67 3.85 -17.76
CA ARG N 7 -46.41 3.49 -18.99
C ARG N 7 -45.88 4.32 -20.15
N ALA N 8 -45.36 3.60 -21.16
CA ALA N 8 -44.68 4.14 -22.34
C ALA N 8 -43.53 3.18 -22.59
N GLU N 9 -42.30 3.66 -22.84
CA GLU N 9 -41.20 2.70 -22.95
C GLU N 9 -41.12 1.99 -21.62
N THR N 10 -41.39 2.75 -20.56
CA THR N 10 -41.28 2.23 -19.22
C THR N 10 -42.21 1.03 -18.94
N ALA N 11 -43.49 1.10 -19.34
CA ALA N 11 -44.37 -0.06 -19.17
C ALA N 11 -44.03 -1.14 -20.18
N ARG N 12 -43.84 -0.70 -21.43
CA ARG N 12 -43.54 -1.58 -22.54
C ARG N 12 -42.26 -2.38 -22.34
N LEU N 13 -41.22 -1.72 -21.86
CA LEU N 13 -39.94 -2.37 -21.60
C LEU N 13 -40.12 -3.49 -20.57
N SER N 14 -40.79 -3.17 -19.45
CA SER N 14 -41.02 -4.19 -18.42
C SER N 14 -41.86 -5.36 -18.96
N SER N 15 -42.87 -5.03 -19.76
CA SER N 15 -43.69 -6.06 -20.41
C SER N 15 -42.84 -6.92 -21.36
N PHE N 16 -41.95 -6.21 -22.06
CA PHE N 16 -41.01 -6.80 -23.02
C PHE N 16 -40.09 -7.80 -22.34
N ILE N 17 -39.52 -7.37 -21.21
CA ILE N 17 -38.58 -8.19 -20.47
C ILE N 17 -39.26 -9.39 -19.81
N GLY N 18 -40.46 -9.21 -19.26
CA GLY N 18 -41.19 -10.31 -18.66
C GLY N 18 -41.50 -11.44 -19.63
N ALA N 19 -41.86 -11.06 -20.85
CA ALA N 19 -42.20 -12.01 -21.91
C ALA N 19 -41.00 -12.82 -22.43
N ILE N 20 -39.84 -12.16 -22.58
CA ILE N 20 -38.65 -12.85 -23.09
C ILE N 20 -38.14 -13.95 -22.13
N ALA N 21 -38.16 -13.68 -20.83
CA ALA N 21 -37.70 -14.65 -19.83
C ALA N 21 -38.54 -15.94 -19.80
N ILE N 22 -39.85 -15.79 -19.93
CA ILE N 22 -40.78 -16.92 -19.92
C ILE N 22 -40.66 -17.79 -21.18
N GLY N 23 -40.46 -17.15 -22.33
CA GLY N 23 -40.38 -17.86 -23.59
C GLY N 23 -39.24 -18.88 -23.69
N ASP N 24 -38.07 -18.57 -23.17
CA ASP N 24 -36.96 -19.53 -23.24
C ASP N 24 -37.21 -20.85 -22.50
N LEU N 25 -37.81 -20.81 -21.31
CA LEU N 25 -38.10 -22.07 -20.58
C LEU N 25 -39.20 -22.89 -21.25
N VAL N 26 -40.21 -22.17 -21.73
CA VAL N 26 -41.36 -22.77 -22.40
C VAL N 26 -41.07 -23.36 -23.79
N LYS N 27 -40.20 -22.73 -24.58
CA LYS N 27 -39.97 -23.19 -25.97
C LYS N 27 -39.47 -24.64 -26.01
N SER N 28 -38.57 -25.00 -25.08
CA SER N 28 -38.02 -26.36 -25.03
C SER N 28 -39.08 -27.37 -24.59
N THR N 29 -40.08 -26.87 -23.89
CA THR N 29 -41.21 -27.65 -23.38
C THR N 29 -42.09 -28.34 -24.45
N LEU N 30 -42.33 -27.63 -25.54
CA LEU N 30 -43.20 -28.12 -26.64
C LEU N 30 -42.58 -29.25 -27.47
N GLY N 31 -43.46 -30.08 -28.05
CA GLY N 31 -43.03 -31.13 -28.99
C GLY N 31 -42.36 -32.38 -28.43
N PRO N 32 -42.10 -33.37 -29.32
CA PRO N 32 -41.53 -34.72 -28.98
C PRO N 32 -40.28 -34.72 -28.11
N LYS N 33 -39.40 -33.79 -28.35
CA LYS N 33 -38.18 -33.70 -27.55
C LYS N 33 -38.33 -32.63 -26.50
N GLY N 34 -39.59 -32.26 -26.23
CA GLY N 34 -39.88 -31.27 -25.21
C GLY N 34 -39.15 -31.65 -23.94
N MET N 35 -38.62 -30.67 -23.28
CA MET N 35 -37.78 -30.95 -22.14
C MET N 35 -38.42 -30.64 -20.81
N ASP N 36 -38.24 -31.59 -19.89
CA ASP N 36 -38.78 -31.48 -18.54
C ASP N 36 -37.91 -30.60 -17.69
N LYS N 37 -38.55 -29.73 -16.95
CA LYS N 37 -37.82 -28.83 -16.11
C LYS N 37 -38.23 -29.05 -14.66
N ILE N 38 -37.27 -28.99 -13.76
CA ILE N 38 -37.57 -29.09 -12.34
C ILE N 38 -37.11 -27.83 -11.69
N LEU N 39 -38.00 -27.22 -10.95
CA LEU N 39 -37.66 -25.98 -10.33
C LEU N 39 -37.51 -26.10 -8.83
N LEU N 40 -36.41 -25.58 -8.40
CA LEU N 40 -36.05 -25.54 -7.01
C LEU N 40 -35.89 -24.09 -6.63
N SER N 41 -36.50 -23.66 -5.57
CA SER N 41 -36.33 -22.26 -5.21
C SER N 41 -35.55 -22.19 -3.93
N SER N 42 -34.50 -21.38 -3.92
CA SER N 42 -33.70 -21.28 -2.72
C SER N 42 -34.39 -20.34 -1.75
N GLY N 43 -34.91 -20.96 -0.72
CA GLY N 43 -35.62 -20.24 0.30
C GLY N 43 -37.13 -20.33 0.14
N ARG N 44 -37.78 -20.49 1.28
CA ARG N 44 -39.24 -20.55 1.43
C ARG N 44 -39.89 -21.74 0.66
N ASP N 45 -39.06 -22.73 0.32
CA ASP N 45 -39.46 -24.01 -0.33
C ASP N 45 -38.34 -25.03 -0.08
N ALA N 46 -38.67 -26.32 0.00
CA ALA N 46 -37.65 -27.35 0.31
C ALA N 46 -37.47 -28.45 -0.76
N SER N 47 -38.05 -28.32 -1.94
CA SER N 47 -37.95 -29.38 -2.95
C SER N 47 -38.05 -28.87 -4.39
N LEU N 48 -37.75 -29.73 -5.34
CA LEU N 48 -37.84 -29.38 -6.75
C LEU N 48 -39.14 -29.90 -7.31
N MET N 49 -39.86 -29.05 -8.00
CA MET N 49 -41.13 -29.46 -8.57
C MET N 49 -40.95 -29.77 -10.04
N VAL N 50 -41.42 -30.94 -10.45
CA VAL N 50 -41.28 -31.33 -11.84
C VAL N 50 -42.55 -31.02 -12.61
N THR N 51 -42.44 -30.03 -13.45
CA THR N 51 -43.55 -29.63 -14.30
C THR N 51 -43.04 -29.12 -15.64
N ASN N 52 -43.31 -29.82 -16.73
CA ASN N 52 -42.95 -29.26 -18.02
C ASN N 52 -44.27 -28.89 -18.70
N ASP N 53 -45.27 -28.78 -17.85
CA ASP N 53 -46.60 -28.32 -18.25
C ASP N 53 -46.53 -26.82 -18.02
N GLY N 54 -46.54 -26.05 -19.08
CA GLY N 54 -46.38 -24.61 -18.93
C GLY N 54 -47.45 -23.96 -18.07
N ALA N 55 -48.69 -24.37 -18.22
CA ALA N 55 -49.77 -23.80 -17.42
C ALA N 55 -49.58 -23.99 -15.89
N THR N 56 -49.29 -25.23 -15.48
CA THR N 56 -49.14 -25.56 -14.04
C THR N 56 -48.00 -24.82 -13.30
N ILE N 57 -46.81 -24.77 -13.90
CA ILE N 57 -45.67 -24.12 -13.24
C ILE N 57 -45.78 -22.59 -13.14
N LEU N 58 -46.28 -21.94 -14.19
CA LEU N 58 -46.40 -20.48 -14.18
C LEU N 58 -47.34 -19.96 -13.06
N LYS N 59 -48.44 -20.67 -12.84
CA LYS N 59 -49.43 -20.34 -11.79
C LYS N 59 -48.84 -20.34 -10.37
N ASN N 60 -47.99 -21.31 -10.13
CA ASN N 60 -47.38 -21.56 -8.83
C ASN N 60 -46.54 -20.41 -8.24
N ILE N 61 -45.75 -19.71 -9.05
CA ILE N 61 -44.85 -18.72 -8.47
C ILE N 61 -44.89 -17.28 -9.03
N GLY N 62 -44.99 -16.32 -8.11
CA GLY N 62 -44.93 -14.89 -8.46
C GLY N 62 -43.54 -14.38 -8.10
N VAL N 63 -42.60 -14.77 -8.95
CA VAL N 63 -41.16 -14.51 -8.78
C VAL N 63 -40.70 -13.03 -8.75
N ASP N 64 -41.25 -12.16 -9.59
CA ASP N 64 -40.68 -10.80 -9.71
C ASP N 64 -41.68 -9.63 -9.61
N ASN N 65 -41.09 -8.42 -9.46
CA ASN N 65 -41.84 -7.16 -9.46
C ASN N 65 -42.40 -6.84 -10.88
N PRO N 66 -41.66 -7.17 -12.00
CA PRO N 66 -42.15 -6.97 -13.38
C PRO N 66 -43.44 -7.73 -13.70
N ALA N 67 -44.22 -7.15 -14.60
CA ALA N 67 -45.50 -7.71 -15.00
C ALA N 67 -45.39 -8.98 -15.85
N ALA N 68 -46.16 -9.98 -15.45
CA ALA N 68 -46.22 -11.27 -16.15
C ALA N 68 -47.20 -12.22 -15.45
N LYS N 69 -47.41 -11.99 -14.16
CA LYS N 69 -48.28 -12.83 -13.33
C LYS N 69 -49.73 -12.85 -13.83
N VAL N 70 -50.24 -11.70 -14.26
CA VAL N 70 -51.61 -11.63 -14.79
C VAL N 70 -51.72 -12.34 -16.15
N LEU N 71 -50.70 -12.16 -16.99
CA LEU N 71 -50.66 -12.83 -18.30
C LEU N 71 -50.69 -14.33 -18.08
N VAL N 72 -49.90 -14.74 -17.10
CA VAL N 72 -49.81 -16.12 -16.67
C VAL N 72 -51.12 -16.67 -16.15
N ASP N 73 -51.83 -15.86 -15.38
CA ASP N 73 -53.09 -16.27 -14.79
C ASP N 73 -54.08 -16.66 -15.88
N MET N 74 -54.11 -15.91 -16.99
CA MET N 74 -55.01 -16.29 -18.06
C MET N 74 -54.29 -17.29 -18.96
N SER N 75 -54.65 -18.52 -18.71
CA SER N 75 -54.16 -19.70 -19.41
C SER N 75 -54.97 -20.84 -18.83
N ARG N 76 -55.07 -20.80 -17.50
CA ARG N 76 -55.90 -21.71 -16.73
C ARG N 76 -57.38 -21.59 -17.10
N VAL N 77 -57.86 -20.36 -17.32
CA VAL N 77 -59.25 -20.16 -17.76
C VAL N 77 -59.42 -20.89 -19.09
N GLN N 78 -58.38 -20.77 -19.91
CA GLN N 78 -58.26 -21.48 -21.17
C GLN N 78 -58.25 -22.98 -20.91
N ASP N 79 -57.53 -23.37 -19.84
CA ASP N 79 -57.39 -24.77 -19.46
C ASP N 79 -58.54 -25.23 -18.55
N ASP N 80 -59.64 -25.51 -19.22
CA ASP N 80 -60.86 -26.01 -18.63
C ASP N 80 -61.86 -26.20 -19.75
N GLU N 81 -61.65 -25.39 -20.80
CA GLU N 81 -62.40 -25.54 -22.04
C GLU N 81 -61.53 -26.51 -22.83
N VAL N 82 -60.48 -26.02 -23.46
CA VAL N 82 -59.48 -26.92 -24.04
C VAL N 82 -58.22 -26.80 -23.19
N GLY N 83 -57.61 -25.62 -23.31
CA GLY N 83 -56.40 -25.26 -22.57
C GLY N 83 -55.12 -25.75 -23.16
N ASP N 84 -55.03 -27.04 -23.23
CA ASP N 84 -53.87 -27.76 -23.68
C ASP N 84 -53.81 -28.09 -25.18
N GLY N 85 -52.77 -28.84 -25.41
CA GLY N 85 -52.34 -29.40 -26.68
C GLY N 85 -50.85 -29.48 -26.56
N THR N 86 -50.28 -28.29 -26.58
CA THR N 86 -48.88 -28.02 -26.32
C THR N 86 -48.86 -26.59 -25.80
N THR N 87 -47.88 -26.16 -25.02
CA THR N 87 -47.95 -24.77 -24.56
C THR N 87 -47.34 -23.83 -25.60
N SER N 88 -48.20 -23.36 -26.51
CA SER N 88 -47.76 -22.47 -27.58
C SER N 88 -48.29 -21.03 -27.44
N VAL N 89 -49.41 -20.88 -26.75
CA VAL N 89 -50.08 -19.57 -26.63
C VAL N 89 -49.22 -18.47 -25.97
N THR N 90 -48.51 -18.84 -24.92
CA THR N 90 -47.67 -17.88 -24.20
C THR N 90 -46.46 -17.42 -25.04
N VAL N 91 -45.87 -18.37 -25.76
CA VAL N 91 -44.69 -18.11 -26.59
C VAL N 91 -44.97 -17.08 -27.70
N LEU N 92 -46.10 -17.26 -28.39
CA LEU N 92 -46.51 -16.36 -29.48
C LEU N 92 -46.72 -14.92 -29.03
N ALA N 93 -47.31 -14.75 -27.86
CA ALA N 93 -47.56 -13.41 -27.34
C ALA N 93 -46.26 -12.67 -27.09
N ALA N 94 -45.28 -13.40 -26.55
CA ALA N 94 -43.96 -12.84 -26.22
C ALA N 94 -43.21 -12.28 -27.43
N GLU N 95 -43.19 -13.00 -28.54
CA GLU N 95 -42.44 -12.57 -29.74
C GLU N 95 -43.05 -11.34 -30.40
N LEU N 96 -44.34 -11.15 -30.18
CA LEU N 96 -45.07 -10.01 -30.74
C LEU N 96 -44.43 -8.70 -30.22
N LEU N 97 -44.05 -8.72 -28.94
CA LEU N 97 -43.38 -7.62 -28.23
C LEU N 97 -42.03 -7.22 -28.88
N ARG N 98 -41.25 -8.20 -29.37
CA ARG N 98 -39.91 -7.93 -29.97
C ARG N 98 -39.94 -6.93 -31.12
N GLU N 99 -41.01 -6.90 -31.90
CA GLU N 99 -41.13 -5.94 -33.00
C GLU N 99 -41.26 -4.50 -32.49
N ALA N 100 -41.67 -4.35 -31.22
CA ALA N 100 -41.88 -3.02 -30.61
C ALA N 100 -40.61 -2.16 -30.62
N GLU N 101 -39.43 -2.76 -30.48
CA GLU N 101 -38.18 -1.98 -30.57
C GLU N 101 -38.12 -1.32 -31.96
N SER N 102 -38.54 -2.06 -32.97
CA SER N 102 -38.64 -1.55 -34.35
C SER N 102 -39.62 -0.36 -34.37
N LEU N 103 -40.69 -0.50 -33.60
CA LEU N 103 -41.73 0.54 -33.47
C LEU N 103 -41.16 1.88 -32.93
N ILE N 104 -40.23 1.85 -31.98
CA ILE N 104 -39.64 3.11 -31.49
C ILE N 104 -38.95 3.83 -32.67
N ALA N 105 -38.39 3.05 -33.59
CA ALA N 105 -37.74 3.58 -34.79
C ALA N 105 -38.73 4.38 -35.64
N LYS N 106 -39.98 3.91 -35.75
CA LYS N 106 -41.02 4.64 -36.52
C LYS N 106 -41.50 5.86 -35.71
N LYS N 107 -41.07 5.92 -34.44
CA LYS N 107 -41.31 7.03 -33.48
C LYS N 107 -42.64 7.83 -33.60
N ILE N 108 -43.77 7.17 -33.47
CA ILE N 108 -45.11 7.81 -33.53
C ILE N 108 -46.08 7.26 -32.50
N HIS N 109 -47.29 7.82 -32.46
CA HIS N 109 -48.34 7.32 -31.60
C HIS N 109 -48.58 5.86 -32.03
N PRO N 110 -48.24 4.92 -31.15
CA PRO N 110 -48.29 3.49 -31.43
C PRO N 110 -49.68 2.87 -31.34
N GLN N 111 -50.62 3.64 -30.82
CA GLN N 111 -52.01 3.21 -30.66
C GLN N 111 -52.63 2.88 -32.02
N THR N 112 -52.25 3.61 -33.05
CA THR N 112 -52.72 3.34 -34.41
C THR N 112 -52.28 1.91 -34.76
N ILE N 113 -51.07 1.58 -34.32
CA ILE N 113 -50.47 0.27 -34.48
C ILE N 113 -51.39 -0.77 -33.77
N ILE N 114 -51.99 -0.40 -32.64
CA ILE N 114 -52.99 -1.28 -31.94
C ILE N 114 -53.94 -2.00 -32.93
N ALA N 115 -54.05 -1.48 -34.16
CA ALA N 115 -54.87 -2.10 -35.19
C ALA N 115 -54.46 -3.57 -35.42
N GLY N 116 -53.25 -3.92 -35.00
CA GLY N 116 -52.75 -5.30 -35.10
C GLY N 116 -53.64 -6.27 -34.33
N TRP N 117 -54.15 -5.80 -33.23
CA TRP N 117 -55.07 -6.55 -32.39
C TRP N 117 -56.41 -6.69 -33.09
N ARG N 118 -56.80 -5.64 -33.79
CA ARG N 118 -57.99 -5.70 -34.64
C ARG N 118 -57.73 -6.79 -35.67
N GLU N 119 -56.48 -6.80 -36.15
CA GLU N 119 -56.00 -7.75 -37.14
C GLU N 119 -56.09 -9.15 -36.56
N ALA N 120 -55.74 -9.24 -35.28
CA ALA N 120 -55.80 -10.49 -34.54
C ALA N 120 -57.23 -11.00 -34.52
N THR N 121 -58.18 -10.08 -34.35
CA THR N 121 -59.59 -10.43 -34.35
C THR N 121 -60.01 -11.06 -35.67
N LYS N 122 -59.70 -10.41 -36.80
CA LYS N 122 -60.06 -11.00 -38.11
C LYS N 122 -59.36 -12.33 -38.33
N ALA N 123 -58.09 -12.40 -37.95
CA ALA N 123 -57.32 -13.62 -38.11
C ALA N 123 -57.86 -14.74 -37.24
N ALA N 124 -58.25 -14.40 -36.01
CA ALA N 124 -58.82 -15.36 -35.08
C ALA N 124 -60.10 -16.00 -35.61
N ARG N 125 -61.01 -15.15 -36.05
CA ARG N 125 -62.28 -15.61 -36.61
C ARG N 125 -62.09 -16.28 -37.97
N GLN N 126 -61.09 -15.82 -38.71
CA GLN N 126 -60.76 -16.37 -40.02
C GLN N 126 -60.41 -17.86 -39.92
N ALA N 127 -59.67 -18.22 -38.87
CA ALA N 127 -59.29 -19.62 -38.64
C ALA N 127 -60.46 -20.41 -38.03
N LEU N 128 -61.50 -19.68 -37.63
CA LEU N 128 -62.71 -20.30 -37.08
C LEU N 128 -63.72 -20.60 -38.19
N LEU N 129 -63.44 -20.13 -39.41
CA LEU N 129 -64.34 -20.35 -40.56
C LEU N 129 -63.64 -21.01 -41.76
N ASN N 130 -62.41 -20.60 -42.03
CA ASN N 130 -61.63 -21.12 -43.17
C ASN N 130 -60.92 -22.45 -42.89
N SER N 131 -60.94 -23.31 -43.92
CA SER N 131 -60.29 -24.65 -43.93
C SER N 131 -61.28 -25.80 -43.66
N ALA N 132 -60.73 -26.98 -43.43
CA ALA N 132 -61.51 -28.18 -43.15
C ALA N 132 -61.53 -28.51 -41.65
N VAL N 133 -62.68 -28.96 -41.19
CA VAL N 133 -62.92 -29.28 -39.78
C VAL N 133 -63.55 -30.68 -39.65
N ASP N 134 -63.47 -31.31 -38.49
CA ASP N 134 -64.04 -32.65 -38.35
C ASP N 134 -65.59 -32.63 -38.34
N HIS N 135 -66.17 -33.66 -38.94
CA HIS N 135 -67.63 -33.83 -38.94
C HIS N 135 -68.02 -35.04 -38.07
N GLY N 136 -67.01 -35.80 -37.67
CA GLY N 136 -67.19 -37.02 -36.87
C GLY N 136 -67.65 -36.81 -35.43
N SER N 137 -67.05 -37.57 -34.52
CA SER N 137 -67.39 -37.51 -33.08
C SER N 137 -68.88 -37.87 -32.82
N ASP N 138 -69.28 -39.02 -33.38
CA ASP N 138 -70.66 -39.55 -33.26
C ASP N 138 -71.10 -39.79 -31.80
N GLU N 139 -70.17 -40.33 -31.00
CA GLU N 139 -70.36 -40.72 -29.56
C GLU N 139 -69.97 -42.18 -29.40
N VAL N 140 -68.97 -42.41 -28.54
CA VAL N 140 -68.38 -43.74 -28.34
C VAL N 140 -67.35 -43.90 -29.45
N LYS N 141 -67.86 -43.87 -30.68
CA LYS N 141 -67.09 -43.96 -31.92
C LYS N 141 -66.16 -45.18 -31.96
N PHE N 142 -66.23 -45.93 -33.06
CA PHE N 142 -65.45 -47.17 -33.13
C PHE N 142 -63.93 -46.93 -33.00
N ARG N 143 -63.33 -46.00 -33.77
CA ARG N 143 -61.87 -45.67 -33.63
C ARG N 143 -61.44 -44.24 -34.01
N GLN N 144 -62.39 -43.36 -34.22
CA GLN N 144 -62.10 -41.93 -34.42
C GLN N 144 -62.12 -41.31 -33.03
N ASP N 145 -62.33 -42.21 -32.07
CA ASP N 145 -62.44 -41.91 -30.66
C ASP N 145 -61.14 -41.27 -30.17
N LEU N 146 -60.00 -41.83 -30.57
CA LEU N 146 -58.69 -41.25 -30.26
C LEU N 146 -57.70 -41.61 -31.35
N MET N 147 -56.45 -41.79 -30.94
CA MET N 147 -55.31 -42.02 -31.83
C MET N 147 -55.09 -40.68 -32.54
N ASN N 148 -55.82 -39.68 -32.03
CA ASN N 148 -55.86 -38.34 -32.62
C ASN N 148 -55.15 -37.21 -31.83
N ILE N 149 -55.96 -36.42 -31.09
CA ILE N 149 -55.48 -35.26 -30.31
C ILE N 149 -54.59 -35.61 -29.13
N ALA N 150 -54.93 -36.68 -28.42
CA ALA N 150 -54.12 -37.12 -27.29
C ALA N 150 -52.74 -37.45 -27.82
N GLY N 151 -52.70 -38.04 -29.02
CA GLY N 151 -51.45 -38.36 -29.68
C GLY N 151 -50.63 -37.08 -29.91
N THR N 152 -51.30 -35.99 -30.31
CA THR N 152 -50.60 -34.69 -30.47
C THR N 152 -50.13 -34.14 -29.12
N THR N 153 -50.96 -34.28 -28.09
CA THR N 153 -50.57 -33.86 -26.74
C THR N 153 -49.34 -34.68 -26.35
N LEU N 154 -49.43 -35.95 -26.76
CA LEU N 154 -48.37 -36.95 -26.59
C LEU N 154 -47.18 -36.63 -27.49
N SER N 155 -47.44 -35.91 -28.56
CA SER N 155 -46.39 -35.57 -29.52
C SER N 155 -45.35 -34.77 -28.77
N SER N 156 -45.83 -33.90 -27.90
CA SER N 156 -44.97 -33.08 -27.04
C SER N 156 -44.09 -33.94 -26.10
N LYS N 157 -44.34 -35.23 -26.05
CA LYS N 157 -43.63 -36.09 -25.12
C LYS N 157 -42.75 -37.17 -25.81
N LEU N 158 -41.51 -37.34 -25.29
CA LEU N 158 -40.52 -38.33 -25.81
C LEU N 158 -41.03 -39.75 -25.71
N LEU N 159 -41.68 -39.98 -24.61
CA LEU N 159 -42.24 -41.26 -24.25
C LEU N 159 -43.20 -41.82 -25.34
N THR N 160 -43.64 -40.95 -26.26
CA THR N 160 -44.55 -41.35 -27.33
C THR N 160 -43.94 -42.26 -28.41
N HIS N 161 -43.70 -43.49 -28.00
CA HIS N 161 -43.29 -44.56 -28.90
C HIS N 161 -44.22 -45.73 -28.59
N HIS N 162 -44.19 -46.19 -27.34
CA HIS N 162 -45.15 -47.17 -26.82
C HIS N 162 -46.39 -46.41 -26.32
N LYS N 163 -46.12 -45.18 -25.88
CA LYS N 163 -47.09 -44.28 -25.26
C LYS N 163 -48.27 -43.93 -26.16
N ASP N 164 -48.05 -43.72 -27.46
CA ASP N 164 -49.18 -43.37 -28.34
C ASP N 164 -50.33 -44.39 -28.15
N HIS N 165 -49.97 -45.64 -27.86
CA HIS N 165 -50.94 -46.68 -27.51
C HIS N 165 -51.75 -46.32 -26.24
N PHE N 166 -51.04 -45.74 -25.27
CA PHE N 166 -51.60 -45.35 -23.94
C PHE N 166 -52.60 -44.23 -24.10
N THR N 167 -52.25 -43.33 -25.00
CA THR N 167 -53.06 -42.18 -25.33
C THR N 167 -54.41 -42.63 -25.88
N LYS N 168 -54.39 -43.69 -26.68
CA LYS N 168 -55.59 -44.30 -27.27
C LYS N 168 -56.53 -44.77 -26.16
N LEU N 169 -55.93 -45.33 -25.12
CA LEU N 169 -56.62 -45.90 -23.96
C LEU N 169 -57.47 -44.85 -23.24
N ALA N 170 -56.96 -43.63 -23.12
CA ALA N 170 -57.64 -42.55 -22.40
C ALA N 170 -59.08 -42.31 -22.91
N VAL N 171 -59.35 -42.42 -24.22
CA VAL N 171 -60.74 -42.27 -24.69
C VAL N 171 -61.68 -43.35 -24.19
N GLU N 172 -61.19 -44.56 -23.99
CA GLU N 172 -62.06 -45.60 -23.45
C GLU N 172 -62.54 -45.12 -22.09
N ALA N 173 -61.62 -44.50 -21.35
CA ALA N 173 -61.92 -43.92 -20.05
C ALA N 173 -62.99 -42.82 -20.16
N VAL N 174 -62.91 -41.98 -21.19
CA VAL N 174 -63.90 -40.92 -21.38
C VAL N 174 -65.26 -41.50 -21.79
N LEU N 175 -65.25 -42.56 -22.63
CA LEU N 175 -66.51 -43.16 -23.08
C LEU N 175 -67.33 -43.66 -21.89
N ARG N 176 -66.66 -44.28 -20.92
CA ARG N 176 -67.33 -44.70 -19.72
C ARG N 176 -67.74 -43.50 -18.86
N LEU N 177 -66.95 -42.43 -18.94
CA LEU N 177 -67.24 -41.20 -18.19
C LEU N 177 -67.90 -40.08 -19.02
N LYS N 178 -69.20 -40.20 -19.25
CA LYS N 178 -69.97 -39.16 -19.95
C LYS N 178 -71.47 -39.30 -19.65
N GLY N 179 -72.22 -38.24 -19.85
CA GLY N 179 -73.66 -38.31 -19.58
C GLY N 179 -74.04 -37.65 -18.26
N SER N 180 -74.94 -38.29 -17.53
CA SER N 180 -75.43 -37.79 -16.24
C SER N 180 -74.31 -37.60 -15.20
N GLY N 181 -73.38 -38.54 -15.15
CA GLY N 181 -72.30 -38.46 -14.18
C GLY N 181 -71.31 -37.34 -14.49
N ASN N 182 -70.87 -36.66 -13.44
CA ASN N 182 -69.92 -35.56 -13.58
C ASN N 182 -68.48 -36.05 -13.76
N LEU N 183 -67.60 -35.16 -14.20
CA LEU N 183 -66.19 -35.50 -14.40
C LEU N 183 -65.48 -35.47 -13.04
N GLU N 184 -65.86 -36.46 -12.24
CA GLU N 184 -65.39 -36.63 -10.87
C GLU N 184 -64.12 -37.48 -10.73
N ALA N 185 -64.14 -38.30 -9.69
CA ALA N 185 -63.04 -39.18 -9.29
C ALA N 185 -62.31 -39.94 -10.41
N ILE N 186 -61.26 -39.32 -10.92
CA ILE N 186 -60.40 -39.92 -11.92
C ILE N 186 -58.98 -39.98 -11.33
N HIS N 187 -58.43 -41.18 -11.21
CA HIS N 187 -57.10 -41.32 -10.62
C HIS N 187 -56.11 -42.00 -11.56
N VAL N 188 -54.94 -41.40 -11.75
CA VAL N 188 -53.92 -42.03 -12.60
C VAL N 188 -52.52 -42.07 -11.96
N ILE N 189 -51.90 -43.26 -11.96
CA ILE N 189 -50.53 -43.42 -11.45
C ILE N 189 -49.66 -44.29 -12.37
N LYS N 190 -48.44 -43.85 -12.64
CA LYS N 190 -47.50 -44.62 -13.47
C LYS N 190 -46.84 -45.74 -12.62
N LYS N 191 -46.38 -46.80 -13.26
CA LYS N 191 -45.75 -47.88 -12.51
C LYS N 191 -44.51 -48.48 -13.18
N LEU N 192 -43.71 -49.12 -12.36
CA LEU N 192 -42.44 -49.71 -12.76
C LEU N 192 -42.63 -51.16 -13.26
N GLY N 193 -42.28 -51.42 -14.52
CA GLY N 193 -42.43 -52.77 -15.09
C GLY N 193 -42.44 -52.78 -16.63
N GLY N 194 -42.56 -53.96 -17.25
CA GLY N 194 -42.58 -54.01 -18.72
C GLY N 194 -43.52 -55.06 -19.34
N SER N 195 -44.44 -54.58 -20.17
CA SER N 195 -45.42 -55.43 -20.89
C SER N 195 -45.79 -54.76 -22.22
N LEU N 196 -46.49 -55.47 -23.12
CA LEU N 196 -46.91 -54.89 -24.42
C LEU N 196 -47.81 -53.64 -24.27
N ALA N 197 -48.84 -53.76 -23.45
CA ALA N 197 -49.77 -52.66 -23.21
C ALA N 197 -49.10 -51.50 -22.50
N ASP N 198 -48.24 -51.87 -21.55
CA ASP N 198 -47.53 -50.93 -20.66
C ASP N 198 -48.56 -50.14 -19.88
N SER N 199 -49.72 -50.75 -19.63
CA SER N 199 -50.77 -50.09 -18.88
C SER N 199 -51.96 -51.02 -18.66
N TYR N 200 -52.55 -50.94 -17.49
CA TYR N 200 -53.77 -51.67 -17.21
C TYR N 200 -54.90 -50.74 -16.86
N LEU N 201 -56.04 -51.09 -17.37
CA LEU N 201 -57.25 -50.33 -17.15
C LEU N 201 -58.06 -51.01 -16.07
N ASP N 202 -58.28 -50.27 -15.01
CA ASP N 202 -59.04 -50.79 -13.91
C ASP N 202 -60.50 -50.40 -14.11
N GLU N 203 -61.37 -51.17 -13.55
CA GLU N 203 -62.77 -50.85 -13.60
C GLU N 203 -63.15 -50.19 -12.29
N GLY N 204 -62.11 -49.86 -11.48
CA GLY N 204 -62.29 -49.21 -10.18
C GLY N 204 -61.13 -48.24 -9.82
N PHE N 205 -61.00 -47.94 -8.51
CA PHE N 205 -59.99 -47.00 -7.97
C PHE N 205 -58.65 -47.65 -7.53
N LEU N 206 -57.54 -46.96 -7.83
CA LEU N 206 -56.19 -47.42 -7.51
C LEU N 206 -55.60 -46.74 -6.24
N LEU N 207 -55.08 -47.57 -5.31
CA LEU N 207 -54.49 -47.08 -4.04
C LEU N 207 -53.08 -47.69 -3.80
N ASP N 208 -52.24 -47.06 -2.97
CA ASP N 208 -50.87 -47.59 -2.72
C ASP N 208 -50.54 -47.76 -1.22
N LYS N 209 -50.95 -48.91 -0.63
CA LYS N 209 -50.67 -49.21 0.81
C LYS N 209 -50.78 -50.72 1.08
N LYS N 210 -50.18 -51.19 2.17
CA LYS N 210 -50.24 -52.62 2.52
C LYS N 210 -50.42 -52.82 4.03
N ILE N 211 -51.24 -53.80 4.41
CA ILE N 211 -51.53 -54.11 5.83
C ILE N 211 -50.25 -54.48 6.60
N GLY N 212 -49.50 -55.39 6.01
CA GLY N 212 -48.27 -55.92 6.56
C GLY N 212 -47.80 -57.09 5.70
N VAL N 213 -46.69 -57.73 6.04
CA VAL N 213 -46.23 -58.87 5.22
C VAL N 213 -47.23 -60.03 5.25
N ASN N 214 -47.79 -60.30 6.44
CA ASN N 214 -48.80 -61.35 6.58
C ASN N 214 -50.14 -60.83 6.06
N GLN N 215 -51.06 -61.76 5.72
CA GLN N 215 -52.43 -61.47 5.19
C GLN N 215 -52.61 -62.14 3.82
N PRO N 216 -53.87 -62.37 3.35
CA PRO N 216 -54.10 -62.97 2.03
C PRO N 216 -53.50 -62.13 0.92
N LYS N 217 -53.05 -62.79 -0.13
CA LYS N 217 -52.38 -62.08 -1.20
C LYS N 217 -53.38 -61.19 -2.00
N ARG N 218 -54.60 -61.71 -2.23
CA ARG N 218 -55.68 -60.98 -2.95
C ARG N 218 -57.08 -61.44 -2.50
N ILE N 219 -58.10 -60.65 -2.81
CA ILE N 219 -59.49 -60.96 -2.44
C ILE N 219 -60.50 -60.88 -3.61
N GLU N 220 -61.47 -61.80 -3.63
CA GLU N 220 -62.52 -61.81 -4.67
C GLU N 220 -63.90 -61.80 -4.01
N ASN N 221 -64.90 -61.21 -4.70
CA ASN N 221 -66.25 -61.05 -4.13
C ASN N 221 -66.09 -60.23 -2.84
N ALA N 222 -65.20 -59.24 -2.99
CA ALA N 222 -64.77 -58.35 -1.93
C ALA N 222 -65.79 -57.38 -1.36
N LYS N 223 -65.70 -57.23 -0.04
CA LYS N 223 -66.52 -56.28 0.70
C LYS N 223 -65.59 -55.21 1.27
N ILE N 224 -65.97 -53.94 1.19
CA ILE N 224 -65.10 -52.86 1.69
C ILE N 224 -65.67 -52.14 2.90
N LEU N 225 -64.84 -52.01 3.91
CA LEU N 225 -65.21 -51.34 5.14
C LEU N 225 -64.35 -50.06 5.29
N ILE N 226 -65.00 -48.94 5.50
CA ILE N 226 -64.32 -47.63 5.68
C ILE N 226 -64.68 -47.07 7.05
N ALA N 227 -63.69 -46.81 7.90
CA ALA N 227 -63.99 -46.29 9.23
C ALA N 227 -63.37 -44.92 9.54
N ASN N 228 -64.22 -44.01 10.03
CA ASN N 228 -63.81 -42.68 10.46
C ASN N 228 -62.93 -42.76 11.71
N ILE N 254 -57.65 -56.41 32.40
CA ILE N 254 -57.68 -55.15 31.63
C ILE N 254 -57.26 -55.39 30.17
N GLU N 255 -56.24 -56.23 29.94
CA GLU N 255 -55.84 -56.56 28.57
C GLU N 255 -56.91 -57.45 27.91
N HIS N 256 -57.61 -58.22 28.74
CA HIS N 256 -58.70 -59.10 28.33
C HIS N 256 -59.82 -58.28 27.67
N ALA N 257 -60.10 -57.10 28.25
CA ALA N 257 -61.13 -56.18 27.75
C ALA N 257 -60.83 -55.78 26.29
N GLU N 258 -59.54 -55.67 25.99
CA GLU N 258 -59.05 -55.39 24.64
C GLU N 258 -59.50 -56.48 23.68
N LYS N 259 -59.46 -57.70 24.17
CA LYS N 259 -59.82 -58.89 23.38
C LYS N 259 -61.27 -58.78 22.91
N GLU N 260 -62.11 -58.17 23.73
CA GLU N 260 -63.51 -57.96 23.35
C GLU N 260 -63.58 -57.11 22.06
N LYS N 261 -62.71 -56.09 21.96
CA LYS N 261 -62.67 -55.28 20.73
C LYS N 261 -62.25 -56.15 19.54
N MET N 262 -61.30 -57.06 19.77
CA MET N 262 -60.84 -58.01 18.74
C MET N 262 -61.97 -58.92 18.22
N LYS N 263 -62.69 -59.52 19.17
CA LYS N 263 -63.78 -60.44 18.84
C LYS N 263 -65.00 -59.79 18.20
N GLU N 264 -65.40 -58.61 18.66
CA GLU N 264 -66.57 -57.97 18.06
C GLU N 264 -66.31 -57.74 16.57
N LYS N 265 -65.08 -57.33 16.28
CA LYS N 265 -64.67 -57.09 14.91
C LYS N 265 -64.79 -58.37 14.07
N VAL N 266 -64.29 -59.49 14.59
CA VAL N 266 -64.35 -60.77 13.87
C VAL N 266 -65.76 -61.34 13.74
N GLU N 267 -66.57 -61.22 14.80
CA GLU N 267 -67.92 -61.76 14.79
C GLU N 267 -68.77 -61.12 13.69
N ARG N 268 -68.65 -59.79 13.58
CA ARG N 268 -69.36 -59.03 12.55
C ARG N 268 -68.77 -59.32 11.16
N ILE N 269 -67.45 -59.43 11.14
CA ILE N 269 -66.65 -59.74 9.95
C ILE N 269 -66.93 -61.08 9.25
N LEU N 270 -66.95 -62.16 10.01
CA LEU N 270 -67.15 -63.48 9.40
C LEU N 270 -68.50 -63.61 8.64
N LYS N 271 -69.60 -63.13 9.23
CA LYS N 271 -70.92 -63.25 8.58
C LYS N 271 -71.01 -62.53 7.23
N HIS N 272 -70.41 -61.35 7.14
CA HIS N 272 -70.41 -60.55 5.92
C HIS N 272 -69.55 -61.20 4.83
N GLY N 273 -68.42 -61.76 5.24
CA GLY N 273 -67.47 -62.33 4.30
C GLY N 273 -66.39 -61.33 3.94
N ILE N 274 -66.47 -60.16 4.61
CA ILE N 274 -65.54 -59.02 4.47
C ILE N 274 -64.18 -59.41 3.88
N ASN N 275 -63.82 -58.75 2.80
CA ASN N 275 -62.55 -59.04 2.16
C ASN N 275 -61.51 -57.91 2.33
N CYS N 276 -61.96 -56.68 2.54
CA CYS N 276 -61.02 -55.56 2.70
C CYS N 276 -61.54 -54.45 3.60
N PHE N 277 -60.63 -53.92 4.40
CA PHE N 277 -60.91 -52.82 5.30
C PHE N 277 -59.97 -51.64 4.99
N ILE N 278 -60.53 -50.45 4.83
CA ILE N 278 -59.73 -49.26 4.56
C ILE N 278 -59.94 -48.21 5.66
N ASN N 279 -58.88 -47.83 6.35
CA ASN N 279 -59.00 -46.86 7.43
C ASN N 279 -58.14 -45.62 7.15
N ARG N 280 -58.77 -44.47 7.28
CA ARG N 280 -58.14 -43.16 7.02
C ARG N 280 -57.04 -42.84 8.07
N GLN N 281 -57.22 -43.33 9.28
CA GLN N 281 -56.28 -43.04 10.37
C GLN N 281 -55.57 -44.30 10.95
N LEU N 282 -54.80 -44.08 12.04
CA LEU N 282 -53.95 -45.13 12.64
C LEU N 282 -54.73 -46.38 13.06
N ILE N 283 -54.11 -47.53 12.81
CA ILE N 283 -54.74 -48.82 13.08
C ILE N 283 -54.06 -49.56 14.25
N TYR N 284 -54.88 -50.05 15.14
CA TYR N 284 -54.44 -50.76 16.33
C TYR N 284 -53.85 -52.14 15.96
N ASN N 285 -52.77 -52.52 16.63
CA ASN N 285 -52.04 -53.78 16.34
C ASN N 285 -52.81 -55.09 16.52
N TYR N 286 -53.64 -55.22 17.56
CA TYR N 286 -54.37 -56.48 17.81
C TYR N 286 -55.19 -57.00 16.61
N PRO N 287 -56.05 -56.15 15.98
CA PRO N 287 -56.87 -56.56 14.84
C PRO N 287 -56.07 -57.06 13.64
N GLU N 288 -54.85 -56.56 13.51
CA GLU N 288 -53.99 -56.88 12.37
C GLU N 288 -53.74 -58.37 12.31
N GLN N 289 -53.53 -58.92 13.48
CA GLN N 289 -53.27 -60.33 13.67
C GLN N 289 -54.46 -61.19 13.19
N LEU N 290 -55.65 -60.70 13.52
CA LEU N 290 -56.91 -61.35 13.16
C LEU N 290 -57.20 -61.33 11.65
N PHE N 291 -56.90 -60.18 11.03
CA PHE N 291 -57.12 -60.00 9.61
C PHE N 291 -56.33 -61.01 8.76
N GLY N 292 -55.08 -61.29 9.16
CA GLY N 292 -54.26 -62.24 8.42
C GLY N 292 -54.86 -63.64 8.36
N ALA N 293 -55.29 -64.15 9.51
CA ALA N 293 -55.90 -65.49 9.59
C ALA N 293 -57.29 -65.52 8.93
N ALA N 294 -58.04 -64.45 9.15
CA ALA N 294 -59.40 -64.30 8.63
C ALA N 294 -59.50 -64.33 7.11
N GLY N 295 -58.54 -63.70 6.44
CA GLY N 295 -58.61 -63.60 4.99
C GLY N 295 -59.08 -62.23 4.56
N VAL N 296 -58.87 -61.25 5.46
CA VAL N 296 -59.33 -59.88 5.25
C VAL N 296 -58.15 -58.89 5.24
N MET N 297 -58.10 -58.04 4.23
CA MET N 297 -57.03 -57.05 4.06
C MET N 297 -57.40 -55.65 4.57
N ALA N 298 -56.63 -55.15 5.53
CA ALA N 298 -56.86 -53.82 6.14
C ALA N 298 -55.78 -52.79 5.74
N ILE N 299 -56.14 -51.53 5.64
CA ILE N 299 -55.18 -50.48 5.25
C ILE N 299 -55.02 -49.40 6.33
N GLU N 300 -53.79 -49.25 6.82
CA GLU N 300 -53.46 -48.26 7.86
C GLU N 300 -53.16 -46.88 7.30
N HIS N 301 -53.81 -45.86 7.88
CA HIS N 301 -53.62 -44.45 7.49
C HIS N 301 -53.87 -44.18 6.01
N ALA N 302 -54.90 -44.81 5.45
CA ALA N 302 -55.25 -44.58 4.05
C ALA N 302 -55.66 -43.12 3.86
N ASP N 303 -55.25 -42.53 2.76
CA ASP N 303 -55.55 -41.13 2.49
C ASP N 303 -57.04 -40.90 2.27
N PHE N 304 -57.52 -39.86 2.92
CA PHE N 304 -58.93 -39.49 2.91
C PHE N 304 -59.45 -39.18 1.51
N VAL N 305 -58.65 -38.49 0.69
CA VAL N 305 -59.07 -38.13 -0.66
C VAL N 305 -59.40 -39.37 -1.52
N GLY N 306 -58.60 -40.43 -1.38
CA GLY N 306 -58.89 -41.67 -2.10
C GLY N 306 -60.23 -42.26 -1.68
N VAL N 307 -60.50 -42.18 -0.38
CA VAL N 307 -61.74 -42.70 0.22
C VAL N 307 -63.00 -42.02 -0.33
N GLU N 308 -63.00 -40.69 -0.44
CA GLU N 308 -64.16 -39.97 -0.96
C GLU N 308 -64.51 -40.39 -2.39
N ARG N 309 -63.48 -40.59 -3.20
CA ARG N 309 -63.68 -41.05 -4.57
C ARG N 309 -64.28 -42.45 -4.57
N LEU N 310 -63.79 -43.27 -3.64
CA LEU N 310 -64.23 -44.65 -3.46
C LEU N 310 -65.70 -44.76 -3.08
N ALA N 311 -66.18 -43.88 -2.22
CA ALA N 311 -67.57 -43.92 -1.78
C ALA N 311 -68.54 -43.78 -2.95
N LEU N 312 -68.24 -42.85 -3.84
CA LEU N 312 -69.08 -42.68 -5.04
C LEU N 312 -69.06 -44.01 -5.83
N VAL N 313 -67.84 -44.54 -5.98
CA VAL N 313 -67.56 -45.81 -6.71
C VAL N 313 -68.24 -47.10 -6.15
N THR N 314 -68.11 -47.35 -4.86
CA THR N 314 -68.67 -48.59 -4.27
C THR N 314 -70.17 -48.53 -4.02
N GLY N 315 -70.69 -47.32 -3.95
CA GLY N 315 -72.09 -47.10 -3.64
C GLY N 315 -72.25 -46.40 -2.29
N GLY N 316 -71.11 -46.15 -1.65
CA GLY N 316 -71.06 -45.43 -0.40
C GLY N 316 -71.38 -46.24 0.83
N GLU N 317 -71.13 -45.64 1.97
CA GLU N 317 -71.40 -46.25 3.26
C GLU N 317 -71.48 -45.17 4.34
N ILE N 318 -72.10 -45.48 5.46
CA ILE N 318 -72.14 -44.50 6.54
C ILE N 318 -71.06 -44.89 7.53
N ALA N 319 -70.07 -44.03 7.70
CA ALA N 319 -68.94 -44.34 8.55
C ALA N 319 -69.04 -43.70 9.94
N SER N 320 -69.05 -44.56 10.93
CA SER N 320 -69.12 -44.17 12.32
C SER N 320 -68.31 -45.14 13.18
N THR N 321 -68.88 -45.52 14.32
CA THR N 321 -68.24 -46.48 15.23
C THR N 321 -68.45 -47.90 14.73
N PHE N 322 -67.74 -48.86 15.34
CA PHE N 322 -67.79 -50.30 15.00
C PHE N 322 -69.18 -50.90 14.66
N ASP N 323 -70.23 -50.14 14.90
CA ASP N 323 -71.60 -50.53 14.56
C ASP N 323 -71.77 -50.52 13.03
N HIS N 324 -70.86 -49.80 12.37
CA HIS N 324 -70.82 -49.59 10.89
C HIS N 324 -71.15 -50.82 9.98
N PRO N 325 -70.83 -52.10 10.31
CA PRO N 325 -71.14 -53.32 9.50
C PRO N 325 -72.52 -53.39 8.78
N GLU N 326 -72.91 -54.63 8.44
CA GLU N 326 -74.16 -54.95 7.70
C GLU N 326 -74.51 -53.97 6.54
N LEU N 327 -75.75 -53.46 6.49
CA LEU N 327 -76.15 -52.63 5.34
C LEU N 327 -75.91 -51.12 5.49
N VAL N 328 -75.36 -50.67 6.61
CA VAL N 328 -75.01 -49.25 6.72
C VAL N 328 -73.81 -49.07 5.77
N LYS N 329 -73.13 -50.20 5.57
CA LYS N 329 -71.98 -50.33 4.66
C LYS N 329 -72.39 -50.95 3.32
N LEU N 330 -72.04 -50.30 2.23
CA LEU N 330 -72.31 -50.85 0.90
C LEU N 330 -70.96 -51.21 0.27
N GLY N 331 -70.84 -52.40 -0.30
CA GLY N 331 -69.56 -52.74 -0.89
C GLY N 331 -69.64 -53.48 -2.21
N SER N 332 -69.01 -52.89 -3.24
CA SER N 332 -68.94 -53.53 -4.54
C SER N 332 -67.97 -54.71 -4.46
N CYS N 333 -68.18 -55.75 -5.26
CA CYS N 333 -67.35 -56.95 -5.13
C CYS N 333 -66.72 -57.55 -6.41
N LYS N 334 -66.57 -56.81 -7.50
CA LYS N 334 -66.03 -57.45 -8.72
C LYS N 334 -64.61 -58.04 -8.55
N LEU N 335 -63.66 -57.27 -8.00
CA LEU N 335 -62.29 -57.80 -7.81
C LEU N 335 -61.32 -56.82 -7.12
N ILE N 336 -60.79 -57.20 -5.96
CA ILE N 336 -59.76 -56.40 -5.29
C ILE N 336 -58.48 -57.21 -5.14
N GLU N 337 -57.39 -56.75 -5.69
CA GLU N 337 -56.16 -57.54 -5.60
C GLU N 337 -54.90 -56.70 -5.50
N GLU N 338 -53.89 -57.24 -4.85
CA GLU N 338 -52.61 -56.57 -4.82
C GLU N 338 -51.77 -57.30 -5.86
N VAL N 339 -51.33 -56.57 -6.86
CA VAL N 339 -50.63 -57.17 -7.98
C VAL N 339 -49.28 -56.56 -8.28
N MET N 340 -48.28 -57.42 -8.41
CA MET N 340 -46.98 -56.94 -8.77
C MET N 340 -47.06 -56.60 -10.26
N ILE N 341 -46.86 -55.35 -10.60
CA ILE N 341 -46.89 -54.92 -11.98
C ILE N 341 -45.47 -54.94 -12.55
N GLY N 342 -44.53 -55.08 -11.62
CA GLY N 342 -43.11 -55.10 -11.94
C GLY N 342 -42.25 -55.00 -10.69
N GLU N 343 -41.80 -53.77 -10.39
CA GLU N 343 -40.97 -53.48 -9.20
C GLU N 343 -41.72 -53.37 -7.87
N ASP N 344 -42.55 -52.34 -7.73
CA ASP N 344 -43.25 -52.05 -6.48
C ASP N 344 -44.70 -52.49 -6.47
N LYS N 345 -45.02 -53.23 -5.43
CA LYS N 345 -46.35 -53.77 -5.20
C LYS N 345 -47.39 -52.64 -5.05
N LEU N 346 -48.57 -52.85 -5.63
CA LEU N 346 -49.63 -51.84 -5.57
C LEU N 346 -50.98 -52.56 -5.44
N ILE N 347 -52.01 -51.87 -4.96
CA ILE N 347 -53.31 -52.53 -4.78
C ILE N 347 -54.35 -52.03 -5.78
N HIS N 348 -55.01 -52.98 -6.43
CA HIS N 348 -56.00 -52.68 -7.48
C HIS N 348 -57.45 -52.93 -7.06
N PHE N 349 -58.24 -51.87 -7.10
CA PHE N 349 -59.68 -51.99 -6.89
C PHE N 349 -60.34 -51.88 -8.26
N SER N 350 -61.23 -52.79 -8.60
CA SER N 350 -61.86 -52.74 -9.91
C SER N 350 -63.27 -53.32 -9.95
N GLY N 351 -63.94 -53.08 -11.08
CA GLY N 351 -65.27 -53.60 -11.31
C GLY N 351 -66.42 -52.88 -10.62
N VAL N 352 -66.32 -51.58 -10.42
CA VAL N 352 -67.43 -50.85 -9.77
C VAL N 352 -68.67 -50.83 -10.67
N ALA N 353 -69.79 -51.18 -10.07
CA ALA N 353 -71.09 -51.23 -10.74
C ALA N 353 -71.52 -49.87 -11.33
N LEU N 354 -71.26 -48.80 -10.59
CA LEU N 354 -71.66 -47.44 -10.99
C LEU N 354 -71.07 -46.98 -12.34
N GLY N 355 -69.76 -47.12 -12.49
CA GLY N 355 -69.07 -46.72 -13.73
C GLY N 355 -68.70 -45.23 -13.82
N GLU N 356 -69.34 -44.35 -13.04
CA GLU N 356 -69.02 -42.90 -13.07
C GLU N 356 -67.56 -42.56 -12.68
N ALA N 357 -67.01 -43.22 -11.68
CA ALA N 357 -65.62 -42.93 -11.27
C ALA N 357 -64.67 -44.06 -11.67
N CYS N 358 -63.59 -43.70 -12.33
CA CYS N 358 -62.63 -44.71 -12.82
C CYS N 358 -61.15 -44.31 -12.67
N THR N 359 -60.28 -45.32 -12.77
CA THR N 359 -58.84 -45.13 -12.66
C THR N 359 -58.04 -45.76 -13.83
N ILE N 360 -57.02 -45.04 -14.29
CA ILE N 360 -56.14 -45.48 -15.39
C ILE N 360 -54.70 -45.61 -14.90
N VAL N 361 -54.05 -46.74 -15.16
CA VAL N 361 -52.67 -46.90 -14.71
C VAL N 361 -51.69 -46.89 -15.90
N LEU N 362 -50.78 -45.93 -15.83
CA LEU N 362 -49.74 -45.70 -16.85
C LEU N 362 -48.41 -46.37 -16.49
N ARG N 363 -47.64 -46.75 -17.49
CA ARG N 363 -46.32 -47.37 -17.26
C ARG N 363 -45.26 -46.67 -18.14
N GLY N 364 -43.99 -46.81 -17.76
CA GLY N 364 -42.92 -46.18 -18.52
C GLY N 364 -41.53 -46.67 -18.16
N ALA N 365 -40.50 -46.07 -18.77
CA ALA N 365 -39.10 -46.47 -18.54
C ALA N 365 -38.52 -45.89 -17.23
N THR N 366 -39.24 -44.96 -16.60
CA THR N 366 -38.87 -44.33 -15.29
C THR N 366 -37.93 -43.12 -15.41
N GLN N 367 -38.50 -41.95 -15.64
CA GLN N 367 -37.74 -40.72 -15.74
C GLN N 367 -38.63 -39.50 -15.52
N GLN N 368 -38.03 -38.35 -15.37
CA GLN N 368 -38.77 -37.09 -15.21
C GLN N 368 -39.65 -36.88 -16.45
N ILE N 369 -39.11 -37.33 -17.58
CA ILE N 369 -39.78 -37.29 -18.88
C ILE N 369 -41.08 -38.13 -18.75
N LEU N 370 -41.00 -39.23 -18.02
CA LEU N 370 -42.16 -40.10 -17.76
C LEU N 370 -43.29 -39.34 -17.01
N ASP N 371 -42.90 -38.48 -16.04
CA ASP N 371 -43.87 -37.67 -15.25
C ASP N 371 -44.60 -36.68 -16.16
N GLU N 372 -44.02 -36.48 -17.32
CA GLU N 372 -44.55 -35.64 -18.38
C GLU N 372 -45.92 -36.20 -18.80
N ALA N 373 -46.00 -37.53 -18.86
CA ALA N 373 -47.23 -38.24 -19.24
C ALA N 373 -48.40 -37.91 -18.29
N GLU N 374 -48.10 -37.52 -17.04
CA GLU N 374 -49.14 -37.18 -16.08
C GLU N 374 -49.94 -35.99 -16.65
N ARG N 375 -49.19 -35.06 -17.22
CA ARG N 375 -49.73 -33.89 -17.91
C ARG N 375 -50.61 -34.22 -19.09
N SER N 376 -50.11 -35.16 -19.91
CA SER N 376 -50.72 -35.54 -21.18
C SER N 376 -52.13 -36.08 -21.05
N LEU N 377 -52.30 -37.03 -20.15
CA LEU N 377 -53.60 -37.63 -19.95
C LEU N 377 -54.57 -36.63 -19.33
N HIS N 378 -54.07 -35.83 -18.38
CA HIS N 378 -54.90 -34.82 -17.74
C HIS N 378 -55.39 -33.86 -18.83
N ASP N 379 -54.46 -33.54 -19.75
CA ASP N 379 -54.75 -32.73 -20.91
C ASP N 379 -55.81 -33.39 -21.81
N ALA N 380 -55.71 -34.71 -21.96
CA ALA N 380 -56.67 -35.46 -22.80
C ALA N 380 -58.10 -35.57 -22.23
N LEU N 381 -58.26 -35.79 -20.91
CA LEU N 381 -59.61 -35.94 -20.32
C LEU N 381 -60.49 -34.69 -20.43
N CYS N 382 -59.90 -33.52 -20.23
CA CYS N 382 -60.64 -32.27 -20.32
C CYS N 382 -61.06 -31.93 -21.76
N VAL N 383 -60.17 -32.20 -22.71
CA VAL N 383 -60.41 -31.90 -24.12
C VAL N 383 -61.62 -32.61 -24.71
N LEU N 384 -61.79 -33.90 -24.42
CA LEU N 384 -62.94 -34.65 -24.96
C LEU N 384 -64.25 -34.20 -24.35
N ALA N 385 -64.21 -33.78 -23.10
CA ALA N 385 -65.42 -33.32 -22.44
C ALA N 385 -66.00 -32.14 -23.21
N GLN N 386 -65.13 -31.24 -23.67
CA GLN N 386 -65.60 -30.12 -24.46
C GLN N 386 -65.64 -30.43 -25.97
N THR N 387 -65.05 -31.57 -26.39
CA THR N 387 -65.08 -31.93 -27.82
C THR N 387 -66.50 -32.27 -28.27
N VAL N 388 -67.22 -32.99 -27.44
CA VAL N 388 -68.61 -33.31 -27.73
C VAL N 388 -69.51 -32.08 -27.66
N LYS N 389 -69.25 -31.24 -26.66
CA LYS N 389 -70.04 -30.03 -26.43
C LYS N 389 -69.84 -28.95 -27.50
N ASP N 390 -68.61 -28.73 -27.98
CA ASP N 390 -68.38 -27.71 -29.00
C ASP N 390 -68.72 -28.17 -30.42
N SER N 391 -68.73 -29.49 -30.62
CA SER N 391 -69.02 -30.10 -31.94
C SER N 391 -68.15 -29.47 -33.07
N ARG N 392 -67.05 -28.81 -32.69
CA ARG N 392 -66.16 -28.14 -33.66
C ARG N 392 -64.67 -28.39 -33.35
N THR N 393 -63.86 -28.56 -34.39
CA THR N 393 -62.40 -28.72 -34.23
C THR N 393 -61.63 -28.16 -35.44
N VAL N 394 -60.33 -28.03 -35.30
CA VAL N 394 -59.45 -27.58 -36.39
C VAL N 394 -58.28 -28.57 -36.52
N TYR N 395 -57.59 -28.60 -37.66
CA TYR N 395 -56.48 -29.57 -37.78
C TYR N 395 -55.32 -29.20 -36.88
N GLY N 396 -54.72 -30.22 -36.29
CA GLY N 396 -53.60 -30.03 -35.38
C GLY N 396 -52.26 -30.05 -36.06
N GLY N 397 -51.19 -30.08 -35.27
CA GLY N 397 -49.85 -30.10 -35.84
C GLY N 397 -49.46 -28.79 -36.49
N GLY N 398 -50.16 -27.72 -36.12
CA GLY N 398 -49.87 -26.41 -36.67
C GLY N 398 -50.47 -26.16 -38.04
N CYS N 399 -51.34 -27.06 -38.51
CA CYS N 399 -51.95 -26.89 -39.84
C CYS N 399 -52.74 -25.58 -39.93
N SER N 400 -53.52 -25.32 -38.89
CA SER N 400 -54.33 -24.11 -38.80
C SER N 400 -53.51 -22.81 -38.81
N GLU N 401 -52.38 -22.85 -38.12
CA GLU N 401 -51.54 -21.67 -37.95
C GLU N 401 -50.83 -21.20 -39.23
N MET N 402 -50.32 -22.14 -40.03
CA MET N 402 -49.62 -21.73 -41.24
C MET N 402 -50.58 -21.10 -42.25
N LEU N 403 -51.78 -21.68 -42.36
CA LEU N 403 -52.79 -21.22 -43.31
C LEU N 403 -53.17 -19.76 -43.05
N MET N 404 -53.34 -19.43 -41.77
CA MET N 404 -53.66 -18.06 -41.39
C MET N 404 -52.56 -17.10 -41.84
N ALA N 405 -51.31 -17.53 -41.66
CA ALA N 405 -50.13 -16.71 -41.99
C ALA N 405 -50.07 -16.31 -43.46
N HIS N 406 -50.35 -17.25 -44.36
CA HIS N 406 -50.35 -16.95 -45.78
C HIS N 406 -51.37 -15.86 -46.15
N ALA N 407 -52.55 -15.95 -45.53
CA ALA N 407 -53.63 -14.99 -45.78
C ALA N 407 -53.36 -13.60 -45.20
N VAL N 408 -52.79 -13.56 -44.01
CA VAL N 408 -52.48 -12.29 -43.32
C VAL N 408 -51.37 -11.49 -43.99
N THR N 409 -50.42 -12.17 -44.63
CA THR N 409 -49.31 -11.48 -45.30
C THR N 409 -49.82 -10.51 -46.39
N GLN N 410 -50.84 -10.95 -47.14
CA GLN N 410 -51.45 -10.12 -48.18
C GLN N 410 -52.07 -8.85 -47.60
N LEU N 411 -52.70 -9.04 -46.44
CA LEU N 411 -53.41 -7.98 -45.75
C LEU N 411 -52.55 -6.79 -45.32
N ALA N 412 -51.34 -7.07 -44.84
CA ALA N 412 -50.46 -6.00 -44.32
C ALA N 412 -50.09 -4.93 -45.34
N SER N 413 -49.66 -5.34 -46.51
CA SER N 413 -49.26 -4.38 -47.54
C SER N 413 -50.44 -3.60 -48.14
N ARG N 414 -51.56 -4.29 -48.34
CA ARG N 414 -52.74 -3.67 -48.94
C ARG N 414 -53.30 -2.50 -48.10
N THR N 415 -53.35 -2.64 -46.77
CA THR N 415 -53.90 -1.56 -45.95
C THR N 415 -52.98 -0.33 -45.89
N PRO N 416 -53.59 0.87 -45.80
CA PRO N 416 -52.88 2.15 -45.70
C PRO N 416 -52.36 2.49 -44.29
N GLY N 417 -51.29 3.27 -44.24
CA GLY N 417 -50.80 3.77 -42.97
C GLY N 417 -49.96 2.85 -42.10
N LYS N 418 -49.77 3.32 -40.86
CA LYS N 418 -49.05 2.61 -39.80
C LYS N 418 -49.86 1.40 -39.35
N GLU N 419 -51.10 1.37 -39.82
CA GLU N 419 -52.03 0.27 -39.61
C GLU N 419 -51.40 -0.99 -40.25
N ALA N 420 -50.77 -0.78 -41.39
CA ALA N 420 -50.06 -1.83 -42.13
C ALA N 420 -48.93 -2.42 -41.26
N VAL N 421 -48.23 -1.55 -40.53
CA VAL N 421 -47.15 -1.99 -39.63
C VAL N 421 -47.71 -2.95 -38.58
N ALA N 422 -48.87 -2.60 -38.06
CA ALA N 422 -49.55 -3.42 -37.08
C ALA N 422 -49.89 -4.81 -37.60
N MET N 423 -50.51 -4.80 -38.78
CA MET N 423 -50.94 -6.02 -39.45
C MET N 423 -49.76 -6.96 -39.83
N GLU N 424 -48.66 -6.39 -40.31
CA GLU N 424 -47.48 -7.20 -40.68
C GLU N 424 -46.83 -7.92 -39.49
N SER N 425 -46.74 -7.24 -38.35
CA SER N 425 -46.10 -7.82 -37.16
C SER N 425 -46.90 -8.98 -36.57
N TYR N 426 -48.22 -8.84 -36.53
CA TYR N 426 -49.08 -9.90 -36.01
C TYR N 426 -48.94 -11.18 -36.84
N ALA N 427 -48.87 -11.00 -38.16
CA ALA N 427 -48.78 -12.12 -39.11
C ALA N 427 -47.53 -13.00 -38.92
N LYS N 428 -46.38 -12.37 -38.70
CA LYS N 428 -45.11 -13.09 -38.52
C LYS N 428 -45.04 -13.87 -37.19
N ALA N 429 -45.87 -13.48 -36.22
CA ALA N 429 -45.92 -14.16 -34.91
C ALA N 429 -46.33 -15.64 -35.05
N LEU N 430 -47.26 -15.89 -35.96
CA LEU N 430 -47.78 -17.23 -36.27
C LEU N 430 -46.72 -18.17 -36.83
N ARG N 431 -45.67 -17.58 -37.38
CA ARG N 431 -44.56 -18.34 -37.99
C ARG N 431 -43.87 -19.25 -36.96
N MET N 432 -43.69 -18.76 -35.74
CA MET N 432 -43.03 -19.55 -34.70
C MET N 432 -43.71 -20.89 -34.34
N LEU N 433 -45.06 -20.97 -34.26
CA LEU N 433 -45.68 -22.27 -33.88
C LEU N 433 -45.14 -23.44 -34.73
N PRO N 434 -45.12 -23.32 -36.09
CA PRO N 434 -44.52 -24.36 -36.93
C PRO N 434 -43.06 -24.64 -36.57
N THR N 435 -42.35 -23.56 -36.26
CA THR N 435 -40.94 -23.60 -35.89
C THR N 435 -40.71 -24.25 -34.53
N ILE N 436 -41.59 -23.96 -33.58
CA ILE N 436 -41.45 -24.49 -32.24
C ILE N 436 -41.72 -25.99 -32.20
N ILE N 437 -42.71 -26.45 -32.96
CA ILE N 437 -43.03 -27.88 -33.03
C ILE N 437 -41.90 -28.64 -33.71
N ALA N 438 -41.35 -28.03 -34.75
CA ALA N 438 -40.23 -28.58 -35.51
C ALA N 438 -38.91 -28.62 -34.73
N ASP N 439 -38.64 -27.57 -33.96
CA ASP N 439 -37.39 -27.46 -33.20
C ASP N 439 -37.20 -28.60 -32.21
N ASN N 440 -38.26 -28.96 -31.52
CA ASN N 440 -38.23 -30.06 -30.57
C ASN N 440 -38.37 -31.43 -31.26
N ALA N 441 -38.71 -31.40 -32.54
CA ALA N 441 -38.88 -32.60 -33.36
C ALA N 441 -37.60 -33.44 -33.46
N GLY N 442 -36.48 -32.76 -33.58
CA GLY N 442 -35.22 -33.43 -33.80
C GLY N 442 -34.78 -33.19 -35.24
N TYR N 443 -35.44 -32.21 -35.84
CA TYR N 443 -35.20 -31.81 -37.21
C TYR N 443 -34.93 -30.30 -37.30
N ASP N 444 -34.27 -29.89 -38.36
CA ASP N 444 -33.88 -28.49 -38.53
C ASP N 444 -35.09 -27.59 -38.91
N SER N 445 -35.36 -26.58 -38.08
CA SER N 445 -36.51 -25.66 -38.25
C SER N 445 -36.58 -24.82 -39.54
N ALA N 446 -35.46 -24.29 -40.05
CA ALA N 446 -35.53 -23.43 -41.26
C ALA N 446 -36.10 -24.18 -42.45
N ASP N 447 -35.55 -25.37 -42.70
CA ASP N 447 -36.04 -26.20 -43.79
C ASP N 447 -37.53 -26.51 -43.58
N LEU N 448 -37.87 -26.81 -42.33
CA LEU N 448 -39.24 -27.12 -41.94
C LEU N 448 -40.17 -25.94 -42.27
N VAL N 449 -39.76 -24.75 -41.85
CA VAL N 449 -40.53 -23.53 -42.12
C VAL N 449 -40.67 -23.33 -43.61
N ALA N 450 -39.58 -23.60 -44.29
CA ALA N 450 -39.48 -23.47 -45.73
C ALA N 450 -40.47 -24.35 -46.51
N GLN N 451 -40.43 -25.64 -46.22
CA GLN N 451 -41.32 -26.61 -46.87
C GLN N 451 -42.78 -26.49 -46.44
N LEU N 452 -42.99 -26.16 -45.17
CA LEU N 452 -44.33 -26.04 -44.61
C LEU N 452 -45.22 -24.98 -45.28
N ARG N 453 -44.67 -23.79 -45.48
CA ARG N 453 -45.44 -22.71 -46.07
C ARG N 453 -45.97 -23.03 -47.48
N ALA N 454 -45.16 -23.68 -48.30
CA ALA N 454 -45.60 -24.01 -49.67
C ALA N 454 -46.86 -24.91 -49.69
N ALA N 455 -46.88 -25.95 -48.85
CA ALA N 455 -48.02 -26.88 -48.80
C ALA N 455 -49.36 -26.22 -48.42
N HIS N 456 -49.34 -25.44 -47.34
CA HIS N 456 -50.53 -24.72 -46.84
C HIS N 456 -51.05 -23.67 -47.82
N SER N 457 -50.13 -22.96 -48.46
CA SER N 457 -50.48 -21.91 -49.42
C SER N 457 -51.30 -22.53 -50.56
N GLU N 458 -50.87 -23.72 -50.96
CA GLU N 458 -51.53 -24.51 -52.02
C GLU N 458 -53.06 -24.65 -51.78
N GLY N 459 -53.49 -24.43 -50.54
CA GLY N 459 -54.90 -24.57 -50.20
C GLY N 459 -55.27 -25.95 -49.68
N LYS N 460 -54.25 -26.76 -49.44
CA LYS N 460 -54.46 -28.11 -48.94
C LYS N 460 -54.48 -28.04 -47.40
N THR N 461 -55.70 -28.05 -46.86
CA THR N 461 -55.96 -27.90 -45.41
C THR N 461 -55.54 -29.09 -44.53
N THR N 462 -55.75 -30.30 -45.03
CA THR N 462 -55.42 -31.52 -44.29
C THR N 462 -53.93 -31.62 -43.94
N ALA N 463 -53.08 -31.23 -44.90
CA ALA N 463 -51.63 -31.28 -44.73
C ALA N 463 -51.13 -30.43 -43.56
N GLY N 464 -50.16 -30.96 -42.83
CA GLY N 464 -49.59 -30.27 -41.68
C GLY N 464 -48.19 -30.76 -41.35
N LEU N 465 -47.72 -30.50 -40.14
CA LEU N 465 -46.37 -30.93 -39.77
C LEU N 465 -46.39 -32.35 -39.23
N ASP N 466 -45.59 -33.21 -39.85
CA ASP N 466 -45.51 -34.56 -39.36
C ASP N 466 -44.13 -34.74 -38.73
N MET N 467 -44.14 -34.86 -37.43
CA MET N 467 -42.94 -35.03 -36.64
C MET N 467 -42.28 -36.37 -36.89
N LYS N 468 -43.10 -37.40 -37.03
CA LYS N 468 -42.63 -38.75 -37.29
C LYS N 468 -41.88 -38.89 -38.62
N GLU N 469 -42.35 -38.22 -39.67
CA GLU N 469 -41.71 -38.30 -40.98
C GLU N 469 -40.61 -37.23 -41.19
N GLY N 470 -40.58 -36.22 -40.33
CA GLY N 470 -39.57 -35.17 -40.44
C GLY N 470 -39.99 -34.00 -41.33
N THR N 471 -41.09 -34.17 -42.04
CA THR N 471 -41.59 -33.15 -42.96
C THR N 471 -43.08 -32.82 -42.76
N ILE N 472 -43.82 -32.83 -43.86
CA ILE N 472 -45.25 -32.54 -43.87
C ILE N 472 -46.04 -33.73 -44.40
N GLY N 473 -47.26 -33.87 -43.93
CA GLY N 473 -48.11 -34.98 -44.36
C GLY N 473 -49.57 -34.76 -44.03
N ASP N 474 -50.41 -35.74 -44.37
CA ASP N 474 -51.83 -35.62 -44.10
C ASP N 474 -52.11 -36.06 -42.66
N MET N 475 -52.45 -35.09 -41.83
CA MET N 475 -52.72 -35.39 -40.43
C MET N 475 -54.11 -35.97 -40.20
N SER N 476 -54.97 -35.91 -41.22
CA SER N 476 -56.30 -36.50 -41.12
C SER N 476 -56.18 -38.01 -40.85
N VAL N 477 -55.22 -38.64 -41.53
CA VAL N 477 -54.93 -40.07 -41.33
C VAL N 477 -54.51 -40.32 -39.89
N LEU N 478 -53.65 -39.44 -39.40
CA LEU N 478 -53.20 -39.46 -38.00
C LEU N 478 -54.42 -39.26 -37.11
N GLY N 479 -55.29 -38.37 -37.57
CA GLY N 479 -56.51 -38.05 -36.85
C GLY N 479 -56.34 -36.92 -35.88
N ILE N 480 -55.15 -36.37 -35.80
CA ILE N 480 -54.88 -35.30 -34.86
C ILE N 480 -55.66 -34.04 -35.20
N THR N 481 -56.41 -33.60 -34.21
CA THR N 481 -57.25 -32.43 -34.34
C THR N 481 -57.21 -31.60 -33.05
N GLU N 482 -57.39 -30.31 -33.19
CA GLU N 482 -57.37 -29.41 -32.06
C GLU N 482 -58.79 -28.96 -31.75
N SER N 483 -59.13 -28.83 -30.48
CA SER N 483 -60.49 -28.43 -30.14
C SER N 483 -60.69 -26.96 -30.52
N PHE N 484 -61.93 -26.65 -30.85
CA PHE N 484 -62.35 -25.34 -31.36
C PHE N 484 -62.05 -24.18 -30.39
N GLN N 485 -62.26 -24.42 -29.10
CA GLN N 485 -62.06 -23.39 -28.06
C GLN N 485 -60.61 -22.87 -28.01
N VAL N 486 -59.60 -23.70 -28.32
CA VAL N 486 -58.21 -23.23 -28.17
C VAL N 486 -57.90 -22.02 -29.02
N LYS N 487 -58.32 -21.98 -30.28
CA LYS N 487 -57.98 -20.82 -31.09
C LYS N 487 -58.69 -19.52 -30.71
N ARG N 488 -59.97 -19.59 -30.35
CA ARG N 488 -60.69 -18.37 -29.99
C ARG N 488 -60.29 -17.68 -28.66
N GLN N 489 -60.07 -18.43 -27.57
CA GLN N 489 -59.62 -17.77 -26.33
C GLN N 489 -58.20 -17.20 -26.36
N VAL N 490 -57.26 -17.93 -26.96
CA VAL N 490 -55.85 -17.47 -26.98
C VAL N 490 -55.65 -16.19 -27.77
N LEU N 491 -56.21 -16.16 -28.95
CA LEU N 491 -56.05 -15.03 -29.85
C LEU N 491 -56.56 -13.71 -29.25
N LEU N 492 -57.77 -13.73 -28.67
CA LEU N 492 -58.32 -12.52 -28.03
C LEU N 492 -57.60 -12.12 -26.73
N SER N 493 -57.25 -13.11 -25.91
CA SER N 493 -56.61 -12.87 -24.60
C SER N 493 -55.11 -12.54 -24.68
N ALA N 494 -54.47 -12.90 -25.78
CA ALA N 494 -53.02 -12.63 -25.98
C ALA N 494 -52.76 -11.12 -25.95
N ALA N 495 -53.85 -10.39 -25.98
CA ALA N 495 -53.89 -8.94 -25.97
C ALA N 495 -53.24 -8.31 -24.74
N GLU N 496 -53.34 -8.92 -23.54
CA GLU N 496 -52.76 -8.28 -22.34
C GLU N 496 -51.24 -8.07 -22.47
N ALA N 497 -50.54 -9.03 -23.05
CA ALA N 497 -49.10 -8.91 -23.28
C ALA N 497 -48.78 -7.73 -24.19
N ALA N 498 -49.63 -7.59 -25.17
CA ALA N 498 -49.49 -6.58 -26.20
C ALA N 498 -50.18 -5.21 -25.95
N GLU N 499 -51.30 -5.19 -25.21
CA GLU N 499 -52.00 -3.91 -24.92
C GLU N 499 -51.10 -2.96 -24.17
N VAL N 500 -50.33 -3.48 -23.23
CA VAL N 500 -49.41 -2.68 -22.44
C VAL N 500 -48.39 -1.98 -23.35
N ILE N 501 -48.05 -2.65 -24.45
CA ILE N 501 -47.12 -2.14 -25.46
C ILE N 501 -47.61 -0.85 -26.12
N LEU N 502 -48.89 -0.81 -26.44
CA LEU N 502 -49.42 0.32 -27.20
C LEU N 502 -50.31 1.29 -26.48
N ARG N 503 -50.30 1.30 -25.18
CA ARG N 503 -51.10 2.30 -24.50
C ARG N 503 -50.54 3.68 -24.84
N VAL N 504 -49.20 3.76 -24.88
CA VAL N 504 -48.45 4.94 -25.37
C VAL N 504 -46.98 4.57 -25.49
N ASP N 505 -46.23 5.16 -26.41
CA ASP N 505 -44.81 4.80 -26.46
C ASP N 505 -43.88 6.02 -26.35
N ASN N 506 -44.25 7.11 -25.67
CA ASN N 506 -43.26 8.16 -25.55
C ASN N 506 -42.22 7.58 -24.59
N ILE N 507 -41.01 7.45 -25.10
CA ILE N 507 -39.95 6.69 -24.43
C ILE N 507 -39.06 7.49 -23.45
N ILE N 508 -39.22 7.23 -22.12
CA ILE N 508 -38.38 7.91 -21.09
C ILE N 508 -37.52 7.02 -20.11
N LYS N 509 -38.13 6.44 -19.04
CA LYS N 509 -37.35 5.70 -17.99
C LYS N 509 -37.34 4.13 -18.08
N ALA N 510 -38.06 3.47 -17.12
CA ALA N 510 -38.16 2.00 -16.96
C ALA N 510 -37.06 1.44 -16.03
N ALA N 511 -37.28 0.23 -15.52
CA ALA N 511 -36.31 -0.47 -14.64
C ALA N 511 -36.10 -1.90 -15.17
N PRO N 512 -35.27 -2.02 -16.23
CA PRO N 512 -34.99 -3.30 -16.94
C PRO N 512 -34.38 -4.43 -16.10
N ARG N 513 -34.71 -5.66 -16.51
CA ARG N 513 -34.21 -6.87 -15.87
C ARG N 513 -33.90 -7.96 -16.94
N ALA O 1 -14.59 20.85 26.16
CA ALA O 1 -13.73 19.68 25.83
C ALA O 1 -12.28 19.91 26.30
N GLY O 2 -12.13 20.72 27.34
CA GLY O 2 -10.81 21.03 27.87
C GLY O 2 -10.40 22.45 27.54
N ALA O 3 -9.42 22.59 26.66
CA ALA O 3 -8.97 23.92 26.24
C ALA O 3 -9.59 24.30 24.90
N ASP O 4 -10.37 25.38 24.91
CA ASP O 4 -11.03 25.92 23.71
C ASP O 4 -10.01 26.36 22.64
N GLU O 5 -8.91 26.95 23.12
CA GLU O 5 -7.82 27.52 22.30
C GLU O 5 -8.21 28.80 21.53
N GLU O 6 -8.85 29.70 22.27
CA GLU O 6 -9.22 31.02 21.76
C GLU O 6 -8.53 32.07 22.64
N ARG O 7 -8.02 33.13 22.05
CA ARG O 7 -7.24 34.14 22.78
C ARG O 7 -7.85 35.55 22.73
N ALA O 8 -7.80 36.25 23.87
CA ALA O 8 -8.33 37.64 24.06
C ALA O 8 -9.19 38.22 22.91
N GLU O 9 -8.55 38.73 21.86
CA GLU O 9 -9.27 39.29 20.70
C GLU O 9 -10.19 38.28 20.00
N THR O 10 -9.75 37.03 19.84
CA THR O 10 -10.60 36.00 19.21
C THR O 10 -11.77 35.64 20.14
N ALA O 11 -11.62 35.94 21.43
CA ALA O 11 -12.69 35.73 22.40
C ALA O 11 -13.90 36.58 21.98
N ARG O 12 -13.57 37.78 21.52
CA ARG O 12 -14.49 38.76 20.96
C ARG O 12 -15.20 38.15 19.75
N LEU O 13 -14.41 37.40 18.97
CA LEU O 13 -14.89 36.74 17.76
C LEU O 13 -16.03 35.77 18.08
N SER O 14 -15.95 35.02 19.17
CA SER O 14 -17.05 34.10 19.49
C SER O 14 -18.37 34.87 19.66
N SER O 15 -18.30 36.03 20.32
CA SER O 15 -19.47 36.89 20.44
C SER O 15 -19.91 37.39 19.07
N PHE O 16 -18.90 37.73 18.25
CA PHE O 16 -19.07 38.25 16.88
C PHE O 16 -19.81 37.25 15.98
N ILE O 17 -19.41 35.98 16.07
CA ILE O 17 -20.01 34.92 15.25
C ILE O 17 -21.47 34.65 15.66
N GLY O 18 -21.75 34.66 16.97
CA GLY O 18 -23.10 34.44 17.44
C GLY O 18 -24.09 35.47 16.92
N ALA O 19 -23.64 36.73 16.88
CA ALA O 19 -24.48 37.83 16.39
C ALA O 19 -24.80 37.75 14.90
N ILE O 20 -23.83 37.34 14.08
CA ILE O 20 -24.07 37.24 12.63
C ILE O 20 -25.02 36.11 12.26
N ALA O 21 -24.89 34.97 12.93
CA ALA O 21 -25.74 33.81 12.67
C ALA O 21 -27.22 34.09 12.91
N ILE O 22 -27.51 34.77 14.02
CA ILE O 22 -28.90 35.08 14.41
C ILE O 22 -29.58 36.14 13.52
N GLY O 23 -28.83 37.15 13.11
CA GLY O 23 -29.39 38.24 12.30
C GLY O 23 -29.99 37.81 10.96
N ASP O 24 -29.34 36.90 10.24
CA ASP O 24 -29.87 36.46 8.94
C ASP O 24 -31.23 35.75 9.03
N LEU O 25 -31.40 34.90 10.05
CA LEU O 25 -32.67 34.15 10.21
C LEU O 25 -33.85 35.06 10.60
N VAL O 26 -33.58 36.02 11.49
CA VAL O 26 -34.57 36.98 11.96
C VAL O 26 -34.88 38.06 10.91
N LYS O 27 -33.95 38.21 9.98
CA LYS O 27 -34.02 39.22 8.92
C LYS O 27 -35.24 39.08 7.99
N SER O 28 -35.60 37.85 7.63
CA SER O 28 -36.76 37.62 6.76
C SER O 28 -38.09 37.92 7.46
N THR O 29 -38.09 37.77 8.79
CA THR O 29 -39.28 38.00 9.64
C THR O 29 -39.86 39.43 9.62
N LEU O 30 -39.00 40.44 9.60
CA LEU O 30 -39.41 41.87 9.65
C LEU O 30 -40.10 42.38 8.37
N GLY O 31 -41.01 43.36 8.54
CA GLY O 31 -41.64 44.05 7.40
C GLY O 31 -42.81 43.34 6.70
N PRO O 32 -43.71 44.15 6.05
CA PRO O 32 -44.91 43.66 5.34
C PRO O 32 -44.72 42.40 4.51
N LYS O 33 -43.57 42.13 3.98
CA LYS O 33 -43.41 40.83 3.34
C LYS O 33 -42.32 40.04 4.07
N GLY O 34 -42.78 39.14 4.93
CA GLY O 34 -41.91 38.30 5.73
C GLY O 34 -42.01 36.84 5.41
N MET O 35 -41.00 36.07 5.79
CA MET O 35 -40.98 34.66 5.49
C MET O 35 -41.13 33.84 6.78
N ASP O 36 -41.83 32.73 6.70
CA ASP O 36 -42.04 31.89 7.88
C ASP O 36 -41.12 30.70 7.89
N LYS O 37 -40.60 30.38 9.07
CA LYS O 37 -39.60 29.33 9.16
C LYS O 37 -40.01 28.15 10.04
N ILE O 38 -39.58 26.98 9.59
CA ILE O 38 -39.95 25.71 10.21
C ILE O 38 -38.72 24.94 10.70
N LEU O 39 -38.74 24.49 11.93
CA LEU O 39 -37.60 23.74 12.48
C LEU O 39 -37.98 22.32 12.89
N LEU O 40 -37.07 21.39 12.60
CA LEU O 40 -37.28 19.98 12.94
C LEU O 40 -36.17 19.52 13.89
N SER O 41 -36.55 18.91 15.00
CA SER O 41 -35.56 18.47 15.98
C SER O 41 -35.81 17.05 16.50
N SER O 42 -34.73 16.38 16.86
CA SER O 42 -34.80 15.03 17.41
C SER O 42 -34.18 15.04 18.81
N GLY O 43 -34.88 14.49 19.80
CA GLY O 43 -34.36 14.52 21.15
C GLY O 43 -35.24 15.33 22.11
N ARG O 44 -36.31 14.70 22.60
CA ARG O 44 -37.29 15.35 23.52
C ARG O 44 -38.15 16.42 22.86
N ASP O 45 -38.43 16.29 21.57
CA ASP O 45 -39.28 17.28 20.90
C ASP O 45 -40.62 16.65 20.47
N ALA O 46 -40.90 16.68 19.18
CA ALA O 46 -42.13 16.10 18.62
C ALA O 46 -42.06 16.15 17.10
N SER O 47 -42.91 16.96 16.50
CA SER O 47 -42.86 17.14 15.07
C SER O 47 -42.84 18.64 14.73
N LEU O 48 -41.96 18.96 13.79
CA LEU O 48 -41.71 20.31 13.25
C LEU O 48 -42.44 21.50 13.93
N MET O 49 -41.68 22.36 14.60
CA MET O 49 -42.27 23.58 15.16
C MET O 49 -41.97 24.74 14.23
N VAL O 50 -42.97 25.55 14.01
CA VAL O 50 -42.83 26.67 13.10
C VAL O 50 -43.03 27.95 13.89
N THR O 51 -42.04 28.82 13.87
CA THR O 51 -42.17 30.07 14.59
C THR O 51 -41.79 31.32 13.77
N ASN O 52 -42.76 32.22 13.61
CA ASN O 52 -42.56 33.50 12.92
C ASN O 52 -42.06 34.51 13.95
N ASP O 53 -42.47 34.27 15.20
CA ASP O 53 -42.10 35.11 16.32
C ASP O 53 -40.69 34.72 16.74
N GLY O 54 -39.75 35.64 16.56
CA GLY O 54 -38.36 35.33 16.85
C GLY O 54 -38.11 34.94 18.31
N ALA O 55 -38.77 35.62 19.23
CA ALA O 55 -38.59 35.33 20.64
C ALA O 55 -38.97 33.88 21.04
N THR O 56 -40.06 33.34 20.50
CA THR O 56 -40.52 31.98 20.87
C THR O 56 -39.51 30.87 20.56
N ILE O 57 -38.98 30.83 19.35
CA ILE O 57 -38.01 29.77 19.01
C ILE O 57 -36.65 29.89 19.71
N LEU O 58 -36.14 31.11 19.83
CA LEU O 58 -34.87 31.31 20.50
C LEU O 58 -34.92 30.86 21.97
N LYS O 59 -36.04 31.16 22.63
CA LYS O 59 -36.26 30.81 24.04
C LYS O 59 -36.37 29.30 24.31
N ASN O 60 -37.05 28.59 23.42
CA ASN O 60 -37.30 27.15 23.59
C ASN O 60 -36.10 26.22 23.44
N ILE O 61 -35.07 26.63 22.72
CA ILE O 61 -33.95 25.71 22.49
C ILE O 61 -32.54 26.23 22.77
N GLY O 62 -31.74 25.37 23.42
CA GLY O 62 -30.34 25.67 23.67
C GLY O 62 -29.48 24.85 22.72
N VAL O 63 -29.45 25.30 21.46
CA VAL O 63 -28.78 24.61 20.35
C VAL O 63 -27.25 24.39 20.42
N ASP O 64 -26.47 25.41 20.76
CA ASP O 64 -25.00 25.24 20.68
C ASP O 64 -24.18 26.06 21.69
N ASN O 65 -22.89 25.72 21.73
CA ASN O 65 -21.87 26.30 22.65
C ASN O 65 -21.59 27.84 22.60
N PRO O 66 -21.62 28.56 21.43
CA PRO O 66 -21.29 30.01 21.48
C PRO O 66 -22.35 30.86 22.19
N ALA O 67 -21.91 31.95 22.80
CA ALA O 67 -22.79 32.82 23.59
C ALA O 67 -23.87 33.51 22.76
N ALA O 68 -25.10 33.51 23.28
CA ALA O 68 -26.24 34.13 22.63
C ALA O 68 -27.56 33.98 23.41
N LYS O 69 -27.74 32.85 24.11
CA LYS O 69 -28.99 32.62 24.85
C LYS O 69 -29.25 33.66 25.93
N VAL O 70 -28.23 34.09 26.65
CA VAL O 70 -28.45 35.10 27.70
C VAL O 70 -29.03 36.37 27.07
N LEU O 71 -28.50 36.73 25.90
CA LEU O 71 -29.03 37.86 25.13
C LEU O 71 -30.50 37.59 24.78
N VAL O 72 -30.73 36.36 24.28
CA VAL O 72 -32.06 35.86 23.88
C VAL O 72 -33.09 35.79 25.02
N ASP O 73 -32.65 35.33 26.18
CA ASP O 73 -33.49 35.12 27.37
C ASP O 73 -34.13 36.44 27.81
N MET O 74 -33.36 37.50 27.64
CA MET O 74 -33.73 38.86 28.00
C MET O 74 -34.98 39.34 27.23
N SER O 75 -35.13 38.99 25.96
CA SER O 75 -36.26 39.46 25.14
C SER O 75 -37.65 39.16 25.77
N ARG O 76 -37.83 38.03 26.45
CA ARG O 76 -39.11 37.73 27.12
C ARG O 76 -39.52 38.75 28.20
N VAL O 77 -38.59 39.25 29.02
CA VAL O 77 -38.96 40.26 30.02
C VAL O 77 -39.53 41.47 29.28
N GLN O 78 -38.93 41.77 28.14
CA GLN O 78 -39.43 42.81 27.26
C GLN O 78 -40.84 42.47 26.82
N ASP O 79 -41.07 41.18 26.52
CA ASP O 79 -42.38 40.71 26.07
C ASP O 79 -43.49 40.99 27.11
N ASP O 80 -43.23 40.74 28.41
CA ASP O 80 -44.26 41.05 29.41
C ASP O 80 -44.61 42.53 29.45
N GLU O 81 -43.60 43.38 29.36
CA GLU O 81 -43.83 44.82 29.32
C GLU O 81 -44.50 45.29 28.03
N VAL O 82 -44.06 44.70 26.91
CA VAL O 82 -44.61 45.02 25.60
C VAL O 82 -44.32 43.91 24.56
N GLY O 83 -43.04 43.52 24.47
CA GLY O 83 -42.62 42.45 23.58
C GLY O 83 -42.64 42.67 22.09
N ASP O 84 -43.51 41.85 21.53
CA ASP O 84 -43.79 41.68 20.11
C ASP O 84 -43.85 42.91 19.19
N GLY O 85 -44.81 42.88 18.28
CA GLY O 85 -44.86 43.86 17.22
C GLY O 85 -44.11 43.22 16.08
N THR O 86 -42.85 43.54 15.94
CA THR O 86 -41.99 42.87 14.97
C THR O 86 -40.66 42.62 15.66
N THR O 87 -39.92 41.58 15.31
CA THR O 87 -38.66 41.36 16.01
C THR O 87 -37.56 42.15 15.34
N SER O 88 -37.14 43.21 15.99
CA SER O 88 -36.09 44.06 15.44
C SER O 88 -34.90 44.27 16.38
N VAL O 89 -35.14 44.19 17.69
CA VAL O 89 -34.09 44.48 18.67
C VAL O 89 -32.86 43.57 18.58
N THR O 90 -33.09 42.28 18.33
CA THR O 90 -31.99 41.32 18.18
C THR O 90 -31.07 41.68 16.99
N VAL O 91 -31.69 42.12 15.89
CA VAL O 91 -30.97 42.47 14.67
C VAL O 91 -29.97 43.63 14.90
N LEU O 92 -30.45 44.69 15.56
CA LEU O 92 -29.60 45.86 15.86
C LEU O 92 -28.39 45.53 16.73
N ALA O 93 -28.60 44.68 17.74
CA ALA O 93 -27.51 44.30 18.64
C ALA O 93 -26.41 43.56 17.90
N ALA O 94 -26.81 42.68 16.99
CA ALA O 94 -25.88 41.89 16.18
C ALA O 94 -25.00 42.76 15.28
N GLU O 95 -25.64 43.78 14.72
CA GLU O 95 -25.01 44.73 13.80
C GLU O 95 -23.84 45.51 14.41
N LEU O 96 -23.98 45.91 15.67
CA LEU O 96 -22.97 46.72 16.36
C LEU O 96 -21.60 46.01 16.44
N LEU O 97 -21.62 44.68 16.39
CA LEU O 97 -20.40 43.85 16.43
C LEU O 97 -19.56 43.99 15.14
N ARG O 98 -20.24 44.24 14.02
CA ARG O 98 -19.58 44.38 12.69
C ARG O 98 -18.55 45.51 12.64
N GLU O 99 -18.86 46.61 13.29
CA GLU O 99 -17.96 47.77 13.34
C GLU O 99 -16.69 47.48 14.14
N ALA O 100 -16.72 46.45 14.98
CA ALA O 100 -15.56 46.10 15.82
C ALA O 100 -14.31 45.87 14.96
N GLU O 101 -14.48 45.35 13.74
CA GLU O 101 -13.34 45.23 12.80
C GLU O 101 -12.73 46.60 12.50
N SER O 102 -13.59 47.59 12.30
CA SER O 102 -13.15 48.98 12.10
C SER O 102 -12.36 49.47 13.33
N LEU O 103 -12.88 49.07 14.50
CA LEU O 103 -12.32 49.40 15.82
C LEU O 103 -10.88 48.91 16.04
N ILE O 104 -10.53 47.73 15.53
CA ILE O 104 -9.15 47.22 15.72
C ILE O 104 -8.12 48.19 15.10
N ALA O 105 -8.44 48.73 13.92
CA ALA O 105 -7.54 49.68 13.26
C ALA O 105 -7.66 51.05 13.92
N LYS O 106 -8.66 51.16 14.76
CA LYS O 106 -8.90 52.35 15.53
C LYS O 106 -8.11 52.10 16.83
N LYS O 107 -6.78 52.33 16.72
CA LYS O 107 -5.74 52.16 17.79
C LYS O 107 -6.03 52.91 19.09
N ILE O 108 -7.28 52.86 19.42
CA ILE O 108 -7.90 53.57 20.49
C ILE O 108 -8.58 52.69 21.54
N HIS O 109 -8.42 53.13 22.79
CA HIS O 109 -8.96 52.49 23.98
C HIS O 109 -10.42 51.99 23.76
N PRO O 110 -10.59 50.65 23.59
CA PRO O 110 -11.90 49.99 23.32
C PRO O 110 -12.97 50.18 24.39
N GLN O 111 -12.53 50.32 25.63
CA GLN O 111 -13.44 50.49 26.77
C GLN O 111 -14.12 51.87 26.73
N THR O 112 -13.42 52.85 26.18
CA THR O 112 -13.97 54.20 25.99
C THR O 112 -15.20 54.13 25.09
N ILE O 113 -15.07 53.28 24.09
CA ILE O 113 -16.13 52.99 23.13
C ILE O 113 -17.37 52.48 23.89
N ILE O 114 -17.13 51.85 25.03
CA ILE O 114 -18.19 51.34 25.92
C ILE O 114 -19.07 52.51 26.38
N ALA O 115 -18.45 53.66 26.68
CA ALA O 115 -19.18 54.88 27.07
C ALA O 115 -20.31 55.20 26.07
N GLY O 116 -20.21 54.63 24.86
CA GLY O 116 -21.25 54.79 23.84
C GLY O 116 -22.56 54.25 24.36
N TRP O 117 -22.49 53.15 25.09
CA TRP O 117 -23.65 52.53 25.75
C TRP O 117 -24.16 53.43 26.88
N ARG O 118 -23.21 54.07 27.55
CA ARG O 118 -23.52 55.02 28.62
C ARG O 118 -24.36 56.15 28.03
N GLU O 119 -23.98 56.55 26.82
CA GLU O 119 -24.70 57.56 26.06
C GLU O 119 -25.76 56.91 25.16
N ALA O 120 -25.84 55.58 25.20
CA ALA O 120 -26.86 54.84 24.46
C ALA O 120 -28.18 55.13 25.14
N THR O 121 -28.06 55.58 26.40
CA THR O 121 -29.20 55.98 27.19
C THR O 121 -29.74 57.27 26.59
N LYS O 122 -28.88 57.95 25.80
CA LYS O 122 -29.33 59.11 25.04
C LYS O 122 -30.42 58.69 24.09
N ALA O 123 -30.25 57.53 23.47
CA ALA O 123 -31.28 57.02 22.61
C ALA O 123 -32.50 56.72 23.47
N ALA O 124 -32.23 56.16 24.65
CA ALA O 124 -33.27 55.85 25.61
C ALA O 124 -34.06 57.09 26.05
N ARG O 125 -33.38 58.16 26.44
CA ARG O 125 -34.10 59.38 26.88
C ARG O 125 -34.44 60.33 25.74
N GLN O 126 -33.81 60.19 24.57
CA GLN O 126 -34.11 61.08 23.46
C GLN O 126 -35.22 60.55 22.53
N ALA O 127 -35.21 59.24 22.24
CA ALA O 127 -36.27 58.66 21.41
C ALA O 127 -37.59 58.89 22.10
N LEU O 128 -37.53 58.73 23.41
CA LEU O 128 -38.66 58.96 24.27
C LEU O 128 -38.97 60.46 24.34
N LEU O 129 -40.25 60.77 24.37
CA LEU O 129 -40.84 62.13 24.49
C LEU O 129 -40.47 63.16 23.39
N ASN O 130 -39.76 62.79 22.31
CA ASN O 130 -39.52 63.80 21.26
C ASN O 130 -40.09 63.39 19.90
N SER O 131 -40.66 62.18 19.81
CA SER O 131 -41.24 61.71 18.55
C SER O 131 -42.67 61.15 18.71
N ALA O 132 -43.52 61.49 17.73
CA ALA O 132 -44.93 61.02 17.65
C ALA O 132 -45.66 60.96 19.00
N VAL O 133 -46.46 59.87 19.15
CA VAL O 133 -47.27 59.46 20.35
C VAL O 133 -48.75 59.19 20.04
N ASP O 134 -49.33 58.37 20.92
CA ASP O 134 -50.74 57.98 20.88
C ASP O 134 -51.35 58.48 22.17
N HIS O 135 -52.54 59.01 22.13
CA HIS O 135 -53.15 59.50 23.37
C HIS O 135 -54.60 59.02 23.57
N GLY O 136 -55.15 58.31 22.57
CA GLY O 136 -56.53 57.82 22.64
C GLY O 136 -56.70 56.47 23.35
N SER O 137 -57.40 55.53 22.70
CA SER O 137 -57.64 54.18 23.27
C SER O 137 -58.41 54.26 24.60
N ASP O 138 -59.61 54.84 24.55
CA ASP O 138 -60.44 55.07 25.75
C ASP O 138 -60.84 53.79 26.53
N GLU O 139 -61.20 52.71 25.81
CA GLU O 139 -61.61 51.40 26.38
C GLU O 139 -62.67 50.78 25.48
N VAL O 140 -62.44 49.55 25.00
CA VAL O 140 -63.38 48.90 24.06
C VAL O 140 -63.17 49.57 22.71
N LYS O 141 -63.72 50.78 22.61
CA LYS O 141 -63.58 51.69 21.47
C LYS O 141 -64.09 51.14 20.11
N PHE O 142 -64.91 51.96 19.48
CA PHE O 142 -65.58 51.64 18.21
C PHE O 142 -64.68 51.32 16.98
N ARG O 143 -63.58 52.06 16.79
CA ARG O 143 -62.72 51.79 15.61
C ARG O 143 -61.21 51.77 15.89
N GLN O 144 -60.80 52.23 17.06
CA GLN O 144 -59.38 52.27 17.41
C GLN O 144 -58.98 50.99 18.09
N ASP O 145 -59.95 50.07 18.16
CA ASP O 145 -59.74 48.79 18.79
C ASP O 145 -58.62 48.06 18.04
N LEU O 146 -58.66 48.10 16.70
CA LEU O 146 -57.60 47.53 15.87
C LEU O 146 -57.47 48.28 14.55
N MET O 147 -57.22 47.52 13.48
CA MET O 147 -57.01 48.05 12.14
C MET O 147 -55.87 49.07 12.21
N ASN O 148 -54.97 48.78 13.15
CA ASN O 148 -53.80 49.60 13.48
C ASN O 148 -52.49 48.78 13.53
N ILE O 149 -51.89 48.81 14.72
CA ILE O 149 -50.62 48.14 15.03
C ILE O 149 -50.65 46.62 14.85
N ALA O 150 -51.75 45.96 15.17
CA ALA O 150 -51.81 44.51 14.97
C ALA O 150 -51.60 44.22 13.49
N GLY O 151 -52.21 45.05 12.64
CA GLY O 151 -52.00 44.90 11.22
C GLY O 151 -50.51 45.05 10.89
N THR O 152 -49.83 46.01 11.54
CA THR O 152 -48.39 46.18 11.37
C THR O 152 -47.59 44.96 11.84
N THR O 153 -48.02 44.36 12.96
CA THR O 153 -47.39 43.15 13.48
C THR O 153 -47.51 42.04 12.45
N LEU O 154 -48.69 42.00 11.85
CA LEU O 154 -49.03 41.10 10.77
C LEU O 154 -48.31 41.45 9.49
N SER O 155 -48.01 42.73 9.31
CA SER O 155 -47.36 43.14 8.09
C SER O 155 -46.03 42.42 7.97
N SER O 156 -45.31 42.27 9.06
CA SER O 156 -44.01 41.58 9.02
C SER O 156 -44.19 40.14 8.53
N LYS O 157 -45.40 39.66 8.59
CA LYS O 157 -45.76 38.33 8.21
C LYS O 157 -46.52 38.36 6.85
N LEU O 158 -46.18 37.49 5.88
CA LEU O 158 -46.84 37.54 4.56
C LEU O 158 -48.37 37.33 4.60
N LEU O 159 -48.84 36.40 5.44
CA LEU O 159 -50.28 36.08 5.61
C LEU O 159 -51.28 37.25 5.39
N THR O 160 -50.79 38.49 5.54
CA THR O 160 -51.54 39.78 5.38
C THR O 160 -52.55 39.86 4.21
N HIS O 161 -52.86 38.77 3.54
CA HIS O 161 -53.87 38.82 2.50
C HIS O 161 -55.22 38.50 3.18
N HIS O 162 -55.49 37.24 3.44
CA HIS O 162 -56.66 36.81 4.21
C HIS O 162 -56.55 37.21 5.69
N LYS O 163 -55.33 37.05 6.21
CA LYS O 163 -54.99 37.19 7.62
C LYS O 163 -55.26 38.55 8.27
N ASP O 164 -55.01 39.68 7.59
CA ASP O 164 -55.23 40.98 8.26
C ASP O 164 -56.64 41.05 8.86
N HIS O 165 -57.60 40.36 8.24
CA HIS O 165 -58.95 40.24 8.78
C HIS O 165 -58.95 39.56 10.18
N PHE O 166 -58.09 38.52 10.31
CA PHE O 166 -57.95 37.74 11.57
C PHE O 166 -57.42 38.58 12.72
N THR O 167 -56.46 39.45 12.39
CA THR O 167 -55.83 40.32 13.37
C THR O 167 -56.85 41.23 14.03
N LYS O 168 -57.78 41.71 13.21
CA LYS O 168 -58.86 42.59 13.65
C LYS O 168 -59.72 41.90 14.72
N LEU O 169 -59.95 40.63 14.50
CA LEU O 169 -60.74 39.79 15.40
C LEU O 169 -60.13 39.72 16.82
N ALA O 170 -58.80 39.63 16.89
CA ALA O 170 -58.09 39.47 18.17
C ALA O 170 -58.43 40.56 19.19
N VAL O 171 -58.59 41.82 18.80
CA VAL O 171 -58.98 42.87 19.76
C VAL O 171 -60.33 42.62 20.43
N GLU O 172 -61.24 41.96 19.74
CA GLU O 172 -62.53 41.65 20.35
C GLU O 172 -62.24 40.78 21.58
N ALA O 173 -61.30 39.87 21.40
CA ALA O 173 -60.83 38.97 22.46
C ALA O 173 -60.23 39.73 23.65
N VAL O 174 -59.47 40.79 23.39
CA VAL O 174 -58.84 41.55 24.49
C VAL O 174 -59.88 42.33 25.29
N LEU O 175 -60.87 42.90 24.60
CA LEU O 175 -61.91 43.70 25.26
C LEU O 175 -62.73 42.92 26.28
N ARG O 176 -63.05 41.67 25.96
CA ARG O 176 -63.80 40.81 26.87
C ARG O 176 -62.94 40.39 28.07
N LEU O 177 -61.63 40.37 27.81
CA LEU O 177 -60.61 39.98 28.80
C LEU O 177 -60.29 41.14 29.77
N LYS O 178 -60.78 42.34 29.50
CA LYS O 178 -60.42 43.48 30.35
C LYS O 178 -61.49 43.83 31.40
N GLY O 179 -60.97 44.09 32.58
CA GLY O 179 -61.75 44.44 33.75
C GLY O 179 -61.01 43.98 34.99
N SER O 180 -61.62 44.07 36.16
CA SER O 180 -60.94 43.58 37.35
C SER O 180 -61.29 42.10 37.60
N GLY O 181 -60.71 41.22 36.80
CA GLY O 181 -60.97 39.79 36.93
C GLY O 181 -59.74 38.91 36.83
N ASN O 182 -58.77 39.36 36.00
CA ASN O 182 -57.43 38.71 35.77
C ASN O 182 -57.20 38.29 34.32
N LEU O 183 -55.96 37.85 34.05
CA LEU O 183 -55.52 37.35 32.74
C LEU O 183 -55.67 35.82 32.71
N GLU O 184 -56.90 35.33 32.57
CA GLU O 184 -57.12 33.88 32.64
C GLU O 184 -57.94 33.25 31.50
N ALA O 185 -57.61 31.98 31.24
CA ALA O 185 -58.34 31.11 30.29
C ALA O 185 -58.44 31.50 28.80
N ILE O 186 -57.32 31.71 28.12
CA ILE O 186 -57.39 31.98 26.66
C ILE O 186 -56.82 30.78 25.91
N HIS O 187 -57.56 30.30 24.91
CA HIS O 187 -57.14 29.11 24.16
C HIS O 187 -57.41 29.27 22.65
N VAL O 188 -56.42 29.01 21.80
CA VAL O 188 -56.64 29.12 20.34
C VAL O 188 -56.17 27.89 19.53
N ILE O 189 -57.07 27.40 18.67
CA ILE O 189 -56.80 26.26 17.77
C ILE O 189 -57.23 26.59 16.32
N LYS O 190 -56.70 25.87 15.33
CA LYS O 190 -57.00 26.10 13.90
C LYS O 190 -57.64 24.88 13.20
N LYS O 191 -58.46 25.17 12.18
CA LYS O 191 -59.13 24.11 11.41
C LYS O 191 -58.77 24.08 9.93
N LEU O 192 -58.73 22.86 9.39
CA LEU O 192 -58.28 22.58 8.02
C LEU O 192 -59.32 22.79 6.90
N GLY O 193 -60.28 23.68 7.08
CA GLY O 193 -61.27 23.92 6.02
C GLY O 193 -61.33 25.38 5.59
N GLY O 194 -61.46 25.59 4.29
CA GLY O 194 -61.46 26.94 3.75
C GLY O 194 -62.77 27.74 3.81
N SER O 195 -62.59 29.03 4.07
CA SER O 195 -63.67 30.03 4.10
C SER O 195 -63.01 31.41 3.89
N LEU O 196 -63.70 32.39 3.30
CA LEU O 196 -63.05 33.70 3.08
C LEU O 196 -62.70 34.35 4.44
N ALA O 197 -63.64 34.24 5.39
CA ALA O 197 -63.47 34.81 6.75
C ALA O 197 -62.28 34.18 7.47
N ASP O 198 -62.15 32.87 7.27
CA ASP O 198 -61.08 32.05 7.86
C ASP O 198 -61.12 32.01 9.39
N SER O 199 -62.18 32.48 9.99
CA SER O 199 -62.29 32.40 11.44
C SER O 199 -63.73 32.53 11.92
N TYR O 200 -64.01 31.90 13.03
CA TYR O 200 -65.30 31.97 13.68
C TYR O 200 -65.11 32.31 15.15
N LEU O 201 -65.99 33.09 15.71
CA LEU O 201 -65.84 33.44 17.10
C LEU O 201 -66.73 32.59 17.97
N ASP O 202 -66.12 31.87 18.87
CA ASP O 202 -66.84 31.01 19.78
C ASP O 202 -66.97 31.67 21.14
N GLU O 203 -68.19 31.67 21.63
CA GLU O 203 -68.53 32.28 22.91
C GLU O 203 -67.94 31.51 24.10
N GLY O 204 -67.60 30.25 23.88
CA GLY O 204 -67.07 29.43 24.97
C GLY O 204 -65.72 28.75 24.69
N PHE O 205 -65.47 27.66 25.42
CA PHE O 205 -64.22 26.87 25.37
C PHE O 205 -64.29 25.66 24.41
N LEU O 206 -63.19 25.44 23.69
CA LEU O 206 -63.10 24.34 22.72
C LEU O 206 -62.18 23.19 23.21
N LEU O 207 -62.71 21.96 23.14
CA LEU O 207 -62.02 20.71 23.56
C LEU O 207 -62.27 19.61 22.51
N ASP O 208 -61.46 18.55 22.45
CA ASP O 208 -61.71 17.49 21.43
C ASP O 208 -61.59 16.08 22.03
N LYS O 209 -62.70 15.63 22.62
CA LYS O 209 -62.84 14.28 23.21
C LYS O 209 -64.32 13.87 23.26
N LYS O 210 -64.61 12.57 23.37
CA LYS O 210 -66.00 12.11 23.48
C LYS O 210 -66.10 10.85 24.36
N ILE O 211 -67.28 10.63 24.94
CA ILE O 211 -67.53 9.47 25.84
C ILE O 211 -67.32 8.13 25.13
N GLY O 212 -67.95 8.02 23.96
CA GLY O 212 -67.90 6.80 23.16
C GLY O 212 -68.94 6.83 22.05
N VAL O 213 -69.12 5.72 21.35
CA VAL O 213 -70.09 5.65 20.25
C VAL O 213 -71.54 5.91 20.73
N ASN O 214 -71.93 5.27 21.83
CA ASN O 214 -73.26 5.48 22.40
C ASN O 214 -73.26 6.79 23.22
N GLN O 215 -74.46 7.34 23.50
CA GLN O 215 -74.68 8.59 24.28
C GLN O 215 -75.39 9.64 23.43
N PRO O 216 -76.20 10.55 24.03
CA PRO O 216 -76.87 11.60 23.25
C PRO O 216 -75.84 12.49 22.54
N LYS O 217 -76.17 12.89 21.32
CA LYS O 217 -75.27 13.71 20.51
C LYS O 217 -74.96 15.08 21.16
N ARG O 218 -75.97 15.69 21.77
CA ARG O 218 -75.83 17.02 22.39
C ARG O 218 -76.63 17.12 23.70
N ILE O 219 -76.25 18.09 24.53
CA ILE O 219 -76.93 18.34 25.79
C ILE O 219 -77.33 19.82 25.92
N GLU O 220 -78.34 20.11 26.74
CA GLU O 220 -78.87 21.48 26.91
C GLU O 220 -79.20 21.77 28.38
N ASN O 221 -78.98 23.02 28.84
CA ASN O 221 -79.20 23.36 30.27
C ASN O 221 -78.27 22.49 31.11
N ALA O 222 -77.08 22.35 30.57
CA ALA O 222 -76.04 21.48 31.09
C ALA O 222 -75.46 21.80 32.47
N LYS O 223 -75.23 20.71 33.20
CA LYS O 223 -74.58 20.72 34.49
C LYS O 223 -73.21 20.07 34.30
N ILE O 224 -72.16 20.71 34.79
CA ILE O 224 -70.80 20.21 34.59
C ILE O 224 -70.17 19.68 35.87
N LEU O 225 -69.63 18.47 35.77
CA LEU O 225 -68.99 17.80 36.90
C LEU O 225 -67.50 17.55 36.61
N ILE O 226 -66.63 17.99 37.52
CA ILE O 226 -65.17 17.82 37.41
C ILE O 226 -64.65 17.00 38.59
N ALA O 227 -63.87 15.95 38.34
CA ALA O 227 -63.37 15.13 39.45
C ALA O 227 -61.84 15.08 39.54
N ASN O 228 -61.34 15.41 40.74
CA ASN O 228 -59.91 15.34 41.07
C ASN O 228 -59.41 13.90 41.18
N THR O 229 -60.34 12.99 41.36
CA THR O 229 -60.01 11.59 41.52
C THR O 229 -60.73 10.76 40.45
N GLY O 230 -60.04 9.74 40.01
CA GLY O 230 -60.55 8.90 38.95
C GLY O 230 -61.74 8.04 39.31
N MET O 231 -62.44 7.68 38.26
CA MET O 231 -63.61 6.82 38.29
C MET O 231 -63.17 5.38 38.64
N ASP O 232 -61.93 5.04 38.24
CA ASP O 232 -61.36 3.70 38.47
C ASP O 232 -61.28 3.37 39.98
N THR O 233 -61.77 2.21 40.37
CA THR O 233 -61.75 1.78 41.78
C THR O 233 -61.18 0.38 41.99
N ASP O 234 -60.29 0.25 42.98
CA ASP O 234 -59.69 -1.05 43.37
C ASP O 234 -58.53 -0.90 44.36
N LYS O 235 -57.60 -0.02 44.01
CA LYS O 235 -56.37 0.19 44.78
C LYS O 235 -56.56 0.65 46.26
N ILE O 236 -57.39 1.70 46.47
CA ILE O 236 -57.75 2.24 47.81
C ILE O 236 -56.48 2.71 48.60
N LYS O 237 -56.59 3.03 49.90
CA LYS O 237 -55.39 3.40 50.71
C LYS O 237 -54.46 2.19 50.87
N ILE O 238 -55.10 1.05 51.07
CA ILE O 238 -54.43 -0.23 51.26
C ILE O 238 -54.89 -1.18 50.16
N PHE O 239 -53.94 -1.71 49.43
CA PHE O 239 -54.21 -2.53 48.23
C PHE O 239 -55.04 -3.80 48.45
N GLY O 240 -54.80 -4.51 49.54
CA GLY O 240 -55.50 -5.78 49.73
C GLY O 240 -54.84 -6.90 48.93
N SER O 241 -53.65 -6.57 48.42
CA SER O 241 -52.80 -7.48 47.63
C SER O 241 -53.21 -7.55 46.17
N ARG O 242 -52.31 -8.03 45.34
CA ARG O 242 -52.63 -8.21 43.95
C ARG O 242 -52.94 -9.68 43.87
N VAL O 243 -54.21 -10.02 43.99
CA VAL O 243 -54.60 -11.42 44.05
C VAL O 243 -55.54 -11.92 42.96
N ARG O 244 -56.81 -11.61 43.19
CA ARG O 244 -57.97 -12.02 42.41
C ARG O 244 -58.69 -13.01 43.37
N VAL O 245 -59.04 -14.21 42.89
CA VAL O 245 -59.68 -15.24 43.72
C VAL O 245 -59.30 -16.66 43.23
N ASP O 246 -59.24 -17.63 44.14
CA ASP O 246 -58.87 -19.01 43.79
C ASP O 246 -60.03 -19.85 43.20
N SER O 247 -60.59 -19.35 42.08
CA SER O 247 -61.68 -20.00 41.30
C SER O 247 -62.64 -18.95 40.76
N THR O 248 -63.75 -19.37 40.15
CA THR O 248 -64.73 -18.41 39.65
C THR O 248 -66.03 -18.43 40.49
N ALA O 249 -66.08 -19.29 41.48
CA ALA O 249 -67.24 -19.34 42.38
C ALA O 249 -67.33 -18.10 43.28
N LYS O 250 -66.16 -17.68 43.76
CA LYS O 250 -66.04 -16.56 44.68
C LYS O 250 -65.78 -15.21 43.97
N VAL O 251 -65.71 -15.24 42.64
CA VAL O 251 -65.50 -14.02 41.81
C VAL O 251 -66.71 -13.07 41.90
N ALA O 252 -67.87 -13.66 42.11
CA ALA O 252 -69.14 -12.92 42.16
C ALA O 252 -69.18 -11.87 43.28
N GLU O 253 -68.62 -12.18 44.45
CA GLU O 253 -68.62 -11.24 45.58
C GLU O 253 -67.87 -9.93 45.20
N ILE O 254 -66.75 -10.05 44.48
CA ILE O 254 -65.96 -8.88 44.08
C ILE O 254 -66.71 -8.04 43.03
N GLU O 255 -67.36 -8.73 42.12
CA GLU O 255 -68.16 -8.11 41.05
C GLU O 255 -69.31 -7.25 41.59
N HIS O 256 -69.95 -7.75 42.65
CA HIS O 256 -71.09 -7.08 43.31
C HIS O 256 -70.69 -5.70 43.86
N ALA O 257 -69.49 -5.61 44.43
CA ALA O 257 -68.99 -4.37 45.02
C ALA O 257 -68.92 -3.26 43.96
N GLU O 258 -68.57 -3.66 42.74
CA GLU O 258 -68.50 -2.75 41.59
C GLU O 258 -69.84 -2.09 41.28
N LYS O 259 -70.90 -2.86 41.40
CA LYS O 259 -72.25 -2.38 41.11
C LYS O 259 -72.61 -1.20 42.03
N GLU O 260 -72.18 -1.25 43.29
CA GLU O 260 -72.44 -0.16 44.24
C GLU O 260 -71.83 1.17 43.76
N LYS O 261 -70.62 1.13 43.18
CA LYS O 261 -70.02 2.36 42.65
C LYS O 261 -70.90 2.93 41.53
N MET O 262 -71.43 2.04 40.71
CA MET O 262 -72.35 2.41 39.63
C MET O 262 -73.62 3.09 40.18
N LYS O 263 -74.13 2.55 41.29
CA LYS O 263 -75.36 3.07 41.91
C LYS O 263 -75.21 4.46 42.53
N GLU O 264 -74.09 4.71 43.19
CA GLU O 264 -73.86 6.00 43.84
C GLU O 264 -73.83 7.14 42.84
N LYS O 265 -73.21 6.89 41.69
CA LYS O 265 -73.04 7.90 40.68
C LYS O 265 -74.38 8.30 40.04
N VAL O 266 -75.25 7.32 39.78
CA VAL O 266 -76.56 7.61 39.19
C VAL O 266 -77.49 8.34 40.15
N GLU O 267 -77.49 7.92 41.42
CA GLU O 267 -78.39 8.50 42.43
C GLU O 267 -78.14 10.00 42.61
N ARG O 268 -76.85 10.36 42.72
CA ARG O 268 -76.45 11.76 42.88
C ARG O 268 -76.69 12.55 41.58
N ILE O 269 -76.39 11.87 40.47
CA ILE O 269 -76.57 12.39 39.11
C ILE O 269 -77.99 12.76 38.70
N LEU O 270 -78.95 11.88 38.92
CA LEU O 270 -80.33 12.14 38.50
C LEU O 270 -80.94 13.39 39.15
N LYS O 271 -80.75 13.57 40.45
CA LYS O 271 -81.33 14.72 41.17
C LYS O 271 -80.83 16.09 40.63
N HIS O 272 -79.54 16.16 40.30
CA HIS O 272 -78.93 17.38 39.78
C HIS O 272 -79.41 17.71 38.36
N GLY O 273 -79.57 16.67 37.55
CA GLY O 273 -79.95 16.85 36.15
C GLY O 273 -78.73 16.84 35.22
N ILE O 274 -77.56 16.59 35.84
CA ILE O 274 -76.24 16.49 35.18
C ILE O 274 -76.30 16.21 33.66
N ASN O 275 -75.71 17.10 32.90
CA ASN O 275 -75.68 16.91 31.45
C ASN O 275 -74.29 16.53 30.92
N CYS O 276 -73.24 16.87 31.66
CA CYS O 276 -71.88 16.57 31.22
C CYS O 276 -70.90 16.34 32.37
N PHE O 277 -70.04 15.35 32.20
CA PHE O 277 -69.03 15.03 33.21
C PHE O 277 -67.62 15.14 32.60
N ILE O 278 -66.75 15.94 33.22
CA ILE O 278 -65.38 16.08 32.73
C ILE O 278 -64.37 15.65 33.80
N ASN O 279 -63.56 14.65 33.48
CA ASN O 279 -62.56 14.14 34.43
C ASN O 279 -61.15 14.19 33.85
N ARG O 280 -60.20 14.75 34.59
CA ARG O 280 -58.83 14.79 34.11
C ARG O 280 -58.06 13.55 34.56
N GLN O 281 -58.24 12.45 33.80
CA GLN O 281 -57.55 11.16 34.03
C GLN O 281 -58.34 10.00 33.42
N LEU O 282 -57.90 8.78 33.69
CA LEU O 282 -58.55 7.56 33.17
C LEU O 282 -59.94 7.38 33.79
N ILE O 283 -60.89 6.93 32.98
CA ILE O 283 -62.27 6.74 33.43
C ILE O 283 -62.63 5.24 33.46
N TYR O 284 -63.23 4.82 34.55
CA TYR O 284 -63.59 3.41 34.72
C TYR O 284 -64.74 3.03 33.77
N ASN O 285 -64.64 1.83 33.20
CA ASN O 285 -65.59 1.33 32.19
C ASN O 285 -67.06 1.15 32.63
N TYR O 286 -67.31 0.66 33.84
CA TYR O 286 -68.70 0.42 34.30
C TYR O 286 -69.67 1.63 34.19
N PRO O 287 -69.27 2.82 34.70
CA PRO O 287 -70.12 4.03 34.64
C PRO O 287 -70.46 4.45 33.22
N GLU O 288 -69.62 4.07 32.27
CA GLU O 288 -69.80 4.45 30.87
C GLU O 288 -71.14 3.96 30.33
N GLN O 289 -71.53 2.74 30.69
CA GLN O 289 -72.81 2.18 30.25
C GLN O 289 -74.00 2.98 30.81
N LEU O 290 -73.85 3.37 32.08
CA LEU O 290 -74.85 4.15 32.81
C LEU O 290 -75.14 5.51 32.17
N PHE O 291 -74.07 6.22 31.84
CA PHE O 291 -74.18 7.56 31.24
C PHE O 291 -74.94 7.53 29.92
N GLY O 292 -74.71 6.51 29.10
CA GLY O 292 -75.39 6.39 27.82
C GLY O 292 -76.90 6.28 27.93
N ALA O 293 -77.37 5.44 28.85
CA ALA O 293 -78.81 5.26 29.06
C ALA O 293 -79.47 6.50 29.69
N ALA O 294 -78.77 7.11 30.63
CA ALA O 294 -79.23 8.30 31.34
C ALA O 294 -79.38 9.52 30.42
N GLY O 295 -78.43 9.68 29.52
CA GLY O 295 -78.42 10.81 28.61
C GLY O 295 -77.46 11.90 29.10
N VAL O 296 -76.33 11.44 29.61
CA VAL O 296 -75.29 12.32 30.15
C VAL O 296 -73.96 12.13 29.41
N MET O 297 -73.36 13.24 28.97
CA MET O 297 -72.11 13.16 28.21
C MET O 297 -70.87 13.38 29.09
N ALA O 298 -70.00 12.37 29.13
CA ALA O 298 -68.77 12.40 29.92
C ALA O 298 -67.51 12.45 29.05
N ILE O 299 -66.44 13.01 29.57
CA ILE O 299 -65.19 13.12 28.80
C ILE O 299 -64.02 12.37 29.48
N GLU O 300 -63.47 11.40 28.75
CA GLU O 300 -62.36 10.57 29.25
C GLU O 300 -60.98 11.20 29.04
N HIS O 301 -60.18 11.25 30.11
CA HIS O 301 -58.81 11.78 30.08
C HIS O 301 -58.73 13.24 29.62
N ALA O 302 -59.66 14.06 30.08
CA ALA O 302 -59.64 15.48 29.72
C ALA O 302 -58.35 16.15 30.22
N ASP O 303 -57.78 17.03 29.41
CA ASP O 303 -56.54 17.72 29.79
C ASP O 303 -56.77 18.72 30.94
N PHE O 304 -55.87 18.65 31.91
CA PHE O 304 -55.96 19.45 33.14
C PHE O 304 -55.97 20.96 32.89
N VAL O 305 -55.13 21.43 31.96
CA VAL O 305 -55.04 22.86 31.67
C VAL O 305 -56.40 23.43 31.21
N GLY O 306 -57.12 22.69 30.38
CA GLY O 306 -58.43 23.13 29.95
C GLY O 306 -59.42 23.18 31.12
N VAL O 307 -59.33 22.17 31.97
CA VAL O 307 -60.20 22.03 33.15
C VAL O 307 -60.09 23.18 34.16
N GLU O 308 -58.86 23.55 34.52
CA GLU O 308 -58.65 24.62 35.49
C GLU O 308 -59.26 25.93 34.99
N ARG O 309 -59.06 26.20 33.69
CA ARG O 309 -59.61 27.40 33.04
C ARG O 309 -61.15 27.36 33.05
N LEU O 310 -61.66 26.17 32.80
CA LEU O 310 -63.11 25.91 32.73
C LEU O 310 -63.76 26.22 34.09
N ALA O 311 -63.08 25.84 35.18
CA ALA O 311 -63.60 26.06 36.53
C ALA O 311 -63.84 27.54 36.80
N LEU O 312 -62.91 28.39 36.41
CA LEU O 312 -63.09 29.82 36.61
C LEU O 312 -64.36 30.26 35.83
N VAL O 313 -64.45 29.76 34.59
CA VAL O 313 -65.58 30.04 33.67
C VAL O 313 -66.97 29.59 34.19
N THR O 314 -67.05 28.34 34.64
CA THR O 314 -68.33 27.74 35.11
C THR O 314 -68.79 28.25 36.49
N GLY O 315 -67.89 28.89 37.21
CA GLY O 315 -68.20 29.32 38.57
C GLY O 315 -67.46 28.47 39.58
N GLY O 316 -66.80 27.46 39.05
CA GLY O 316 -65.96 26.57 39.84
C GLY O 316 -66.68 25.48 40.59
N GLU O 317 -65.87 24.64 41.16
CA GLU O 317 -66.32 23.52 41.96
C GLU O 317 -65.23 23.01 42.87
N ILE O 318 -65.63 22.30 43.91
CA ILE O 318 -64.64 21.72 44.81
C ILE O 318 -64.51 20.27 44.40
N ALA O 319 -63.37 19.91 43.86
CA ALA O 319 -63.21 18.56 43.35
C ALA O 319 -62.46 17.65 44.30
N SER O 320 -63.17 16.61 44.67
CA SER O 320 -62.71 15.58 45.60
C SER O 320 -63.34 14.25 45.21
N THR O 321 -63.67 13.45 46.21
CA THR O 321 -64.31 12.15 45.98
C THR O 321 -65.80 12.34 45.63
N PHE O 322 -66.43 11.27 45.19
CA PHE O 322 -67.85 11.23 44.73
C PHE O 322 -68.89 12.06 45.52
N ASP O 323 -68.53 12.59 46.66
CA ASP O 323 -69.42 13.48 47.44
C ASP O 323 -69.57 14.81 46.67
N HIS O 324 -68.59 15.02 45.79
CA HIS O 324 -68.44 16.20 44.91
C HIS O 324 -69.69 16.84 44.21
N PRO O 325 -70.78 16.14 43.81
CA PRO O 325 -71.94 16.78 43.13
C PRO O 325 -72.66 17.90 43.93
N GLU O 326 -73.93 18.11 43.55
CA GLU O 326 -74.85 19.12 44.12
C GLU O 326 -74.20 20.50 44.45
N LEU O 327 -74.44 21.03 45.67
CA LEU O 327 -73.96 22.35 46.11
C LEU O 327 -72.45 22.57 46.10
N VAL O 328 -71.67 21.56 46.50
CA VAL O 328 -70.21 21.71 46.52
C VAL O 328 -69.70 22.16 45.14
N LYS O 329 -70.43 21.77 44.09
CA LYS O 329 -70.09 22.18 42.73
C LYS O 329 -71.07 23.19 42.13
N LEU O 330 -70.52 24.18 41.42
CA LEU O 330 -71.34 25.18 40.74
C LEU O 330 -71.24 24.95 39.23
N GLY O 331 -72.36 25.00 38.54
CA GLY O 331 -72.32 24.77 37.12
C GLY O 331 -73.05 25.82 36.31
N SER O 332 -72.56 26.04 35.10
CA SER O 332 -73.15 27.00 34.19
C SER O 332 -73.99 26.22 33.19
N CYS O 333 -75.24 26.63 33.05
CA CYS O 333 -76.21 25.88 32.25
C CYS O 333 -76.67 26.51 30.94
N LYS O 334 -75.77 27.00 30.08
CA LYS O 334 -76.27 27.54 28.82
C LYS O 334 -76.32 26.44 27.76
N LEU O 335 -75.20 26.11 27.12
CA LEU O 335 -75.22 25.03 26.13
C LEU O 335 -73.87 24.30 25.95
N ILE O 336 -73.88 22.98 26.02
CA ILE O 336 -72.67 22.20 25.73
C ILE O 336 -72.95 21.26 24.57
N GLU O 337 -72.20 21.38 23.50
CA GLU O 337 -72.45 20.54 22.34
C GLU O 337 -71.19 20.22 21.55
N GLU O 338 -71.22 19.09 20.88
CA GLU O 338 -70.11 18.73 20.03
C GLU O 338 -70.56 19.09 18.63
N VAL O 339 -69.90 20.07 18.08
CA VAL O 339 -70.27 20.60 16.79
C VAL O 339 -69.12 20.45 15.84
N MET O 340 -69.43 20.16 14.63
CA MET O 340 -68.40 19.99 13.64
C MET O 340 -68.21 21.29 12.89
N ILE O 341 -66.98 21.79 12.97
CA ILE O 341 -66.62 23.05 12.32
C ILE O 341 -66.39 22.79 10.83
N GLY O 342 -67.43 22.20 10.23
CA GLY O 342 -67.45 21.86 8.82
C GLY O 342 -66.28 20.96 8.41
N GLU O 343 -65.53 20.45 9.40
CA GLU O 343 -64.32 19.65 9.14
C GLU O 343 -63.97 18.71 10.30
N ASP O 344 -62.87 19.02 11.00
CA ASP O 344 -62.39 18.23 12.15
C ASP O 344 -63.30 18.43 13.38
N LYS O 345 -63.73 17.33 13.99
CA LYS O 345 -64.63 17.36 15.17
C LYS O 345 -63.99 17.88 16.46
N LEU O 346 -64.79 18.62 17.20
CA LEU O 346 -64.42 19.17 18.50
C LEU O 346 -65.68 19.54 19.33
N ILE O 347 -65.53 19.66 20.64
CA ILE O 347 -66.67 19.94 21.52
C ILE O 347 -66.59 21.37 22.11
N HIS O 348 -67.74 22.05 22.12
CA HIS O 348 -67.79 23.44 22.58
C HIS O 348 -68.59 23.63 23.87
N PHE O 349 -67.97 24.33 24.81
CA PHE O 349 -68.61 24.72 26.06
C PHE O 349 -69.01 26.18 25.88
N SER O 350 -70.28 26.53 25.99
CA SER O 350 -70.68 27.92 25.72
C SER O 350 -71.74 28.50 26.66
N GLY O 351 -71.79 29.83 26.70
CA GLY O 351 -72.77 30.53 27.51
C GLY O 351 -72.39 30.66 28.98
N VAL O 352 -71.17 31.08 29.22
CA VAL O 352 -70.69 31.23 30.59
C VAL O 352 -71.17 32.55 31.24
N ALA O 353 -71.77 32.40 32.41
CA ALA O 353 -72.29 33.52 33.20
C ALA O 353 -71.22 34.53 33.60
N LEU O 354 -70.05 34.01 33.97
CA LEU O 354 -68.92 34.85 34.41
C LEU O 354 -68.46 35.85 33.34
N GLY O 355 -68.25 35.36 32.11
CA GLY O 355 -67.83 36.24 31.01
C GLY O 355 -66.34 36.61 31.06
N GLU O 356 -65.71 36.37 32.21
CA GLU O 356 -64.31 36.70 32.44
C GLU O 356 -63.33 35.98 31.50
N ALA O 357 -63.61 34.72 31.22
CA ALA O 357 -62.72 33.90 30.37
C ALA O 357 -63.38 33.49 29.04
N CYS O 358 -62.64 33.65 27.94
CA CYS O 358 -63.14 33.32 26.59
C CYS O 358 -62.10 32.63 25.67
N THR O 359 -62.59 31.95 24.64
CA THR O 359 -61.75 31.18 23.68
C THR O 359 -61.96 31.59 22.19
N ILE O 360 -60.85 31.64 21.43
CA ILE O 360 -60.88 31.98 19.98
C ILE O 360 -60.56 30.78 19.10
N VAL O 361 -61.40 30.52 18.11
CA VAL O 361 -61.15 29.43 17.17
C VAL O 361 -60.91 29.97 15.77
N LEU O 362 -59.81 29.55 15.16
CA LEU O 362 -59.42 30.02 13.83
C LEU O 362 -59.57 28.91 12.79
N ARG O 363 -59.90 29.30 11.57
CA ARG O 363 -60.06 28.36 10.47
C ARG O 363 -59.00 28.64 9.40
N GLY O 364 -58.54 27.61 8.72
CA GLY O 364 -57.52 27.83 7.71
C GLY O 364 -57.95 27.54 6.28
N ALA O 365 -57.57 28.43 5.36
CA ALA O 365 -57.89 28.26 3.95
C ALA O 365 -57.27 26.97 3.42
N THR O 366 -55.96 26.73 3.73
CA THR O 366 -55.26 25.48 3.31
C THR O 366 -53.70 25.57 3.22
N GLN O 367 -52.99 25.72 4.35
CA GLN O 367 -51.51 25.74 4.30
C GLN O 367 -50.78 25.91 5.64
N GLN O 368 -49.45 25.90 5.48
CA GLN O 368 -48.45 26.10 6.55
C GLN O 368 -48.63 27.50 7.13
N ILE O 369 -49.11 28.34 6.25
CA ILE O 369 -49.40 29.74 6.45
C ILE O 369 -50.45 29.94 7.54
N LEU O 370 -51.46 29.13 7.61
CA LEU O 370 -52.41 29.35 8.69
C LEU O 370 -51.97 28.79 10.08
N ASP O 371 -50.95 27.92 10.16
CA ASP O 371 -50.39 27.58 11.49
C ASP O 371 -49.66 28.81 11.98
N GLU O 372 -49.35 29.61 10.97
CA GLU O 372 -48.75 30.93 11.07
C GLU O 372 -49.71 31.80 11.87
N ALA O 373 -51.00 31.54 11.69
CA ALA O 373 -52.06 32.24 12.43
C ALA O 373 -51.86 32.00 13.93
N GLU O 374 -51.48 30.78 14.33
CA GLU O 374 -51.19 30.51 15.76
C GLU O 374 -50.05 31.45 16.18
N ARG O 375 -49.07 31.53 15.31
CA ARG O 375 -47.91 32.40 15.44
C ARG O 375 -48.29 33.90 15.50
N SER O 376 -49.13 34.28 14.55
CA SER O 376 -49.63 35.65 14.37
C SER O 376 -50.58 36.10 15.49
N LEU O 377 -51.45 35.20 15.92
CA LEU O 377 -52.45 35.49 16.95
C LEU O 377 -51.80 35.91 18.26
N HIS O 378 -50.71 35.21 18.62
CA HIS O 378 -50.00 35.50 19.87
C HIS O 378 -49.50 36.95 19.85
N ASP O 379 -48.99 37.36 18.70
CA ASP O 379 -48.51 38.73 18.51
C ASP O 379 -49.66 39.75 18.56
N ALA O 380 -50.81 39.41 17.98
CA ALA O 380 -51.95 40.33 17.97
C ALA O 380 -52.58 40.52 19.35
N LEU O 381 -52.71 39.46 20.12
CA LEU O 381 -53.32 39.52 21.47
C LEU O 381 -52.56 40.48 22.42
N CYS O 382 -51.25 40.30 22.49
CA CYS O 382 -50.40 41.09 23.40
C CYS O 382 -50.22 42.58 23.02
N VAL O 383 -50.06 42.87 21.74
CA VAL O 383 -49.81 44.25 21.28
C VAL O 383 -50.93 45.24 21.63
N LEU O 384 -52.15 44.85 21.32
CA LEU O 384 -53.31 45.71 21.56
C LEU O 384 -53.55 46.06 23.03
N ALA O 385 -53.35 45.10 23.92
CA ALA O 385 -53.52 45.38 25.35
C ALA O 385 -52.55 46.47 25.79
N GLN O 386 -51.33 46.39 25.28
CA GLN O 386 -50.30 47.40 25.56
C GLN O 386 -50.61 48.78 25.02
N THR O 387 -51.17 48.86 23.83
CA THR O 387 -51.47 50.15 23.24
C THR O 387 -52.45 50.96 24.09
N VAL O 388 -53.47 50.30 24.64
CA VAL O 388 -54.42 51.00 25.49
C VAL O 388 -53.81 51.36 26.88
N LYS O 389 -53.06 50.42 27.47
CA LYS O 389 -52.48 50.61 28.81
C LYS O 389 -51.35 51.65 28.92
N ASP O 390 -50.45 51.69 27.93
CA ASP O 390 -49.32 52.63 27.95
C ASP O 390 -49.74 54.08 27.76
N SER O 391 -50.73 54.27 26.88
CA SER O 391 -51.27 55.61 26.53
C SER O 391 -50.25 56.40 25.71
N ARG O 392 -49.26 55.71 25.18
CA ARG O 392 -48.22 56.31 24.33
C ARG O 392 -47.84 55.40 23.13
N THR O 393 -47.45 56.00 22.01
CA THR O 393 -46.97 55.24 20.83
C THR O 393 -45.95 56.08 20.04
N VAL O 394 -45.30 55.46 19.08
CA VAL O 394 -44.38 56.16 18.18
C VAL O 394 -44.73 55.79 16.74
N TYR O 395 -44.34 56.57 15.74
CA TYR O 395 -44.72 56.19 14.37
C TYR O 395 -43.95 54.93 13.93
N GLY O 396 -44.66 54.05 13.24
CA GLY O 396 -44.08 52.80 12.78
C GLY O 396 -43.47 52.88 11.40
N GLY O 397 -43.12 51.72 10.84
CA GLY O 397 -42.54 51.68 9.51
C GLY O 397 -41.14 52.26 9.47
N GLY O 398 -40.49 52.28 10.62
CA GLY O 398 -39.14 52.80 10.72
C GLY O 398 -39.06 54.32 10.80
N CYS O 399 -40.19 54.98 10.97
CA CYS O 399 -40.20 56.46 11.08
C CYS O 399 -39.36 56.92 12.28
N SER O 400 -39.54 56.22 13.39
CA SER O 400 -38.82 56.49 14.62
C SER O 400 -37.31 56.33 14.50
N GLU O 401 -36.91 55.30 13.77
CA GLU O 401 -35.49 54.98 13.64
C GLU O 401 -34.68 55.98 12.82
N MET O 402 -35.21 56.49 11.72
CA MET O 402 -34.42 57.43 10.92
C MET O 402 -34.24 58.77 11.65
N LEU O 403 -35.31 59.28 12.29
CA LEU O 403 -35.25 60.57 12.99
C LEU O 403 -34.20 60.56 14.09
N MET O 404 -34.24 59.52 14.91
CA MET O 404 -33.28 59.35 15.97
C MET O 404 -31.85 59.27 15.41
N ALA O 405 -31.70 58.57 14.28
CA ALA O 405 -30.39 58.45 13.63
C ALA O 405 -29.81 59.82 13.22
N HIS O 406 -30.67 60.69 12.68
CA HIS O 406 -30.22 62.05 12.32
C HIS O 406 -29.71 62.82 13.57
N ALA O 407 -30.43 62.65 14.67
CA ALA O 407 -30.11 63.30 15.95
C ALA O 407 -28.82 62.78 16.59
N VAL O 408 -28.61 61.47 16.50
CA VAL O 408 -27.43 60.81 17.07
C VAL O 408 -26.12 61.16 16.37
N THR O 409 -26.15 61.26 15.04
CA THR O 409 -24.93 61.57 14.28
C THR O 409 -24.26 62.91 14.66
N GLN O 410 -25.05 63.96 14.91
CA GLN O 410 -24.48 65.26 15.28
C GLN O 410 -23.82 65.29 16.66
N LEU O 411 -24.45 64.61 17.63
CA LEU O 411 -23.95 64.63 19.01
C LEU O 411 -22.56 64.02 19.19
N ALA O 412 -22.29 62.93 18.50
CA ALA O 412 -20.98 62.28 18.63
C ALA O 412 -19.81 63.18 18.25
N SER O 413 -19.91 63.79 17.09
CA SER O 413 -18.85 64.67 16.57
C SER O 413 -18.61 65.93 17.40
N ARG O 414 -19.69 66.55 17.89
CA ARG O 414 -19.58 67.83 18.59
C ARG O 414 -19.29 67.71 20.10
N THR O 415 -18.98 66.51 20.55
CA THR O 415 -18.62 66.26 21.95
C THR O 415 -17.17 65.80 21.96
N PRO O 416 -16.45 65.79 23.09
CA PRO O 416 -15.05 65.36 23.06
C PRO O 416 -14.93 63.93 22.56
N GLY O 417 -13.90 63.72 21.74
CA GLY O 417 -13.64 62.44 21.08
C GLY O 417 -13.64 61.22 21.97
N LYS O 418 -13.23 61.35 23.23
CA LYS O 418 -13.25 60.18 24.09
C LYS O 418 -14.71 59.69 24.17
N GLU O 419 -15.62 60.64 24.30
CA GLU O 419 -17.04 60.33 24.34
C GLU O 419 -17.68 60.35 22.94
N ALA O 420 -16.92 60.85 21.95
CA ALA O 420 -17.43 61.00 20.57
C ALA O 420 -17.39 59.75 19.70
N VAL O 421 -16.28 59.03 19.73
CA VAL O 421 -16.14 57.84 18.90
C VAL O 421 -17.15 56.76 19.28
N ALA O 422 -17.33 56.58 20.57
CA ALA O 422 -18.28 55.61 21.07
C ALA O 422 -19.70 55.91 20.59
N MET O 423 -20.09 57.16 20.77
CA MET O 423 -21.41 57.66 20.38
C MET O 423 -21.68 57.55 18.86
N GLU O 424 -20.69 57.88 18.03
CA GLU O 424 -20.85 57.82 16.56
C GLU O 424 -21.13 56.41 16.03
N SER O 425 -20.45 55.40 16.59
CA SER O 425 -20.64 54.01 16.16
C SER O 425 -22.08 53.56 16.41
N TYR O 426 -22.61 53.97 17.55
CA TYR O 426 -23.99 53.66 17.94
C TYR O 426 -24.98 54.25 16.92
N ALA O 427 -24.69 55.47 16.47
CA ALA O 427 -25.57 56.20 15.57
C ALA O 427 -25.84 55.50 14.22
N LYS O 428 -24.82 54.99 13.57
CA LYS O 428 -24.98 54.29 12.30
C LYS O 428 -25.69 52.93 12.44
N ALA O 429 -25.71 52.39 13.65
CA ALA O 429 -26.38 51.11 13.94
C ALA O 429 -27.88 51.18 13.62
N LEU O 430 -28.48 52.32 13.94
CA LEU O 430 -29.91 52.60 13.71
C LEU O 430 -30.27 52.57 12.21
N ARG O 431 -29.27 52.80 11.37
CA ARG O 431 -29.40 52.86 9.91
C ARG O 431 -29.93 51.57 9.27
N MET O 432 -29.51 50.42 9.76
CA MET O 432 -29.94 49.14 9.19
C MET O 432 -31.46 48.92 9.23
N LEU O 433 -32.16 49.29 10.32
CA LEU O 433 -33.62 49.07 10.36
C LEU O 433 -34.32 49.60 9.09
N PRO O 434 -34.08 50.87 8.67
CA PRO O 434 -34.62 51.39 7.41
C PRO O 434 -34.33 50.48 6.22
N THR O 435 -33.12 49.93 6.21
CA THR O 435 -32.67 49.03 5.15
C THR O 435 -33.40 47.70 5.18
N ILE O 436 -33.61 47.15 6.38
CA ILE O 436 -34.29 45.86 6.52
C ILE O 436 -35.78 45.96 6.17
N ILE O 437 -36.40 47.07 6.58
CA ILE O 437 -37.82 47.31 6.30
C ILE O 437 -38.07 47.34 4.80
N ALA O 438 -37.23 48.08 4.10
CA ALA O 438 -37.27 48.17 2.64
C ALA O 438 -36.83 46.87 1.98
N ASP O 439 -35.88 46.21 2.62
CA ASP O 439 -35.29 44.97 2.12
C ASP O 439 -36.37 43.92 1.98
N ASN O 440 -37.29 43.84 2.92
CA ASN O 440 -38.37 42.88 2.83
C ASN O 440 -39.58 43.48 2.09
N ALA O 441 -39.49 44.78 1.79
CA ALA O 441 -40.54 45.50 1.07
C ALA O 441 -40.65 45.07 -0.38
N GLY O 442 -39.55 45.23 -1.12
CA GLY O 442 -39.52 44.87 -2.53
C GLY O 442 -38.85 45.89 -3.43
N TYR O 443 -38.05 46.74 -2.85
CA TYR O 443 -37.39 47.80 -3.57
C TYR O 443 -35.90 47.81 -3.26
N ASP O 444 -35.07 48.33 -4.15
CA ASP O 444 -33.63 48.30 -3.92
C ASP O 444 -33.28 49.08 -2.66
N SER O 445 -32.52 48.43 -1.77
CA SER O 445 -32.12 48.99 -0.48
C SER O 445 -31.30 50.28 -0.55
N ALA O 446 -30.39 50.36 -1.50
CA ALA O 446 -29.53 51.54 -1.64
C ALA O 446 -30.35 52.81 -1.89
N ASP O 447 -31.26 52.75 -2.85
CA ASP O 447 -32.12 53.91 -3.18
C ASP O 447 -32.97 54.34 -1.97
N LEU O 448 -33.53 53.34 -1.31
CA LEU O 448 -34.43 53.54 -0.18
C LEU O 448 -33.83 54.31 1.01
N VAL O 449 -32.65 53.91 1.46
CA VAL O 449 -32.05 54.54 2.65
C VAL O 449 -31.84 56.03 2.40
N ALA O 450 -31.37 56.31 1.22
CA ALA O 450 -31.10 57.65 0.77
C ALA O 450 -32.33 58.58 0.77
N GLN O 451 -33.42 58.13 0.16
CA GLN O 451 -34.63 58.94 0.08
C GLN O 451 -35.30 59.08 1.44
N LEU O 452 -35.17 58.04 2.24
CA LEU O 452 -35.72 58.01 3.58
C LEU O 452 -35.16 59.11 4.50
N ARG O 453 -33.84 59.23 4.51
CA ARG O 453 -33.17 60.18 5.39
C ARG O 453 -33.57 61.63 5.12
N ALA O 454 -33.70 62.00 3.86
CA ALA O 454 -34.06 63.38 3.53
C ALA O 454 -35.41 63.83 4.11
N ALA O 455 -36.43 62.95 4.08
CA ALA O 455 -37.75 63.33 4.63
C ALA O 455 -37.78 63.48 6.16
N HIS O 456 -37.10 62.57 6.86
CA HIS O 456 -37.02 62.62 8.34
C HIS O 456 -36.21 63.79 8.86
N SER O 457 -35.11 64.08 8.17
CA SER O 457 -34.20 65.18 8.51
C SER O 457 -34.94 66.52 8.43
N GLU O 458 -35.78 66.64 7.42
CA GLU O 458 -36.57 67.84 7.15
C GLU O 458 -37.48 68.20 8.34
N GLY O 459 -38.10 67.21 8.97
CA GLY O 459 -38.93 67.52 10.13
C GLY O 459 -40.33 66.93 10.15
N LYS O 460 -40.65 66.00 9.27
CA LYS O 460 -41.97 65.38 9.34
C LYS O 460 -41.85 64.01 10.03
N THR O 461 -42.43 63.94 11.23
CA THR O 461 -42.41 62.72 12.04
C THR O 461 -43.30 61.61 11.46
N THR O 462 -44.43 62.03 10.90
CA THR O 462 -45.41 61.11 10.30
C THR O 462 -44.83 60.30 9.13
N ALA O 463 -44.01 60.95 8.30
CA ALA O 463 -43.40 60.29 7.15
C ALA O 463 -42.50 59.10 7.56
N GLY O 464 -42.57 58.03 6.78
CA GLY O 464 -41.79 56.83 7.07
C GLY O 464 -41.60 55.95 5.84
N LEU O 465 -41.33 54.67 6.04
CA LEU O 465 -41.15 53.77 4.89
C LEU O 465 -42.47 53.15 4.48
N ASP O 466 -42.89 53.40 3.25
CA ASP O 466 -44.07 52.76 2.75
C ASP O 466 -43.63 51.68 1.80
N MET O 467 -43.70 50.49 2.31
CA MET O 467 -43.31 49.29 1.60
C MET O 467 -44.19 49.01 0.39
N LYS O 468 -45.48 49.24 0.53
CA LYS O 468 -46.40 49.05 -0.58
C LYS O 468 -46.01 50.00 -1.76
N GLU O 469 -45.65 51.25 -1.41
CA GLU O 469 -45.10 52.24 -2.37
C GLU O 469 -43.70 51.90 -2.86
N GLY O 470 -42.88 51.42 -1.94
CA GLY O 470 -41.48 51.14 -2.23
C GLY O 470 -40.61 52.33 -1.96
N THR O 471 -41.27 53.39 -1.58
CA THR O 471 -40.66 54.66 -1.26
C THR O 471 -41.11 55.12 0.12
N ILE O 472 -40.88 56.38 0.40
CA ILE O 472 -41.28 56.95 1.68
C ILE O 472 -42.67 57.56 1.57
N GLY O 473 -43.47 57.37 2.61
CA GLY O 473 -44.84 57.88 2.62
C GLY O 473 -45.34 58.25 4.00
N ASP O 474 -46.58 58.71 4.09
CA ASP O 474 -47.13 59.11 5.38
C ASP O 474 -47.64 57.89 6.15
N MET O 475 -46.92 57.57 7.21
CA MET O 475 -47.17 56.44 8.11
C MET O 475 -48.56 56.51 8.78
N SER O 476 -48.92 57.72 9.18
CA SER O 476 -50.17 58.01 9.90
C SER O 476 -51.39 57.59 9.06
N VAL O 477 -51.34 57.84 7.75
CA VAL O 477 -52.45 57.50 6.86
C VAL O 477 -52.76 55.98 6.88
N LEU O 478 -51.72 55.15 6.91
CA LEU O 478 -51.92 53.69 6.94
C LEU O 478 -52.31 53.19 8.34
N GLY O 479 -52.22 54.06 9.35
CA GLY O 479 -52.60 53.70 10.72
C GLY O 479 -51.56 52.88 11.48
N ILE O 480 -50.33 52.86 11.01
CA ILE O 480 -49.28 52.11 11.69
C ILE O 480 -48.53 52.93 12.73
N THR O 481 -48.62 52.46 13.95
CA THR O 481 -47.93 53.08 15.07
C THR O 481 -47.36 51.98 15.97
N GLU O 482 -46.26 52.28 16.63
CA GLU O 482 -45.61 51.30 17.50
C GLU O 482 -45.81 51.70 18.96
N SER O 483 -46.02 50.73 19.83
CA SER O 483 -46.24 51.04 21.24
C SER O 483 -45.01 51.76 21.80
N PHE O 484 -45.26 52.78 22.60
CA PHE O 484 -44.18 53.60 23.16
C PHE O 484 -43.23 52.75 24.01
N GLN O 485 -43.81 51.83 24.76
CA GLN O 485 -43.05 50.91 25.62
C GLN O 485 -42.07 50.05 24.84
N VAL O 486 -42.38 49.61 23.62
CA VAL O 486 -41.41 48.76 22.90
C VAL O 486 -40.11 49.56 22.72
N LYS O 487 -40.23 50.81 22.32
CA LYS O 487 -39.07 51.68 22.19
C LYS O 487 -38.43 52.09 23.52
N ARG O 488 -39.27 52.35 24.50
CA ARG O 488 -38.82 52.84 25.81
C ARG O 488 -37.86 51.90 26.55
N GLN O 489 -38.16 50.60 26.64
CA GLN O 489 -37.26 49.66 27.33
C GLN O 489 -36.25 48.94 26.44
N VAL O 490 -36.40 48.99 25.12
CA VAL O 490 -35.42 48.32 24.27
C VAL O 490 -34.09 49.05 24.30
N LEU O 491 -34.16 50.37 24.31
CA LEU O 491 -32.97 51.20 24.31
C LEU O 491 -32.12 51.01 25.57
N LEU O 492 -32.77 50.88 26.72
CA LEU O 492 -32.06 50.63 27.98
C LEU O 492 -31.47 49.22 28.05
N SER O 493 -32.33 48.23 27.83
CA SER O 493 -31.92 46.81 27.84
C SER O 493 -30.87 46.43 26.80
N ALA O 494 -31.00 46.98 25.58
CA ALA O 494 -30.06 46.69 24.50
C ALA O 494 -28.66 47.17 24.86
N ALA O 495 -28.62 48.34 25.49
CA ALA O 495 -27.36 48.93 25.91
C ALA O 495 -26.60 48.04 26.90
N GLU O 496 -27.34 47.42 27.82
CA GLU O 496 -26.71 46.56 28.82
C GLU O 496 -26.54 45.11 28.31
N ALA O 497 -27.26 44.75 27.25
CA ALA O 497 -27.12 43.41 26.64
C ALA O 497 -25.90 43.34 25.71
N ALA O 498 -25.68 44.40 24.95
CA ALA O 498 -24.55 44.52 24.02
C ALA O 498 -23.21 44.54 24.74
N GLU O 499 -23.19 45.20 25.89
CA GLU O 499 -22.00 45.35 26.72
C GLU O 499 -21.47 43.98 27.16
N VAL O 500 -22.38 43.08 27.50
CA VAL O 500 -22.00 41.73 27.94
C VAL O 500 -21.36 40.93 26.79
N ILE O 501 -21.65 41.37 25.55
CA ILE O 501 -21.11 40.73 24.33
C ILE O 501 -19.59 40.90 24.04
N LEU O 502 -19.10 42.15 23.90
CA LEU O 502 -17.69 42.42 23.48
C LEU O 502 -16.61 41.85 24.42
N ARG O 503 -16.77 42.13 25.69
CA ARG O 503 -15.86 41.68 26.74
C ARG O 503 -15.85 40.18 27.05
N VAL O 504 -17.01 39.55 27.02
CA VAL O 504 -17.11 38.16 27.44
C VAL O 504 -17.39 37.17 26.28
N ASP O 505 -16.57 36.12 26.22
CA ASP O 505 -16.64 35.07 25.19
C ASP O 505 -17.43 33.78 25.57
N ASN O 506 -16.68 32.66 25.66
CA ASN O 506 -17.16 31.27 25.96
C ASN O 506 -18.64 31.05 26.42
N ILE O 507 -19.09 31.83 27.42
CA ILE O 507 -20.45 31.72 28.07
C ILE O 507 -21.57 30.87 27.43
N ILE O 508 -22.24 30.07 28.30
CA ILE O 508 -23.52 29.35 27.90
C ILE O 508 -24.40 28.95 29.20
N LYS O 509 -25.29 27.99 29.02
CA LYS O 509 -26.41 27.70 29.94
C LYS O 509 -26.22 26.68 31.09
N ALA O 510 -26.29 25.41 30.74
CA ALA O 510 -26.21 24.29 31.68
C ALA O 510 -25.23 23.26 31.15
N ALA O 511 -24.70 22.38 32.01
CA ALA O 511 -23.68 21.40 31.58
C ALA O 511 -24.10 20.42 30.45
N PRO O 512 -24.35 19.05 30.69
CA PRO O 512 -24.53 17.97 29.66
C PRO O 512 -24.21 18.25 28.14
N ARG O 513 -24.38 19.46 27.68
CA ARG O 513 -24.01 19.90 26.33
C ARG O 513 -22.70 20.70 26.38
N ALA P 1 0.57 -19.72 12.16
CA ALA P 1 0.67 -21.02 11.44
C ALA P 1 2.13 -21.38 11.13
N GLY P 2 2.69 -20.75 10.10
CA GLY P 2 4.08 -21.02 9.74
C GLY P 2 4.97 -19.79 9.81
N ALA P 3 5.94 -19.81 10.71
CA ALA P 3 6.88 -18.70 10.87
C ALA P 3 8.35 -19.14 10.84
N ASP P 4 8.67 -20.18 11.61
CA ASP P 4 10.05 -20.69 11.69
C ASP P 4 10.20 -22.06 11.03
N GLU P 5 11.06 -22.14 10.02
CA GLU P 5 11.30 -23.40 9.29
C GLU P 5 12.70 -23.98 9.61
N GLU P 6 12.74 -25.20 10.15
CA GLU P 6 14.03 -25.84 10.50
C GLU P 6 14.14 -27.30 10.03
N ARG P 7 15.33 -27.68 9.56
CA ARG P 7 15.59 -29.07 9.15
C ARG P 7 16.99 -29.56 9.57
N ALA P 8 17.07 -30.88 9.80
CA ALA P 8 18.28 -31.61 10.20
C ALA P 8 19.36 -30.80 10.96
N GLU P 9 20.34 -30.25 10.24
CA GLU P 9 21.45 -29.51 10.87
C GLU P 9 21.01 -28.29 11.71
N THR P 10 20.03 -27.52 11.23
CA THR P 10 19.54 -26.37 12.00
C THR P 10 18.76 -26.87 13.23
N ALA P 11 18.09 -28.01 13.05
CA ALA P 11 17.32 -28.64 14.14
C ALA P 11 18.28 -28.96 15.28
N ARG P 12 19.47 -29.43 14.92
CA ARG P 12 20.53 -29.70 15.88
C ARG P 12 20.89 -28.42 16.62
N LEU P 13 20.93 -27.32 15.87
CA LEU P 13 21.23 -25.99 16.41
C LEU P 13 20.23 -25.56 17.49
N SER P 14 18.92 -25.76 17.26
CA SER P 14 17.93 -25.35 18.28
C SER P 14 18.18 -26.10 19.56
N SER P 15 18.51 -27.35 19.39
CA SER P 15 18.88 -28.17 20.49
C SER P 15 20.22 -27.68 21.11
N PHE P 16 21.17 -27.28 20.23
CA PHE P 16 22.50 -26.74 20.61
C PHE P 16 22.39 -25.45 21.46
N ILE P 17 21.52 -24.55 21.01
CA ILE P 17 21.30 -23.26 21.65
C ILE P 17 20.80 -23.41 23.10
N GLY P 18 19.93 -24.38 23.34
CA GLY P 18 19.41 -24.56 24.69
C GLY P 18 20.50 -24.86 25.71
N ALA P 19 21.49 -25.67 25.32
CA ALA P 19 22.60 -26.00 26.22
C ALA P 19 23.48 -24.78 26.55
N ILE P 20 23.73 -23.93 25.56
CA ILE P 20 24.55 -22.73 25.80
C ILE P 20 23.82 -21.69 26.67
N ALA P 21 22.51 -21.50 26.44
CA ALA P 21 21.71 -20.56 27.21
C ALA P 21 21.69 -20.88 28.69
N ILE P 22 21.51 -22.16 29.01
CA ILE P 22 21.48 -22.64 30.39
C ILE P 22 22.86 -22.56 31.05
N GLY P 23 23.89 -22.89 30.27
CA GLY P 23 25.26 -22.92 30.79
C GLY P 23 25.78 -21.60 31.34
N ASP P 24 25.48 -20.48 30.68
CA ASP P 24 25.97 -19.18 31.20
C ASP P 24 25.40 -18.83 32.58
N LEU P 25 24.10 -19.08 32.80
CA LEU P 25 23.50 -18.79 34.11
C LEU P 25 23.99 -19.73 35.20
N VAL P 26 24.12 -20.99 34.84
CA VAL P 26 24.59 -22.04 35.75
C VAL P 26 26.08 -21.93 36.12
N LYS P 27 26.94 -21.58 35.15
CA LYS P 27 28.40 -21.56 35.38
C LYS P 27 28.81 -20.60 36.50
N SER P 28 28.16 -19.44 36.57
CA SER P 28 28.47 -18.47 37.63
C SER P 28 28.22 -19.08 39.00
N THR P 29 27.14 -19.83 39.08
CA THR P 29 26.69 -20.55 40.28
C THR P 29 27.70 -21.59 40.82
N LEU P 30 28.36 -22.34 39.93
CA LEU P 30 29.32 -23.41 40.30
C LEU P 30 30.53 -22.97 41.13
N GLY P 31 30.88 -23.82 42.11
CA GLY P 31 32.07 -23.60 42.91
C GLY P 31 31.96 -22.50 43.95
N PRO P 32 32.84 -22.57 44.98
CA PRO P 32 32.92 -21.63 46.13
C PRO P 32 32.74 -20.11 45.89
N LYS P 33 32.71 -19.65 44.66
CA LYS P 33 32.50 -18.21 44.44
C LYS P 33 31.33 -17.95 43.45
N GLY P 34 30.21 -18.64 43.65
CA GLY P 34 29.04 -18.52 42.75
C GLY P 34 28.12 -17.30 42.97
N MET P 35 27.04 -17.24 42.15
CA MET P 35 26.08 -16.12 42.15
C MET P 35 24.60 -16.55 42.25
N ASP P 36 23.78 -15.59 42.67
CA ASP P 36 22.35 -15.79 42.89
C ASP P 36 21.49 -15.01 41.88
N LYS P 37 20.41 -15.62 41.37
CA LYS P 37 19.58 -14.97 40.33
C LYS P 37 18.08 -14.86 40.74
N ILE P 38 17.39 -13.79 40.29
CA ILE P 38 15.96 -13.55 40.64
C ILE P 38 15.02 -13.60 39.43
N LEU P 39 13.93 -14.37 39.53
CA LEU P 39 12.98 -14.44 38.42
C LEU P 39 11.59 -13.91 38.82
N LEU P 40 11.02 -13.01 38.01
CA LEU P 40 9.69 -12.42 38.32
C LEU P 40 8.51 -13.32 37.92
N SER P 41 8.31 -13.47 36.60
CA SER P 41 7.21 -14.26 36.01
C SER P 41 5.82 -13.69 36.39
N SER P 42 4.76 -14.34 35.90
CA SER P 42 3.38 -13.90 36.19
C SER P 42 2.39 -15.07 36.19
N GLY P 43 1.38 -14.96 37.05
CA GLY P 43 0.35 -16.00 37.15
C GLY P 43 0.78 -17.22 37.97
N ARG P 44 0.04 -17.46 39.04
CA ARG P 44 0.23 -18.59 39.99
C ARG P 44 1.62 -18.60 40.65
N ASP P 45 2.26 -17.44 40.63
CA ASP P 45 3.54 -17.22 41.30
C ASP P 45 3.36 -16.08 42.31
N ALA P 46 3.60 -16.34 43.59
CA ALA P 46 3.42 -15.30 44.64
C ALA P 46 4.30 -14.05 44.46
N SER P 47 5.58 -14.29 44.25
CA SER P 47 6.56 -13.22 44.10
C SER P 47 7.80 -13.77 43.41
N LEU P 48 8.74 -12.91 43.07
CA LEU P 48 9.97 -13.37 42.44
C LEU P 48 10.71 -14.36 43.34
N MET P 49 11.15 -15.48 42.80
CA MET P 49 12.03 -16.36 43.56
C MET P 49 13.41 -16.30 43.02
N VAL P 50 14.31 -16.32 43.93
CA VAL P 50 15.70 -16.28 43.59
C VAL P 50 16.30 -17.65 43.95
N THR P 51 16.81 -18.35 42.94
CA THR P 51 17.34 -19.70 43.13
C THR P 51 18.82 -19.89 42.78
N ASN P 52 19.56 -20.48 43.72
CA ASN P 52 20.99 -20.80 43.55
C ASN P 52 21.13 -22.22 43.00
N ASP P 53 20.17 -23.07 43.35
CA ASP P 53 20.19 -24.45 42.89
C ASP P 53 19.75 -24.50 41.44
N GLY P 54 20.61 -24.98 40.57
CA GLY P 54 20.22 -25.08 39.19
C GLY P 54 19.01 -25.99 39.02
N ALA P 55 19.01 -27.09 39.75
CA ALA P 55 17.90 -28.04 39.68
C ALA P 55 16.55 -27.43 40.06
N THR P 56 16.47 -26.72 41.18
CA THR P 56 15.21 -26.13 41.64
C THR P 56 14.62 -25.10 40.65
N ILE P 57 15.44 -24.21 40.11
CA ILE P 57 14.95 -23.20 39.17
C ILE P 57 14.51 -23.77 37.83
N LEU P 58 15.25 -24.72 37.30
CA LEU P 58 14.89 -25.33 36.02
C LEU P 58 13.59 -26.16 36.13
N LYS P 59 13.42 -26.90 37.24
CA LYS P 59 12.19 -27.68 37.45
C LYS P 59 10.92 -26.85 37.51
N ASN P 60 11.02 -25.71 38.17
CA ASN P 60 9.88 -24.83 38.37
C ASN P 60 9.37 -24.13 37.10
N ILE P 61 10.19 -24.01 36.06
CA ILE P 61 9.72 -23.28 34.89
C ILE P 61 10.10 -23.88 33.51
N GLY P 62 9.20 -23.63 32.56
CA GLY P 62 9.37 -24.00 31.15
C GLY P 62 9.03 -22.78 30.30
N VAL P 63 9.97 -21.85 30.33
CA VAL P 63 9.85 -20.51 29.71
C VAL P 63 9.62 -20.42 28.19
N ASP P 64 10.30 -21.21 27.37
CA ASP P 64 10.17 -21.00 25.92
C ASP P 64 10.21 -22.26 25.02
N ASN P 65 10.00 -21.98 23.73
CA ASN P 65 9.93 -22.97 22.63
C ASN P 65 11.09 -23.99 22.56
N PRO P 66 12.39 -23.62 22.71
CA PRO P 66 13.49 -24.60 22.60
C PRO P 66 13.34 -25.72 23.65
N ALA P 67 13.81 -26.92 23.32
CA ALA P 67 13.65 -28.05 24.23
C ALA P 67 14.84 -28.21 25.17
N ALA P 68 14.54 -28.06 26.46
CA ALA P 68 15.53 -28.17 27.53
C ALA P 68 14.90 -28.68 28.83
N LYS P 69 13.57 -28.53 28.94
CA LYS P 69 12.82 -28.88 30.15
C LYS P 69 12.95 -30.37 30.53
N VAL P 70 12.95 -31.24 29.54
CA VAL P 70 13.08 -32.69 29.79
C VAL P 70 14.47 -33.05 30.31
N LEU P 71 15.50 -32.41 29.74
CA LEU P 71 16.89 -32.63 30.17
C LEU P 71 16.98 -32.26 31.66
N VAL P 72 16.31 -31.16 31.97
CA VAL P 72 16.20 -30.65 33.32
C VAL P 72 15.51 -31.59 34.30
N ASP P 73 14.46 -32.24 33.82
CA ASP P 73 13.60 -33.10 34.63
C ASP P 73 14.39 -34.26 35.26
N MET P 74 15.30 -34.84 34.50
CA MET P 74 16.10 -35.99 34.95
C MET P 74 16.94 -35.64 36.20
N SER P 75 17.52 -34.44 36.28
CA SER P 75 18.39 -34.05 37.40
C SER P 75 17.74 -34.29 38.79
N ARG P 76 16.42 -34.11 38.90
CA ARG P 76 15.69 -34.38 40.15
C ARG P 76 15.77 -35.83 40.62
N VAL P 77 15.71 -36.81 39.70
CA VAL P 77 15.83 -38.21 40.13
C VAL P 77 17.18 -38.34 40.79
N GLN P 78 18.16 -37.67 40.19
CA GLN P 78 19.49 -37.59 40.73
C GLN P 78 19.48 -36.93 42.11
N ASP P 79 18.66 -35.87 42.27
CA ASP P 79 18.61 -35.14 43.56
C ASP P 79 17.98 -35.90 44.71
N ASP P 80 16.91 -36.64 44.46
CA ASP P 80 16.31 -37.42 45.53
C ASP P 80 17.32 -38.48 46.00
N GLU P 81 18.00 -39.06 45.03
CA GLU P 81 19.05 -40.05 45.27
C GLU P 81 20.28 -39.37 45.91
N VAL P 82 20.59 -38.16 45.42
CA VAL P 82 21.72 -37.34 45.92
C VAL P 82 21.69 -35.89 45.34
N GLY P 83 21.76 -35.75 44.01
CA GLY P 83 21.66 -34.45 43.35
C GLY P 83 22.83 -33.51 43.45
N ASP P 84 22.57 -32.57 44.31
CA ASP P 84 23.38 -31.41 44.60
C ASP P 84 24.80 -31.65 45.14
N GLY P 85 25.30 -30.57 45.66
CA GLY P 85 26.64 -30.39 46.17
C GLY P 85 27.03 -29.07 45.60
N THR P 86 27.01 -29.07 44.28
CA THR P 86 27.17 -27.91 43.42
C THR P 86 26.49 -28.32 42.12
N THR P 87 25.91 -27.41 41.35
CA THR P 87 25.29 -27.90 40.12
C THR P 87 26.28 -27.87 38.97
N SER P 88 26.88 -29.01 38.72
CA SER P 88 27.85 -29.14 37.63
C SER P 88 27.40 -30.10 36.53
N VAL P 89 26.42 -30.96 36.85
CA VAL P 89 25.98 -31.98 35.90
C VAL P 89 25.42 -31.38 34.60
N THR P 90 24.67 -30.29 34.72
CA THR P 90 24.10 -29.63 33.57
C THR P 90 25.17 -28.93 32.70
N VAL P 91 26.15 -28.31 33.35
CA VAL P 91 27.23 -27.59 32.66
C VAL P 91 28.07 -28.50 31.75
N LEU P 92 28.51 -29.63 32.30
CA LEU P 92 29.34 -30.59 31.55
C LEU P 92 28.62 -31.15 30.33
N ALA P 93 27.33 -31.44 30.48
CA ALA P 93 26.54 -31.94 29.36
C ALA P 93 26.51 -30.94 28.21
N ALA P 94 26.38 -29.66 28.58
CA ALA P 94 26.33 -28.54 27.63
C ALA P 94 27.60 -28.38 26.78
N GLU P 95 28.76 -28.57 27.39
CA GLU P 95 30.05 -28.37 26.70
C GLU P 95 30.35 -29.41 25.62
N LEU P 96 29.70 -30.57 25.69
CA LEU P 96 29.90 -31.65 24.68
C LEU P 96 29.32 -31.24 23.30
N LEU P 97 28.41 -30.27 23.30
CA LEU P 97 27.74 -29.76 22.08
C LEU P 97 28.71 -29.00 21.17
N ARG P 98 29.71 -28.37 21.75
CA ARG P 98 30.72 -27.58 21.01
C ARG P 98 31.48 -28.47 20.01
N GLU P 99 31.79 -29.70 20.39
CA GLU P 99 32.46 -30.65 19.48
C GLU P 99 31.60 -30.89 18.23
N ALA P 100 30.29 -30.75 18.34
CA ALA P 100 29.35 -31.00 17.22
C ALA P 100 29.68 -30.11 16.00
N GLU P 101 30.11 -28.86 16.20
CA GLU P 101 30.53 -28.02 15.06
C GLU P 101 31.69 -28.70 14.30
N SER P 102 32.58 -29.28 15.09
CA SER P 102 33.72 -30.07 14.61
C SER P 102 33.20 -31.27 13.79
N LEU P 103 32.12 -31.86 14.30
CA LEU P 103 31.47 -33.04 13.71
C LEU P 103 30.97 -32.82 12.27
N ILE P 104 30.41 -31.66 11.91
CA ILE P 104 29.97 -31.49 10.50
C ILE P 104 31.21 -31.45 9.60
N ALA P 105 32.31 -30.95 10.15
CA ALA P 105 33.61 -30.90 9.47
C ALA P 105 34.04 -32.32 9.11
N LYS P 106 33.71 -33.23 10.02
CA LYS P 106 34.00 -34.67 9.88
C LYS P 106 33.30 -35.18 8.61
N LYS P 107 32.07 -34.69 8.41
CA LYS P 107 31.20 -34.97 7.24
C LYS P 107 30.98 -36.46 6.93
N ILE P 108 30.82 -37.27 7.95
CA ILE P 108 30.60 -38.71 7.74
C ILE P 108 29.31 -39.16 8.47
N HIS P 109 29.44 -40.21 9.27
CA HIS P 109 28.31 -40.78 9.98
C HIS P 109 28.23 -40.17 11.41
N PRO P 110 27.21 -39.33 11.68
CA PRO P 110 27.03 -38.67 13.00
C PRO P 110 26.88 -39.64 14.18
N GLN P 111 26.17 -40.73 13.97
CA GLN P 111 25.96 -41.70 15.04
C GLN P 111 27.15 -42.64 15.25
N THR P 112 28.12 -42.63 14.35
CA THR P 112 29.34 -43.41 14.55
C THR P 112 30.05 -42.90 15.80
N ILE P 113 30.04 -41.58 15.93
CA ILE P 113 30.59 -40.88 17.07
C ILE P 113 29.84 -41.28 18.35
N ILE P 114 28.50 -41.45 18.23
CA ILE P 114 27.61 -41.92 19.34
C ILE P 114 28.21 -43.08 20.15
N ALA P 115 29.17 -43.78 19.56
CA ALA P 115 29.87 -44.88 20.24
C ALA P 115 30.56 -44.33 21.49
N GLY P 116 31.03 -43.09 21.38
CA GLY P 116 31.71 -42.39 22.47
C GLY P 116 30.96 -42.41 23.80
N TRP P 117 29.65 -42.46 23.75
CA TRP P 117 28.82 -42.53 24.97
C TRP P 117 29.01 -43.86 25.69
N ARG P 118 29.09 -44.91 24.91
CA ARG P 118 29.37 -46.23 25.43
C ARG P 118 30.74 -46.13 26.11
N GLU P 119 31.60 -45.39 25.43
CA GLU P 119 32.98 -45.14 25.85
C GLU P 119 33.00 -44.23 27.09
N ALA P 120 32.02 -43.33 27.14
CA ALA P 120 31.86 -42.40 28.26
C ALA P 120 31.66 -43.22 29.53
N THR P 121 30.89 -44.29 29.42
CA THR P 121 30.69 -45.18 30.56
C THR P 121 32.05 -45.74 30.99
N LYS P 122 32.89 -46.10 30.01
CA LYS P 122 34.26 -46.57 30.29
C LYS P 122 35.04 -45.45 31.00
N ALA P 123 34.81 -44.23 30.52
CA ALA P 123 35.39 -43.00 31.07
C ALA P 123 35.00 -42.82 32.54
N ALA P 124 33.75 -43.14 32.85
CA ALA P 124 33.24 -43.00 34.21
C ALA P 124 34.02 -43.87 35.23
N ARG P 125 34.40 -45.10 34.85
CA ARG P 125 35.17 -45.98 35.77
C ARG P 125 36.57 -45.41 35.95
N GLN P 126 37.00 -44.67 34.93
CA GLN P 126 38.33 -44.10 34.83
C GLN P 126 38.60 -43.14 35.99
N ALA P 127 37.59 -42.36 36.37
CA ALA P 127 37.72 -41.48 37.53
C ALA P 127 37.82 -42.26 38.84
N LEU P 128 37.01 -43.32 38.92
CA LEU P 128 36.94 -44.18 40.11
C LEU P 128 38.28 -44.86 40.46
N LEU P 129 38.97 -45.30 39.41
CA LEU P 129 40.29 -45.94 39.53
C LEU P 129 41.39 -44.98 39.96
N ASN P 130 41.33 -43.80 39.41
CA ASN P 130 42.37 -42.81 39.56
C ASN P 130 42.11 -41.72 40.58
N SER P 131 41.30 -41.99 41.59
CA SER P 131 41.13 -41.01 42.67
C SER P 131 40.81 -41.73 43.99
N ALA P 132 41.38 -41.25 45.08
CA ALA P 132 41.07 -41.86 46.38
C ALA P 132 39.82 -41.19 46.91
N VAL P 133 38.81 -42.00 47.19
CA VAL P 133 37.54 -41.48 47.70
C VAL P 133 37.70 -40.93 49.12
N ASP P 134 37.10 -41.61 50.08
CA ASP P 134 37.23 -41.25 51.49
C ASP P 134 37.36 -42.54 52.27
N HIS P 135 37.94 -42.50 53.46
CA HIS P 135 38.05 -43.76 54.19
C HIS P 135 36.98 -43.87 55.28
N GLY P 136 36.11 -42.87 55.44
CA GLY P 136 35.11 -42.99 56.49
C GLY P 136 33.99 -41.96 56.52
N SER P 137 33.02 -42.31 57.38
CA SER P 137 31.76 -41.60 57.66
C SER P 137 30.84 -42.65 58.29
N ASP P 138 31.29 -43.15 59.44
CA ASP P 138 30.68 -44.27 60.17
C ASP P 138 29.44 -43.97 61.02
N GLU P 139 28.81 -42.80 60.83
CA GLU P 139 27.57 -42.39 61.57
C GLU P 139 27.84 -41.44 62.73
N VAL P 140 27.06 -40.33 62.73
CA VAL P 140 27.20 -39.25 63.72
C VAL P 140 28.46 -38.45 63.40
N LYS P 141 29.57 -39.18 63.40
CA LYS P 141 30.92 -38.68 63.05
C LYS P 141 31.25 -37.40 63.84
N PHE P 142 32.18 -37.50 64.78
CA PHE P 142 32.51 -36.40 65.70
C PHE P 142 33.00 -35.09 64.99
N ARG P 143 33.98 -35.17 64.07
CA ARG P 143 34.46 -33.94 63.38
C ARG P 143 34.07 -33.85 61.88
N GLN P 144 33.94 -35.00 61.23
CA GLN P 144 33.60 -35.06 59.79
C GLN P 144 32.11 -35.02 59.55
N ASP P 145 31.37 -34.66 60.58
CA ASP P 145 29.94 -34.55 60.47
C ASP P 145 29.66 -33.49 59.39
N LEU P 146 30.46 -32.42 59.41
CA LEU P 146 30.40 -31.37 58.40
C LEU P 146 31.78 -30.76 58.17
N MET P 147 31.76 -29.46 57.93
CA MET P 147 32.95 -28.69 57.61
C MET P 147 33.60 -29.25 56.33
N ASN P 148 32.77 -29.99 55.55
CA ASN P 148 33.21 -30.57 54.27
C ASN P 148 32.32 -30.19 53.06
N ILE P 149 31.42 -31.11 52.67
CA ILE P 149 30.50 -30.91 51.53
C ILE P 149 29.54 -29.74 51.68
N ALA P 150 29.00 -29.53 52.85
CA ALA P 150 28.11 -28.40 53.06
C ALA P 150 28.87 -27.12 52.77
N GLY P 151 30.13 -27.09 53.20
CA GLY P 151 30.97 -25.93 52.94
C GLY P 151 31.12 -25.69 51.45
N THR P 152 31.29 -26.77 50.67
CA THR P 152 31.35 -26.65 49.20
C THR P 152 30.02 -26.27 48.57
N THR P 153 28.93 -26.85 49.08
CA THR P 153 27.61 -26.52 48.57
C THR P 153 27.33 -25.04 48.79
N LEU P 154 27.59 -24.61 50.02
CA LEU P 154 27.46 -23.22 50.43
C LEU P 154 28.48 -22.28 49.87
N SER P 155 29.69 -22.73 49.69
CA SER P 155 30.75 -21.84 49.21
C SER P 155 30.37 -21.29 47.85
N SER P 156 29.75 -22.12 47.02
CA SER P 156 29.30 -21.71 45.68
C SER P 156 28.31 -20.57 45.82
N LYS P 157 27.80 -20.44 47.01
CA LYS P 157 26.87 -19.41 47.36
C LYS P 157 27.71 -18.31 48.08
N LEU P 158 27.58 -17.06 47.69
CA LEU P 158 28.41 -15.98 48.26
C LEU P 158 28.23 -15.84 49.78
N LEU P 159 26.98 -15.98 50.22
CA LEU P 159 26.59 -15.87 51.65
C LEU P 159 27.58 -16.52 52.67
N THR P 160 28.55 -17.27 52.19
CA THR P 160 29.54 -17.96 53.02
C THR P 160 30.41 -17.07 53.89
N HIS P 161 30.31 -15.75 53.77
CA HIS P 161 31.11 -14.90 54.65
C HIS P 161 30.75 -15.18 56.12
N HIS P 162 29.45 -15.38 56.38
CA HIS P 162 28.96 -15.79 57.70
C HIS P 162 28.21 -17.13 57.66
N LYS P 163 27.65 -17.45 56.48
CA LYS P 163 26.80 -18.64 56.34
C LYS P 163 27.57 -19.95 56.45
N ASP P 164 28.90 -19.91 56.32
CA ASP P 164 29.67 -21.13 56.44
C ASP P 164 29.40 -21.71 57.82
N HIS P 165 29.28 -20.83 58.82
CA HIS P 165 28.91 -21.27 60.16
C HIS P 165 27.52 -21.99 60.18
N PHE P 166 26.50 -21.47 59.45
CA PHE P 166 25.17 -22.13 59.44
C PHE P 166 25.23 -23.46 58.69
N THR P 167 26.13 -23.55 57.72
CA THR P 167 26.28 -24.79 56.95
C THR P 167 26.65 -25.92 57.89
N LYS P 168 27.50 -25.59 58.85
CA LYS P 168 27.98 -26.51 59.88
C LYS P 168 26.80 -27.05 60.71
N LEU P 169 25.87 -26.16 61.01
CA LEU P 169 24.66 -26.44 61.78
C LEU P 169 23.77 -27.53 61.13
N ALA P 170 23.64 -27.49 59.80
CA ALA P 170 22.73 -28.39 59.06
C ALA P 170 22.98 -29.89 59.32
N VAL P 171 24.22 -30.34 59.43
CA VAL P 171 24.47 -31.78 59.73
C VAL P 171 23.86 -32.21 61.05
N GLU P 172 23.85 -31.34 62.02
CA GLU P 172 23.29 -31.68 63.32
C GLU P 172 21.81 -32.04 63.09
N ALA P 173 21.16 -31.28 62.22
CA ALA P 173 19.77 -31.55 61.85
C ALA P 173 19.59 -32.94 61.20
N VAL P 174 20.52 -33.32 60.32
CA VAL P 174 20.46 -34.64 59.67
C VAL P 174 20.75 -35.79 60.63
N LEU P 175 21.69 -35.58 61.56
CA LEU P 175 22.06 -36.64 62.51
C LEU P 175 20.88 -37.11 63.36
N ARG P 176 20.03 -36.18 63.80
CA ARG P 176 18.84 -36.56 64.57
C ARG P 176 17.83 -37.28 63.66
N LEU P 177 17.75 -36.78 62.42
CA LEU P 177 16.86 -37.32 61.38
C LEU P 177 17.14 -38.77 61.01
N LYS P 178 18.42 -39.15 60.94
CA LYS P 178 18.79 -40.51 60.50
C LYS P 178 18.15 -41.58 61.40
N GLY P 179 17.58 -42.60 60.77
CA GLY P 179 16.97 -43.65 61.55
C GLY P 179 15.69 -44.28 60.98
N SER P 180 14.66 -44.25 61.83
CA SER P 180 13.36 -44.89 61.58
C SER P 180 12.50 -44.49 60.35
N GLY P 181 12.38 -43.22 59.96
CA GLY P 181 11.47 -42.98 58.83
C GLY P 181 11.72 -41.80 57.88
N ASN P 182 11.96 -42.17 56.60
CA ASN P 182 12.15 -41.27 55.43
C ASN P 182 12.62 -39.82 55.73
N LEU P 183 12.40 -38.92 54.77
CA LEU P 183 12.75 -37.52 54.93
C LEU P 183 11.51 -36.70 55.30
N GLU P 184 11.27 -36.56 56.60
CA GLU P 184 10.12 -35.81 57.11
C GLU P 184 10.42 -35.16 58.47
N ALA P 185 9.52 -34.29 58.89
CA ALA P 185 9.60 -33.62 60.20
C ALA P 185 10.73 -32.60 60.35
N ILE P 186 11.15 -31.98 59.26
CA ILE P 186 12.16 -30.93 59.33
C ILE P 186 11.58 -29.63 58.78
N HIS P 187 11.53 -28.61 59.63
CA HIS P 187 10.99 -27.31 59.24
C HIS P 187 11.99 -26.18 59.47
N VAL P 188 12.22 -25.37 58.46
CA VAL P 188 13.15 -24.26 58.62
C VAL P 188 12.69 -22.95 57.92
N ILE P 189 12.73 -21.83 58.65
CA ILE P 189 12.34 -20.51 58.13
C ILE P 189 13.38 -19.40 58.40
N LYS P 190 13.60 -18.54 57.40
CA LYS P 190 14.52 -17.39 57.54
C LYS P 190 13.91 -16.24 58.36
N LYS P 191 14.75 -15.50 59.05
CA LYS P 191 14.26 -14.37 59.84
C LYS P 191 15.04 -13.10 59.52
N LEU P 192 14.33 -12.01 59.33
CA LEU P 192 14.93 -10.73 58.96
C LEU P 192 15.55 -9.96 60.14
N GLY P 193 16.65 -10.47 60.68
CA GLY P 193 17.35 -9.82 61.80
C GLY P 193 18.85 -10.10 61.79
N GLY P 194 19.65 -9.27 62.46
CA GLY P 194 21.10 -9.48 62.45
C GLY P 194 21.70 -9.96 63.77
N SER P 195 22.51 -11.03 63.68
CA SER P 195 23.22 -11.60 64.83
C SER P 195 24.45 -12.39 64.35
N LEU P 196 25.47 -12.54 65.19
CA LEU P 196 26.68 -13.30 64.79
C LEU P 196 26.38 -14.77 64.43
N ALA P 197 25.56 -15.43 65.24
CA ALA P 197 25.20 -16.82 65.00
C ALA P 197 24.50 -16.98 63.66
N ASP P 198 23.62 -16.00 63.36
CA ASP P 198 22.85 -15.94 62.12
C ASP P 198 21.78 -17.03 62.05
N SER P 199 21.69 -17.86 63.09
CA SER P 199 20.68 -18.90 63.15
C SER P 199 20.55 -19.52 64.55
N TYR P 200 19.40 -20.10 64.82
CA TYR P 200 19.15 -20.83 66.06
C TYR P 200 18.56 -22.21 65.78
N LEU P 201 18.98 -23.18 66.57
CA LEU P 201 18.47 -24.54 66.44
C LEU P 201 17.40 -24.79 67.49
N ASP P 202 16.21 -25.16 67.04
CA ASP P 202 15.12 -25.41 67.97
C ASP P 202 14.85 -26.91 68.13
N GLU P 203 14.70 -27.32 69.37
CA GLU P 203 14.42 -28.71 69.73
C GLU P 203 13.00 -29.10 69.28
N GLY P 204 12.13 -28.10 69.21
CA GLY P 204 10.75 -28.30 68.82
C GLY P 204 10.42 -27.74 67.43
N PHE P 205 9.15 -27.48 67.20
CA PHE P 205 8.64 -26.95 65.93
C PHE P 205 8.26 -25.46 66.03
N LEU P 206 8.61 -24.66 65.03
CA LEU P 206 8.27 -23.23 65.07
C LEU P 206 7.12 -22.92 64.08
N LEU P 207 6.17 -22.10 64.55
CA LEU P 207 4.94 -21.75 63.81
C LEU P 207 4.73 -20.21 63.78
N ASP P 208 3.91 -19.68 62.85
CA ASP P 208 3.71 -18.22 62.79
C ASP P 208 2.24 -17.84 62.50
N LYS P 209 1.42 -17.87 63.57
CA LYS P 209 -0.01 -17.52 63.54
C LYS P 209 -0.50 -17.03 64.92
N LYS P 210 -1.62 -16.30 64.98
CA LYS P 210 -2.16 -15.81 66.26
C LYS P 210 -3.70 -15.92 66.31
N ILE P 211 -4.24 -16.29 67.47
CA ILE P 211 -5.70 -16.48 67.66
C ILE P 211 -6.48 -15.19 67.38
N GLY P 212 -5.99 -14.15 68.01
CA GLY P 212 -6.58 -12.85 67.93
C GLY P 212 -5.96 -11.90 68.93
N VAL P 213 -6.45 -10.69 68.95
CA VAL P 213 -5.93 -9.65 69.84
C VAL P 213 -6.08 -10.02 71.32
N ASN P 214 -7.28 -10.46 71.68
CA ASN P 214 -7.57 -10.91 73.03
C ASN P 214 -7.06 -12.34 73.18
N GLN P 215 -6.91 -12.81 74.44
CA GLN P 215 -6.41 -14.17 74.80
C GLN P 215 -5.14 -14.03 75.65
N PRO P 216 -4.84 -14.98 76.58
CA PRO P 216 -3.63 -14.89 77.40
C PRO P 216 -2.35 -14.88 76.55
N LYS P 217 -1.40 -14.05 76.96
CA LYS P 217 -0.13 -13.94 76.26
C LYS P 217 0.69 -15.24 76.24
N ARG P 218 0.69 -15.99 77.36
CA ARG P 218 1.48 -17.22 77.49
C ARG P 218 0.74 -18.39 78.18
N ILE P 219 1.09 -19.60 77.77
CA ILE P 219 0.54 -20.83 78.34
C ILE P 219 1.65 -21.84 78.76
N GLU P 220 1.46 -22.50 79.91
CA GLU P 220 2.42 -23.50 80.39
C GLU P 220 1.70 -24.80 80.78
N ASN P 221 2.43 -25.93 80.78
CA ASN P 221 1.82 -27.25 81.04
C ASN P 221 0.72 -27.43 80.01
N ALA P 222 1.07 -26.99 78.82
CA ALA P 222 0.16 -26.94 77.67
C ALA P 222 -0.42 -28.26 77.19
N LYS P 223 -1.69 -28.15 76.84
CA LYS P 223 -2.46 -29.23 76.24
C LYS P 223 -2.74 -28.79 74.80
N ILE P 224 -2.48 -29.65 73.84
CA ILE P 224 -2.62 -29.27 72.43
C ILE P 224 -3.71 -30.08 71.72
N LEU P 225 -4.60 -29.37 71.03
CA LEU P 225 -5.71 -30.01 70.34
C LEU P 225 -5.65 -29.70 68.83
N ILE P 226 -5.75 -30.75 68.01
CA ILE P 226 -5.71 -30.64 66.54
C ILE P 226 -7.02 -31.17 65.96
N ALA P 227 -7.67 -30.39 65.09
CA ALA P 227 -8.94 -30.83 64.51
C ALA P 227 -8.90 -30.93 62.98
N ASN P 228 -9.52 -32.00 62.47
CA ASN P 228 -9.66 -32.23 61.02
C ASN P 228 -10.95 -31.59 60.51
N THR P 229 -11.66 -30.99 61.44
CA THR P 229 -12.92 -30.33 61.15
C THR P 229 -12.90 -28.93 61.74
N ILE P 254 -32.73 -23.18 65.76
CA ILE P 254 -31.50 -22.95 65.01
C ILE P 254 -30.44 -22.15 65.78
N GLU P 255 -30.84 -21.01 66.36
CA GLU P 255 -29.90 -20.19 67.14
C GLU P 255 -29.39 -20.92 68.40
N HIS P 256 -30.30 -21.64 69.05
CA HIS P 256 -30.02 -22.40 70.29
C HIS P 256 -28.93 -23.45 70.03
N ALA P 257 -29.01 -24.10 68.87
CA ALA P 257 -28.06 -25.15 68.48
C ALA P 257 -26.63 -24.60 68.45
N GLU P 258 -26.47 -23.37 67.97
CA GLU P 258 -25.17 -22.71 67.94
C GLU P 258 -24.57 -22.57 69.35
N LYS P 259 -25.41 -22.25 70.30
CA LYS P 259 -25.00 -22.10 71.70
C LYS P 259 -24.42 -23.44 72.20
N GLU P 260 -25.05 -24.53 71.79
CA GLU P 260 -24.60 -25.87 72.18
C GLU P 260 -23.16 -26.16 71.72
N LYS P 261 -22.77 -25.74 70.50
CA LYS P 261 -21.39 -25.96 70.06
C LYS P 261 -20.42 -25.25 71.00
N MET P 262 -20.79 -24.04 71.42
CA MET P 262 -20.00 -23.27 72.37
C MET P 262 -19.85 -24.02 73.71
N LYS P 263 -20.98 -24.57 74.18
CA LYS P 263 -21.04 -25.30 75.45
C LYS P 263 -20.15 -26.54 75.51
N GLU P 264 -20.16 -27.33 74.45
CA GLU P 264 -19.36 -28.56 74.42
C GLU P 264 -17.86 -28.25 74.44
N LYS P 265 -17.50 -27.22 73.71
CA LYS P 265 -16.12 -26.79 73.58
C LYS P 265 -15.52 -26.38 74.93
N VAL P 266 -16.24 -25.55 75.68
CA VAL P 266 -15.77 -25.10 77.00
C VAL P 266 -15.77 -26.18 78.09
N GLU P 267 -16.89 -26.90 78.21
CA GLU P 267 -17.05 -27.88 79.29
C GLU P 267 -16.00 -29.00 79.24
N ARG P 268 -15.83 -29.58 78.05
CA ARG P 268 -14.85 -30.65 77.84
C ARG P 268 -13.40 -30.15 77.91
N ILE P 269 -13.19 -28.98 77.35
CA ILE P 269 -11.86 -28.35 77.30
C ILE P 269 -11.28 -27.95 78.67
N LEU P 270 -12.12 -27.42 79.56
CA LEU P 270 -11.68 -26.97 80.88
C LEU P 270 -11.07 -28.10 81.74
N LYS P 271 -11.69 -29.29 81.70
CA LYS P 271 -11.22 -30.44 82.49
C LYS P 271 -9.78 -30.85 82.15
N HIS P 272 -9.47 -30.79 80.86
CA HIS P 272 -8.14 -31.17 80.36
C HIS P 272 -7.09 -30.12 80.77
N GLY P 273 -7.53 -28.88 80.99
CA GLY P 273 -6.61 -27.80 81.33
C GLY P 273 -6.06 -27.13 80.08
N ILE P 274 -6.66 -27.49 78.95
CA ILE P 274 -6.34 -26.98 77.60
C ILE P 274 -5.62 -25.62 77.58
N ASN P 275 -4.42 -25.62 77.03
CA ASN P 275 -3.63 -24.41 76.93
C ASN P 275 -3.55 -23.86 75.51
N CYS P 276 -3.59 -24.73 74.51
CA CYS P 276 -3.51 -24.29 73.12
C CYS P 276 -4.27 -25.21 72.17
N PHE P 277 -4.93 -24.60 71.21
CA PHE P 277 -5.70 -25.34 70.22
C PHE P 277 -5.19 -25.00 68.82
N ILE P 278 -4.87 -26.00 68.03
CA ILE P 278 -4.40 -25.77 66.65
C ILE P 278 -5.35 -26.44 65.65
N ASN P 279 -5.93 -25.64 64.78
CA ASN P 279 -6.88 -26.15 63.79
C ASN P 279 -6.42 -25.89 62.36
N ARG P 280 -6.42 -26.92 61.53
CA ARG P 280 -6.00 -26.73 60.14
C ARG P 280 -7.18 -26.36 59.24
N GLN P 281 -7.60 -25.09 59.33
CA GLN P 281 -8.66 -24.49 58.48
C GLN P 281 -9.29 -23.27 59.16
N LEU P 282 -10.43 -22.85 58.64
CA LEU P 282 -11.16 -21.69 59.18
C LEU P 282 -11.77 -22.01 60.55
N ILE P 283 -11.89 -20.99 61.40
CA ILE P 283 -12.43 -21.18 62.75
C ILE P 283 -13.62 -20.25 63.00
N TYR P 284 -14.68 -20.83 63.55
CA TYR P 284 -15.93 -20.13 63.79
C TYR P 284 -15.77 -19.10 64.93
N ASN P 285 -16.38 -17.94 64.74
CA ASN P 285 -16.27 -16.81 65.68
C ASN P 285 -16.75 -17.03 67.13
N TYR P 286 -17.87 -17.73 67.34
CA TYR P 286 -18.38 -17.94 68.73
C TYR P 286 -17.33 -18.48 69.73
N PRO P 287 -16.60 -19.56 69.38
CA PRO P 287 -15.57 -20.15 70.27
C PRO P 287 -14.45 -19.17 70.61
N GLU P 288 -14.20 -18.23 69.70
CA GLU P 288 -13.11 -17.29 69.89
C GLU P 288 -13.27 -16.46 71.16
N GLN P 289 -14.49 -16.04 71.45
CA GLN P 289 -14.74 -15.27 72.68
C GLN P 289 -14.45 -16.13 73.92
N LEU P 290 -14.87 -17.38 73.82
CA LEU P 290 -14.69 -18.39 74.88
C LEU P 290 -13.24 -18.65 75.26
N PHE P 291 -12.41 -18.84 74.23
CA PHE P 291 -10.98 -19.14 74.43
C PHE P 291 -10.26 -18.02 75.19
N GLY P 292 -10.58 -16.77 74.87
CA GLY P 292 -9.96 -15.64 75.55
C GLY P 292 -10.22 -15.61 77.05
N ALA P 293 -11.46 -15.85 77.45
CA ALA P 293 -11.83 -15.87 78.87
C ALA P 293 -11.26 -17.10 79.60
N ALA P 294 -11.29 -18.23 78.91
CA ALA P 294 -10.79 -19.52 79.43
C ALA P 294 -9.29 -19.50 79.75
N GLY P 295 -8.54 -18.85 78.88
CA GLY P 295 -7.10 -18.79 79.00
C GLY P 295 -6.42 -19.80 78.09
N VAL P 296 -7.02 -19.96 76.91
CA VAL P 296 -6.56 -20.92 75.91
C VAL P 296 -6.20 -20.25 74.57
N MET P 297 -5.02 -20.56 74.04
CA MET P 297 -4.59 -19.98 72.77
C MET P 297 -4.88 -20.92 71.59
N ALA P 298 -5.68 -20.44 70.64
CA ALA P 298 -6.06 -21.23 69.46
C ALA P 298 -5.45 -20.67 68.17
N ILE P 299 -5.25 -21.50 67.17
CA ILE P 299 -4.65 -21.03 65.92
C ILE P 299 -5.57 -21.25 64.72
N GLU P 300 -5.91 -20.13 64.06
CA GLU P 300 -6.80 -20.13 62.89
C GLU P 300 -6.06 -20.41 61.58
N HIS P 301 -6.59 -21.35 60.81
CA HIS P 301 -6.03 -21.72 59.50
C HIS P 301 -4.60 -22.24 59.59
N ALA P 302 -4.31 -23.03 60.61
CA ALA P 302 -2.98 -23.61 60.74
C ALA P 302 -2.68 -24.53 59.54
N ASP P 303 -1.46 -24.47 59.04
CA ASP P 303 -1.07 -25.30 57.90
C ASP P 303 -0.94 -26.77 58.30
N PHE P 304 -1.52 -27.61 57.46
CA PHE P 304 -1.60 -29.06 57.69
C PHE P 304 -0.20 -29.70 57.79
N VAL P 305 0.72 -29.26 56.93
CA VAL P 305 2.08 -29.81 56.92
C VAL P 305 2.78 -29.59 58.27
N GLY P 306 2.59 -28.41 58.86
CA GLY P 306 3.17 -28.14 60.17
C GLY P 306 2.57 -29.05 61.24
N VAL P 307 1.26 -29.25 61.14
CA VAL P 307 0.49 -30.08 62.07
C VAL P 307 0.95 -31.55 62.10
N GLU P 308 1.16 -32.14 60.92
CA GLU P 308 1.60 -33.54 60.85
C GLU P 308 2.94 -33.76 61.54
N ARG P 309 3.85 -32.82 61.36
CA ARG P 309 5.16 -32.91 61.97
C ARG P 309 5.05 -32.73 63.49
N LEU P 310 4.19 -31.80 63.86
CA LEU P 310 3.95 -31.47 65.27
C LEU P 310 3.41 -32.70 66.01
N ALA P 311 2.51 -33.45 65.36
CA ALA P 311 1.92 -34.65 65.95
C ALA P 311 2.97 -35.70 66.30
N LEU P 312 3.92 -35.94 65.40
CA LEU P 312 4.98 -36.91 65.66
C LEU P 312 5.77 -36.45 66.92
N VAL P 313 6.01 -35.14 66.95
CA VAL P 313 6.72 -34.46 68.04
C VAL P 313 6.06 -34.56 69.45
N THR P 314 4.75 -34.32 69.51
CA THR P 314 4.00 -34.33 70.78
C THR P 314 3.44 -35.72 71.15
N GLY P 315 3.69 -36.70 70.30
CA GLY P 315 3.13 -38.04 70.49
C GLY P 315 1.83 -38.19 69.72
N GLY P 316 1.35 -37.07 69.21
CA GLY P 316 0.17 -37.05 68.37
C GLY P 316 -1.14 -37.20 69.08
N GLU P 317 -2.17 -37.38 68.28
CA GLU P 317 -3.52 -37.57 68.76
C GLU P 317 -4.42 -38.06 67.63
N ILE P 318 -5.60 -38.50 67.96
CA ILE P 318 -6.52 -38.93 66.92
C ILE P 318 -7.48 -37.78 66.66
N ALA P 319 -7.48 -37.27 65.44
CA ALA P 319 -8.30 -36.11 65.12
C ALA P 319 -9.61 -36.49 64.46
N SER P 320 -10.68 -36.11 65.12
CA SER P 320 -12.04 -36.40 64.72
C SER P 320 -12.97 -35.27 65.14
N THR P 321 -14.24 -35.60 65.29
CA THR P 321 -15.26 -34.64 65.73
C THR P 321 -15.08 -34.33 67.22
N PHE P 322 -15.81 -33.31 67.70
CA PHE P 322 -15.73 -32.80 69.10
C PHE P 322 -15.63 -33.83 70.27
N ASP P 323 -15.54 -35.10 69.96
CA ASP P 323 -15.31 -36.13 70.97
C ASP P 323 -13.79 -36.29 71.12
N HIS P 324 -13.09 -35.47 70.33
CA HIS P 324 -11.61 -35.41 70.27
C HIS P 324 -10.89 -35.18 71.62
N PRO P 325 -11.42 -34.40 72.60
CA PRO P 325 -10.74 -34.19 73.92
C PRO P 325 -10.26 -35.47 74.64
N GLU P 326 -9.85 -35.30 75.90
CA GLU P 326 -9.34 -36.39 76.79
C GLU P 326 -8.23 -37.30 76.15
N LEU P 327 -8.33 -38.61 76.42
CA LEU P 327 -7.36 -39.64 76.03
C LEU P 327 -7.10 -39.80 74.54
N VAL P 328 -8.13 -39.73 73.69
CA VAL P 328 -7.90 -39.87 72.24
C VAL P 328 -6.83 -38.85 71.80
N LYS P 329 -6.72 -37.75 72.59
CA LYS P 329 -5.70 -36.71 72.41
C LYS P 329 -4.54 -36.88 73.40
N LEU P 330 -3.32 -36.85 72.90
CA LEU P 330 -2.15 -36.89 73.77
C LEU P 330 -1.35 -35.61 73.58
N GLY P 331 -1.21 -34.86 74.67
CA GLY P 331 -0.50 -33.59 74.59
C GLY P 331 0.79 -33.56 75.37
N SER P 332 1.84 -33.06 74.74
CA SER P 332 3.14 -32.93 75.41
C SER P 332 3.25 -31.51 75.93
N CYS P 333 3.79 -31.33 77.12
CA CYS P 333 3.86 -30.00 77.66
C CYS P 333 5.23 -29.56 78.18
N LYS P 334 5.83 -28.61 77.50
CA LYS P 334 7.06 -27.99 77.95
C LYS P 334 6.80 -26.49 78.00
N LEU P 335 6.74 -25.87 76.82
CA LEU P 335 6.38 -24.46 76.74
C LEU P 335 5.90 -24.04 75.32
N ILE P 336 4.74 -23.41 75.22
CA ILE P 336 4.26 -22.87 73.93
C ILE P 336 4.06 -21.37 74.08
N GLU P 337 4.76 -20.57 73.31
CA GLU P 337 4.64 -19.12 73.47
C GLU P 337 4.86 -18.31 72.19
N GLU P 338 4.37 -17.08 72.20
CA GLU P 338 4.59 -16.17 71.09
C GLU P 338 5.74 -15.25 71.52
N VAL P 339 6.80 -15.28 70.77
CA VAL P 339 8.03 -14.55 71.09
C VAL P 339 8.46 -13.58 70.03
N MET P 340 8.91 -12.42 70.47
CA MET P 340 9.37 -11.41 69.56
C MET P 340 10.78 -11.79 69.08
N ILE P 341 10.93 -12.03 67.79
CA ILE P 341 12.25 -12.33 67.24
C ILE P 341 12.55 -11.25 66.21
N GLY P 342 13.60 -10.50 66.39
CA GLY P 342 13.87 -9.42 65.47
C GLY P 342 12.65 -8.50 65.39
N GLU P 343 12.11 -8.37 64.19
CA GLU P 343 10.92 -7.54 63.93
C GLU P 343 9.59 -8.32 63.75
N ASP P 344 9.66 -9.59 63.35
CA ASP P 344 8.44 -10.38 63.03
C ASP P 344 8.05 -11.38 64.13
N LYS P 345 6.80 -11.28 64.59
CA LYS P 345 6.29 -12.19 65.64
C LYS P 345 6.05 -13.61 65.11
N LEU P 346 6.52 -14.59 65.90
CA LEU P 346 6.37 -16.02 65.59
C LEU P 346 6.05 -16.79 66.88
N ILE P 347 5.50 -17.99 66.74
CA ILE P 347 5.15 -18.81 67.90
C ILE P 347 6.06 -20.05 67.98
N HIS P 348 6.64 -20.27 69.15
CA HIS P 348 7.59 -21.36 69.35
C HIS P 348 7.02 -22.55 70.12
N PHE P 349 7.09 -23.72 69.51
CA PHE P 349 6.71 -24.95 70.18
C PHE P 349 8.04 -25.57 70.61
N SER P 350 8.23 -25.80 71.90
CA SER P 350 9.52 -26.27 72.39
C SER P 350 9.44 -27.33 73.49
N GLY P 351 10.52 -28.10 73.63
CA GLY P 351 10.59 -29.12 74.68
C GLY P 351 9.87 -30.40 74.36
N VAL P 352 10.12 -30.96 73.20
CA VAL P 352 9.44 -32.19 72.81
C VAL P 352 10.10 -33.42 73.46
N ALA P 353 9.25 -34.22 74.11
CA ALA P 353 9.70 -35.44 74.79
C ALA P 353 10.33 -36.49 73.85
N LEU P 354 9.74 -36.64 72.67
CA LEU P 354 10.22 -37.61 71.68
C LEU P 354 11.67 -37.34 71.23
N GLY P 355 11.95 -36.10 70.87
CA GLY P 355 13.29 -35.68 70.43
C GLY P 355 13.63 -36.06 68.99
N GLU P 356 12.87 -36.99 68.43
CA GLU P 356 13.05 -37.48 67.06
C GLU P 356 12.91 -36.38 65.96
N ALA P 357 11.95 -35.46 66.10
CA ALA P 357 11.75 -34.39 65.09
C ALA P 357 12.09 -32.99 65.63
N CYS P 358 12.78 -32.19 64.80
CA CYS P 358 13.20 -30.82 65.19
C CYS P 358 13.08 -29.76 64.06
N THR P 359 13.09 -28.48 64.47
CA THR P 359 12.96 -27.31 63.56
C THR P 359 14.17 -26.34 63.61
N ILE P 360 14.61 -25.87 62.44
CA ILE P 360 15.76 -24.96 62.32
C ILE P 360 15.33 -23.53 61.90
N VAL P 361 15.78 -22.53 62.62
CA VAL P 361 15.47 -21.14 62.24
C VAL P 361 16.76 -20.36 61.95
N LEU P 362 16.87 -19.75 60.77
CA LEU P 362 18.08 -18.99 60.42
C LEU P 362 17.77 -17.50 60.11
N ARG P 363 18.66 -16.63 60.59
CA ARG P 363 18.51 -15.18 60.43
C ARG P 363 19.44 -14.62 59.33
N GLY P 364 20.72 -14.41 59.66
CA GLY P 364 21.71 -13.92 58.70
C GLY P 364 21.70 -12.41 58.44
N ALA P 365 22.52 -11.96 57.49
CA ALA P 365 22.57 -10.53 57.13
C ALA P 365 21.68 -10.35 55.91
N THR P 366 20.67 -9.52 56.09
CA THR P 366 19.60 -9.32 55.11
C THR P 366 19.90 -8.57 53.80
N GLN P 367 18.99 -8.86 52.86
CA GLN P 367 18.91 -8.29 51.50
C GLN P 367 18.06 -9.23 50.62
N GLN P 368 18.20 -9.11 49.30
CA GLN P 368 17.51 -10.01 48.35
C GLN P 368 17.96 -11.44 48.62
N ILE P 369 19.24 -11.48 48.88
CA ILE P 369 20.01 -12.67 49.19
C ILE P 369 19.50 -13.43 50.44
N LEU P 370 18.73 -12.82 51.32
CA LEU P 370 18.11 -13.60 52.42
C LEU P 370 16.91 -14.51 52.01
N ASP P 371 16.18 -14.17 50.93
CA ASP P 371 15.07 -15.04 50.42
C ASP P 371 15.70 -16.28 49.83
N GLU P 372 16.97 -16.08 49.59
CA GLU P 372 17.93 -17.04 49.11
C GLU P 372 18.03 -18.19 50.10
N ALA P 373 17.91 -17.85 51.38
CA ALA P 373 18.01 -18.83 52.43
C ALA P 373 16.96 -19.91 52.22
N GLU P 374 15.74 -19.56 51.80
CA GLU P 374 14.73 -20.61 51.54
C GLU P 374 15.25 -21.55 50.44
N ARG P 375 15.87 -20.95 49.43
CA ARG P 375 16.50 -21.66 48.32
C ARG P 375 17.75 -22.50 48.65
N SER P 376 18.71 -21.87 49.33
CA SER P 376 20.00 -22.48 49.70
C SER P 376 19.81 -23.63 50.68
N LEU P 377 18.90 -23.38 51.58
CA LEU P 377 18.50 -24.29 52.63
C LEU P 377 17.95 -25.60 52.07
N HIS P 378 17.15 -25.49 51.01
CA HIS P 378 16.58 -26.67 50.36
C HIS P 378 17.71 -27.55 49.87
N ASP P 379 18.74 -26.91 49.32
CA ASP P 379 19.92 -27.63 48.85
C ASP P 379 20.67 -28.28 50.00
N ALA P 380 20.77 -27.56 51.11
CA ALA P 380 21.49 -28.04 52.28
C ALA P 380 20.87 -29.30 52.89
N LEU P 381 19.57 -29.33 52.97
CA LEU P 381 18.88 -30.48 53.56
C LEU P 381 19.22 -31.77 52.77
N CYS P 382 19.26 -31.64 51.44
CA CYS P 382 19.56 -32.78 50.57
C CYS P 382 21.02 -33.31 50.64
N VAL P 383 22.03 -32.42 50.73
CA VAL P 383 23.44 -32.88 50.74
C VAL P 383 23.85 -33.62 52.03
N LEU P 384 23.47 -33.06 53.17
CA LEU P 384 23.86 -33.63 54.47
C LEU P 384 23.25 -35.00 54.78
N ALA P 385 21.98 -35.21 54.43
CA ALA P 385 21.33 -36.51 54.67
C ALA P 385 22.07 -37.63 53.93
N GLN P 386 22.45 -37.32 52.70
CA GLN P 386 23.20 -38.23 51.84
C GLN P 386 24.54 -38.63 52.43
N THR P 387 25.22 -37.66 53.02
CA THR P 387 26.55 -37.89 53.59
C THR P 387 26.54 -38.96 54.69
N VAL P 388 25.54 -38.96 55.55
CA VAL P 388 25.46 -39.99 56.59
C VAL P 388 25.14 -41.40 56.02
N LYS P 389 24.17 -41.48 55.09
CA LYS P 389 23.75 -42.77 54.49
C LYS P 389 24.76 -43.42 53.55
N ASP P 390 25.43 -42.62 52.73
CA ASP P 390 26.37 -43.16 51.75
C ASP P 390 27.64 -43.76 52.35
N SER P 391 28.18 -43.10 53.37
CA SER P 391 29.43 -43.49 54.02
C SER P 391 30.57 -43.41 52.99
N ARG P 392 30.31 -42.68 51.90
CA ARG P 392 31.29 -42.52 50.82
C ARG P 392 31.31 -41.07 50.30
N THR P 393 32.50 -40.53 50.11
CA THR P 393 32.69 -39.17 49.60
C THR P 393 34.01 -39.09 48.81
N VAL P 394 34.21 -37.99 48.10
CA VAL P 394 35.45 -37.75 47.34
C VAL P 394 35.98 -36.37 47.69
N TYR P 395 37.25 -36.09 47.45
CA TYR P 395 37.76 -34.77 47.85
C TYR P 395 37.19 -33.65 46.97
N GLY P 396 36.87 -32.54 47.62
CA GLY P 396 36.27 -31.39 46.94
C GLY P 396 37.26 -30.39 46.38
N GLY P 397 36.75 -29.25 45.95
CA GLY P 397 37.62 -28.22 45.39
C GLY P 397 38.16 -28.58 44.02
N GLY P 398 37.49 -29.51 43.35
CA GLY P 398 37.91 -29.95 42.04
C GLY P 398 39.05 -30.95 42.06
N CYS P 399 39.40 -31.47 43.24
CA CYS P 399 40.48 -32.44 43.34
C CYS P 399 40.21 -33.68 42.51
N SER P 400 38.97 -34.15 42.59
CA SER P 400 38.55 -35.32 41.84
C SER P 400 38.66 -35.13 40.33
N GLU P 401 38.29 -33.93 39.87
CA GLU P 401 38.26 -33.65 38.44
C GLU P 401 39.63 -33.57 37.75
N MET P 402 40.64 -32.94 38.37
CA MET P 402 41.92 -32.86 37.68
C MET P 402 42.62 -34.22 37.60
N LEU P 403 42.53 -34.98 38.70
CA LEU P 403 43.18 -36.29 38.76
C LEU P 403 42.59 -37.20 37.68
N MET P 404 41.28 -37.13 37.51
CA MET P 404 40.62 -37.84 36.43
C MET P 404 41.16 -37.35 35.08
N ALA P 405 41.38 -36.04 34.97
CA ALA P 405 41.91 -35.46 33.72
C ALA P 405 43.31 -36.02 33.37
N HIS P 406 44.19 -36.17 34.36
CA HIS P 406 45.50 -36.78 34.10
C HIS P 406 45.33 -38.23 33.59
N ALA P 407 44.40 -38.93 34.22
CA ALA P 407 44.09 -40.32 33.92
C ALA P 407 43.42 -40.52 32.55
N VAL P 408 42.52 -39.61 32.21
CA VAL P 408 41.75 -39.71 30.96
C VAL P 408 42.59 -39.68 29.68
N THR P 409 43.64 -38.87 29.63
CA THR P 409 44.47 -38.76 28.43
C THR P 409 45.14 -40.08 27.99
N GLN P 410 45.65 -40.87 28.94
CA GLN P 410 46.33 -42.15 28.61
C GLN P 410 45.40 -43.22 28.00
N LEU P 411 44.19 -43.33 28.52
CA LEU P 411 43.19 -44.31 28.07
C LEU P 411 42.78 -44.19 26.60
N ALA P 412 42.61 -42.96 26.11
CA ALA P 412 42.17 -42.77 24.73
C ALA P 412 43.16 -43.38 23.73
N SER P 413 44.45 -43.23 23.98
CA SER P 413 45.46 -43.84 23.10
C SER P 413 45.31 -45.38 23.03
N ARG P 414 45.02 -45.98 24.19
CA ARG P 414 44.82 -47.43 24.30
C ARG P 414 43.56 -48.01 23.63
N THR P 415 42.42 -47.31 23.72
CA THR P 415 41.15 -47.84 23.18
C THR P 415 41.07 -47.90 21.64
N PRO P 416 40.63 -49.06 21.11
CA PRO P 416 40.49 -49.31 19.66
C PRO P 416 39.34 -48.56 18.93
N GLY P 417 39.58 -48.28 17.64
CA GLY P 417 38.56 -47.71 16.76
C GLY P 417 37.87 -46.39 17.14
N LYS P 418 36.57 -46.52 17.30
CA LYS P 418 35.64 -45.43 17.57
C LYS P 418 35.98 -44.71 18.87
N GLU P 419 36.34 -45.55 19.79
CA GLU P 419 36.58 -45.23 21.18
C GLU P 419 37.70 -44.20 21.45
N ALA P 420 38.82 -44.27 20.75
CA ALA P 420 39.92 -43.33 20.99
C ALA P 420 39.55 -41.85 20.79
N VAL P 421 38.94 -41.53 19.65
CA VAL P 421 38.54 -40.16 19.36
C VAL P 421 37.55 -39.60 20.39
N ALA P 422 36.50 -40.37 20.66
CA ALA P 422 35.49 -39.93 21.61
C ALA P 422 35.97 -39.90 23.07
N MET P 423 36.74 -40.91 23.49
CA MET P 423 37.26 -40.93 24.86
C MET P 423 38.16 -39.73 25.18
N GLU P 424 39.03 -39.37 24.23
CA GLU P 424 39.92 -38.22 24.44
C GLU P 424 39.15 -36.89 24.53
N SER P 425 38.12 -36.71 23.70
CA SER P 425 37.36 -35.47 23.75
C SER P 425 36.60 -35.33 25.07
N TYR P 426 36.04 -36.45 25.54
CA TYR P 426 35.37 -36.48 26.85
C TYR P 426 36.40 -36.12 27.93
N ALA P 427 37.59 -36.69 27.73
CA ALA P 427 38.73 -36.53 28.62
C ALA P 427 39.20 -35.08 28.81
N LYS P 428 39.24 -34.31 27.73
CA LYS P 428 39.68 -32.92 27.81
C LYS P 428 38.57 -32.00 28.31
N ALA P 429 37.35 -32.53 28.37
CA ALA P 429 36.18 -31.82 28.91
C ALA P 429 36.42 -31.44 30.37
N LEU P 430 37.05 -32.37 31.07
CA LEU P 430 37.37 -32.24 32.50
C LEU P 430 38.32 -31.07 32.77
N ARG P 431 39.13 -30.71 31.79
CA ARG P 431 40.09 -29.61 31.94
C ARG P 431 39.41 -28.27 32.26
N MET P 432 38.28 -28.01 31.64
CA MET P 432 37.55 -26.76 31.89
C MET P 432 37.11 -26.60 33.37
N LEU P 433 36.65 -27.68 34.01
CA LEU P 433 36.19 -27.59 35.42
C LEU P 433 37.23 -26.94 36.37
N PRO P 434 38.51 -27.38 36.38
CA PRO P 434 39.55 -26.72 37.21
C PRO P 434 39.60 -25.22 36.95
N THR P 435 39.45 -24.88 35.68
CA THR P 435 39.47 -23.49 35.23
C THR P 435 38.29 -22.68 35.76
N ILE P 436 37.10 -23.28 35.78
CA ILE P 436 35.90 -22.59 36.27
C ILE P 436 35.94 -22.35 37.78
N ILE P 437 36.43 -23.36 38.52
CA ILE P 437 36.51 -23.25 39.99
C ILE P 437 37.52 -22.17 40.40
N ALA P 438 38.64 -22.12 39.70
CA ALA P 438 39.68 -21.12 39.93
C ALA P 438 39.24 -19.72 39.52
N ASP P 439 38.55 -19.67 38.41
CA ASP P 439 38.12 -18.41 37.80
C ASP P 439 37.21 -17.59 38.73
N ASN P 440 36.25 -18.24 39.37
CA ASN P 440 35.35 -17.53 40.28
C ASN P 440 36.07 -17.09 41.57
N ALA P 441 37.21 -17.73 41.85
CA ALA P 441 38.02 -17.44 43.04
C ALA P 441 38.52 -16.00 43.10
N GLY P 442 38.91 -15.49 41.94
CA GLY P 442 39.44 -14.14 41.88
C GLY P 442 40.96 -14.12 41.69
N TYR P 443 41.45 -15.19 41.07
CA TYR P 443 42.87 -15.38 40.82
C TYR P 443 43.12 -15.75 39.35
N ASP P 444 44.35 -15.55 38.88
CA ASP P 444 44.67 -15.80 37.47
C ASP P 444 44.48 -17.29 37.11
N SER P 445 43.48 -17.55 36.28
CA SER P 445 43.11 -18.91 35.84
C SER P 445 44.19 -19.71 35.09
N ALA P 446 44.94 -19.05 34.21
CA ALA P 446 45.98 -19.76 33.42
C ALA P 446 47.05 -20.41 34.29
N ASP P 447 47.58 -19.64 35.23
CA ASP P 447 48.60 -20.14 36.14
C ASP P 447 48.09 -21.32 36.97
N LEU P 448 46.85 -21.18 37.41
CA LEU P 448 46.18 -22.16 38.25
C LEU P 448 46.03 -23.55 37.62
N VAL P 449 45.65 -23.62 36.35
CA VAL P 449 45.38 -24.91 35.69
C VAL P 449 46.60 -25.84 35.67
N ALA P 450 47.74 -25.33 35.24
CA ALA P 450 48.94 -26.17 35.14
C ALA P 450 49.50 -26.63 36.48
N GLN P 451 49.55 -25.75 37.46
CA GLN P 451 50.05 -26.10 38.79
C GLN P 451 49.18 -27.20 39.38
N LEU P 452 47.89 -27.09 39.15
CA LEU P 452 46.92 -28.07 39.62
C LEU P 452 47.21 -29.45 39.04
N ARG P 453 47.49 -29.49 37.74
CA ARG P 453 47.79 -30.75 37.07
C ARG P 453 49.02 -31.46 37.65
N ALA P 454 50.05 -30.69 37.96
CA ALA P 454 51.28 -31.26 38.52
C ALA P 454 51.05 -31.98 39.88
N ALA P 455 50.23 -31.40 40.76
CA ALA P 455 49.98 -32.01 42.08
C ALA P 455 49.15 -33.31 42.02
N HIS P 456 48.15 -33.34 41.16
CA HIS P 456 47.29 -34.52 40.97
C HIS P 456 48.02 -35.68 40.31
N SER P 457 48.85 -35.36 39.34
CA SER P 457 49.62 -36.35 38.57
C SER P 457 50.53 -37.16 39.49
N GLU P 458 51.13 -36.47 40.44
CA GLU P 458 52.07 -37.07 41.40
C GLU P 458 51.39 -38.19 42.22
N GLY P 459 50.15 -37.99 42.63
CA GLY P 459 49.47 -39.02 43.41
C GLY P 459 48.81 -38.54 44.68
N LYS P 460 48.70 -37.23 44.87
CA LYS P 460 48.03 -36.73 46.07
C LYS P 460 46.59 -36.38 45.72
N THR P 461 45.68 -37.25 46.12
CA THR P 461 44.25 -37.06 45.88
C THR P 461 43.71 -35.91 46.73
N THR P 462 44.42 -35.66 47.82
CA THR P 462 44.09 -34.62 48.79
C THR P 462 44.28 -33.22 48.20
N ALA P 463 45.35 -33.03 47.42
CA ALA P 463 45.65 -31.74 46.80
C ALA P 463 44.52 -31.27 45.87
N GLY P 464 44.22 -29.97 45.91
CA GLY P 464 43.13 -29.43 45.09
C GLY P 464 43.22 -27.93 44.87
N LEU P 465 42.15 -27.35 44.34
CA LEU P 465 42.15 -25.91 44.07
C LEU P 465 41.87 -25.11 45.34
N ASP P 466 42.84 -24.36 45.82
CA ASP P 466 42.57 -23.52 46.97
C ASP P 466 42.32 -22.10 46.48
N MET P 467 41.07 -21.82 46.29
CA MET P 467 40.58 -20.54 45.83
C MET P 467 40.92 -19.38 46.76
N LYS P 468 40.82 -19.63 48.05
CA LYS P 468 41.14 -18.61 49.05
C LYS P 468 42.64 -18.26 48.97
N GLU P 469 43.45 -19.30 48.77
CA GLU P 469 44.91 -19.19 48.61
C GLU P 469 45.29 -18.49 47.29
N GLY P 470 44.55 -18.82 46.23
CA GLY P 470 44.82 -18.30 44.89
C GLY P 470 45.74 -19.22 44.10
N THR P 471 46.19 -20.26 44.77
CA THR P 471 47.08 -21.29 44.22
C THR P 471 46.59 -22.67 44.68
N ILE P 472 47.28 -23.71 44.26
CA ILE P 472 46.89 -25.07 44.66
C ILE P 472 47.39 -25.40 46.08
N GLY P 473 46.54 -26.09 46.83
CA GLY P 473 46.88 -26.47 48.19
C GLY P 473 46.30 -27.82 48.59
N ASP P 474 46.40 -28.16 49.87
CA ASP P 474 45.87 -29.44 50.34
C ASP P 474 44.40 -29.29 50.77
N MET P 475 43.54 -29.88 49.96
CA MET P 475 42.07 -29.86 50.17
C MET P 475 41.67 -30.49 51.50
N SER P 476 42.36 -31.58 51.85
CA SER P 476 42.07 -32.35 53.07
C SER P 476 42.24 -31.47 54.31
N VAL P 477 43.27 -30.63 54.33
CA VAL P 477 43.49 -29.72 55.46
C VAL P 477 42.27 -28.80 55.61
N LEU P 478 41.74 -28.34 54.47
CA LEU P 478 40.52 -27.53 54.45
C LEU P 478 39.35 -28.33 55.04
N GLY P 479 39.32 -29.61 54.70
CA GLY P 479 38.27 -30.50 55.19
C GLY P 479 37.11 -30.65 54.21
N ILE P 480 37.28 -30.14 53.01
CA ILE P 480 36.22 -30.19 52.00
C ILE P 480 36.21 -31.48 51.19
N THR P 481 35.04 -32.13 51.20
CA THR P 481 34.81 -33.38 50.48
C THR P 481 33.41 -33.37 49.84
N GLU P 482 33.23 -34.11 48.76
CA GLU P 482 31.95 -34.16 48.04
C GLU P 482 31.30 -35.54 48.17
N SER P 483 29.97 -35.59 48.27
CA SER P 483 29.28 -36.89 48.41
C SER P 483 29.56 -37.81 47.22
N PHE P 484 29.81 -39.09 47.49
CA PHE P 484 30.15 -40.06 46.44
C PHE P 484 29.04 -40.22 45.37
N GLN P 485 27.77 -40.23 45.79
CA GLN P 485 26.63 -40.36 44.86
C GLN P 485 26.56 -39.26 43.83
N VAL P 486 26.90 -38.03 44.20
CA VAL P 486 26.78 -36.92 43.25
C VAL P 486 27.67 -37.22 42.04
N LYS P 487 28.85 -37.78 42.29
CA LYS P 487 29.76 -38.15 41.22
C LYS P 487 29.29 -39.36 40.37
N ARG P 488 28.70 -40.39 40.97
CA ARG P 488 28.30 -41.58 40.17
C ARG P 488 27.30 -41.29 39.06
N GLN P 489 26.24 -40.57 39.39
CA GLN P 489 25.18 -40.32 38.39
C GLN P 489 25.39 -39.05 37.58
N VAL P 490 26.34 -38.20 37.94
CA VAL P 490 26.58 -37.02 37.12
C VAL P 490 27.16 -37.49 35.81
N LEU P 491 28.05 -38.47 35.90
CA LEU P 491 28.68 -39.03 34.75
C LEU P 491 27.65 -39.71 33.83
N LEU P 492 26.69 -40.43 34.44
CA LEU P 492 25.64 -41.10 33.66
C LEU P 492 24.63 -40.11 33.02
N SER P 493 24.26 -39.07 33.80
CA SER P 493 23.32 -38.05 33.32
C SER P 493 23.96 -37.16 32.27
N ALA P 494 25.24 -36.83 32.51
CA ALA P 494 26.01 -36.03 31.59
C ALA P 494 26.10 -36.73 30.26
N ALA P 495 26.27 -38.05 30.31
CA ALA P 495 26.35 -38.87 29.11
C ALA P 495 25.01 -38.92 28.34
N GLU P 496 23.88 -39.01 29.05
CA GLU P 496 22.58 -39.01 28.36
C GLU P 496 22.28 -37.65 27.74
N ALA P 497 22.64 -36.61 28.48
CA ALA P 497 22.50 -35.25 28.00
C ALA P 497 23.51 -35.01 26.88
N ALA P 498 24.68 -35.64 27.02
CA ALA P 498 25.77 -35.62 26.03
C ALA P 498 25.38 -36.42 24.78
N GLU P 499 24.58 -37.49 24.98
CA GLU P 499 24.06 -38.32 23.88
C GLU P 499 23.28 -37.28 23.10
N VAL P 500 22.77 -36.38 23.94
CA VAL P 500 22.33 -35.07 23.54
C VAL P 500 21.23 -34.84 22.54
N ILE P 501 21.25 -33.57 22.28
CA ILE P 501 20.49 -32.76 21.37
C ILE P 501 20.55 -33.21 19.91
N LEU P 502 21.62 -33.90 19.56
CA LEU P 502 21.85 -34.41 18.21
C LEU P 502 20.75 -35.40 17.77
N ARG P 503 20.30 -36.26 18.70
CA ARG P 503 19.28 -37.32 18.41
C ARG P 503 17.91 -36.87 17.80
N VAL P 504 16.96 -36.53 18.67
CA VAL P 504 15.59 -36.17 18.34
C VAL P 504 15.35 -34.66 18.33
N ASP P 505 14.59 -34.22 17.37
CA ASP P 505 14.27 -32.81 17.17
C ASP P 505 13.09 -32.28 18.03
N ASN P 506 12.47 -33.14 18.86
CA ASN P 506 11.38 -32.69 19.77
C ASN P 506 11.42 -33.59 21.02
N ILE P 507 11.21 -33.05 22.25
CA ILE P 507 11.31 -33.93 23.46
C ILE P 507 10.12 -33.90 24.48
N ILE P 508 9.67 -32.69 24.90
CA ILE P 508 8.57 -32.40 25.93
C ILE P 508 8.02 -33.51 26.90
N LYS P 509 7.61 -33.01 28.11
CA LYS P 509 6.94 -33.81 29.16
C LYS P 509 6.49 -33.00 30.40
N ALA P 510 5.28 -33.36 30.89
CA ALA P 510 4.68 -32.86 32.17
C ALA P 510 4.01 -31.47 32.17
N ALA P 511 3.34 -31.23 33.31
CA ALA P 511 2.67 -29.98 33.68
C ALA P 511 2.90 -29.76 35.20
N PRO P 512 4.12 -29.32 35.58
CA PRO P 512 4.52 -29.17 37.02
C PRO P 512 3.87 -28.04 37.84
N ARG P 513 3.78 -28.36 39.15
CA ARG P 513 3.23 -27.51 40.24
C ARG P 513 1.87 -26.85 39.94
#